data_6OCW
#
_entry.id   6OCW
#
_cell.length_a   120.183
_cell.length_b   198.647
_cell.length_c   166.355
_cell.angle_alpha   90.000
_cell.angle_beta   103.580
_cell.angle_gamma   90.000
#
_symmetry.space_group_name_H-M   'P 1 21 1'
#
loop_
_entity.id
_entity.type
_entity.pdbx_description
1 polymer 'Proteasome subunit alpha'
2 polymer 'Proteasome subunit beta'
3 non-polymer DIMETHYLFORMAMIDE
4 non-polymer 'N-{(2S)-1-({(2S)-1-[(2,4-difluorobenzyl)amino]-1-oxopropan-2-yl}amino)-4-[(2S)-2-methylpiperidin-1-yl]-1,4-dioxobutan-2-yl}-5-methyl-1,2-oxazole-3-carboxamide (non-preferred name)'
5 non-polymer 'CITRIC ACID'
6 water water
#
loop_
_entity_poly.entity_id
_entity_poly.type
_entity_poly.pdbx_seq_one_letter_code
_entity_poly.pdbx_strand_id
1 'polypeptide(L)'
;MEQAMRERSELARKGIARAKSVVALAYAGGVLFVAENPSRSLQKISELYDRVGFAAAGKFNEFDNLRRGGIQFADTRGYA
YDRRDVTGRQLANVYAQTLGTIFTEQAKPYEVELCVAEVAHYGETKRPELYRITYDGSIADEPHFVVMGGTTEPIANALK
ESYAENASLTDALRIAVAALRAGSADTSGGDQPTLGVASLEVAVLDANRPRRAFRRITGSALQALLVDQESPQSDGESSG
;
A,B,C,D,E,F,G,O,P,Q,R,S,T,U
2 'polypeptide(L)'
;TTIVALKYPGGVVMAGDRRSTQGNMISGRDVRKVYITDDYTATGIAGTAAVAVEFARLYAVELEHYEKLEGVPLTFAGKI
NRLAIMVRGNLAAAMQGLLALPLLAGYDIHASDPQSAGRIVSFDAAGGWNIEEEGYQAVGSGSLFAKSSMKKLYSQVTDG
DSGLRVAVEALYDAADDDSATGGPDLVRGIFPTAVIIDADGAVDVPESRIAELARAIIESRSGADTFGSDGGEK
;
H,I,J,K,L,M,N,V,W,X,Y,Z,a,b
#
loop_
_chem_comp.id
_chem_comp.type
_chem_comp.name
_chem_comp.formula
CIT non-polymer 'CITRIC ACID' 'C6 H8 O7'
DMF non-polymer DIMETHYLFORMAMIDE 'C3 H7 N O'
M6M peptide-like 'N-{(2S)-1-({(2S)-1-[(2,4-difluorobenzyl)amino]-1-oxopropan-2-yl}amino)-4-[(2S)-2-methylpiperidin-1-yl]-1,4-dioxobutan-2-yl}-5-methyl-1,2-oxazole-3-carboxamide (non-preferred name)' 'C25 H31 F2 N5 O5'
#
# COMPACT_ATOMS: atom_id res chain seq x y z
N MET A 1 54.77 13.46 44.62
CA MET A 1 53.94 14.42 43.90
C MET A 1 54.75 15.65 43.50
N GLU A 2 55.29 16.34 44.50
CA GLU A 2 56.18 17.47 44.23
C GLU A 2 57.40 17.02 43.45
N GLN A 3 57.94 15.84 43.78
CA GLN A 3 59.09 15.31 43.06
C GLN A 3 58.78 15.14 41.58
N ALA A 4 57.63 14.53 41.27
CA ALA A 4 57.27 14.25 39.88
C ALA A 4 57.20 15.54 39.07
N MET A 5 56.39 16.50 39.52
CA MET A 5 56.26 17.75 38.78
C MET A 5 57.60 18.48 38.67
N ARG A 6 58.46 18.34 39.68
CA ARG A 6 59.80 18.91 39.56
C ARG A 6 60.57 18.27 38.41
N GLU A 7 60.50 16.94 38.30
CA GLU A 7 61.22 16.22 37.26
C GLU A 7 60.69 16.57 35.88
N ARG A 8 59.37 16.58 35.72
CA ARG A 8 58.78 16.96 34.45
C ARG A 8 59.20 18.37 34.06
N SER A 9 59.08 19.32 34.99
CA SER A 9 59.50 20.69 34.71
C SER A 9 60.96 20.76 34.30
N GLU A 10 61.80 19.92 34.88
CA GLU A 10 63.20 19.97 34.53
C GLU A 10 63.47 19.35 33.16
N LEU A 11 62.79 18.25 32.85
CA LEU A 11 62.97 17.61 31.54
C LEU A 11 62.53 18.54 30.43
N ALA A 12 61.37 19.16 30.61
CA ALA A 12 60.87 20.12 29.63
C ALA A 12 61.83 21.29 29.49
N ARG A 13 62.22 21.88 30.63
CA ARG A 13 63.10 23.04 30.58
C ARG A 13 64.40 22.72 29.87
N LYS A 14 65.03 21.58 30.20
CA LYS A 14 66.28 21.20 29.55
C LYS A 14 66.08 21.00 28.05
N GLY A 15 65.02 20.29 27.68
CA GLY A 15 64.77 20.07 26.26
C GLY A 15 64.67 21.37 25.48
N ILE A 16 63.85 22.30 25.98
CA ILE A 16 63.72 23.59 25.30
C ILE A 16 65.06 24.30 25.26
N ALA A 17 65.73 24.39 26.42
CA ALA A 17 66.99 25.12 26.52
C ALA A 17 68.06 24.58 25.57
N ARG A 18 67.96 23.31 25.15
CA ARG A 18 68.93 22.78 24.19
C ARG A 18 68.53 23.02 22.74
N ALA A 19 67.43 23.71 22.47
CA ALA A 19 66.93 23.88 21.12
C ALA A 19 67.17 25.29 20.60
N LYS A 20 67.06 25.43 19.27
CA LYS A 20 67.32 26.72 18.66
C LYS A 20 66.24 27.73 19.01
N SER A 21 66.60 29.01 18.92
CA SER A 21 65.80 30.11 19.44
C SER A 21 64.92 30.73 18.36
N VAL A 22 63.88 31.42 18.82
CA VAL A 22 62.87 32.07 17.98
C VAL A 22 62.50 33.38 18.63
N VAL A 23 62.28 34.40 17.80
CA VAL A 23 61.75 35.68 18.28
C VAL A 23 60.57 36.07 17.42
N ALA A 24 59.57 36.68 18.05
CA ALA A 24 58.50 37.39 17.36
C ALA A 24 58.45 38.79 17.93
N LEU A 25 58.19 39.78 17.09
CA LEU A 25 58.08 41.12 17.63
C LEU A 25 57.14 41.98 16.81
N ALA A 26 56.52 42.94 17.50
CA ALA A 26 55.59 43.87 16.87
C ALA A 26 56.37 44.99 16.21
N TYR A 27 56.06 45.24 14.94
CA TYR A 27 56.64 46.35 14.19
C TYR A 27 55.52 47.11 13.48
N ALA A 28 55.91 48.20 12.81
CA ALA A 28 54.98 49.07 12.12
C ALA A 28 54.03 48.32 11.19
N GLY A 29 54.45 47.17 10.66
CA GLY A 29 53.66 46.47 9.68
C GLY A 29 52.85 45.32 10.22
N GLY A 30 52.98 45.02 11.50
CA GLY A 30 52.34 43.85 12.06
C GLY A 30 53.29 43.07 12.94
N VAL A 31 53.48 41.78 12.67
CA VAL A 31 54.29 40.93 13.52
C VAL A 31 55.36 40.28 12.65
N LEU A 32 56.58 40.20 13.17
CA LEU A 32 57.68 39.52 12.51
C LEU A 32 58.10 38.30 13.34
N PHE A 33 58.17 37.15 12.68
CA PHE A 33 58.74 35.95 13.23
C PHE A 33 60.07 35.68 12.57
N VAL A 34 61.11 35.49 13.39
CA VAL A 34 62.43 35.08 12.93
C VAL A 34 62.89 33.91 13.79
N ALA A 35 63.22 32.80 13.14
CA ALA A 35 63.66 31.60 13.86
C ALA A 35 64.95 31.06 13.26
N GLU A 36 65.88 30.70 14.14
CA GLU A 36 67.04 29.90 13.75
C GLU A 36 66.52 28.60 13.16
N ASN A 37 66.76 28.39 11.88
CA ASN A 37 66.22 27.19 11.28
C ASN A 37 67.02 26.85 10.04
N PRO A 38 67.97 25.92 10.14
CA PRO A 38 68.74 25.50 8.97
C PRO A 38 67.93 24.72 7.95
N SER A 39 66.75 24.21 8.31
CA SER A 39 66.09 23.25 7.44
C SER A 39 65.54 23.91 6.18
N ARG A 40 65.71 23.20 5.10
CA ARG A 40 65.23 23.60 3.83
C ARG A 40 63.73 23.59 3.70
N SER A 41 63.06 22.72 4.45
CA SER A 41 61.62 22.57 4.45
C SER A 41 60.82 22.37 5.71
N LEU A 42 61.44 22.14 6.85
CA LEU A 42 60.74 21.89 8.10
C LEU A 42 60.50 23.19 8.78
N GLN A 43 59.37 23.38 9.39
CA GLN A 43 58.93 24.73 9.73
C GLN A 43 58.55 24.85 11.21
N LYS A 44 59.00 25.93 11.83
CA LYS A 44 58.69 26.27 13.22
C LYS A 44 57.77 27.50 13.32
N ILE A 45 57.48 28.12 12.18
CA ILE A 45 56.61 29.29 12.10
C ILE A 45 55.48 28.92 11.15
N SER A 46 54.27 29.32 11.51
CA SER A 46 53.13 28.81 10.75
C SER A 46 51.95 29.76 10.88
N GLU A 47 51.18 29.84 9.80
CA GLU A 47 49.86 30.44 9.83
C GLU A 47 48.88 29.59 10.65
N LEU A 48 48.10 30.25 11.50
CA LEU A 48 46.99 29.60 12.21
C LEU A 48 45.65 29.96 11.62
N TYR A 49 45.36 31.27 11.51
CA TYR A 49 44.09 31.74 10.96
C TYR A 49 44.33 33.10 10.30
N ASP A 50 43.27 33.70 9.80
CA ASP A 50 43.37 34.92 8.99
C ASP A 50 44.43 35.87 9.54
N ARG A 51 44.26 36.33 10.78
CA ARG A 51 45.17 37.30 11.35
C ARG A 51 46.02 36.71 12.48
N VAL A 52 46.15 35.39 12.54
CA VAL A 52 46.71 34.76 13.73
C VAL A 52 47.80 33.80 13.29
N GLY A 53 48.98 33.92 13.93
CA GLY A 53 50.14 33.14 13.54
C GLY A 53 50.77 32.46 14.76
N PHE A 54 51.67 31.53 14.44
CA PHE A 54 52.21 30.57 15.40
C PHE A 54 53.70 30.40 15.19
N ALA A 55 54.44 30.39 16.30
CA ALA A 55 55.87 30.10 16.25
C ALA A 55 56.23 29.25 17.45
N ALA A 56 57.15 28.30 17.28
CA ALA A 56 57.47 27.41 18.37
C ALA A 56 58.96 27.08 18.44
N ALA A 57 59.40 26.73 19.64
CA ALA A 57 60.73 26.19 19.90
C ALA A 57 60.59 24.88 20.68
N GLY A 58 61.55 23.97 20.45
CA GLY A 58 61.58 22.71 21.16
C GLY A 58 61.50 21.53 20.21
N LYS A 59 60.87 20.46 20.68
CA LYS A 59 60.84 19.22 19.92
C LYS A 59 59.84 19.35 18.77
N PHE A 60 60.32 19.12 17.54
CA PHE A 60 59.53 19.45 16.35
C PHE A 60 58.21 18.67 16.32
N ASN A 61 58.27 17.34 16.39
CA ASN A 61 57.02 16.56 16.34
C ASN A 61 55.99 17.08 17.34
N GLU A 62 56.43 17.54 18.51
CA GLU A 62 55.49 17.98 19.52
C GLU A 62 54.87 19.32 19.16
N PHE A 63 55.67 20.35 18.92
CA PHE A 63 55.02 21.61 18.58
C PHE A 63 54.33 21.55 17.22
N ASP A 64 54.58 20.51 16.42
CA ASP A 64 53.82 20.32 15.20
C ASP A 64 52.48 19.65 15.52
N ASN A 65 52.42 18.76 16.51
CA ASN A 65 51.10 18.33 16.98
C ASN A 65 50.32 19.54 17.46
N LEU A 66 50.90 20.30 18.39
CA LEU A 66 50.23 21.51 18.86
C LEU A 66 49.86 22.45 17.72
N ARG A 67 50.69 22.53 16.68
CA ARG A 67 50.37 23.38 15.53
C ARG A 67 49.13 22.87 14.81
N ARG A 68 49.13 21.59 14.41
CA ARG A 68 48.01 21.01 13.69
C ARG A 68 46.73 21.14 14.50
N GLY A 69 46.78 20.76 15.78
CA GLY A 69 45.62 20.92 16.63
C GLY A 69 45.15 22.36 16.69
N GLY A 70 46.09 23.31 16.75
CA GLY A 70 45.69 24.71 16.74
C GLY A 70 44.91 25.07 15.50
N ILE A 71 45.35 24.58 14.34
CA ILE A 71 44.64 24.86 13.10
C ILE A 71 43.26 24.22 13.14
N GLN A 72 43.19 22.97 13.61
CA GLN A 72 41.92 22.29 13.80
C GLN A 72 40.96 23.17 14.60
N PHE A 73 41.40 23.59 15.77
CA PHE A 73 40.56 24.41 16.63
C PHE A 73 40.10 25.66 15.88
N ALA A 74 41.04 26.34 15.23
CA ALA A 74 40.70 27.60 14.59
C ALA A 74 39.63 27.41 13.52
N ASP A 75 39.87 26.50 12.59
CA ASP A 75 38.92 26.28 11.49
C ASP A 75 37.57 25.77 12.00
N THR A 76 37.57 24.95 13.06
CA THR A 76 36.30 24.49 13.59
C THR A 76 35.50 25.64 14.20
N ARG A 77 36.12 26.47 15.04
CA ARG A 77 35.38 27.59 15.62
C ARG A 77 34.94 28.57 14.54
N GLY A 78 35.82 28.88 13.60
CA GLY A 78 35.44 29.78 12.54
C GLY A 78 34.25 29.26 11.75
N TYR A 79 34.17 27.94 11.57
CA TYR A 79 33.07 27.37 10.81
C TYR A 79 31.78 27.35 11.62
N ALA A 80 31.83 27.03 12.89
CA ALA A 80 30.73 26.98 13.79
C ALA A 80 30.09 28.29 14.05
N TYR A 81 30.89 29.32 14.14
CA TYR A 81 30.45 30.67 14.32
C TYR A 81 30.79 31.46 13.09
N ASP A 82 31.76 32.31 13.13
CA ASP A 82 32.17 33.02 11.97
C ASP A 82 33.65 33.21 11.94
N ARG A 83 34.23 33.42 10.79
CA ARG A 83 35.66 33.68 10.71
C ARG A 83 36.09 34.76 11.71
N ARG A 84 35.34 35.86 11.79
CA ARG A 84 35.75 36.98 12.63
C ARG A 84 35.58 36.70 14.12
N ASP A 85 35.02 35.55 14.50
CA ASP A 85 34.92 35.21 15.91
C ASP A 85 36.17 34.52 16.45
N VAL A 86 37.11 34.17 15.58
CA VAL A 86 38.37 33.57 16.00
C VAL A 86 39.34 34.67 16.40
N THR A 87 39.98 34.51 17.56
CA THR A 87 40.87 35.50 18.14
C THR A 87 42.18 34.84 18.56
N GLY A 88 43.25 35.63 18.56
CA GLY A 88 44.50 35.15 19.12
C GLY A 88 44.38 34.77 20.59
N ARG A 89 43.67 35.59 21.37
N ARG A 89 43.67 35.59 21.36
CA ARG A 89 43.45 35.26 22.77
CA ARG A 89 43.44 35.26 22.76
C ARG A 89 42.86 33.86 22.93
C ARG A 89 42.85 33.86 22.92
N GLN A 90 41.91 33.49 22.05
CA GLN A 90 41.32 32.15 22.13
C GLN A 90 42.35 31.06 21.91
N LEU A 91 43.11 31.16 20.81
CA LEU A 91 44.11 30.13 20.55
C LEU A 91 45.13 30.03 21.68
N ALA A 92 45.56 31.16 22.23
CA ALA A 92 46.54 31.08 23.31
C ALA A 92 45.90 30.46 24.54
N ASN A 93 44.62 30.76 24.77
CA ASN A 93 43.87 30.18 25.88
C ASN A 93 43.81 28.66 25.77
N VAL A 94 43.44 28.16 24.58
CA VAL A 94 43.30 26.72 24.43
C VAL A 94 44.66 26.03 24.43
N TYR A 95 45.72 26.71 23.96
CA TYR A 95 47.06 26.16 24.13
C TYR A 95 47.43 26.07 25.62
N ALA A 96 47.13 27.10 26.39
CA ALA A 96 47.35 27.03 27.83
C ALA A 96 46.65 25.81 28.44
N GLN A 97 45.37 25.63 28.13
CA GLN A 97 44.66 24.44 28.58
C GLN A 97 45.39 23.16 28.15
N THR A 98 45.71 23.06 26.86
CA THR A 98 46.23 21.83 26.28
C THR A 98 47.59 21.46 26.87
N LEU A 99 48.50 22.44 26.95
CA LEU A 99 49.82 22.19 27.52
C LEU A 99 49.75 21.93 29.02
N GLY A 100 48.80 22.53 29.73
CA GLY A 100 48.62 22.14 31.11
C GLY A 100 48.26 20.66 31.23
N THR A 101 47.31 20.21 30.41
CA THR A 101 46.94 18.80 30.45
C THR A 101 48.12 17.91 30.10
N ILE A 102 48.78 18.19 28.98
CA ILE A 102 49.93 17.39 28.55
C ILE A 102 50.97 17.33 29.66
N PHE A 103 51.27 18.47 30.26
CA PHE A 103 52.32 18.55 31.26
C PHE A 103 51.98 17.74 32.50
N THR A 104 50.72 17.71 32.91
CA THR A 104 50.41 16.95 34.12
C THR A 104 50.06 15.49 33.85
N GLU A 105 49.68 15.12 32.63
CA GLU A 105 49.06 13.82 32.43
C GLU A 105 49.72 12.92 31.39
N GLN A 106 50.51 13.46 30.48
CA GLN A 106 51.05 12.59 29.44
C GLN A 106 52.29 11.86 29.93
N ALA A 107 52.67 10.81 29.19
CA ALA A 107 53.84 10.03 29.56
C ALA A 107 55.06 10.92 29.70
N LYS A 108 55.33 11.75 28.70
CA LYS A 108 56.38 12.74 28.80
C LYS A 108 55.78 14.13 28.55
N PRO A 109 56.14 15.13 29.35
CA PRO A 109 55.73 16.49 29.03
C PRO A 109 56.32 16.94 27.71
N TYR A 110 55.60 17.83 27.03
CA TYR A 110 56.10 18.35 25.76
C TYR A 110 57.23 19.34 26.01
N GLU A 111 58.33 19.18 25.27
CA GLU A 111 59.45 20.10 25.32
C GLU A 111 59.25 21.19 24.27
N VAL A 112 58.29 22.06 24.56
CA VAL A 112 57.85 23.05 23.59
C VAL A 112 57.61 24.39 24.27
N GLU A 113 57.71 25.44 23.47
CA GLU A 113 57.42 26.80 23.88
C GLU A 113 56.79 27.47 22.67
N LEU A 114 55.61 28.07 22.88
CA LEU A 114 54.76 28.53 21.80
C LEU A 114 54.55 30.03 21.89
N CYS A 115 54.35 30.64 20.73
CA CYS A 115 53.90 32.01 20.64
C CYS A 115 52.73 32.08 19.67
N VAL A 116 51.63 32.69 20.12
CA VAL A 116 50.49 33.05 19.27
C VAL A 116 50.52 34.56 19.07
N ALA A 117 50.42 35.00 17.82
CA ALA A 117 50.37 36.42 17.55
C ALA A 117 49.12 36.79 16.78
N GLU A 118 48.59 37.98 17.05
CA GLU A 118 47.43 38.48 16.32
C GLU A 118 47.67 39.93 15.89
N VAL A 119 47.48 40.18 14.60
CA VAL A 119 47.50 41.53 14.07
C VAL A 119 46.06 41.94 13.76
N ALA A 120 45.89 43.23 13.54
CA ALA A 120 44.56 43.73 13.27
C ALA A 120 44.03 43.18 11.94
N HIS A 121 42.71 43.16 11.84
CA HIS A 121 42.08 42.89 10.57
C HIS A 121 42.27 44.09 9.64
N TYR A 122 42.20 43.82 8.34
CA TYR A 122 42.42 44.84 7.33
C TYR A 122 41.65 46.11 7.66
N GLY A 123 42.36 47.25 7.62
CA GLY A 123 41.76 48.55 7.82
C GLY A 123 41.28 48.83 9.22
N GLU A 124 41.35 47.85 10.12
CA GLU A 124 41.04 48.11 11.51
C GLU A 124 42.30 48.57 12.24
N THR A 125 42.08 49.09 13.44
CA THR A 125 43.16 49.65 14.26
C THR A 125 43.19 48.85 15.55
N LYS A 126 44.25 48.07 15.71
CA LYS A 126 44.43 47.26 16.90
C LYS A 126 45.92 46.96 16.95
N ARG A 127 46.56 47.29 18.06
CA ARG A 127 47.97 46.97 18.17
C ARG A 127 48.14 45.45 18.24
N PRO A 128 49.21 44.92 17.67
CA PRO A 128 49.42 43.48 17.72
C PRO A 128 49.32 42.97 19.15
N GLU A 129 48.99 41.70 19.28
CA GLU A 129 49.04 41.02 20.56
C GLU A 129 50.01 39.88 20.42
N LEU A 130 50.90 39.72 21.38
CA LEU A 130 51.78 38.56 21.42
C LEU A 130 51.44 37.77 22.67
N TYR A 131 51.35 36.46 22.51
CA TYR A 131 51.11 35.56 23.63
C TYR A 131 52.20 34.51 23.64
N ARG A 132 52.72 34.25 24.83
CA ARG A 132 53.69 33.20 25.05
C ARG A 132 53.05 32.14 25.93
N ILE A 133 53.04 30.89 25.45
CA ILE A 133 52.53 29.79 26.26
C ILE A 133 53.70 28.83 26.46
N THR A 134 54.00 28.52 27.73
CA THR A 134 55.13 27.68 28.10
C THR A 134 54.68 26.25 28.36
N TYR A 135 55.67 25.39 28.55
CA TYR A 135 55.44 23.95 28.53
C TYR A 135 54.44 23.49 29.58
N ASP A 136 54.25 24.25 30.66
CA ASP A 136 53.32 23.83 31.70
C ASP A 136 51.96 24.51 31.56
N GLY A 137 51.68 25.15 30.44
CA GLY A 137 50.42 25.83 30.29
C GLY A 137 50.36 27.23 30.86
N SER A 138 51.49 27.79 31.31
CA SER A 138 51.53 29.19 31.71
C SER A 138 51.51 30.09 30.48
N ILE A 139 50.87 31.25 30.64
CA ILE A 139 50.56 32.12 29.51
C ILE A 139 50.93 33.55 29.87
N ALA A 140 51.44 34.28 28.88
CA ALA A 140 52.02 35.61 29.09
C ALA A 140 51.58 36.53 27.97
N ASP A 141 50.92 37.62 28.34
CA ASP A 141 50.55 38.68 27.42
C ASP A 141 51.75 39.60 27.23
N GLU A 142 52.16 39.81 25.97
CA GLU A 142 53.38 40.54 25.67
C GLU A 142 53.14 41.56 24.55
N PRO A 143 53.60 42.81 24.74
CA PRO A 143 53.31 43.88 23.78
C PRO A 143 54.42 44.18 22.76
N HIS A 144 55.67 43.82 23.04
CA HIS A 144 56.74 44.19 22.12
C HIS A 144 57.40 42.99 21.46
N PHE A 145 57.69 41.94 22.22
CA PHE A 145 58.40 40.84 21.60
C PHE A 145 58.39 39.65 22.54
N VAL A 146 58.60 38.47 21.94
CA VAL A 146 58.69 37.19 22.63
C VAL A 146 59.95 36.50 22.12
N VAL A 147 60.70 35.88 23.04
CA VAL A 147 61.84 35.04 22.68
C VAL A 147 61.64 33.66 23.29
N MET A 148 61.95 32.63 22.52
CA MET A 148 61.75 31.25 22.95
C MET A 148 62.93 30.39 22.55
N GLY A 149 63.24 29.40 23.38
CA GLY A 149 64.20 28.37 23.02
C GLY A 149 65.65 28.77 23.22
N GLY A 150 66.51 27.80 23.35
CA GLY A 150 67.92 28.02 23.55
C GLY A 150 68.25 28.75 24.80
N THR A 151 69.19 29.66 24.74
CA THR A 151 69.54 30.46 25.89
C THR A 151 68.85 31.76 25.54
N THR A 152 67.88 32.13 26.35
CA THR A 152 67.03 33.27 26.03
C THR A 152 67.47 34.58 26.67
N GLU A 153 68.20 34.56 27.78
CA GLU A 153 68.57 35.79 28.46
C GLU A 153 69.40 36.71 27.57
N PRO A 154 70.45 36.25 26.92
CA PRO A 154 71.14 37.13 25.96
C PRO A 154 70.20 37.74 24.94
N ILE A 155 69.41 36.92 24.27
CA ILE A 155 68.52 37.41 23.22
C ILE A 155 67.62 38.51 23.76
N ALA A 156 66.91 38.19 24.84
CA ALA A 156 65.96 39.13 25.41
C ALA A 156 66.64 40.42 25.81
N ASN A 157 67.85 40.35 26.38
CA ASN A 157 68.52 41.59 26.80
C ASN A 157 68.94 42.43 25.59
N ALA A 158 69.54 41.80 24.58
CA ALA A 158 69.78 42.48 23.32
C ALA A 158 68.54 43.24 22.88
N LEU A 159 67.40 42.56 22.83
CA LEU A 159 66.19 43.22 22.34
C LEU A 159 65.72 44.31 23.28
N LYS A 160 65.89 44.11 24.59
CA LYS A 160 65.58 45.16 25.56
C LYS A 160 66.47 46.37 25.36
N GLU A 161 67.59 46.21 24.65
CA GLU A 161 68.44 47.33 24.31
C GLU A 161 68.07 47.96 22.98
N SER A 162 67.76 47.16 21.96
CA SER A 162 67.66 47.65 20.59
C SER A 162 66.23 47.73 20.06
N TYR A 163 65.21 47.43 20.88
CA TYR A 163 63.84 47.42 20.39
C TYR A 163 63.22 48.80 20.51
N ALA A 164 62.60 49.25 19.42
CA ALA A 164 61.72 50.40 19.46
C ALA A 164 60.40 50.02 18.79
N GLU A 165 59.31 50.61 19.27
CA GLU A 165 58.02 50.35 18.66
C GLU A 165 57.98 50.89 17.23
N ASN A 166 57.14 50.27 16.41
CA ASN A 166 56.79 50.79 15.10
C ASN A 166 57.99 50.91 14.18
N ALA A 167 59.00 50.08 14.40
CA ALA A 167 60.09 50.02 13.45
C ALA A 167 59.60 49.44 12.11
N SER A 168 60.43 49.63 11.10
CA SER A 168 60.12 49.11 9.78
C SER A 168 60.42 47.61 9.73
N LEU A 169 60.00 46.98 8.63
CA LEU A 169 60.27 45.55 8.46
C LEU A 169 61.77 45.27 8.43
N THR A 170 62.55 46.12 7.76
CA THR A 170 63.98 45.86 7.65
C THR A 170 64.72 46.15 8.96
N ASP A 171 64.32 47.18 9.67
CA ASP A 171 64.92 47.45 10.98
C ASP A 171 64.56 46.36 11.98
N ALA A 172 63.28 45.98 12.02
CA ALA A 172 62.88 44.90 12.91
C ALA A 172 63.63 43.63 12.58
N LEU A 173 63.73 43.31 11.29
CA LEU A 173 64.51 42.16 10.88
C LEU A 173 65.93 42.24 11.43
N ARG A 174 66.61 43.38 11.23
CA ARG A 174 68.01 43.50 11.65
C ARG A 174 68.16 43.33 13.16
N ILE A 175 67.35 44.03 13.94
CA ILE A 175 67.54 43.96 15.39
C ILE A 175 67.21 42.57 15.91
N ALA A 176 66.21 41.91 15.32
CA ALA A 176 65.88 40.56 15.77
C ALA A 176 66.98 39.56 15.41
N VAL A 177 67.49 39.62 14.18
CA VAL A 177 68.64 38.80 13.82
C VAL A 177 69.80 39.04 14.79
N ALA A 178 70.00 40.30 15.21
CA ALA A 178 71.09 40.61 16.13
C ALA A 178 70.85 40.00 17.52
N ALA A 179 69.60 40.05 18.00
CA ALA A 179 69.33 39.43 19.29
C ALA A 179 69.51 37.91 19.22
N LEU A 180 69.20 37.29 18.08
CA LEU A 180 69.47 35.87 17.93
C LEU A 180 70.98 35.60 17.98
N ARG A 181 71.75 36.37 17.21
CA ARG A 181 73.20 36.18 17.23
C ARG A 181 73.76 36.31 18.65
N ALA A 182 73.22 37.23 19.44
CA ALA A 182 73.68 37.41 20.82
C ALA A 182 73.38 36.21 21.72
N GLY A 183 72.72 35.16 21.22
CA GLY A 183 72.37 34.03 22.07
C GLY A 183 72.94 32.71 21.58
N SER A 184 73.78 32.77 20.56
CA SER A 184 74.38 31.57 19.98
C SER A 184 73.30 30.62 19.45
N THR A 194 76.82 35.82 9.87
CA THR A 194 76.65 34.45 10.35
C THR A 194 75.31 33.87 9.89
N LEU A 195 74.21 34.48 10.33
CA LEU A 195 72.86 33.95 10.07
C LEU A 195 72.34 34.57 8.78
N GLY A 196 72.40 33.81 7.68
CA GLY A 196 71.85 34.24 6.42
C GLY A 196 70.54 33.56 6.09
N VAL A 197 70.13 33.71 4.84
CA VAL A 197 68.89 33.09 4.38
C VAL A 197 68.88 31.60 4.70
N ALA A 198 69.96 30.89 4.34
CA ALA A 198 69.99 29.44 4.46
C ALA A 198 69.93 28.95 5.90
N SER A 199 69.96 29.84 6.89
CA SER A 199 69.84 29.45 8.30
C SER A 199 68.70 30.17 9.02
N LEU A 200 67.77 30.78 8.28
CA LEU A 200 66.70 31.57 8.87
C LEU A 200 65.34 31.15 8.31
N GLU A 201 64.37 31.01 9.20
CA GLU A 201 62.95 30.99 8.84
C GLU A 201 62.36 32.34 9.24
N VAL A 202 61.77 33.04 8.27
CA VAL A 202 61.27 34.40 8.49
C VAL A 202 59.86 34.50 7.92
N ALA A 203 58.93 35.01 8.73
CA ALA A 203 57.58 35.28 8.23
C ALA A 203 57.01 36.50 8.94
N VAL A 204 55.92 37.04 8.39
CA VAL A 204 55.23 38.16 9.02
C VAL A 204 53.74 37.90 9.02
N LEU A 205 53.08 38.40 10.07
CA LEU A 205 51.66 38.75 10.01
C LEU A 205 51.59 40.19 9.50
N ASP A 206 51.26 40.33 8.21
CA ASP A 206 51.26 41.61 7.50
C ASP A 206 49.86 42.22 7.58
N ALA A 207 49.68 43.22 8.45
CA ALA A 207 48.35 43.77 8.69
C ALA A 207 47.78 44.53 7.51
N ASN A 208 48.53 44.73 6.44
CA ASN A 208 47.99 45.37 5.25
C ASN A 208 47.44 44.37 4.25
N ARG A 209 47.54 43.08 4.54
CA ARG A 209 46.95 42.08 3.67
C ARG A 209 45.44 42.02 3.89
N PRO A 210 44.65 41.84 2.82
CA PRO A 210 43.19 41.88 2.98
C PRO A 210 42.63 40.83 3.92
N ARG A 211 42.97 39.55 3.75
CA ARG A 211 42.41 38.51 4.62
C ARG A 211 43.52 37.75 5.34
N ARG A 212 44.24 36.88 4.64
CA ARG A 212 45.29 36.08 5.28
C ARG A 212 46.55 36.94 5.41
N ALA A 213 46.87 37.34 6.65
CA ALA A 213 48.03 38.20 6.91
C ALA A 213 49.37 37.45 6.83
N PHE A 214 49.37 36.13 6.96
CA PHE A 214 50.62 35.40 7.07
C PHE A 214 51.32 35.34 5.73
N ARG A 215 52.59 35.73 5.70
CA ARG A 215 53.36 35.52 4.49
C ARG A 215 54.83 35.31 4.86
N ARG A 216 55.43 34.33 4.21
CA ARG A 216 56.83 33.99 4.43
C ARG A 216 57.72 34.91 3.62
N ILE A 217 58.94 35.11 4.11
CA ILE A 217 59.93 35.96 3.45
C ILE A 217 61.14 35.07 3.22
N THR A 218 61.33 34.61 1.99
CA THR A 218 62.32 33.59 1.71
C THR A 218 63.21 34.02 0.56
N GLY A 219 64.37 33.37 0.48
CA GLY A 219 65.21 33.48 -0.70
C GLY A 219 65.62 34.90 -1.01
N SER A 220 65.55 35.24 -2.30
CA SER A 220 66.07 36.53 -2.76
C SER A 220 65.48 37.69 -1.97
N ALA A 221 64.20 37.62 -1.65
CA ALA A 221 63.55 38.69 -0.89
C ALA A 221 64.17 38.83 0.50
N LEU A 222 64.38 37.71 1.19
CA LEU A 222 64.98 37.77 2.51
C LEU A 222 66.41 38.31 2.43
N GLN A 223 67.16 37.89 1.42
CA GLN A 223 68.50 38.43 1.21
C GLN A 223 68.44 39.95 1.05
N ALA A 224 67.53 40.43 0.21
CA ALA A 224 67.37 41.86 -0.01
C ALA A 224 67.07 42.58 1.30
N LEU A 225 66.24 42.00 2.16
CA LEU A 225 65.93 42.65 3.43
C LEU A 225 67.12 42.60 4.41
N LEU A 226 68.02 41.63 4.27
CA LEU A 226 69.12 41.52 5.22
C LEU A 226 70.28 42.45 4.89
N VAL A 227 70.55 42.68 3.60
CA VAL A 227 71.55 43.68 3.19
C VAL A 227 71.00 45.09 3.41
N MET B 1 49.77 7.52 51.55
CA MET B 1 48.37 7.93 51.42
C MET B 1 48.17 9.38 51.84
N GLU B 2 48.19 9.64 53.16
CA GLU B 2 48.09 11.01 53.63
C GLU B 2 49.38 11.79 53.48
N GLN B 3 50.48 11.12 53.11
CA GLN B 3 51.62 11.86 52.61
C GLN B 3 51.41 12.25 51.15
N ALA B 4 50.72 11.41 50.38
CA ALA B 4 50.29 11.80 49.04
C ALA B 4 49.40 13.04 49.09
N MET B 5 48.39 13.02 49.95
CA MET B 5 47.53 14.18 50.12
C MET B 5 48.27 15.34 50.77
N ARG B 6 49.25 15.06 51.62
CA ARG B 6 50.03 16.13 52.24
C ARG B 6 50.85 16.87 51.20
N GLU B 7 51.43 16.14 50.23
CA GLU B 7 52.21 16.79 49.19
C GLU B 7 51.32 17.47 48.17
N ARG B 8 50.15 16.88 47.87
CA ARG B 8 49.16 17.59 47.06
C ARG B 8 48.81 18.93 47.69
N SER B 9 48.47 18.91 48.98
CA SER B 9 48.13 20.13 49.69
C SER B 9 49.28 21.12 49.66
N GLU B 10 50.51 20.64 49.82
CA GLU B 10 51.67 21.53 49.81
C GLU B 10 51.84 22.19 48.46
N LEU B 11 51.89 21.40 47.39
CA LEU B 11 51.97 21.96 46.04
C LEU B 11 50.89 23.02 45.83
N ALA B 12 49.65 22.70 46.20
CA ALA B 12 48.55 23.65 46.02
C ALA B 12 48.81 24.96 46.77
N ARG B 13 49.11 24.87 48.06
CA ARG B 13 49.23 26.09 48.85
C ARG B 13 50.41 26.93 48.42
N LYS B 14 51.54 26.30 48.08
CA LYS B 14 52.68 27.08 47.59
C LYS B 14 52.34 27.74 46.27
N GLY B 15 51.71 26.99 45.35
CA GLY B 15 51.31 27.57 44.08
C GLY B 15 50.40 28.78 44.25
N ILE B 16 49.47 28.70 45.22
CA ILE B 16 48.58 29.83 45.45
C ILE B 16 49.31 30.96 46.14
N ALA B 17 50.29 30.63 46.98
CA ALA B 17 51.05 31.63 47.72
C ALA B 17 51.95 32.49 46.81
N ARG B 18 52.36 31.99 45.66
CA ARG B 18 53.16 32.80 44.73
C ARG B 18 52.30 33.58 43.73
N ALA B 19 50.99 33.41 43.77
CA ALA B 19 50.09 34.07 42.83
C ALA B 19 49.67 35.43 43.36
N LYS B 20 49.33 36.33 42.43
CA LYS B 20 48.84 37.65 42.81
C LYS B 20 47.54 37.52 43.63
N SER B 21 47.17 38.61 44.29
CA SER B 21 46.12 38.56 45.30
C SER B 21 44.83 39.21 44.81
N VAL B 22 43.72 38.69 45.34
CA VAL B 22 42.35 39.03 44.96
C VAL B 22 41.55 39.26 46.23
N VAL B 23 40.71 40.28 46.23
CA VAL B 23 39.83 40.55 47.36
C VAL B 23 38.44 40.85 46.85
N ALA B 24 37.43 40.45 47.64
CA ALA B 24 36.04 40.75 47.35
C ALA B 24 35.36 41.23 48.62
N LEU B 25 34.52 42.27 48.52
CA LEU B 25 33.83 42.83 49.68
C LEU B 25 32.40 43.15 49.34
N ALA B 26 31.53 43.02 50.34
CA ALA B 26 30.14 43.46 50.21
C ALA B 26 30.05 44.94 50.57
N TYR B 27 29.42 45.73 49.70
CA TYR B 27 29.24 47.14 49.96
C TYR B 27 27.80 47.54 49.65
N ALA B 28 27.49 48.82 49.94
CA ALA B 28 26.12 49.30 49.84
C ALA B 28 25.49 49.04 48.48
N GLY B 29 26.28 49.01 47.42
CA GLY B 29 25.74 48.85 46.08
C GLY B 29 25.80 47.44 45.53
N GLY B 30 26.19 46.46 46.34
CA GLY B 30 26.37 45.11 45.86
C GLY B 30 27.64 44.45 46.35
N VAL B 31 28.44 43.89 45.43
CA VAL B 31 29.70 43.25 45.77
C VAL B 31 30.79 43.77 44.85
N LEU B 32 32.00 43.89 45.40
CA LEU B 32 33.14 44.51 44.72
C LEU B 32 34.29 43.51 44.64
N PHE B 33 34.80 43.31 43.43
CA PHE B 33 35.96 42.46 43.16
C PHE B 33 37.12 43.35 42.74
N VAL B 34 38.21 43.33 43.50
CA VAL B 34 39.43 44.02 43.13
C VAL B 34 40.58 43.02 43.17
N ALA B 35 41.30 42.91 42.07
CA ALA B 35 42.37 41.95 41.92
C ALA B 35 43.58 42.62 41.29
N GLU B 36 44.77 42.15 41.69
CA GLU B 36 46.00 42.53 41.02
C GLU B 36 46.14 41.72 39.75
N ASN B 37 46.24 42.40 38.62
CA ASN B 37 46.29 41.74 37.32
C ASN B 37 46.88 42.69 36.29
N PRO B 38 48.10 42.45 35.82
CA PRO B 38 48.73 43.38 34.87
C PRO B 38 48.19 43.21 33.48
N SER B 39 47.72 42.00 33.17
CA SER B 39 47.57 41.59 31.78
C SER B 39 46.55 42.45 31.05
N ARG B 40 46.78 42.58 29.75
CA ARG B 40 45.84 43.27 28.89
C ARG B 40 44.60 42.41 28.62
N SER B 41 44.73 41.08 28.72
CA SER B 41 43.67 40.17 28.26
C SER B 41 43.35 39.02 29.20
N LEU B 42 44.14 38.74 30.22
CA LEU B 42 43.90 37.59 31.08
C LEU B 42 43.18 38.04 32.36
N GLN B 43 42.02 37.42 32.63
CA GLN B 43 41.07 37.90 33.63
C GLN B 43 40.91 36.91 34.77
N LYS B 44 40.88 37.43 35.99
CA LYS B 44 40.68 36.62 37.19
C LYS B 44 39.26 36.72 37.73
N ILE B 45 38.52 37.77 37.36
CA ILE B 45 37.16 38.02 37.82
C ILE B 45 36.21 37.88 36.65
N SER B 46 35.10 37.16 36.86
CA SER B 46 34.21 36.83 35.76
C SER B 46 32.77 36.76 36.24
N GLU B 47 31.87 37.09 35.32
CA GLU B 47 30.44 36.85 35.50
C GLU B 47 30.13 35.37 35.35
N LEU B 48 29.28 34.85 36.25
CA LEU B 48 28.74 33.49 36.12
C LEU B 48 27.28 33.52 35.70
N TYR B 49 26.42 34.22 36.43
CA TYR B 49 25.01 34.29 36.07
C TYR B 49 24.49 35.68 36.43
N ASP B 50 23.20 35.90 36.17
CA ASP B 50 22.60 37.22 36.32
C ASP B 50 23.15 37.95 37.53
N ARG B 51 23.07 37.32 38.70
CA ARG B 51 23.38 37.97 39.96
C ARG B 51 24.58 37.32 40.64
N VAL B 52 25.35 36.51 39.91
CA VAL B 52 26.40 35.70 40.52
C VAL B 52 27.70 35.92 39.80
N GLY B 53 28.74 36.27 40.56
CA GLY B 53 30.06 36.54 40.03
C GLY B 53 31.11 35.63 40.65
N PHE B 54 32.29 35.68 40.04
CA PHE B 54 33.35 34.70 40.24
C PHE B 54 34.70 35.41 40.23
N ALA B 55 35.56 35.03 41.17
CA ALA B 55 36.89 35.59 41.24
C ALA B 55 37.85 34.49 41.65
N ALA B 56 39.05 34.49 41.09
CA ALA B 56 39.97 33.38 41.31
C ALA B 56 41.40 33.88 41.51
N ALA B 57 42.17 33.09 42.23
CA ALA B 57 43.60 33.32 42.41
C ALA B 57 44.35 32.03 42.16
N GLY B 58 45.52 32.13 41.54
CA GLY B 58 46.35 30.97 41.29
C GLY B 58 46.68 30.83 39.81
N LYS B 59 46.72 29.58 39.35
CA LYS B 59 47.17 29.28 38.00
C LYS B 59 46.03 29.51 37.00
N PHE B 60 46.32 30.33 35.98
CA PHE B 60 45.29 30.77 35.03
C PHE B 60 44.58 29.59 34.37
N ASN B 61 45.31 28.73 33.66
CA ASN B 61 44.63 27.66 32.93
C ASN B 61 43.67 26.89 33.84
N GLU B 62 44.04 26.72 35.11
CA GLU B 62 43.21 25.90 35.99
C GLU B 62 41.96 26.65 36.41
N PHE B 63 42.10 27.86 36.97
CA PHE B 63 40.88 28.54 37.41
C PHE B 63 40.06 29.04 36.24
N ASP B 64 40.61 29.05 35.03
CA ASP B 64 39.80 29.37 33.86
C ASP B 64 39.01 28.16 33.39
N ASN B 65 39.59 26.95 33.46
CA ASN B 65 38.77 25.77 33.23
C ASN B 65 37.65 25.69 34.28
N LEU B 66 37.96 26.07 35.53
CA LEU B 66 36.92 26.08 36.55
C LEU B 66 35.86 27.15 36.27
N ARG B 67 36.28 28.34 35.84
CA ARG B 67 35.33 29.39 35.49
C ARG B 67 34.38 28.92 34.39
N ARG B 68 34.94 28.32 33.32
CA ARG B 68 34.13 27.80 32.23
C ARG B 68 33.15 26.74 32.73
N GLY B 69 33.64 25.80 33.56
CA GLY B 69 32.75 24.82 34.16
C GLY B 69 31.59 25.46 34.90
N GLY B 70 31.85 26.54 35.63
CA GLY B 70 30.80 27.19 36.39
C GLY B 70 29.76 27.88 35.52
N ILE B 71 30.21 28.56 34.46
CA ILE B 71 29.26 29.09 33.49
C ILE B 71 28.41 27.97 32.90
N GLN B 72 29.03 26.84 32.57
CA GLN B 72 28.32 25.71 31.97
C GLN B 72 27.22 25.22 32.90
N PHE B 73 27.59 24.87 34.13
CA PHE B 73 26.62 24.49 35.13
C PHE B 73 25.51 25.51 35.23
N ALA B 74 25.87 26.78 35.34
CA ALA B 74 24.87 27.81 35.62
C ALA B 74 23.85 27.89 34.49
N ASP B 75 24.31 28.01 33.24
CA ASP B 75 23.39 28.11 32.12
C ASP B 75 22.55 26.84 31.99
N THR B 76 23.18 25.68 32.20
CA THR B 76 22.42 24.43 32.15
C THR B 76 21.30 24.43 33.19
N ARG B 77 21.60 24.86 34.42
CA ARG B 77 20.57 24.89 35.46
C ARG B 77 19.45 25.85 35.09
N GLY B 78 19.81 27.09 34.72
CA GLY B 78 18.80 28.06 34.34
C GLY B 78 17.92 27.58 33.19
N TYR B 79 18.49 26.78 32.29
CA TYR B 79 17.68 26.27 31.19
C TYR B 79 16.81 25.09 31.60
N ALA B 80 17.31 24.25 32.50
CA ALA B 80 16.56 23.06 32.90
C ALA B 80 15.40 23.43 33.81
N TYR B 81 15.54 24.53 34.56
CA TYR B 81 14.50 25.01 35.47
C TYR B 81 14.15 26.44 35.11
N ASP B 82 14.59 27.42 35.90
CA ASP B 82 14.42 28.81 35.53
C ASP B 82 15.64 29.60 35.98
N ARG B 83 15.84 30.75 35.32
CA ARG B 83 16.97 31.60 35.66
C ARG B 83 17.07 31.83 37.16
N ARG B 84 15.93 32.01 37.85
CA ARG B 84 15.98 32.39 39.25
C ARG B 84 16.28 31.23 40.19
N ASP B 85 16.22 30.00 39.69
CA ASP B 85 16.66 28.87 40.50
C ASP B 85 18.18 28.77 40.59
N VAL B 86 18.92 29.62 39.86
CA VAL B 86 20.37 29.63 39.89
C VAL B 86 20.83 30.55 41.02
N THR B 87 21.63 30.02 41.93
CA THR B 87 22.04 30.74 43.13
C THR B 87 23.52 30.58 43.38
N GLY B 88 24.08 31.57 44.06
CA GLY B 88 25.49 31.52 44.41
C GLY B 88 25.80 30.35 45.34
N ARG B 89 24.88 30.06 46.26
CA ARG B 89 25.12 28.93 47.16
C ARG B 89 25.34 27.65 46.38
N GLN B 90 24.55 27.40 45.33
CA GLN B 90 24.73 26.13 44.63
C GLN B 90 25.93 26.15 43.68
N LEU B 91 26.30 27.30 43.15
CA LEU B 91 27.56 27.36 42.42
C LEU B 91 28.75 27.12 43.35
N ALA B 92 28.73 27.70 44.55
CA ALA B 92 29.74 27.37 45.54
C ALA B 92 29.74 25.87 45.81
N ASN B 93 28.56 25.29 46.02
CA ASN B 93 28.50 23.88 46.38
C ASN B 93 29.10 22.99 45.29
N VAL B 94 28.77 23.27 44.04
CA VAL B 94 29.31 22.46 42.96
C VAL B 94 30.81 22.73 42.76
N TYR B 95 31.29 23.96 42.99
CA TYR B 95 32.74 24.19 42.98
C TYR B 95 33.43 23.39 44.09
N ALA B 96 32.79 23.28 45.26
CA ALA B 96 33.38 22.50 46.33
C ALA B 96 33.46 21.01 45.97
N GLN B 97 32.40 20.49 45.38
CA GLN B 97 32.43 19.09 44.93
C GLN B 97 33.53 18.89 43.89
N THR B 98 33.58 19.81 42.92
CA THR B 98 34.53 19.67 41.82
C THR B 98 35.98 19.75 42.30
N LEU B 99 36.29 20.75 43.13
CA LEU B 99 37.66 20.86 43.62
C LEU B 99 38.03 19.74 44.58
N GLY B 100 37.06 19.18 45.30
CA GLY B 100 37.34 17.95 46.02
C GLY B 100 37.79 16.84 45.10
N THR B 101 37.01 16.56 44.05
CA THR B 101 37.39 15.51 43.11
C THR B 101 38.73 15.80 42.44
N ILE B 102 38.96 17.06 42.02
CA ILE B 102 40.22 17.42 41.39
C ILE B 102 41.37 17.17 42.35
N PHE B 103 41.22 17.64 43.58
CA PHE B 103 42.29 17.55 44.55
C PHE B 103 42.63 16.12 44.91
N THR B 104 41.65 15.21 44.90
CA THR B 104 41.96 13.83 45.27
C THR B 104 42.37 12.96 44.08
N GLU B 105 41.87 13.22 42.87
CA GLU B 105 41.96 12.22 41.82
C GLU B 105 42.77 12.65 40.60
N GLN B 106 42.98 13.94 40.39
CA GLN B 106 43.63 14.38 39.17
C GLN B 106 45.15 14.29 39.28
N ALA B 107 45.80 14.30 38.11
CA ALA B 107 47.24 14.07 38.06
C ALA B 107 47.98 15.07 38.94
N LYS B 108 47.56 16.33 38.93
CA LYS B 108 48.13 17.35 39.79
C LYS B 108 46.98 18.19 40.35
N PRO B 109 46.95 18.41 41.66
CA PRO B 109 45.87 19.22 42.24
C PRO B 109 45.86 20.61 41.63
N TYR B 110 44.67 21.22 41.64
CA TYR B 110 44.52 22.56 41.08
C TYR B 110 45.04 23.59 42.08
N GLU B 111 45.87 24.50 41.60
CA GLU B 111 46.44 25.56 42.44
C GLU B 111 45.60 26.83 42.29
N VAL B 112 44.42 26.81 42.92
CA VAL B 112 43.43 27.86 42.75
C VAL B 112 42.72 28.15 44.07
N GLU B 113 42.14 29.34 44.14
CA GLU B 113 41.23 29.70 45.20
C GLU B 113 40.09 30.49 44.58
N LEU B 114 38.86 30.13 44.93
CA LEU B 114 37.68 30.64 44.26
C LEU B 114 36.84 31.47 45.23
N CYS B 115 36.23 32.52 44.68
CA CYS B 115 35.21 33.31 45.38
C CYS B 115 33.98 33.36 44.49
N VAL B 116 32.85 32.90 45.02
CA VAL B 116 31.56 33.02 44.37
C VAL B 116 30.74 34.02 45.18
N ALA B 117 30.19 35.01 44.49
CA ALA B 117 29.43 36.06 45.16
C ALA B 117 28.08 36.22 44.48
N GLU B 118 27.04 36.53 45.25
CA GLU B 118 25.69 36.72 44.73
C GLU B 118 25.11 37.98 45.37
N VAL B 119 24.55 38.86 44.54
CA VAL B 119 23.83 40.03 45.03
C VAL B 119 22.33 39.84 44.78
N ALA B 120 21.52 40.57 45.55
CA ALA B 120 20.08 40.43 45.45
C ALA B 120 19.59 40.77 44.04
N HIS B 121 18.50 40.13 43.65
CA HIS B 121 17.85 40.46 42.38
C HIS B 121 17.28 41.88 42.43
N TYR B 122 17.15 42.49 41.25
CA TYR B 122 16.71 43.87 41.16
C TYR B 122 15.50 44.14 42.06
N GLY B 123 15.55 45.25 42.79
CA GLY B 123 14.45 45.66 43.64
C GLY B 123 14.27 44.87 44.91
N GLU B 124 15.05 43.81 45.14
CA GLU B 124 14.92 43.03 46.37
C GLU B 124 15.96 43.47 47.39
N THR B 125 15.71 43.11 48.65
CA THR B 125 16.61 43.39 49.74
C THR B 125 17.11 42.05 50.29
N LYS B 126 18.39 41.79 50.08
CA LYS B 126 19.03 40.53 50.44
C LYS B 126 20.50 40.83 50.61
N ARG B 127 21.03 40.68 51.82
CA ARG B 127 22.45 40.95 52.03
C ARG B 127 23.27 40.08 51.09
N PRO B 128 24.23 40.66 50.36
CA PRO B 128 25.04 39.85 49.44
C PRO B 128 25.56 38.58 50.10
N GLU B 129 26.08 37.66 49.29
CA GLU B 129 26.67 36.43 49.79
C GLU B 129 28.06 36.26 49.19
N LEU B 130 29.01 35.90 50.03
CA LEU B 130 30.39 35.65 49.63
C LEU B 130 30.75 34.24 50.06
N TYR B 131 31.31 33.48 49.14
CA TYR B 131 31.73 32.12 49.39
C TYR B 131 33.18 31.99 48.97
N ARG B 132 33.97 31.33 49.81
CA ARG B 132 35.33 30.94 49.47
C ARG B 132 35.38 29.43 49.28
N ILE B 133 35.99 28.99 48.17
CA ILE B 133 36.26 27.57 47.92
C ILE B 133 37.76 27.40 47.73
N THR B 134 38.38 26.56 48.55
CA THR B 134 39.81 26.34 48.53
C THR B 134 40.14 25.11 47.70
N TYR B 135 41.44 24.86 47.52
CA TYR B 135 41.91 23.89 46.55
C TYR B 135 41.52 22.46 46.89
N ASP B 136 41.07 22.16 48.10
CA ASP B 136 40.72 20.80 48.49
C ASP B 136 39.22 20.55 48.50
N GLY B 137 38.43 21.54 48.04
CA GLY B 137 36.99 21.50 48.12
C GLY B 137 36.39 22.10 49.38
N SER B 138 37.21 22.72 50.24
CA SER B 138 36.67 23.32 51.46
C SER B 138 35.97 24.63 51.14
N ILE B 139 34.86 24.89 51.84
CA ILE B 139 33.95 25.96 51.48
C ILE B 139 33.53 26.71 52.74
N ALA B 140 33.51 28.03 52.65
CA ALA B 140 33.16 28.87 53.79
C ALA B 140 32.27 30.02 53.36
N ASP B 141 31.26 30.28 54.16
CA ASP B 141 30.31 31.37 53.97
C ASP B 141 30.82 32.60 54.71
N GLU B 142 31.02 33.71 54.00
CA GLU B 142 31.58 34.91 54.61
C GLU B 142 30.59 36.07 54.58
N PRO B 143 30.55 36.87 55.65
CA PRO B 143 29.57 37.97 55.70
C PRO B 143 30.06 39.26 55.07
N HIS B 144 31.34 39.57 55.21
CA HIS B 144 31.83 40.90 54.84
C HIS B 144 32.83 40.86 53.69
N PHE B 145 33.87 40.03 53.77
CA PHE B 145 34.91 40.06 52.75
C PHE B 145 35.57 38.69 52.64
N VAL B 146 36.23 38.49 51.49
CA VAL B 146 37.10 37.34 51.25
C VAL B 146 38.41 37.84 50.64
N VAL B 147 39.49 37.13 50.91
CA VAL B 147 40.81 37.45 50.37
C VAL B 147 41.51 36.16 49.97
N MET B 148 42.18 36.17 48.81
CA MET B 148 42.72 34.97 48.21
C MET B 148 44.01 35.26 47.47
N GLY B 149 44.94 34.31 47.51
CA GLY B 149 46.16 34.42 46.74
C GLY B 149 47.32 35.07 47.46
N GLY B 150 48.52 34.53 47.25
CA GLY B 150 49.70 35.12 47.86
C GLY B 150 49.61 35.09 49.37
N THR B 151 50.16 36.13 50.00
CA THR B 151 50.14 36.24 51.46
C THR B 151 48.86 36.96 51.87
N THR B 152 47.91 36.22 52.42
CA THR B 152 46.58 36.79 52.68
C THR B 152 46.53 37.58 53.98
N GLU B 153 47.20 37.08 55.03
CA GLU B 153 47.07 37.68 56.35
C GLU B 153 47.24 39.20 56.39
N PRO B 154 48.21 39.81 55.69
CA PRO B 154 48.31 41.29 55.71
C PRO B 154 47.05 41.97 55.20
N ILE B 155 46.46 41.44 54.12
CA ILE B 155 45.29 42.05 53.50
C ILE B 155 44.06 41.80 54.35
N ALA B 156 43.87 40.56 54.80
CA ALA B 156 42.71 40.25 55.64
C ALA B 156 42.74 41.06 56.93
N ASN B 157 43.93 41.25 57.51
CA ASN B 157 44.03 42.08 58.71
C ASN B 157 43.73 43.54 58.37
N ALA B 158 44.34 44.06 57.31
CA ALA B 158 44.01 45.42 56.85
C ALA B 158 42.51 45.63 56.83
N LEU B 159 41.78 44.68 56.24
CA LEU B 159 40.33 44.84 56.09
C LEU B 159 39.59 44.61 57.40
N LYS B 160 40.05 43.71 58.26
CA LYS B 160 39.26 43.33 59.43
C LYS B 160 38.91 44.54 60.29
N GLU B 161 39.89 45.41 60.53
CA GLU B 161 39.65 46.64 61.29
C GLU B 161 39.68 47.87 60.42
N SER B 162 39.62 47.71 59.09
CA SER B 162 39.34 48.82 58.19
C SER B 162 38.10 48.54 57.34
N TYR B 163 37.27 47.56 57.72
CA TYR B 163 36.11 47.20 56.92
C TYR B 163 34.90 48.02 57.32
N ALA B 164 34.28 48.65 56.32
CA ALA B 164 33.07 49.45 56.51
C ALA B 164 31.92 48.71 55.83
N GLU B 165 31.03 48.12 56.64
CA GLU B 165 29.80 47.61 56.08
C GLU B 165 29.00 48.74 55.47
N ASN B 166 28.30 48.43 54.38
CA ASN B 166 27.44 49.41 53.72
C ASN B 166 28.23 50.64 53.31
N ALA B 167 29.49 50.45 52.94
CA ALA B 167 30.28 51.54 52.40
C ALA B 167 29.90 51.81 50.96
N SER B 168 30.23 53.00 50.50
CA SER B 168 29.96 53.39 49.12
C SER B 168 30.96 52.72 48.18
N LEU B 169 30.75 52.93 46.88
CA LEU B 169 31.63 52.30 45.91
C LEU B 169 33.07 52.78 46.06
N THR B 170 33.28 54.10 45.95
CA THR B 170 34.63 54.64 46.03
C THR B 170 35.33 54.21 47.32
N ASP B 171 34.65 54.37 48.45
CA ASP B 171 35.24 54.05 49.75
C ASP B 171 35.71 52.60 49.79
N ALA B 172 34.83 51.66 49.44
CA ALA B 172 35.20 50.25 49.48
C ALA B 172 36.31 49.95 48.49
N LEU B 173 36.27 50.57 47.31
CA LEU B 173 37.34 50.44 46.35
C LEU B 173 38.68 50.78 46.99
N ARG B 174 38.74 51.90 47.72
CA ARG B 174 40.01 52.31 48.27
C ARG B 174 40.43 51.45 49.46
N ILE B 175 39.48 51.07 50.32
CA ILE B 175 39.85 50.18 51.43
C ILE B 175 40.40 48.88 50.89
N ALA B 176 39.76 48.33 49.85
CA ALA B 176 40.28 47.11 49.23
C ALA B 176 41.67 47.34 48.65
N VAL B 177 41.89 48.49 48.00
CA VAL B 177 43.20 48.75 47.41
C VAL B 177 44.27 48.86 48.48
N ALA B 178 43.96 49.57 49.58
CA ALA B 178 44.89 49.69 50.68
C ALA B 178 45.23 48.33 51.28
N ALA B 179 44.22 47.52 51.55
CA ALA B 179 44.48 46.19 52.10
C ALA B 179 45.29 45.34 51.13
N LEU B 180 45.09 45.53 49.83
CA LEU B 180 45.91 44.83 48.84
C LEU B 180 47.38 45.23 48.98
N ARG B 181 47.66 46.54 48.96
CA ARG B 181 49.04 47.00 49.08
C ARG B 181 49.69 46.55 50.40
N ALA B 182 48.92 46.44 51.47
CA ALA B 182 49.44 45.98 52.76
C ALA B 182 49.86 44.51 52.74
N LEU B 195 49.39 50.62 42.98
CA LEU B 195 48.35 49.98 42.17
C LEU B 195 47.43 51.02 41.55
N GLY B 196 47.32 50.98 40.22
CA GLY B 196 46.42 51.85 39.49
C GLY B 196 45.85 51.16 38.28
N VAL B 197 45.12 51.89 37.43
CA VAL B 197 44.46 51.26 36.28
C VAL B 197 45.41 50.33 35.53
N ALA B 198 46.72 50.61 35.58
CA ALA B 198 47.66 49.84 34.79
C ALA B 198 47.79 48.40 35.28
N SER B 199 47.56 48.15 36.58
CA SER B 199 47.89 46.87 37.18
C SER B 199 46.70 46.18 37.85
N LEU B 200 45.48 46.69 37.69
CA LEU B 200 44.32 46.19 38.41
C LEU B 200 43.26 45.61 37.47
N GLU B 201 42.60 44.57 37.96
CA GLU B 201 41.33 44.08 37.41
C GLU B 201 40.25 44.38 38.45
N VAL B 202 39.27 45.19 38.08
CA VAL B 202 38.22 45.60 39.00
C VAL B 202 36.86 45.39 38.34
N ALA B 203 35.91 44.84 39.10
CA ALA B 203 34.56 44.63 38.61
C ALA B 203 33.62 44.65 39.79
N VAL B 204 32.32 44.65 39.50
CA VAL B 204 31.31 44.77 40.53
C VAL B 204 30.08 43.94 40.13
N LEU B 205 29.46 43.31 41.14
CA LEU B 205 28.09 42.83 41.03
C LEU B 205 27.20 43.94 41.57
N ASP B 206 26.46 44.59 40.67
CA ASP B 206 25.72 45.81 40.97
C ASP B 206 24.25 45.45 41.14
N ALA B 207 23.79 45.45 42.40
CA ALA B 207 22.41 45.08 42.68
C ALA B 207 21.41 46.02 42.03
N ASN B 208 21.85 47.17 41.54
CA ASN B 208 20.93 48.12 40.93
C ASN B 208 20.68 47.82 39.46
N ARG B 209 21.44 46.91 38.85
CA ARG B 209 21.17 46.58 37.45
C ARG B 209 19.91 45.71 37.36
N PRO B 210 19.09 45.88 36.31
CA PRO B 210 17.81 45.15 36.26
C PRO B 210 17.98 43.65 36.18
N ARG B 211 18.93 43.17 35.38
CA ARG B 211 19.15 41.74 35.31
C ARG B 211 20.61 41.37 35.54
N ARG B 212 21.46 41.54 34.53
CA ARG B 212 22.85 41.11 34.65
C ARG B 212 23.62 42.13 35.48
N ALA B 213 23.93 41.77 36.72
CA ALA B 213 24.51 42.70 37.67
C ALA B 213 26.02 42.88 37.52
N PHE B 214 26.66 42.13 36.62
CA PHE B 214 28.12 42.17 36.52
C PHE B 214 28.56 43.31 35.61
N ARG B 215 29.51 44.11 36.11
CA ARG B 215 30.06 45.23 35.35
C ARG B 215 31.54 45.37 35.62
N ARG B 216 32.33 45.40 34.55
CA ARG B 216 33.74 45.75 34.66
C ARG B 216 33.92 47.25 34.71
N ILE B 217 34.82 47.70 35.59
CA ILE B 217 35.17 49.10 35.70
C ILE B 217 36.60 49.25 35.17
N THR B 218 36.73 49.82 33.96
CA THR B 218 38.01 49.90 33.28
C THR B 218 38.17 51.27 32.66
N GLY B 219 39.42 51.58 32.32
CA GLY B 219 39.72 52.74 31.49
C GLY B 219 39.39 54.05 32.16
N SER B 220 38.62 54.87 31.44
CA SER B 220 38.28 56.22 31.92
C SER B 220 37.45 56.17 33.21
N ALA B 221 36.55 55.20 33.32
CA ALA B 221 35.68 55.12 34.51
C ALA B 221 36.48 54.74 35.75
N LEU B 222 37.20 53.61 35.69
CA LEU B 222 38.10 53.27 36.79
C LEU B 222 39.03 54.43 37.08
N GLN B 223 39.45 55.12 36.02
CA GLN B 223 40.19 56.38 36.13
C GLN B 223 39.52 57.25 37.18
N ALA B 224 38.33 57.76 36.84
CA ALA B 224 37.63 58.67 37.75
C ALA B 224 37.49 58.08 39.14
N LEU B 225 37.25 56.77 39.23
CA LEU B 225 36.92 56.17 40.52
C LEU B 225 38.13 56.13 41.44
N LEU B 226 39.32 55.91 40.89
CA LEU B 226 40.50 55.80 41.75
C LEU B 226 40.74 57.07 42.54
N VAL B 227 40.42 58.24 41.98
CA VAL B 227 40.60 59.52 42.65
C VAL B 227 39.62 59.67 43.81
N MET C 1 48.93 -3.03 50.84
CA MET C 1 47.62 -3.47 51.32
C MET C 1 47.32 -2.96 52.73
N GLU C 2 47.85 -3.64 53.76
CA GLU C 2 47.46 -3.31 55.12
C GLU C 2 47.91 -1.91 55.51
N GLN C 3 49.08 -1.48 55.03
CA GLN C 3 49.50 -0.11 55.32
C GLN C 3 48.60 0.91 54.62
N ALA C 4 48.18 0.61 53.39
CA ALA C 4 47.27 1.51 52.68
C ALA C 4 45.95 1.64 53.44
N MET C 5 45.39 0.51 53.89
CA MET C 5 44.12 0.58 54.61
C MET C 5 44.27 1.22 55.98
N ARG C 6 45.40 1.02 56.65
CA ARG C 6 45.59 1.67 57.94
C ARG C 6 45.76 3.18 57.77
N GLU C 7 46.58 3.59 56.80
CA GLU C 7 46.72 5.01 56.46
C GLU C 7 45.36 5.63 56.14
N ARG C 8 44.53 4.92 55.36
CA ARG C 8 43.19 5.41 55.06
C ARG C 8 42.39 5.59 56.34
N SER C 9 42.34 4.55 57.17
CA SER C 9 41.58 4.65 58.40
C SER C 9 42.05 5.80 59.27
N GLU C 10 43.36 6.09 59.25
CA GLU C 10 43.89 7.17 60.09
C GLU C 10 43.55 8.53 59.51
N LEU C 11 43.76 8.71 58.20
CA LEU C 11 43.41 9.96 57.55
C LEU C 11 41.95 10.32 57.81
N ALA C 12 41.06 9.34 57.62
CA ALA C 12 39.65 9.57 57.91
C ALA C 12 39.44 9.87 59.40
N ARG C 13 40.07 9.08 60.27
CA ARG C 13 39.84 9.25 61.71
C ARG C 13 40.21 10.66 62.18
N LYS C 14 41.42 11.11 61.84
CA LYS C 14 41.84 12.46 62.19
C LYS C 14 40.95 13.52 61.53
N GLY C 15 40.63 13.34 60.24
CA GLY C 15 39.69 14.26 59.61
C GLY C 15 38.43 14.45 60.43
N ILE C 16 37.79 13.34 60.82
CA ILE C 16 36.54 13.47 61.57
C ILE C 16 36.81 14.08 62.94
N ALA C 17 37.96 13.74 63.52
CA ALA C 17 38.32 14.28 64.84
C ALA C 17 38.43 15.79 64.84
N ARG C 18 38.86 16.40 63.72
CA ARG C 18 39.02 17.85 63.69
C ARG C 18 37.72 18.60 63.38
N ALA C 19 36.64 17.90 63.04
CA ALA C 19 35.43 18.55 62.58
C ALA C 19 34.52 18.90 63.75
N LYS C 20 33.65 19.89 63.52
CA LYS C 20 32.65 20.24 64.51
C LYS C 20 31.77 19.03 64.80
N SER C 21 31.17 19.04 65.99
CA SER C 21 30.41 17.89 66.46
C SER C 21 28.91 18.07 66.21
N VAL C 22 28.22 16.92 66.20
CA VAL C 22 26.80 16.84 65.93
C VAL C 22 26.24 15.73 66.79
N VAL C 23 25.06 15.95 67.37
CA VAL C 23 24.39 14.91 68.16
C VAL C 23 22.95 14.78 67.68
N ALA C 24 22.41 13.57 67.87
CA ALA C 24 21.02 13.28 67.56
C ALA C 24 20.45 12.39 68.66
N LEU C 25 19.24 12.69 69.12
CA LEU C 25 18.70 11.90 70.20
C LEU C 25 17.18 11.80 70.06
N ALA C 26 16.66 10.68 70.56
CA ALA C 26 15.24 10.38 70.53
C ALA C 26 14.53 11.02 71.71
N TYR C 27 13.53 11.86 71.43
CA TYR C 27 12.71 12.48 72.45
C TYR C 27 11.24 12.12 72.23
N ALA C 28 10.40 12.58 73.17
CA ALA C 28 8.97 12.24 73.15
C ALA C 28 8.31 12.56 71.82
N GLY C 29 8.74 13.63 71.16
CA GLY C 29 8.16 14.08 69.92
C GLY C 29 8.78 13.53 68.66
N GLY C 30 9.86 12.76 68.77
CA GLY C 30 10.51 12.23 67.58
C GLY C 30 12.01 12.24 67.71
N VAL C 31 12.73 12.89 66.78
CA VAL C 31 14.18 12.91 66.84
C VAL C 31 14.69 14.34 66.73
N LEU C 32 15.70 14.65 67.53
CA LEU C 32 16.33 15.96 67.55
C LEU C 32 17.76 15.84 67.00
N PHE C 33 18.07 16.70 66.04
CA PHE C 33 19.41 16.89 65.50
C PHE C 33 19.90 18.26 65.93
N VAL C 34 21.03 18.31 66.64
CA VAL C 34 21.67 19.58 66.95
C VAL C 34 23.15 19.46 66.60
N ALA C 35 23.61 20.36 65.75
CA ALA C 35 24.97 20.36 65.27
C ALA C 35 25.55 21.76 65.46
N GLU C 36 26.82 21.82 65.85
CA GLU C 36 27.54 23.07 65.87
C GLU C 36 27.86 23.47 64.44
N ASN C 37 27.33 24.60 63.99
CA ASN C 37 27.45 25.02 62.60
C ASN C 37 27.28 26.54 62.52
N PRO C 38 28.39 27.28 62.40
CA PRO C 38 28.28 28.75 62.29
C PRO C 38 27.80 29.24 60.94
N SER C 39 27.60 28.36 59.97
CA SER C 39 27.24 28.80 58.63
C SER C 39 25.77 29.15 58.53
N ARG C 40 25.49 30.26 57.86
CA ARG C 40 24.11 30.66 57.58
C ARG C 40 23.48 29.84 56.46
N SER C 41 24.29 29.25 55.57
CA SER C 41 23.78 28.63 54.37
C SER C 41 24.13 27.16 54.24
N LEU C 42 25.25 26.71 54.79
CA LEU C 42 25.69 25.34 54.62
C LEU C 42 25.16 24.48 55.77
N GLN C 43 24.59 23.33 55.42
CA GLN C 43 23.81 22.54 56.36
C GLN C 43 24.42 21.15 56.54
N LYS C 44 24.40 20.66 57.79
CA LYS C 44 24.85 19.31 58.16
C LYS C 44 23.69 18.36 58.47
N ILE C 45 22.47 18.86 58.53
CA ILE C 45 21.30 18.07 58.90
C ILE C 45 20.26 18.22 57.81
N SER C 46 19.77 17.09 57.30
CA SER C 46 18.94 17.14 56.12
C SER C 46 17.78 16.17 56.26
N GLU C 47 16.71 16.48 55.52
CA GLU C 47 15.67 15.51 55.26
C GLU C 47 16.15 14.53 54.19
N LEU C 48 15.84 13.27 54.37
CA LEU C 48 16.03 12.27 53.33
C LEU C 48 14.69 11.87 52.73
N TYR C 49 13.75 11.43 53.56
CA TYR C 49 12.46 10.99 53.09
C TYR C 49 11.43 11.31 54.17
N ASP C 50 10.17 10.95 53.91
CA ASP C 50 9.05 11.41 54.74
C ASP C 50 9.38 11.38 56.23
N ARG C 51 9.79 10.23 56.73
CA ARG C 51 10.06 10.07 58.16
C ARG C 51 11.53 9.79 58.44
N VAL C 52 12.41 10.14 57.53
CA VAL C 52 13.81 9.84 57.66
C VAL C 52 14.73 11.00 57.49
N GLY C 53 15.68 11.17 58.36
CA GLY C 53 16.57 12.28 58.31
C GLY C 53 18.00 11.94 58.41
N PHE C 54 18.83 12.84 57.95
CA PHE C 54 20.23 12.65 57.92
C PHE C 54 21.07 13.72 58.59
N ALA C 55 22.12 13.32 59.24
CA ALA C 55 23.05 14.20 59.87
C ALA C 55 24.41 13.69 59.63
N ALA C 56 25.35 14.57 59.45
CA ALA C 56 26.71 14.19 59.25
C ALA C 56 27.73 15.09 59.87
N ALA C 57 28.89 14.55 60.12
CA ALA C 57 30.04 15.35 60.52
C ALA C 57 31.24 14.95 59.66
N GLY C 58 32.22 15.86 59.58
CA GLY C 58 33.38 15.66 58.75
C GLY C 58 33.44 16.71 57.64
N LYS C 59 33.90 16.28 56.47
CA LYS C 59 34.15 17.21 55.38
C LYS C 59 32.88 17.46 54.57
N PHE C 60 32.48 18.72 54.45
CA PHE C 60 31.19 19.07 53.86
C PHE C 60 31.00 18.48 52.48
N ASN C 61 31.90 18.76 51.54
CA ASN C 61 31.65 18.28 50.18
C ASN C 61 31.45 16.77 50.14
N GLU C 62 32.12 16.04 51.04
CA GLU C 62 31.99 14.59 51.04
C GLU C 62 30.63 14.14 51.60
N PHE C 63 30.28 14.60 52.81
CA PHE C 63 29.01 14.12 53.35
C PHE C 63 27.83 14.77 52.65
N ASP C 64 28.07 15.78 51.82
CA ASP C 64 27.00 16.35 51.02
C ASP C 64 26.79 15.53 49.75
N ASN C 65 27.88 15.04 49.14
CA ASN C 65 27.70 13.98 48.17
C ASN C 65 26.83 12.87 48.75
N LEU C 66 27.18 12.39 49.96
CA LEU C 66 26.48 11.26 50.55
C LEU C 66 25.00 11.59 50.82
N ARG C 67 24.75 12.80 51.28
CA ARG C 67 23.38 13.25 51.45
C ARG C 67 22.61 13.18 50.13
N ARG C 68 23.22 13.68 49.04
CA ARG C 68 22.53 13.73 47.76
C ARG C 68 22.26 12.33 47.23
N GLY C 69 23.23 11.43 47.39
CA GLY C 69 23.02 10.06 46.98
C GLY C 69 21.98 9.36 47.80
N GLY C 70 21.83 9.76 49.07
CA GLY C 70 20.74 9.21 49.87
C GLY C 70 19.39 9.69 49.40
N ILE C 71 19.29 10.98 49.07
CA ILE C 71 18.04 11.49 48.51
C ILE C 71 17.74 10.80 47.19
N GLN C 72 18.77 10.65 46.33
CA GLN C 72 18.62 9.89 45.10
C GLN C 72 18.06 8.48 45.38
N PHE C 73 18.69 7.76 46.31
CA PHE C 73 18.27 6.40 46.62
C PHE C 73 16.82 6.36 47.11
N ALA C 74 16.47 7.22 48.07
CA ALA C 74 15.13 7.19 48.64
C ALA C 74 14.07 7.55 47.60
N ASP C 75 14.29 8.62 46.86
CA ASP C 75 13.28 9.00 45.87
C ASP C 75 13.15 7.93 44.80
N THR C 76 14.27 7.34 44.38
CA THR C 76 14.19 6.29 43.38
C THR C 76 13.38 5.12 43.91
N ARG C 77 13.70 4.64 45.11
CA ARG C 77 13.05 3.44 45.61
C ARG C 77 11.58 3.70 45.93
N GLY C 78 11.26 4.90 46.43
CA GLY C 78 9.87 5.23 46.67
C GLY C 78 9.07 5.23 45.39
N TYR C 79 9.64 5.81 44.32
CA TYR C 79 8.93 5.81 43.05
C TYR C 79 8.80 4.38 42.49
N ALA C 80 9.84 3.56 42.64
CA ALA C 80 9.88 2.24 42.03
C ALA C 80 8.93 1.26 42.69
N TYR C 81 8.70 1.43 44.00
CA TYR C 81 7.75 0.65 44.78
C TYR C 81 6.67 1.57 45.32
N ASP C 82 6.61 1.76 46.63
CA ASP C 82 5.75 2.77 47.23
C ASP C 82 6.56 3.55 48.25
N ARG C 83 6.10 4.77 48.55
CA ARG C 83 6.75 5.60 49.56
C ARG C 83 7.05 4.79 50.83
N ARG C 84 6.04 4.06 51.32
CA ARG C 84 6.17 3.41 52.62
C ARG C 84 7.14 2.24 52.62
N ASP C 85 7.66 1.84 51.46
CA ASP C 85 8.68 0.82 51.43
C ASP C 85 10.05 1.35 51.83
N VAL C 86 10.22 2.68 51.86
CA VAL C 86 11.50 3.28 52.18
C VAL C 86 11.66 3.38 53.69
N THR C 87 12.76 2.84 54.21
CA THR C 87 12.97 2.69 55.63
C THR C 87 14.35 3.18 56.03
N GLY C 88 14.47 3.57 57.31
CA GLY C 88 15.77 3.94 57.84
C GLY C 88 16.78 2.81 57.76
N ARG C 89 16.37 1.61 58.19
CA ARG C 89 17.25 0.45 58.03
C ARG C 89 17.82 0.40 56.63
N GLN C 90 16.96 0.62 55.62
CA GLN C 90 17.39 0.50 54.24
C GLN C 90 18.47 1.53 53.91
N LEU C 91 18.18 2.82 54.14
CA LEU C 91 19.15 3.88 53.88
C LEU C 91 20.47 3.61 54.59
N ALA C 92 20.41 3.32 55.89
CA ALA C 92 21.64 3.04 56.63
C ALA C 92 22.40 1.88 56.01
N ASN C 93 21.67 0.87 55.53
CA ASN C 93 22.30 -0.25 54.85
C ASN C 93 23.07 0.24 53.62
N VAL C 94 22.39 1.03 52.79
CA VAL C 94 23.00 1.46 51.53
C VAL C 94 24.16 2.41 51.80
N TYR C 95 24.13 3.11 52.94
CA TYR C 95 25.27 3.95 53.33
C TYR C 95 26.44 3.09 53.79
N ALA C 96 26.17 2.04 54.56
CA ALA C 96 27.26 1.12 54.92
C ALA C 96 27.92 0.58 53.66
N GLN C 97 27.12 0.09 52.72
CA GLN C 97 27.68 -0.45 51.48
C GLN C 97 28.47 0.62 50.73
N THR C 98 27.86 1.78 50.54
CA THR C 98 28.51 2.85 49.78
C THR C 98 29.81 3.25 50.42
N LEU C 99 29.81 3.44 51.74
CA LEU C 99 31.01 3.88 52.44
C LEU C 99 32.08 2.81 52.45
N GLY C 100 31.70 1.53 52.49
CA GLY C 100 32.70 0.48 52.36
C GLY C 100 33.41 0.56 51.03
N THR C 101 32.64 0.69 49.95
CA THR C 101 33.24 0.88 48.63
C THR C 101 34.12 2.13 48.60
N ILE C 102 33.61 3.24 49.13
CA ILE C 102 34.37 4.49 49.14
C ILE C 102 35.69 4.28 49.87
N PHE C 103 35.64 3.61 51.01
CA PHE C 103 36.79 3.49 51.89
C PHE C 103 37.88 2.62 51.26
N THR C 104 37.50 1.52 50.58
CA THR C 104 38.56 0.72 49.97
C THR C 104 38.96 1.16 48.57
N GLU C 105 38.15 1.99 47.87
CA GLU C 105 38.43 2.20 46.46
C GLU C 105 38.60 3.65 46.02
N GLN C 106 37.96 4.62 46.66
CA GLN C 106 38.12 5.99 46.18
C GLN C 106 39.57 6.47 46.35
N ALA C 107 39.94 7.47 45.56
CA ALA C 107 41.31 7.99 45.61
C ALA C 107 41.69 8.40 47.03
N LYS C 108 40.75 8.97 47.76
CA LYS C 108 40.93 9.34 49.15
C LYS C 108 39.68 8.89 49.90
N PRO C 109 39.82 8.21 51.02
CA PRO C 109 38.63 7.84 51.80
C PRO C 109 37.86 9.09 52.24
N TYR C 110 36.54 8.94 52.37
CA TYR C 110 35.71 10.05 52.80
C TYR C 110 35.86 10.29 54.29
N GLU C 111 36.04 11.56 54.66
CA GLU C 111 36.21 11.95 56.06
C GLU C 111 34.85 12.35 56.60
N VAL C 112 34.01 11.35 56.89
CA VAL C 112 32.64 11.59 57.28
C VAL C 112 32.18 10.57 58.31
N GLU C 113 31.22 10.98 59.13
CA GLU C 113 30.47 10.09 59.98
C GLU C 113 28.99 10.43 59.80
N LEU C 114 28.16 9.40 59.61
CA LEU C 114 26.75 9.57 59.23
C LEU C 114 25.80 9.05 60.30
N CYS C 115 24.66 9.71 60.41
CA CYS C 115 23.54 9.23 61.21
C CYS C 115 22.28 9.32 60.36
N VAL C 116 21.53 8.21 60.31
CA VAL C 116 20.22 8.17 59.67
C VAL C 116 19.20 7.85 60.74
N ALA C 117 18.10 8.60 60.75
CA ALA C 117 17.11 8.48 61.80
C ALA C 117 15.71 8.41 61.21
N GLU C 118 14.85 7.61 61.86
CA GLU C 118 13.46 7.43 61.43
C GLU C 118 12.52 7.53 62.62
N VAL C 119 11.43 8.25 62.44
CA VAL C 119 10.37 8.29 63.41
C VAL C 119 9.20 7.52 62.82
N ALA C 120 8.15 7.34 63.62
CA ALA C 120 7.01 6.57 63.19
C ALA C 120 6.17 7.38 62.21
N HIS C 121 5.42 6.67 61.38
CA HIS C 121 4.45 7.37 60.54
C HIS C 121 3.32 7.91 61.40
N TYR C 122 2.67 8.95 60.89
CA TYR C 122 1.67 9.67 61.68
C TYR C 122 0.67 8.71 62.32
N GLY C 123 0.35 8.97 63.58
CA GLY C 123 -0.61 8.17 64.30
C GLY C 123 -0.16 6.77 64.65
N GLU C 124 1.08 6.40 64.32
CA GLU C 124 1.59 5.07 64.65
C GLU C 124 2.50 5.14 65.86
N THR C 125 2.61 4.01 66.54
CA THR C 125 3.45 3.89 67.73
C THR C 125 4.65 3.02 67.35
N LYS C 126 5.82 3.64 67.26
CA LYS C 126 7.01 2.93 66.82
C LYS C 126 8.19 3.76 67.32
N ARG C 127 8.94 3.21 68.28
CA ARG C 127 10.00 3.98 68.91
C ARG C 127 11.07 4.34 67.86
N PRO C 128 11.58 5.56 67.88
CA PRO C 128 12.49 5.99 66.81
C PRO C 128 13.64 5.02 66.61
N GLU C 129 14.29 5.15 65.45
CA GLU C 129 15.44 4.34 65.10
C GLU C 129 16.59 5.28 64.75
N LEU C 130 17.75 5.00 65.34
CA LEU C 130 18.97 5.76 65.10
C LEU C 130 20.04 4.83 64.57
N TYR C 131 20.66 5.23 63.46
CA TYR C 131 21.73 4.49 62.84
C TYR C 131 22.95 5.39 62.69
N ARG C 132 24.12 4.81 62.94
CA ARG C 132 25.40 5.47 62.70
C ARG C 132 26.20 4.63 61.71
N ILE C 133 26.83 5.32 60.76
CA ILE C 133 27.65 4.71 59.73
C ILE C 133 29.01 5.41 59.74
N THR C 134 30.07 4.65 59.97
CA THR C 134 31.41 5.22 60.07
C THR C 134 32.09 5.19 58.70
N TYR C 135 33.28 5.80 58.64
CA TYR C 135 33.97 6.05 57.37
C TYR C 135 34.36 4.77 56.65
N ASP C 136 34.40 3.64 57.35
CA ASP C 136 34.84 2.40 56.70
C ASP C 136 33.67 1.48 56.36
N GLY C 137 32.43 1.93 56.58
CA GLY C 137 31.27 1.12 56.33
C GLY C 137 30.67 0.42 57.54
N SER C 138 31.31 0.52 58.71
CA SER C 138 30.73 -0.02 59.92
C SER C 138 29.41 0.67 60.24
N ILE C 139 28.45 -0.11 60.71
CA ILE C 139 27.09 0.37 60.96
C ILE C 139 26.64 -0.13 62.33
N ALA C 140 25.90 0.71 63.03
CA ALA C 140 25.40 0.33 64.35
C ALA C 140 24.13 1.11 64.63
N ASP C 141 23.11 0.42 65.10
CA ASP C 141 21.93 1.12 65.56
C ASP C 141 22.13 1.48 67.02
N GLU C 142 21.69 2.67 67.39
CA GLU C 142 21.73 3.18 68.74
C GLU C 142 20.32 3.34 69.28
N PRO C 143 20.08 2.97 70.52
CA PRO C 143 18.72 3.03 71.07
C PRO C 143 18.29 4.43 71.47
N HIS C 144 19.24 5.30 71.83
CA HIS C 144 18.88 6.58 72.42
C HIS C 144 19.48 7.79 71.72
N PHE C 145 20.78 7.75 71.42
CA PHE C 145 21.42 8.92 70.82
C PHE C 145 22.68 8.51 70.06
N VAL C 146 23.18 9.43 69.25
CA VAL C 146 24.42 9.23 68.51
C VAL C 146 25.17 10.55 68.51
N VAL C 147 26.50 10.46 68.62
CA VAL C 147 27.38 11.61 68.61
C VAL C 147 28.40 11.41 67.49
N MET C 148 28.79 12.48 66.83
CA MET C 148 29.71 12.37 65.71
C MET C 148 30.55 13.64 65.61
N GLY C 149 31.81 13.46 65.23
CA GLY C 149 32.66 14.62 65.04
C GLY C 149 33.33 15.05 66.32
N GLY C 150 34.50 15.68 66.17
CA GLY C 150 35.30 16.21 67.26
C GLY C 150 35.63 15.17 68.31
N THR C 151 35.62 15.60 69.56
CA THR C 151 35.91 14.71 70.69
C THR C 151 34.62 14.06 71.13
N THR C 152 34.50 12.76 70.93
CA THR C 152 33.23 12.10 71.14
C THR C 152 33.01 11.72 72.59
N GLU C 153 34.04 11.17 73.23
CA GLU C 153 33.92 10.66 74.61
C GLU C 153 33.23 11.65 75.54
N PRO C 154 33.67 12.90 75.65
CA PRO C 154 32.96 13.84 76.54
C PRO C 154 31.47 13.95 76.25
N ILE C 155 31.10 14.27 75.02
CA ILE C 155 29.70 14.48 74.69
C ILE C 155 28.89 13.22 75.00
N ALA C 156 29.33 12.08 74.49
CA ALA C 156 28.65 10.82 74.75
C ALA C 156 28.46 10.56 76.24
N ASN C 157 29.41 11.01 77.07
CA ASN C 157 29.30 10.80 78.51
C ASN C 157 28.26 11.75 79.12
N ALA C 158 28.35 13.03 78.76
CA ALA C 158 27.34 13.98 79.20
C ALA C 158 25.94 13.43 78.93
N LEU C 159 25.69 13.00 77.68
CA LEU C 159 24.39 12.41 77.36
C LEU C 159 24.14 11.16 78.20
N LYS C 160 25.12 10.27 78.27
CA LYS C 160 24.92 9.01 79.00
C LYS C 160 24.43 9.26 80.42
N GLU C 161 24.96 10.27 81.09
CA GLU C 161 24.57 10.52 82.47
C GLU C 161 23.33 11.40 82.57
N SER C 162 23.05 12.20 81.54
CA SER C 162 21.94 13.14 81.58
C SER C 162 20.73 12.70 80.76
N TYR C 163 20.90 11.76 79.83
CA TYR C 163 19.81 11.43 78.91
C TYR C 163 18.64 10.84 79.66
N ALA C 164 17.44 11.31 79.33
CA ALA C 164 16.20 10.75 79.81
C ALA C 164 15.26 10.54 78.64
N GLU C 165 14.76 9.32 78.48
CA GLU C 165 13.80 8.97 77.43
C GLU C 165 12.58 9.88 77.45
N ASN C 166 11.92 10.03 76.29
CA ASN C 166 10.69 10.80 76.20
C ASN C 166 10.83 12.20 76.80
N ALA C 167 12.01 12.80 76.62
CA ALA C 167 12.23 14.16 77.08
C ALA C 167 11.45 15.16 76.22
N SER C 168 11.13 16.30 76.83
CA SER C 168 10.46 17.37 76.10
C SER C 168 11.38 17.95 75.02
N LEU C 169 10.75 18.60 74.02
CA LEU C 169 11.54 19.23 72.97
C LEU C 169 12.54 20.21 73.56
N THR C 170 12.08 21.10 74.45
CA THR C 170 12.98 22.07 75.06
C THR C 170 13.97 21.40 76.01
N ASP C 171 13.53 20.37 76.73
CA ASP C 171 14.44 19.63 77.60
C ASP C 171 15.48 18.87 76.79
N ALA C 172 15.03 18.17 75.75
CA ALA C 172 15.98 17.49 74.87
C ALA C 172 16.97 18.48 74.29
N LEU C 173 16.50 19.65 73.86
CA LEU C 173 17.41 20.62 73.26
C LEU C 173 18.41 21.14 74.28
N ARG C 174 17.95 21.38 75.52
CA ARG C 174 18.86 21.87 76.56
C ARG C 174 19.91 20.82 76.89
N ILE C 175 19.50 19.55 77.04
CA ILE C 175 20.45 18.47 77.29
C ILE C 175 21.42 18.33 76.12
N ALA C 176 20.93 18.54 74.90
CA ALA C 176 21.79 18.40 73.73
C ALA C 176 22.82 19.51 73.68
N VAL C 177 22.40 20.75 73.94
CA VAL C 177 23.35 21.86 73.94
C VAL C 177 24.35 21.70 75.07
N ALA C 178 23.90 21.22 76.23
CA ALA C 178 24.83 20.91 77.30
C ALA C 178 25.87 19.91 76.84
N ALA C 179 25.44 18.72 76.42
CA ALA C 179 26.38 17.68 76.01
C ALA C 179 27.35 18.19 74.93
N LEU C 180 26.87 19.10 74.07
CA LEU C 180 27.77 19.69 73.08
C LEU C 180 28.79 20.61 73.75
N ARG C 181 28.34 21.43 74.72
CA ARG C 181 29.25 22.35 75.41
C ARG C 181 30.43 21.61 76.02
N ALA C 182 30.24 20.34 76.40
CA ALA C 182 31.30 19.54 77.01
C ALA C 182 32.37 19.14 76.01
N GLY C 183 32.93 20.11 75.28
CA GLY C 183 33.93 19.81 74.26
C GLY C 183 33.93 20.82 73.12
N LEU C 195 27.17 29.53 73.24
CA LEU C 195 26.67 28.69 72.15
C LEU C 195 25.24 29.07 71.73
N GLY C 196 25.10 30.05 70.85
CA GLY C 196 23.82 30.66 70.57
C GLY C 196 23.14 30.13 69.32
N VAL C 197 22.09 30.85 68.91
CA VAL C 197 21.37 30.51 67.68
C VAL C 197 22.24 30.75 66.45
N ALA C 198 23.13 31.75 66.50
CA ALA C 198 24.02 32.06 65.37
C ALA C 198 25.15 31.05 65.20
N SER C 199 25.26 30.08 66.10
CA SER C 199 26.30 29.04 66.02
C SER C 199 25.72 27.62 66.03
N LEU C 200 24.41 27.47 65.83
CA LEU C 200 23.75 26.17 65.91
C LEU C 200 22.88 25.91 64.69
N GLU C 201 22.87 24.65 64.25
CA GLU C 201 21.92 24.13 63.28
C GLU C 201 21.10 23.07 63.99
N VAL C 202 19.79 23.31 64.11
CA VAL C 202 18.89 22.45 64.88
C VAL C 202 17.70 22.06 64.00
N ALA C 203 17.41 20.77 63.94
CA ALA C 203 16.27 20.29 63.16
C ALA C 203 15.67 19.08 63.85
N VAL C 204 14.47 18.71 63.42
CA VAL C 204 13.71 17.69 64.10
C VAL C 204 12.97 16.83 63.08
N LEU C 205 12.88 15.54 63.36
CA LEU C 205 11.88 14.65 62.76
C LEU C 205 10.69 14.62 63.71
N ASP C 206 9.63 15.37 63.36
CA ASP C 206 8.44 15.55 64.20
C ASP C 206 7.42 14.45 63.90
N ALA C 207 7.40 13.42 64.74
CA ALA C 207 6.53 12.26 64.60
C ALA C 207 5.05 12.61 64.55
N ASN C 208 4.67 13.84 64.86
CA ASN C 208 3.27 14.22 64.86
C ASN C 208 2.85 14.95 63.59
N ARG C 209 3.78 15.24 62.69
CA ARG C 209 3.36 15.91 61.48
C ARG C 209 2.81 14.92 60.47
N PRO C 210 1.85 15.35 59.64
CA PRO C 210 1.10 14.38 58.82
C PRO C 210 1.95 13.55 57.87
N ARG C 211 2.83 14.18 57.07
CA ARG C 211 3.63 13.39 56.14
C ARG C 211 5.12 13.64 56.31
N ARG C 212 5.62 14.76 55.78
CA ARG C 212 7.03 15.10 55.96
C ARG C 212 7.28 15.49 57.42
N ALA C 213 8.16 14.74 58.08
CA ALA C 213 8.41 14.92 59.51
C ALA C 213 9.57 15.86 59.82
N PHE C 214 10.31 16.34 58.81
CA PHE C 214 11.53 17.09 59.03
C PHE C 214 11.22 18.58 59.09
N ARG C 215 11.68 19.24 60.16
CA ARG C 215 11.47 20.67 60.38
C ARG C 215 12.71 21.31 60.98
N ARG C 216 13.19 22.37 60.35
CA ARG C 216 14.28 23.14 60.93
C ARG C 216 13.72 24.06 62.00
N ILE C 217 14.47 24.19 63.10
CA ILE C 217 14.15 25.15 64.15
C ILE C 217 15.17 26.27 64.06
N THR C 218 14.70 27.46 63.69
CA THR C 218 15.59 28.55 63.32
C THR C 218 15.16 29.86 63.96
N GLY C 219 16.13 30.77 64.07
CA GLY C 219 15.84 32.15 64.38
C GLY C 219 15.16 32.34 65.72
N SER C 220 14.26 33.33 65.76
CA SER C 220 13.63 33.71 67.02
C SER C 220 12.93 32.54 67.71
N ALA C 221 12.41 31.58 66.94
CA ALA C 221 11.77 30.40 67.54
C ALA C 221 12.81 29.55 68.27
N LEU C 222 13.91 29.22 67.59
CA LEU C 222 15.01 28.53 68.26
C LEU C 222 15.44 29.28 69.50
N GLN C 223 15.52 30.61 69.41
CA GLN C 223 15.85 31.40 70.58
C GLN C 223 14.87 31.10 71.71
N ALA C 224 13.57 31.18 71.39
CA ALA C 224 12.54 30.91 72.37
C ALA C 224 12.76 29.58 73.07
N LEU C 225 13.05 28.54 72.29
CA LEU C 225 13.27 27.22 72.88
C LEU C 225 14.52 27.17 73.75
N LEU C 226 15.59 27.86 73.34
CA LEU C 226 16.78 27.90 74.18
C LEU C 226 16.55 28.55 75.54
N VAL C 227 15.34 29.02 75.84
CA VAL C 227 15.07 29.82 77.04
C VAL C 227 15.68 31.20 76.91
N MET D 1 53.80 -10.45 45.61
CA MET D 1 52.99 -11.65 45.42
C MET D 1 52.90 -12.45 46.71
N GLU D 2 53.97 -13.17 47.05
CA GLU D 2 53.97 -14.00 48.25
C GLU D 2 53.58 -13.19 49.48
N GLN D 3 54.32 -12.10 49.73
CA GLN D 3 54.00 -11.26 50.86
C GLN D 3 52.64 -10.59 50.69
N ALA D 4 52.31 -10.15 49.47
CA ALA D 4 50.99 -9.55 49.23
C ALA D 4 49.88 -10.51 49.62
N MET D 5 49.94 -11.76 49.14
CA MET D 5 48.94 -12.74 49.54
C MET D 5 48.95 -12.99 51.04
N ARG D 6 50.12 -12.88 51.68
CA ARG D 6 50.14 -13.06 53.13
C ARG D 6 49.50 -11.89 53.87
N GLU D 7 49.54 -10.70 53.29
CA GLU D 7 48.93 -9.53 53.91
C GLU D 7 47.41 -9.53 53.71
N ARG D 8 46.95 -9.91 52.52
CA ARG D 8 45.50 -10.11 52.35
C ARG D 8 45.01 -11.20 53.29
N SER D 9 45.71 -12.33 53.31
CA SER D 9 45.35 -13.39 54.23
C SER D 9 45.27 -12.90 55.67
N GLU D 10 46.30 -12.21 56.15
CA GLU D 10 46.33 -11.80 57.56
C GLU D 10 45.31 -10.71 57.85
N LEU D 11 45.04 -9.84 56.88
CA LEU D 11 44.02 -8.82 57.06
C LEU D 11 42.64 -9.45 57.19
N ALA D 12 42.30 -10.40 56.31
CA ALA D 12 41.02 -11.09 56.45
C ALA D 12 40.96 -11.89 57.74
N ARG D 13 42.06 -12.57 58.08
CA ARG D 13 42.09 -13.38 59.29
C ARG D 13 41.88 -12.54 60.54
N LYS D 14 42.65 -11.45 60.68
CA LYS D 14 42.47 -10.56 61.82
C LYS D 14 41.06 -9.98 61.84
N GLY D 15 40.57 -9.53 60.68
CA GLY D 15 39.24 -8.95 60.63
C GLY D 15 38.18 -9.91 61.13
N ILE D 16 38.30 -11.20 60.77
CA ILE D 16 37.31 -12.17 61.22
C ILE D 16 37.55 -12.57 62.67
N ALA D 17 38.79 -12.51 63.12
CA ALA D 17 39.10 -12.88 64.51
C ALA D 17 38.49 -11.87 65.48
N ARG D 18 38.31 -10.63 65.02
CA ARG D 18 37.78 -9.55 65.84
C ARG D 18 36.26 -9.47 65.84
N ALA D 19 35.58 -10.25 65.00
CA ALA D 19 34.12 -10.14 64.88
C ALA D 19 33.42 -11.16 65.77
N LYS D 20 32.18 -10.84 66.14
CA LYS D 20 31.37 -11.75 66.93
C LYS D 20 31.23 -13.11 66.24
N SER D 21 30.91 -14.13 67.03
CA SER D 21 30.86 -15.51 66.56
C SER D 21 29.43 -15.95 66.23
N VAL D 22 29.34 -17.06 65.51
CA VAL D 22 28.05 -17.65 65.13
C VAL D 22 28.27 -19.12 64.83
N VAL D 23 27.28 -19.94 65.18
CA VAL D 23 27.34 -21.39 65.00
C VAL D 23 26.09 -21.87 64.29
N ALA D 24 26.24 -23.00 63.59
CA ALA D 24 25.14 -23.64 62.87
C ALA D 24 25.19 -25.13 63.17
N LEU D 25 24.03 -25.70 63.52
CA LEU D 25 23.96 -27.09 63.96
C LEU D 25 22.85 -27.83 63.23
N ALA D 26 23.17 -28.99 62.66
CA ALA D 26 22.12 -29.93 62.34
C ALA D 26 21.48 -30.38 63.64
N TYR D 27 20.14 -30.38 63.69
CA TYR D 27 19.42 -30.95 64.81
C TYR D 27 18.21 -31.70 64.27
N ALA D 28 17.49 -32.36 65.18
CA ALA D 28 16.40 -33.26 64.77
C ALA D 28 15.46 -32.59 63.77
N GLY D 29 15.15 -31.31 63.97
CA GLY D 29 14.18 -30.63 63.14
C GLY D 29 14.71 -29.86 61.96
N GLY D 30 15.99 -30.00 61.63
CA GLY D 30 16.56 -29.21 60.56
C GLY D 30 17.89 -28.58 60.91
N VAL D 31 18.00 -27.26 60.80
CA VAL D 31 19.26 -26.59 61.08
C VAL D 31 19.00 -25.38 61.95
N LEU D 32 19.91 -25.13 62.89
CA LEU D 32 19.81 -24.04 63.84
C LEU D 32 20.98 -23.09 63.63
N PHE D 33 20.67 -21.83 63.43
CA PHE D 33 21.62 -20.73 63.38
C PHE D 33 21.51 -19.92 64.67
N VAL D 34 22.62 -19.80 65.39
CA VAL D 34 22.68 -18.95 66.57
C VAL D 34 23.88 -18.04 66.43
N ALA D 35 23.65 -16.73 66.43
CA ALA D 35 24.73 -15.77 66.27
C ALA D 35 24.69 -14.75 67.38
N GLU D 36 25.87 -14.37 67.86
CA GLU D 36 25.97 -13.22 68.74
C GLU D 36 25.70 -11.96 67.93
N ASN D 37 24.72 -11.19 68.37
CA ASN D 37 24.28 -10.02 67.64
C ASN D 37 23.50 -9.10 68.56
N PRO D 38 24.13 -8.03 69.04
CA PRO D 38 23.40 -7.07 69.87
C PRO D 38 22.35 -6.27 69.11
N SER D 39 22.29 -6.37 67.79
CA SER D 39 21.53 -5.39 67.02
C SER D 39 20.05 -5.71 67.01
N ARG D 40 19.26 -4.65 67.03
CA ARG D 40 17.81 -4.76 66.98
C ARG D 40 17.32 -5.11 65.57
N SER D 41 18.03 -4.66 64.52
CA SER D 41 17.51 -4.76 63.17
C SER D 41 18.55 -5.14 62.11
N LEU D 42 19.83 -5.10 62.40
CA LEU D 42 20.84 -5.59 61.46
C LEU D 42 20.98 -7.09 61.66
N GLN D 43 20.96 -7.84 60.57
CA GLN D 43 20.87 -9.29 60.65
C GLN D 43 22.16 -9.94 60.16
N LYS D 44 22.55 -11.04 60.82
CA LYS D 44 23.68 -11.87 60.41
C LYS D 44 23.24 -13.20 59.84
N ILE D 45 21.97 -13.56 60.00
CA ILE D 45 21.39 -14.81 59.51
C ILE D 45 20.39 -14.45 58.41
N SER D 46 20.16 -15.37 57.48
CA SER D 46 19.26 -14.99 56.40
C SER D 46 18.76 -16.20 55.63
N GLU D 47 17.62 -16.00 54.99
CA GLU D 47 17.11 -16.93 54.00
C GLU D 47 17.79 -16.71 52.65
N LEU D 48 18.18 -17.79 51.99
CA LEU D 48 18.60 -17.73 50.60
C LEU D 48 17.54 -18.30 49.66
N TYR D 49 17.08 -19.52 49.90
CA TYR D 49 16.05 -20.08 49.04
C TYR D 49 15.16 -20.98 49.90
N ASP D 50 14.15 -21.56 49.26
CA ASP D 50 13.16 -22.40 49.94
C ASP D 50 13.70 -23.17 51.14
N ARG D 51 14.70 -24.03 50.93
CA ARG D 51 15.26 -24.84 52.00
C ARG D 51 16.72 -24.51 52.28
N VAL D 52 17.19 -23.33 51.89
CA VAL D 52 18.61 -23.00 52.01
C VAL D 52 18.75 -21.70 52.80
N GLY D 53 19.52 -21.76 53.89
CA GLY D 53 19.81 -20.64 54.77
C GLY D 53 21.28 -20.24 54.79
N PHE D 54 21.55 -19.02 55.27
CA PHE D 54 22.85 -18.38 55.17
C PHE D 54 23.17 -17.74 56.51
N ALA D 55 24.46 -17.75 56.89
CA ALA D 55 24.90 -17.04 58.09
C ALA D 55 26.35 -16.59 57.91
N ALA D 56 26.68 -15.41 58.45
CA ALA D 56 27.96 -14.81 58.17
C ALA D 56 28.58 -14.17 59.40
N ALA D 57 29.90 -14.33 59.55
CA ALA D 57 30.66 -13.58 60.54
C ALA D 57 31.62 -12.65 59.81
N GLY D 58 31.91 -11.51 60.43
CA GLY D 58 32.86 -10.58 59.89
C GLY D 58 32.24 -9.21 59.67
N LYS D 59 32.76 -8.50 58.66
CA LYS D 59 32.33 -7.14 58.40
C LYS D 59 30.93 -7.17 57.77
N PHE D 60 30.01 -6.39 58.34
CA PHE D 60 28.62 -6.48 57.93
C PHE D 60 28.44 -6.18 56.45
N ASN D 61 28.79 -4.97 56.01
CA ASN D 61 28.53 -4.61 54.63
C ASN D 61 29.07 -5.66 53.66
N GLU D 62 30.13 -6.37 54.04
CA GLU D 62 30.74 -7.28 53.08
C GLU D 62 29.99 -8.61 52.99
N PHE D 63 29.61 -9.19 54.12
CA PHE D 63 28.79 -10.40 54.03
C PHE D 63 27.33 -10.07 53.70
N ASP D 64 26.94 -8.80 53.78
CA ASP D 64 25.62 -8.40 53.29
C ASP D 64 25.63 -8.29 51.77
N ASN D 65 26.67 -7.68 51.19
CA ASN D 65 26.83 -7.77 49.75
C ASN D 65 26.78 -9.21 49.30
N LEU D 66 27.57 -10.09 49.95
CA LEU D 66 27.57 -11.49 49.55
C LEU D 66 26.19 -12.13 49.75
N ARG D 67 25.45 -11.70 50.77
CA ARG D 67 24.12 -12.26 51.01
C ARG D 67 23.17 -11.92 49.87
N ARG D 68 23.07 -10.63 49.54
CA ARG D 68 22.28 -10.19 48.40
C ARG D 68 22.70 -10.92 47.13
N GLY D 69 24.01 -11.05 46.91
CA GLY D 69 24.48 -11.75 45.72
C GLY D 69 24.02 -13.19 45.68
N GLY D 70 24.04 -13.86 46.84
CA GLY D 70 23.58 -15.24 46.88
C GLY D 70 22.10 -15.37 46.60
N ILE D 71 21.29 -14.43 47.13
CA ILE D 71 19.85 -14.43 46.90
C ILE D 71 19.55 -14.18 45.42
N GLN D 72 20.28 -13.25 44.81
CA GLN D 72 20.13 -13.00 43.39
C GLN D 72 20.48 -14.25 42.58
N PHE D 73 21.58 -14.92 42.93
CA PHE D 73 21.94 -16.15 42.22
C PHE D 73 20.86 -17.22 42.38
N ALA D 74 20.36 -17.39 43.60
CA ALA D 74 19.33 -18.38 43.86
C ALA D 74 18.07 -18.08 43.06
N ASP D 75 17.53 -16.86 43.20
CA ASP D 75 16.30 -16.52 42.49
C ASP D 75 16.48 -16.65 40.98
N THR D 76 17.62 -16.21 40.45
CA THR D 76 17.84 -16.30 39.03
C THR D 76 17.88 -17.75 38.57
N ARG D 77 18.63 -18.61 39.27
CA ARG D 77 18.65 -20.02 38.88
C ARG D 77 17.27 -20.64 38.94
N GLY D 78 16.56 -20.45 40.07
CA GLY D 78 15.23 -21.04 40.21
C GLY D 78 14.28 -20.58 39.13
N TYR D 79 14.35 -19.31 38.74
CA TYR D 79 13.52 -18.84 37.64
C TYR D 79 13.96 -19.46 36.31
N ALA D 80 15.26 -19.57 36.06
CA ALA D 80 15.71 -20.09 34.76
C ALA D 80 15.48 -21.58 34.62
N TYR D 81 15.32 -22.32 35.72
CA TYR D 81 15.12 -23.76 35.65
C TYR D 81 13.88 -24.13 36.46
N ASP D 82 14.05 -24.69 37.65
CA ASP D 82 12.94 -24.88 38.56
C ASP D 82 13.43 -24.68 39.98
N ARG D 83 12.53 -24.24 40.86
CA ARG D 83 12.93 -24.02 42.25
C ARG D 83 13.71 -25.21 42.80
N ARG D 84 13.27 -26.42 42.46
CA ARG D 84 13.88 -27.63 42.99
C ARG D 84 15.32 -27.85 42.53
N ASP D 85 15.75 -27.16 41.46
CA ASP D 85 17.13 -27.27 40.98
C ASP D 85 18.11 -26.41 41.77
N VAL D 86 17.63 -25.53 42.64
CA VAL D 86 18.49 -24.70 43.48
C VAL D 86 18.91 -25.52 44.69
N THR D 87 20.22 -25.66 44.90
CA THR D 87 20.71 -26.48 46.01
C THR D 87 21.68 -25.70 46.88
N GLY D 88 21.77 -26.10 48.15
CA GLY D 88 22.80 -25.55 49.00
C GLY D 88 24.18 -25.75 48.41
N ARG D 89 24.43 -26.93 47.85
CA ARG D 89 25.73 -27.19 47.23
C ARG D 89 26.03 -26.16 46.16
N GLN D 90 25.08 -25.91 45.26
CA GLN D 90 25.29 -24.91 44.23
C GLN D 90 25.70 -23.57 44.81
N LEU D 91 25.01 -23.13 45.88
CA LEU D 91 25.27 -21.82 46.45
C LEU D 91 26.63 -21.77 47.16
N ALA D 92 27.00 -22.85 47.85
CA ALA D 92 28.33 -22.90 48.43
C ALA D 92 29.39 -22.85 47.34
N ASN D 93 29.19 -23.60 46.25
CA ASN D 93 30.14 -23.58 45.15
C ASN D 93 30.31 -22.17 44.60
N VAL D 94 29.20 -21.44 44.45
CA VAL D 94 29.31 -20.12 43.84
C VAL D 94 29.89 -19.10 44.83
N TYR D 95 29.70 -19.33 46.14
CA TYR D 95 30.38 -18.52 47.14
C TYR D 95 31.88 -18.82 47.17
N ALA D 96 32.27 -20.06 46.91
CA ALA D 96 33.69 -20.38 46.78
C ALA D 96 34.29 -19.59 45.62
N GLN D 97 33.65 -19.63 44.46
CA GLN D 97 34.17 -18.92 43.30
C GLN D 97 34.23 -17.41 43.55
N THR D 98 33.12 -16.85 44.07
CA THR D 98 33.05 -15.42 44.37
C THR D 98 34.16 -15.00 45.33
N LEU D 99 34.27 -15.67 46.48
CA LEU D 99 35.27 -15.26 47.47
C LEU D 99 36.68 -15.47 46.95
N GLY D 100 36.90 -16.50 46.12
CA GLY D 100 38.19 -16.61 45.47
C GLY D 100 38.52 -15.36 44.69
N THR D 101 37.61 -14.99 43.79
CA THR D 101 37.87 -13.83 42.94
C THR D 101 38.08 -12.56 43.78
N ILE D 102 37.22 -12.33 44.79
CA ILE D 102 37.38 -11.15 45.64
C ILE D 102 38.74 -11.17 46.34
N PHE D 103 39.09 -12.30 46.94
CA PHE D 103 40.33 -12.40 47.70
C PHE D 103 41.54 -12.08 46.82
N THR D 104 41.53 -12.51 45.56
CA THR D 104 42.72 -12.28 44.73
C THR D 104 42.66 -11.01 43.90
N GLU D 105 41.49 -10.39 43.74
CA GLU D 105 41.38 -9.30 42.77
C GLU D 105 40.84 -8.00 43.32
N GLN D 106 40.26 -7.97 44.52
CA GLN D 106 39.64 -6.75 45.00
C GLN D 106 40.60 -5.89 45.83
N ALA D 107 40.40 -4.57 45.76
CA ALA D 107 41.24 -3.59 46.45
C ALA D 107 41.58 -4.03 47.85
N LYS D 108 40.56 -4.50 48.58
CA LYS D 108 40.74 -5.11 49.88
C LYS D 108 40.00 -6.45 49.89
N PRO D 109 40.60 -7.49 50.44
CA PRO D 109 39.85 -8.74 50.63
C PRO D 109 38.68 -8.53 51.58
N TYR D 110 37.66 -9.38 51.41
CA TYR D 110 36.51 -9.34 52.29
C TYR D 110 36.82 -10.04 53.60
N GLU D 111 36.49 -9.38 54.72
CA GLU D 111 36.71 -9.95 56.05
C GLU D 111 35.47 -10.70 56.50
N VAL D 112 35.20 -11.82 55.82
CA VAL D 112 33.94 -12.52 56.05
C VAL D 112 34.18 -14.01 56.09
N GLU D 113 33.24 -14.70 56.74
CA GLU D 113 33.16 -16.15 56.79
C GLU D 113 31.69 -16.48 56.60
N LEU D 114 31.41 -17.43 55.72
CA LEU D 114 30.04 -17.72 55.30
C LEU D 114 29.70 -19.17 55.63
N CYS D 115 28.46 -19.39 56.02
CA CYS D 115 27.89 -20.71 56.10
C CYS D 115 26.62 -20.76 55.25
N VAL D 116 26.48 -21.86 54.51
CA VAL D 116 25.28 -22.17 53.74
C VAL D 116 24.76 -23.51 54.23
N ALA D 117 23.46 -23.59 54.49
CA ALA D 117 22.87 -24.84 54.97
C ALA D 117 21.59 -25.18 54.19
N GLU D 118 21.34 -26.48 54.06
CA GLU D 118 20.15 -26.99 53.39
C GLU D 118 19.52 -28.09 54.24
N VAL D 119 18.20 -28.05 54.35
CA VAL D 119 17.43 -29.13 54.96
C VAL D 119 16.63 -29.82 53.87
N ALA D 120 16.16 -31.03 54.18
CA ALA D 120 15.38 -31.78 53.20
C ALA D 120 14.15 -30.97 52.80
N HIS D 121 13.60 -31.32 51.63
CA HIS D 121 12.31 -30.76 51.22
C HIS D 121 11.18 -31.42 52.02
N TYR D 122 10.08 -30.69 52.16
CA TYR D 122 8.99 -31.17 53.01
C TYR D 122 8.62 -32.61 52.67
N GLY D 123 8.64 -33.47 53.70
CA GLY D 123 8.25 -34.86 53.57
C GLY D 123 9.35 -35.80 53.16
N GLU D 124 10.51 -35.30 52.77
CA GLU D 124 11.62 -36.14 52.37
C GLU D 124 12.56 -36.38 53.54
N THR D 125 13.45 -37.35 53.36
CA THR D 125 14.37 -37.80 54.41
C THR D 125 15.78 -37.65 53.86
N LYS D 126 16.51 -36.66 54.35
CA LYS D 126 17.85 -36.41 53.86
C LYS D 126 18.60 -35.59 54.90
N ARG D 127 19.79 -36.06 55.25
CA ARG D 127 20.60 -35.39 56.27
C ARG D 127 20.83 -33.94 55.88
N PRO D 128 20.63 -32.99 56.80
CA PRO D 128 21.02 -31.62 56.53
C PRO D 128 22.41 -31.56 55.92
N GLU D 129 22.67 -30.48 55.19
CA GLU D 129 23.99 -30.21 54.65
C GLU D 129 24.46 -28.88 55.19
N LEU D 130 25.68 -28.85 55.71
CA LEU D 130 26.30 -27.62 56.17
C LEU D 130 27.55 -27.39 55.33
N TYR D 131 27.71 -26.16 54.85
CA TYR D 131 28.86 -25.75 54.07
C TYR D 131 29.44 -24.53 54.73
N ARG D 132 30.77 -24.45 54.71
CA ARG D 132 31.50 -23.30 55.25
C ARG D 132 32.47 -22.81 54.19
N ILE D 133 32.41 -21.53 53.87
CA ILE D 133 33.28 -20.87 52.89
C ILE D 133 34.05 -19.79 53.63
N THR D 134 35.36 -19.74 53.41
CA THR D 134 36.20 -18.78 54.10
C THR D 134 36.63 -17.64 53.16
N TYR D 135 37.35 -16.67 53.73
CA TYR D 135 37.63 -15.44 53.01
C TYR D 135 38.41 -15.64 51.73
N ASP D 136 39.11 -16.76 51.58
CA ASP D 136 39.90 -17.00 50.37
C ASP D 136 39.23 -18.00 49.43
N GLY D 137 37.99 -18.38 49.71
CA GLY D 137 37.24 -19.25 48.85
C GLY D 137 37.32 -20.72 49.16
N SER D 138 38.10 -21.11 50.17
CA SER D 138 38.12 -22.50 50.57
C SER D 138 36.76 -22.90 51.11
N ILE D 139 36.43 -24.18 50.95
CA ILE D 139 35.07 -24.64 51.15
C ILE D 139 35.12 -26.00 51.83
N ALA D 140 34.39 -26.14 52.93
CA ALA D 140 34.34 -27.37 53.72
C ALA D 140 32.90 -27.85 53.86
N ASP D 141 32.70 -29.13 53.55
CA ASP D 141 31.46 -29.83 53.86
C ASP D 141 31.51 -30.29 55.31
N GLU D 142 30.55 -29.89 56.12
CA GLU D 142 30.56 -30.29 57.51
C GLU D 142 29.33 -31.12 57.86
N PRO D 143 29.49 -32.15 58.67
CA PRO D 143 28.36 -33.05 58.96
C PRO D 143 27.51 -32.62 60.15
N HIS D 144 28.08 -31.95 61.13
CA HIS D 144 27.36 -31.73 62.37
C HIS D 144 27.19 -30.26 62.72
N PHE D 145 28.24 -29.45 62.59
CA PHE D 145 28.10 -28.04 62.97
C PHE D 145 29.20 -27.22 62.32
N VAL D 146 29.06 -25.89 62.47
CA VAL D 146 29.97 -24.92 61.89
C VAL D 146 30.11 -23.77 62.86
N VAL D 147 31.36 -23.32 63.06
CA VAL D 147 31.68 -22.16 63.89
C VAL D 147 32.40 -21.13 63.03
N MET D 148 32.05 -19.86 63.21
CA MET D 148 32.64 -18.80 62.40
C MET D 148 32.73 -17.52 63.22
N GLY D 149 33.85 -16.82 63.10
CA GLY D 149 34.03 -15.54 63.77
C GLY D 149 34.74 -15.65 65.11
N GLY D 150 35.51 -14.63 65.44
CA GLY D 150 36.23 -14.54 66.70
C GLY D 150 37.07 -15.78 66.99
N THR D 151 37.21 -16.09 68.27
CA THR D 151 38.00 -17.24 68.68
C THR D 151 37.20 -18.49 68.41
N THR D 152 37.61 -19.26 67.39
CA THR D 152 36.79 -20.38 66.95
C THR D 152 37.10 -21.70 67.68
N GLU D 153 38.32 -21.84 68.24
CA GLU D 153 38.67 -23.12 68.85
C GLU D 153 37.87 -23.42 70.11
N PRO D 154 37.70 -22.49 71.05
CA PRO D 154 36.88 -22.78 72.23
C PRO D 154 35.50 -23.30 71.85
N ILE D 155 34.76 -22.50 71.10
CA ILE D 155 33.41 -22.89 70.68
C ILE D 155 33.44 -24.24 69.99
N ALA D 156 34.35 -24.38 69.01
CA ALA D 156 34.49 -25.64 68.29
C ALA D 156 34.56 -26.82 69.25
N ASN D 157 35.44 -26.74 70.26
CA ASN D 157 35.60 -27.87 71.18
C ASN D 157 34.36 -28.07 72.04
N ALA D 158 33.82 -26.99 72.60
CA ALA D 158 32.56 -27.09 73.34
C ALA D 158 31.53 -27.89 72.56
N LEU D 159 31.42 -27.64 71.26
CA LEU D 159 30.44 -28.39 70.48
C LEU D 159 30.89 -29.81 70.20
N LYS D 160 32.18 -29.99 69.88
CA LYS D 160 32.71 -31.34 69.69
C LYS D 160 32.31 -32.25 70.84
N GLU D 161 32.23 -31.71 72.05
CA GLU D 161 31.80 -32.50 73.20
C GLU D 161 30.28 -32.52 73.31
N SER D 162 29.68 -31.36 73.50
CA SER D 162 28.26 -31.25 73.85
C SER D 162 27.32 -31.57 72.69
N TYR D 163 27.81 -31.89 71.49
CA TYR D 163 26.94 -32.10 70.35
C TYR D 163 26.51 -33.57 70.27
N ALA D 164 25.19 -33.78 70.21
CA ALA D 164 24.62 -35.10 69.95
C ALA D 164 23.64 -34.97 68.79
N GLU D 165 23.73 -35.90 67.84
CA GLU D 165 22.82 -35.88 66.71
C GLU D 165 21.36 -35.90 67.15
N ASN D 166 20.48 -35.53 66.22
CA ASN D 166 19.02 -35.62 66.40
C ASN D 166 18.52 -34.93 67.67
N ALA D 167 19.35 -34.07 68.26
CA ALA D 167 18.94 -33.38 69.48
C ALA D 167 17.67 -32.56 69.21
N SER D 168 16.93 -32.27 70.27
CA SER D 168 15.74 -31.45 70.11
C SER D 168 16.13 -30.01 69.83
N LEU D 169 15.13 -29.17 69.52
CA LEU D 169 15.42 -27.76 69.31
C LEU D 169 16.08 -27.16 70.54
N THR D 170 15.44 -27.31 71.70
CA THR D 170 15.95 -26.66 72.91
C THR D 170 17.33 -27.18 73.28
N ASP D 171 17.54 -28.49 73.15
CA ASP D 171 18.84 -29.06 73.49
C ASP D 171 19.94 -28.45 72.64
N ALA D 172 19.75 -28.44 71.31
CA ALA D 172 20.75 -27.89 70.41
C ALA D 172 20.93 -26.39 70.61
N LEU D 173 19.85 -25.68 70.95
CA LEU D 173 19.98 -24.25 71.25
C LEU D 173 20.87 -24.04 72.46
N ARG D 174 20.59 -24.74 73.56
CA ARG D 174 21.40 -24.51 74.75
C ARG D 174 22.82 -24.98 74.55
N ILE D 175 23.02 -26.09 73.81
CA ILE D 175 24.37 -26.53 73.49
C ILE D 175 25.10 -25.48 72.69
N ALA D 176 24.39 -24.81 71.77
CA ALA D 176 25.01 -23.80 70.91
C ALA D 176 25.33 -22.52 71.67
N VAL D 177 24.44 -22.10 72.58
CA VAL D 177 24.74 -20.94 73.43
C VAL D 177 25.88 -21.26 74.38
N ALA D 178 25.94 -22.51 74.85
CA ALA D 178 27.10 -23.00 75.59
C ALA D 178 28.37 -22.78 74.80
N ALA D 179 28.45 -23.42 73.63
CA ALA D 179 29.64 -23.27 72.80
C ALA D 179 29.98 -21.81 72.56
N LEU D 180 28.97 -20.95 72.36
CA LEU D 180 29.24 -19.55 72.07
C LEU D 180 29.83 -18.81 73.26
N ARG D 181 29.28 -19.05 74.47
CA ARG D 181 29.75 -18.32 75.64
C ARG D 181 31.21 -18.62 75.94
N ALA D 182 31.61 -19.89 75.84
CA ALA D 182 32.98 -20.29 76.16
C ALA D 182 33.99 -19.82 75.13
N GLY D 183 33.58 -19.02 74.14
CA GLY D 183 34.50 -18.38 73.23
C GLY D 183 34.68 -16.90 73.48
N SER D 184 34.24 -16.39 74.64
CA SER D 184 34.34 -14.98 74.97
C SER D 184 35.24 -14.76 76.18
N LEU D 195 24.13 -14.81 77.98
CA LEU D 195 23.78 -14.46 76.60
C LEU D 195 22.27 -14.39 76.39
N GLY D 196 21.71 -13.20 76.59
CA GLY D 196 20.29 -12.99 76.55
C GLY D 196 19.73 -12.85 75.14
N VAL D 197 18.38 -12.74 75.09
CA VAL D 197 17.66 -12.56 73.83
C VAL D 197 18.10 -11.28 73.13
N ALA D 198 18.45 -10.24 73.89
CA ALA D 198 18.89 -8.98 73.30
C ALA D 198 20.30 -9.06 72.69
N SER D 199 21.06 -10.13 72.97
CA SER D 199 22.37 -10.33 72.36
C SER D 199 22.41 -11.59 71.50
N LEU D 200 21.25 -12.10 71.09
CA LEU D 200 21.17 -13.30 70.29
C LEU D 200 20.30 -13.05 69.06
N GLU D 201 20.79 -13.51 67.91
CA GLU D 201 19.99 -13.67 66.71
C GLU D 201 19.89 -15.17 66.44
N VAL D 202 18.68 -15.69 66.48
CA VAL D 202 18.45 -17.12 66.32
C VAL D 202 17.46 -17.33 65.18
N ALA D 203 17.66 -18.41 64.43
CA ALA D 203 16.72 -18.77 63.37
C ALA D 203 16.97 -20.23 63.01
N VAL D 204 16.01 -20.81 62.30
CA VAL D 204 16.10 -22.21 61.90
C VAL D 204 15.72 -22.36 60.44
N LEU D 205 16.31 -23.38 59.82
CA LEU D 205 15.74 -24.03 58.64
C LEU D 205 14.92 -25.21 59.17
N ASP D 206 13.61 -25.06 59.16
CA ASP D 206 12.69 -26.03 59.75
C ASP D 206 12.23 -26.99 58.66
N ALA D 207 12.74 -28.23 58.71
CA ALA D 207 12.42 -29.22 57.69
C ALA D 207 10.96 -29.63 57.67
N ASN D 208 10.17 -29.24 58.69
CA ASN D 208 8.77 -29.63 58.73
C ASN D 208 7.85 -28.57 58.14
N ARG D 209 8.38 -27.41 57.78
CA ARG D 209 7.49 -26.46 57.12
C ARG D 209 7.34 -26.81 55.64
N PRO D 210 6.16 -26.53 55.06
CA PRO D 210 5.87 -27.07 53.72
C PRO D 210 6.70 -26.49 52.58
N ARG D 211 6.93 -25.18 52.53
CA ARG D 211 7.73 -24.61 51.45
C ARG D 211 8.95 -23.87 51.98
N ARG D 212 8.79 -22.68 52.55
CA ARG D 212 9.92 -21.87 52.99
C ARG D 212 10.31 -22.28 54.42
N ALA D 213 11.43 -23.02 54.54
CA ALA D 213 11.86 -23.59 55.81
C ALA D 213 12.48 -22.56 56.75
N PHE D 214 12.86 -21.39 56.26
CA PHE D 214 13.53 -20.42 57.12
C PHE D 214 12.51 -19.75 57.99
N ARG D 215 12.79 -19.65 59.28
CA ARG D 215 12.00 -18.80 60.16
C ARG D 215 12.86 -18.41 61.35
N ARG D 216 12.70 -17.16 61.79
CA ARG D 216 13.46 -16.65 62.93
C ARG D 216 12.71 -16.89 64.23
N ILE D 217 13.46 -17.20 65.28
CA ILE D 217 12.94 -17.35 66.64
C ILE D 217 13.35 -16.11 67.42
N THR D 218 12.36 -15.31 67.80
CA THR D 218 12.60 -13.98 68.35
C THR D 218 11.76 -13.77 69.60
N GLY D 219 12.13 -12.75 70.38
CA GLY D 219 11.33 -12.30 71.50
C GLY D 219 11.02 -13.39 72.52
N SER D 220 9.77 -13.38 72.99
CA SER D 220 9.36 -14.29 74.06
C SER D 220 9.57 -15.74 73.67
N ALA D 221 9.26 -16.10 72.42
CA ALA D 221 9.46 -17.47 71.97
C ALA D 221 10.90 -17.92 72.18
N LEU D 222 11.86 -17.06 71.79
CA LEU D 222 13.27 -17.37 72.04
C LEU D 222 13.54 -17.44 73.55
N GLN D 223 13.00 -16.47 74.29
CA GLN D 223 13.12 -16.44 75.74
C GLN D 223 12.86 -17.83 76.31
N ALA D 224 11.80 -18.47 75.80
CA ALA D 224 11.36 -19.75 76.33
C ALA D 224 12.40 -20.85 76.16
N LEU D 225 13.62 -20.52 75.75
CA LEU D 225 14.65 -21.54 75.55
C LEU D 225 16.01 -21.05 76.01
N MET E 1 61.83 -9.81 36.84
CA MET E 1 60.70 -10.66 36.50
C MET E 1 61.00 -12.11 36.84
N GLU E 2 62.28 -12.46 36.78
CA GLU E 2 62.71 -13.75 37.31
C GLU E 2 62.09 -14.01 38.68
N GLN E 3 62.09 -13.00 39.55
CA GLN E 3 61.52 -13.18 40.89
C GLN E 3 60.00 -13.28 40.83
N ALA E 4 59.36 -12.52 39.94
CA ALA E 4 57.91 -12.55 39.85
C ALA E 4 57.42 -13.94 39.46
N MET E 5 57.87 -14.42 38.30
CA MET E 5 57.51 -15.76 37.85
C MET E 5 57.99 -16.83 38.84
N ARG E 6 59.16 -16.64 39.44
CA ARG E 6 59.64 -17.58 40.46
C ARG E 6 58.67 -17.66 41.63
N GLU E 7 58.14 -16.51 42.06
CA GLU E 7 57.22 -16.45 43.20
C GLU E 7 55.87 -17.07 42.85
N ARG E 8 55.39 -16.83 41.64
CA ARG E 8 54.18 -17.50 41.18
C ARG E 8 54.38 -19.01 41.18
N SER E 9 55.49 -19.47 40.61
CA SER E 9 55.79 -20.89 40.56
C SER E 9 55.84 -21.49 41.97
N GLU E 10 56.42 -20.78 42.93
CA GLU E 10 56.48 -21.29 44.29
C GLU E 10 55.10 -21.31 44.93
N LEU E 11 54.38 -20.19 44.90
CA LEU E 11 53.02 -20.15 45.42
C LEU E 11 52.20 -21.33 44.92
N ALA E 12 52.22 -21.55 43.60
CA ALA E 12 51.48 -22.64 43.01
C ALA E 12 51.99 -23.99 43.54
N ARG E 13 53.30 -24.19 43.51
CA ARG E 13 53.88 -25.48 43.88
C ARG E 13 53.57 -25.84 45.33
N LYS E 14 53.59 -24.85 46.23
CA LYS E 14 53.32 -25.12 47.64
C LYS E 14 51.83 -25.36 47.87
N GLY E 15 50.98 -24.61 47.19
CA GLY E 15 49.55 -24.89 47.27
C GLY E 15 49.23 -26.31 46.85
N ILE E 16 49.73 -26.71 45.68
CA ILE E 16 49.46 -28.07 45.21
C ILE E 16 50.08 -29.09 46.17
N ALA E 17 51.33 -28.85 46.58
CA ALA E 17 51.97 -29.76 47.51
C ALA E 17 51.15 -29.94 48.79
N ARG E 18 50.33 -28.95 49.15
CA ARG E 18 49.54 -29.04 50.38
C ARG E 18 48.17 -29.68 50.19
N ALA E 19 47.74 -29.96 48.97
CA ALA E 19 46.40 -30.51 48.78
C ALA E 19 46.41 -32.03 48.79
N LYS E 20 45.22 -32.61 48.89
CA LYS E 20 45.09 -34.06 48.84
C LYS E 20 45.50 -34.58 47.47
N SER E 21 45.78 -35.87 47.40
CA SER E 21 46.38 -36.44 46.21
C SER E 21 45.35 -37.21 45.38
N VAL E 22 45.68 -37.41 44.09
CA VAL E 22 44.82 -38.11 43.14
C VAL E 22 45.68 -38.98 42.25
N VAL E 23 45.10 -40.10 41.77
CA VAL E 23 45.76 -41.00 40.83
C VAL E 23 44.79 -41.42 39.74
N ALA E 24 45.33 -41.59 38.52
CA ALA E 24 44.59 -42.02 37.34
C ALA E 24 45.35 -43.15 36.68
N LEU E 25 44.68 -44.28 36.48
CA LEU E 25 45.31 -45.51 36.03
C LEU E 25 44.63 -46.04 34.79
N ALA E 26 45.42 -46.47 33.82
CA ALA E 26 44.88 -47.31 32.76
C ALA E 26 44.73 -48.73 33.29
N TYR E 27 43.55 -49.31 33.11
CA TYR E 27 43.31 -50.69 33.47
C TYR E 27 42.50 -51.37 32.37
N ALA E 28 42.28 -52.67 32.52
CA ALA E 28 41.74 -53.49 31.44
C ALA E 28 40.45 -52.92 30.88
N GLY E 29 39.63 -52.27 31.70
CA GLY E 29 38.35 -51.75 31.28
C GLY E 29 38.29 -50.26 30.98
N GLY E 30 39.43 -49.57 30.92
CA GLY E 30 39.39 -48.14 30.70
C GLY E 30 40.32 -47.39 31.62
N VAL E 31 39.85 -46.32 32.26
CA VAL E 31 40.69 -45.51 33.13
C VAL E 31 40.01 -45.40 34.48
N LEU E 32 40.82 -45.38 35.55
CA LEU E 32 40.35 -45.37 36.92
C LEU E 32 40.86 -44.11 37.61
N PHE E 33 39.95 -43.36 38.21
CA PHE E 33 40.29 -42.19 39.01
C PHE E 33 39.99 -42.51 40.46
N VAL E 34 41.01 -42.39 41.31
CA VAL E 34 40.76 -42.43 42.74
C VAL E 34 41.51 -41.28 43.39
N ALA E 35 40.81 -40.55 44.25
CA ALA E 35 41.35 -39.38 44.90
C ALA E 35 40.90 -39.37 46.36
N GLU E 36 41.80 -38.98 47.25
CA GLU E 36 41.42 -38.81 48.64
C GLU E 36 40.49 -37.62 48.76
N ASN E 37 39.26 -37.88 49.16
CA ASN E 37 38.28 -36.81 49.27
C ASN E 37 37.27 -37.16 50.35
N PRO E 38 37.24 -36.41 51.45
CA PRO E 38 36.31 -36.73 52.54
C PRO E 38 34.90 -36.24 52.28
N SER E 39 34.76 -35.16 51.50
CA SER E 39 33.47 -34.57 51.23
C SER E 39 32.60 -35.54 50.44
N ARG E 40 31.31 -35.54 50.73
CA ARG E 40 30.40 -36.38 49.97
C ARG E 40 29.77 -35.65 48.78
N SER E 41 29.81 -34.32 48.77
CA SER E 41 29.14 -33.56 47.73
C SER E 41 30.06 -32.70 46.87
N LEU E 42 31.27 -32.39 47.33
CA LEU E 42 32.22 -31.62 46.53
C LEU E 42 33.19 -32.59 45.86
N GLN E 43 33.40 -32.42 44.55
CA GLN E 43 34.02 -33.42 43.70
C GLN E 43 35.34 -32.95 43.10
N LYS E 44 36.33 -33.85 43.07
CA LYS E 44 37.59 -33.64 42.36
C LYS E 44 37.66 -34.38 41.03
N ILE E 45 36.75 -35.32 40.78
CA ILE E 45 36.74 -36.07 39.53
C ILE E 45 35.44 -35.76 38.80
N SER E 46 35.55 -35.54 37.50
CA SER E 46 34.40 -35.09 36.74
C SER E 46 34.44 -35.67 35.33
N GLU E 47 33.24 -35.83 34.76
CA GLU E 47 33.10 -36.15 33.35
C GLU E 47 33.24 -34.89 32.51
N LEU E 48 33.99 -34.98 31.42
CA LEU E 48 34.03 -33.91 30.43
C LEU E 48 33.15 -34.20 29.21
N TYR E 49 33.34 -35.34 28.56
CA TYR E 49 32.58 -35.67 27.35
C TYR E 49 32.43 -37.18 27.28
N ASP E 50 31.73 -37.66 26.23
CA ASP E 50 31.39 -39.07 26.11
C ASP E 50 32.49 -39.99 26.68
N ARG E 51 33.71 -39.86 26.17
CA ARG E 51 34.82 -40.73 26.58
C ARG E 51 35.96 -39.96 27.24
N VAL E 52 35.71 -38.76 27.77
CA VAL E 52 36.78 -37.91 28.26
C VAL E 52 36.47 -37.49 29.69
N GLY E 53 37.38 -37.86 30.60
CA GLY E 53 37.25 -37.57 32.01
C GLY E 53 38.33 -36.63 32.51
N PHE E 54 38.11 -36.14 33.73
CA PHE E 54 38.81 -35.01 34.32
C PHE E 54 39.12 -35.32 35.77
N ALA E 55 40.30 -34.92 36.22
CA ALA E 55 40.62 -35.03 37.64
C ALA E 55 41.58 -33.92 38.01
N ALA E 56 41.44 -33.38 39.21
CA ALA E 56 42.25 -32.24 39.60
C ALA E 56 42.66 -32.31 41.06
N ALA E 57 43.81 -31.72 41.34
CA ALA E 57 44.33 -31.53 42.69
C ALA E 57 44.57 -30.05 42.92
N GLY E 58 44.41 -29.60 44.16
CA GLY E 58 44.70 -28.24 44.52
C GLY E 58 43.49 -27.51 45.07
N LYS E 59 43.41 -26.22 44.77
CA LYS E 59 42.39 -25.34 45.33
C LYS E 59 41.05 -25.58 44.62
N PHE E 60 40.01 -25.93 45.37
CA PHE E 60 38.79 -26.44 44.75
C PHE E 60 38.17 -25.41 43.80
N ASN E 61 38.00 -24.17 44.24
CA ASN E 61 37.32 -23.20 43.40
C ASN E 61 38.06 -23.00 42.08
N GLU E 62 39.38 -23.14 42.11
CA GLU E 62 40.19 -22.92 40.91
C GLU E 62 40.07 -24.07 39.92
N PHE E 63 40.29 -25.31 40.36
CA PHE E 63 40.14 -26.41 39.41
C PHE E 63 38.68 -26.67 39.07
N ASP E 64 37.73 -26.16 39.86
CA ASP E 64 36.34 -26.25 39.47
C ASP E 64 36.02 -25.23 38.37
N ASN E 65 36.52 -23.99 38.51
CA ASN E 65 36.44 -23.07 37.38
C ASN E 65 36.96 -23.74 36.12
N LEU E 66 38.11 -24.42 36.21
CA LEU E 66 38.70 -25.04 35.02
C LEU E 66 37.87 -26.21 34.52
N ARG E 67 37.29 -26.98 35.45
CA ARG E 67 36.41 -28.08 35.07
C ARG E 67 35.22 -27.57 34.26
N ARG E 68 34.57 -26.53 34.77
CA ARG E 68 33.44 -25.92 34.07
C ARG E 68 33.86 -25.39 32.70
N GLY E 69 35.02 -24.72 32.64
CA GLY E 69 35.49 -24.27 31.35
C GLY E 69 35.67 -25.42 30.38
N GLY E 70 36.17 -26.54 30.89
CA GLY E 70 36.41 -27.68 30.02
C GLY E 70 35.11 -28.25 29.48
N ILE E 71 34.12 -28.40 30.35
CA ILE E 71 32.82 -28.85 29.87
C ILE E 71 32.27 -27.87 28.83
N GLN E 72 32.41 -26.57 29.10
CA GLN E 72 31.99 -25.57 28.12
C GLN E 72 32.64 -25.84 26.76
N PHE E 73 33.97 -25.98 26.76
CA PHE E 73 34.71 -26.19 25.52
C PHE E 73 34.24 -27.45 24.80
N ALA E 74 34.19 -28.57 25.51
CA ALA E 74 33.85 -29.84 24.86
C ALA E 74 32.43 -29.80 24.29
N ASP E 75 31.46 -29.35 25.09
CA ASP E 75 30.09 -29.29 24.61
C ASP E 75 29.98 -28.39 23.39
N THR E 76 30.61 -27.22 23.44
CA THR E 76 30.59 -26.32 22.30
C THR E 76 31.18 -26.96 21.05
N ARG E 77 32.34 -27.62 21.17
CA ARG E 77 32.96 -28.21 19.97
C ARG E 77 32.09 -29.33 19.40
N GLY E 78 31.61 -30.22 20.26
CA GLY E 78 30.74 -31.27 19.80
C GLY E 78 29.48 -30.75 19.14
N TYR E 79 28.99 -29.59 19.59
CA TYR E 79 27.83 -29.02 18.92
C TYR E 79 28.22 -28.41 17.58
N ALA E 80 29.34 -27.70 17.54
CA ALA E 80 29.71 -26.99 16.33
C ALA E 80 30.18 -27.94 15.25
N TYR E 81 30.66 -29.12 15.65
CA TYR E 81 31.08 -30.13 14.68
C TYR E 81 30.28 -31.40 14.92
N ASP E 82 30.91 -32.44 15.47
CA ASP E 82 30.22 -33.67 15.82
C ASP E 82 30.79 -34.22 17.11
N ARG E 83 29.97 -34.98 17.83
CA ARG E 83 30.40 -35.50 19.12
C ARG E 83 31.72 -36.24 19.00
N ARG E 84 31.93 -36.96 17.90
CA ARG E 84 33.15 -37.76 17.78
C ARG E 84 34.39 -36.90 17.56
N ASP E 85 34.25 -35.65 17.14
CA ASP E 85 35.44 -34.83 16.91
C ASP E 85 36.07 -34.32 18.19
N VAL E 86 35.36 -34.40 19.33
CA VAL E 86 35.93 -33.99 20.60
C VAL E 86 36.86 -35.09 21.10
N THR E 87 38.09 -34.70 21.45
CA THR E 87 39.08 -35.67 21.87
C THR E 87 39.79 -35.21 23.14
N GLY E 88 40.32 -36.18 23.87
CA GLY E 88 41.07 -35.85 25.07
C GLY E 88 42.28 -35.00 24.79
N ARG E 89 42.93 -35.22 23.64
CA ARG E 89 44.05 -34.37 23.28
C ARG E 89 43.61 -32.92 23.12
N GLN E 90 42.42 -32.68 22.57
CA GLN E 90 41.93 -31.31 22.46
C GLN E 90 41.79 -30.65 23.83
N LEU E 91 41.14 -31.35 24.76
CA LEU E 91 40.92 -30.73 26.06
C LEU E 91 42.23 -30.55 26.81
N ALA E 92 43.14 -31.50 26.67
CA ALA E 92 44.46 -31.32 27.28
C ALA E 92 45.16 -30.10 26.69
N ASN E 93 45.05 -29.94 25.36
CA ASN E 93 45.64 -28.80 24.68
C ASN E 93 45.09 -27.50 25.23
N VAL E 94 43.76 -27.38 25.28
CA VAL E 94 43.18 -26.10 25.66
C VAL E 94 43.41 -25.84 27.14
N TYR E 95 43.55 -26.90 27.93
CA TYR E 95 43.92 -26.70 29.32
C TYR E 95 45.35 -26.18 29.44
N ALA E 96 46.26 -26.71 28.62
CA ALA E 96 47.63 -26.19 28.59
C ALA E 96 47.64 -24.70 28.28
N GLN E 97 46.92 -24.29 27.22
CA GLN E 97 46.85 -22.88 26.89
C GLN E 97 46.23 -22.06 28.03
N THR E 98 45.13 -22.56 28.60
CA THR E 98 44.40 -21.81 29.62
C THR E 98 45.28 -21.59 30.84
N LEU E 99 45.86 -22.65 31.37
CA LEU E 99 46.73 -22.51 32.53
C LEU E 99 47.97 -21.69 32.21
N GLY E 100 48.44 -21.69 30.96
CA GLY E 100 49.55 -20.80 30.63
C GLY E 100 49.17 -19.35 30.79
N THR E 101 48.08 -18.94 30.15
CA THR E 101 47.60 -17.58 30.34
C THR E 101 47.34 -17.28 31.82
N ILE E 102 46.63 -18.17 32.50
CA ILE E 102 46.35 -17.97 33.92
C ILE E 102 47.63 -17.77 34.68
N PHE E 103 48.66 -18.54 34.33
CA PHE E 103 49.88 -18.52 35.12
C PHE E 103 50.64 -17.23 34.92
N THR E 104 50.59 -16.66 33.72
CA THR E 104 51.34 -15.44 33.49
C THR E 104 50.53 -14.17 33.68
N GLU E 105 49.20 -14.25 33.81
CA GLU E 105 48.39 -13.04 33.75
C GLU E 105 47.48 -12.80 34.94
N GLN E 106 47.03 -13.84 35.64
CA GLN E 106 46.09 -13.66 36.73
C GLN E 106 46.73 -12.93 37.91
N ALA E 107 45.87 -12.29 38.71
CA ALA E 107 46.31 -11.71 39.97
C ALA E 107 47.12 -12.71 40.79
N LYS E 108 46.67 -13.96 40.82
CA LYS E 108 47.34 -15.05 41.51
C LYS E 108 47.29 -16.24 40.56
N PRO E 109 48.38 -16.95 40.37
CA PRO E 109 48.30 -18.22 39.63
C PRO E 109 47.34 -19.18 40.31
N TYR E 110 46.80 -20.08 39.51
CA TYR E 110 45.95 -21.15 40.03
C TYR E 110 46.83 -22.22 40.66
N GLU E 111 46.46 -22.66 41.86
CA GLU E 111 47.13 -23.76 42.54
C GLU E 111 46.35 -25.04 42.22
N VAL E 112 46.56 -25.53 41.01
CA VAL E 112 45.85 -26.71 40.52
C VAL E 112 46.78 -27.54 39.65
N GLU E 113 46.45 -28.82 39.57
CA GLU E 113 47.10 -29.77 38.68
C GLU E 113 46.00 -30.65 38.08
N LEU E 114 46.06 -30.88 36.76
CA LEU E 114 44.94 -31.44 36.00
C LEU E 114 45.34 -32.71 35.27
N CYS E 115 44.35 -33.59 35.11
CA CYS E 115 44.48 -34.81 34.33
C CYS E 115 43.28 -34.96 33.42
N VAL E 116 43.53 -35.19 32.13
CA VAL E 116 42.51 -35.49 31.15
C VAL E 116 42.72 -36.93 30.68
N ALA E 117 41.66 -37.71 30.69
CA ALA E 117 41.72 -39.13 30.35
C ALA E 117 40.74 -39.43 29.22
N GLU E 118 41.18 -40.21 28.24
CA GLU E 118 40.27 -40.63 27.18
C GLU E 118 40.40 -42.13 26.99
N VAL E 119 39.29 -42.84 27.11
CA VAL E 119 39.22 -44.25 26.76
C VAL E 119 38.65 -44.37 25.34
N ALA E 120 38.70 -45.59 24.80
CA ALA E 120 38.23 -45.81 23.44
C ALA E 120 36.70 -45.71 23.38
N HIS E 121 36.21 -45.43 22.17
CA HIS E 121 34.77 -45.48 21.92
C HIS E 121 34.29 -46.94 21.88
N TYR E 122 32.99 -47.14 22.10
CA TYR E 122 32.45 -48.49 22.27
C TYR E 122 32.79 -49.38 21.08
N GLY E 123 33.43 -50.52 21.36
CA GLY E 123 33.81 -51.44 20.32
C GLY E 123 35.14 -51.18 19.65
N GLU E 124 35.82 -50.09 19.97
CA GLU E 124 37.13 -49.85 19.38
C GLU E 124 38.24 -50.41 20.26
N THR E 125 39.39 -50.66 19.64
CA THR E 125 40.60 -51.08 20.35
C THR E 125 41.57 -49.91 20.26
N LYS E 126 41.66 -49.15 21.35
CA LYS E 126 42.49 -47.96 21.39
C LYS E 126 42.97 -47.81 22.83
N ARG E 127 44.27 -47.67 23.00
CA ARG E 127 44.83 -47.62 24.35
C ARG E 127 44.34 -46.36 25.07
N PRO E 128 44.08 -46.44 26.36
CA PRO E 128 43.73 -45.22 27.08
C PRO E 128 44.75 -44.12 26.81
N GLU E 129 44.36 -42.87 26.95
CA GLU E 129 45.33 -41.79 26.92
C GLU E 129 45.19 -40.99 28.21
N LEU E 130 46.34 -40.58 28.73
CA LEU E 130 46.41 -39.80 29.96
C LEU E 130 47.26 -38.56 29.71
N TYR E 131 46.74 -37.40 30.12
CA TYR E 131 47.48 -36.14 30.01
C TYR E 131 47.51 -35.43 31.36
N ARG E 132 48.69 -34.93 31.72
CA ARG E 132 48.89 -34.14 32.93
C ARG E 132 49.16 -32.70 32.51
N ILE E 133 48.38 -31.77 33.03
CA ILE E 133 48.59 -30.34 32.79
C ILE E 133 48.91 -29.70 34.13
N THR E 134 50.08 -29.09 34.22
CA THR E 134 50.56 -28.52 35.47
C THR E 134 50.13 -27.06 35.56
N TYR E 135 50.42 -26.42 36.69
CA TYR E 135 49.87 -25.09 36.93
C TYR E 135 50.35 -24.05 35.92
N ASP E 136 51.48 -24.27 35.27
CA ASP E 136 52.03 -23.28 34.36
C ASP E 136 51.73 -23.60 32.90
N GLY E 137 50.86 -24.58 32.64
CA GLY E 137 50.50 -24.95 31.30
C GLY E 137 51.37 -26.03 30.69
N SER E 138 52.34 -26.53 31.42
CA SER E 138 53.13 -27.66 30.92
C SER E 138 52.24 -28.87 30.78
N ILE E 139 52.48 -29.65 29.74
CA ILE E 139 51.61 -30.76 29.38
C ILE E 139 52.47 -32.00 29.16
N ALA E 140 52.03 -33.11 29.73
CA ALA E 140 52.79 -34.35 29.73
C ALA E 140 51.88 -35.47 29.26
N ASP E 141 52.38 -36.26 28.32
CA ASP E 141 51.69 -37.43 27.80
C ASP E 141 52.15 -38.65 28.58
N GLU E 142 51.21 -39.33 29.26
CA GLU E 142 51.61 -40.41 30.15
C GLU E 142 50.91 -41.73 29.80
N PRO E 143 51.64 -42.86 29.83
CA PRO E 143 51.10 -44.11 29.27
C PRO E 143 50.34 -44.96 30.28
N HIS E 144 50.61 -44.79 31.57
CA HIS E 144 50.08 -45.77 32.51
C HIS E 144 49.34 -45.16 33.69
N PHE E 145 49.85 -44.06 34.25
CA PHE E 145 49.20 -43.47 35.41
C PHE E 145 49.60 -42.01 35.53
N VAL E 146 48.83 -41.29 36.33
CA VAL E 146 49.10 -39.89 36.65
C VAL E 146 48.86 -39.71 38.14
N VAL E 147 49.80 -39.06 38.81
CA VAL E 147 49.68 -38.74 40.23
C VAL E 147 49.74 -37.23 40.35
N MET E 148 48.85 -36.66 41.17
CA MET E 148 48.80 -35.22 41.34
C MET E 148 48.49 -34.87 42.79
N GLY E 149 49.09 -33.78 43.25
CA GLY E 149 48.75 -33.24 44.56
C GLY E 149 49.54 -33.85 45.68
N GLY E 150 49.84 -33.03 46.69
CA GLY E 150 50.59 -33.43 47.86
C GLY E 150 51.99 -33.90 47.48
N THR E 151 52.51 -34.82 48.28
CA THR E 151 53.80 -35.44 48.03
C THR E 151 53.60 -36.51 46.97
N THR E 152 53.95 -36.18 45.72
CA THR E 152 53.62 -37.07 44.62
C THR E 152 54.58 -38.26 44.51
N GLU E 153 55.86 -38.05 44.83
CA GLU E 153 56.93 -39.04 44.66
C GLU E 153 56.60 -40.40 45.27
N PRO E 154 56.34 -40.47 46.59
CA PRO E 154 55.98 -41.77 47.22
C PRO E 154 54.94 -42.57 46.45
N ILE E 155 53.79 -41.94 46.20
CA ILE E 155 52.71 -42.58 45.47
C ILE E 155 53.17 -43.00 44.08
N ALA E 156 53.88 -42.10 43.39
CA ALA E 156 54.34 -42.38 42.04
C ALA E 156 55.14 -43.68 41.97
N ASN E 157 56.17 -43.83 42.81
CA ASN E 157 56.96 -45.05 42.72
C ASN E 157 56.21 -46.27 43.26
N ALA E 158 55.40 -46.09 44.31
CA ALA E 158 54.52 -47.18 44.73
C ALA E 158 53.77 -47.75 43.53
N LEU E 159 53.26 -46.88 42.66
CA LEU E 159 52.64 -47.33 41.43
C LEU E 159 53.66 -47.97 40.49
N LYS E 160 54.78 -47.29 40.25
CA LYS E 160 55.81 -47.83 39.36
C LYS E 160 56.08 -49.31 39.66
N GLU E 161 56.12 -49.68 40.93
CA GLU E 161 56.45 -51.05 41.28
C GLU E 161 55.22 -51.95 41.28
N SER E 162 54.08 -51.43 41.72
CA SER E 162 52.88 -52.25 41.87
C SER E 162 51.96 -52.23 40.66
N TYR E 163 52.26 -51.42 39.65
CA TYR E 163 51.36 -51.26 38.50
C TYR E 163 51.72 -52.25 37.40
N ALA E 164 50.71 -52.92 36.89
CA ALA E 164 50.82 -53.71 35.67
C ALA E 164 49.63 -53.38 34.77
N GLU E 165 49.90 -53.29 33.48
CA GLU E 165 48.85 -53.03 32.51
C GLU E 165 47.72 -54.06 32.65
N ASN E 166 46.51 -53.66 32.26
CA ASN E 166 45.39 -54.58 32.13
C ASN E 166 44.90 -55.14 33.47
N ALA E 167 45.15 -54.44 34.57
CA ALA E 167 44.57 -54.89 35.83
C ALA E 167 43.06 -54.98 35.72
N SER E 168 42.46 -55.78 36.60
CA SER E 168 41.02 -55.74 36.71
C SER E 168 40.60 -54.46 37.44
N LEU E 169 39.29 -54.19 37.42
CA LEU E 169 38.80 -53.04 38.18
C LEU E 169 39.23 -53.13 39.64
N THR E 170 38.91 -54.25 40.31
CA THR E 170 39.20 -54.40 41.74
C THR E 170 40.70 -54.36 42.02
N ASP E 171 41.50 -54.98 41.14
CA ASP E 171 42.95 -54.91 41.31
C ASP E 171 43.45 -53.48 41.15
N ALA E 172 42.96 -52.77 40.14
CA ALA E 172 43.40 -51.39 39.92
C ALA E 172 43.03 -50.51 41.11
N LEU E 173 41.84 -50.71 41.67
CA LEU E 173 41.44 -49.94 42.84
C LEU E 173 42.33 -50.26 44.04
N ARG E 174 42.57 -51.55 44.29
CA ARG E 174 43.43 -51.94 45.40
C ARG E 174 44.80 -51.28 45.28
N ILE E 175 45.46 -51.44 44.12
CA ILE E 175 46.77 -50.82 43.92
C ILE E 175 46.69 -49.31 44.05
N ALA E 176 45.57 -48.70 43.65
CA ALA E 176 45.45 -47.25 43.72
C ALA E 176 45.40 -46.77 45.16
N VAL E 177 44.43 -47.27 45.94
CA VAL E 177 44.34 -46.89 47.34
C VAL E 177 45.65 -47.17 48.06
N ALA E 178 46.25 -48.34 47.81
CA ALA E 178 47.50 -48.69 48.47
C ALA E 178 48.58 -47.67 48.14
N ALA E 179 48.77 -47.36 46.86
CA ALA E 179 49.80 -46.39 46.49
C ALA E 179 49.49 -45.01 47.05
N LEU E 180 48.21 -44.67 47.18
CA LEU E 180 47.86 -43.37 47.73
C LEU E 180 48.26 -43.28 49.21
N ARG E 181 47.87 -44.27 50.01
CA ARG E 181 48.25 -44.29 51.42
C ARG E 181 49.75 -44.08 51.59
N ALA E 182 50.55 -44.80 50.82
CA ALA E 182 52.00 -44.62 50.88
C ALA E 182 52.36 -43.13 50.72
N THR E 194 42.70 -45.93 57.43
CA THR E 194 42.81 -44.53 57.00
C THR E 194 41.85 -44.23 55.85
N LEU E 195 42.03 -44.92 54.72
CA LEU E 195 41.31 -44.59 53.48
C LEU E 195 40.19 -45.58 53.25
N GLY E 196 38.99 -45.06 52.99
CA GLY E 196 37.81 -45.87 52.74
C GLY E 196 36.72 -45.01 52.16
N VAL E 197 35.55 -45.65 51.92
CA VAL E 197 34.47 -44.98 51.21
C VAL E 197 34.21 -43.59 51.78
N ALA E 198 34.34 -43.44 53.09
CA ALA E 198 34.09 -42.15 53.74
C ALA E 198 35.14 -41.10 53.39
N SER E 199 36.27 -41.50 52.79
CA SER E 199 37.31 -40.54 52.43
C SER E 199 37.86 -40.79 51.03
N LEU E 200 37.09 -41.43 50.16
CA LEU E 200 37.54 -41.67 48.79
C LEU E 200 36.52 -41.15 47.80
N GLU E 201 37.02 -40.63 46.68
CA GLU E 201 36.23 -40.36 45.49
C GLU E 201 36.79 -41.24 44.38
N VAL E 202 35.94 -42.09 43.83
CA VAL E 202 36.33 -43.09 42.84
C VAL E 202 35.37 -42.97 41.66
N ALA E 203 35.93 -42.89 40.46
CA ALA E 203 35.14 -42.94 39.24
C ALA E 203 35.98 -43.59 38.17
N VAL E 204 35.36 -43.86 37.03
CA VAL E 204 35.99 -44.67 36.00
C VAL E 204 35.47 -44.23 34.64
N LEU E 205 36.35 -44.20 33.66
CA LEU E 205 35.96 -44.16 32.25
C LEU E 205 35.89 -45.61 31.80
N ASP E 206 34.66 -46.12 31.70
CA ASP E 206 34.35 -47.52 31.41
C ASP E 206 34.16 -47.65 29.90
N ALA E 207 35.20 -48.12 29.21
CA ALA E 207 35.18 -48.26 27.75
C ALA E 207 34.14 -49.27 27.25
N ASN E 208 33.52 -50.06 28.12
CA ASN E 208 32.51 -51.00 27.67
C ASN E 208 31.11 -50.39 27.63
N ARG E 209 30.95 -49.15 28.14
CA ARG E 209 29.65 -48.52 28.03
C ARG E 209 29.44 -47.97 26.62
N PRO E 210 28.19 -47.88 26.17
CA PRO E 210 27.93 -47.52 24.77
C PRO E 210 28.22 -46.07 24.43
N ARG E 211 27.79 -45.09 25.25
CA ARG E 211 28.08 -43.70 24.94
C ARG E 211 28.86 -43.02 26.05
N ARG E 212 28.27 -42.78 27.21
CA ARG E 212 28.92 -42.06 28.30
C ARG E 212 29.67 -43.05 29.18
N ALA E 213 31.00 -43.07 29.05
CA ALA E 213 31.87 -44.00 29.77
C ALA E 213 32.11 -43.63 31.22
N PHE E 214 31.72 -42.44 31.65
CA PHE E 214 32.01 -41.99 33.01
C PHE E 214 31.00 -42.60 33.98
N ARG E 215 31.51 -43.34 34.97
CA ARG E 215 30.71 -43.95 36.03
C ARG E 215 31.37 -43.68 37.37
N ARG E 216 30.59 -43.14 38.31
CA ARG E 216 31.05 -43.09 39.69
C ARG E 216 30.84 -44.43 40.38
N ILE E 217 31.81 -44.82 41.19
CA ILE E 217 31.73 -46.00 42.04
C ILE E 217 31.67 -45.48 43.47
N THR E 218 30.49 -45.56 44.08
CA THR E 218 30.26 -44.96 45.39
C THR E 218 29.46 -45.90 46.28
N GLY E 219 29.54 -45.65 47.59
CA GLY E 219 28.65 -46.30 48.54
C GLY E 219 28.84 -47.79 48.60
N SER E 220 27.71 -48.52 48.58
CA SER E 220 27.75 -49.96 48.75
C SER E 220 28.63 -50.64 47.72
N ALA E 221 28.55 -50.21 46.45
CA ALA E 221 29.35 -50.85 45.42
C ALA E 221 30.84 -50.59 45.63
N LEU E 222 31.20 -49.36 45.98
CA LEU E 222 32.62 -49.04 46.22
C LEU E 222 33.16 -49.80 47.40
N GLN E 223 32.40 -49.84 48.50
CA GLN E 223 32.80 -50.67 49.63
C GLN E 223 33.01 -52.12 49.20
N ALA E 224 32.07 -52.66 48.41
CA ALA E 224 32.22 -54.00 47.87
C ALA E 224 33.53 -54.15 47.12
N LEU E 225 33.90 -53.16 46.30
CA LEU E 225 35.10 -53.25 45.49
C LEU E 225 36.37 -53.11 46.33
N LEU E 226 36.28 -52.42 47.47
CA LEU E 226 37.46 -52.21 48.29
C LEU E 226 37.92 -53.46 49.04
N VAL E 227 37.09 -54.49 49.12
CA VAL E 227 37.49 -55.75 49.74
C VAL E 227 37.40 -56.91 48.74
N MET F 1 65.05 -0.57 32.17
CA MET F 1 64.78 -0.82 30.76
C MET F 1 65.83 -1.79 30.18
N GLU F 2 67.11 -1.45 30.31
CA GLU F 2 68.17 -2.36 29.84
C GLU F 2 68.06 -3.71 30.52
N GLN F 3 67.94 -3.71 31.86
CA GLN F 3 67.94 -4.95 32.60
C GLN F 3 66.62 -5.69 32.47
N ALA F 4 65.50 -4.96 32.45
CA ALA F 4 64.21 -5.59 32.18
C ALA F 4 64.29 -6.45 30.92
N MET F 5 64.71 -5.84 29.80
CA MET F 5 64.81 -6.57 28.54
C MET F 5 65.87 -7.66 28.60
N ARG F 6 66.94 -7.46 29.37
CA ARG F 6 67.97 -8.50 29.45
C ARG F 6 67.47 -9.73 30.20
N GLU F 7 66.64 -9.56 31.22
CA GLU F 7 66.15 -10.74 31.94
C GLU F 7 64.91 -11.35 31.29
N ARG F 8 64.14 -10.57 30.53
CA ARG F 8 63.20 -11.19 29.60
C ARG F 8 63.93 -12.06 28.60
N SER F 9 65.04 -11.54 28.06
CA SER F 9 65.84 -12.30 27.12
C SER F 9 66.46 -13.52 27.78
N GLU F 10 66.87 -13.38 29.04
CA GLU F 10 67.51 -14.49 29.75
C GLU F 10 66.49 -15.56 30.09
N LEU F 11 65.30 -15.16 30.55
CA LEU F 11 64.23 -16.13 30.76
C LEU F 11 63.91 -16.87 29.46
N ALA F 12 63.78 -16.13 28.36
CA ALA F 12 63.54 -16.76 27.07
C ALA F 12 64.64 -17.76 26.74
N ARG F 13 65.89 -17.30 26.79
CA ARG F 13 67.04 -18.13 26.42
C ARG F 13 67.08 -19.41 27.26
N LYS F 14 67.09 -19.27 28.59
CA LYS F 14 67.09 -20.46 29.46
C LYS F 14 65.90 -21.36 29.16
N GLY F 15 64.72 -20.79 28.95
CA GLY F 15 63.59 -21.61 28.57
C GLY F 15 63.87 -22.47 27.34
N ILE F 16 64.48 -21.85 26.32
CA ILE F 16 64.71 -22.58 25.07
C ILE F 16 65.81 -23.61 25.25
N ALA F 17 66.88 -23.26 25.97
CA ALA F 17 67.98 -24.19 26.19
C ALA F 17 67.54 -25.41 26.99
N ARG F 18 66.49 -25.27 27.80
CA ARG F 18 66.00 -26.37 28.63
C ARG F 18 65.13 -27.35 27.84
N ALA F 19 64.86 -27.09 26.58
CA ALA F 19 63.92 -27.91 25.81
C ALA F 19 64.66 -28.79 24.82
N LYS F 20 64.01 -29.89 24.43
CA LYS F 20 64.59 -30.80 23.47
C LYS F 20 64.80 -30.09 22.13
N SER F 21 65.76 -30.58 21.36
CA SER F 21 66.21 -29.92 20.14
C SER F 21 65.51 -30.44 18.91
N VAL F 22 65.55 -29.64 17.85
CA VAL F 22 64.91 -29.95 16.58
C VAL F 22 65.73 -29.33 15.47
N VAL F 23 65.79 -30.03 14.33
CA VAL F 23 66.63 -29.63 13.21
C VAL F 23 65.80 -29.69 11.93
N ALA F 24 66.06 -28.74 11.04
CA ALA F 24 65.45 -28.68 9.71
C ALA F 24 66.56 -28.48 8.70
N LEU F 25 66.56 -29.28 7.64
CA LEU F 25 67.59 -29.13 6.62
C LEU F 25 66.97 -29.32 5.24
N ALA F 26 67.56 -28.65 4.25
CA ALA F 26 67.14 -28.76 2.87
C ALA F 26 67.83 -29.95 2.21
N TYR F 27 67.07 -30.73 1.44
CA TYR F 27 67.66 -31.88 0.76
C TYR F 27 67.06 -32.01 -0.62
N ALA F 28 67.53 -33.01 -1.37
CA ALA F 28 67.16 -33.17 -2.77
C ALA F 28 65.65 -33.23 -2.97
N GLY F 29 64.90 -33.72 -1.98
CA GLY F 29 63.46 -33.85 -2.08
C GLY F 29 62.64 -32.72 -1.50
N GLY F 30 63.27 -31.74 -0.86
CA GLY F 30 62.55 -30.65 -0.25
C GLY F 30 63.14 -30.24 1.07
N VAL F 31 62.39 -30.43 2.15
CA VAL F 31 62.88 -30.07 3.48
C VAL F 31 62.56 -31.18 4.47
N LEU F 32 63.51 -31.43 5.36
CA LEU F 32 63.40 -32.48 6.37
C LEU F 32 63.35 -31.84 7.75
N PHE F 33 62.29 -32.15 8.50
CA PHE F 33 62.15 -31.79 9.90
C PHE F 33 62.35 -33.05 10.73
N VAL F 34 63.28 -32.98 11.68
CA VAL F 34 63.49 -34.06 12.65
C VAL F 34 63.65 -33.44 14.03
N ALA F 35 62.80 -33.84 14.96
CA ALA F 35 62.76 -33.23 16.29
C ALA F 35 62.70 -34.30 17.38
N GLU F 36 63.44 -34.06 18.45
CA GLU F 36 63.41 -34.92 19.62
C GLU F 36 62.03 -34.82 20.25
N ASN F 37 61.26 -35.91 20.22
CA ASN F 37 59.94 -35.85 20.83
C ASN F 37 59.43 -37.24 21.20
N PRO F 38 59.42 -37.58 22.50
CA PRO F 38 58.85 -38.86 22.92
C PRO F 38 57.34 -38.92 22.95
N SER F 39 56.64 -37.79 22.73
CA SER F 39 55.20 -37.80 22.89
C SER F 39 54.50 -38.51 21.74
N ARG F 40 53.43 -39.23 22.07
CA ARG F 40 52.66 -39.95 21.07
C ARG F 40 51.78 -39.01 20.26
N SER F 41 51.18 -38.01 20.90
CA SER F 41 50.15 -37.21 20.25
C SER F 41 50.40 -35.70 20.24
N LEU F 42 51.45 -35.19 20.90
CA LEU F 42 51.73 -33.76 20.94
C LEU F 42 52.86 -33.42 19.96
N GLN F 43 52.59 -32.51 19.03
CA GLN F 43 53.43 -32.30 17.85
C GLN F 43 54.28 -31.04 17.97
N LYS F 44 55.51 -31.12 17.44
CA LYS F 44 56.40 -29.98 17.31
C LYS F 44 56.62 -29.55 15.87
N ILE F 45 56.28 -30.38 14.90
CA ILE F 45 56.37 -30.07 13.50
C ILE F 45 54.97 -30.05 12.94
N SER F 46 54.68 -29.14 12.02
CA SER F 46 53.32 -29.02 11.54
C SER F 46 53.30 -28.46 10.13
N GLU F 47 52.18 -28.71 9.46
CA GLU F 47 51.90 -28.09 8.16
C GLU F 47 51.32 -26.71 8.37
N LEU F 48 51.85 -25.71 7.66
CA LEU F 48 51.27 -24.36 7.65
C LEU F 48 50.40 -24.14 6.42
N TYR F 49 50.98 -24.27 5.22
CA TYR F 49 50.20 -24.15 3.99
C TYR F 49 50.71 -25.16 2.98
N ASP F 50 50.17 -25.07 1.77
CA ASP F 50 50.50 -26.00 0.69
C ASP F 50 51.98 -26.38 0.70
N ARG F 51 52.86 -25.41 0.45
CA ARG F 51 54.28 -25.70 0.40
C ARG F 51 55.01 -25.15 1.61
N VAL F 52 54.34 -24.95 2.74
CA VAL F 52 54.96 -24.22 3.85
C VAL F 52 54.82 -25.03 5.13
N GLY F 53 55.96 -25.29 5.77
CA GLY F 53 56.04 -26.06 6.99
C GLY F 53 56.61 -25.31 8.17
N PHE F 54 56.39 -25.86 9.36
CA PHE F 54 56.62 -25.19 10.64
C PHE F 54 57.24 -26.17 11.62
N ALA F 55 58.23 -25.68 12.37
CA ALA F 55 58.85 -26.46 13.44
C ALA F 55 59.20 -25.53 14.58
N ALA F 56 59.16 -26.03 15.81
CA ALA F 56 59.39 -25.14 16.94
C ALA F 56 60.04 -25.88 18.10
N ALA F 57 60.86 -25.14 18.84
CA ALA F 57 61.43 -25.60 20.10
C ALA F 57 60.99 -24.67 21.23
N GLY F 58 60.85 -25.23 22.43
CA GLY F 58 60.47 -24.42 23.57
C GLY F 58 59.25 -24.93 24.30
N LYS F 59 58.55 -24.04 25.00
CA LYS F 59 57.39 -24.40 25.80
C LYS F 59 56.18 -24.66 24.91
N PHE F 60 55.49 -25.79 25.13
CA PHE F 60 54.57 -26.29 24.12
C PHE F 60 53.38 -25.35 23.93
N ASN F 61 52.72 -24.95 25.02
CA ASN F 61 51.54 -24.12 24.88
C ASN F 61 51.83 -22.88 24.07
N GLU F 62 53.04 -22.32 24.20
CA GLU F 62 53.36 -21.08 23.52
C GLU F 62 53.60 -21.29 22.03
N PHE F 63 54.51 -22.21 21.64
CA PHE F 63 54.66 -22.41 20.20
C PHE F 63 53.46 -23.10 19.56
N ASP F 64 52.56 -23.69 20.35
CA ASP F 64 51.31 -24.18 19.78
C ASP F 64 50.37 -23.01 19.50
N ASN F 65 50.24 -22.07 20.42
CA ASN F 65 49.54 -20.85 20.07
C ASN F 65 50.12 -20.26 18.77
N LEU F 66 51.46 -20.18 18.67
CA LEU F 66 52.03 -19.56 17.47
C LEU F 66 51.76 -20.40 16.22
N ARG F 67 51.79 -21.73 16.33
CA ARG F 67 51.41 -22.58 15.21
C ARG F 67 49.99 -22.28 14.75
N ARG F 68 49.03 -22.32 15.68
CA ARG F 68 47.64 -22.05 15.35
C ARG F 68 47.49 -20.68 14.70
N GLY F 69 48.11 -19.66 15.31
CA GLY F 69 48.05 -18.32 14.73
C GLY F 69 48.59 -18.26 13.31
N GLY F 70 49.61 -19.09 13.03
CA GLY F 70 50.14 -19.13 11.68
C GLY F 70 49.20 -19.80 10.69
N ILE F 71 48.65 -20.95 11.07
CA ILE F 71 47.60 -21.55 10.24
C ILE F 71 46.49 -20.54 9.95
N GLN F 72 46.06 -19.79 10.97
CA GLN F 72 45.04 -18.77 10.79
C GLN F 72 45.47 -17.73 9.77
N PHE F 73 46.68 -17.18 9.94
CA PHE F 73 47.15 -16.17 9.00
C PHE F 73 47.19 -16.71 7.58
N ALA F 74 47.72 -17.92 7.40
CA ALA F 74 47.91 -18.46 6.06
C ALA F 74 46.57 -18.74 5.39
N ASP F 75 45.67 -19.41 6.09
CA ASP F 75 44.37 -19.71 5.49
C ASP F 75 43.62 -18.42 5.17
N THR F 76 43.68 -17.44 6.07
CA THR F 76 42.99 -16.18 5.84
C THR F 76 43.54 -15.46 4.61
N ARG F 77 44.87 -15.29 4.53
CA ARG F 77 45.46 -14.64 3.36
C ARG F 77 45.13 -15.39 2.09
N GLY F 78 45.30 -16.72 2.11
CA GLY F 78 45.05 -17.50 0.92
C GLY F 78 43.62 -17.35 0.42
N TYR F 79 42.66 -17.34 1.34
CA TYR F 79 41.27 -17.18 0.93
C TYR F 79 41.01 -15.76 0.45
N ALA F 80 41.63 -14.81 1.05
CA ALA F 80 41.52 -13.47 0.65
C ALA F 80 42.02 -13.11 -0.70
N TYR F 81 43.08 -13.75 -1.14
CA TYR F 81 43.67 -13.52 -2.41
C TYR F 81 43.65 -14.79 -3.20
N ASP F 82 44.66 -15.59 -3.06
CA ASP F 82 44.75 -16.88 -3.67
C ASP F 82 45.70 -17.75 -2.92
N ARG F 83 45.56 -19.05 -3.08
CA ARG F 83 46.52 -19.95 -2.45
C ARG F 83 47.95 -19.57 -2.80
N ARG F 84 48.21 -19.27 -4.07
CA ARG F 84 49.59 -19.07 -4.52
C ARG F 84 50.21 -17.79 -3.99
N ASP F 85 49.45 -16.87 -3.41
CA ASP F 85 50.00 -15.63 -2.87
C ASP F 85 50.59 -15.82 -1.48
N VAL F 86 50.39 -16.98 -0.86
CA VAL F 86 50.94 -17.30 0.45
C VAL F 86 52.37 -17.79 0.30
N THR F 87 53.28 -17.25 1.10
CA THR F 87 54.68 -17.62 1.00
C THR F 87 55.27 -17.80 2.39
N GLY F 88 56.31 -18.63 2.46
CA GLY F 88 57.05 -18.76 3.70
C GLY F 88 57.59 -17.43 4.18
N ARG F 89 58.02 -16.58 3.25
N ARG F 89 58.02 -16.57 3.25
CA ARG F 89 58.51 -15.25 3.62
CA ARG F 89 58.51 -15.25 3.63
C ARG F 89 57.45 -14.47 4.37
C ARG F 89 57.45 -14.48 4.39
N GLN F 90 56.19 -14.54 3.93
CA GLN F 90 55.11 -13.85 4.61
C GLN F 90 54.92 -14.37 6.03
N LEU F 91 54.78 -15.69 6.18
CA LEU F 91 54.53 -16.21 7.51
C LEU F 91 55.70 -15.94 8.45
N ALA F 92 56.94 -16.13 7.96
CA ALA F 92 58.09 -15.80 8.79
C ALA F 92 58.08 -14.34 9.19
N ASN F 93 57.72 -13.45 8.25
CA ASN F 93 57.61 -12.03 8.57
C ASN F 93 56.60 -11.79 9.68
N VAL F 94 55.39 -12.34 9.53
CA VAL F 94 54.39 -12.10 10.55
C VAL F 94 54.83 -12.69 11.88
N TYR F 95 55.53 -13.82 11.85
CA TYR F 95 56.02 -14.42 13.10
C TYR F 95 57.04 -13.49 13.77
N ALA F 96 57.90 -12.86 12.96
CA ALA F 96 58.81 -11.86 13.52
C ALA F 96 58.05 -10.74 14.22
N GLN F 97 57.06 -10.16 13.54
CA GLN F 97 56.25 -9.12 14.17
C GLN F 97 55.59 -9.61 15.46
N THR F 98 55.01 -10.81 15.42
CA THR F 98 54.24 -11.29 16.56
C THR F 98 55.15 -11.56 17.75
N LEU F 99 56.22 -12.34 17.54
CA LEU F 99 57.15 -12.60 18.63
C LEU F 99 57.77 -11.31 19.17
N GLY F 100 57.96 -10.29 18.33
CA GLY F 100 58.47 -9.02 18.83
C GLY F 100 57.48 -8.32 19.75
N THR F 101 56.23 -8.24 19.33
CA THR F 101 55.19 -7.69 20.20
C THR F 101 55.11 -8.47 21.50
N ILE F 102 55.05 -9.81 21.41
CA ILE F 102 54.96 -10.66 22.60
C ILE F 102 56.14 -10.40 23.52
N PHE F 103 57.33 -10.37 22.95
CA PHE F 103 58.54 -10.22 23.72
C PHE F 103 58.59 -8.88 24.44
N THR F 104 57.99 -7.85 23.85
CA THR F 104 58.06 -6.54 24.49
C THR F 104 56.86 -6.20 25.36
N GLU F 105 55.73 -6.89 25.23
CA GLU F 105 54.50 -6.38 25.82
C GLU F 105 53.70 -7.37 26.64
N GLN F 106 53.98 -8.66 26.55
CA GLN F 106 53.21 -9.65 27.32
C GLN F 106 53.84 -9.92 28.67
N ALA F 107 53.00 -10.31 29.62
CA ALA F 107 53.45 -10.46 31.01
C ALA F 107 54.77 -11.22 31.07
N LYS F 108 54.88 -12.31 30.32
CA LYS F 108 56.11 -13.09 30.26
C LYS F 108 56.42 -13.39 28.79
N PRO F 109 57.64 -13.14 28.35
CA PRO F 109 57.99 -13.44 26.95
C PRO F 109 57.77 -14.90 26.62
N TYR F 110 57.69 -15.18 25.33
CA TYR F 110 57.49 -16.54 24.86
C TYR F 110 58.80 -17.29 24.82
N GLU F 111 58.79 -18.52 25.34
CA GLU F 111 59.97 -19.37 25.38
C GLU F 111 59.99 -20.28 24.16
N VAL F 112 60.03 -19.66 22.98
CA VAL F 112 59.92 -20.43 21.74
C VAL F 112 60.99 -19.98 20.77
N GLU F 113 61.31 -20.88 19.85
CA GLU F 113 62.11 -20.61 18.66
C GLU F 113 61.42 -21.31 17.49
N LEU F 114 61.25 -20.60 16.38
CA LEU F 114 60.40 -21.03 15.27
C LEU F 114 61.18 -21.15 13.98
N CYS F 115 60.90 -22.21 13.22
CA CYS F 115 61.42 -22.41 11.88
C CYS F 115 60.26 -22.47 10.89
N VAL F 116 60.31 -21.62 9.87
CA VAL F 116 59.35 -21.63 8.77
C VAL F 116 60.12 -22.03 7.51
N ALA F 117 59.59 -23.01 6.77
CA ALA F 117 60.29 -23.53 5.60
C ALA F 117 59.33 -23.64 4.43
N GLU F 118 59.88 -23.48 3.21
CA GLU F 118 59.09 -23.51 1.98
C GLU F 118 59.84 -24.26 0.90
N VAL F 119 59.11 -25.11 0.18
CA VAL F 119 59.62 -25.82 -0.97
C VAL F 119 58.93 -25.25 -2.20
N ALA F 120 59.44 -25.63 -3.37
CA ALA F 120 58.87 -25.13 -4.60
C ALA F 120 57.53 -25.81 -4.88
N HIS F 121 56.74 -25.16 -5.73
CA HIS F 121 55.48 -25.75 -6.14
C HIS F 121 55.73 -26.87 -7.14
N TYR F 122 54.73 -27.73 -7.32
CA TYR F 122 54.94 -28.96 -8.07
C TYR F 122 55.48 -28.66 -9.47
N GLY F 123 56.53 -29.40 -9.85
CA GLY F 123 57.18 -29.22 -11.13
C GLY F 123 57.89 -27.90 -11.32
N GLU F 124 58.21 -27.18 -10.25
CA GLU F 124 58.93 -25.93 -10.37
C GLU F 124 60.33 -26.06 -9.79
N THR F 125 61.22 -25.20 -10.24
CA THR F 125 62.63 -25.20 -9.87
C THR F 125 62.88 -24.01 -8.96
N LYS F 126 62.96 -24.27 -7.67
CA LYS F 126 63.18 -23.20 -6.70
C LYS F 126 63.91 -23.79 -5.51
N ARG F 127 64.93 -23.08 -5.04
CA ARG F 127 65.68 -23.56 -3.91
C ARG F 127 64.81 -23.48 -2.66
N PRO F 128 64.84 -24.49 -1.79
CA PRO F 128 64.07 -24.39 -0.55
C PRO F 128 64.49 -23.17 0.23
N GLU F 129 63.57 -22.68 1.05
CA GLU F 129 63.86 -21.55 1.91
C GLU F 129 63.64 -21.97 3.36
N LEU F 130 64.58 -21.58 4.21
CA LEU F 130 64.50 -21.83 5.64
C LEU F 130 64.61 -20.50 6.38
N TYR F 131 63.76 -20.31 7.37
CA TYR F 131 63.72 -19.10 8.18
C TYR F 131 63.70 -19.51 9.65
N ARG F 132 64.45 -18.78 10.47
CA ARG F 132 64.42 -18.94 11.92
C ARG F 132 64.01 -17.63 12.54
N ILE F 133 62.94 -17.66 13.34
CA ILE F 133 62.47 -16.51 14.09
C ILE F 133 62.69 -16.84 15.56
N THR F 134 63.43 -15.98 16.26
CA THR F 134 63.78 -16.21 17.64
C THR F 134 62.85 -15.44 18.57
N TYR F 135 63.01 -15.67 19.88
CA TYR F 135 62.00 -15.24 20.83
C TYR F 135 61.79 -13.73 20.88
N ASP F 136 62.67 -12.92 20.29
CA ASP F 136 62.56 -11.47 20.38
C ASP F 136 62.14 -10.81 19.07
N GLY F 137 61.76 -11.59 18.08
CA GLY F 137 61.36 -11.04 16.81
C GLY F 137 62.46 -11.01 15.77
N SER F 138 63.68 -11.41 16.14
CA SER F 138 64.75 -11.49 15.16
C SER F 138 64.47 -12.63 14.18
N ILE F 139 64.95 -12.46 12.95
CA ILE F 139 64.61 -13.34 11.83
C ILE F 139 65.85 -13.53 10.98
N ALA F 140 66.18 -14.79 10.71
CA ALA F 140 67.36 -15.15 9.95
C ALA F 140 66.93 -16.02 8.78
N ASP F 141 67.54 -15.73 7.65
CA ASP F 141 67.32 -16.43 6.39
C ASP F 141 68.47 -17.43 6.21
N GLU F 142 68.16 -18.73 6.24
CA GLU F 142 69.24 -19.72 6.21
C GLU F 142 69.21 -20.53 4.93
N PRO F 143 70.39 -20.78 4.30
CA PRO F 143 70.45 -21.47 3.01
C PRO F 143 70.47 -22.98 3.11
N HIS F 144 70.85 -23.53 4.26
CA HIS F 144 71.07 -24.98 4.31
C HIS F 144 70.31 -25.67 5.43
N PHE F 145 70.40 -25.15 6.65
CA PHE F 145 69.87 -25.86 7.80
C PHE F 145 69.59 -24.86 8.91
N VAL F 146 68.76 -25.31 9.85
CA VAL F 146 68.35 -24.53 11.01
C VAL F 146 68.23 -25.49 12.18
N VAL F 147 68.80 -25.11 13.32
CA VAL F 147 68.79 -25.95 14.51
C VAL F 147 68.27 -25.11 15.67
N MET F 148 67.35 -25.67 16.45
CA MET F 148 66.65 -24.92 17.48
C MET F 148 66.48 -25.76 18.73
N GLY F 149 66.63 -25.14 19.89
CA GLY F 149 66.35 -25.79 21.15
C GLY F 149 67.59 -26.36 21.81
N GLY F 150 67.63 -26.31 23.14
CA GLY F 150 68.74 -26.89 23.85
C GLY F 150 70.07 -26.26 23.49
N THR F 151 71.06 -27.11 23.26
CA THR F 151 72.43 -26.68 23.04
C THR F 151 72.72 -26.78 21.54
N THR F 152 72.61 -25.63 20.86
CA THR F 152 72.60 -25.62 19.41
C THR F 152 73.98 -25.86 18.81
N GLU F 153 75.05 -25.42 19.50
CA GLU F 153 76.37 -25.39 18.87
C GLU F 153 76.87 -26.75 18.42
N PRO F 154 76.83 -27.80 19.25
CA PRO F 154 77.32 -29.12 18.78
C PRO F 154 76.61 -29.61 17.52
N ILE F 155 75.29 -29.48 17.46
CA ILE F 155 74.54 -29.95 16.30
C ILE F 155 74.82 -29.07 15.09
N ALA F 156 74.90 -27.75 15.32
CA ALA F 156 75.21 -26.83 14.23
C ALA F 156 76.56 -27.15 13.61
N ASN F 157 77.58 -27.39 14.44
CA ASN F 157 78.89 -27.75 13.91
C ASN F 157 78.86 -29.13 13.26
N ALA F 158 78.17 -30.08 13.88
CA ALA F 158 78.01 -31.41 13.29
C ALA F 158 77.50 -31.31 11.85
N LEU F 159 76.49 -30.47 11.63
CA LEU F 159 75.98 -30.34 10.27
C LEU F 159 76.93 -29.52 9.40
N LYS F 160 77.57 -28.49 9.98
CA LYS F 160 78.54 -27.71 9.21
C LYS F 160 79.56 -28.61 8.55
N GLU F 161 80.07 -29.62 9.26
CA GLU F 161 81.09 -30.51 8.75
C GLU F 161 80.51 -31.78 8.14
N SER F 162 79.17 -31.88 8.03
CA SER F 162 78.55 -33.10 7.52
C SER F 162 77.25 -32.84 6.76
N TYR F 163 77.15 -31.71 6.07
CA TYR F 163 75.96 -31.38 5.30
C TYR F 163 76.29 -31.32 3.82
N ALA F 164 75.56 -32.08 3.02
CA ALA F 164 75.70 -32.09 1.58
C ALA F 164 74.40 -31.61 0.96
N GLU F 165 74.47 -30.53 0.18
CA GLU F 165 73.30 -30.09 -0.56
C GLU F 165 72.74 -31.24 -1.39
N ASN F 166 71.42 -31.36 -1.39
CA ASN F 166 70.73 -32.32 -2.26
C ASN F 166 71.09 -33.76 -1.90
N ALA F 167 71.22 -34.03 -0.61
CA ALA F 167 71.36 -35.41 -0.17
C ALA F 167 70.03 -36.14 -0.28
N SER F 168 70.11 -37.46 -0.38
CA SER F 168 68.91 -38.29 -0.41
C SER F 168 68.12 -38.11 0.89
N LEU F 169 66.88 -38.61 0.88
CA LEU F 169 66.05 -38.52 2.08
C LEU F 169 66.66 -39.31 3.22
N THR F 170 67.21 -40.49 2.93
CA THR F 170 67.84 -41.29 3.97
C THR F 170 69.15 -40.65 4.43
N ASP F 171 69.95 -40.16 3.50
CA ASP F 171 71.22 -39.54 3.88
C ASP F 171 70.99 -38.31 4.75
N ALA F 172 70.05 -37.46 4.36
CA ALA F 172 69.75 -36.30 5.20
C ALA F 172 69.17 -36.74 6.53
N LEU F 173 68.34 -37.78 6.51
CA LEU F 173 67.75 -38.25 7.76
C LEU F 173 68.83 -38.66 8.75
N ARG F 174 69.77 -39.50 8.31
CA ARG F 174 70.81 -39.96 9.21
C ARG F 174 71.75 -38.83 9.61
N ILE F 175 72.07 -37.94 8.66
CA ILE F 175 72.89 -36.77 8.99
C ILE F 175 72.26 -35.99 10.13
N ALA F 176 70.93 -35.85 10.09
CA ALA F 176 70.18 -35.10 11.10
C ALA F 176 70.10 -35.85 12.43
N VAL F 177 69.63 -37.11 12.41
CA VAL F 177 69.55 -37.87 13.66
C VAL F 177 70.91 -37.91 14.33
N ALA F 178 71.98 -38.02 13.54
CA ALA F 178 73.33 -38.03 14.09
C ALA F 178 73.68 -36.69 14.70
N ALA F 179 73.65 -35.62 13.90
CA ALA F 179 73.96 -34.29 14.42
C ALA F 179 73.20 -34.02 15.71
N LEU F 180 71.91 -34.32 15.73
CA LEU F 180 71.14 -34.18 16.96
C LEU F 180 71.76 -35.00 18.08
N ARG F 181 72.04 -36.29 17.81
CA ARG F 181 72.55 -37.19 18.84
C ARG F 181 73.74 -36.56 19.57
N ALA F 182 74.59 -35.83 18.84
CA ALA F 182 75.74 -35.19 19.46
C ALA F 182 75.32 -33.96 20.27
N LEU F 195 67.50 -40.09 18.56
CA LEU F 195 67.62 -41.53 18.82
C LEU F 195 66.95 -42.38 17.73
N GLY F 196 65.69 -42.72 17.92
CA GLY F 196 64.95 -43.52 16.96
C GLY F 196 63.45 -43.33 17.12
N VAL F 197 62.69 -44.12 16.36
CA VAL F 197 61.23 -44.09 16.40
C VAL F 197 60.79 -44.13 17.86
N ALA F 198 59.63 -43.53 18.15
CA ALA F 198 59.10 -43.55 19.52
C ALA F 198 59.83 -42.53 20.39
N SER F 199 60.89 -41.92 19.84
CA SER F 199 61.57 -40.79 20.48
C SER F 199 61.80 -39.64 19.49
N LEU F 200 61.33 -39.79 18.25
CA LEU F 200 61.52 -38.78 17.21
C LEU F 200 60.18 -38.40 16.58
N GLU F 201 60.06 -37.12 16.23
CA GLU F 201 58.99 -36.65 15.35
C GLU F 201 59.65 -36.18 14.06
N VAL F 202 59.37 -36.87 12.97
CA VAL F 202 60.00 -36.60 11.69
C VAL F 202 58.92 -36.39 10.65
N ALA F 203 59.15 -35.45 9.73
CA ALA F 203 58.21 -35.16 8.65
C ALA F 203 58.90 -34.25 7.65
N VAL F 204 58.44 -34.29 6.40
CA VAL F 204 59.10 -33.55 5.33
C VAL F 204 58.08 -32.68 4.58
N LEU F 205 58.59 -31.59 4.02
CA LEU F 205 57.91 -30.89 2.93
C LEU F 205 58.44 -31.50 1.64
N ASP F 206 57.59 -32.25 0.95
CA ASP F 206 57.97 -33.07 -0.21
C ASP F 206 57.68 -32.29 -1.48
N ALA F 207 58.71 -31.75 -2.08
CA ALA F 207 58.56 -30.93 -3.28
C ALA F 207 57.90 -31.73 -4.39
N ASN F 208 57.84 -33.05 -4.23
CA ASN F 208 57.26 -33.86 -5.29
C ASN F 208 55.74 -34.01 -5.17
N ARG F 209 55.17 -33.77 -4.01
CA ARG F 209 53.72 -33.85 -3.88
C ARG F 209 53.03 -32.82 -4.77
N PRO F 210 51.88 -33.12 -5.32
CA PRO F 210 51.17 -32.16 -6.17
C PRO F 210 50.68 -30.91 -5.51
N ARG F 211 50.13 -30.95 -4.30
CA ARG F 211 49.74 -29.74 -3.66
C ARG F 211 50.17 -29.64 -2.24
N ARG F 212 49.65 -30.49 -1.41
CA ARG F 212 49.98 -30.44 -0.04
C ARG F 212 51.25 -31.19 0.13
N ALA F 213 52.29 -30.49 0.46
CA ALA F 213 53.57 -31.06 0.51
C ALA F 213 54.07 -31.57 1.78
N PHE F 214 53.29 -31.44 2.83
CA PHE F 214 53.64 -31.87 4.18
C PHE F 214 53.27 -33.34 4.37
N ARG F 215 54.23 -34.14 4.83
CA ARG F 215 53.98 -35.56 5.07
C ARG F 215 54.80 -35.99 6.26
N ARG F 216 54.14 -36.60 7.25
CA ARG F 216 54.85 -37.22 8.34
C ARG F 216 55.38 -38.58 7.92
N ILE F 217 56.52 -38.94 8.48
CA ILE F 217 57.17 -40.21 8.24
C ILE F 217 57.15 -40.93 9.59
N THR F 218 56.30 -41.93 9.71
CA THR F 218 56.01 -42.46 11.04
C THR F 218 56.14 -43.98 11.07
N GLY F 219 56.31 -44.50 12.29
CA GLY F 219 56.21 -45.93 12.55
C GLY F 219 57.15 -46.78 11.72
N SER F 220 56.61 -47.91 11.23
CA SER F 220 57.41 -48.85 10.46
C SER F 220 57.97 -48.20 9.20
N ALA F 221 57.26 -47.22 8.65
CA ALA F 221 57.79 -46.48 7.50
C ALA F 221 59.00 -45.64 7.88
N LEU F 222 58.93 -44.97 9.04
CA LEU F 222 60.07 -44.17 9.48
C LEU F 222 61.27 -45.07 9.78
N GLN F 223 61.06 -46.15 10.55
CA GLN F 223 62.17 -47.03 10.92
C GLN F 223 62.75 -47.74 9.70
N ALA F 224 61.91 -48.07 8.71
CA ALA F 224 62.42 -48.61 7.46
C ALA F 224 63.54 -47.75 6.89
N LEU F 225 63.68 -46.50 7.33
CA LEU F 225 64.76 -45.60 6.91
C LEU F 225 65.83 -45.45 8.00
N LEU F 226 66.18 -46.55 8.67
CA LEU F 226 67.15 -46.51 9.76
C LEU F 226 68.22 -47.61 9.65
N MET G 1 61.41 9.50 35.36
CA MET G 1 61.10 10.47 34.32
C MET G 1 62.37 10.82 33.55
N GLU G 2 63.24 11.61 34.18
CA GLU G 2 64.54 11.87 33.56
C GLU G 2 65.30 10.57 33.38
N GLN G 3 65.34 9.75 34.43
CA GLN G 3 65.98 8.45 34.35
C GLN G 3 65.36 7.60 33.24
N ALA G 4 64.03 7.49 33.24
CA ALA G 4 63.36 6.63 32.26
C ALA G 4 63.73 7.03 30.83
N MET G 5 63.63 8.32 30.52
CA MET G 5 63.92 8.75 29.16
C MET G 5 65.40 8.56 28.83
N ARG G 6 66.27 8.73 29.82
CA ARG G 6 67.69 8.44 29.60
C ARG G 6 67.88 6.98 29.19
N GLU G 7 67.26 6.06 29.94
CA GLU G 7 67.45 4.63 29.69
C GLU G 7 66.82 4.20 28.37
N ARG G 8 65.66 4.77 28.04
CA ARG G 8 65.05 4.49 26.74
C ARG G 8 65.94 4.96 25.60
N SER G 9 66.41 6.21 25.68
CA SER G 9 67.36 6.71 24.69
C SER G 9 68.59 5.82 24.59
N GLU G 10 69.11 5.34 25.73
CA GLU G 10 70.30 4.49 25.67
C GLU G 10 69.98 3.14 25.01
N LEU G 11 68.83 2.56 25.34
CA LEU G 11 68.45 1.27 24.77
C LEU G 11 68.34 1.36 23.26
N ALA G 12 67.65 2.40 22.78
CA ALA G 12 67.58 2.65 21.35
C ALA G 12 68.97 2.85 20.76
N ARG G 13 69.75 3.76 21.32
CA ARG G 13 71.05 4.10 20.76
C ARG G 13 71.91 2.84 20.59
N LYS G 14 71.97 2.00 21.64
CA LYS G 14 72.80 0.81 21.57
C LYS G 14 72.23 -0.21 20.59
N GLY G 15 70.91 -0.39 20.60
CA GLY G 15 70.31 -1.28 19.63
C GLY G 15 70.66 -0.89 18.20
N ILE G 16 70.65 0.40 17.91
CA ILE G 16 70.98 0.87 16.57
C ILE G 16 72.46 0.70 16.29
N ALA G 17 73.30 0.90 17.32
CA ALA G 17 74.74 0.80 17.12
C ALA G 17 75.15 -0.60 16.71
N ARG G 18 74.46 -1.63 17.22
CA ARG G 18 74.75 -2.99 16.83
C ARG G 18 74.22 -3.34 15.44
N ALA G 19 73.33 -2.56 14.87
CA ALA G 19 72.74 -2.95 13.61
C ALA G 19 73.64 -2.57 12.44
N LYS G 20 73.43 -3.22 11.31
CA LYS G 20 74.24 -2.93 10.14
C LYS G 20 73.87 -1.56 9.56
N SER G 21 74.75 -1.05 8.70
CA SER G 21 74.69 0.34 8.28
C SER G 21 73.99 0.49 6.93
N VAL G 22 73.42 1.67 6.72
CA VAL G 22 72.67 2.00 5.51
C VAL G 22 73.02 3.43 5.15
N VAL G 23 73.13 3.68 3.84
CA VAL G 23 73.49 4.99 3.31
C VAL G 23 72.50 5.37 2.21
N ALA G 24 72.18 6.68 2.15
CA ALA G 24 71.37 7.25 1.08
C ALA G 24 72.04 8.52 0.61
N LEU G 25 72.13 8.72 -0.69
CA LEU G 25 72.78 9.94 -1.16
C LEU G 25 72.16 10.39 -2.48
N ALA G 26 72.16 11.70 -2.68
CA ALA G 26 71.66 12.30 -3.92
C ALA G 26 72.73 12.23 -5.00
N TYR G 27 72.35 11.75 -6.18
CA TYR G 27 73.25 11.74 -7.32
C TYR G 27 72.52 12.31 -8.55
N ALA G 28 73.24 12.37 -9.67
CA ALA G 28 72.72 13.04 -10.86
C ALA G 28 71.32 12.56 -11.23
N GLY G 29 71.06 11.26 -11.08
CA GLY G 29 69.80 10.65 -11.46
C GLY G 29 68.77 10.46 -10.36
N GLY G 30 69.05 10.91 -9.15
CA GLY G 30 68.02 10.85 -8.14
C GLY G 30 68.58 10.52 -6.77
N VAL G 31 68.07 9.46 -6.15
CA VAL G 31 68.58 9.04 -4.86
C VAL G 31 69.08 7.61 -4.97
N LEU G 32 70.14 7.32 -4.21
CA LEU G 32 70.77 6.01 -4.18
C LEU G 32 70.76 5.51 -2.75
N PHE G 33 70.19 4.31 -2.57
CA PHE G 33 70.20 3.58 -1.32
C PHE G 33 71.17 2.42 -1.44
N VAL G 34 72.03 2.27 -0.44
CA VAL G 34 72.94 1.12 -0.36
C VAL G 34 72.98 0.67 1.09
N ALA G 35 72.86 -0.63 1.33
CA ALA G 35 72.76 -1.13 2.70
C ALA G 35 73.43 -2.50 2.81
N GLU G 36 74.14 -2.70 3.92
CA GLU G 36 74.68 -4.02 4.26
C GLU G 36 73.52 -4.97 4.51
N ASN G 37 73.33 -5.92 3.62
CA ASN G 37 72.23 -6.86 3.80
C ASN G 37 72.61 -8.25 3.34
N PRO G 38 72.76 -9.21 4.27
CA PRO G 38 73.06 -10.59 3.86
C PRO G 38 71.86 -11.39 3.42
N SER G 39 70.65 -11.04 3.85
CA SER G 39 69.49 -11.89 3.62
C SER G 39 69.08 -11.91 2.16
N ARG G 40 68.68 -13.10 1.70
CA ARG G 40 68.31 -13.23 0.30
C ARG G 40 66.97 -12.59 0.00
N SER G 41 66.14 -12.36 1.01
CA SER G 41 64.75 -11.94 0.76
C SER G 41 64.23 -10.87 1.71
N LEU G 42 64.83 -10.69 2.90
CA LEU G 42 64.38 -9.66 3.84
C LEU G 42 65.05 -8.34 3.51
N GLN G 43 64.24 -7.29 3.36
CA GLN G 43 64.67 -6.05 2.73
C GLN G 43 64.65 -4.88 3.73
N LYS G 44 65.67 -4.04 3.64
CA LYS G 44 65.78 -2.82 4.45
C LYS G 44 65.43 -1.57 3.67
N ILE G 45 65.29 -1.69 2.35
CA ILE G 45 65.05 -0.55 1.47
C ILE G 45 63.76 -0.82 0.71
N SER G 46 62.95 0.22 0.54
CA SER G 46 61.59 -0.01 0.07
C SER G 46 61.07 1.19 -0.70
N GLU G 47 60.09 0.91 -1.55
CA GLU G 47 59.24 1.95 -2.11
C GLU G 47 58.13 2.35 -1.14
N LEU G 48 57.87 3.64 -1.02
CA LEU G 48 56.69 4.13 -0.32
C LEU G 48 55.64 4.65 -1.29
N TYR G 49 55.97 5.65 -2.10
CA TYR G 49 55.04 6.16 -3.08
C TYR G 49 55.80 6.46 -4.36
N ASP G 50 55.07 6.94 -5.37
CA ASP G 50 55.59 7.10 -6.72
C ASP G 50 57.04 7.58 -6.73
N ARG G 51 57.33 8.72 -6.08
CA ARG G 51 58.65 9.32 -6.06
C ARG G 51 59.23 9.37 -4.66
N VAL G 52 58.83 8.43 -3.78
CA VAL G 52 59.23 8.47 -2.39
C VAL G 52 59.68 7.07 -1.97
N GLY G 53 60.90 6.97 -1.45
CA GLY G 53 61.45 5.71 -1.00
C GLY G 53 61.90 5.78 0.45
N PHE G 54 62.23 4.61 0.99
CA PHE G 54 62.39 4.39 2.42
C PHE G 54 63.60 3.49 2.66
N ALA G 55 64.39 3.82 3.68
CA ALA G 55 65.46 2.94 4.15
C ALA G 55 65.45 2.95 5.66
N ALA G 56 65.90 1.85 6.27
CA ALA G 56 65.88 1.78 7.72
C ALA G 56 67.05 0.95 8.23
N ALA G 57 67.46 1.25 9.46
CA ALA G 57 68.45 0.46 10.17
C ALA G 57 67.90 0.17 11.57
N GLY G 58 68.31 -0.98 12.12
CA GLY G 58 67.88 -1.39 13.43
C GLY G 58 67.23 -2.77 13.40
N LYS G 59 66.29 -2.97 14.31
CA LYS G 59 65.58 -4.23 14.42
C LYS G 59 64.55 -4.35 13.29
N PHE G 60 64.63 -5.44 12.53
CA PHE G 60 63.85 -5.57 11.31
C PHE G 60 62.34 -5.54 11.56
N ASN G 61 61.85 -6.13 12.64
CA ASN G 61 60.40 -6.18 12.78
C ASN G 61 59.84 -4.80 13.09
N GLU G 62 60.67 -3.95 13.71
CA GLU G 62 60.20 -2.63 14.07
C GLU G 62 60.22 -1.70 12.86
N PHE G 63 61.33 -1.64 12.13
CA PHE G 63 61.28 -0.75 10.99
C PHE G 63 60.41 -1.32 9.89
N ASP G 64 60.16 -2.64 9.86
CA ASP G 64 59.18 -3.17 8.91
C ASP G 64 57.77 -2.76 9.29
N ASN G 65 57.45 -2.72 10.59
CA ASN G 65 56.16 -2.17 10.99
C ASN G 65 56.02 -0.73 10.49
N LEU G 66 57.04 0.10 10.73
CA LEU G 66 56.94 1.48 10.27
C LEU G 66 56.87 1.58 8.75
N ARG G 67 57.57 0.71 8.04
CA ARG G 67 57.49 0.68 6.58
C ARG G 67 56.06 0.47 6.14
N ARG G 68 55.43 -0.60 6.63
CA ARG G 68 54.05 -0.90 6.26
C ARG G 68 53.12 0.24 6.63
N GLY G 69 53.27 0.76 7.84
CA GLY G 69 52.49 1.93 8.23
C GLY G 69 52.65 3.08 7.28
N GLY G 70 53.82 3.23 6.69
CA GLY G 70 54.09 4.38 5.87
C GLY G 70 53.48 4.22 4.49
N ILE G 71 53.51 2.97 4.00
CA ILE G 71 52.79 2.65 2.79
C ILE G 71 51.28 2.85 3.00
N GLN G 72 50.77 2.36 4.13
CA GLN G 72 49.38 2.60 4.47
C GLN G 72 49.06 4.09 4.39
N PHE G 73 49.87 4.92 5.07
CA PHE G 73 49.61 6.36 5.11
C PHE G 73 49.65 6.97 3.72
N ALA G 74 50.63 6.58 2.90
CA ALA G 74 50.78 7.17 1.57
C ALA G 74 49.62 6.80 0.66
N ASP G 75 49.28 5.51 0.60
CA ASP G 75 48.20 5.09 -0.29
C ASP G 75 46.87 5.70 0.14
N THR G 76 46.62 5.80 1.45
CA THR G 76 45.39 6.42 1.92
C THR G 76 45.36 7.91 1.57
N ARG G 77 46.48 8.61 1.76
CA ARG G 77 46.50 10.03 1.42
C ARG G 77 46.29 10.26 -0.08
N GLY G 78 46.98 9.50 -0.92
CA GLY G 78 46.81 9.70 -2.36
C GLY G 78 45.41 9.36 -2.84
N TYR G 79 44.76 8.39 -2.19
CA TYR G 79 43.38 8.07 -2.57
C TYR G 79 42.40 9.14 -2.10
N ALA G 80 42.63 9.71 -0.92
CA ALA G 80 41.71 10.71 -0.40
C ALA G 80 41.88 12.06 -1.11
N TYR G 81 43.04 12.30 -1.72
CA TYR G 81 43.30 13.54 -2.44
C TYR G 81 43.73 13.24 -3.86
N ASP G 82 44.98 13.48 -4.19
CA ASP G 82 45.51 12.99 -5.45
C ASP G 82 46.89 12.41 -5.19
N ARG G 83 47.32 11.53 -6.08
CA ARG G 83 48.65 10.95 -6.00
C ARG G 83 49.72 12.00 -5.76
N ARG G 84 49.66 13.12 -6.47
CA ARG G 84 50.74 14.10 -6.42
C ARG G 84 50.73 14.97 -5.17
N ASP G 85 49.69 14.88 -4.34
CA ASP G 85 49.70 15.58 -3.06
C ASP G 85 50.54 14.84 -2.02
N VAL G 86 50.92 13.60 -2.29
CA VAL G 86 51.77 12.82 -1.39
C VAL G 86 53.23 13.22 -1.59
N THR G 87 53.89 13.63 -0.49
CA THR G 87 55.27 14.09 -0.55
C THR G 87 56.14 13.38 0.48
N GLY G 88 57.43 13.29 0.13
CA GLY G 88 58.42 12.83 1.09
C GLY G 88 58.40 13.59 2.41
N ARG G 89 58.13 14.90 2.35
CA ARG G 89 58.06 15.66 3.59
C ARG G 89 56.92 15.16 4.48
N GLN G 90 55.74 14.92 3.92
CA GLN G 90 54.65 14.37 4.71
C GLN G 90 55.07 13.07 5.39
N LEU G 91 55.68 12.16 4.62
CA LEU G 91 56.05 10.88 5.21
C LEU G 91 57.07 11.06 6.34
N ALA G 92 58.04 11.96 6.15
CA ALA G 92 59.00 12.21 7.23
C ALA G 92 58.30 12.77 8.46
N ASN G 93 57.41 13.73 8.26
CA ASN G 93 56.68 14.32 9.38
C ASN G 93 55.94 13.23 10.16
N VAL G 94 55.21 12.37 9.44
CA VAL G 94 54.37 11.44 10.18
C VAL G 94 55.23 10.35 10.83
N TYR G 95 56.38 10.02 10.22
CA TYR G 95 57.33 9.14 10.92
C TYR G 95 57.86 9.80 12.19
N ALA G 96 58.03 11.13 12.18
CA ALA G 96 58.48 11.82 13.39
C ALA G 96 57.42 11.73 14.49
N GLN G 97 56.18 12.10 14.18
CA GLN G 97 55.10 11.98 15.15
C GLN G 97 54.97 10.55 15.68
N THR G 98 55.10 9.56 14.79
CA THR G 98 54.90 8.17 15.19
C THR G 98 56.02 7.71 16.10
N LEU G 99 57.27 7.91 15.66
CA LEU G 99 58.42 7.51 16.47
C LEU G 99 58.42 8.25 17.80
N GLY G 100 57.99 9.51 17.82
CA GLY G 100 57.88 10.22 19.08
C GLY G 100 56.90 9.54 20.02
N THR G 101 55.74 9.15 19.50
CA THR G 101 54.75 8.47 20.32
C THR G 101 55.27 7.12 20.80
N ILE G 102 55.85 6.34 19.89
CA ILE G 102 56.44 5.05 20.24
C ILE G 102 57.44 5.21 21.36
N PHE G 103 58.32 6.21 21.23
CA PHE G 103 59.42 6.38 22.16
C PHE G 103 58.94 6.80 23.54
N THR G 104 57.88 7.60 23.63
CA THR G 104 57.43 8.02 24.95
C THR G 104 56.36 7.13 25.56
N GLU G 105 55.65 6.30 24.77
CA GLU G 105 54.48 5.60 25.32
C GLU G 105 54.50 4.08 25.17
N GLN G 106 55.32 3.51 24.31
CA GLN G 106 55.32 2.06 24.15
C GLN G 106 56.21 1.38 25.17
N ALA G 107 55.91 0.10 25.46
CA ALA G 107 56.61 -0.61 26.52
C ALA G 107 58.12 -0.55 26.33
N LYS G 108 58.58 -0.76 25.10
CA LYS G 108 59.96 -0.61 24.73
C LYS G 108 60.04 0.31 23.52
N PRO G 109 60.97 1.25 23.49
CA PRO G 109 61.13 2.09 22.31
C PRO G 109 61.60 1.26 21.13
N TYR G 110 61.38 1.81 19.94
CA TYR G 110 61.84 1.16 18.71
C TYR G 110 63.33 1.40 18.51
N GLU G 111 64.06 0.32 18.20
CA GLU G 111 65.48 0.42 17.89
C GLU G 111 65.65 0.53 16.37
N VAL G 112 65.27 1.69 15.85
CA VAL G 112 65.23 1.93 14.41
C VAL G 112 65.69 3.35 14.11
N GLU G 113 66.11 3.53 12.86
CA GLU G 113 66.46 4.84 12.31
C GLU G 113 66.06 4.83 10.84
N LEU G 114 65.38 5.89 10.41
CA LEU G 114 64.66 5.90 9.15
C LEU G 114 65.17 6.99 8.25
N CYS G 115 65.21 6.69 6.96
CA CYS G 115 65.44 7.69 5.93
C CYS G 115 64.27 7.66 4.96
N VAL G 116 63.67 8.83 4.73
CA VAL G 116 62.66 9.03 3.70
C VAL G 116 63.28 9.90 2.63
N ALA G 117 63.11 9.53 1.35
CA ALA G 117 63.70 10.33 0.28
C ALA G 117 62.71 10.50 -0.86
N GLU G 118 62.90 11.58 -1.62
CA GLU G 118 61.96 11.95 -2.68
C GLU G 118 62.70 12.63 -3.83
N VAL G 119 62.48 12.15 -5.04
CA VAL G 119 63.02 12.78 -6.23
C VAL G 119 61.90 13.45 -7.01
N ALA G 120 62.28 14.21 -8.01
CA ALA G 120 61.30 15.00 -8.75
C ALA G 120 60.33 14.09 -9.50
N HIS G 121 59.16 14.64 -9.82
CA HIS G 121 58.27 13.97 -10.76
C HIS G 121 58.81 14.06 -12.17
N TYR G 122 58.73 12.95 -12.90
CA TYR G 122 59.26 12.87 -14.25
C TYR G 122 59.06 14.17 -14.99
N GLY G 123 60.13 14.65 -15.64
CA GLY G 123 60.09 15.88 -16.40
C GLY G 123 60.40 17.13 -15.61
N GLU G 124 60.39 17.08 -14.29
CA GLU G 124 60.52 18.29 -13.49
C GLU G 124 61.96 18.52 -13.05
N THR G 125 62.19 19.71 -12.52
CA THR G 125 63.47 20.08 -11.93
C THR G 125 63.24 20.36 -10.45
N LYS G 126 63.86 19.56 -9.59
CA LYS G 126 63.68 19.68 -8.16
C LYS G 126 64.76 18.89 -7.43
N ARG G 127 65.54 19.55 -6.60
CA ARG G 127 66.63 18.89 -5.89
C ARG G 127 66.08 17.73 -5.05
N PRO G 128 66.67 16.53 -5.15
CA PRO G 128 66.26 15.43 -4.28
C PRO G 128 66.19 15.89 -2.83
N GLU G 129 65.23 15.34 -2.09
CA GLU G 129 65.13 15.59 -0.66
C GLU G 129 65.41 14.31 0.10
N LEU G 130 66.20 14.43 1.18
CA LEU G 130 66.51 13.33 2.09
C LEU G 130 66.14 13.73 3.50
N TYR G 131 65.47 12.84 4.21
CA TYR G 131 65.08 13.06 5.60
C TYR G 131 65.55 11.90 6.44
N ARG G 132 66.07 12.22 7.62
CA ARG G 132 66.43 11.25 8.63
C ARG G 132 65.53 11.48 9.84
N ILE G 133 64.93 10.41 10.33
CA ILE G 133 64.11 10.43 11.52
C ILE G 133 64.71 9.42 12.47
N THR G 134 64.91 9.79 13.73
CA THR G 134 65.57 8.93 14.68
C THR G 134 64.57 8.42 15.72
N TYR G 135 65.07 7.52 16.57
CA TYR G 135 64.21 6.73 17.44
C TYR G 135 63.32 7.58 18.35
N ASP G 136 63.72 8.81 18.67
CA ASP G 136 62.89 9.65 19.52
C ASP G 136 62.01 10.59 18.72
N GLY G 137 61.84 10.32 17.43
CA GLY G 137 61.04 11.21 16.62
C GLY G 137 61.72 12.50 16.22
N SER G 138 63.04 12.61 16.37
CA SER G 138 63.76 13.76 15.86
C SER G 138 63.96 13.61 14.36
N ILE G 139 63.88 14.73 13.66
CA ILE G 139 63.87 14.74 12.19
C ILE G 139 64.80 15.84 11.69
N ALA G 140 65.53 15.55 10.62
CA ALA G 140 66.27 16.59 9.92
C ALA G 140 66.35 16.22 8.44
N ASP G 141 66.42 17.23 7.58
CA ASP G 141 66.67 16.97 6.18
C ASP G 141 68.14 17.24 5.87
N GLU G 142 68.63 16.53 4.85
CA GLU G 142 70.02 16.45 4.51
C GLU G 142 70.13 16.69 3.02
N PRO G 143 70.95 17.64 2.58
CA PRO G 143 70.96 18.00 1.17
C PRO G 143 71.68 16.97 0.34
N HIS G 144 72.62 16.26 0.96
CA HIS G 144 73.58 15.42 0.25
C HIS G 144 73.49 13.94 0.58
N PHE G 145 73.55 13.57 1.86
CA PHE G 145 73.52 12.15 2.17
C PHE G 145 73.06 11.94 3.61
N VAL G 146 72.61 10.72 3.87
CA VAL G 146 72.19 10.25 5.18
C VAL G 146 72.89 8.92 5.46
N VAL G 147 73.31 8.75 6.70
CA VAL G 147 73.95 7.53 7.15
C VAL G 147 73.20 7.08 8.40
N MET G 148 72.88 5.78 8.48
CA MET G 148 72.17 5.25 9.63
C MET G 148 72.74 3.88 10.02
N GLY G 149 72.73 3.60 11.31
CA GLY G 149 73.05 2.26 11.80
C GLY G 149 74.53 2.02 12.00
N GLY G 150 74.84 1.16 12.98
CA GLY G 150 76.23 0.81 13.23
C GLY G 150 77.00 1.98 13.81
N THR G 151 78.27 2.09 13.40
CA THR G 151 79.13 3.21 13.80
C THR G 151 79.14 4.20 12.65
N THR G 152 78.40 5.29 12.79
CA THR G 152 78.16 6.16 11.64
C THR G 152 79.34 7.08 11.36
N GLU G 153 79.92 7.70 12.39
CA GLU G 153 80.95 8.72 12.21
C GLU G 153 81.99 8.37 11.15
N PRO G 154 82.60 7.18 11.15
CA PRO G 154 83.56 6.87 10.07
C PRO G 154 82.94 6.93 8.69
N ILE G 155 81.73 6.38 8.53
CA ILE G 155 81.05 6.38 7.25
C ILE G 155 80.73 7.81 6.82
N ALA G 156 80.17 8.60 7.73
CA ALA G 156 79.81 9.97 7.42
C ALA G 156 81.03 10.80 7.04
N ASN G 157 82.18 10.56 7.70
CA ASN G 157 83.40 11.29 7.35
C ASN G 157 83.90 10.90 5.96
N ALA G 158 83.98 9.59 5.71
CA ALA G 158 84.34 9.11 4.38
C ALA G 158 83.53 9.83 3.32
N LEU G 159 82.21 9.86 3.46
CA LEU G 159 81.39 10.58 2.47
C LEU G 159 81.62 12.08 2.54
N LYS G 160 81.93 12.62 3.72
CA LYS G 160 82.14 14.05 3.87
C LYS G 160 83.33 14.53 3.07
N GLU G 161 84.26 13.64 2.77
CA GLU G 161 85.36 14.00 1.87
C GLU G 161 85.19 13.46 0.47
N SER G 162 84.52 12.33 0.29
CA SER G 162 84.43 11.72 -1.04
C SER G 162 83.19 12.15 -1.82
N TYR G 163 82.16 12.65 -1.15
CA TYR G 163 80.92 12.98 -1.86
C TYR G 163 81.10 14.26 -2.67
N ALA G 164 80.63 14.22 -3.90
CA ALA G 164 80.39 15.43 -4.68
C ALA G 164 79.05 15.28 -5.37
N GLU G 165 78.26 16.35 -5.34
CA GLU G 165 76.95 16.39 -5.96
C GLU G 165 76.96 15.83 -7.39
N ASN G 166 75.81 15.39 -7.86
CA ASN G 166 75.62 15.08 -9.28
C ASN G 166 76.62 14.04 -9.79
N ALA G 167 77.15 13.21 -8.89
CA ALA G 167 77.93 12.06 -9.32
C ALA G 167 77.09 11.17 -10.24
N SER G 168 77.78 10.43 -11.11
CA SER G 168 77.09 9.40 -11.87
C SER G 168 76.64 8.28 -10.94
N LEU G 169 75.82 7.39 -11.48
CA LEU G 169 75.32 6.28 -10.67
C LEU G 169 76.47 5.37 -10.26
N THR G 170 77.42 5.16 -11.16
CA THR G 170 78.58 4.32 -10.82
C THR G 170 79.41 4.96 -9.70
N ASP G 171 79.77 6.24 -9.85
CA ASP G 171 80.61 6.88 -8.84
C ASP G 171 79.88 7.03 -7.51
N ALA G 172 78.58 7.32 -7.56
CA ALA G 172 77.79 7.35 -6.34
C ALA G 172 77.79 5.99 -5.65
N LEU G 173 77.60 4.92 -6.42
CA LEU G 173 77.58 3.59 -5.82
C LEU G 173 78.93 3.24 -5.23
N ARG G 174 80.02 3.60 -5.92
CA ARG G 174 81.32 3.19 -5.43
C ARG G 174 81.74 3.98 -4.21
N ILE G 175 81.45 5.28 -4.17
CA ILE G 175 81.73 6.02 -2.95
C ILE G 175 80.85 5.51 -1.80
N ALA G 176 79.59 5.17 -2.08
CA ALA G 176 78.72 4.62 -1.04
C ALA G 176 79.28 3.32 -0.49
N VAL G 177 79.77 2.44 -1.37
CA VAL G 177 80.30 1.16 -0.92
C VAL G 177 81.60 1.38 -0.15
N ALA G 178 82.48 2.26 -0.64
CA ALA G 178 83.70 2.59 0.09
C ALA G 178 83.40 3.10 1.50
N ALA G 179 82.49 4.08 1.60
CA ALA G 179 82.16 4.63 2.91
C ALA G 179 81.57 3.57 3.83
N LEU G 180 80.69 2.72 3.30
CA LEU G 180 80.16 1.66 4.15
C LEU G 180 81.26 0.71 4.57
N ARG G 181 82.21 0.47 3.66
CA ARG G 181 83.33 -0.43 3.95
C ARG G 181 84.17 0.09 5.11
N ALA G 182 84.33 1.41 5.18
CA ALA G 182 85.13 2.05 6.24
C ALA G 182 84.45 1.94 7.59
N GLY G 183 83.39 1.16 7.70
CA GLY G 183 82.58 1.18 8.90
C GLY G 183 82.40 -0.19 9.52
N SER G 184 82.69 -1.27 8.79
CA SER G 184 82.53 -2.62 9.31
C SER G 184 83.88 -3.33 9.39
N GLY G 196 80.62 -7.28 -0.72
CA GLY G 196 80.31 -7.79 -2.05
C GLY G 196 78.83 -7.80 -2.43
N VAL G 197 78.53 -8.23 -3.67
CA VAL G 197 77.17 -8.18 -4.19
C VAL G 197 76.21 -9.01 -3.34
N ALA G 198 76.71 -10.14 -2.80
CA ALA G 198 75.85 -11.06 -2.06
C ALA G 198 75.35 -10.44 -0.75
N SER G 199 76.10 -9.47 -0.21
CA SER G 199 75.81 -8.87 1.09
C SER G 199 75.35 -7.41 0.99
N LEU G 200 74.97 -6.96 -0.19
CA LEU G 200 74.46 -5.61 -0.39
C LEU G 200 73.02 -5.66 -0.88
N GLU G 201 72.20 -4.76 -0.34
CA GLU G 201 70.90 -4.42 -0.92
C GLU G 201 71.04 -3.01 -1.48
N VAL G 202 70.86 -2.86 -2.79
CA VAL G 202 71.01 -1.58 -3.46
C VAL G 202 69.72 -1.26 -4.20
N ALA G 203 69.30 0.00 -4.15
CA ALA G 203 68.17 0.42 -4.97
C ALA G 203 68.25 1.91 -5.16
N VAL G 204 67.45 2.42 -6.10
CA VAL G 204 67.47 3.85 -6.42
C VAL G 204 66.05 4.39 -6.60
N LEU G 205 65.92 5.69 -6.31
CA LEU G 205 64.82 6.52 -6.80
C LEU G 205 65.32 7.22 -8.06
N ASP G 206 64.87 6.72 -9.21
CA ASP G 206 65.31 7.17 -10.53
C ASP G 206 64.32 8.20 -11.07
N ALA G 207 64.74 9.47 -11.08
CA ALA G 207 63.85 10.55 -11.53
C ALA G 207 63.57 10.50 -13.02
N ASN G 208 64.22 9.61 -13.76
CA ASN G 208 64.00 9.41 -15.18
C ASN G 208 62.86 8.43 -15.46
N ARG G 209 62.42 7.68 -14.46
CA ARG G 209 61.27 6.80 -14.65
C ARG G 209 59.99 7.63 -14.84
N PRO G 210 59.02 7.13 -15.62
CA PRO G 210 57.78 7.84 -15.90
C PRO G 210 56.85 8.10 -14.71
N ARG G 211 56.70 7.18 -13.80
CA ARG G 211 55.90 7.35 -12.63
C ARG G 211 56.49 6.75 -11.39
N ARG G 212 56.65 5.44 -11.35
CA ARG G 212 57.23 4.80 -10.21
C ARG G 212 58.75 4.87 -10.30
N ALA G 213 59.36 5.58 -9.39
CA ALA G 213 60.77 5.81 -9.39
C ALA G 213 61.65 4.82 -8.72
N PHE G 214 61.09 3.85 -8.05
CA PHE G 214 61.85 2.88 -7.28
C PHE G 214 62.30 1.73 -8.16
N ARG G 215 63.60 1.40 -8.10
CA ARG G 215 64.13 0.23 -8.79
C ARG G 215 65.22 -0.42 -7.96
N ARG G 216 65.12 -1.72 -7.76
CA ARG G 216 66.22 -2.50 -7.20
C ARG G 216 67.22 -2.87 -8.29
N ILE G 217 68.50 -2.81 -7.92
CA ILE G 217 69.59 -3.27 -8.77
C ILE G 217 70.18 -4.51 -8.13
N THR G 218 70.08 -5.65 -8.82
CA THR G 218 70.45 -6.94 -8.27
C THR G 218 71.32 -7.70 -9.26
N GLY G 219 72.09 -8.64 -8.71
CA GLY G 219 72.75 -9.64 -9.53
C GLY G 219 73.72 -9.02 -10.52
N SER G 220 73.64 -9.50 -11.77
CA SER G 220 74.59 -9.10 -12.80
C SER G 220 74.59 -7.59 -12.99
N ALA G 221 73.41 -6.96 -12.96
CA ALA G 221 73.33 -5.52 -13.14
C ALA G 221 74.17 -4.80 -12.09
N LEU G 222 73.93 -5.13 -10.81
CA LEU G 222 74.69 -4.51 -9.73
C LEU G 222 76.18 -4.77 -9.89
N GLN G 223 76.57 -6.03 -10.06
CA GLN G 223 77.98 -6.34 -10.15
C GLN G 223 78.64 -5.56 -11.29
N ALA G 224 77.99 -5.51 -12.45
CA ALA G 224 78.48 -4.69 -13.55
C ALA G 224 78.64 -3.23 -13.13
N LEU G 225 77.72 -2.72 -12.30
CA LEU G 225 77.83 -1.34 -11.84
C LEU G 225 78.99 -1.14 -10.87
N LEU G 226 79.44 -2.20 -10.21
CA LEU G 226 80.54 -2.05 -9.26
C LEU G 226 81.90 -1.99 -9.96
N VAL G 227 82.24 -3.04 -10.71
CA VAL G 227 83.52 -3.10 -11.40
C VAL G 227 83.51 -2.28 -12.69
N THR H 1 17.65 28.26 -10.91
CA THR H 1 19.06 28.65 -10.91
C THR H 1 19.71 28.36 -12.26
N THR H 2 20.62 29.23 -12.70
CA THR H 2 21.58 28.88 -13.74
C THR H 2 22.97 29.34 -13.31
N ILE H 3 23.93 28.42 -13.31
CA ILE H 3 25.34 28.74 -13.19
C ILE H 3 25.97 28.42 -14.54
N VAL H 4 26.82 29.33 -15.04
CA VAL H 4 27.62 29.09 -16.25
C VAL H 4 29.08 29.26 -15.90
N ALA H 5 29.94 28.51 -16.60
CA ALA H 5 31.37 28.70 -16.53
C ALA H 5 31.95 28.43 -17.90
N LEU H 6 32.96 29.21 -18.31
CA LEU H 6 33.57 29.02 -19.63
C LEU H 6 35.02 29.52 -19.63
N LYS H 7 35.85 28.87 -20.47
CA LYS H 7 37.26 29.22 -20.63
C LYS H 7 37.44 30.26 -21.72
N TYR H 8 38.29 31.25 -21.47
CA TYR H 8 38.78 32.17 -22.49
C TYR H 8 40.30 32.09 -22.51
N PRO H 9 40.98 32.71 -23.52
CA PRO H 9 42.44 32.60 -23.57
C PRO H 9 43.13 33.02 -22.29
N GLY H 10 43.72 32.04 -21.59
CA GLY H 10 44.41 32.30 -20.34
C GLY H 10 43.53 32.49 -19.12
N GLY H 11 42.23 32.20 -19.20
CA GLY H 11 41.42 32.37 -18.01
C GLY H 11 40.11 31.61 -18.06
N VAL H 12 39.35 31.76 -16.98
CA VAL H 12 38.02 31.18 -16.89
C VAL H 12 37.10 32.21 -16.22
N VAL H 13 35.84 32.21 -16.64
CA VAL H 13 34.80 33.04 -16.03
C VAL H 13 33.68 32.12 -15.54
N MET H 14 33.10 32.46 -14.39
CA MET H 14 31.91 31.78 -13.88
C MET H 14 30.90 32.83 -13.41
N ALA H 15 29.62 32.60 -13.69
CA ALA H 15 28.58 33.56 -13.31
C ALA H 15 27.28 32.84 -13.00
N GLY H 16 26.48 33.46 -12.13
CA GLY H 16 25.24 32.85 -11.68
C GLY H 16 24.18 33.88 -11.37
N ASP H 17 22.92 33.44 -11.42
CA ASP H 17 21.78 34.32 -11.21
C ASP H 17 21.53 34.54 -9.73
N ARG H 18 20.47 35.30 -9.41
CA ARG H 18 20.26 35.79 -8.07
C ARG H 18 18.95 35.35 -7.45
N ARG H 19 18.27 34.39 -8.05
CA ARG H 19 16.88 34.12 -7.71
C ARG H 19 16.74 32.96 -6.74
N SER H 20 15.80 33.09 -5.83
CA SER H 20 15.43 32.01 -4.92
C SER H 20 13.90 31.84 -4.99
N THR H 21 13.44 30.60 -5.15
CA THR H 21 12.02 30.29 -5.23
C THR H 21 11.63 29.23 -4.22
N GLN H 22 10.35 29.25 -3.86
CA GLN H 22 9.66 28.12 -3.22
C GLN H 22 8.42 27.86 -4.06
N GLY H 23 8.47 26.81 -4.87
CA GLY H 23 7.42 26.64 -5.85
C GLY H 23 7.41 27.82 -6.79
N ASN H 24 6.24 28.42 -6.98
CA ASN H 24 6.17 29.54 -7.90
C ASN H 24 6.52 30.86 -7.26
N MET H 25 6.59 30.91 -5.93
CA MET H 25 6.76 32.16 -5.24
C MET H 25 8.23 32.54 -5.20
N ILE H 26 8.51 33.79 -5.56
CA ILE H 26 9.87 34.31 -5.55
C ILE H 26 10.22 34.66 -4.11
N SER H 27 11.20 33.97 -3.53
CA SER H 27 11.56 34.14 -2.14
C SER H 27 12.87 34.86 -1.95
N GLY H 28 13.64 35.06 -3.02
CA GLY H 28 14.87 35.80 -2.93
C GLY H 28 15.25 36.42 -4.26
N ARG H 29 15.82 37.64 -4.22
CA ARG H 29 16.29 38.32 -5.42
C ARG H 29 17.79 38.58 -5.45
N ASP H 30 18.48 38.50 -4.32
CA ASP H 30 19.89 38.89 -4.26
C ASP H 30 20.76 37.76 -3.76
N VAL H 31 20.28 36.52 -3.86
CA VAL H 31 21.05 35.41 -3.35
C VAL H 31 22.33 35.32 -4.17
N ARG H 32 23.39 34.83 -3.52
CA ARG H 32 24.68 34.65 -4.15
C ARG H 32 24.90 33.15 -4.32
N LYS H 33 25.18 32.73 -5.57
CA LYS H 33 25.36 31.33 -5.86
C LYS H 33 26.76 30.98 -6.36
N VAL H 34 27.62 31.97 -6.59
CA VAL H 34 28.97 31.72 -7.08
C VAL H 34 29.95 32.32 -6.07
N TYR H 35 30.88 31.49 -5.60
CA TYR H 35 31.81 31.87 -4.53
C TYR H 35 33.25 31.59 -4.92
N ILE H 36 34.14 32.46 -4.47
CA ILE H 36 35.58 32.24 -4.62
C ILE H 36 36.00 31.35 -3.45
N THR H 37 36.37 30.11 -3.75
CA THR H 37 36.70 29.15 -2.71
C THR H 37 38.17 29.10 -2.41
N ASP H 38 39.02 29.54 -3.34
CA ASP H 38 40.41 29.81 -3.00
C ASP H 38 40.98 30.71 -4.10
N ASP H 39 42.25 31.14 -3.93
CA ASP H 39 42.82 32.15 -4.81
C ASP H 39 42.68 31.79 -6.29
N TYR H 40 42.53 30.51 -6.62
CA TYR H 40 42.47 30.10 -8.02
C TYR H 40 41.24 29.25 -8.32
N THR H 41 40.17 29.39 -7.54
CA THR H 41 39.08 28.43 -7.63
C THR H 41 37.79 29.10 -7.21
N ALA H 42 36.74 28.88 -8.00
CA ALA H 42 35.38 29.37 -7.77
C ALA H 42 34.38 28.24 -7.94
N THR H 43 33.40 28.17 -7.03
CA THR H 43 32.38 27.14 -7.05
C THR H 43 31.01 27.77 -7.23
N GLY H 44 30.27 27.34 -8.24
CA GLY H 44 28.87 27.68 -8.40
C GLY H 44 28.01 26.45 -8.09
N ILE H 45 26.98 26.64 -7.26
CA ILE H 45 26.19 25.52 -6.78
C ILE H 45 24.70 25.80 -6.96
N ALA H 46 23.99 24.83 -7.55
CA ALA H 46 22.55 24.84 -7.76
C ALA H 46 21.88 23.85 -6.81
N GLY H 47 20.61 24.09 -6.49
CA GLY H 47 19.89 23.19 -5.62
C GLY H 47 19.21 23.91 -4.47
N THR H 48 19.13 23.26 -3.31
CA THR H 48 18.57 23.86 -2.12
C THR H 48 19.52 24.92 -1.56
N ALA H 49 19.02 26.16 -1.42
CA ALA H 49 19.87 27.29 -1.06
C ALA H 49 20.74 26.98 0.16
N ALA H 50 20.13 26.43 1.21
CA ALA H 50 20.85 26.19 2.46
C ALA H 50 21.98 25.20 2.25
N VAL H 51 21.74 24.15 1.47
CA VAL H 51 22.75 23.12 1.26
C VAL H 51 23.84 23.64 0.34
N ALA H 52 23.48 24.42 -0.67
CA ALA H 52 24.49 24.92 -1.60
C ALA H 52 25.45 25.85 -0.88
N VAL H 53 24.90 26.76 -0.09
CA VAL H 53 25.75 27.67 0.66
C VAL H 53 26.62 26.90 1.63
N GLU H 54 26.03 25.96 2.38
CA GLU H 54 26.84 25.14 3.27
C GLU H 54 27.97 24.44 2.51
N PHE H 55 27.70 23.99 1.29
CA PHE H 55 28.73 23.31 0.52
C PHE H 55 29.89 24.24 0.20
N ALA H 56 29.59 25.40 -0.40
CA ALA H 56 30.65 26.37 -0.69
C ALA H 56 31.47 26.70 0.56
N ARG H 57 30.78 26.97 1.67
CA ARG H 57 31.48 27.33 2.90
C ARG H 57 32.40 26.20 3.35
N LEU H 58 31.83 25.00 3.52
CA LEU H 58 32.59 23.86 4.01
C LEU H 58 33.76 23.52 3.08
N TYR H 59 33.55 23.58 1.77
CA TYR H 59 34.59 23.22 0.81
C TYR H 59 35.76 24.20 0.88
N ALA H 60 35.45 25.50 0.86
CA ALA H 60 36.54 26.48 0.97
C ALA H 60 37.33 26.28 2.26
N VAL H 61 36.61 26.04 3.37
CA VAL H 61 37.32 25.80 4.62
C VAL H 61 38.21 24.56 4.50
N GLU H 62 37.74 23.52 3.80
CA GLU H 62 38.54 22.30 3.72
C GLU H 62 39.82 22.51 2.90
N LEU H 63 39.71 23.19 1.76
CA LEU H 63 40.90 23.51 0.98
C LEU H 63 41.91 24.28 1.82
N GLU H 64 41.43 25.29 2.57
CA GLU H 64 42.39 26.07 3.34
C GLU H 64 42.94 25.30 4.53
N HIS H 65 42.12 24.43 5.11
CA HIS H 65 42.56 23.54 6.17
C HIS H 65 43.72 22.68 5.70
N TYR H 66 43.62 22.13 4.48
CA TYR H 66 44.72 21.35 3.94
C TYR H 66 45.93 22.22 3.72
N GLU H 67 45.74 23.37 3.08
CA GLU H 67 46.86 24.24 2.80
C GLU H 67 47.62 24.60 4.08
N LYS H 68 46.90 24.92 5.14
CA LYS H 68 47.58 25.33 6.37
C LYS H 68 48.21 24.14 7.08
N LEU H 69 47.54 22.99 7.09
CA LEU H 69 48.14 21.86 7.78
C LEU H 69 49.42 21.40 7.07
N GLU H 70 49.44 21.43 5.75
CA GLU H 70 50.51 20.78 4.99
C GLU H 70 51.45 21.76 4.30
N GLY H 71 51.18 23.05 4.39
CA GLY H 71 52.09 24.04 3.86
C GLY H 71 52.05 24.25 2.37
N VAL H 72 51.14 23.59 1.65
CA VAL H 72 51.03 23.68 0.20
C VAL H 72 49.59 23.39 -0.22
N PRO H 73 48.99 24.19 -1.12
CA PRO H 73 47.61 23.94 -1.52
C PRO H 73 47.45 22.59 -2.21
N LEU H 74 46.24 22.06 -2.18
CA LEU H 74 45.94 20.82 -2.88
C LEU H 74 46.20 20.99 -4.37
N THR H 75 46.61 19.89 -5.02
CA THR H 75 46.57 19.86 -6.48
C THR H 75 45.13 20.10 -6.96
N PHE H 76 44.99 20.54 -8.20
CA PHE H 76 43.65 20.68 -8.73
C PHE H 76 42.93 19.34 -8.69
N ALA H 77 43.61 18.27 -9.09
CA ALA H 77 43.01 16.94 -9.02
C ALA H 77 42.45 16.64 -7.64
N GLY H 78 43.20 16.97 -6.59
CA GLY H 78 42.70 16.72 -5.24
C GLY H 78 41.54 17.61 -4.85
N LYS H 79 41.52 18.85 -5.33
CA LYS H 79 40.35 19.69 -5.10
C LYS H 79 39.11 19.04 -5.70
N ILE H 80 39.24 18.54 -6.93
CA ILE H 80 38.12 17.87 -7.59
C ILE H 80 37.67 16.68 -6.76
N ASN H 81 38.60 15.80 -6.39
CA ASN H 81 38.24 14.62 -5.62
C ASN H 81 37.56 14.98 -4.29
N ARG H 82 37.93 16.10 -3.68
CA ARG H 82 37.36 16.43 -2.37
C ARG H 82 35.94 16.98 -2.51
N LEU H 83 35.70 17.79 -3.55
CA LEU H 83 34.33 18.23 -3.82
C LEU H 83 33.45 17.05 -4.22
N ALA H 84 33.95 16.20 -5.12
CA ALA H 84 33.27 14.96 -5.49
C ALA H 84 32.89 14.15 -4.26
N ILE H 85 33.84 13.97 -3.34
CA ILE H 85 33.56 13.18 -2.15
C ILE H 85 32.45 13.84 -1.34
N MET H 86 32.48 15.18 -1.25
CA MET H 86 31.41 15.89 -0.55
C MET H 86 30.03 15.57 -1.16
N VAL H 87 29.92 15.69 -2.47
CA VAL H 87 28.65 15.46 -3.17
C VAL H 87 28.15 14.04 -2.92
N ARG H 88 29.01 13.06 -3.20
CA ARG H 88 28.65 11.68 -2.92
C ARG H 88 28.15 11.53 -1.49
N GLY H 89 28.80 12.19 -0.54
CA GLY H 89 28.33 12.12 0.83
C GLY H 89 26.89 12.60 0.97
N ASN H 90 26.52 13.61 0.20
CA ASN H 90 25.17 14.15 0.37
C ASN H 90 24.10 13.36 -0.40
N LEU H 91 24.47 12.44 -1.28
CA LEU H 91 23.49 11.77 -2.13
C LEU H 91 22.17 11.38 -1.45
N ALA H 92 22.23 10.82 -0.25
CA ALA H 92 21.01 10.39 0.43
C ALA H 92 20.10 11.58 0.70
N ALA H 93 20.67 12.65 1.26
CA ALA H 93 19.86 13.84 1.51
C ALA H 93 19.37 14.45 0.21
N ALA H 94 20.21 14.43 -0.82
CA ALA H 94 19.76 14.96 -2.10
C ALA H 94 18.51 14.21 -2.57
N MET H 95 18.54 12.88 -2.48
CA MET H 95 17.35 12.10 -2.76
C MET H 95 16.16 12.54 -1.91
N GLN H 96 16.40 12.95 -0.66
CA GLN H 96 15.30 13.45 0.18
C GLN H 96 15.01 14.95 -0.02
N GLY H 97 15.49 15.58 -1.09
CA GLY H 97 15.18 16.98 -1.34
C GLY H 97 16.24 18.00 -0.90
N LEU H 98 17.36 17.56 -0.33
CA LEU H 98 18.43 18.48 0.03
C LEU H 98 19.55 18.39 -1.01
N LEU H 99 19.27 18.97 -2.17
CA LEU H 99 20.10 18.77 -3.35
C LEU H 99 21.16 19.88 -3.47
N ALA H 100 22.35 19.50 -3.95
CA ALA H 100 23.44 20.46 -4.15
C ALA H 100 24.29 19.97 -5.32
N LEU H 101 24.17 20.63 -6.47
CA LEU H 101 24.95 20.33 -7.68
C LEU H 101 26.02 21.38 -7.91
N PRO H 102 27.30 21.07 -7.73
CA PRO H 102 28.35 22.06 -7.92
C PRO H 102 28.88 22.09 -9.36
N LEU H 103 29.66 23.13 -9.61
CA LEU H 103 30.35 23.37 -10.85
C LEU H 103 31.60 24.11 -10.44
N LEU H 104 32.76 23.59 -10.84
CA LEU H 104 34.04 24.11 -10.37
C LEU H 104 34.75 24.78 -11.52
N ALA H 105 35.20 26.01 -11.30
CA ALA H 105 36.03 26.72 -12.26
C ALA H 105 37.34 27.05 -11.57
N GLY H 106 38.44 26.87 -12.27
CA GLY H 106 39.71 27.14 -11.63
C GLY H 106 40.79 27.52 -12.61
N TYR H 107 41.90 27.96 -12.04
CA TYR H 107 43.15 28.13 -12.77
C TYR H 107 44.18 27.20 -12.14
N ASP H 108 44.66 26.22 -12.91
CA ASP H 108 45.71 25.31 -12.44
C ASP H 108 47.07 25.98 -12.64
N ILE H 109 47.65 26.50 -11.55
CA ILE H 109 48.98 27.11 -11.64
C ILE H 109 50.08 26.10 -11.94
N HIS H 110 49.75 24.81 -11.96
CA HIS H 110 50.70 23.77 -12.34
C HIS H 110 50.51 23.29 -13.76
N ALA H 111 49.49 23.77 -14.46
CA ALA H 111 49.21 23.29 -15.81
C ALA H 111 50.44 23.46 -16.71
N SER H 112 50.38 22.83 -17.88
CA SER H 112 51.44 22.97 -18.87
C SER H 112 51.42 24.34 -19.51
N ASP H 113 50.34 24.67 -20.23
CA ASP H 113 50.25 25.92 -20.97
C ASP H 113 49.45 26.93 -20.18
N PRO H 114 50.05 27.97 -19.64
CA PRO H 114 49.29 28.97 -18.86
C PRO H 114 48.09 29.58 -19.59
N GLN H 115 48.04 29.52 -20.93
CA GLN H 115 46.87 30.06 -21.63
C GLN H 115 45.71 29.08 -21.63
N SER H 116 45.97 27.77 -21.47
CA SER H 116 44.97 26.74 -21.27
C SER H 116 45.09 26.09 -19.90
N ALA H 117 45.49 26.88 -18.90
CA ALA H 117 45.51 26.44 -17.51
C ALA H 117 44.15 26.54 -16.85
N GLY H 118 43.17 27.14 -17.54
CA GLY H 118 41.84 27.21 -17.01
C GLY H 118 41.16 25.85 -17.02
N ARG H 119 40.38 25.59 -15.98
CA ARG H 119 39.68 24.33 -15.78
C ARG H 119 38.21 24.60 -15.53
N ILE H 120 37.37 23.75 -16.12
CA ILE H 120 35.96 23.66 -15.82
C ILE H 120 35.65 22.20 -15.50
N VAL H 121 35.01 21.96 -14.36
CA VAL H 121 34.69 20.61 -13.91
C VAL H 121 33.20 20.55 -13.57
N SER H 122 32.46 19.69 -14.25
CA SER H 122 31.07 19.43 -13.91
C SER H 122 30.93 18.14 -13.08
N PHE H 123 29.89 18.11 -12.25
CA PHE H 123 29.60 16.99 -11.36
C PHE H 123 28.16 16.54 -11.53
N ASP H 124 27.93 15.26 -11.24
CA ASP H 124 26.59 14.73 -11.08
C ASP H 124 26.31 14.44 -9.61
N ALA H 125 25.06 14.06 -9.32
CA ALA H 125 24.63 13.95 -7.93
C ALA H 125 25.25 12.78 -7.20
N ALA H 126 25.90 11.85 -7.91
CA ALA H 126 26.61 10.76 -7.24
C ALA H 126 28.08 11.09 -7.02
N GLY H 127 28.51 12.30 -7.35
CA GLY H 127 29.91 12.64 -7.30
C GLY H 127 30.69 12.30 -8.55
N GLY H 128 30.03 11.84 -9.60
CA GLY H 128 30.71 11.73 -10.88
C GLY H 128 31.16 13.11 -11.33
N TRP H 129 32.35 13.17 -11.96
CA TRP H 129 32.91 14.44 -12.38
C TRP H 129 33.58 14.29 -13.73
N ASN H 130 33.59 15.39 -14.47
CA ASN H 130 34.18 15.44 -15.79
C ASN H 130 34.85 16.78 -15.98
N ILE H 131 36.07 16.76 -16.48
CA ILE H 131 36.78 17.97 -16.86
C ILE H 131 36.35 18.34 -18.27
N GLU H 132 35.67 19.48 -18.40
CA GLU H 132 35.09 19.90 -19.67
C GLU H 132 36.17 20.33 -20.65
N GLU H 133 36.16 19.73 -21.84
CA GLU H 133 37.12 20.05 -22.88
C GLU H 133 36.55 20.86 -24.04
N GLU H 134 35.28 21.26 -23.97
CA GLU H 134 34.68 22.03 -25.05
C GLU H 134 34.46 23.49 -24.68
N GLY H 135 34.93 23.93 -23.51
CA GLY H 135 35.10 25.33 -23.26
C GLY H 135 34.06 25.99 -22.37
N TYR H 136 32.92 25.34 -22.14
CA TYR H 136 31.84 25.94 -21.35
C TYR H 136 30.97 24.84 -20.74
N GLN H 137 30.15 25.23 -19.77
CA GLN H 137 29.29 24.27 -19.09
C GLN H 137 28.35 25.06 -18.20
N ALA H 138 27.31 24.38 -17.73
CA ALA H 138 26.29 25.07 -16.94
C ALA H 138 25.56 24.05 -16.06
N VAL H 139 25.02 24.56 -14.95
CA VAL H 139 24.38 23.71 -13.96
C VAL H 139 23.13 24.43 -13.44
N GLY H 140 22.11 23.65 -13.11
CA GLY H 140 20.88 24.20 -12.60
C GLY H 140 19.74 24.13 -13.61
N SER H 141 18.57 24.56 -13.15
CA SER H 141 17.33 24.39 -13.90
C SER H 141 17.32 25.13 -15.24
N GLY H 142 18.19 26.14 -15.42
CA GLY H 142 18.33 26.82 -16.68
C GLY H 142 19.47 26.33 -17.54
N SER H 143 20.18 25.28 -17.10
CA SER H 143 21.47 24.98 -17.68
C SER H 143 21.38 24.48 -19.13
N LEU H 144 20.26 23.86 -19.50
CA LEU H 144 20.10 23.45 -20.89
C LEU H 144 20.02 24.66 -21.82
N PHE H 145 19.25 25.68 -21.41
CA PHE H 145 19.11 26.87 -22.23
C PHE H 145 20.42 27.65 -22.29
N ALA H 146 21.09 27.78 -21.14
CA ALA H 146 22.37 28.47 -21.11
C ALA H 146 23.42 27.78 -21.97
N LYS H 147 23.49 26.45 -21.87
CA LYS H 147 24.46 25.71 -22.68
C LYS H 147 24.16 25.85 -24.16
N SER H 148 22.88 25.75 -24.55
CA SER H 148 22.55 25.84 -25.96
C SER H 148 22.83 27.24 -26.51
N SER H 149 22.60 28.28 -25.69
CA SER H 149 23.04 29.61 -26.05
C SER H 149 24.56 29.63 -26.29
N MET H 150 25.32 29.27 -25.26
CA MET H 150 26.77 29.38 -25.34
C MET H 150 27.31 28.60 -26.52
N LYS H 151 26.65 27.50 -26.88
CA LYS H 151 27.06 26.72 -28.05
C LYS H 151 27.07 27.57 -29.30
N LYS H 152 26.20 28.57 -29.38
CA LYS H 152 26.20 29.45 -30.53
C LYS H 152 27.12 30.65 -30.34
N LEU H 153 27.26 31.14 -29.11
CA LEU H 153 28.00 32.37 -28.91
C LEU H 153 29.50 32.17 -28.61
N TYR H 154 29.98 30.94 -28.51
CA TYR H 154 31.32 30.74 -27.93
C TYR H 154 32.43 31.15 -28.90
N SER H 155 32.19 31.05 -30.21
CA SER H 155 33.19 31.49 -31.16
C SER H 155 33.59 32.94 -30.93
N GLN H 156 32.69 33.73 -30.37
CA GLN H 156 32.90 35.15 -30.12
C GLN H 156 33.84 35.42 -28.93
N VAL H 157 34.23 34.41 -28.18
CA VAL H 157 35.02 34.61 -26.96
C VAL H 157 36.50 34.65 -27.34
N THR H 158 37.12 35.81 -27.17
CA THR H 158 38.56 35.98 -27.39
C THR H 158 39.31 36.49 -26.17
N ASP H 159 38.64 37.01 -25.16
CA ASP H 159 39.33 37.56 -23.99
C ASP H 159 38.37 37.54 -22.80
N GLY H 160 38.92 37.84 -21.63
CA GLY H 160 38.08 37.90 -20.43
C GLY H 160 36.81 38.68 -20.65
N ASP H 161 36.87 39.73 -21.46
CA ASP H 161 35.73 40.62 -21.61
C ASP H 161 34.64 39.99 -22.47
N SER H 162 35.02 39.47 -23.64
CA SER H 162 34.03 38.79 -24.46
C SER H 162 33.45 37.58 -23.74
N GLY H 163 34.29 36.80 -23.06
CA GLY H 163 33.78 35.65 -22.32
C GLY H 163 32.83 36.06 -21.21
N LEU H 164 33.16 37.15 -20.51
CA LEU H 164 32.21 37.68 -19.54
C LEU H 164 30.87 37.97 -20.22
N ARG H 165 30.91 38.61 -21.39
CA ARG H 165 29.68 39.00 -22.09
C ARG H 165 28.88 37.77 -22.50
N VAL H 166 29.55 36.75 -23.05
CA VAL H 166 28.86 35.53 -23.43
C VAL H 166 28.25 34.85 -22.21
N ALA H 167 28.96 34.91 -21.06
CA ALA H 167 28.40 34.33 -19.84
C ALA H 167 27.11 35.05 -19.44
N VAL H 168 27.15 36.38 -19.41
CA VAL H 168 25.98 37.13 -18.97
C VAL H 168 24.83 36.90 -19.93
N GLU H 169 25.11 36.85 -21.22
CA GLU H 169 24.04 36.65 -22.19
C GLU H 169 23.45 35.24 -22.09
N ALA H 170 24.28 34.23 -21.77
CA ALA H 170 23.76 32.88 -21.57
C ALA H 170 22.88 32.81 -20.31
N LEU H 171 23.27 33.52 -19.25
CA LEU H 171 22.38 33.63 -18.10
C LEU H 171 21.08 34.33 -18.48
N TYR H 172 21.15 35.27 -19.42
CA TYR H 172 19.98 36.04 -19.80
C TYR H 172 19.02 35.17 -20.60
N ASP H 173 19.56 34.39 -21.54
CA ASP H 173 18.75 33.43 -22.27
C ASP H 173 18.08 32.44 -21.32
N ALA H 174 18.88 31.89 -20.40
CA ALA H 174 18.34 30.99 -19.40
C ALA H 174 17.16 31.61 -18.66
N ALA H 175 17.33 32.83 -18.13
CA ALA H 175 16.21 33.43 -17.41
C ALA H 175 15.03 33.67 -18.33
N ASP H 176 15.31 33.84 -19.62
CA ASP H 176 14.27 34.03 -20.63
C ASP H 176 13.39 32.80 -20.77
N ASP H 177 13.94 31.60 -20.56
CA ASP H 177 13.16 30.38 -20.74
C ASP H 177 12.86 29.61 -19.46
N ASP H 178 13.61 29.82 -18.38
CA ASP H 178 13.40 29.15 -17.10
C ASP H 178 12.97 30.18 -16.07
N SER H 179 11.80 29.95 -15.44
CA SER H 179 11.29 30.92 -14.48
C SER H 179 11.98 30.83 -13.12
N ALA H 180 12.69 29.75 -12.84
CA ALA H 180 13.43 29.68 -11.59
C ALA H 180 14.78 30.36 -11.70
N THR H 181 15.09 30.93 -12.87
CA THR H 181 16.33 31.66 -13.11
C THR H 181 15.99 33.12 -13.36
N GLY H 182 16.60 34.02 -12.60
CA GLY H 182 16.28 35.44 -12.68
C GLY H 182 17.12 36.18 -13.69
N GLY H 183 16.47 36.94 -14.56
CA GLY H 183 17.18 37.84 -15.43
C GLY H 183 17.68 39.06 -14.69
N PRO H 184 18.31 39.97 -15.44
CA PRO H 184 18.71 41.26 -14.84
C PRO H 184 17.49 42.07 -14.40
N ASP H 185 17.61 42.70 -13.24
CA ASP H 185 16.56 43.54 -12.68
C ASP H 185 17.08 44.98 -12.78
N LEU H 186 16.75 45.66 -13.87
CA LEU H 186 17.20 47.04 -14.02
C LEU H 186 16.51 47.99 -13.06
N VAL H 187 15.31 47.64 -12.58
CA VAL H 187 14.62 48.54 -11.67
C VAL H 187 15.30 48.57 -10.31
N ARG H 188 15.76 47.41 -9.84
CA ARG H 188 16.40 47.28 -8.54
C ARG H 188 17.93 47.29 -8.61
N GLY H 189 18.50 47.21 -9.80
CA GLY H 189 19.95 47.13 -9.93
C GLY H 189 20.58 45.87 -9.37
N ILE H 190 19.97 44.71 -9.60
CA ILE H 190 20.53 43.41 -9.20
C ILE H 190 20.87 42.64 -10.48
N PHE H 191 22.11 42.19 -10.56
CA PHE H 191 22.60 41.50 -11.75
C PHE H 191 23.29 40.23 -11.33
N PRO H 192 23.47 39.29 -12.25
CA PRO H 192 24.19 38.06 -11.92
C PRO H 192 25.53 38.40 -11.32
N THR H 193 26.07 37.49 -10.52
CA THR H 193 27.40 37.67 -9.98
C THR H 193 28.39 36.88 -10.84
N ALA H 194 29.58 37.43 -11.01
CA ALA H 194 30.61 36.78 -11.81
C ALA H 194 31.94 36.77 -11.07
N VAL H 195 32.73 35.76 -11.37
CA VAL H 195 34.10 35.62 -10.90
C VAL H 195 34.95 35.32 -12.13
N ILE H 196 36.10 35.96 -12.21
CA ILE H 196 37.06 35.65 -13.26
C ILE H 196 38.34 35.17 -12.58
N ILE H 197 39.01 34.21 -13.21
CA ILE H 197 40.24 33.64 -12.69
C ILE H 197 41.25 33.58 -13.82
N ASP H 198 42.42 34.16 -13.60
CA ASP H 198 43.57 33.95 -14.49
C ASP H 198 44.81 33.78 -13.62
N ALA H 199 45.99 33.94 -14.22
CA ALA H 199 47.23 33.65 -13.50
C ALA H 199 47.41 34.53 -12.27
N ASP H 200 46.72 35.67 -12.20
CA ASP H 200 46.81 36.56 -11.05
C ASP H 200 45.77 36.27 -9.97
N GLY H 201 45.02 35.18 -10.12
CA GLY H 201 44.07 34.75 -9.13
C GLY H 201 42.63 34.88 -9.57
N ALA H 202 41.74 34.83 -8.58
CA ALA H 202 40.30 34.92 -8.75
C ALA H 202 39.81 36.25 -8.22
N VAL H 203 39.04 36.97 -9.02
CA VAL H 203 38.49 38.25 -8.60
C VAL H 203 37.01 38.29 -8.95
N ASP H 204 36.24 38.91 -8.06
CA ASP H 204 34.83 39.19 -8.33
C ASP H 204 34.73 40.23 -9.43
N VAL H 205 33.93 39.92 -10.44
CA VAL H 205 33.66 40.90 -11.49
C VAL H 205 32.77 41.99 -10.90
N PRO H 206 33.15 43.27 -11.01
CA PRO H 206 32.33 44.32 -10.39
C PRO H 206 30.96 44.43 -11.05
N GLU H 207 29.97 44.83 -10.24
CA GLU H 207 28.59 44.87 -10.70
C GLU H 207 28.43 45.75 -11.93
N SER H 208 28.97 46.97 -11.87
CA SER H 208 28.80 47.93 -12.97
C SER H 208 29.15 47.33 -14.32
N ARG H 209 30.23 46.56 -14.37
CA ARG H 209 30.60 45.92 -15.63
C ARG H 209 29.50 45.00 -16.13
N ILE H 210 28.96 44.18 -15.23
CA ILE H 210 27.90 43.23 -15.59
C ILE H 210 26.63 43.97 -15.97
N ALA H 211 26.29 45.04 -15.24
CA ALA H 211 25.12 45.84 -15.60
C ALA H 211 25.25 46.39 -17.01
N GLU H 212 26.37 47.05 -17.30
CA GLU H 212 26.62 47.52 -18.66
C GLU H 212 26.38 46.41 -19.66
N LEU H 213 26.94 45.22 -19.41
CA LEU H 213 26.75 44.11 -20.34
C LEU H 213 25.27 43.77 -20.50
N ALA H 214 24.55 43.62 -19.39
CA ALA H 214 23.10 43.40 -19.44
C ALA H 214 22.41 44.41 -20.33
N ARG H 215 22.57 45.70 -20.02
CA ARG H 215 21.93 46.74 -20.82
C ARG H 215 22.24 46.58 -22.29
N ALA H 216 23.51 46.32 -22.62
CA ALA H 216 23.85 46.19 -24.03
C ALA H 216 23.10 45.02 -24.68
N ILE H 217 22.96 43.90 -23.96
CA ILE H 217 22.24 42.75 -24.49
C ILE H 217 20.76 43.10 -24.71
N ILE H 218 20.15 43.74 -23.71
CA ILE H 218 18.75 44.14 -23.82
C ILE H 218 18.56 45.05 -25.03
N GLU H 219 19.36 46.12 -25.11
CA GLU H 219 19.32 46.98 -26.28
C GLU H 219 19.44 46.17 -27.56
N SER H 220 20.38 45.23 -27.59
CA SER H 220 20.60 44.44 -28.80
C SER H 220 19.37 43.64 -29.19
N ARG H 221 18.58 43.20 -28.24
CA ARG H 221 17.40 42.42 -28.58
C ARG H 221 16.14 43.27 -28.77
N SER H 222 16.19 44.56 -28.50
CA SER H 222 15.01 45.40 -28.67
C SER H 222 14.92 45.97 -30.09
N THR I 1 -0.22 32.96 12.57
CA THR I 1 0.82 33.89 13.02
C THR I 1 1.20 34.86 11.92
N THR I 2 1.52 36.10 12.31
CA THR I 2 2.28 37.03 11.49
C THR I 2 3.33 37.70 12.38
N ILE I 3 4.59 37.62 11.95
CA ILE I 3 5.71 38.37 12.54
C ILE I 3 6.28 39.27 11.46
N VAL I 4 6.39 40.57 11.73
CA VAL I 4 7.01 41.50 10.80
C VAL I 4 8.31 42.03 11.40
N ALA I 5 9.22 42.48 10.51
CA ALA I 5 10.43 43.17 10.90
C ALA I 5 10.82 44.13 9.79
N LEU I 6 11.25 45.34 10.16
CA LEU I 6 11.60 46.35 9.17
C LEU I 6 12.66 47.31 9.73
N LYS I 7 13.54 47.75 8.83
CA LYS I 7 14.57 48.71 9.16
C LYS I 7 14.02 50.12 9.07
N TYR I 8 14.46 50.97 9.98
CA TYR I 8 14.39 52.42 9.83
C TYR I 8 15.78 52.98 10.04
N PRO I 9 15.98 54.27 9.81
CA PRO I 9 17.33 54.84 9.90
C PRO I 9 17.91 54.74 11.31
N GLY I 10 19.00 53.98 11.44
CA GLY I 10 19.57 53.72 12.74
C GLY I 10 18.85 52.70 13.59
N GLY I 11 18.00 51.85 13.01
CA GLY I 11 17.38 50.85 13.86
C GLY I 11 16.59 49.80 13.12
N VAL I 12 16.05 48.88 13.90
CA VAL I 12 15.12 47.88 13.44
C VAL I 12 13.94 47.85 14.39
N VAL I 13 12.78 47.49 13.85
CA VAL I 13 11.60 47.20 14.65
C VAL I 13 11.07 45.84 14.25
N MET I 14 10.52 45.11 15.24
CA MET I 14 9.89 43.82 15.04
C MET I 14 8.59 43.75 15.82
N ALA I 15 7.56 43.16 15.21
CA ALA I 15 6.30 43.09 15.94
C ALA I 15 5.56 41.83 15.56
N GLY I 16 4.84 41.27 16.52
CA GLY I 16 4.15 40.02 16.32
C GLY I 16 2.74 40.05 16.88
N ASP I 17 1.89 39.20 16.32
CA ASP I 17 0.52 39.08 16.77
C ASP I 17 0.44 38.16 18.00
N ARG I 18 -0.75 38.09 18.59
CA ARG I 18 -0.90 37.43 19.88
C ARG I 18 -1.75 36.16 19.83
N ARG I 19 -2.02 35.60 18.65
CA ARG I 19 -2.99 34.53 18.51
C ARG I 19 -2.37 33.14 18.50
N SER I 20 -3.04 32.21 19.18
CA SER I 20 -2.73 30.79 19.12
C SER I 20 -3.97 30.03 18.67
N THR I 21 -3.82 29.16 17.69
CA THR I 21 -4.93 28.35 17.21
C THR I 21 -4.59 26.87 17.26
N GLN I 22 -5.66 26.07 17.35
CA GLN I 22 -5.60 24.64 17.06
C GLN I 22 -6.70 24.39 16.03
N GLY I 23 -6.33 24.32 14.76
CA GLY I 23 -7.35 24.24 13.74
C GLY I 23 -8.16 25.53 13.71
N ASN I 24 -9.49 25.39 13.80
CA ASN I 24 -10.36 26.54 13.82
C ASN I 24 -10.43 27.21 15.19
N MET I 25 -10.14 26.46 16.25
CA MET I 25 -10.32 26.98 17.58
C MET I 25 -9.18 27.91 17.99
N ILE I 26 -9.56 29.10 18.43
CA ILE I 26 -8.63 30.02 19.07
C ILE I 26 -8.25 29.43 20.41
N SER I 27 -6.96 29.16 20.62
CA SER I 27 -6.48 28.58 21.86
C SER I 27 -5.66 29.55 22.70
N GLY I 28 -5.23 30.67 22.14
CA GLY I 28 -4.61 31.72 22.93
C GLY I 28 -4.88 33.10 22.37
N ARG I 29 -5.04 34.09 23.27
CA ARG I 29 -5.21 35.48 22.88
C ARG I 29 -4.09 36.40 23.32
N ASP I 30 -3.15 35.94 24.16
CA ASP I 30 -2.10 36.80 24.71
C ASP I 30 -0.71 36.19 24.54
N VAL I 31 -0.54 35.30 23.57
CA VAL I 31 0.73 34.62 23.36
C VAL I 31 1.79 35.58 22.84
N ARG I 32 3.03 35.34 23.22
CA ARG I 32 4.14 36.21 22.84
C ARG I 32 5.08 35.45 21.90
N LYS I 33 5.31 36.01 20.72
CA LYS I 33 6.07 35.38 19.66
C LYS I 33 7.34 36.15 19.28
N VAL I 34 7.67 37.24 19.97
CA VAL I 34 8.78 38.10 19.60
C VAL I 34 9.61 38.33 20.85
N TYR I 35 10.86 37.89 20.84
CA TYR I 35 11.66 37.84 22.05
C TYR I 35 12.97 38.58 21.85
N ILE I 36 13.31 39.45 22.82
CA ILE I 36 14.64 40.02 22.86
C ILE I 36 15.62 38.89 23.17
N THR I 37 16.42 38.50 22.18
CA THR I 37 17.39 37.44 22.36
C THR I 37 18.73 37.93 22.90
N ASP I 38 19.09 39.20 22.69
CA ASP I 38 20.15 39.81 23.49
C ASP I 38 20.05 41.33 23.36
N ASP I 39 20.99 42.03 24.01
CA ASP I 39 20.96 43.49 24.04
C ASP I 39 20.76 44.11 22.67
N TYR I 40 21.18 43.44 21.60
CA TYR I 40 21.11 44.03 20.28
C TYR I 40 20.33 43.19 19.28
N THR I 41 19.53 42.23 19.74
CA THR I 41 18.87 41.38 18.77
C THR I 41 17.53 40.89 19.33
N ALA I 42 16.56 40.79 18.43
CA ALA I 42 15.25 40.22 18.70
C ALA I 42 14.96 39.12 17.69
N THR I 43 14.22 38.12 18.16
CA THR I 43 13.85 36.98 17.32
C THR I 43 12.35 36.81 17.38
N GLY I 44 11.72 36.71 16.21
CA GLY I 44 10.32 36.37 16.14
C GLY I 44 10.09 35.07 15.39
N ILE I 45 9.33 34.13 15.93
CA ILE I 45 9.27 32.78 15.37
C ILE I 45 7.82 32.35 15.17
N ALA I 46 7.53 31.80 14.01
CA ALA I 46 6.23 31.25 13.67
C ALA I 46 6.30 29.73 13.65
N GLY I 47 5.14 29.08 13.75
CA GLY I 47 5.09 27.64 13.73
C GLY I 47 4.45 27.05 14.99
N THR I 48 4.97 25.91 15.42
CA THR I 48 4.44 25.27 16.61
C THR I 48 4.84 26.06 17.84
N ALA I 49 3.84 26.42 18.65
CA ALA I 49 4.07 27.35 19.75
C ALA I 49 5.13 26.82 20.72
N ALA I 50 5.04 25.54 21.08
CA ALA I 50 6.03 24.96 21.96
C ALA I 50 7.44 25.07 21.37
N VAL I 51 7.59 24.72 20.09
CA VAL I 51 8.90 24.74 19.48
C VAL I 51 9.41 26.18 19.36
N ALA I 52 8.53 27.09 18.90
CA ALA I 52 8.92 28.48 18.74
C ALA I 52 9.50 29.03 20.04
N VAL I 53 8.72 28.95 21.11
CA VAL I 53 9.19 29.45 22.40
C VAL I 53 10.51 28.77 22.80
N GLU I 54 10.63 27.45 22.57
CA GLU I 54 11.86 26.77 22.96
C GLU I 54 13.04 27.34 22.22
N PHE I 55 12.91 27.50 20.89
CA PHE I 55 13.93 28.14 20.07
C PHE I 55 14.36 29.46 20.68
N ALA I 56 13.42 30.36 20.94
CA ALA I 56 13.78 31.67 21.49
C ALA I 56 14.62 31.51 22.77
N ARG I 57 14.12 30.71 23.72
CA ARG I 57 14.80 30.56 25.01
C ARG I 57 16.21 30.01 24.83
N LEU I 58 16.35 28.93 24.08
CA LEU I 58 17.65 28.29 23.90
C LEU I 58 18.61 29.21 23.16
N TYR I 59 18.15 29.81 22.06
CA TYR I 59 19.01 30.73 21.31
C TYR I 59 19.56 31.83 22.21
N ALA I 60 18.70 32.44 23.04
CA ALA I 60 19.20 33.48 23.94
C ALA I 60 20.24 32.92 24.92
N VAL I 61 19.99 31.73 25.47
CA VAL I 61 20.98 31.14 26.37
C VAL I 61 22.29 30.85 25.63
N GLU I 62 22.23 30.54 24.33
CA GLU I 62 23.45 30.21 23.60
C GLU I 62 24.28 31.45 23.33
N LEU I 63 23.63 32.53 22.91
CA LEU I 63 24.35 33.78 22.70
C LEU I 63 25.01 34.26 24.00
N GLU I 64 24.22 34.32 25.09
CA GLU I 64 24.81 34.73 26.36
C GLU I 64 25.92 33.78 26.80
N HIS I 65 25.73 32.48 26.58
CA HIS I 65 26.74 31.49 26.96
C HIS I 65 28.08 31.79 26.28
N TYR I 66 28.08 31.94 24.95
CA TYR I 66 29.31 32.30 24.26
C TYR I 66 29.91 33.57 24.86
N GLU I 67 29.07 34.58 25.11
CA GLU I 67 29.58 35.86 25.61
C GLU I 67 30.28 35.71 26.96
N LYS I 68 29.70 34.92 27.88
CA LYS I 68 30.33 34.77 29.18
C LYS I 68 31.57 33.88 29.11
N LEU I 69 31.59 32.94 28.17
CA LEU I 69 32.73 32.05 28.06
C LEU I 69 33.93 32.75 27.46
N GLU I 70 33.70 33.68 26.52
CA GLU I 70 34.76 34.22 25.69
C GLU I 70 35.04 35.69 25.94
N GLY I 71 34.27 36.35 26.80
CA GLY I 71 34.49 37.75 27.10
C GLY I 71 33.98 38.70 26.04
N VAL I 72 33.54 38.19 24.90
CA VAL I 72 33.06 39.02 23.79
C VAL I 72 31.85 38.36 23.18
N PRO I 73 30.87 39.16 22.75
CA PRO I 73 29.73 38.61 22.01
C PRO I 73 30.13 38.12 20.63
N LEU I 74 29.37 37.15 20.15
CA LEU I 74 29.51 36.70 18.78
C LEU I 74 29.30 37.87 17.82
N THR I 75 30.02 37.85 16.70
CA THR I 75 29.68 38.72 15.60
C THR I 75 28.25 38.45 15.16
N PHE I 76 27.68 39.42 14.45
CA PHE I 76 26.33 39.19 13.94
C PHE I 76 26.31 37.97 13.02
N ALA I 77 27.35 37.81 12.20
CA ALA I 77 27.44 36.63 11.34
C ALA I 77 27.34 35.35 12.14
N GLY I 78 28.05 35.27 13.26
CA GLY I 78 27.97 34.07 14.09
C GLY I 78 26.59 33.85 14.68
N LYS I 79 25.90 34.92 15.06
CA LYS I 79 24.54 34.77 15.55
C LYS I 79 23.64 34.19 14.47
N ILE I 80 23.71 34.77 13.28
CA ILE I 80 23.00 34.19 12.14
C ILE I 80 23.29 32.70 12.06
N ASN I 81 24.58 32.34 11.99
CA ASN I 81 24.94 30.95 11.76
C ASN I 81 24.35 30.03 12.85
N ARG I 82 24.48 30.42 14.11
CA ARG I 82 23.97 29.57 15.18
C ARG I 82 22.47 29.36 15.07
N LEU I 83 21.72 30.42 14.72
CA LEU I 83 20.28 30.25 14.50
C LEU I 83 20.00 29.30 13.33
N ALA I 84 20.71 29.50 12.21
CA ALA I 84 20.55 28.64 11.05
C ALA I 84 20.79 27.19 11.40
N ILE I 85 21.78 26.95 12.24
CA ILE I 85 22.12 25.60 12.62
C ILE I 85 21.02 25.00 13.48
N MET I 86 20.44 25.79 14.38
CA MET I 86 19.32 25.32 15.18
C MET I 86 18.11 24.93 14.31
N VAL I 87 17.78 25.77 13.32
CA VAL I 87 16.68 25.45 12.41
C VAL I 87 16.97 24.16 11.64
N ARG I 88 18.11 24.12 10.95
CA ARG I 88 18.45 22.91 10.20
C ARG I 88 18.41 21.68 11.08
N GLY I 89 18.88 21.79 12.31
CA GLY I 89 18.83 20.65 13.22
C GLY I 89 17.42 20.23 13.55
N ASN I 90 16.45 21.14 13.41
CA ASN I 90 15.09 20.75 13.66
C ASN I 90 14.35 20.30 12.40
N LEU I 91 14.98 20.34 11.23
CA LEU I 91 14.25 20.03 9.98
C LEU I 91 13.40 18.75 10.07
N ALA I 92 13.96 17.66 10.59
CA ALA I 92 13.24 16.39 10.62
C ALA I 92 11.92 16.51 11.38
N ALA I 93 12.02 16.93 12.65
CA ALA I 93 10.81 17.17 13.42
C ALA I 93 9.88 18.12 12.68
N ALA I 94 10.44 19.19 12.12
CA ALA I 94 9.61 20.16 11.41
C ALA I 94 8.78 19.47 10.34
N MET I 95 9.37 18.53 9.62
CA MET I 95 8.60 17.76 8.64
C MET I 95 7.56 16.89 9.32
N GLN I 96 7.78 16.48 10.57
CA GLN I 96 6.74 15.72 11.26
C GLN I 96 5.78 16.60 12.08
N GLY I 97 5.69 17.90 11.80
CA GLY I 97 4.72 18.78 12.44
C GLY I 97 5.27 19.72 13.51
N LEU I 98 6.55 19.64 13.86
CA LEU I 98 7.09 20.49 14.94
C LEU I 98 7.92 21.62 14.34
N LEU I 99 7.22 22.55 13.69
CA LEU I 99 7.86 23.58 12.89
C LEU I 99 8.22 24.81 13.72
N ALA I 100 9.39 25.37 13.43
CA ALA I 100 9.84 26.63 14.05
C ALA I 100 10.54 27.43 12.97
N LEU I 101 9.85 28.42 12.39
CA LEU I 101 10.44 29.27 11.36
C LEU I 101 10.75 30.63 11.96
N PRO I 102 12.02 30.95 12.17
CA PRO I 102 12.37 32.22 12.81
C PRO I 102 12.56 33.35 11.81
N LEU I 103 12.65 34.55 12.35
CA LEU I 103 12.96 35.77 11.63
C LEU I 103 13.77 36.61 12.61
N LEU I 104 14.88 37.14 12.13
CA LEU I 104 15.87 37.73 13.02
C LEU I 104 16.01 39.22 12.73
N ALA I 105 16.06 40.03 13.78
CA ALA I 105 16.27 41.46 13.64
C ALA I 105 17.34 41.89 14.64
N GLY I 106 18.31 42.69 14.18
CA GLY I 106 19.42 43.02 15.05
C GLY I 106 20.03 44.37 14.73
N TYR I 107 20.91 44.81 15.63
CA TYR I 107 21.71 46.01 15.43
C TYR I 107 23.18 45.60 15.50
N ASP I 108 23.87 45.65 14.37
CA ASP I 108 25.30 45.36 14.32
C ASP I 108 26.08 46.55 14.88
N ILE I 109 26.59 46.42 16.11
CA ILE I 109 27.45 47.46 16.67
C ILE I 109 28.78 47.59 15.95
N HIS I 110 29.15 46.59 15.16
CA HIS I 110 30.39 46.62 14.39
C HIS I 110 30.21 47.08 12.96
N ALA I 111 29.00 47.44 12.54
CA ALA I 111 28.79 47.94 11.19
C ALA I 111 29.40 49.34 11.07
N SER I 112 29.97 49.63 9.89
CA SER I 112 30.65 50.91 9.69
C SER I 112 29.66 52.07 9.81
N ASP I 113 28.53 51.96 9.12
CA ASP I 113 27.58 53.05 9.03
C ASP I 113 26.50 52.89 10.08
N PRO I 114 26.49 53.70 11.15
CA PRO I 114 25.37 53.62 12.12
C PRO I 114 24.00 53.70 11.47
N GLN I 115 23.90 54.36 10.32
CA GLN I 115 22.61 54.55 9.66
C GLN I 115 22.08 53.26 9.08
N SER I 116 22.95 52.29 8.79
CA SER I 116 22.55 51.02 8.20
C SER I 116 23.06 49.84 9.03
N ALA I 117 23.18 50.01 10.34
CA ALA I 117 23.56 48.91 11.22
C ALA I 117 22.38 47.99 11.55
N GLY I 118 21.16 48.42 11.27
CA GLY I 118 20.02 47.52 11.39
C GLY I 118 20.17 46.35 10.41
N ARG I 119 19.81 45.16 10.89
CA ARG I 119 19.89 43.91 10.15
C ARG I 119 18.54 43.20 10.21
N ILE I 120 18.09 42.70 9.07
CA ILE I 120 16.94 41.79 9.01
C ILE I 120 17.39 40.51 8.30
N VAL I 121 17.13 39.37 8.92
CA VAL I 121 17.63 38.09 8.42
C VAL I 121 16.46 37.12 8.34
N SER I 122 16.13 36.69 7.12
CA SER I 122 15.10 35.67 6.98
C SER I 122 15.73 34.29 6.84
N PHE I 123 14.93 33.28 7.22
CA PHE I 123 15.36 31.89 7.20
C PHE I 123 14.30 31.05 6.51
N ASP I 124 14.71 29.89 6.02
CA ASP I 124 13.78 28.85 5.59
C ASP I 124 13.87 27.64 6.53
N ALA I 125 13.06 26.63 6.26
CA ALA I 125 13.02 25.45 7.13
C ALA I 125 14.32 24.63 7.06
N ALA I 126 15.13 24.82 6.03
CA ALA I 126 16.35 24.03 5.90
C ALA I 126 17.55 24.69 6.57
N GLY I 127 17.38 25.89 7.12
CA GLY I 127 18.45 26.65 7.72
C GLY I 127 19.05 27.71 6.81
N GLY I 128 18.65 27.73 5.53
CA GLY I 128 19.08 28.81 4.66
C GLY I 128 18.66 30.16 5.21
N TRP I 129 19.48 31.18 4.94
CA TRP I 129 19.17 32.52 5.40
C TRP I 129 19.55 33.53 4.33
N ASN I 130 19.01 34.73 4.48
CA ASN I 130 19.35 35.83 3.59
C ASN I 130 19.17 37.13 4.36
N ILE I 131 20.18 38.00 4.26
CA ILE I 131 20.13 39.32 4.87
C ILE I 131 19.29 40.20 3.98
N GLU I 132 18.20 40.73 4.53
CA GLU I 132 17.21 41.43 3.72
C GLU I 132 17.69 42.84 3.41
N GLU I 133 17.85 43.12 2.11
CA GLU I 133 18.29 44.43 1.67
C GLU I 133 17.14 45.35 1.29
N GLU I 134 15.90 44.86 1.18
CA GLU I 134 14.80 45.72 0.76
C GLU I 134 14.03 46.32 1.92
N GLY I 135 14.46 46.08 3.16
CA GLY I 135 14.04 46.88 4.29
C GLY I 135 13.01 46.24 5.21
N TYR I 136 12.31 45.20 4.77
CA TYR I 136 11.29 44.59 5.60
C TYR I 136 11.20 43.11 5.25
N GLN I 137 10.51 42.39 6.11
CA GLN I 137 10.33 40.96 5.92
C GLN I 137 9.28 40.48 6.92
N ALA I 138 8.80 39.26 6.70
CA ALA I 138 7.69 38.74 7.49
C ALA I 138 7.66 37.21 7.40
N VAL I 139 7.20 36.61 8.50
CA VAL I 139 7.13 35.16 8.64
C VAL I 139 5.76 34.79 9.22
N GLY I 140 5.19 33.68 8.77
CA GLY I 140 3.96 33.14 9.34
C GLY I 140 2.82 33.10 8.33
N SER I 141 1.69 32.55 8.79
CA SER I 141 0.54 32.34 7.89
C SER I 141 0.02 33.62 7.26
N GLY I 142 0.38 34.79 7.78
CA GLY I 142 -0.06 36.05 7.22
C GLY I 142 1.02 36.80 6.49
N SER I 143 2.21 36.21 6.37
CA SER I 143 3.38 36.96 5.96
C SER I 143 3.26 37.50 4.54
N LEU I 144 2.53 36.83 3.64
CA LEU I 144 2.38 37.43 2.32
C LEU I 144 1.53 38.70 2.41
N PHE I 145 0.46 38.67 3.20
CA PHE I 145 -0.35 39.87 3.34
C PHE I 145 0.46 41.00 3.95
N ALA I 146 1.22 40.69 5.01
CA ALA I 146 2.02 41.72 5.68
C ALA I 146 3.12 42.24 4.76
N LYS I 147 3.72 41.37 3.96
CA LYS I 147 4.79 41.83 3.08
C LYS I 147 4.24 42.71 1.96
N SER I 148 3.01 42.44 1.50
CA SER I 148 2.43 43.27 0.45
C SER I 148 2.01 44.63 0.98
N SER I 149 1.39 44.62 2.17
CA SER I 149 1.12 45.89 2.85
C SER I 149 2.40 46.71 3.01
N MET I 150 3.46 46.11 3.56
CA MET I 150 4.70 46.86 3.75
C MET I 150 5.29 47.27 2.41
N LYS I 151 5.06 46.48 1.35
CA LYS I 151 5.51 46.89 0.02
C LYS I 151 4.90 48.23 -0.36
N LYS I 152 3.63 48.44 -0.01
CA LYS I 152 3.01 49.73 -0.31
C LYS I 152 3.32 50.82 0.72
N LEU I 153 3.69 50.47 1.96
CA LEU I 153 3.79 51.46 3.03
C LEU I 153 5.21 51.84 3.43
N TYR I 154 6.23 51.13 2.94
CA TYR I 154 7.58 51.27 3.49
C TYR I 154 8.19 52.64 3.19
N SER I 155 7.94 53.17 1.98
CA SER I 155 8.40 54.51 1.62
C SER I 155 8.06 55.57 2.67
N GLN I 156 7.16 55.29 3.60
CA GLN I 156 6.82 56.24 4.65
C GLN I 156 7.63 56.06 5.93
N VAL I 157 8.55 55.10 5.99
CA VAL I 157 9.34 54.90 7.19
C VAL I 157 10.56 55.81 7.10
N THR I 158 10.61 56.81 8.00
CA THR I 158 11.76 57.69 8.13
C THR I 158 12.32 57.76 9.55
N ASP I 159 11.63 57.18 10.53
CA ASP I 159 12.11 57.15 11.91
C ASP I 159 11.41 55.99 12.61
N GLY I 160 11.63 55.88 13.91
CA GLY I 160 11.12 54.73 14.64
C GLY I 160 9.61 54.77 14.80
N ASP I 161 9.04 55.96 14.99
CA ASP I 161 7.59 56.03 15.11
C ASP I 161 6.90 55.53 13.83
N SER I 162 7.35 56.02 12.68
CA SER I 162 6.75 55.59 11.42
C SER I 162 7.04 54.12 11.15
N GLY I 163 8.18 53.60 11.61
CA GLY I 163 8.45 52.17 11.46
C GLY I 163 7.50 51.32 12.29
N LEU I 164 7.34 51.69 13.57
CA LEU I 164 6.36 51.02 14.42
C LEU I 164 4.96 51.12 13.82
N ARG I 165 4.59 52.28 13.27
CA ARG I 165 3.26 52.41 12.69
C ARG I 165 3.10 51.50 11.49
N VAL I 166 4.05 51.54 10.55
CA VAL I 166 3.94 50.67 9.39
C VAL I 166 3.89 49.20 9.82
N ALA I 167 4.66 48.83 10.84
CA ALA I 167 4.71 47.43 11.24
C ALA I 167 3.37 47.00 11.85
N VAL I 168 2.82 47.80 12.75
CA VAL I 168 1.49 47.50 13.29
C VAL I 168 0.46 47.48 12.18
N GLU I 169 0.59 48.36 11.19
CA GLU I 169 -0.43 48.38 10.14
C GLU I 169 -0.31 47.16 9.25
N ALA I 170 0.91 46.61 9.11
CA ALA I 170 1.08 45.37 8.36
C ALA I 170 0.52 44.17 9.13
N LEU I 171 0.73 44.11 10.45
CA LEU I 171 0.03 43.10 11.24
C LEU I 171 -1.48 43.28 11.18
N TYR I 172 -1.95 44.52 11.03
CA TYR I 172 -3.38 44.74 10.94
C TYR I 172 -3.93 44.16 9.64
N ASP I 173 -3.32 44.55 8.51
CA ASP I 173 -3.67 43.93 7.24
C ASP I 173 -3.62 42.40 7.32
N ALA I 174 -2.54 41.89 7.92
CA ALA I 174 -2.39 40.45 8.05
C ALA I 174 -3.61 39.84 8.73
N ALA I 175 -4.01 40.38 9.88
CA ALA I 175 -5.15 39.81 10.57
C ALA I 175 -6.44 40.03 9.80
N ASP I 176 -6.48 41.08 8.98
CA ASP I 176 -7.65 41.31 8.14
C ASP I 176 -7.87 40.15 7.18
N ASP I 177 -6.78 39.55 6.68
CA ASP I 177 -6.93 38.53 5.67
C ASP I 177 -6.66 37.10 6.16
N ASP I 178 -6.19 36.92 7.39
CA ASP I 178 -5.76 35.61 7.89
C ASP I 178 -6.39 35.36 9.25
N SER I 179 -7.20 34.30 9.35
CA SER I 179 -7.88 34.02 10.61
C SER I 179 -6.93 33.49 11.67
N ALA I 180 -5.78 32.96 11.28
CA ALA I 180 -4.77 32.52 12.23
C ALA I 180 -3.86 33.65 12.71
N THR I 181 -4.09 34.89 12.27
CA THR I 181 -3.38 36.06 12.77
C THR I 181 -4.39 36.94 13.51
N GLY I 182 -4.05 37.32 14.74
CA GLY I 182 -5.00 38.06 15.54
C GLY I 182 -4.86 39.56 15.45
N GLY I 183 -5.95 40.27 15.13
CA GLY I 183 -5.93 41.70 15.14
C GLY I 183 -5.91 42.27 16.55
N PRO I 184 -5.86 43.59 16.65
CA PRO I 184 -5.94 44.23 17.97
C PRO I 184 -7.30 43.96 18.58
N ASP I 185 -7.32 43.64 19.87
CA ASP I 185 -8.56 43.35 20.59
C ASP I 185 -8.81 44.51 21.55
N LEU I 186 -9.74 45.40 21.18
CA LEU I 186 -9.99 46.61 21.98
C LEU I 186 -10.83 46.31 23.21
N VAL I 187 -11.66 45.28 23.16
CA VAL I 187 -12.46 44.91 24.32
C VAL I 187 -11.56 44.44 25.46
N ARG I 188 -10.59 43.57 25.14
CA ARG I 188 -9.71 43.05 26.17
C ARG I 188 -8.44 43.86 26.32
N GLY I 189 -8.14 44.71 25.35
CA GLY I 189 -6.93 45.49 25.40
C GLY I 189 -5.68 44.65 25.27
N ILE I 190 -5.65 43.76 24.28
CA ILE I 190 -4.47 42.98 23.92
C ILE I 190 -4.01 43.47 22.55
N PHE I 191 -2.71 43.68 22.40
CA PHE I 191 -2.16 44.24 21.18
C PHE I 191 -0.91 43.50 20.78
N PRO I 192 -0.48 43.62 19.53
CA PRO I 192 0.79 43.02 19.13
C PRO I 192 1.90 43.44 20.07
N THR I 193 2.95 42.60 20.15
CA THR I 193 4.14 42.99 20.87
C THR I 193 5.14 43.56 19.89
N ALA I 194 5.96 44.50 20.35
CA ALA I 194 6.97 45.09 19.48
C ALA I 194 8.28 45.24 20.24
N VAL I 195 9.37 45.04 19.51
CA VAL I 195 10.73 45.28 19.96
C VAL I 195 11.33 46.34 19.04
N ILE I 196 11.93 47.36 19.63
CA ILE I 196 12.67 48.37 18.88
C ILE I 196 14.13 48.24 19.29
N ILE I 197 15.02 48.22 18.30
CA ILE I 197 16.46 48.14 18.55
C ILE I 197 17.17 49.28 17.83
N ASP I 198 18.00 50.01 18.56
CA ASP I 198 18.86 51.02 17.95
C ASP I 198 20.20 50.97 18.65
N ALA I 199 21.01 52.02 18.51
CA ALA I 199 22.35 52.00 19.08
C ALA I 199 22.33 51.87 20.61
N ASP I 200 21.21 52.15 21.26
CA ASP I 200 21.07 51.98 22.72
C ASP I 200 20.60 50.59 23.11
N GLY I 201 20.34 49.72 22.15
CA GLY I 201 19.96 48.35 22.41
C GLY I 201 18.54 48.04 22.00
N ALA I 202 18.07 46.90 22.51
CA ALA I 202 16.74 46.37 22.24
C ALA I 202 15.83 46.65 23.43
N VAL I 203 14.67 47.23 23.14
CA VAL I 203 13.70 47.62 24.15
C VAL I 203 12.34 47.10 23.72
N ASP I 204 11.53 46.69 24.69
CA ASP I 204 10.14 46.35 24.44
C ASP I 204 9.35 47.64 24.25
N VAL I 205 8.53 47.67 23.21
CA VAL I 205 7.70 48.85 22.96
C VAL I 205 6.51 48.83 23.92
N PRO I 206 6.24 49.91 24.63
CA PRO I 206 5.11 49.91 25.57
C PRO I 206 3.77 49.63 24.90
N GLU I 207 2.92 48.89 25.61
CA GLU I 207 1.62 48.51 25.09
C GLU I 207 0.79 49.72 24.69
N SER I 208 0.88 50.80 25.46
CA SER I 208 0.04 51.97 25.18
C SER I 208 0.35 52.58 23.82
N ARG I 209 1.61 52.57 23.41
CA ARG I 209 1.95 53.11 22.11
C ARG I 209 1.34 52.28 20.99
N ILE I 210 1.41 50.95 21.12
CA ILE I 210 0.83 50.07 20.11
C ILE I 210 -0.68 50.22 20.09
N ALA I 211 -1.30 50.26 21.27
CA ALA I 211 -2.73 50.57 21.35
C ALA I 211 -3.05 51.85 20.59
N GLU I 212 -2.26 52.92 20.79
CA GLU I 212 -2.51 54.17 20.09
C GLU I 212 -2.47 53.97 18.58
N LEU I 213 -1.38 53.38 18.06
CA LEU I 213 -1.32 53.15 16.61
C LEU I 213 -2.53 52.36 16.15
N ALA I 214 -2.93 51.34 16.91
CA ALA I 214 -4.05 50.50 16.54
C ALA I 214 -5.33 51.31 16.41
N ARG I 215 -5.65 52.09 17.43
CA ARG I 215 -6.86 52.90 17.35
C ARG I 215 -6.76 53.92 16.21
N ALA I 216 -5.57 54.46 15.98
CA ALA I 216 -5.41 55.37 14.85
C ALA I 216 -5.78 54.69 13.55
N ILE I 217 -5.36 53.44 13.39
CA ILE I 217 -5.63 52.71 12.14
C ILE I 217 -7.11 52.35 12.04
N ILE I 218 -7.70 51.87 13.13
CA ILE I 218 -9.11 51.51 13.11
C ILE I 218 -9.96 52.73 12.79
N GLU I 219 -9.67 53.85 13.46
CA GLU I 219 -10.40 55.08 13.21
C GLU I 219 -10.19 55.56 11.78
N SER I 220 -8.98 55.36 11.25
CA SER I 220 -8.69 55.82 9.91
C SER I 220 -9.41 54.98 8.86
N ARG I 221 -9.62 53.69 9.12
CA ARG I 221 -10.23 52.83 8.10
C ARG I 221 -11.76 52.86 8.12
N SER I 222 -12.38 53.45 9.14
CA SER I 222 -13.83 53.57 9.17
C SER I 222 -14.35 54.80 8.39
N THR J 1 -13.00 13.19 29.99
CA THR J 1 -12.52 13.89 31.20
C THR J 1 -12.80 15.38 31.16
N THR J 2 -12.99 15.98 32.34
CA THR J 2 -12.95 17.43 32.45
C THR J 2 -12.22 17.80 33.74
N ILE J 3 -11.18 18.63 33.59
CA ILE J 3 -10.45 19.23 34.70
C ILE J 3 -10.63 20.74 34.58
N VAL J 4 -11.07 21.39 35.65
CA VAL J 4 -11.24 22.83 35.63
C VAL J 4 -10.35 23.46 36.70
N ALA J 5 -9.98 24.72 36.46
CA ALA J 5 -9.21 25.51 37.42
C ALA J 5 -9.63 26.96 37.28
N LEU J 6 -9.77 27.66 38.41
CA LEU J 6 -10.06 29.08 38.33
C LEU J 6 -9.48 29.82 39.53
N LYS J 7 -9.38 31.14 39.39
CA LYS J 7 -8.82 32.03 40.39
C LYS J 7 -9.95 32.70 41.17
N TYR J 8 -9.82 32.70 42.49
CA TYR J 8 -10.69 33.56 43.28
C TYR J 8 -9.78 34.51 44.07
N PRO J 9 -10.31 35.56 44.66
CA PRO J 9 -9.44 36.54 45.34
C PRO J 9 -8.59 35.90 46.44
N GLY J 10 -7.29 35.72 46.18
CA GLY J 10 -6.37 35.17 47.15
C GLY J 10 -6.14 33.68 47.06
N GLY J 11 -6.61 33.02 46.01
CA GLY J 11 -6.35 31.61 45.89
C GLY J 11 -6.79 31.09 44.54
N VAL J 12 -6.62 29.78 44.38
CA VAL J 12 -7.00 29.09 43.16
C VAL J 12 -7.73 27.80 43.54
N VAL J 13 -8.56 27.31 42.64
CA VAL J 13 -9.30 26.06 42.84
C VAL J 13 -9.17 25.19 41.58
N MET J 14 -9.13 23.87 41.80
CA MET J 14 -9.13 22.90 40.71
C MET J 14 -10.02 21.73 41.07
N ALA J 15 -10.78 21.26 40.09
CA ALA J 15 -11.73 20.17 40.30
C ALA J 15 -11.73 19.29 39.06
N GLY J 16 -11.90 17.99 39.28
CA GLY J 16 -11.92 17.05 38.18
C GLY J 16 -12.98 15.99 38.40
N ASP J 17 -13.47 15.45 37.28
CA ASP J 17 -14.49 14.40 37.29
C ASP J 17 -13.84 13.08 37.68
N ARG J 18 -14.64 12.01 37.69
CA ARG J 18 -14.19 10.72 38.21
C ARG J 18 -14.36 9.57 37.22
N ARG J 19 -14.64 9.84 35.94
CA ARG J 19 -15.02 8.78 35.01
C ARG J 19 -13.83 8.27 34.20
N SER J 20 -13.82 6.96 33.99
CA SER J 20 -12.82 6.29 33.18
C SER J 20 -13.57 5.41 32.18
N THR J 21 -13.23 5.56 30.89
CA THR J 21 -13.92 4.83 29.83
C THR J 21 -12.94 4.06 28.96
N GLN J 22 -13.47 3.03 28.30
CA GLN J 22 -12.84 2.36 27.16
C GLN J 22 -13.89 2.36 26.05
N GLY J 23 -13.78 3.30 25.10
CA GLY J 23 -14.80 3.50 24.10
C GLY J 23 -16.11 3.96 24.72
N ASN J 24 -17.17 3.20 24.49
CA ASN J 24 -18.43 3.50 25.16
C ASN J 24 -18.50 2.90 26.56
N MET J 25 -17.63 1.96 26.90
CA MET J 25 -17.77 1.24 28.16
C MET J 25 -17.21 2.04 29.31
N ILE J 26 -18.01 2.22 30.35
CA ILE J 26 -17.57 2.87 31.58
C ILE J 26 -16.72 1.87 32.36
N SER J 27 -15.43 2.17 32.52
CA SER J 27 -14.49 1.25 33.16
C SER J 27 -14.06 1.70 34.54
N GLY J 28 -14.42 2.92 34.96
CA GLY J 28 -14.14 3.36 36.31
C GLY J 28 -15.03 4.51 36.69
N ARG J 29 -15.37 4.58 37.98
CA ARG J 29 -16.30 5.57 38.51
C ARG J 29 -15.68 6.48 39.55
N ASP J 30 -14.49 6.13 40.05
CA ASP J 30 -13.90 6.84 41.18
C ASP J 30 -12.43 7.20 40.94
N VAL J 31 -11.98 7.25 39.68
CA VAL J 31 -10.59 7.62 39.44
C VAL J 31 -10.35 9.06 39.90
N ARG J 32 -9.14 9.31 40.40
CA ARG J 32 -8.73 10.63 40.87
C ARG J 32 -7.82 11.24 39.81
N LYS J 33 -8.20 12.42 39.34
CA LYS J 33 -7.47 13.05 38.25
C LYS J 33 -6.79 14.34 38.65
N VAL J 34 -7.02 14.82 39.87
CA VAL J 34 -6.43 16.05 40.37
C VAL J 34 -5.62 15.69 41.61
N TYR J 35 -4.34 16.08 41.63
CA TYR J 35 -3.45 15.71 42.72
C TYR J 35 -2.74 16.93 43.28
N ILE J 36 -2.52 16.90 44.60
CA ILE J 36 -1.66 17.89 45.23
C ILE J 36 -0.23 17.47 44.97
N THR J 37 0.45 18.18 44.07
CA THR J 37 1.80 17.80 43.75
C THR J 37 2.83 18.52 44.62
N ASP J 38 2.44 19.58 45.30
CA ASP J 38 3.26 20.04 46.43
C ASP J 38 2.44 21.03 47.25
N ASP J 39 3.07 21.59 48.29
CA ASP J 39 2.32 22.35 49.28
C ASP J 39 1.62 23.55 48.71
N TYR J 40 1.92 23.95 47.47
CA TYR J 40 1.27 25.09 46.84
C TYR J 40 0.87 24.79 45.40
N THR J 41 0.83 23.51 45.00
CA THR J 41 0.64 23.15 43.60
C THR J 41 -0.22 21.91 43.45
N ALA J 42 -1.09 21.95 42.44
CA ALA J 42 -1.93 20.83 42.04
C ALA J 42 -1.90 20.67 40.52
N THR J 43 -1.84 19.42 40.08
CA THR J 43 -1.84 19.07 38.67
C THR J 43 -3.05 18.20 38.39
N GLY J 44 -3.77 18.50 37.32
CA GLY J 44 -4.86 17.65 36.84
C GLY J 44 -4.58 17.29 35.39
N ILE J 45 -4.79 16.02 35.04
CA ILE J 45 -4.33 15.53 33.76
C ILE J 45 -5.45 14.77 33.07
N ALA J 46 -5.60 15.03 31.78
CA ALA J 46 -6.48 14.28 30.90
C ALA J 46 -5.67 13.31 30.05
N GLY J 47 -6.35 12.26 29.59
CA GLY J 47 -5.78 11.35 28.63
C GLY J 47 -5.78 9.91 29.14
N THR J 48 -4.76 9.18 28.73
CA THR J 48 -4.63 7.79 29.12
C THR J 48 -4.41 7.66 30.62
N ALA J 49 -5.29 6.90 31.28
CA ALA J 49 -5.28 6.82 32.74
C ALA J 49 -3.88 6.55 33.30
N ALA J 50 -3.23 5.49 32.80
CA ALA J 50 -1.93 5.11 33.32
C ALA J 50 -0.91 6.24 33.17
N VAL J 51 -0.96 6.93 32.02
CA VAL J 51 0.00 8.00 31.79
C VAL J 51 -0.35 9.22 32.62
N ALA J 52 -1.64 9.55 32.74
CA ALA J 52 -2.03 10.66 33.60
C ALA J 52 -1.49 10.48 35.01
N VAL J 53 -1.79 9.32 35.61
CA VAL J 53 -1.38 9.08 37.00
C VAL J 53 0.14 9.02 37.11
N GLU J 54 0.79 8.31 36.17
CA GLU J 54 2.24 8.26 36.18
C GLU J 54 2.85 9.67 36.14
N PHE J 55 2.27 10.55 35.32
CA PHE J 55 2.75 11.93 35.25
C PHE J 55 2.62 12.65 36.59
N ALA J 56 1.43 12.58 37.21
CA ALA J 56 1.27 13.25 38.50
C ALA J 56 2.30 12.75 39.51
N ARG J 57 2.46 11.42 39.61
CA ARG J 57 3.37 10.85 40.61
C ARG J 57 4.81 11.27 40.36
N LEU J 58 5.26 11.15 39.11
CA LEU J 58 6.65 11.46 38.81
C LEU J 58 6.93 12.95 38.95
N TYR J 59 5.95 13.80 38.62
CA TYR J 59 6.12 15.24 38.74
C TYR J 59 6.23 15.67 40.20
N ALA J 60 5.34 15.16 41.06
CA ALA J 60 5.46 15.49 42.48
C ALA J 60 6.79 15.00 43.04
N VAL J 61 7.16 13.76 42.69
CA VAL J 61 8.43 13.24 43.18
C VAL J 61 9.58 14.14 42.74
N GLU J 62 9.52 14.61 41.48
CA GLU J 62 10.62 15.41 40.94
C GLU J 62 10.77 16.72 41.68
N LEU J 63 9.66 17.46 41.81
CA LEU J 63 9.69 18.72 42.56
C LEU J 63 10.28 18.51 43.95
N GLU J 64 9.72 17.58 44.72
CA GLU J 64 10.23 17.40 46.07
C GLU J 64 11.70 16.99 46.05
N HIS J 65 12.13 16.30 44.99
CA HIS J 65 13.53 15.91 44.85
C HIS J 65 14.43 17.14 44.76
N TYR J 66 14.08 18.07 43.88
CA TYR J 66 14.80 19.35 43.86
C TYR J 66 14.81 19.98 45.24
N GLU J 67 13.67 19.89 45.94
CA GLU J 67 13.58 20.61 47.21
C GLU J 67 14.55 20.03 48.23
N LYS J 68 14.63 18.70 48.31
CA LYS J 68 15.52 18.08 49.29
C LYS J 68 16.98 18.23 48.89
N LEU J 69 17.28 18.15 47.59
CA LEU J 69 18.67 18.30 47.17
C LEU J 69 19.17 19.71 47.45
N GLU J 70 18.44 20.72 46.97
CA GLU J 70 18.92 22.09 46.98
C GLU J 70 18.48 22.90 48.19
N GLY J 71 17.67 22.31 49.07
CA GLY J 71 17.25 23.02 50.25
C GLY J 71 16.20 24.09 50.02
N VAL J 72 15.73 24.26 48.79
CA VAL J 72 14.71 25.28 48.52
C VAL J 72 13.88 24.80 47.33
N PRO J 73 12.59 25.13 47.28
CA PRO J 73 11.75 24.64 46.18
C PRO J 73 11.96 25.45 44.91
N LEU J 74 11.63 24.81 43.78
CA LEU J 74 11.72 25.48 42.48
C LEU J 74 10.87 26.74 42.43
N THR J 75 11.35 27.76 41.71
CA THR J 75 10.48 28.86 41.35
C THR J 75 9.28 28.32 40.58
N PHE J 76 8.17 29.06 40.61
CA PHE J 76 6.99 28.62 39.85
C PHE J 76 7.35 28.42 38.39
N ALA J 77 8.17 29.30 37.84
CA ALA J 77 8.61 29.15 36.46
C ALA J 77 9.32 27.82 36.24
N GLY J 78 10.16 27.42 37.19
CA GLY J 78 10.86 26.16 37.04
C GLY J 78 9.94 24.95 37.07
N LYS J 79 8.93 24.98 37.95
CA LYS J 79 7.93 23.91 37.95
C LYS J 79 7.24 23.83 36.60
N ILE J 80 6.78 24.98 36.09
CA ILE J 80 6.15 24.99 34.76
C ILE J 80 7.09 24.35 33.74
N ASN J 81 8.37 24.74 33.77
CA ASN J 81 9.31 24.22 32.80
C ASN J 81 9.45 22.71 32.92
N ARG J 82 9.54 22.18 34.15
CA ARG J 82 9.70 20.74 34.34
C ARG J 82 8.49 19.98 33.81
N LEU J 83 7.27 20.49 34.07
CA LEU J 83 6.09 19.83 33.55
C LEU J 83 6.08 19.87 32.03
N ALA J 84 6.35 21.05 31.48
CA ALA J 84 6.40 21.22 30.03
C ALA J 84 7.40 20.25 29.38
N ILE J 85 8.54 20.04 30.02
CA ILE J 85 9.52 19.12 29.45
C ILE J 85 9.01 17.69 29.54
N MET J 86 8.42 17.32 30.68
CA MET J 86 7.87 15.98 30.81
C MET J 86 6.79 15.72 29.76
N VAL J 87 6.00 16.73 29.41
CA VAL J 87 4.98 16.53 28.40
C VAL J 87 5.64 16.39 27.03
N ARG J 88 6.64 17.22 26.76
CA ARG J 88 7.31 17.14 25.47
C ARG J 88 7.98 15.79 25.28
N GLY J 89 8.49 15.19 26.36
CA GLY J 89 9.12 13.89 26.27
C GLY J 89 8.17 12.77 25.88
N ASN J 90 6.88 12.96 26.13
CA ASN J 90 5.89 11.93 25.87
C ASN J 90 5.29 12.03 24.48
N LEU J 91 5.77 12.96 23.65
CA LEU J 91 5.07 13.27 22.42
C LEU J 91 4.95 12.05 21.51
N ALA J 92 6.06 11.39 21.22
CA ALA J 92 6.00 10.20 20.37
C ALA J 92 4.98 9.21 20.92
N ALA J 93 5.09 8.88 22.20
CA ALA J 93 4.14 7.95 22.80
C ALA J 93 2.72 8.48 22.71
N ALA J 94 2.54 9.79 22.93
CA ALA J 94 1.20 10.38 22.87
C ALA J 94 0.60 10.25 21.48
N MET J 95 1.41 10.44 20.44
CA MET J 95 0.95 10.22 19.07
C MET J 95 0.48 8.78 18.85
N GLN J 96 0.92 7.86 19.70
CA GLN J 96 0.50 6.47 19.60
C GLN J 96 -0.62 6.12 20.56
N GLY J 97 -1.13 7.07 21.32
CA GLY J 97 -2.30 6.84 22.16
C GLY J 97 -2.04 6.94 23.64
N LEU J 98 -0.80 7.13 24.06
CA LEU J 98 -0.51 7.27 25.47
C LEU J 98 -0.42 8.75 25.84
N LEU J 99 -1.59 9.40 25.77
CA LEU J 99 -1.70 10.85 25.88
C LEU J 99 -1.83 11.32 27.34
N ALA J 100 -1.11 12.39 27.67
CA ALA J 100 -1.19 13.02 28.99
C ALA J 100 -1.21 14.54 28.77
N LEU J 101 -2.32 15.19 29.13
CA LEU J 101 -2.50 16.63 28.95
C LEU J 101 -2.70 17.27 30.30
N PRO J 102 -1.73 18.02 30.82
CA PRO J 102 -1.85 18.56 32.17
C PRO J 102 -2.48 19.95 32.23
N LEU J 103 -2.92 20.29 33.44
CA LEU J 103 -3.39 21.62 33.79
C LEU J 103 -2.85 21.90 35.19
N LEU J 104 -2.11 23.01 35.33
CA LEU J 104 -1.42 23.33 36.57
C LEU J 104 -2.12 24.48 37.29
N ALA J 105 -2.31 24.32 38.61
CA ALA J 105 -2.86 25.39 39.44
C ALA J 105 -1.98 25.54 40.66
N GLY J 106 -1.53 26.76 40.93
CA GLY J 106 -0.67 26.98 42.08
C GLY J 106 -0.86 28.35 42.67
N TYR J 107 -0.21 28.55 43.81
CA TYR J 107 -0.12 29.86 44.45
C TYR J 107 1.35 30.19 44.61
N ASP J 108 1.79 31.29 44.00
CA ASP J 108 3.21 31.65 43.94
C ASP J 108 3.59 32.47 45.17
N ILE J 109 4.23 31.83 46.14
CA ILE J 109 4.62 32.51 47.37
C ILE J 109 5.66 33.59 47.15
N HIS J 110 6.26 33.66 45.97
CA HIS J 110 7.20 34.72 45.66
C HIS J 110 6.59 35.74 44.70
N ALA J 111 5.30 35.67 44.45
CA ALA J 111 4.64 36.70 43.68
C ALA J 111 4.59 38.00 44.49
N SER J 112 4.38 39.11 43.78
CA SER J 112 4.33 40.42 44.42
C SER J 112 3.10 40.58 45.32
N ASP J 113 1.91 40.41 44.74
CA ASP J 113 0.67 40.71 45.43
C ASP J 113 -0.08 39.42 45.77
N PRO J 114 -0.39 39.15 47.05
CA PRO J 114 -1.18 37.94 47.38
C PRO J 114 -2.51 37.86 46.65
N GLN J 115 -3.14 39.01 46.36
CA GLN J 115 -4.39 39.00 45.60
C GLN J 115 -4.18 38.44 44.20
N SER J 116 -2.98 38.58 43.63
CA SER J 116 -2.60 38.07 42.32
C SER J 116 -1.48 37.05 42.41
N ALA J 117 -1.46 36.27 43.48
CA ALA J 117 -0.52 35.17 43.62
C ALA J 117 -1.04 33.87 43.03
N GLY J 118 -2.30 33.82 42.61
CA GLY J 118 -2.82 32.63 41.98
C GLY J 118 -2.26 32.46 40.58
N ARG J 119 -2.06 31.20 40.21
CA ARG J 119 -1.52 30.81 38.90
C ARG J 119 -2.37 29.69 38.33
N ILE J 120 -2.74 29.83 37.06
CA ILE J 120 -3.32 28.78 36.25
C ILE J 120 -2.52 28.71 34.96
N VAL J 121 -1.97 27.52 34.66
CA VAL J 121 -1.12 27.34 33.50
C VAL J 121 -1.68 26.16 32.71
N SER J 122 -1.96 26.39 31.43
CA SER J 122 -2.43 25.33 30.53
C SER J 122 -1.29 24.86 29.62
N PHE J 123 -1.42 23.62 29.16
CA PHE J 123 -0.41 22.96 28.34
C PHE J 123 -1.04 22.34 27.10
N ASP J 124 -0.24 22.12 26.07
CA ASP J 124 -0.66 21.33 24.93
C ASP J 124 0.24 20.10 24.80
N ALA J 125 -0.11 19.21 23.86
CA ALA J 125 0.59 17.93 23.79
C ALA J 125 2.05 18.07 23.41
N ALA J 126 2.47 19.24 22.94
CA ALA J 126 3.86 19.49 22.58
C ALA J 126 4.68 20.04 23.75
N GLY J 127 4.07 20.26 24.90
CA GLY J 127 4.76 20.86 26.01
C GLY J 127 4.68 22.37 26.03
N GLY J 128 4.11 22.99 25.00
CA GLY J 128 3.86 24.41 25.07
C GLY J 128 2.96 24.73 26.24
N TRP J 129 3.12 25.94 26.79
CA TRP J 129 2.33 26.31 27.95
C TRP J 129 1.89 27.77 27.86
N ASN J 130 0.89 28.12 28.65
CA ASN J 130 0.41 29.49 28.70
C ASN J 130 -0.11 29.75 30.11
N ILE J 131 0.24 30.91 30.64
CA ILE J 131 -0.21 31.34 31.96
C ILE J 131 -1.53 32.07 31.78
N GLU J 132 -2.61 31.48 32.30
CA GLU J 132 -3.94 32.00 32.02
C GLU J 132 -4.17 33.34 32.72
N GLU J 133 -4.51 34.36 31.95
CA GLU J 133 -4.78 35.68 32.51
C GLU J 133 -6.26 36.00 32.59
N GLU J 134 -7.14 35.14 32.11
CA GLU J 134 -8.56 35.48 32.09
C GLU J 134 -9.36 34.80 33.20
N GLY J 135 -8.70 34.05 34.09
CA GLY J 135 -9.29 33.65 35.35
C GLY J 135 -9.59 32.18 35.48
N TYR J 136 -9.70 31.44 34.38
CA TYR J 136 -10.10 30.05 34.46
C TYR J 136 -9.59 29.30 33.24
N GLN J 137 -9.61 27.98 33.36
CA GLN J 137 -9.15 27.12 32.28
C GLN J 137 -9.67 25.72 32.55
N ALA J 138 -9.55 24.85 31.54
CA ALA J 138 -10.00 23.48 31.68
C ALA J 138 -9.39 22.64 30.57
N VAL J 139 -9.36 21.33 30.80
CA VAL J 139 -8.67 20.37 29.95
C VAL J 139 -9.47 19.07 29.90
N GLY J 140 -9.52 18.45 28.72
CA GLY J 140 -10.20 17.19 28.54
C GLY J 140 -11.33 17.26 27.53
N SER J 141 -11.93 16.11 27.28
CA SER J 141 -13.01 16.00 26.32
C SER J 141 -14.14 16.99 26.61
N GLY J 142 -14.41 17.28 27.89
CA GLY J 142 -15.44 18.24 28.23
C GLY J 142 -15.02 19.69 28.34
N SER J 143 -13.74 20.02 28.10
CA SER J 143 -13.23 21.33 28.50
C SER J 143 -13.93 22.49 27.80
N LEU J 144 -14.38 22.31 26.56
CA LEU J 144 -15.07 23.41 25.89
C LEU J 144 -16.36 23.76 26.59
N PHE J 145 -17.13 22.76 27.00
CA PHE J 145 -18.38 23.03 27.71
C PHE J 145 -18.11 23.69 29.06
N ALA J 146 -17.11 23.20 29.78
CA ALA J 146 -16.76 23.79 31.06
C ALA J 146 -16.31 25.24 30.89
N LYS J 147 -15.58 25.54 29.81
CA LYS J 147 -15.06 26.90 29.66
C LYS J 147 -16.15 27.85 29.18
N SER J 148 -17.04 27.40 28.31
CA SER J 148 -18.16 28.24 27.94
C SER J 148 -19.11 28.44 29.11
N SER J 149 -19.20 27.47 30.03
CA SER J 149 -20.00 27.68 31.23
C SER J 149 -19.32 28.67 32.17
N MET J 150 -18.01 28.54 32.33
CA MET J 150 -17.33 29.46 33.23
C MET J 150 -17.34 30.87 32.68
N LYS J 151 -17.16 31.03 31.36
CA LYS J 151 -17.24 32.34 30.75
C LYS J 151 -18.46 33.11 31.24
N LYS J 152 -19.57 32.42 31.45
CA LYS J 152 -20.77 33.09 31.91
C LYS J 152 -20.87 33.13 33.43
N LEU J 153 -20.20 32.22 34.14
CA LEU J 153 -20.34 32.14 35.58
C LEU J 153 -19.26 32.87 36.37
N TYR J 154 -18.16 33.29 35.71
CA TYR J 154 -17.00 33.72 36.47
C TYR J 154 -17.30 34.95 37.33
N SER J 155 -18.18 35.84 36.86
CA SER J 155 -18.50 37.05 37.61
C SER J 155 -19.11 36.76 38.98
N GLN J 156 -19.51 35.53 39.25
CA GLN J 156 -20.05 35.20 40.56
C GLN J 156 -18.96 34.86 41.56
N VAL J 157 -17.72 34.68 41.09
CA VAL J 157 -16.64 34.30 41.99
C VAL J 157 -16.25 35.54 42.79
N THR J 158 -16.51 35.51 44.09
CA THR J 158 -16.13 36.55 45.01
C THR J 158 -15.38 36.02 46.22
N ASP J 159 -15.27 34.71 46.38
CA ASP J 159 -14.50 34.15 47.48
C ASP J 159 -14.24 32.68 47.16
N GLY J 160 -13.56 31.99 48.08
CA GLY J 160 -13.30 30.57 47.89
C GLY J 160 -14.55 29.77 47.60
N ASP J 161 -15.61 29.99 48.39
CA ASP J 161 -16.77 29.09 48.26
C ASP J 161 -17.51 29.31 46.94
N SER J 162 -17.68 30.56 46.51
CA SER J 162 -18.34 30.78 45.23
C SER J 162 -17.48 30.28 44.06
N GLY J 163 -16.15 30.36 44.17
CA GLY J 163 -15.30 29.82 43.12
C GLY J 163 -15.36 28.30 43.05
N LEU J 164 -15.37 27.65 44.21
CA LEU J 164 -15.57 26.22 44.22
C LEU J 164 -16.92 25.85 43.60
N ARG J 165 -17.98 26.58 43.95
CA ARG J 165 -19.29 26.26 43.40
C ARG J 165 -19.30 26.43 41.88
N VAL J 166 -18.69 27.50 41.37
CA VAL J 166 -18.61 27.68 39.93
C VAL J 166 -17.84 26.55 39.28
N ALA J 167 -16.80 26.03 39.96
CA ALA J 167 -16.04 24.92 39.39
C ALA J 167 -16.90 23.67 39.30
N VAL J 168 -17.58 23.32 40.40
CA VAL J 168 -18.42 22.13 40.39
C VAL J 168 -19.51 22.28 39.34
N GLU J 169 -20.03 23.50 39.15
CA GLU J 169 -21.11 23.69 38.19
C GLU J 169 -20.59 23.56 36.77
N ALA J 170 -19.41 24.11 36.49
CA ALA J 170 -18.75 23.89 35.21
C ALA J 170 -18.60 22.41 34.91
N LEU J 171 -18.09 21.64 35.88
CA LEU J 171 -17.98 20.20 35.68
C LEU J 171 -19.34 19.58 35.44
N TYR J 172 -20.39 20.10 36.08
CA TYR J 172 -21.73 19.58 35.85
C TYR J 172 -22.17 19.80 34.41
N ASP J 173 -21.89 20.98 33.85
CA ASP J 173 -22.24 21.21 32.46
C ASP J 173 -21.44 20.31 31.53
N ALA J 174 -20.14 20.14 31.85
CA ALA J 174 -19.30 19.24 31.09
C ALA J 174 -19.93 17.85 31.02
N ALA J 175 -20.33 17.33 32.17
CA ALA J 175 -20.92 15.99 32.22
C ALA J 175 -22.25 15.96 31.49
N ASP J 176 -23.03 17.05 31.57
CA ASP J 176 -24.30 17.13 30.85
C ASP J 176 -24.11 16.97 29.35
N ASP J 177 -22.99 17.47 28.81
CA ASP J 177 -22.81 17.43 27.37
C ASP J 177 -21.80 16.41 26.88
N ASP J 178 -20.92 15.90 27.73
CA ASP J 178 -19.84 15.02 27.30
C ASP J 178 -19.93 13.71 28.07
N SER J 179 -20.12 12.62 27.34
CA SER J 179 -20.36 11.33 27.99
C SER J 179 -19.09 10.77 28.63
N ALA J 180 -17.91 11.16 28.17
CA ALA J 180 -16.63 10.76 28.76
C ALA J 180 -16.33 11.51 30.06
N THR J 181 -17.22 12.41 30.50
CA THR J 181 -17.07 13.17 31.73
C THR J 181 -18.22 12.81 32.66
N GLY J 182 -17.91 12.32 33.86
CA GLY J 182 -18.92 11.85 34.77
C GLY J 182 -19.47 12.98 35.62
N GLY J 183 -20.80 13.09 35.67
CA GLY J 183 -21.44 13.99 36.60
C GLY J 183 -21.49 13.40 38.00
N PRO J 184 -22.10 14.16 38.91
CA PRO J 184 -22.34 13.61 40.26
C PRO J 184 -23.14 12.31 40.20
N ASP J 185 -22.76 11.35 41.03
CA ASP J 185 -23.44 10.06 41.15
C ASP J 185 -24.08 10.06 42.54
N LEU J 186 -25.35 10.45 42.58
CA LEU J 186 -26.04 10.54 43.86
C LEU J 186 -26.34 9.16 44.42
N VAL J 187 -26.43 8.14 43.56
CA VAL J 187 -26.74 6.81 44.05
C VAL J 187 -25.56 6.24 44.83
N ARG J 188 -24.37 6.27 44.24
CA ARG J 188 -23.20 5.72 44.90
C ARG J 188 -22.52 6.70 45.84
N GLY J 189 -22.76 8.00 45.71
CA GLY J 189 -22.09 8.97 46.54
C GLY J 189 -20.70 9.36 46.09
N ILE J 190 -20.44 9.37 44.78
CA ILE J 190 -19.14 9.74 44.22
C ILE J 190 -19.28 11.09 43.55
N PHE J 191 -18.35 11.99 43.83
CA PHE J 191 -18.42 13.37 43.34
C PHE J 191 -17.07 13.80 42.80
N PRO J 192 -17.04 14.86 42.00
CA PRO J 192 -15.75 15.38 41.53
C PRO J 192 -14.82 15.63 42.71
N THR J 193 -13.52 15.55 42.48
CA THR J 193 -12.58 15.93 43.52
C THR J 193 -12.11 17.37 43.29
N ALA J 194 -11.66 17.99 44.36
CA ALA J 194 -11.28 19.39 44.29
C ALA J 194 -10.15 19.67 45.26
N VAL J 195 -9.23 20.50 44.81
CA VAL J 195 -8.15 21.05 45.62
C VAL J 195 -8.30 22.57 45.61
N ILE J 196 -8.12 23.18 46.77
CA ILE J 196 -8.12 24.62 46.87
C ILE J 196 -6.79 25.03 47.48
N ILE J 197 -6.19 26.08 46.93
CA ILE J 197 -4.86 26.54 47.31
C ILE J 197 -4.96 28.02 47.66
N ASP J 198 -4.37 28.40 48.80
CA ASP J 198 -4.19 29.83 49.06
C ASP J 198 -2.88 30.06 49.82
N ALA J 199 -2.82 31.15 50.60
CA ALA J 199 -1.56 31.49 51.24
C ALA J 199 -1.13 30.45 52.28
N ASP J 200 -2.06 29.62 52.75
CA ASP J 200 -1.70 28.57 53.68
C ASP J 200 -1.43 27.23 53.00
N GLY J 201 -1.48 27.18 51.67
CA GLY J 201 -1.15 25.97 50.94
C GLY J 201 -2.36 25.33 50.27
N ALA J 202 -2.12 24.12 49.75
CA ALA J 202 -3.10 23.35 49.00
C ALA J 202 -3.72 22.29 49.90
N VAL J 203 -5.05 22.18 49.86
CA VAL J 203 -5.73 21.14 50.60
C VAL J 203 -6.77 20.48 49.70
N ASP J 204 -7.10 19.24 50.03
CA ASP J 204 -8.23 18.56 49.41
C ASP J 204 -9.53 19.10 49.98
N VAL J 205 -10.42 19.56 49.10
CA VAL J 205 -11.77 19.94 49.54
C VAL J 205 -12.53 18.68 49.96
N PRO J 206 -13.17 18.66 51.12
CA PRO J 206 -13.81 17.43 51.59
C PRO J 206 -15.02 17.05 50.73
N GLU J 207 -15.18 15.74 50.53
CA GLU J 207 -16.23 15.24 49.64
C GLU J 207 -17.61 15.80 50.01
N SER J 208 -17.91 15.89 51.31
CA SER J 208 -19.22 16.42 51.70
C SER J 208 -19.48 17.78 51.08
N ARG J 209 -18.50 18.68 51.13
CA ARG J 209 -18.71 20.04 50.64
C ARG J 209 -19.11 20.03 49.17
N ILE J 210 -18.41 19.22 48.37
CA ILE J 210 -18.73 19.13 46.94
C ILE J 210 -20.12 18.51 46.77
N ALA J 211 -20.46 17.51 47.58
CA ALA J 211 -21.80 16.93 47.52
C ALA J 211 -22.88 17.99 47.69
N GLU J 212 -22.74 18.82 48.71
CA GLU J 212 -23.73 19.88 48.92
C GLU J 212 -23.79 20.81 47.71
N LEU J 213 -22.63 21.20 47.16
CA LEU J 213 -22.65 22.10 46.01
C LEU J 213 -23.34 21.45 44.81
N ALA J 214 -23.09 20.16 44.59
CA ALA J 214 -23.73 19.47 43.48
C ALA J 214 -25.24 19.35 43.70
N ARG J 215 -25.66 18.93 44.89
CA ARG J 215 -27.09 18.83 45.17
C ARG J 215 -27.77 20.17 44.99
N ALA J 216 -27.10 21.25 45.39
CA ALA J 216 -27.68 22.56 45.16
C ALA J 216 -27.83 22.83 43.67
N ILE J 217 -26.81 22.49 42.88
CA ILE J 217 -26.87 22.78 41.44
C ILE J 217 -27.99 21.98 40.77
N ILE J 218 -28.07 20.69 41.10
CA ILE J 218 -29.12 19.82 40.59
C ILE J 218 -30.48 20.42 40.92
N GLU J 219 -30.72 20.66 42.21
CA GLU J 219 -32.02 21.19 42.62
C GLU J 219 -32.35 22.46 41.84
N SER J 220 -31.36 23.34 41.69
CA SER J 220 -31.58 24.59 40.99
C SER J 220 -31.98 24.36 39.54
N ARG J 221 -31.40 23.35 38.89
CA ARG J 221 -31.75 23.08 37.49
C ARG J 221 -33.02 22.25 37.32
N SER J 222 -33.60 21.74 38.41
CA SER J 222 -34.85 20.99 38.33
C SER J 222 -36.08 21.90 38.34
N THR K 1 -11.18 -16.74 28.27
CA THR K 1 -10.89 -16.76 29.70
C THR K 1 -11.84 -15.90 30.53
N THR K 2 -12.11 -16.32 31.76
CA THR K 2 -12.70 -15.44 32.77
C THR K 2 -12.03 -15.71 34.11
N ILE K 3 -11.46 -14.66 34.70
CA ILE K 3 -10.99 -14.64 36.09
C ILE K 3 -11.90 -13.68 36.86
N VAL K 4 -12.33 -14.10 38.07
CA VAL K 4 -13.11 -13.23 38.94
C VAL K 4 -12.42 -13.11 40.29
N ALA K 5 -12.66 -11.99 40.95
CA ALA K 5 -12.16 -11.72 42.30
C ALA K 5 -13.19 -10.88 43.02
N LEU K 6 -13.33 -11.10 44.33
CA LEU K 6 -14.29 -10.32 45.11
C LEU K 6 -13.90 -10.32 46.58
N LYS K 7 -14.27 -9.22 47.24
CA LYS K 7 -14.05 -9.02 48.66
C LYS K 7 -15.20 -9.63 49.45
N TYR K 8 -14.86 -10.31 50.53
CA TYR K 8 -15.84 -10.70 51.52
C TYR K 8 -15.36 -10.24 52.88
N PRO K 9 -16.25 -10.15 53.86
CA PRO K 9 -15.83 -9.67 55.18
C PRO K 9 -14.69 -10.51 55.73
N GLY K 10 -13.51 -9.91 55.86
CA GLY K 10 -12.33 -10.57 56.39
C GLY K 10 -11.40 -11.20 55.36
N GLY K 11 -11.76 -11.18 54.09
CA GLY K 11 -10.90 -11.81 53.11
C GLY K 11 -11.26 -11.48 51.68
N VAL K 12 -10.63 -12.21 50.77
CA VAL K 12 -10.78 -12.00 49.34
C VAL K 12 -10.70 -13.37 48.67
N VAL K 13 -11.41 -13.53 47.55
CA VAL K 13 -11.42 -14.78 46.80
C VAL K 13 -11.23 -14.50 45.33
N MET K 14 -10.48 -15.37 44.65
CA MET K 14 -10.24 -15.26 43.22
C MET K 14 -10.38 -16.64 42.61
N ALA K 15 -11.19 -16.75 41.55
CA ALA K 15 -11.38 -18.03 40.86
C ALA K 15 -11.23 -17.83 39.35
N GLY K 16 -10.75 -18.88 38.68
CA GLY K 16 -10.49 -18.80 37.26
C GLY K 16 -10.90 -20.08 36.57
N ASP K 17 -11.26 -19.93 35.30
CA ASP K 17 -11.67 -21.06 34.48
C ASP K 17 -10.43 -21.83 34.03
N ARG K 18 -10.65 -22.85 33.18
CA ARG K 18 -9.62 -23.84 32.86
C ARG K 18 -9.41 -24.03 31.37
N ARG K 19 -10.06 -23.24 30.53
CA ARG K 19 -10.07 -23.49 29.10
C ARG K 19 -8.96 -22.76 28.36
N SER K 20 -8.48 -23.41 27.30
CA SER K 20 -7.46 -22.89 26.40
C SER K 20 -7.98 -23.06 24.97
N THR K 21 -7.85 -22.03 24.14
CA THR K 21 -8.33 -22.11 22.76
C THR K 21 -7.27 -21.63 21.77
N GLN K 22 -7.43 -22.08 20.53
CA GLN K 22 -6.72 -21.53 19.37
C GLN K 22 -7.80 -21.34 18.32
N GLY K 23 -8.35 -20.13 18.27
CA GLY K 23 -9.54 -19.91 17.47
C GLY K 23 -10.71 -20.62 18.14
N ASN K 24 -11.50 -21.31 17.31
CA ASN K 24 -12.60 -22.12 17.82
C ASN K 24 -12.14 -23.44 18.44
N MET K 25 -10.89 -23.86 18.20
CA MET K 25 -10.43 -25.15 18.70
C MET K 25 -10.08 -25.06 20.18
N ILE K 26 -10.60 -26.01 20.94
CA ILE K 26 -10.27 -26.17 22.34
C ILE K 26 -8.90 -26.86 22.42
N SER K 27 -7.92 -26.16 22.97
CA SER K 27 -6.56 -26.69 23.02
C SER K 27 -6.14 -27.15 24.40
N GLY K 28 -6.78 -26.67 25.45
CA GLY K 28 -6.50 -27.16 26.79
C GLY K 28 -7.75 -27.19 27.63
N ARG K 29 -7.80 -28.16 28.55
CA ARG K 29 -8.93 -28.35 29.46
C ARG K 29 -8.60 -28.07 30.91
N ASP K 30 -7.32 -28.00 31.27
CA ASP K 30 -6.93 -27.95 32.68
C ASP K 30 -5.92 -26.84 32.96
N VAL K 31 -5.78 -25.87 32.06
CA VAL K 31 -4.84 -24.79 32.32
C VAL K 31 -5.22 -24.08 33.63
N ARG K 32 -4.22 -23.50 34.27
CA ARG K 32 -4.39 -22.78 35.53
C ARG K 32 -4.05 -21.31 35.33
N LYS K 33 -4.96 -20.45 35.78
CA LYS K 33 -4.89 -19.03 35.49
C LYS K 33 -4.78 -18.18 36.74
N VAL K 34 -4.89 -18.78 37.92
CA VAL K 34 -4.81 -18.10 39.20
C VAL K 34 -3.67 -18.72 39.98
N TYR K 35 -2.73 -17.89 40.41
CA TYR K 35 -1.57 -18.35 41.16
C TYR K 35 -1.44 -17.59 42.48
N ILE K 36 -1.08 -18.31 43.53
CA ILE K 36 -0.70 -17.68 44.78
C ILE K 36 0.69 -17.07 44.55
N THR K 37 0.75 -15.76 44.46
CA THR K 37 2.01 -15.08 44.20
C THR K 37 2.77 -14.76 45.47
N ASP K 38 2.09 -14.66 46.62
CA ASP K 38 2.81 -14.61 47.89
C ASP K 38 1.79 -14.86 49.00
N ASP K 39 2.28 -14.92 50.23
CA ASP K 39 1.46 -15.43 51.32
C ASP K 39 0.12 -14.71 51.45
N TYR K 40 -0.02 -13.53 50.85
CA TYR K 40 -1.25 -12.75 50.98
C TYR K 40 -1.73 -12.18 49.65
N THR K 41 -1.27 -12.73 48.52
CA THR K 41 -1.74 -12.23 47.24
C THR K 41 -1.82 -13.37 46.23
N ALA K 42 -2.87 -13.31 45.41
CA ALA K 42 -3.07 -14.14 44.24
C ALA K 42 -3.24 -13.24 43.01
N THR K 43 -2.75 -13.72 41.87
CA THR K 43 -2.80 -13.00 40.60
C THR K 43 -3.42 -13.90 39.56
N GLY K 44 -4.39 -13.38 38.81
CA GLY K 44 -5.03 -14.14 37.76
C GLY K 44 -4.88 -13.38 36.47
N ILE K 45 -4.51 -14.03 35.38
CA ILE K 45 -4.10 -13.30 34.19
C ILE K 45 -4.79 -13.88 32.97
N ALA K 46 -5.37 -13.01 32.15
CA ALA K 46 -5.98 -13.39 30.90
C ALA K 46 -5.06 -13.03 29.74
N GLY K 47 -5.21 -13.74 28.63
CA GLY K 47 -4.42 -13.43 27.46
C GLY K 47 -3.67 -14.62 26.90
N THR K 48 -2.55 -14.37 26.23
CA THR K 48 -1.76 -15.47 25.69
C THR K 48 -1.25 -16.33 26.83
N ALA K 49 -1.51 -17.65 26.73
CA ALA K 49 -1.21 -18.55 27.83
C ALA K 49 0.24 -18.41 28.29
N ALA K 50 1.17 -18.50 27.33
CA ALA K 50 2.59 -18.45 27.68
C ALA K 50 2.92 -17.17 28.42
N VAL K 51 2.39 -16.04 27.94
CA VAL K 51 2.71 -14.77 28.55
C VAL K 51 2.05 -14.65 29.93
N ALA K 52 0.83 -15.15 30.06
CA ALA K 52 0.17 -15.10 31.36
C ALA K 52 0.97 -15.87 32.40
N VAL K 53 1.26 -17.15 32.13
CA VAL K 53 1.99 -17.94 33.10
C VAL K 53 3.33 -17.28 33.43
N GLU K 54 4.08 -16.89 32.38
CA GLU K 54 5.37 -16.22 32.60
C GLU K 54 5.23 -15.00 33.51
N PHE K 55 4.20 -14.19 33.29
CA PHE K 55 3.94 -13.05 34.17
C PHE K 55 3.78 -13.51 35.62
N ALA K 56 2.92 -14.50 35.86
CA ALA K 56 2.69 -14.92 37.24
C ALA K 56 3.98 -15.38 37.91
N ARG K 57 4.74 -16.23 37.20
CA ARG K 57 5.96 -16.80 37.78
C ARG K 57 6.98 -15.72 38.07
N LEU K 58 7.13 -14.76 37.16
CA LEU K 58 8.13 -13.70 37.32
C LEU K 58 7.73 -12.73 38.42
N TYR K 59 6.45 -12.34 38.46
CA TYR K 59 5.93 -11.48 39.53
C TYR K 59 6.14 -12.10 40.90
N ALA K 60 5.72 -13.36 41.05
CA ALA K 60 5.93 -14.03 42.33
C ALA K 60 7.40 -14.04 42.70
N VAL K 61 8.28 -14.34 41.72
CA VAL K 61 9.71 -14.33 42.02
C VAL K 61 10.15 -12.97 42.51
N GLU K 62 9.68 -11.90 41.86
CA GLU K 62 10.18 -10.56 42.17
C GLU K 62 9.74 -10.12 43.56
N LEU K 63 8.51 -10.48 43.94
CA LEU K 63 8.05 -10.17 45.28
C LEU K 63 8.88 -10.90 46.33
N GLU K 64 9.05 -12.21 46.17
CA GLU K 64 9.85 -12.92 47.17
C GLU K 64 11.29 -12.44 47.18
N HIS K 65 11.83 -12.09 45.99
CA HIS K 65 13.17 -11.53 45.90
C HIS K 65 13.29 -10.29 46.77
N TYR K 66 12.42 -9.30 46.55
CA TYR K 66 12.46 -8.11 47.39
C TYR K 66 12.39 -8.50 48.86
N GLU K 67 11.54 -9.47 49.19
CA GLU K 67 11.35 -9.83 50.59
C GLU K 67 12.64 -10.35 51.21
N LYS K 68 13.32 -11.27 50.53
CA LYS K 68 14.54 -11.82 51.09
C LYS K 68 15.69 -10.81 51.09
N LEU K 69 15.67 -9.85 50.17
CA LEU K 69 16.74 -8.85 50.16
C LEU K 69 16.57 -7.84 51.30
N GLU K 70 15.34 -7.41 51.58
CA GLU K 70 15.12 -6.32 52.52
C GLU K 70 14.62 -6.76 53.88
N GLY K 71 14.38 -8.03 54.10
CA GLY K 71 13.92 -8.46 55.40
C GLY K 71 12.47 -8.16 55.68
N VAL K 72 11.74 -7.61 54.72
CA VAL K 72 10.32 -7.35 54.90
C VAL K 72 9.66 -7.44 53.52
N PRO K 73 8.39 -7.79 53.44
CA PRO K 73 7.70 -7.73 52.14
C PRO K 73 7.39 -6.29 51.72
N LEU K 74 7.14 -6.13 50.42
CA LEU K 74 6.67 -4.87 49.88
C LEU K 74 5.31 -4.51 50.46
N THR K 75 5.06 -3.20 50.59
CA THR K 75 3.71 -2.73 50.86
C THR K 75 2.77 -3.21 49.75
N PHE K 76 1.47 -3.24 50.06
CA PHE K 76 0.54 -3.66 49.01
C PHE K 76 0.61 -2.70 47.83
N ALA K 77 0.76 -1.40 48.11
CA ALA K 77 0.91 -0.43 47.03
C ALA K 77 2.10 -0.75 46.15
N GLY K 78 3.23 -1.12 46.77
CA GLY K 78 4.41 -1.46 45.99
C GLY K 78 4.16 -2.64 45.08
N LYS K 79 3.49 -3.67 45.60
CA LYS K 79 3.17 -4.84 44.79
C LYS K 79 2.29 -4.45 43.60
N ILE K 80 1.27 -3.62 43.84
CA ILE K 80 0.50 -3.08 42.73
C ILE K 80 1.45 -2.48 41.69
N ASN K 81 2.33 -1.57 42.14
CA ASN K 81 3.18 -0.82 41.22
C ASN K 81 4.07 -1.75 40.40
N ARG K 82 4.64 -2.79 41.02
CA ARG K 82 5.52 -3.70 40.29
C ARG K 82 4.75 -4.48 39.22
N LEU K 83 3.51 -4.88 39.54
CA LEU K 83 2.66 -5.49 38.52
C LEU K 83 2.33 -4.50 37.39
N ALA K 84 1.94 -3.27 37.74
CA ALA K 84 1.65 -2.26 36.73
C ALA K 84 2.84 -2.03 35.80
N ILE K 85 4.04 -1.97 36.38
CA ILE K 85 5.26 -1.78 35.58
C ILE K 85 5.46 -2.97 34.64
N MET K 86 5.29 -4.18 35.14
CA MET K 86 5.38 -5.35 34.27
C MET K 86 4.43 -5.23 33.08
N VAL K 87 3.18 -4.88 33.34
CA VAL K 87 2.19 -4.79 32.27
C VAL K 87 2.60 -3.73 31.24
N ARG K 88 2.84 -2.50 31.73
CA ARG K 88 3.26 -1.44 30.83
C ARG K 88 4.44 -1.89 29.98
N GLY K 89 5.43 -2.52 30.63
CA GLY K 89 6.60 -2.97 29.89
C GLY K 89 6.28 -3.99 28.83
N ASN K 90 5.19 -4.76 28.99
CA ASN K 90 4.78 -5.70 27.97
C ASN K 90 3.89 -5.08 26.90
N LEU K 91 3.51 -3.81 27.05
CA LEU K 91 2.52 -3.25 26.13
C LEU K 91 2.84 -3.51 24.64
N ALA K 92 4.10 -3.34 24.22
CA ALA K 92 4.35 -3.44 22.77
C ALA K 92 4.15 -4.87 22.25
N ALA K 93 4.68 -5.87 22.97
CA ALA K 93 4.37 -7.26 22.64
C ALA K 93 2.86 -7.52 22.66
N ALA K 94 2.18 -7.06 23.71
CA ALA K 94 0.73 -7.13 23.71
C ALA K 94 0.13 -6.58 22.42
N MET K 95 0.64 -5.45 21.93
CA MET K 95 0.14 -4.87 20.69
C MET K 95 0.30 -5.86 19.54
N GLN K 96 1.39 -6.64 19.55
CA GLN K 96 1.63 -7.64 18.51
C GLN K 96 1.03 -9.01 18.82
N GLY K 97 0.23 -9.14 19.87
CA GLY K 97 -0.49 -10.39 20.14
C GLY K 97 -0.04 -11.15 21.37
N LEU K 98 1.01 -10.73 22.07
CA LEU K 98 1.46 -11.42 23.30
C LEU K 98 0.92 -10.69 24.53
N LEU K 99 -0.38 -10.81 24.74
CA LEU K 99 -1.12 -10.03 25.74
C LEU K 99 -1.18 -10.71 27.11
N ALA K 100 -1.03 -9.90 28.16
CA ALA K 100 -1.25 -10.34 29.53
C ALA K 100 -2.04 -9.26 30.25
N LEU K 101 -3.28 -9.56 30.64
CA LEU K 101 -4.12 -8.65 31.41
C LEU K 101 -4.34 -9.24 32.79
N PRO K 102 -3.67 -8.73 33.82
CA PRO K 102 -3.76 -9.34 35.14
C PRO K 102 -4.91 -8.77 35.95
N LEU K 103 -5.16 -9.44 37.06
CA LEU K 103 -6.13 -9.07 38.08
C LEU K 103 -5.51 -9.48 39.40
N LEU K 104 -5.48 -8.57 40.36
CA LEU K 104 -4.79 -8.77 41.62
C LEU K 104 -5.81 -8.88 42.75
N ALA K 105 -5.70 -9.94 43.55
CA ALA K 105 -6.47 -10.04 44.79
C ALA K 105 -5.51 -10.30 45.92
N GLY K 106 -5.57 -9.48 46.97
CA GLY K 106 -4.70 -9.73 48.11
C GLY K 106 -5.33 -9.28 49.41
N TYR K 107 -4.63 -9.60 50.49
CA TYR K 107 -4.98 -9.18 51.84
C TYR K 107 -3.86 -8.28 52.36
N ASP K 108 -4.24 -7.10 52.86
CA ASP K 108 -3.27 -6.12 53.34
C ASP K 108 -3.07 -6.30 54.84
N ILE K 109 -1.96 -6.95 55.22
CA ILE K 109 -1.63 -7.12 56.63
C ILE K 109 -1.48 -5.79 57.36
N HIS K 110 -1.35 -4.68 56.63
CA HIS K 110 -1.18 -3.35 57.23
C HIS K 110 -2.46 -2.52 57.23
N ALA K 111 -3.56 -3.06 56.74
CA ALA K 111 -4.83 -2.35 56.87
C ALA K 111 -5.28 -2.36 58.32
N SER K 112 -5.95 -1.27 58.72
CA SER K 112 -6.39 -1.13 60.11
C SER K 112 -7.43 -2.18 60.47
N ASP K 113 -8.46 -2.32 59.64
CA ASP K 113 -9.57 -3.22 59.92
C ASP K 113 -9.34 -4.55 59.22
N PRO K 114 -9.22 -5.68 59.93
CA PRO K 114 -8.96 -6.96 59.25
C PRO K 114 -10.12 -7.47 58.43
N GLN K 115 -11.32 -6.92 58.61
CA GLN K 115 -12.45 -7.37 57.81
C GLN K 115 -12.52 -6.65 56.48
N SER K 116 -11.86 -5.50 56.35
CA SER K 116 -11.82 -4.73 55.11
C SER K 116 -10.40 -4.59 54.59
N ALA K 117 -9.52 -5.53 54.96
CA ALA K 117 -8.15 -5.56 54.46
C ALA K 117 -8.02 -6.23 53.09
N GLY K 118 -9.11 -6.79 52.57
CA GLY K 118 -9.06 -7.37 51.24
C GLY K 118 -8.95 -6.30 50.17
N ARG K 119 -8.17 -6.60 49.14
CA ARG K 119 -7.87 -5.68 48.07
C ARG K 119 -8.11 -6.38 46.75
N ILE K 120 -8.80 -5.67 45.85
CA ILE K 120 -9.01 -6.14 44.49
C ILE K 120 -8.54 -5.02 43.57
N VAL K 121 -7.52 -5.29 42.76
CA VAL K 121 -6.91 -4.29 41.89
C VAL K 121 -7.08 -4.75 40.46
N SER K 122 -7.71 -3.91 39.63
CA SER K 122 -7.78 -4.24 38.22
C SER K 122 -6.78 -3.39 37.46
N PHE K 123 -6.40 -3.88 36.27
CA PHE K 123 -5.38 -3.30 35.43
C PHE K 123 -5.89 -3.15 34.00
N ASP K 124 -5.36 -2.17 33.29
CA ASP K 124 -5.54 -2.14 31.85
C ASP K 124 -4.23 -2.51 31.15
N ALA K 125 -4.29 -2.61 29.83
CA ALA K 125 -3.13 -3.06 29.07
C ALA K 125 -2.00 -2.05 29.08
N ALA K 126 -2.27 -0.80 29.43
CA ALA K 126 -1.24 0.22 29.53
C ALA K 126 -0.64 0.32 30.92
N GLY K 127 -0.98 -0.61 31.81
CA GLY K 127 -0.50 -0.64 33.17
C GLY K 127 -1.27 0.20 34.17
N GLY K 128 -2.33 0.87 33.75
CA GLY K 128 -3.16 1.58 34.69
C GLY K 128 -3.80 0.63 35.68
N TRP K 129 -4.06 1.11 36.90
CA TRP K 129 -4.65 0.25 37.90
C TRP K 129 -5.69 1.02 38.69
N ASN K 130 -6.60 0.27 39.31
CA ASN K 130 -7.66 0.84 40.12
C ASN K 130 -7.96 -0.13 41.24
N ILE K 131 -7.90 0.37 42.47
CA ILE K 131 -8.30 -0.44 43.62
C ILE K 131 -9.82 -0.47 43.61
N GLU K 132 -10.39 -1.64 43.36
CA GLU K 132 -11.82 -1.77 43.14
C GLU K 132 -12.56 -1.63 44.46
N GLU K 133 -13.47 -0.65 44.56
CA GLU K 133 -14.12 -0.34 45.81
C GLU K 133 -15.57 -0.81 45.87
N GLU K 134 -16.12 -1.36 44.80
CA GLU K 134 -17.48 -1.84 44.76
C GLU K 134 -17.59 -3.35 44.95
N GLY K 135 -16.49 -4.02 45.32
CA GLY K 135 -16.55 -5.36 45.90
C GLY K 135 -16.08 -6.50 45.00
N TYR K 136 -16.00 -6.31 43.68
CA TYR K 136 -15.73 -7.43 42.80
C TYR K 136 -15.20 -6.92 41.48
N GLN K 137 -14.54 -7.81 40.74
CA GLN K 137 -13.96 -7.50 39.43
C GLN K 137 -13.70 -8.77 38.66
N ALA K 138 -13.53 -8.62 37.36
CA ALA K 138 -13.28 -9.76 36.49
C ALA K 138 -12.43 -9.29 35.31
N VAL K 139 -11.65 -10.21 34.76
CA VAL K 139 -10.86 -9.96 33.56
C VAL K 139 -11.01 -11.15 32.62
N GLY K 140 -10.82 -10.89 31.33
CA GLY K 140 -10.83 -11.92 30.30
C GLY K 140 -11.99 -11.75 29.35
N SER K 141 -12.05 -12.66 28.36
CA SER K 141 -13.09 -12.59 27.33
C SER K 141 -14.51 -12.69 27.91
N GLY K 142 -14.69 -13.36 29.05
CA GLY K 142 -15.99 -13.47 29.66
C GLY K 142 -16.27 -12.50 30.78
N SER K 143 -15.38 -11.52 30.99
CA SER K 143 -15.45 -10.73 32.22
C SER K 143 -16.69 -9.83 32.27
N LEU K 144 -17.26 -9.41 31.14
CA LEU K 144 -18.44 -8.55 31.27
C LEU K 144 -19.66 -9.32 31.75
N PHE K 145 -19.79 -10.57 31.30
CA PHE K 145 -20.83 -11.46 31.81
C PHE K 145 -20.63 -11.76 33.30
N ALA K 146 -19.38 -11.99 33.70
CA ALA K 146 -19.12 -12.30 35.10
C ALA K 146 -19.36 -11.08 35.98
N LYS K 147 -18.93 -9.90 35.52
CA LYS K 147 -19.24 -8.69 36.26
C LYS K 147 -20.74 -8.52 36.40
N SER K 148 -21.47 -8.60 35.29
CA SER K 148 -22.89 -8.33 35.37
C SER K 148 -23.63 -9.37 36.21
N SER K 149 -23.12 -10.61 36.24
CA SER K 149 -23.65 -11.60 37.18
C SER K 149 -23.35 -11.22 38.64
N MET K 150 -22.08 -10.95 38.96
CA MET K 150 -21.74 -10.57 40.32
C MET K 150 -22.49 -9.33 40.77
N LYS K 151 -22.77 -8.39 39.85
CA LYS K 151 -23.53 -7.20 40.21
C LYS K 151 -24.84 -7.58 40.88
N LYS K 152 -25.50 -8.62 40.38
CA LYS K 152 -26.77 -9.02 40.98
C LYS K 152 -26.56 -9.96 42.17
N LEU K 153 -25.52 -10.80 42.14
CA LEU K 153 -25.34 -11.81 43.16
C LEU K 153 -24.50 -11.37 44.35
N TYR K 154 -23.98 -10.14 44.37
CA TYR K 154 -22.92 -9.82 45.33
C TYR K 154 -23.47 -9.59 46.73
N SER K 155 -24.73 -9.12 46.85
CA SER K 155 -25.38 -9.02 48.15
C SER K 155 -25.45 -10.35 48.89
N GLN K 156 -25.19 -11.48 48.22
CA GLN K 156 -25.17 -12.78 48.88
C GLN K 156 -23.85 -13.11 49.56
N VAL K 157 -22.83 -12.28 49.36
CA VAL K 157 -21.50 -12.56 49.93
C VAL K 157 -21.52 -12.14 51.40
N THR K 158 -21.53 -13.12 52.31
CA THR K 158 -21.52 -12.82 53.74
C THR K 158 -20.32 -13.41 54.47
N ASP K 159 -19.44 -14.12 53.77
CA ASP K 159 -18.28 -14.79 54.34
C ASP K 159 -17.50 -15.42 53.19
N GLY K 160 -16.36 -16.03 53.47
CA GLY K 160 -15.59 -16.64 52.41
C GLY K 160 -16.36 -17.66 51.60
N ASP K 161 -17.28 -18.38 52.24
CA ASP K 161 -17.89 -19.52 51.57
C ASP K 161 -18.94 -19.06 50.55
N SER K 162 -19.80 -18.11 50.94
CA SER K 162 -20.71 -17.56 49.95
C SER K 162 -19.97 -16.68 48.93
N GLY K 163 -18.83 -16.12 49.31
CA GLY K 163 -17.99 -15.47 48.30
C GLY K 163 -17.51 -16.44 47.25
N LEU K 164 -17.06 -17.61 47.68
CA LEU K 164 -16.63 -18.64 46.74
C LEU K 164 -17.79 -19.14 45.87
N ARG K 165 -18.97 -19.38 46.47
CA ARG K 165 -20.10 -19.79 45.65
C ARG K 165 -20.46 -18.74 44.61
N VAL K 166 -20.35 -17.45 44.98
CA VAL K 166 -20.69 -16.42 44.01
C VAL K 166 -19.61 -16.35 42.94
N ALA K 167 -18.35 -16.59 43.29
CA ALA K 167 -17.30 -16.56 42.27
C ALA K 167 -17.51 -17.68 41.27
N VAL K 168 -17.78 -18.88 41.78
CA VAL K 168 -18.02 -20.03 40.91
C VAL K 168 -19.25 -19.79 40.05
N GLU K 169 -20.29 -19.12 40.61
CA GLU K 169 -21.49 -18.88 39.81
C GLU K 169 -21.21 -17.84 38.74
N ALA K 170 -20.43 -16.81 39.06
CA ALA K 170 -20.05 -15.83 38.04
C ALA K 170 -19.30 -16.51 36.90
N LEU K 171 -18.34 -17.37 37.24
CA LEU K 171 -17.63 -18.11 36.20
C LEU K 171 -18.57 -19.00 35.41
N TYR K 172 -19.62 -19.54 36.06
CA TYR K 172 -20.61 -20.34 35.35
C TYR K 172 -21.39 -19.49 34.33
N ASP K 173 -21.80 -18.29 34.73
CA ASP K 173 -22.49 -17.41 33.79
C ASP K 173 -21.57 -17.00 32.65
N ALA K 174 -20.30 -16.75 32.96
CA ALA K 174 -19.32 -16.46 31.93
C ALA K 174 -19.21 -17.60 30.92
N ALA K 175 -19.11 -18.84 31.40
CA ALA K 175 -19.01 -19.95 30.44
C ALA K 175 -20.32 -20.11 29.68
N ASP K 176 -21.44 -19.76 30.30
CA ASP K 176 -22.73 -19.80 29.61
C ASP K 176 -22.73 -18.90 28.38
N ASP K 177 -22.11 -17.71 28.48
CA ASP K 177 -22.18 -16.75 27.38
C ASP K 177 -20.90 -16.54 26.56
N ASP K 178 -19.77 -17.15 26.94
CA ASP K 178 -18.52 -16.93 26.23
C ASP K 178 -17.82 -18.28 25.97
N SER K 179 -17.71 -18.67 24.70
CA SER K 179 -17.15 -19.97 24.35
C SER K 179 -15.65 -20.09 24.64
N ALA K 180 -14.96 -19.00 24.91
CA ALA K 180 -13.55 -19.04 25.30
C ALA K 180 -13.37 -19.23 26.80
N THR K 181 -14.45 -19.30 27.57
CA THR K 181 -14.41 -19.65 28.98
C THR K 181 -15.04 -21.03 29.19
N GLY K 182 -14.33 -21.91 29.88
CA GLY K 182 -14.79 -23.28 30.07
C GLY K 182 -15.61 -23.44 31.33
N GLY K 183 -16.80 -24.03 31.19
CA GLY K 183 -17.64 -24.33 32.32
C GLY K 183 -17.15 -25.53 33.09
N PRO K 184 -17.80 -25.81 34.22
CA PRO K 184 -17.47 -27.03 34.97
C PRO K 184 -17.73 -28.25 34.11
N ASP K 185 -16.76 -29.17 34.09
CA ASP K 185 -16.82 -30.39 33.29
C ASP K 185 -17.07 -31.57 34.23
N LEU K 186 -18.35 -31.89 34.43
CA LEU K 186 -18.68 -33.00 35.34
C LEU K 186 -18.28 -34.35 34.79
N VAL K 187 -18.12 -34.48 33.47
CA VAL K 187 -17.65 -35.76 32.96
C VAL K 187 -16.23 -36.04 33.40
N ARG K 188 -15.36 -35.04 33.34
CA ARG K 188 -13.93 -35.21 33.59
C ARG K 188 -13.53 -34.88 35.02
N GLY K 189 -14.39 -34.20 35.77
CA GLY K 189 -14.03 -33.77 37.11
C GLY K 189 -13.08 -32.59 37.14
N ILE K 190 -13.20 -31.67 36.20
CA ILE K 190 -12.35 -30.49 36.11
C ILE K 190 -13.19 -29.27 36.46
N PHE K 191 -12.78 -28.52 37.45
CA PHE K 191 -13.53 -27.32 37.79
C PHE K 191 -12.61 -26.12 37.85
N PRO K 192 -13.18 -24.92 37.86
CA PRO K 192 -12.35 -23.72 38.07
C PRO K 192 -11.42 -23.91 39.26
N THR K 193 -10.29 -23.22 39.23
CA THR K 193 -9.45 -23.19 40.42
C THR K 193 -9.80 -21.95 41.21
N ALA K 194 -9.55 -22.01 42.51
CA ALA K 194 -9.89 -20.90 43.38
C ALA K 194 -8.85 -20.75 44.48
N VAL K 195 -8.58 -19.50 44.83
CA VAL K 195 -7.69 -19.13 45.91
C VAL K 195 -8.49 -18.25 46.85
N ILE K 196 -8.29 -18.46 48.15
CA ILE K 196 -8.95 -17.65 49.16
C ILE K 196 -7.88 -17.14 50.11
N ILE K 197 -7.89 -15.84 50.37
CA ILE K 197 -6.89 -15.18 51.20
C ILE K 197 -7.60 -14.50 52.37
N ASP K 198 -7.12 -14.77 53.58
CA ASP K 198 -7.58 -14.02 54.75
C ASP K 198 -6.38 -13.76 55.64
N ALA K 199 -6.64 -13.43 56.91
CA ALA K 199 -5.56 -13.07 57.82
C ALA K 199 -4.54 -14.18 57.97
N ASP K 200 -4.96 -15.44 57.85
CA ASP K 200 -4.05 -16.57 57.97
C ASP K 200 -3.31 -16.90 56.68
N GLY K 201 -3.47 -16.09 55.64
CA GLY K 201 -2.72 -16.27 54.41
C GLY K 201 -3.62 -16.66 53.24
N ALA K 202 -2.93 -16.89 52.13
CA ALA K 202 -3.55 -17.34 50.88
C ALA K 202 -3.45 -18.85 50.80
N VAL K 203 -4.57 -19.50 50.52
CA VAL K 203 -4.54 -20.95 50.38
C VAL K 203 -5.45 -21.36 49.22
N ASP K 204 -5.06 -22.45 48.58
CA ASP K 204 -5.85 -23.01 47.49
C ASP K 204 -7.11 -23.68 48.02
N VAL K 205 -8.22 -23.42 47.34
CA VAL K 205 -9.49 -24.07 47.65
C VAL K 205 -9.49 -25.48 47.05
N PRO K 206 -9.78 -26.51 47.82
CA PRO K 206 -9.70 -27.88 47.29
C PRO K 206 -10.74 -28.11 46.19
N GLU K 207 -10.37 -28.95 45.23
CA GLU K 207 -11.25 -29.25 44.10
C GLU K 207 -12.65 -29.64 44.56
N SER K 208 -12.74 -30.55 45.54
CA SER K 208 -14.03 -31.13 45.89
C SER K 208 -15.03 -30.07 46.37
N ARG K 209 -14.55 -29.03 47.04
CA ARG K 209 -15.42 -27.95 47.47
C ARG K 209 -16.01 -27.25 46.25
N ILE K 210 -15.16 -26.88 45.29
CA ILE K 210 -15.63 -26.17 44.10
C ILE K 210 -16.57 -27.06 43.31
N ALA K 211 -16.27 -28.35 43.23
CA ALA K 211 -17.15 -29.30 42.58
C ALA K 211 -18.53 -29.28 43.22
N GLU K 212 -18.59 -29.32 44.54
CA GLU K 212 -19.87 -29.31 45.24
C GLU K 212 -20.66 -28.05 44.91
N LEU K 213 -20.01 -26.88 44.98
CA LEU K 213 -20.70 -25.64 44.61
C LEU K 213 -21.17 -25.66 43.16
N ALA K 214 -20.38 -26.27 42.27
CA ALA K 214 -20.74 -26.33 40.86
C ALA K 214 -22.00 -27.17 40.65
N ARG K 215 -22.06 -28.34 41.28
CA ARG K 215 -23.24 -29.19 41.14
C ARG K 215 -24.46 -28.53 41.78
N ALA K 216 -24.27 -27.82 42.88
CA ALA K 216 -25.39 -27.09 43.45
C ALA K 216 -25.89 -26.04 42.46
N ILE K 217 -24.97 -25.32 41.83
CA ILE K 217 -25.38 -24.30 40.86
C ILE K 217 -26.14 -24.94 39.70
N ILE K 218 -25.57 -26.02 39.14
CA ILE K 218 -26.19 -26.66 37.98
C ILE K 218 -27.57 -27.21 38.33
N GLU K 219 -27.69 -27.88 39.48
CA GLU K 219 -28.98 -28.44 39.87
C GLU K 219 -29.98 -27.37 40.22
N SER K 220 -29.51 -26.17 40.58
CA SER K 220 -30.44 -25.05 40.75
C SER K 220 -30.93 -24.54 39.41
N ARG K 221 -30.00 -24.22 38.49
CA ARG K 221 -30.40 -23.78 37.16
C ARG K 221 -31.34 -24.79 36.49
N SER K 222 -31.20 -26.07 36.81
CA SER K 222 -31.88 -27.10 36.02
C SER K 222 -33.29 -27.40 36.52
N GLY K 223 -33.70 -26.83 37.65
CA GLY K 223 -35.02 -27.08 38.21
C GLY K 223 -35.46 -28.54 38.17
N THR L 1 3.56 -33.80 9.02
CA THR L 1 4.10 -34.50 10.19
C THR L 1 2.99 -34.92 11.14
N THR L 2 3.16 -36.05 11.83
CA THR L 2 2.39 -36.35 13.04
C THR L 2 3.31 -37.00 14.06
N ILE L 3 3.33 -36.46 15.28
CA ILE L 3 4.00 -37.09 16.41
C ILE L 3 2.94 -37.34 17.48
N VAL L 4 2.94 -38.56 18.05
CA VAL L 4 2.03 -38.91 19.13
C VAL L 4 2.85 -39.33 20.35
N ALA L 5 2.29 -39.11 21.54
CA ALA L 5 2.84 -39.63 22.78
C ALA L 5 1.67 -40.06 23.66
N LEU L 6 1.84 -41.16 24.40
CA LEU L 6 0.76 -41.58 25.29
C LEU L 6 1.33 -42.33 26.48
N LYS L 7 0.59 -42.32 27.58
CA LYS L 7 1.02 -42.99 28.80
C LYS L 7 0.49 -44.41 28.85
N TYR L 8 1.29 -45.31 29.41
CA TYR L 8 0.76 -46.63 29.76
C TYR L 8 1.26 -46.99 31.15
N PRO L 9 0.74 -48.05 31.75
CA PRO L 9 1.15 -48.36 33.12
C PRO L 9 2.66 -48.50 33.23
N GLY L 10 3.30 -47.58 33.95
CA GLY L 10 4.74 -47.62 34.16
C GLY L 10 5.59 -46.99 33.08
N GLY L 11 5.00 -46.39 32.05
CA GLY L 11 5.81 -45.88 30.98
C GLY L 11 5.10 -44.87 30.09
N VAL L 12 5.83 -44.48 29.05
CA VAL L 12 5.34 -43.56 28.04
C VAL L 12 5.87 -44.05 26.70
N VAL L 13 5.14 -43.74 25.63
CA VAL L 13 5.62 -44.03 24.29
C VAL L 13 5.46 -42.77 23.43
N MET L 14 6.37 -42.62 22.46
CA MET L 14 6.29 -41.54 21.51
C MET L 14 6.65 -42.10 20.14
N ALA L 15 5.94 -41.64 19.10
CA ALA L 15 6.21 -42.14 17.76
C ALA L 15 5.92 -41.05 16.74
N GLY L 16 6.64 -41.09 15.63
CA GLY L 16 6.53 -40.05 14.61
C GLY L 16 6.76 -40.56 13.21
N ASP L 17 6.05 -39.95 12.25
CA ASP L 17 6.16 -40.43 10.88
C ASP L 17 7.50 -39.99 10.26
N ARG L 18 7.72 -40.39 9.00
CA ARG L 18 9.03 -40.29 8.36
C ARG L 18 9.03 -39.35 7.18
N ARG L 19 7.94 -38.62 6.96
CA ARG L 19 7.76 -37.89 5.71
C ARG L 19 8.28 -36.45 5.79
N SER L 20 8.81 -36.01 4.65
CA SER L 20 9.27 -34.64 4.45
C SER L 20 8.67 -34.15 3.12
N THR L 21 8.06 -32.96 3.12
CA THR L 21 7.47 -32.44 1.90
C THR L 21 7.98 -31.03 1.61
N GLN L 22 7.80 -30.62 0.36
CA GLN L 22 8.00 -29.23 -0.06
C GLN L 22 6.79 -28.88 -0.92
N GLY L 23 5.78 -28.29 -0.31
CA GLY L 23 4.51 -28.20 -0.99
C GLY L 23 3.95 -29.60 -1.14
N ASN L 24 3.52 -29.93 -2.36
CA ASN L 24 2.98 -31.27 -2.59
C ASN L 24 4.08 -32.29 -2.81
N MET L 25 5.31 -31.86 -3.03
CA MET L 25 6.38 -32.78 -3.40
C MET L 25 6.91 -33.51 -2.19
N ILE L 26 7.09 -34.81 -2.31
CA ILE L 26 7.68 -35.62 -1.26
C ILE L 26 9.19 -35.47 -1.37
N SER L 27 9.82 -34.93 -0.32
CA SER L 27 11.24 -34.65 -0.37
C SER L 27 12.03 -35.49 0.63
N GLY L 28 11.36 -36.27 1.47
CA GLY L 28 12.03 -37.24 2.30
C GLY L 28 11.14 -38.39 2.71
N ARG L 29 11.69 -39.61 2.70
CA ARG L 29 10.94 -40.80 3.09
C ARG L 29 11.37 -41.39 4.42
N ASP L 30 12.60 -41.13 4.88
CA ASP L 30 13.19 -41.78 6.04
C ASP L 30 13.56 -40.79 7.13
N VAL L 31 13.01 -39.58 7.07
CA VAL L 31 13.31 -38.56 8.07
C VAL L 31 12.98 -39.08 9.47
N ARG L 32 13.71 -38.56 10.46
CA ARG L 32 13.54 -38.94 11.86
C ARG L 32 13.20 -37.69 12.68
N LYS L 33 12.06 -37.74 13.39
CA LYS L 33 11.47 -36.60 14.08
C LYS L 33 11.31 -36.82 15.58
N VAL L 34 11.70 -37.97 16.10
CA VAL L 34 11.57 -38.33 17.51
C VAL L 34 12.95 -38.72 18.00
N TYR L 35 13.40 -38.07 19.06
CA TYR L 35 14.76 -38.23 19.53
C TYR L 35 14.80 -38.49 21.03
N ILE L 36 15.68 -39.41 21.41
CA ILE L 36 15.96 -39.64 22.82
C ILE L 36 16.82 -38.46 23.27
N THR L 37 16.24 -37.51 23.98
CA THR L 37 17.01 -36.35 24.39
C THR L 37 17.78 -36.57 25.68
N ASP L 38 17.34 -37.48 26.56
CA ASP L 38 18.21 -37.95 27.65
C ASP L 38 17.69 -39.31 28.14
N ASP L 39 18.41 -39.91 29.08
CA ASP L 39 18.11 -41.27 29.52
C ASP L 39 16.64 -41.48 29.89
N TYR L 40 15.90 -40.41 30.16
CA TYR L 40 14.50 -40.56 30.58
C TYR L 40 13.57 -39.63 29.80
N THR L 41 14.01 -39.12 28.66
CA THR L 41 13.26 -38.08 27.98
C THR L 41 13.44 -38.23 26.47
N ALA L 42 12.34 -38.01 25.75
CA ALA L 42 12.33 -37.98 24.31
C ALA L 42 11.52 -36.80 23.82
N THR L 43 11.92 -36.27 22.67
CA THR L 43 11.36 -35.06 22.10
C THR L 43 10.98 -35.41 20.67
N GLY L 44 9.77 -35.05 20.29
CA GLY L 44 9.37 -35.13 18.90
C GLY L 44 8.93 -33.77 18.42
N ILE L 45 9.48 -33.28 17.31
CA ILE L 45 9.26 -31.91 16.89
C ILE L 45 8.67 -31.89 15.49
N ALA L 46 7.63 -31.09 15.31
CA ALA L 46 7.12 -30.82 13.98
C ALA L 46 7.61 -29.46 13.50
N GLY L 47 7.43 -29.20 12.21
CA GLY L 47 7.72 -27.90 11.64
C GLY L 47 8.77 -28.00 10.55
N THR L 48 9.52 -26.91 10.37
CA THR L 48 10.60 -26.93 9.40
C THR L 48 11.63 -27.99 9.79
N ALA L 49 11.97 -28.86 8.85
CA ALA L 49 12.84 -29.99 9.17
C ALA L 49 14.13 -29.54 9.85
N ALA L 50 14.73 -28.46 9.35
CA ALA L 50 16.05 -28.03 9.86
C ALA L 50 15.95 -27.46 11.26
N VAL L 51 14.92 -26.66 11.52
CA VAL L 51 14.74 -26.12 12.87
C VAL L 51 14.47 -27.25 13.85
N ALA L 52 13.60 -28.17 13.48
CA ALA L 52 13.19 -29.22 14.41
C ALA L 52 14.38 -30.07 14.83
N VAL L 53 15.15 -30.53 13.84
CA VAL L 53 16.35 -31.30 14.16
C VAL L 53 17.28 -30.48 15.04
N GLU L 54 17.53 -29.21 14.65
CA GLU L 54 18.43 -28.37 15.42
C GLU L 54 17.95 -28.22 16.86
N PHE L 55 16.65 -27.99 17.04
CA PHE L 55 16.09 -27.90 18.38
C PHE L 55 16.39 -29.14 19.20
N ALA L 56 16.11 -30.32 18.64
CA ALA L 56 16.36 -31.56 19.36
C ALA L 56 17.82 -31.67 19.77
N ARG L 57 18.73 -31.44 18.83
CA ARG L 57 20.15 -31.57 19.12
C ARG L 57 20.58 -30.60 20.22
N LEU L 58 20.21 -29.33 20.06
CA LEU L 58 20.60 -28.30 21.01
C LEU L 58 20.02 -28.58 22.38
N TYR L 59 18.78 -29.07 22.43
CA TYR L 59 18.13 -29.36 23.71
C TYR L 59 18.83 -30.51 24.43
N ALA L 60 19.12 -31.59 23.70
CA ALA L 60 19.89 -32.66 24.31
C ALA L 60 21.17 -32.10 24.91
N VAL L 61 21.95 -31.37 24.10
CA VAL L 61 23.20 -30.80 24.60
C VAL L 61 22.93 -29.96 25.85
N GLU L 62 21.86 -29.18 25.86
CA GLU L 62 21.60 -28.33 27.02
C GLU L 62 21.40 -29.16 28.27
N LEU L 63 20.55 -30.20 28.19
CA LEU L 63 20.32 -31.01 29.39
C LEU L 63 21.62 -31.63 29.88
N GLU L 64 22.37 -32.26 28.98
CA GLU L 64 23.58 -32.94 29.44
C GLU L 64 24.64 -31.94 29.92
N HIS L 65 24.65 -30.74 29.35
CA HIS L 65 25.57 -29.71 29.82
C HIS L 65 25.26 -29.30 31.25
N TYR L 66 23.99 -29.12 31.57
CA TYR L 66 23.64 -28.87 32.97
C TYR L 66 24.07 -30.04 33.85
N GLU L 67 23.77 -31.27 33.40
CA GLU L 67 24.06 -32.42 34.24
C GLU L 67 25.55 -32.52 34.57
N LYS L 68 26.42 -32.29 33.58
CA LYS L 68 27.84 -32.37 33.85
C LYS L 68 28.33 -31.18 34.68
N LEU L 69 27.73 -30.00 34.49
CA LEU L 69 28.19 -28.85 35.23
C LEU L 69 27.82 -28.93 36.71
N GLU L 70 26.65 -29.47 37.02
CA GLU L 70 26.16 -29.39 38.38
C GLU L 70 26.11 -30.75 39.08
N GLY L 71 26.62 -31.80 38.43
CA GLY L 71 26.65 -33.12 39.03
C GLY L 71 25.32 -33.82 39.11
N VAL L 72 24.24 -33.19 38.67
CA VAL L 72 22.90 -33.76 38.81
C VAL L 72 22.02 -33.30 37.65
N PRO L 73 21.14 -34.14 37.12
CA PRO L 73 20.25 -33.69 36.03
C PRO L 73 19.21 -32.71 36.54
N LEU L 74 18.67 -31.93 35.61
CA LEU L 74 17.59 -31.01 35.95
C LEU L 74 16.35 -31.79 36.36
N THR L 75 15.56 -31.19 37.26
CA THR L 75 14.23 -31.71 37.49
C THR L 75 13.47 -31.77 36.17
N PHE L 76 12.42 -32.60 36.13
CA PHE L 76 11.57 -32.60 34.94
C PHE L 76 11.00 -31.20 34.70
N ALA L 77 10.65 -30.48 35.77
CA ALA L 77 10.11 -29.14 35.61
C ALA L 77 11.09 -28.25 34.86
N GLY L 78 12.38 -28.34 35.23
CA GLY L 78 13.39 -27.53 34.58
C GLY L 78 13.60 -27.89 33.12
N LYS L 79 13.49 -29.19 32.78
CA LYS L 79 13.57 -29.57 31.37
C LYS L 79 12.41 -28.96 30.58
N ILE L 80 11.22 -28.98 31.16
CA ILE L 80 10.08 -28.31 30.52
C ILE L 80 10.41 -26.84 30.29
N ASN L 81 10.81 -26.13 31.36
CA ASN L 81 11.06 -24.71 31.22
C ASN L 81 12.12 -24.42 30.16
N ARG L 82 13.15 -25.26 30.07
CA ARG L 82 14.22 -24.97 29.13
C ARG L 82 13.71 -25.10 27.70
N LEU L 83 12.97 -26.17 27.43
CA LEU L 83 12.38 -26.32 26.10
C LEU L 83 11.50 -25.13 25.77
N ALA L 84 10.66 -24.72 26.73
CA ALA L 84 9.75 -23.61 26.52
C ALA L 84 10.49 -22.32 26.18
N ILE L 85 11.60 -22.06 26.89
CA ILE L 85 12.38 -20.87 26.62
C ILE L 85 12.99 -20.94 25.22
N MET L 86 13.47 -22.12 24.82
CA MET L 86 13.93 -22.31 23.45
C MET L 86 12.86 -21.94 22.42
N VAL L 87 11.62 -22.43 22.63
CA VAL L 87 10.52 -22.15 21.71
C VAL L 87 10.22 -20.65 21.65
N ARG L 88 9.89 -20.06 22.82
CA ARG L 88 9.68 -18.64 22.89
C ARG L 88 10.77 -17.92 22.10
N GLY L 89 12.03 -18.29 22.37
CA GLY L 89 13.15 -17.69 21.68
C GLY L 89 13.04 -17.80 20.18
N ASN L 90 12.41 -18.85 19.69
CA ASN L 90 12.28 -18.99 18.24
C ASN L 90 11.01 -18.34 17.69
N LEU L 91 10.21 -17.66 18.50
CA LEU L 91 8.91 -17.18 17.98
C LEU L 91 9.02 -16.39 16.68
N ALA L 92 9.84 -15.32 16.67
CA ALA L 92 9.87 -14.45 15.49
C ALA L 92 10.25 -15.21 14.22
N ALA L 93 11.27 -16.05 14.31
CA ALA L 93 11.62 -16.92 13.20
C ALA L 93 10.45 -17.83 12.83
N ALA L 94 9.70 -18.29 13.82
CA ALA L 94 8.59 -19.18 13.53
C ALA L 94 7.55 -18.46 12.69
N MET L 95 7.24 -17.21 13.05
CA MET L 95 6.34 -16.39 12.26
C MET L 95 6.88 -16.10 10.87
N GLN L 96 8.20 -16.12 10.68
CA GLN L 96 8.74 -16.04 9.33
C GLN L 96 8.91 -17.40 8.65
N GLY L 97 8.33 -18.47 9.21
CA GLY L 97 8.32 -19.76 8.55
C GLY L 97 9.33 -20.77 9.04
N LEU L 98 10.17 -20.43 10.02
CA LEU L 98 11.12 -21.40 10.59
C LEU L 98 10.57 -21.99 11.89
N LEU L 99 9.43 -22.68 11.75
CA LEU L 99 8.71 -23.19 12.92
C LEU L 99 9.34 -24.46 13.46
N ALA L 100 9.27 -24.61 14.79
CA ALA L 100 9.61 -25.86 15.47
C ALA L 100 8.62 -26.05 16.61
N LEU L 101 7.71 -27.00 16.49
CA LEU L 101 6.70 -27.22 17.54
C LEU L 101 6.96 -28.52 18.25
N PRO L 102 7.50 -28.50 19.47
CA PRO L 102 7.94 -29.71 20.14
C PRO L 102 6.83 -30.39 20.93
N LEU L 103 7.06 -31.68 21.19
CA LEU L 103 6.25 -32.51 22.07
C LEU L 103 7.22 -33.29 22.95
N LEU L 104 6.96 -33.31 24.25
CA LEU L 104 7.90 -33.85 25.23
C LEU L 104 7.29 -35.06 25.92
N ALA L 105 8.01 -36.17 25.94
CA ALA L 105 7.61 -37.31 26.76
C ALA L 105 8.77 -37.72 27.66
N GLY L 106 8.44 -38.21 28.85
CA GLY L 106 9.52 -38.60 29.73
C GLY L 106 9.02 -39.47 30.88
N TYR L 107 9.98 -39.89 31.69
CA TYR L 107 9.71 -40.64 32.91
C TYR L 107 10.43 -39.96 34.04
N ASP L 108 9.68 -39.49 35.03
CA ASP L 108 10.22 -38.69 36.14
C ASP L 108 10.70 -39.61 37.27
N ILE L 109 12.01 -39.83 37.35
CA ILE L 109 12.56 -40.68 38.39
C ILE L 109 12.32 -40.11 39.79
N HIS L 110 11.94 -38.85 39.89
CA HIS L 110 11.62 -38.19 41.15
C HIS L 110 10.13 -37.94 41.29
N ALA L 111 9.31 -38.72 40.60
CA ALA L 111 7.88 -38.49 40.66
C ALA L 111 7.38 -38.71 42.08
N SER L 112 6.57 -37.78 42.57
CA SER L 112 5.89 -37.96 43.83
C SER L 112 5.26 -39.35 43.92
N ASP L 113 4.35 -39.64 43.00
CA ASP L 113 3.70 -40.94 42.95
C ASP L 113 4.47 -41.82 41.97
N PRO L 114 5.40 -42.66 42.41
CA PRO L 114 6.08 -43.57 41.48
C PRO L 114 5.14 -44.43 40.62
N GLN L 115 3.85 -44.50 40.97
CA GLN L 115 2.91 -45.21 40.12
C GLN L 115 2.78 -44.54 38.75
N SER L 116 2.64 -43.22 38.73
CA SER L 116 2.46 -42.45 37.50
C SER L 116 3.65 -41.49 37.32
N ALA L 117 4.81 -42.07 37.01
CA ALA L 117 5.99 -41.27 36.72
C ALA L 117 6.08 -40.87 35.26
N GLY L 118 5.25 -41.45 34.40
CA GLY L 118 5.22 -41.04 33.01
C GLY L 118 4.71 -39.61 32.86
N ARG L 119 5.24 -38.93 31.84
CA ARG L 119 4.98 -37.51 31.63
C ARG L 119 4.82 -37.20 30.16
N ILE L 120 3.82 -36.40 29.83
CA ILE L 120 3.59 -35.91 28.46
C ILE L 120 3.30 -34.42 28.52
N VAL L 121 4.16 -33.61 27.87
CA VAL L 121 4.08 -32.15 27.90
C VAL L 121 3.93 -31.62 26.48
N SER L 122 2.90 -30.81 26.27
CA SER L 122 2.71 -30.18 24.97
C SER L 122 3.01 -28.68 25.04
N PHE L 123 3.29 -28.13 23.87
CA PHE L 123 3.82 -26.80 23.69
C PHE L 123 3.12 -26.12 22.52
N ASP L 124 2.81 -24.84 22.69
CA ASP L 124 2.42 -23.99 21.57
C ASP L 124 3.63 -23.14 21.12
N ALA L 125 3.48 -22.42 20.00
CA ALA L 125 4.61 -21.72 19.42
C ALA L 125 5.11 -20.55 20.25
N ALA L 126 4.38 -20.14 21.28
CA ALA L 126 4.82 -19.04 22.13
C ALA L 126 5.63 -19.52 23.32
N GLY L 127 5.84 -20.82 23.47
CA GLY L 127 6.44 -21.34 24.66
C GLY L 127 5.47 -21.80 25.73
N GLY L 128 4.18 -21.53 25.59
CA GLY L 128 3.24 -22.10 26.54
C GLY L 128 3.37 -23.62 26.58
N TRP L 129 3.19 -24.19 27.76
CA TRP L 129 3.27 -25.64 27.89
C TRP L 129 2.19 -26.13 28.83
N ASN L 130 1.89 -27.42 28.75
CA ASN L 130 0.85 -27.99 29.60
C ASN L 130 1.16 -29.46 29.79
N ILE L 131 1.10 -29.91 31.04
CA ILE L 131 1.34 -31.31 31.35
C ILE L 131 0.04 -32.07 31.10
N GLU L 132 0.02 -32.91 30.08
CA GLU L 132 -1.21 -33.60 29.72
C GLU L 132 -1.61 -34.52 30.85
N GLU L 133 -2.90 -34.50 31.20
CA GLU L 133 -3.42 -35.41 32.22
C GLU L 133 -4.40 -36.44 31.70
N GLU L 134 -4.66 -36.50 30.39
CA GLU L 134 -5.65 -37.44 29.86
C GLU L 134 -5.03 -38.61 29.11
N GLY L 135 -3.71 -38.79 29.14
CA GLY L 135 -3.08 -40.02 28.70
C GLY L 135 -2.34 -39.96 27.36
N TYR L 136 -2.72 -39.03 26.48
CA TYR L 136 -2.12 -38.99 25.16
C TYR L 136 -2.13 -37.56 24.66
N GLN L 137 -1.37 -37.32 23.60
CA GLN L 137 -1.32 -36.04 22.93
C GLN L 137 -0.59 -36.25 21.61
N ALA L 138 -0.68 -35.25 20.73
CA ALA L 138 -0.02 -35.30 19.42
C ALA L 138 0.29 -33.88 18.96
N VAL L 139 1.24 -33.77 18.02
CA VAL L 139 1.64 -32.49 17.46
C VAL L 139 1.90 -32.69 15.98
N GLY L 140 1.63 -31.65 15.19
CA GLY L 140 1.86 -31.66 13.76
C GLY L 140 0.55 -31.56 12.97
N SER L 141 0.69 -31.53 11.65
CA SER L 141 -0.48 -31.35 10.79
C SER L 141 -1.46 -32.52 10.87
N GLY L 142 -1.03 -33.69 11.32
CA GLY L 142 -1.97 -34.78 11.48
C GLY L 142 -2.50 -34.93 12.89
N SER L 143 -2.12 -34.01 13.78
CA SER L 143 -2.32 -34.23 15.21
C SER L 143 -3.80 -34.34 15.57
N LEU L 144 -4.68 -33.62 14.88
CA LEU L 144 -6.11 -33.74 15.19
C LEU L 144 -6.62 -35.15 14.89
N PHE L 145 -6.20 -35.73 13.76
CA PHE L 145 -6.65 -37.07 13.42
C PHE L 145 -6.10 -38.11 14.40
N ALA L 146 -4.84 -37.97 14.79
CA ALA L 146 -4.27 -38.88 15.78
C ALA L 146 -4.96 -38.71 17.13
N LYS L 147 -5.32 -37.48 17.48
CA LYS L 147 -5.94 -37.26 18.77
C LYS L 147 -7.36 -37.82 18.82
N SER L 148 -8.07 -37.78 17.70
CA SER L 148 -9.40 -38.38 17.71
C SER L 148 -9.32 -39.90 17.61
N SER L 149 -8.36 -40.39 16.82
CA SER L 149 -8.11 -41.83 16.80
C SER L 149 -7.85 -42.35 18.21
N MET L 150 -6.92 -41.70 18.92
CA MET L 150 -6.56 -42.16 20.25
C MET L 150 -7.70 -41.92 21.23
N LYS L 151 -8.51 -40.88 20.99
CA LYS L 151 -9.69 -40.70 21.83
C LYS L 151 -10.54 -41.97 21.80
N LYS L 152 -10.64 -42.61 20.64
CA LYS L 152 -11.42 -43.83 20.54
C LYS L 152 -10.65 -45.09 20.96
N LEU L 153 -9.32 -45.12 20.79
CA LEU L 153 -8.55 -46.33 21.03
C LEU L 153 -7.89 -46.40 22.40
N TYR L 154 -7.89 -45.33 23.19
CA TYR L 154 -7.00 -45.28 24.36
C TYR L 154 -7.38 -46.29 25.42
N SER L 155 -8.67 -46.65 25.52
CA SER L 155 -9.06 -47.61 26.55
C SER L 155 -8.39 -48.96 26.35
N GLN L 156 -7.91 -49.26 25.15
CA GLN L 156 -7.25 -50.55 24.90
C GLN L 156 -5.82 -50.58 25.36
N VAL L 157 -5.34 -49.54 26.04
CA VAL L 157 -3.93 -49.46 26.43
C VAL L 157 -3.82 -49.98 27.87
N THR L 158 -3.13 -51.10 28.03
CA THR L 158 -2.96 -51.74 29.32
C THR L 158 -1.52 -52.16 29.58
N ASP L 159 -0.61 -51.95 28.62
CA ASP L 159 0.80 -52.28 28.80
C ASP L 159 1.57 -51.56 27.69
N GLY L 160 2.88 -51.83 27.65
CA GLY L 160 3.70 -51.19 26.62
C GLY L 160 3.35 -51.63 25.22
N ASP L 161 2.94 -52.90 25.06
CA ASP L 161 2.62 -53.42 23.73
C ASP L 161 1.39 -52.75 23.16
N SER L 162 0.27 -52.84 23.89
CA SER L 162 -0.93 -52.16 23.42
C SER L 162 -0.71 -50.66 23.26
N GLY L 163 0.03 -50.03 24.17
CA GLY L 163 0.29 -48.60 24.04
C GLY L 163 1.02 -48.26 22.76
N LEU L 164 2.05 -49.05 22.43
CA LEU L 164 2.75 -48.88 21.17
C LEU L 164 1.86 -49.16 19.96
N ARG L 165 0.93 -50.12 20.09
CA ARG L 165 -0.01 -50.42 19.02
C ARG L 165 -0.94 -49.23 18.77
N VAL L 166 -1.49 -48.67 19.83
CA VAL L 166 -2.37 -47.52 19.68
C VAL L 166 -1.60 -46.33 19.09
N ALA L 167 -0.36 -46.11 19.55
CA ALA L 167 0.43 -45.03 18.98
C ALA L 167 0.60 -45.20 17.47
N VAL L 168 1.06 -46.39 17.03
CA VAL L 168 1.25 -46.58 15.59
C VAL L 168 -0.07 -46.52 14.84
N GLU L 169 -1.17 -46.94 15.46
CA GLU L 169 -2.44 -46.87 14.75
C GLU L 169 -2.91 -45.42 14.62
N ALA L 170 -2.68 -44.60 15.64
CA ALA L 170 -2.94 -43.17 15.51
C ALA L 170 -2.14 -42.57 14.37
N LEU L 171 -0.85 -42.94 14.28
CA LEU L 171 -0.04 -42.48 13.16
C LEU L 171 -0.66 -42.91 11.83
N TYR L 172 -1.13 -44.16 11.76
CA TYR L 172 -1.72 -44.67 10.53
C TYR L 172 -2.97 -43.87 10.14
N ASP L 173 -3.85 -43.59 11.10
CA ASP L 173 -5.01 -42.74 10.83
C ASP L 173 -4.58 -41.36 10.34
N ALA L 174 -3.59 -40.78 11.03
CA ALA L 174 -3.07 -39.47 10.65
C ALA L 174 -2.68 -39.48 9.18
N ALA L 175 -1.80 -40.42 8.78
CA ALA L 175 -1.36 -40.44 7.38
C ALA L 175 -2.53 -40.75 6.46
N ASP L 176 -3.52 -41.48 6.96
CA ASP L 176 -4.71 -41.77 6.18
C ASP L 176 -5.40 -40.48 5.75
N ASP L 177 -5.41 -39.47 6.63
CA ASP L 177 -6.15 -38.23 6.35
C ASP L 177 -5.27 -37.00 6.17
N ASP L 178 -3.95 -37.13 6.27
CA ASP L 178 -3.05 -35.99 6.09
C ASP L 178 -1.93 -36.43 5.14
N SER L 179 -1.92 -35.84 3.94
CA SER L 179 -0.89 -36.15 2.95
C SER L 179 0.50 -35.71 3.41
N ALA L 180 0.58 -34.77 4.35
CA ALA L 180 1.86 -34.34 4.91
C ALA L 180 2.39 -35.30 5.96
N THR L 181 1.66 -36.37 6.27
CA THR L 181 2.12 -37.41 7.17
C THR L 181 2.30 -38.71 6.41
N GLY L 182 3.49 -39.30 6.51
CA GLY L 182 3.76 -40.54 5.81
C GLY L 182 3.21 -41.75 6.54
N GLY L 183 2.49 -42.61 5.80
CA GLY L 183 2.10 -43.90 6.34
C GLY L 183 3.23 -44.90 6.23
N PRO L 184 2.97 -46.13 6.68
CA PRO L 184 3.99 -47.18 6.55
C PRO L 184 4.28 -47.43 5.09
N ASP L 185 5.54 -47.73 4.77
CA ASP L 185 5.94 -48.06 3.40
C ASP L 185 6.40 -49.51 3.39
N LEU L 186 5.49 -50.42 3.08
CA LEU L 186 5.83 -51.84 3.06
C LEU L 186 6.70 -52.19 1.87
N VAL L 187 6.71 -51.36 0.83
CA VAL L 187 7.54 -51.65 -0.33
C VAL L 187 9.01 -51.42 -0.01
N ARG L 188 9.33 -50.32 0.67
CA ARG L 188 10.70 -49.97 1.02
C ARG L 188 11.08 -50.39 2.43
N GLY L 189 10.13 -50.88 3.22
CA GLY L 189 10.43 -51.25 4.59
C GLY L 189 10.76 -50.07 5.48
N ILE L 190 10.09 -48.94 5.30
CA ILE L 190 10.26 -47.77 6.16
C ILE L 190 9.00 -47.62 7.01
N PHE L 191 9.17 -47.55 8.33
CA PHE L 191 8.06 -47.41 9.27
C PHE L 191 8.32 -46.27 10.23
N PRO L 192 7.27 -45.81 10.94
CA PRO L 192 7.45 -44.74 11.93
C PRO L 192 8.53 -44.99 12.96
N THR L 193 9.04 -43.90 13.51
CA THR L 193 9.96 -43.92 14.63
C THR L 193 9.18 -44.09 15.93
N ALA L 194 9.78 -44.77 16.89
CA ALA L 194 9.15 -44.80 18.20
C ALA L 194 10.21 -44.98 19.27
N VAL L 195 9.89 -44.48 20.44
CA VAL L 195 10.72 -44.55 21.63
C VAL L 195 9.80 -44.92 22.78
N ILE L 196 10.28 -45.74 23.69
CA ILE L 196 9.48 -46.13 24.83
C ILE L 196 10.33 -45.94 26.08
N ILE L 197 9.73 -45.37 27.12
CA ILE L 197 10.47 -44.97 28.31
C ILE L 197 9.76 -45.54 29.51
N ASP L 198 10.50 -46.21 30.39
CA ASP L 198 9.96 -46.58 31.70
C ASP L 198 11.05 -46.38 32.74
N ALA L 199 10.87 -47.00 33.91
CA ALA L 199 11.83 -46.83 35.01
C ALA L 199 13.23 -47.27 34.61
N ASP L 200 13.35 -48.19 33.66
CA ASP L 200 14.67 -48.63 33.22
C ASP L 200 15.27 -47.77 32.12
N GLY L 201 14.62 -46.67 31.74
CA GLY L 201 15.19 -45.75 30.79
C GLY L 201 14.40 -45.66 29.49
N ALA L 202 14.99 -44.93 28.54
CA ALA L 202 14.41 -44.67 27.23
C ALA L 202 15.11 -45.52 26.19
N VAL L 203 14.33 -46.18 25.31
CA VAL L 203 14.93 -47.08 24.33
C VAL L 203 14.21 -46.91 22.99
N ASP L 204 15.00 -47.01 21.91
CA ASP L 204 14.45 -46.96 20.57
C ASP L 204 13.75 -48.26 20.26
N VAL L 205 12.49 -48.17 19.84
CA VAL L 205 11.75 -49.37 19.44
C VAL L 205 12.31 -49.87 18.12
N PRO L 206 12.70 -51.14 18.02
CA PRO L 206 13.27 -51.64 16.76
C PRO L 206 12.28 -51.48 15.63
N GLU L 207 12.81 -51.21 14.43
CA GLU L 207 11.97 -51.04 13.26
C GLU L 207 11.05 -52.25 13.05
N SER L 208 11.62 -53.46 13.13
CA SER L 208 10.84 -54.67 12.86
C SER L 208 9.54 -54.72 13.67
N ARG L 209 9.59 -54.26 14.93
CA ARG L 209 8.41 -54.28 15.79
C ARG L 209 7.34 -53.35 15.26
N ILE L 210 7.75 -52.18 14.75
CA ILE L 210 6.82 -51.26 14.14
C ILE L 210 6.28 -51.84 12.85
N ALA L 211 7.11 -52.59 12.13
CA ALA L 211 6.65 -53.30 10.94
C ALA L 211 5.53 -54.27 11.28
N GLU L 212 5.71 -55.06 12.33
CA GLU L 212 4.67 -56.00 12.75
C GLU L 212 3.40 -55.27 13.18
N LEU L 213 3.54 -54.13 13.87
CA LEU L 213 2.34 -53.38 14.23
C LEU L 213 1.63 -52.85 12.98
N ALA L 214 2.39 -52.31 12.03
CA ALA L 214 1.81 -51.80 10.80
C ALA L 214 1.08 -52.89 10.03
N ARG L 215 1.66 -54.09 9.98
CA ARG L 215 1.02 -55.17 9.26
C ARG L 215 -0.24 -55.64 9.97
N ALA L 216 -0.23 -55.66 11.31
CA ALA L 216 -1.44 -56.02 12.04
C ALA L 216 -2.55 -54.99 11.79
N ILE L 217 -2.20 -53.70 11.77
CA ILE L 217 -3.22 -52.69 11.55
C ILE L 217 -3.77 -52.81 10.14
N ILE L 218 -2.88 -53.01 9.15
CA ILE L 218 -3.31 -53.12 7.76
C ILE L 218 -4.22 -54.32 7.57
N GLU L 219 -3.86 -55.47 8.15
CA GLU L 219 -4.73 -56.65 8.00
C GLU L 219 -6.03 -56.46 8.74
N SER L 220 -6.00 -55.75 9.87
CA SER L 220 -7.22 -55.46 10.60
C SER L 220 -8.20 -54.67 9.76
N ARG L 221 -7.68 -53.75 8.95
CA ARG L 221 -8.55 -52.92 8.13
C ARG L 221 -8.80 -53.49 6.74
N SER L 222 -8.12 -54.57 6.34
CA SER L 222 -8.45 -55.20 5.07
C SER L 222 -9.66 -56.14 5.18
N GLY L 223 -9.95 -56.67 6.36
CA GLY L 223 -11.13 -57.53 6.57
C GLY L 223 -11.01 -58.51 7.72
N THR M 1 20.46 -25.60 -13.61
CA THR M 1 21.53 -26.50 -13.21
C THR M 1 20.98 -27.88 -12.90
N THR M 2 21.83 -28.89 -13.07
CA THR M 2 21.55 -30.22 -12.54
C THR M 2 22.86 -30.81 -12.04
N ILE M 3 22.85 -31.25 -10.78
CA ILE M 3 23.96 -31.95 -10.13
C ILE M 3 23.42 -33.29 -9.67
N VAL M 4 24.08 -34.38 -10.06
CA VAL M 4 23.66 -35.72 -9.66
C VAL M 4 24.79 -36.34 -8.84
N ALA M 5 24.40 -37.25 -7.94
CA ALA M 5 25.34 -38.07 -7.19
C ALA M 5 24.71 -39.44 -7.01
N LEU M 6 25.49 -40.50 -7.19
CA LEU M 6 24.97 -41.85 -6.99
C LEU M 6 26.05 -42.76 -6.46
N LYS M 7 25.61 -43.78 -5.71
CA LYS M 7 26.51 -44.76 -5.12
C LYS M 7 26.68 -45.94 -6.06
N TYR M 8 27.91 -46.41 -6.18
CA TYR M 8 28.21 -47.67 -6.83
C TYR M 8 28.99 -48.51 -5.83
N PRO M 9 29.11 -49.81 -6.08
CA PRO M 9 29.78 -50.68 -5.10
C PRO M 9 31.19 -50.19 -4.80
N GLY M 10 31.39 -49.78 -3.55
CA GLY M 10 32.69 -49.34 -3.10
C GLY M 10 33.05 -47.91 -3.45
N GLY M 11 32.13 -47.13 -4.00
CA GLY M 11 32.43 -45.75 -4.29
C GLY M 11 31.18 -44.92 -4.53
N VAL M 12 31.41 -43.66 -4.88
CA VAL M 12 30.33 -42.74 -5.20
C VAL M 12 30.79 -41.85 -6.35
N VAL M 13 29.84 -41.34 -7.13
CA VAL M 13 30.19 -40.47 -8.24
C VAL M 13 29.26 -39.26 -8.23
N MET M 14 29.80 -38.11 -8.65
CA MET M 14 29.02 -36.88 -8.75
C MET M 14 29.34 -36.18 -10.07
N ALA M 15 28.28 -35.69 -10.72
CA ALA M 15 28.41 -35.08 -12.04
C ALA M 15 27.56 -33.84 -12.13
N GLY M 16 28.02 -32.84 -12.88
CA GLY M 16 27.28 -31.60 -13.03
C GLY M 16 27.51 -30.97 -14.38
N ASP M 17 26.56 -30.12 -14.78
CA ASP M 17 26.58 -29.50 -16.10
C ASP M 17 27.38 -28.20 -16.12
N ARG M 18 27.36 -27.53 -17.27
CA ARG M 18 28.27 -26.42 -17.50
C ARG M 18 27.57 -25.11 -17.81
N ARG M 19 26.27 -25.01 -17.54
CA ARG M 19 25.50 -23.89 -18.06
C ARG M 19 25.31 -22.82 -17.02
N SER M 20 25.43 -21.57 -17.47
CA SER M 20 25.17 -20.39 -16.67
C SER M 20 24.16 -19.55 -17.45
N THR M 21 23.10 -19.10 -16.79
CA THR M 21 22.06 -18.31 -17.45
C THR M 21 21.75 -17.04 -16.69
N GLN M 22 21.24 -16.06 -17.43
CA GLN M 22 20.56 -14.91 -16.86
C GLN M 22 19.22 -14.81 -17.58
N GLY M 23 18.14 -15.14 -16.88
CA GLY M 23 16.86 -15.26 -17.55
C GLY M 23 16.95 -16.26 -18.67
N ASN M 24 16.54 -15.83 -19.87
CA ASN M 24 16.61 -16.69 -21.03
C ASN M 24 17.99 -16.75 -21.66
N MET M 25 18.86 -15.79 -21.34
CA MET M 25 20.11 -15.65 -22.06
C MET M 25 21.18 -16.57 -21.48
N ILE M 26 21.87 -17.29 -22.34
CA ILE M 26 23.00 -18.12 -21.93
C ILE M 26 24.20 -17.22 -21.66
N SER M 27 24.73 -17.29 -20.45
CA SER M 27 25.83 -16.43 -20.04
C SER M 27 27.10 -17.20 -19.72
N GLY M 28 27.05 -18.52 -19.65
CA GLY M 28 28.26 -19.30 -19.50
C GLY M 28 28.08 -20.70 -20.04
N ARG M 29 29.17 -21.24 -20.60
CA ARG M 29 29.15 -22.56 -21.23
C ARG M 29 30.09 -23.58 -20.57
N ASP M 30 31.03 -23.15 -19.74
CA ASP M 30 32.08 -24.03 -19.21
C ASP M 30 32.25 -23.88 -17.71
N VAL M 31 31.24 -23.32 -17.04
CA VAL M 31 31.20 -23.25 -15.59
C VAL M 31 31.39 -24.64 -14.97
N ARG M 32 32.11 -24.68 -13.85
CA ARG M 32 32.31 -25.90 -13.07
C ARG M 32 31.50 -25.81 -11.78
N LYS M 33 30.70 -26.83 -11.51
CA LYS M 33 29.79 -26.81 -10.39
C LYS M 33 30.11 -27.88 -9.37
N VAL M 34 31.11 -28.71 -9.65
CA VAL M 34 31.44 -29.88 -8.84
C VAL M 34 32.90 -29.77 -8.47
N TYR M 35 33.18 -29.76 -7.18
CA TYR M 35 34.50 -29.43 -6.67
C TYR M 35 34.93 -30.49 -5.67
N ILE M 36 36.16 -30.96 -5.82
CA ILE M 36 36.73 -31.85 -4.82
C ILE M 36 37.04 -30.98 -3.61
N THR M 37 36.25 -31.13 -2.53
CA THR M 37 36.48 -30.30 -1.36
C THR M 37 37.51 -30.91 -0.40
N ASP M 38 37.74 -32.23 -0.43
CA ASP M 38 38.91 -32.77 0.24
C ASP M 38 39.18 -34.17 -0.31
N ASP M 39 40.23 -34.81 0.21
CA ASP M 39 40.68 -36.08 -0.34
C ASP M 39 39.56 -37.09 -0.49
N TYR M 40 38.55 -37.04 0.37
CA TYR M 40 37.46 -37.99 0.30
C TYR M 40 36.10 -37.33 0.14
N THR M 41 36.04 -36.08 -0.31
CA THR M 41 34.76 -35.39 -0.36
C THR M 41 34.66 -34.47 -1.57
N ALA M 42 33.49 -34.49 -2.21
CA ALA M 42 33.18 -33.62 -3.34
C ALA M 42 31.88 -32.90 -3.05
N THR M 43 31.80 -31.63 -3.48
CA THR M 43 30.61 -30.82 -3.28
C THR M 43 30.20 -30.21 -4.61
N GLY M 44 28.89 -30.26 -4.89
CA GLY M 44 28.33 -29.60 -6.06
C GLY M 44 27.20 -28.69 -5.64
N ILE M 45 27.17 -27.44 -6.10
CA ILE M 45 26.19 -26.47 -5.61
C ILE M 45 25.41 -25.90 -6.79
N ALA M 46 24.09 -25.93 -6.67
CA ALA M 46 23.20 -25.18 -7.54
C ALA M 46 22.86 -23.83 -6.89
N GLY M 47 22.35 -22.92 -7.70
CA GLY M 47 21.94 -21.62 -7.19
C GLY M 47 22.61 -20.47 -7.91
N THR M 48 22.88 -19.40 -7.19
CA THR M 48 23.60 -18.27 -7.76
C THR M 48 25.08 -18.66 -7.93
N ALA M 49 25.60 -18.47 -9.15
CA ALA M 49 26.97 -18.88 -9.43
C ALA M 49 27.95 -18.31 -8.39
N ALA M 50 27.93 -17.00 -8.19
CA ALA M 50 28.90 -16.38 -7.29
C ALA M 50 28.84 -17.00 -5.91
N VAL M 51 27.64 -17.18 -5.37
CA VAL M 51 27.51 -17.79 -4.05
C VAL M 51 27.92 -19.25 -4.09
N ALA M 52 27.47 -20.01 -5.11
CA ALA M 52 27.81 -21.43 -5.15
C ALA M 52 29.33 -21.63 -5.08
N VAL M 53 30.06 -20.91 -5.93
CA VAL M 53 31.51 -21.02 -5.97
C VAL M 53 32.11 -20.58 -4.64
N GLU M 54 31.59 -19.48 -4.08
CA GLU M 54 32.12 -19.01 -2.80
C GLU M 54 31.91 -20.05 -1.70
N PHE M 55 30.74 -20.68 -1.67
CA PHE M 55 30.47 -21.75 -0.71
C PHE M 55 31.48 -22.89 -0.86
N ALA M 56 31.72 -23.34 -2.10
CA ALA M 56 32.61 -24.49 -2.25
C ALA M 56 34.04 -24.15 -1.83
N ARG M 57 34.50 -22.95 -2.18
CA ARG M 57 35.84 -22.51 -1.83
C ARG M 57 36.00 -22.39 -0.31
N LEU M 58 35.11 -21.64 0.33
CA LEU M 58 35.19 -21.46 1.77
C LEU M 58 35.00 -22.76 2.53
N TYR M 59 34.17 -23.67 2.02
CA TYR M 59 33.99 -24.97 2.66
C TYR M 59 35.25 -25.82 2.60
N ALA M 60 35.90 -25.89 1.44
CA ALA M 60 37.15 -26.63 1.39
C ALA M 60 38.17 -26.01 2.34
N VAL M 61 38.23 -24.67 2.38
CA VAL M 61 39.20 -24.06 3.29
C VAL M 61 38.83 -24.36 4.73
N GLU M 62 37.54 -24.47 5.05
CA GLU M 62 37.16 -24.75 6.43
C GLU M 62 37.63 -26.13 6.84
N LEU M 63 37.34 -27.14 6.01
CA LEU M 63 37.74 -28.51 6.36
C LEU M 63 39.26 -28.63 6.52
N GLU M 64 40.02 -28.13 5.53
CA GLU M 64 41.47 -28.20 5.65
C GLU M 64 41.99 -27.39 6.84
N HIS M 65 41.31 -26.29 7.16
CA HIS M 65 41.68 -25.50 8.33
C HIS M 65 41.56 -26.33 9.60
N TYR M 66 40.41 -26.97 9.81
CA TYR M 66 40.30 -27.87 10.96
C TYR M 66 41.39 -28.94 10.96
N GLU M 67 41.66 -29.54 9.80
CA GLU M 67 42.62 -30.63 9.77
C GLU M 67 44.02 -30.17 10.19
N LYS M 68 44.46 -29.00 9.73
CA LYS M 68 45.77 -28.52 10.14
C LYS M 68 45.78 -28.03 11.59
N LEU M 69 44.63 -27.56 12.10
CA LEU M 69 44.62 -27.09 13.48
C LEU M 69 44.67 -28.25 14.46
N GLU M 70 43.93 -29.31 14.18
CA GLU M 70 43.73 -30.39 15.13
C GLU M 70 44.54 -31.63 14.82
N GLY M 71 45.35 -31.62 13.77
CA GLY M 71 46.11 -32.77 13.35
C GLY M 71 45.31 -33.93 12.78
N VAL M 72 43.98 -33.80 12.68
CA VAL M 72 43.12 -34.87 12.15
C VAL M 72 41.97 -34.24 11.37
N PRO M 73 41.39 -34.91 10.37
CA PRO M 73 40.21 -34.35 9.69
C PRO M 73 38.95 -34.51 10.51
N LEU M 74 37.90 -33.80 10.10
CA LEU M 74 36.61 -33.96 10.77
C LEU M 74 36.01 -35.32 10.43
N THR M 75 35.20 -35.83 11.35
CA THR M 75 34.32 -36.96 11.05
C THR M 75 33.32 -36.56 9.96
N PHE M 76 32.80 -37.57 9.25
CA PHE M 76 31.87 -37.24 8.17
C PHE M 76 30.71 -36.40 8.69
N ALA M 77 30.16 -36.78 9.85
CA ALA M 77 29.12 -35.97 10.47
C ALA M 77 29.55 -34.53 10.58
N GLY M 78 30.76 -34.30 11.12
CA GLY M 78 31.22 -32.93 11.31
C GLY M 78 31.23 -32.13 10.01
N LYS M 79 31.78 -32.71 8.96
CA LYS M 79 31.76 -32.01 7.67
C LYS M 79 30.33 -31.69 7.26
N ILE M 80 29.40 -32.63 7.45
CA ILE M 80 28.00 -32.36 7.15
C ILE M 80 27.55 -31.13 7.92
N ASN M 81 27.74 -31.16 9.24
CA ASN M 81 27.24 -30.07 10.08
C ASN M 81 27.82 -28.74 9.64
N ARG M 82 29.10 -28.73 9.24
CA ARG M 82 29.70 -27.46 8.86
C ARG M 82 29.05 -26.92 7.59
N LEU M 83 28.77 -27.80 6.62
CA LEU M 83 28.07 -27.36 5.42
C LEU M 83 26.66 -26.88 5.77
N ALA M 84 25.91 -27.67 6.55
CA ALA M 84 24.55 -27.28 6.91
C ALA M 84 24.54 -25.90 7.56
N ILE M 85 25.45 -25.67 8.50
CA ILE M 85 25.53 -24.39 9.19
C ILE M 85 25.80 -23.27 8.18
N MET M 86 26.75 -23.49 7.26
CA MET M 86 27.01 -22.51 6.23
C MET M 86 25.75 -22.20 5.43
N VAL M 87 24.96 -23.22 5.08
CA VAL M 87 23.76 -22.98 4.29
C VAL M 87 22.75 -22.17 5.10
N ARG M 88 22.50 -22.57 6.34
CA ARG M 88 21.59 -21.81 7.17
C ARG M 88 22.05 -20.36 7.30
N GLY M 89 23.36 -20.12 7.33
CA GLY M 89 23.86 -18.76 7.48
C GLY M 89 23.47 -17.85 6.34
N ASN M 90 23.33 -18.41 5.14
CA ASN M 90 22.98 -17.69 3.93
C ASN M 90 21.49 -17.61 3.68
N LEU M 91 20.66 -18.03 4.64
CA LEU M 91 19.24 -18.14 4.36
C LEU M 91 18.63 -16.79 3.95
N ALA M 92 18.99 -15.71 4.63
CA ALA M 92 18.35 -14.44 4.34
C ALA M 92 18.74 -13.94 2.95
N ALA M 93 20.05 -13.93 2.67
CA ALA M 93 20.51 -13.64 1.32
C ALA M 93 19.82 -14.54 0.30
N ALA M 94 19.73 -15.84 0.59
CA ALA M 94 19.07 -16.75 -0.35
C ALA M 94 17.64 -16.31 -0.60
N MET M 95 16.89 -16.02 0.46
CA MET M 95 15.53 -15.52 0.30
C MET M 95 15.48 -14.29 -0.58
N GLN M 96 16.57 -13.52 -0.64
CA GLN M 96 16.61 -12.37 -1.55
C GLN M 96 17.35 -12.66 -2.86
N GLY M 97 17.47 -13.94 -3.24
CA GLY M 97 18.02 -14.30 -4.54
C GLY M 97 19.47 -14.70 -4.58
N LEU M 98 20.19 -14.74 -3.45
CA LEU M 98 21.58 -15.18 -3.45
C LEU M 98 21.69 -16.59 -2.87
N LEU M 99 21.25 -17.55 -3.68
CA LEU M 99 21.00 -18.91 -3.22
C LEU M 99 22.20 -19.83 -3.42
N ALA M 100 22.35 -20.79 -2.50
CA ALA M 100 23.36 -21.85 -2.59
C ALA M 100 22.75 -23.13 -2.05
N LEU M 101 22.48 -24.08 -2.94
CA LEU M 101 21.93 -25.38 -2.55
C LEU M 101 22.95 -26.46 -2.85
N PRO M 102 23.58 -27.04 -1.85
CA PRO M 102 24.64 -28.02 -2.11
C PRO M 102 24.16 -29.46 -2.10
N LEU M 103 24.96 -30.30 -2.75
CA LEU M 103 24.85 -31.75 -2.73
C LEU M 103 26.23 -32.28 -2.39
N LEU M 104 26.28 -33.23 -1.44
CA LEU M 104 27.54 -33.68 -0.84
C LEU M 104 27.78 -35.16 -1.13
N ALA M 105 28.95 -35.49 -1.68
CA ALA M 105 29.32 -36.89 -1.90
C ALA M 105 30.64 -37.18 -1.22
N GLY M 106 30.76 -38.38 -0.67
CA GLY M 106 31.99 -38.68 0.01
C GLY M 106 32.14 -40.16 0.27
N TYR M 107 33.36 -40.53 0.65
CA TYR M 107 33.72 -41.88 1.08
C TYR M 107 34.16 -41.76 2.54
N ASP M 108 33.40 -42.37 3.46
CA ASP M 108 33.74 -42.27 4.87
C ASP M 108 34.80 -43.31 5.23
N ILE M 109 36.04 -42.85 5.45
CA ILE M 109 37.10 -43.77 5.81
C ILE M 109 36.92 -44.35 7.20
N HIS M 110 35.96 -43.87 7.97
CA HIS M 110 35.66 -44.44 9.27
C HIS M 110 34.40 -45.26 9.25
N ALA M 111 33.94 -45.66 8.07
CA ALA M 111 32.73 -46.46 7.94
C ALA M 111 33.00 -47.91 8.31
N SER M 112 31.92 -48.64 8.59
CA SER M 112 32.06 -50.04 8.98
C SER M 112 32.37 -50.93 7.78
N ASP M 113 31.50 -50.92 6.78
CA ASP M 113 31.68 -51.77 5.61
C ASP M 113 32.36 -50.98 4.51
N PRO M 114 33.57 -51.35 4.11
CA PRO M 114 34.23 -50.64 2.99
C PRO M 114 33.39 -50.55 1.72
N GLN M 115 32.38 -51.42 1.57
CA GLN M 115 31.49 -51.29 0.43
C GLN M 115 30.28 -50.43 0.74
N SER M 116 29.97 -50.20 2.01
CA SER M 116 28.96 -49.23 2.43
C SER M 116 29.58 -47.94 2.94
N ALA M 117 30.73 -47.53 2.40
CA ALA M 117 31.39 -46.30 2.83
C ALA M 117 31.04 -45.11 1.94
N GLY M 118 30.30 -45.34 0.86
CA GLY M 118 29.78 -44.23 0.09
C GLY M 118 28.75 -43.44 0.86
N ARG M 119 28.68 -42.15 0.55
CA ARG M 119 27.89 -41.18 1.31
C ARG M 119 27.37 -40.11 0.37
N ILE M 120 26.04 -39.94 0.33
CA ILE M 120 25.37 -38.87 -0.41
C ILE M 120 24.46 -38.13 0.55
N VAL M 121 24.70 -36.84 0.73
CA VAL M 121 23.91 -35.99 1.62
C VAL M 121 23.25 -34.87 0.80
N SER M 122 21.94 -34.73 0.95
CA SER M 122 21.22 -33.63 0.34
C SER M 122 20.84 -32.59 1.41
N PHE M 123 20.53 -31.39 0.95
CA PHE M 123 20.29 -30.22 1.81
C PHE M 123 19.13 -29.39 1.28
N ASP M 124 18.45 -28.69 2.19
CA ASP M 124 17.51 -27.66 1.77
C ASP M 124 18.09 -26.29 2.11
N ALA M 125 17.44 -25.25 1.58
CA ALA M 125 17.91 -23.88 1.77
C ALA M 125 17.96 -23.46 3.23
N ALA M 126 17.42 -24.26 4.16
CA ALA M 126 17.45 -23.91 5.56
C ALA M 126 18.56 -24.61 6.32
N GLY M 127 19.40 -25.39 5.64
CA GLY M 127 20.42 -26.16 6.31
C GLY M 127 19.98 -27.51 6.78
N GLY M 128 18.71 -27.89 6.58
CA GLY M 128 18.35 -29.29 6.73
C GLY M 128 19.14 -30.16 5.78
N TRP M 129 19.46 -31.37 6.23
CA TRP M 129 20.18 -32.33 5.41
C TRP M 129 19.57 -33.69 5.65
N ASN M 130 19.87 -34.61 4.73
CA ASN M 130 19.44 -35.99 4.89
C ASN M 130 20.47 -36.85 4.19
N ILE M 131 20.95 -37.86 4.90
CA ILE M 131 21.84 -38.87 4.34
C ILE M 131 20.98 -39.82 3.51
N GLU M 132 21.19 -39.79 2.19
CA GLU M 132 20.36 -40.55 1.26
C GLU M 132 20.66 -42.04 1.35
N GLU M 133 19.60 -42.85 1.49
CA GLU M 133 19.74 -44.29 1.63
C GLU M 133 19.27 -45.07 0.41
N GLU M 134 18.77 -44.42 -0.65
CA GLU M 134 18.23 -45.13 -1.80
C GLU M 134 19.13 -45.06 -3.04
N GLY M 135 20.36 -44.58 -2.92
CA GLY M 135 21.37 -44.77 -3.95
C GLY M 135 21.75 -43.54 -4.76
N TYR M 136 20.86 -42.55 -4.88
CA TYR M 136 21.17 -41.43 -5.76
C TYR M 136 20.40 -40.18 -5.31
N GLN M 137 20.84 -39.04 -5.83
CA GLN M 137 20.22 -37.77 -5.49
C GLN M 137 20.65 -36.73 -6.52
N ALA M 138 19.98 -35.58 -6.49
CA ALA M 138 20.28 -34.51 -7.44
C ALA M 138 19.72 -33.19 -6.92
N VAL M 139 20.36 -32.11 -7.33
CA VAL M 139 19.96 -30.77 -6.93
C VAL M 139 20.02 -29.89 -8.18
N GLY M 140 19.22 -28.84 -8.19
CA GLY M 140 19.17 -27.92 -9.31
C GLY M 140 17.84 -27.99 -10.04
N SER M 141 17.68 -27.04 -10.96
CA SER M 141 16.43 -26.87 -11.68
C SER M 141 16.04 -28.10 -12.50
N GLY M 142 16.96 -29.03 -12.73
CA GLY M 142 16.64 -30.20 -13.51
C GLY M 142 16.74 -31.48 -12.70
N SER M 143 16.72 -31.35 -11.36
CA SER M 143 16.96 -32.49 -10.50
C SER M 143 15.77 -33.45 -10.43
N LEU M 144 14.55 -33.01 -10.78
CA LEU M 144 13.44 -33.95 -10.82
C LEU M 144 13.49 -34.82 -12.07
N PHE M 145 13.89 -34.23 -13.19
CA PHE M 145 14.14 -35.04 -14.38
C PHE M 145 15.30 -36.01 -14.13
N ALA M 146 16.36 -35.51 -13.49
CA ALA M 146 17.53 -36.34 -13.23
C ALA M 146 17.20 -37.48 -12.26
N LYS M 147 16.47 -37.19 -11.18
CA LYS M 147 16.09 -38.23 -10.24
C LYS M 147 15.10 -39.22 -10.83
N SER M 148 14.17 -38.77 -11.69
CA SER M 148 13.26 -39.71 -12.30
C SER M 148 13.95 -40.59 -13.32
N SER M 149 14.96 -40.02 -14.01
CA SER M 149 15.80 -40.81 -14.90
C SER M 149 16.57 -41.88 -14.12
N MET M 150 17.16 -41.49 -13.00
CA MET M 150 17.96 -42.43 -12.24
C MET M 150 17.09 -43.47 -11.55
N LYS M 151 15.87 -43.11 -11.15
CA LYS M 151 14.95 -44.11 -10.62
C LYS M 151 14.84 -45.31 -11.56
N LYS M 152 14.87 -45.07 -12.87
CA LYS M 152 14.72 -46.14 -13.85
C LYS M 152 16.05 -46.73 -14.29
N LEU M 153 17.15 -45.99 -14.20
CA LEU M 153 18.42 -46.49 -14.69
C LEU M 153 19.31 -47.09 -13.61
N TYR M 154 18.98 -46.89 -12.33
CA TYR M 154 19.95 -47.21 -11.27
C TYR M 154 20.25 -48.70 -11.17
N SER M 155 19.38 -49.56 -11.71
CA SER M 155 19.64 -50.99 -11.67
C SER M 155 20.86 -51.37 -12.52
N GLN M 156 21.18 -50.59 -13.54
CA GLN M 156 22.32 -50.90 -14.40
C GLN M 156 23.65 -50.53 -13.77
N VAL M 157 23.63 -49.89 -12.60
CA VAL M 157 24.86 -49.48 -11.96
C VAL M 157 25.40 -50.67 -11.19
N THR M 158 26.49 -51.25 -11.69
CA THR M 158 27.15 -52.36 -11.02
C THR M 158 28.61 -52.09 -10.68
N ASP M 159 29.24 -51.10 -11.31
CA ASP M 159 30.60 -50.73 -11.01
C ASP M 159 30.72 -49.22 -11.22
N GLY M 160 31.95 -48.70 -11.10
CA GLY M 160 32.14 -47.27 -11.23
C GLY M 160 31.90 -46.76 -12.64
N ASP M 161 32.16 -47.58 -13.64
CA ASP M 161 32.01 -47.12 -15.01
C ASP M 161 30.53 -47.05 -15.39
N SER M 162 29.77 -48.09 -15.04
CA SER M 162 28.33 -48.03 -15.25
C SER M 162 27.70 -46.90 -14.43
N GLY M 163 28.16 -46.72 -13.20
CA GLY M 163 27.67 -45.61 -12.39
C GLY M 163 27.92 -44.26 -13.05
N LEU M 164 29.11 -44.08 -13.62
CA LEU M 164 29.40 -42.86 -14.36
C LEU M 164 28.46 -42.71 -15.56
N ARG M 165 28.21 -43.81 -16.27
CA ARG M 165 27.30 -43.73 -17.40
C ARG M 165 25.90 -43.30 -16.96
N VAL M 166 25.40 -43.86 -15.86
CA VAL M 166 24.10 -43.45 -15.37
C VAL M 166 24.12 -41.99 -14.95
N ALA M 167 25.21 -41.54 -14.33
CA ALA M 167 25.27 -40.14 -13.91
C ALA M 167 25.17 -39.24 -15.13
N VAL M 168 25.93 -39.54 -16.17
CA VAL M 168 25.97 -38.68 -17.35
C VAL M 168 24.63 -38.73 -18.08
N GLU M 169 23.98 -39.89 -18.10
CA GLU M 169 22.72 -40.00 -18.80
C GLU M 169 21.60 -39.29 -18.07
N ALA M 170 21.63 -39.36 -16.73
CA ALA M 170 20.70 -38.58 -15.94
C ALA M 170 20.86 -37.09 -16.23
N LEU M 171 22.11 -36.61 -16.23
CA LEU M 171 22.36 -35.22 -16.62
C LEU M 171 21.82 -34.93 -18.02
N TYR M 172 21.97 -35.90 -18.93
CA TYR M 172 21.49 -35.70 -20.29
C TYR M 172 19.99 -35.51 -20.31
N ASP M 173 19.26 -36.36 -19.59
CA ASP M 173 17.81 -36.23 -19.53
C ASP M 173 17.43 -34.88 -18.92
N ALA M 174 18.12 -34.50 -17.84
CA ALA M 174 17.92 -33.18 -17.25
C ALA M 174 17.99 -32.10 -18.33
N ALA M 175 19.06 -32.08 -19.12
CA ALA M 175 19.19 -31.05 -20.16
C ALA M 175 18.06 -31.17 -21.17
N ASP M 176 17.63 -32.38 -21.46
CA ASP M 176 16.57 -32.57 -22.44
C ASP M 176 15.31 -31.83 -22.03
N ASP M 177 15.00 -31.79 -20.72
CA ASP M 177 13.75 -31.17 -20.26
C ASP M 177 13.89 -29.81 -19.58
N ASP M 178 15.10 -29.36 -19.25
CA ASP M 178 15.31 -28.12 -18.51
C ASP M 178 16.27 -27.20 -19.26
N SER M 179 15.79 -26.04 -19.69
CA SER M 179 16.64 -25.17 -20.51
C SER M 179 17.78 -24.56 -19.72
N ALA M 180 17.73 -24.57 -18.39
CA ALA M 180 18.83 -24.05 -17.58
C ALA M 180 19.88 -25.11 -17.27
N THR M 181 19.71 -26.32 -17.77
CA THR M 181 20.73 -27.36 -17.68
C THR M 181 21.30 -27.62 -19.07
N GLY M 182 22.62 -27.55 -19.19
CA GLY M 182 23.27 -27.68 -20.47
C GLY M 182 23.62 -29.12 -20.76
N GLY M 183 23.19 -29.60 -21.92
CA GLY M 183 23.60 -30.91 -22.35
C GLY M 183 24.95 -30.87 -23.00
N PRO M 184 25.43 -32.05 -23.39
CA PRO M 184 26.75 -32.13 -24.05
C PRO M 184 26.83 -31.24 -25.28
N ASP M 185 27.90 -30.45 -25.36
CA ASP M 185 28.16 -29.58 -26.52
C ASP M 185 29.23 -30.28 -27.37
N LEU M 186 28.78 -31.06 -28.35
CA LEU M 186 29.74 -31.76 -29.20
C LEU M 186 30.49 -30.82 -30.13
N VAL M 187 29.90 -29.67 -30.47
CA VAL M 187 30.57 -28.73 -31.36
C VAL M 187 31.75 -28.08 -30.67
N ARG M 188 31.60 -27.68 -29.40
CA ARG M 188 32.66 -27.00 -28.69
C ARG M 188 33.55 -27.96 -27.91
N GLY M 189 33.08 -29.19 -27.69
CA GLY M 189 33.81 -30.12 -26.87
C GLY M 189 33.74 -29.87 -25.39
N ILE M 190 32.63 -29.31 -24.91
CA ILE M 190 32.42 -29.08 -23.49
C ILE M 190 31.45 -30.14 -22.99
N PHE M 191 31.80 -30.79 -21.91
CA PHE M 191 30.99 -31.87 -21.36
C PHE M 191 30.87 -31.69 -19.87
N PRO M 192 29.90 -32.37 -19.25
CA PRO M 192 29.74 -32.31 -17.79
C PRO M 192 31.04 -32.61 -17.07
N THR M 193 31.18 -32.15 -15.85
CA THR M 193 32.30 -32.59 -15.04
C THR M 193 31.82 -33.67 -14.08
N ALA M 194 32.79 -34.47 -13.63
CA ALA M 194 32.48 -35.66 -12.84
C ALA M 194 33.67 -35.97 -11.93
N VAL M 195 33.36 -36.17 -10.66
CA VAL M 195 34.32 -36.64 -9.67
C VAL M 195 33.91 -38.05 -9.30
N ILE M 196 34.90 -38.93 -9.14
CA ILE M 196 34.68 -40.25 -8.57
C ILE M 196 35.43 -40.32 -7.25
N ILE M 197 34.85 -41.00 -6.26
CA ILE M 197 35.47 -41.12 -4.96
C ILE M 197 35.36 -42.57 -4.51
N ASP M 198 36.48 -43.19 -4.21
CA ASP M 198 36.46 -44.51 -3.58
C ASP M 198 37.53 -44.54 -2.50
N ALA M 199 37.97 -45.74 -2.12
CA ALA M 199 38.88 -45.86 -1.00
C ALA M 199 40.18 -45.14 -1.27
N ASP M 200 40.64 -45.17 -2.52
CA ASP M 200 41.89 -44.49 -2.85
C ASP M 200 41.74 -42.98 -2.93
N GLY M 201 40.54 -42.44 -2.71
CA GLY M 201 40.29 -41.02 -2.65
C GLY M 201 39.41 -40.51 -3.78
N ALA M 202 39.36 -39.18 -3.90
CA ALA M 202 38.56 -38.49 -4.90
C ALA M 202 39.42 -38.02 -6.05
N VAL M 203 38.89 -38.17 -7.26
CA VAL M 203 39.62 -37.82 -8.47
C VAL M 203 38.66 -37.23 -9.49
N ASP M 204 39.19 -36.29 -10.26
CA ASP M 204 38.47 -35.78 -11.41
C ASP M 204 38.38 -36.86 -12.48
N VAL M 205 37.21 -37.00 -13.08
CA VAL M 205 37.06 -37.93 -14.20
C VAL M 205 37.57 -37.26 -15.47
N PRO M 206 38.43 -37.90 -16.24
CA PRO M 206 38.98 -37.23 -17.43
C PRO M 206 37.87 -36.90 -18.41
N GLU M 207 38.01 -35.74 -19.06
CA GLU M 207 36.97 -35.29 -19.97
C GLU M 207 36.75 -36.29 -21.10
N SER M 208 37.80 -37.03 -21.49
CA SER M 208 37.68 -37.94 -22.63
C SER M 208 36.66 -39.03 -22.35
N ARG M 209 36.61 -39.53 -21.10
CA ARG M 209 35.67 -40.61 -20.80
C ARG M 209 34.23 -40.12 -20.79
N ILE M 210 33.99 -38.93 -20.22
CA ILE M 210 32.64 -38.40 -20.22
C ILE M 210 32.19 -38.12 -21.65
N ALA M 211 33.08 -37.56 -22.47
CA ALA M 211 32.75 -37.35 -23.87
C ALA M 211 32.39 -38.65 -24.57
N GLU M 212 33.14 -39.72 -24.27
CA GLU M 212 32.83 -41.03 -24.84
C GLU M 212 31.43 -41.49 -24.44
N LEU M 213 31.15 -41.54 -23.13
CA LEU M 213 29.82 -41.95 -22.66
C LEU M 213 28.73 -41.08 -23.29
N ALA M 214 28.97 -39.76 -23.36
CA ALA M 214 28.02 -38.84 -23.97
C ALA M 214 27.68 -39.24 -25.40
N ARG M 215 28.69 -39.44 -26.25
CA ARG M 215 28.36 -39.83 -27.62
C ARG M 215 27.69 -41.20 -27.66
N ALA M 216 28.00 -42.09 -26.72
CA ALA M 216 27.28 -43.36 -26.69
C ALA M 216 25.80 -43.14 -26.40
N ILE M 217 25.49 -42.25 -25.46
CA ILE M 217 24.09 -41.99 -25.13
C ILE M 217 23.39 -41.36 -26.33
N ILE M 218 24.03 -40.37 -26.94
CA ILE M 218 23.44 -39.70 -28.10
C ILE M 218 23.15 -40.69 -29.22
N GLU M 219 24.18 -41.44 -29.65
CA GLU M 219 23.93 -42.40 -30.72
C GLU M 219 22.88 -43.42 -30.30
N SER M 220 22.86 -43.79 -29.03
CA SER M 220 21.90 -44.75 -28.53
C SER M 220 20.46 -44.28 -28.69
N ARG M 221 20.21 -42.96 -28.59
CA ARG M 221 18.84 -42.49 -28.71
C ARG M 221 18.43 -42.15 -30.14
N SER M 222 19.32 -42.29 -31.12
CA SER M 222 18.91 -42.07 -32.50
C SER M 222 18.59 -43.38 -33.19
N THR N 1 26.73 2.10 -22.49
CA THR N 1 28.14 1.71 -22.52
C THR N 1 28.35 0.42 -23.29
N THR N 2 29.51 0.30 -23.94
CA THR N 2 30.03 -1.02 -24.32
C THR N 2 31.52 -1.02 -24.05
N ILE N 3 31.98 -2.03 -23.30
CA ILE N 3 33.39 -2.36 -23.17
C ILE N 3 33.57 -3.73 -23.81
N VAL N 4 34.59 -3.87 -24.66
CA VAL N 4 34.92 -5.15 -25.27
C VAL N 4 36.37 -5.49 -24.96
N ALA N 5 36.66 -6.79 -24.99
CA ALA N 5 38.02 -7.28 -24.81
C ALA N 5 38.16 -8.59 -25.58
N LEU N 6 39.30 -8.75 -26.25
CA LEU N 6 39.57 -9.99 -26.97
C LEU N 6 41.04 -10.35 -26.88
N LYS N 7 41.29 -11.66 -27.01
CA LYS N 7 42.63 -12.21 -27.03
C LYS N 7 43.12 -12.33 -28.47
N TYR N 8 44.36 -11.92 -28.70
CA TYR N 8 45.04 -12.13 -29.96
C TYR N 8 46.35 -12.84 -29.65
N PRO N 9 46.97 -13.45 -30.64
CA PRO N 9 48.16 -14.26 -30.36
C PRO N 9 49.24 -13.46 -29.64
N GLY N 10 49.49 -13.80 -28.38
CA GLY N 10 50.50 -13.14 -27.59
C GLY N 10 50.02 -12.02 -26.69
N GLY N 11 48.80 -11.49 -26.91
CA GLY N 11 48.31 -10.45 -26.04
C GLY N 11 46.80 -10.36 -25.95
N VAL N 12 46.34 -9.24 -25.40
CA VAL N 12 44.93 -8.94 -25.21
C VAL N 12 44.69 -7.45 -25.52
N VAL N 13 43.44 -7.13 -25.85
CA VAL N 13 43.03 -5.77 -26.17
C VAL N 13 41.71 -5.49 -25.48
N MET N 14 41.61 -4.32 -24.83
CA MET N 14 40.35 -3.88 -24.24
C MET N 14 40.04 -2.47 -24.70
N ALA N 15 38.81 -2.22 -25.13
CA ALA N 15 38.42 -0.92 -25.65
C ALA N 15 37.02 -0.57 -25.17
N GLY N 16 36.76 0.72 -25.04
CA GLY N 16 35.50 1.19 -24.50
C GLY N 16 35.09 2.51 -25.10
N ASP N 17 33.76 2.74 -25.14
CA ASP N 17 33.18 3.94 -25.72
C ASP N 17 33.34 5.13 -24.77
N ARG N 18 32.78 6.27 -25.17
CA ARG N 18 33.05 7.54 -24.50
C ARG N 18 31.79 8.25 -24.01
N ARG N 19 30.62 7.63 -24.15
CA ARG N 19 29.37 8.34 -24.01
C ARG N 19 28.84 8.26 -22.59
N SER N 20 28.22 9.35 -22.14
CA SER N 20 27.59 9.40 -20.82
C SER N 20 26.21 10.03 -20.96
N THR N 21 25.21 9.40 -20.34
CA THR N 21 23.83 9.82 -20.51
C THR N 21 23.15 9.97 -19.15
N GLN N 22 22.09 10.79 -19.16
CA GLN N 22 21.11 10.88 -18.08
C GLN N 22 19.75 10.73 -18.76
N GLY N 23 19.29 9.49 -18.86
CA GLY N 23 18.12 9.22 -19.67
C GLY N 23 18.52 9.28 -21.13
N ASN N 24 17.71 9.96 -21.92
CA ASN N 24 18.01 10.15 -23.33
C ASN N 24 19.01 11.29 -23.55
N MET N 25 19.21 12.18 -22.58
CA MET N 25 20.13 13.31 -22.74
C MET N 25 21.59 12.87 -22.65
N ILE N 26 22.39 13.26 -23.65
CA ILE N 26 23.82 12.99 -23.63
C ILE N 26 24.48 13.95 -22.67
N SER N 27 25.17 13.42 -21.66
CA SER N 27 25.75 14.27 -20.64
C SER N 27 27.27 14.28 -20.65
N GLY N 28 27.89 13.37 -21.39
CA GLY N 28 29.33 13.41 -21.60
C GLY N 28 29.66 12.80 -22.94
N ARG N 29 30.74 13.30 -23.55
CA ARG N 29 31.22 12.82 -24.86
C ARG N 29 32.63 12.25 -24.81
N ASP N 30 33.34 12.41 -23.70
CA ASP N 30 34.76 12.14 -23.64
C ASP N 30 35.12 11.35 -22.39
N VAL N 31 34.14 10.71 -21.74
CA VAL N 31 34.50 10.03 -20.51
C VAL N 31 35.29 8.78 -20.85
N ARG N 32 36.09 8.34 -19.90
CA ARG N 32 36.95 7.19 -20.06
C ARG N 32 36.47 6.06 -19.17
N LYS N 33 36.34 4.86 -19.75
CA LYS N 33 35.79 3.71 -19.05
C LYS N 33 36.78 2.56 -18.95
N VAL N 34 37.93 2.63 -19.63
CA VAL N 34 38.91 1.58 -19.62
C VAL N 34 40.19 2.14 -19.03
N TYR N 35 40.72 1.46 -18.01
CA TYR N 35 41.90 1.97 -17.31
C TYR N 35 42.96 0.88 -17.18
N ILE N 36 44.22 1.28 -17.36
CA ILE N 36 45.38 0.47 -17.01
C ILE N 36 45.43 0.36 -15.49
N THR N 37 45.12 -0.80 -14.93
CA THR N 37 45.13 -0.89 -13.48
C THR N 37 46.47 -1.36 -12.93
N ASP N 38 47.26 -2.11 -13.71
CA ASP N 38 48.66 -2.28 -13.37
C ASP N 38 49.41 -2.70 -14.63
N ASP N 39 50.71 -2.94 -14.49
CA ASP N 39 51.57 -3.12 -15.67
C ASP N 39 51.08 -4.21 -16.61
N TYR N 40 50.23 -5.12 -16.13
CA TYR N 40 49.73 -6.21 -16.96
C TYR N 40 48.22 -6.36 -16.96
N THR N 41 47.48 -5.43 -16.33
CA THR N 41 46.04 -5.58 -16.34
C THR N 41 45.35 -4.24 -16.61
N ALA N 42 44.24 -4.33 -17.34
CA ALA N 42 43.30 -3.23 -17.55
C ALA N 42 41.91 -3.67 -17.09
N THR N 43 41.13 -2.69 -16.64
CA THR N 43 39.77 -2.91 -16.17
C THR N 43 38.86 -1.89 -16.84
N GLY N 44 37.77 -2.37 -17.43
CA GLY N 44 36.76 -1.51 -18.02
C GLY N 44 35.46 -1.75 -17.29
N ILE N 45 34.73 -0.68 -17.01
CA ILE N 45 33.59 -0.80 -16.11
C ILE N 45 32.38 -0.10 -16.70
N ALA N 46 31.24 -0.80 -16.72
CA ALA N 46 29.97 -0.19 -17.06
C ALA N 46 29.17 0.12 -15.79
N GLY N 47 28.19 1.02 -15.92
CA GLY N 47 27.31 1.35 -14.82
C GLY N 47 27.21 2.83 -14.53
N THR N 48 27.03 3.18 -13.26
CA THR N 48 27.05 4.57 -12.87
C THR N 48 28.47 5.12 -12.95
N ALA N 49 28.62 6.27 -13.63
CA ALA N 49 29.93 6.84 -13.89
C ALA N 49 30.77 7.00 -12.62
N ALA N 50 30.19 7.58 -11.57
CA ALA N 50 30.92 7.77 -10.32
C ALA N 50 31.39 6.42 -9.77
N VAL N 51 30.48 5.46 -9.65
CA VAL N 51 30.88 4.19 -9.05
C VAL N 51 31.93 3.50 -9.91
N ALA N 52 31.78 3.57 -11.23
CA ALA N 52 32.68 2.89 -12.14
C ALA N 52 34.11 3.41 -12.00
N VAL N 53 34.27 4.73 -12.11
CA VAL N 53 35.59 5.34 -12.01
C VAL N 53 36.18 5.10 -10.62
N GLU N 54 35.38 5.35 -9.58
CA GLU N 54 35.85 5.07 -8.22
C GLU N 54 36.38 3.64 -8.12
N PHE N 55 35.59 2.66 -8.56
CA PHE N 55 36.03 1.27 -8.55
C PHE N 55 37.39 1.10 -9.20
N ALA N 56 37.54 1.60 -10.43
CA ALA N 56 38.81 1.42 -11.14
C ALA N 56 39.97 2.01 -10.34
N ARG N 57 39.79 3.20 -9.78
CA ARG N 57 40.87 3.83 -9.03
C ARG N 57 41.21 3.04 -7.77
N LEU N 58 40.18 2.69 -6.99
CA LEU N 58 40.40 1.93 -5.76
C LEU N 58 41.07 0.60 -6.04
N TYR N 59 40.66 -0.06 -7.13
CA TYR N 59 41.25 -1.33 -7.49
C TYR N 59 42.73 -1.17 -7.83
N ALA N 60 43.08 -0.13 -8.59
CA ALA N 60 44.49 0.15 -8.84
C ALA N 60 45.27 0.32 -7.55
N VAL N 61 44.74 1.16 -6.64
CA VAL N 61 45.44 1.40 -5.38
C VAL N 61 45.61 0.10 -4.60
N GLU N 62 44.60 -0.77 -4.61
CA GLU N 62 44.69 -2.01 -3.85
C GLU N 62 45.81 -2.91 -4.40
N LEU N 63 45.81 -3.14 -5.71
CA LEU N 63 46.86 -3.99 -6.26
C LEU N 63 48.24 -3.46 -5.90
N GLU N 64 48.50 -2.17 -6.19
CA GLU N 64 49.82 -1.64 -5.93
C GLU N 64 50.14 -1.61 -4.43
N HIS N 65 49.11 -1.43 -3.60
CA HIS N 65 49.29 -1.45 -2.16
C HIS N 65 49.85 -2.80 -1.71
N TYR N 66 49.22 -3.90 -2.16
CA TYR N 66 49.75 -5.23 -1.89
C TYR N 66 51.18 -5.36 -2.39
N GLU N 67 51.44 -4.93 -3.62
CA GLU N 67 52.79 -5.09 -4.17
C GLU N 67 53.83 -4.43 -3.28
N LYS N 68 53.65 -3.14 -3.00
CA LYS N 68 54.61 -2.45 -2.14
C LYS N 68 54.72 -3.12 -0.77
N LEU N 69 53.61 -3.62 -0.23
CA LEU N 69 53.64 -4.20 1.12
C LEU N 69 54.40 -5.51 1.16
N GLU N 70 54.15 -6.40 0.20
CA GLU N 70 54.63 -7.78 0.29
C GLU N 70 55.81 -8.05 -0.63
N GLY N 71 56.31 -7.03 -1.33
CA GLY N 71 57.44 -7.18 -2.23
C GLY N 71 57.15 -7.81 -3.57
N VAL N 72 55.95 -8.32 -3.79
CA VAL N 72 55.66 -9.07 -5.01
C VAL N 72 54.22 -8.78 -5.41
N PRO N 73 53.92 -8.70 -6.70
CA PRO N 73 52.53 -8.49 -7.10
C PRO N 73 51.65 -9.70 -6.80
N LEU N 74 50.34 -9.46 -6.76
CA LEU N 74 49.39 -10.56 -6.58
C LEU N 74 49.41 -11.48 -7.80
N THR N 75 49.12 -12.76 -7.56
CA THR N 75 48.79 -13.66 -8.64
C THR N 75 47.57 -13.13 -9.40
N PHE N 76 47.50 -13.48 -10.68
CA PHE N 76 46.33 -13.10 -11.47
C PHE N 76 45.03 -13.57 -10.80
N ALA N 77 45.02 -14.81 -10.30
CA ALA N 77 43.85 -15.29 -9.58
C ALA N 77 43.50 -14.37 -8.42
N GLY N 78 44.50 -13.85 -7.72
CA GLY N 78 44.21 -13.02 -6.56
C GLY N 78 43.68 -11.66 -6.97
N LYS N 79 44.20 -11.12 -8.07
CA LYS N 79 43.62 -9.90 -8.62
C LYS N 79 42.14 -10.08 -8.93
N ILE N 80 41.82 -11.20 -9.61
CA ILE N 80 40.42 -11.53 -9.88
C ILE N 80 39.62 -11.50 -8.58
N ASN N 81 40.05 -12.30 -7.61
CA ASN N 81 39.27 -12.41 -6.38
C ASN N 81 39.04 -11.03 -5.75
N ARG N 82 40.05 -10.15 -5.80
CA ARG N 82 39.89 -8.83 -5.18
C ARG N 82 38.86 -7.98 -5.92
N LEU N 83 38.89 -7.97 -7.26
CA LEU N 83 37.84 -7.29 -8.01
C LEU N 83 36.45 -7.88 -7.69
N ALA N 84 36.33 -9.20 -7.76
CA ALA N 84 35.07 -9.86 -7.43
C ALA N 84 34.55 -9.42 -6.05
N ILE N 85 35.43 -9.43 -5.04
CA ILE N 85 35.03 -9.05 -3.68
C ILE N 85 34.55 -7.61 -3.66
N MET N 86 35.22 -6.72 -4.40
CA MET N 86 34.73 -5.35 -4.49
C MET N 86 33.30 -5.30 -5.05
N VAL N 87 33.07 -5.97 -6.17
CA VAL N 87 31.73 -5.95 -6.78
C VAL N 87 30.67 -6.48 -5.81
N ARG N 88 30.91 -7.68 -5.28
CA ARG N 88 30.03 -8.23 -4.26
C ARG N 88 29.73 -7.20 -3.19
N GLY N 89 30.77 -6.54 -2.67
CA GLY N 89 30.57 -5.51 -1.67
C GLY N 89 29.63 -4.41 -2.11
N ASN N 90 29.59 -4.12 -3.41
CA ASN N 90 28.70 -3.06 -3.89
C ASN N 90 27.30 -3.53 -4.24
N LEU N 91 26.98 -4.83 -4.11
CA LEU N 91 25.69 -5.33 -4.62
C LEU N 91 24.47 -4.53 -4.12
N ALA N 92 24.42 -4.18 -2.84
CA ALA N 92 23.24 -3.49 -2.32
C ALA N 92 23.06 -2.13 -3.00
N ALA N 93 24.11 -1.30 -2.96
CA ALA N 93 24.07 0.00 -3.63
C ALA N 93 23.74 -0.13 -5.10
N ALA N 94 24.33 -1.13 -5.77
CA ALA N 94 23.98 -1.41 -7.15
C ALA N 94 22.48 -1.58 -7.30
N MET N 95 21.88 -2.43 -6.46
CA MET N 95 20.44 -2.62 -6.53
C MET N 95 19.71 -1.30 -6.38
N GLN N 96 20.27 -0.36 -5.64
CA GLN N 96 19.64 0.95 -5.54
C GLN N 96 20.04 1.92 -6.64
N GLY N 97 20.77 1.46 -7.67
CA GLY N 97 21.09 2.31 -8.80
C GLY N 97 22.54 2.75 -8.89
N LEU N 98 23.40 2.31 -7.98
CA LEU N 98 24.82 2.63 -8.09
C LEU N 98 25.57 1.40 -8.62
N LEU N 99 25.32 1.09 -9.89
CA LEU N 99 25.91 -0.10 -10.51
C LEU N 99 27.36 0.11 -10.92
N ALA N 100 28.18 -0.92 -10.72
CA ALA N 100 29.54 -1.01 -11.24
C ALA N 100 29.76 -2.43 -11.71
N LEU N 101 29.93 -2.63 -13.01
CA LEU N 101 30.03 -3.96 -13.64
C LEU N 101 31.35 -4.05 -14.40
N PRO N 102 32.38 -4.67 -13.84
CA PRO N 102 33.68 -4.68 -14.49
C PRO N 102 33.88 -5.85 -15.43
N LEU N 103 34.83 -5.63 -16.34
CA LEU N 103 35.46 -6.61 -17.19
C LEU N 103 36.96 -6.45 -17.00
N LEU N 104 37.66 -7.56 -16.80
CA LEU N 104 39.10 -7.57 -16.56
C LEU N 104 39.82 -8.16 -17.76
N ALA N 105 40.97 -7.59 -18.11
CA ALA N 105 41.80 -8.14 -19.18
C ALA N 105 43.27 -7.99 -18.79
N GLY N 106 44.03 -9.09 -18.88
CA GLY N 106 45.37 -9.08 -18.33
C GLY N 106 46.30 -10.00 -19.07
N TYR N 107 47.59 -9.87 -18.74
CA TYR N 107 48.63 -10.79 -19.15
C TYR N 107 49.21 -11.43 -17.89
N ASP N 108 49.06 -12.75 -17.75
CA ASP N 108 49.57 -13.50 -16.60
C ASP N 108 51.03 -13.87 -16.86
N ILE N 109 51.95 -13.08 -16.31
CA ILE N 109 53.37 -13.34 -16.50
C ILE N 109 53.79 -14.70 -15.95
N HIS N 110 52.93 -15.36 -15.16
CA HIS N 110 53.22 -16.66 -14.58
C HIS N 110 52.39 -17.77 -15.22
N ALA N 111 51.98 -17.59 -16.48
CA ALA N 111 51.18 -18.57 -17.19
C ALA N 111 52.08 -19.72 -17.64
N SER N 112 51.53 -20.61 -18.47
CA SER N 112 52.33 -21.67 -19.06
C SER N 112 53.30 -21.12 -20.11
N ASP N 113 52.77 -20.52 -21.17
CA ASP N 113 53.58 -20.04 -22.29
C ASP N 113 53.09 -18.67 -22.71
N PRO N 114 53.99 -17.76 -23.10
CA PRO N 114 53.57 -16.40 -23.48
C PRO N 114 52.50 -16.37 -24.57
N GLN N 115 52.38 -17.46 -25.33
CA GLN N 115 51.35 -17.56 -26.36
C GLN N 115 49.96 -17.75 -25.77
N SER N 116 49.86 -18.37 -24.59
CA SER N 116 48.58 -18.64 -23.94
C SER N 116 48.49 -17.96 -22.57
N ALA N 117 49.07 -16.77 -22.45
CA ALA N 117 49.08 -16.04 -21.17
C ALA N 117 48.03 -14.95 -21.09
N GLY N 118 47.39 -14.60 -22.22
CA GLY N 118 46.33 -13.62 -22.18
C GLY N 118 45.17 -14.09 -21.31
N ARG N 119 44.47 -13.13 -20.73
CA ARG N 119 43.38 -13.41 -19.80
C ARG N 119 42.24 -12.43 -20.03
N ILE N 120 41.03 -12.95 -20.21
CA ILE N 120 39.81 -12.15 -20.20
C ILE N 120 38.86 -12.71 -19.14
N VAL N 121 38.50 -11.89 -18.16
CA VAL N 121 37.67 -12.31 -17.04
C VAL N 121 36.41 -11.47 -17.03
N SER N 122 35.26 -12.13 -17.13
CA SER N 122 33.98 -11.44 -17.02
C SER N 122 33.40 -11.65 -15.63
N PHE N 123 32.49 -10.75 -15.26
CA PHE N 123 31.90 -10.71 -13.93
C PHE N 123 30.41 -10.48 -14.06
N ASP N 124 29.70 -10.69 -12.96
CA ASP N 124 28.31 -10.29 -12.87
C ASP N 124 28.13 -9.44 -11.61
N ALA N 125 26.95 -8.83 -11.50
CA ALA N 125 26.69 -7.89 -10.41
C ALA N 125 26.83 -8.54 -9.03
N ALA N 126 26.83 -9.87 -8.94
CA ALA N 126 27.03 -10.57 -7.68
C ALA N 126 28.50 -10.84 -7.38
N GLY N 127 29.40 -10.47 -8.28
CA GLY N 127 30.79 -10.80 -8.10
C GLY N 127 31.20 -12.16 -8.63
N GLY N 128 30.27 -12.91 -9.22
CA GLY N 128 30.66 -14.10 -9.94
C GLY N 128 31.57 -13.74 -11.11
N TRP N 129 32.52 -14.63 -11.39
CA TRP N 129 33.47 -14.35 -12.46
C TRP N 129 33.68 -15.61 -13.29
N ASN N 130 34.20 -15.40 -14.51
CA ASN N 130 34.48 -16.49 -15.42
C ASN N 130 35.68 -16.11 -16.27
N ILE N 131 36.62 -17.03 -16.42
CA ILE N 131 37.77 -16.79 -17.27
C ILE N 131 37.39 -17.25 -18.68
N GLU N 132 37.22 -16.28 -19.58
CA GLU N 132 36.68 -16.56 -20.89
C GLU N 132 37.65 -17.41 -21.71
N GLU N 133 37.14 -18.47 -22.32
CA GLU N 133 37.97 -19.40 -23.05
C GLU N 133 37.69 -19.38 -24.54
N GLU N 134 36.81 -18.51 -25.02
CA GLU N 134 36.43 -18.50 -26.42
C GLU N 134 36.91 -17.26 -27.16
N GLY N 135 37.70 -16.40 -26.51
CA GLY N 135 38.48 -15.39 -27.19
C GLY N 135 38.04 -13.95 -26.95
N TYR N 136 36.76 -13.72 -26.66
CA TYR N 136 36.26 -12.35 -26.55
C TYR N 136 35.12 -12.26 -25.54
N GLN N 137 34.83 -11.04 -25.12
CA GLN N 137 33.80 -10.82 -24.13
C GLN N 137 33.49 -9.33 -24.12
N ALA N 138 32.34 -8.98 -23.55
CA ALA N 138 31.90 -7.60 -23.55
C ALA N 138 30.95 -7.38 -22.40
N VAL N 139 30.93 -6.15 -21.91
CA VAL N 139 30.06 -5.77 -20.80
C VAL N 139 29.40 -4.44 -21.18
N GLY N 140 28.22 -4.18 -20.63
CA GLY N 140 27.54 -2.92 -20.81
C GLY N 140 26.29 -3.04 -21.67
N SER N 141 25.56 -1.92 -21.76
CA SER N 141 24.25 -1.92 -22.42
C SER N 141 24.34 -2.32 -23.89
N GLY N 142 25.47 -2.06 -24.54
CA GLY N 142 25.63 -2.52 -25.91
C GLY N 142 26.37 -3.83 -26.04
N SER N 143 26.61 -4.53 -24.94
CA SER N 143 27.54 -5.65 -24.97
C SER N 143 27.04 -6.82 -25.81
N LEU N 144 25.72 -7.03 -25.91
CA LEU N 144 25.25 -8.17 -26.70
C LEU N 144 25.45 -7.92 -28.20
N PHE N 145 25.32 -6.68 -28.65
CA PHE N 145 25.67 -6.39 -30.04
C PHE N 145 27.16 -6.59 -30.26
N ALA N 146 28.01 -6.13 -29.32
CA ALA N 146 29.45 -6.33 -29.48
C ALA N 146 29.78 -7.81 -29.54
N LYS N 147 29.19 -8.61 -28.64
CA LYS N 147 29.50 -10.03 -28.63
C LYS N 147 29.04 -10.70 -29.91
N SER N 148 27.83 -10.38 -30.39
CA SER N 148 27.35 -11.00 -31.63
C SER N 148 28.14 -10.53 -32.85
N SER N 149 28.70 -9.32 -32.81
CA SER N 149 29.59 -8.90 -33.90
C SER N 149 30.89 -9.68 -33.87
N MET N 150 31.52 -9.73 -32.69
CA MET N 150 32.80 -10.42 -32.58
C MET N 150 32.65 -11.92 -32.84
N LYS N 151 31.45 -12.46 -32.59
CA LYS N 151 31.20 -13.86 -32.95
C LYS N 151 31.53 -14.11 -34.41
N LYS N 152 31.21 -13.15 -35.29
CA LYS N 152 31.45 -13.28 -36.72
C LYS N 152 32.80 -12.75 -37.15
N LEU N 153 33.37 -11.77 -36.43
CA LEU N 153 34.61 -11.16 -36.85
C LEU N 153 35.85 -11.82 -36.24
N TYR N 154 35.69 -12.64 -35.21
CA TYR N 154 36.86 -13.08 -34.45
C TYR N 154 37.79 -13.92 -35.31
N SER N 155 37.26 -14.60 -36.31
CA SER N 155 38.13 -15.41 -37.16
C SER N 155 39.12 -14.55 -37.93
N GLN N 156 39.01 -13.22 -37.85
CA GLN N 156 39.94 -12.32 -38.51
C GLN N 156 41.08 -11.87 -37.60
N VAL N 157 41.07 -12.23 -36.33
CA VAL N 157 42.09 -11.77 -35.37
C VAL N 157 43.28 -12.71 -35.43
N THR N 158 44.43 -12.19 -35.88
CA THR N 158 45.67 -12.94 -35.96
C THR N 158 46.87 -12.21 -35.37
N ASP N 159 46.72 -10.95 -34.97
CA ASP N 159 47.82 -10.16 -34.41
C ASP N 159 47.21 -8.97 -33.68
N GLY N 160 48.07 -8.13 -33.11
CA GLY N 160 47.58 -6.98 -32.37
C GLY N 160 46.77 -6.01 -33.21
N ASP N 161 47.13 -5.83 -34.48
CA ASP N 161 46.42 -4.87 -35.31
C ASP N 161 45.01 -5.37 -35.63
N SER N 162 44.88 -6.59 -36.14
CA SER N 162 43.57 -7.11 -36.45
C SER N 162 42.70 -7.25 -35.19
N GLY N 163 43.32 -7.46 -34.04
CA GLY N 163 42.56 -7.53 -32.80
C GLY N 163 42.05 -6.16 -32.38
N LEU N 164 42.92 -5.16 -32.40
CA LEU N 164 42.44 -3.79 -32.14
C LEU N 164 41.31 -3.43 -33.11
N ARG N 165 41.44 -3.82 -34.38
CA ARG N 165 40.46 -3.41 -35.36
C ARG N 165 39.12 -4.08 -35.12
N VAL N 166 39.14 -5.38 -34.79
CA VAL N 166 37.89 -6.06 -34.47
C VAL N 166 37.24 -5.41 -33.25
N ALA N 167 38.05 -5.03 -32.24
CA ALA N 167 37.50 -4.38 -31.07
C ALA N 167 36.78 -3.09 -31.43
N VAL N 168 37.44 -2.23 -32.20
CA VAL N 168 36.82 -0.96 -32.59
C VAL N 168 35.54 -1.22 -33.39
N GLU N 169 35.59 -2.17 -34.32
CA GLU N 169 34.43 -2.47 -35.15
C GLU N 169 33.26 -2.97 -34.30
N ALA N 170 33.56 -3.74 -33.25
CA ALA N 170 32.50 -4.24 -32.38
C ALA N 170 31.88 -3.10 -31.56
N LEU N 171 32.71 -2.18 -31.06
CA LEU N 171 32.13 -1.01 -30.43
C LEU N 171 31.29 -0.20 -31.42
N TYR N 172 31.64 -0.26 -32.71
CA TYR N 172 30.86 0.46 -33.72
C TYR N 172 29.50 -0.19 -33.94
N ASP N 173 29.44 -1.52 -34.01
CA ASP N 173 28.16 -2.19 -34.09
C ASP N 173 27.32 -1.87 -32.86
N ALA N 174 27.93 -1.99 -31.68
CA ALA N 174 27.24 -1.62 -30.46
C ALA N 174 26.64 -0.23 -30.58
N ALA N 175 27.47 0.75 -30.90
CA ALA N 175 26.98 2.12 -31.03
C ALA N 175 25.87 2.20 -32.07
N ASP N 176 25.90 1.31 -33.08
CA ASP N 176 24.91 1.34 -34.13
C ASP N 176 23.53 0.94 -33.61
N ASP N 177 23.47 0.02 -32.65
CA ASP N 177 22.19 -0.45 -32.12
C ASP N 177 21.83 0.07 -30.72
N ASP N 178 22.75 0.74 -30.01
CA ASP N 178 22.51 1.14 -28.62
C ASP N 178 22.87 2.61 -28.45
N SER N 179 21.87 3.42 -28.10
CA SER N 179 22.07 4.85 -28.03
C SER N 179 22.86 5.26 -26.80
N ALA N 180 22.99 4.37 -25.83
CA ALA N 180 23.83 4.66 -24.68
C ALA N 180 25.30 4.36 -24.95
N THR N 181 25.63 3.82 -26.12
CA THR N 181 27.00 3.58 -26.54
C THR N 181 27.35 4.56 -27.65
N GLY N 182 28.30 5.44 -27.39
CA GLY N 182 28.67 6.45 -28.36
C GLY N 182 29.60 5.88 -29.42
N GLY N 183 29.32 6.22 -30.68
CA GLY N 183 30.20 5.86 -31.76
C GLY N 183 31.25 6.91 -32.00
N PRO N 184 32.13 6.68 -32.97
CA PRO N 184 33.16 7.67 -33.31
C PRO N 184 32.54 9.01 -33.65
N ASP N 185 33.08 10.09 -33.07
CA ASP N 185 32.60 11.44 -33.32
C ASP N 185 33.64 12.12 -34.20
N LEU N 186 33.40 12.09 -35.51
CA LEU N 186 34.39 12.61 -36.46
C LEU N 186 34.50 14.13 -36.37
N VAL N 187 33.39 14.83 -36.17
CA VAL N 187 33.44 16.29 -36.11
C VAL N 187 34.31 16.75 -34.94
N ARG N 188 34.10 16.16 -33.77
CA ARG N 188 34.86 16.52 -32.59
C ARG N 188 36.18 15.77 -32.48
N GLY N 189 36.29 14.59 -33.08
CA GLY N 189 37.55 13.86 -33.00
C GLY N 189 37.66 13.02 -31.77
N ILE N 190 36.56 12.44 -31.32
CA ILE N 190 36.51 11.62 -30.11
C ILE N 190 36.28 10.17 -30.53
N PHE N 191 37.07 9.26 -29.99
CA PHE N 191 37.08 7.87 -30.39
C PHE N 191 37.20 6.99 -29.16
N PRO N 192 36.82 5.72 -29.25
CA PRO N 192 36.94 4.84 -28.09
C PRO N 192 38.38 4.82 -27.59
N THR N 193 38.53 4.55 -26.29
CA THR N 193 39.86 4.35 -25.73
C THR N 193 40.22 2.87 -25.81
N ALA N 194 41.51 2.60 -25.94
CA ALA N 194 41.99 1.23 -26.15
C ALA N 194 43.30 1.02 -25.40
N VAL N 195 43.34 -0.04 -24.61
CA VAL N 195 44.55 -0.52 -23.94
C VAL N 195 44.93 -1.85 -24.57
N ILE N 196 46.21 -2.02 -24.87
CA ILE N 196 46.72 -3.30 -25.35
C ILE N 196 47.73 -3.81 -24.35
N ILE N 197 47.69 -5.11 -24.08
CA ILE N 197 48.57 -5.74 -23.11
C ILE N 197 49.27 -6.89 -23.79
N ASP N 198 50.60 -6.94 -23.67
CA ASP N 198 51.32 -8.16 -24.03
C ASP N 198 52.46 -8.34 -23.04
N ALA N 199 53.49 -9.08 -23.47
CA ALA N 199 54.59 -9.41 -22.55
C ALA N 199 55.36 -8.18 -22.09
N ASP N 200 55.34 -7.09 -22.86
CA ASP N 200 56.00 -5.85 -22.47
C ASP N 200 55.12 -4.97 -21.61
N GLY N 201 53.92 -5.43 -21.27
CA GLY N 201 53.06 -4.73 -20.36
C GLY N 201 51.84 -4.18 -21.05
N ALA N 202 51.12 -3.35 -20.31
CA ALA N 202 49.93 -2.69 -20.78
C ALA N 202 50.28 -1.28 -21.22
N VAL N 203 49.72 -0.85 -22.34
CA VAL N 203 50.03 0.43 -22.93
C VAL N 203 48.75 1.02 -23.51
N ASP N 204 48.53 2.31 -23.26
CA ASP N 204 47.45 3.02 -23.90
C ASP N 204 47.68 3.07 -25.40
N VAL N 205 46.67 2.66 -26.16
CA VAL N 205 46.79 2.82 -27.61
C VAL N 205 46.68 4.30 -27.94
N PRO N 206 47.52 4.83 -28.84
CA PRO N 206 47.39 6.25 -29.20
C PRO N 206 46.10 6.53 -29.94
N GLU N 207 45.49 7.67 -29.60
CA GLU N 207 44.20 8.03 -30.16
C GLU N 207 44.18 7.95 -31.68
N SER N 208 45.25 8.42 -32.34
CA SER N 208 45.25 8.47 -33.79
C SER N 208 45.11 7.09 -34.42
N ARG N 209 45.64 6.05 -33.76
CA ARG N 209 45.50 4.70 -34.27
C ARG N 209 44.03 4.29 -34.29
N ILE N 210 43.31 4.58 -33.20
CA ILE N 210 41.89 4.27 -33.12
C ILE N 210 41.09 5.08 -34.13
N ALA N 211 41.46 6.36 -34.28
CA ALA N 211 40.78 7.22 -35.27
C ALA N 211 40.95 6.68 -36.68
N GLU N 212 42.16 6.25 -37.04
CA GLU N 212 42.36 5.64 -38.35
C GLU N 212 41.48 4.40 -38.51
N LEU N 213 41.44 3.53 -37.50
CA LEU N 213 40.63 2.32 -37.62
C LEU N 213 39.13 2.65 -37.72
N ALA N 214 38.65 3.60 -36.92
CA ALA N 214 37.24 3.95 -36.94
C ALA N 214 36.83 4.58 -38.27
N ARG N 215 37.61 5.55 -38.77
CA ARG N 215 37.28 6.13 -40.08
C ARG N 215 37.34 5.06 -41.17
N ALA N 216 38.34 4.19 -41.12
CA ALA N 216 38.40 3.07 -42.05
C ALA N 216 37.10 2.27 -42.04
N ILE N 217 36.63 1.90 -40.83
CA ILE N 217 35.42 1.08 -40.70
C ILE N 217 34.21 1.80 -41.27
N ILE N 218 34.08 3.10 -40.96
CA ILE N 218 32.95 3.88 -41.45
C ILE N 218 32.94 3.89 -42.97
N GLU N 219 34.07 4.25 -43.56
CA GLU N 219 34.18 4.23 -45.02
C GLU N 219 33.86 2.85 -45.55
N SER N 220 34.26 1.81 -44.83
CA SER N 220 34.00 0.45 -45.29
C SER N 220 32.50 0.19 -45.40
N ARG N 221 31.75 0.67 -44.42
CA ARG N 221 30.30 0.56 -44.40
C ARG N 221 29.60 1.40 -45.49
N SER N 222 30.13 2.58 -45.77
CA SER N 222 29.45 3.51 -46.68
C SER N 222 29.35 2.99 -48.11
N GLY N 223 30.13 1.97 -48.47
CA GLY N 223 30.11 1.40 -49.81
C GLY N 223 31.17 0.35 -50.08
N MET O 1 -63.60 -1.62 -32.27
CA MET O 1 -63.48 -1.71 -30.82
C MET O 1 -64.57 -2.62 -30.24
N GLU O 2 -65.84 -2.27 -30.46
CA GLU O 2 -66.89 -3.09 -29.87
C GLU O 2 -67.11 -4.37 -30.64
N GLN O 3 -66.93 -4.35 -31.96
CA GLN O 3 -67.05 -5.59 -32.72
C GLN O 3 -65.84 -6.48 -32.51
N ALA O 4 -64.66 -5.89 -32.32
CA ALA O 4 -63.48 -6.68 -31.99
C ALA O 4 -63.67 -7.43 -30.68
N MET O 5 -64.21 -6.76 -29.66
CA MET O 5 -64.41 -7.41 -28.37
C MET O 5 -65.51 -8.46 -28.46
N ARG O 6 -66.64 -8.12 -29.10
CA ARG O 6 -67.66 -9.13 -29.36
C ARG O 6 -67.05 -10.37 -30.02
N GLU O 7 -66.12 -10.16 -30.96
CA GLU O 7 -65.55 -11.28 -31.70
C GLU O 7 -64.58 -12.10 -30.84
N ARG O 8 -63.66 -11.44 -30.14
CA ARG O 8 -62.79 -12.14 -29.20
C ARG O 8 -63.61 -12.99 -28.23
N SER O 9 -64.60 -12.35 -27.60
CA SER O 9 -65.49 -13.06 -26.70
C SER O 9 -66.08 -14.30 -27.38
N GLU O 10 -66.63 -14.11 -28.58
CA GLU O 10 -67.27 -15.23 -29.28
C GLU O 10 -66.29 -16.39 -29.47
N LEU O 11 -65.11 -16.10 -30.02
CA LEU O 11 -64.13 -17.15 -30.26
C LEU O 11 -63.79 -17.90 -28.97
N ALA O 12 -63.58 -17.16 -27.88
CA ALA O 12 -63.24 -17.81 -26.62
C ALA O 12 -64.37 -18.71 -26.13
N ARG O 13 -65.61 -18.23 -26.19
CA ARG O 13 -66.72 -19.03 -25.67
C ARG O 13 -66.94 -20.27 -26.51
N LYS O 14 -66.88 -20.15 -27.85
CA LYS O 14 -67.01 -21.32 -28.71
C LYS O 14 -65.89 -22.31 -28.45
N GLY O 15 -64.66 -21.83 -28.32
CA GLY O 15 -63.57 -22.73 -27.99
C GLY O 15 -63.82 -23.50 -26.71
N ILE O 16 -64.29 -22.81 -25.67
CA ILE O 16 -64.54 -23.51 -24.41
C ILE O 16 -65.70 -24.49 -24.56
N ALA O 17 -66.68 -24.15 -25.40
CA ALA O 17 -67.83 -25.04 -25.61
C ALA O 17 -67.42 -26.34 -26.29
N ARG O 18 -66.36 -26.31 -27.12
CA ARG O 18 -65.88 -27.50 -27.80
C ARG O 18 -65.03 -28.40 -26.92
N ALA O 19 -64.59 -27.93 -25.76
CA ALA O 19 -63.69 -28.69 -24.91
C ALA O 19 -64.47 -29.48 -23.86
N LYS O 20 -63.84 -30.54 -23.38
CA LYS O 20 -64.46 -31.38 -22.38
C LYS O 20 -64.66 -30.61 -21.08
N SER O 21 -65.54 -31.14 -20.23
CA SER O 21 -65.97 -30.44 -19.03
C SER O 21 -65.20 -30.89 -17.81
N VAL O 22 -65.27 -30.06 -16.77
CA VAL O 22 -64.58 -30.27 -15.51
C VAL O 22 -65.50 -29.79 -14.41
N VAL O 23 -65.55 -30.53 -13.31
CA VAL O 23 -66.33 -30.16 -12.15
C VAL O 23 -65.41 -30.16 -10.93
N ALA O 24 -65.58 -29.15 -10.09
CA ALA O 24 -64.95 -29.15 -8.78
C ALA O 24 -66.04 -28.88 -7.77
N LEU O 25 -66.01 -29.58 -6.64
CA LEU O 25 -67.08 -29.38 -5.66
C LEU O 25 -66.55 -29.60 -4.27
N ALA O 26 -67.15 -28.87 -3.32
CA ALA O 26 -66.79 -28.99 -1.92
C ALA O 26 -67.41 -30.25 -1.34
N TYR O 27 -66.62 -31.02 -0.59
CA TYR O 27 -67.15 -32.15 0.15
C TYR O 27 -66.55 -32.16 1.55
N ALA O 28 -67.09 -33.03 2.41
CA ALA O 28 -66.73 -33.01 3.83
C ALA O 28 -65.22 -32.98 4.05
N GLY O 29 -64.45 -33.63 3.18
CA GLY O 29 -63.02 -33.79 3.36
C GLY O 29 -62.15 -32.78 2.66
N GLY O 30 -62.73 -31.84 1.93
CA GLY O 30 -61.97 -30.85 1.19
C GLY O 30 -62.65 -30.47 -0.11
N VAL O 31 -61.90 -30.47 -1.19
CA VAL O 31 -62.43 -30.16 -2.51
C VAL O 31 -62.10 -31.31 -3.46
N LEU O 32 -63.05 -31.63 -4.33
CA LEU O 32 -62.88 -32.69 -5.31
C LEU O 32 -62.84 -32.10 -6.72
N PHE O 33 -61.84 -32.51 -7.49
CA PHE O 33 -61.69 -32.20 -8.91
C PHE O 33 -61.92 -33.46 -9.72
N VAL O 34 -62.90 -33.41 -10.62
CA VAL O 34 -63.17 -34.52 -11.54
C VAL O 34 -63.32 -33.93 -12.93
N ALA O 35 -62.47 -34.37 -13.84
CA ALA O 35 -62.46 -33.84 -15.20
C ALA O 35 -62.49 -34.99 -16.21
N GLU O 36 -63.29 -34.81 -17.26
CA GLU O 36 -63.25 -35.68 -18.43
C GLU O 36 -61.89 -35.53 -19.09
N ASN O 37 -61.06 -36.57 -19.02
CA ASN O 37 -59.74 -36.45 -19.59
C ASN O 37 -59.20 -37.81 -20.05
N PRO O 38 -59.09 -38.03 -21.36
CA PRO O 38 -58.54 -39.30 -21.85
C PRO O 38 -57.02 -39.38 -21.78
N SER O 39 -56.33 -38.24 -21.77
CA SER O 39 -54.87 -38.24 -21.77
C SER O 39 -54.32 -39.07 -20.61
N ARG O 40 -53.23 -39.79 -20.88
CA ARG O 40 -52.56 -40.54 -19.83
C ARG O 40 -51.45 -39.75 -19.17
N SER O 41 -50.93 -38.72 -19.83
CA SER O 41 -49.81 -37.96 -19.28
C SER O 41 -50.04 -36.45 -19.18
N LEU O 42 -51.06 -35.89 -19.82
CA LEU O 42 -51.24 -34.44 -19.87
C LEU O 42 -52.45 -34.07 -19.02
N GLN O 43 -52.22 -33.23 -18.00
CA GLN O 43 -53.15 -33.03 -16.90
C GLN O 43 -53.88 -31.70 -17.02
N LYS O 44 -55.17 -31.70 -16.62
CA LYS O 44 -56.01 -30.50 -16.58
C LYS O 44 -56.23 -29.98 -15.18
N ILE O 45 -55.74 -30.69 -14.17
CA ILE O 45 -55.94 -30.35 -12.76
C ILE O 45 -54.57 -30.31 -12.11
N SER O 46 -54.35 -29.33 -11.25
CA SER O 46 -53.00 -29.11 -10.76
C SER O 46 -53.03 -28.58 -9.33
N GLU O 47 -51.95 -28.89 -8.61
CA GLU O 47 -51.60 -28.19 -7.39
C GLU O 47 -50.97 -26.84 -7.72
N LEU O 48 -51.40 -25.80 -7.02
CA LEU O 48 -50.77 -24.49 -7.06
C LEU O 48 -49.96 -24.20 -5.82
N TYR O 49 -50.54 -24.43 -4.64
CA TYR O 49 -49.82 -24.17 -3.39
C TYR O 49 -50.35 -25.10 -2.32
N ASP O 50 -49.77 -25.00 -1.12
CA ASP O 50 -50.01 -25.99 -0.07
C ASP O 50 -51.47 -26.41 0.02
N ARG O 51 -52.38 -25.44 0.06
CA ARG O 51 -53.81 -25.71 0.21
C ARG O 51 -54.62 -25.15 -0.95
N VAL O 52 -53.99 -24.84 -2.07
CA VAL O 52 -54.65 -24.14 -3.18
C VAL O 52 -54.48 -24.98 -4.42
N GLY O 53 -55.61 -25.34 -5.04
CA GLY O 53 -55.60 -26.16 -6.23
C GLY O 53 -56.19 -25.46 -7.44
N PHE O 54 -55.93 -26.04 -8.61
CA PHE O 54 -56.21 -25.44 -9.90
C PHE O 54 -56.88 -26.47 -10.80
N ALA O 55 -57.91 -26.03 -11.53
CA ALA O 55 -58.53 -26.84 -12.57
C ALA O 55 -58.80 -25.94 -13.77
N ALA O 56 -58.73 -26.51 -14.97
CA ALA O 56 -58.92 -25.71 -16.16
C ALA O 56 -59.68 -26.49 -17.22
N ALA O 57 -60.39 -25.75 -18.07
CA ALA O 57 -61.03 -26.29 -19.26
C ALA O 57 -60.65 -25.40 -20.44
N GLY O 58 -60.55 -26.01 -21.64
CA GLY O 58 -60.28 -25.26 -22.84
C GLY O 58 -59.08 -25.82 -23.59
N LYS O 59 -58.24 -24.91 -24.07
CA LYS O 59 -57.11 -25.26 -24.92
C LYS O 59 -55.87 -25.50 -24.04
N PHE O 60 -55.29 -26.71 -24.16
CA PHE O 60 -54.31 -27.15 -23.17
C PHE O 60 -53.10 -26.21 -23.08
N ASN O 61 -52.49 -25.87 -24.22
CA ASN O 61 -51.25 -25.10 -24.12
C ASN O 61 -51.48 -23.79 -23.40
N GLU O 62 -52.71 -23.25 -23.46
CA GLU O 62 -53.01 -21.96 -22.88
C GLU O 62 -53.34 -22.03 -21.39
N PHE O 63 -54.10 -23.03 -20.95
CA PHE O 63 -54.29 -23.14 -19.51
C PHE O 63 -53.09 -23.77 -18.82
N ASP O 64 -52.19 -24.42 -19.59
CA ASP O 64 -50.92 -24.83 -19.03
C ASP O 64 -50.00 -23.64 -18.84
N ASN O 65 -49.98 -22.71 -19.81
CA ASN O 65 -49.33 -21.43 -19.57
C ASN O 65 -49.85 -20.77 -18.30
N LEU O 66 -51.16 -20.59 -18.20
CA LEU O 66 -51.72 -19.92 -17.02
C LEU O 66 -51.46 -20.70 -15.72
N ARG O 67 -51.43 -22.04 -15.80
CA ARG O 67 -51.11 -22.86 -14.63
C ARG O 67 -49.70 -22.59 -14.14
N ARG O 68 -48.72 -22.69 -15.06
CA ARG O 68 -47.33 -22.42 -14.73
C ARG O 68 -47.15 -21.01 -14.17
N GLY O 69 -47.87 -20.03 -14.73
CA GLY O 69 -47.72 -18.66 -14.26
C GLY O 69 -48.28 -18.47 -12.87
N GLY O 70 -49.37 -19.18 -12.57
CA GLY O 70 -49.93 -19.13 -11.23
C GLY O 70 -49.05 -19.81 -10.21
N ILE O 71 -48.38 -20.90 -10.59
CA ILE O 71 -47.41 -21.53 -9.70
C ILE O 71 -46.23 -20.60 -9.46
N GLN O 72 -45.74 -19.95 -10.53
CA GLN O 72 -44.70 -18.95 -10.39
C GLN O 72 -45.11 -17.89 -9.37
N PHE O 73 -46.33 -17.36 -9.51
CA PHE O 73 -46.84 -16.36 -8.57
C PHE O 73 -46.87 -16.90 -7.15
N ALA O 74 -47.47 -18.07 -6.96
CA ALA O 74 -47.60 -18.62 -5.62
C ALA O 74 -46.24 -18.80 -4.96
N ASP O 75 -45.31 -19.45 -5.66
CA ASP O 75 -44.01 -19.72 -5.07
C ASP O 75 -43.29 -18.43 -4.72
N THR O 76 -43.31 -17.47 -5.64
CA THR O 76 -42.63 -16.21 -5.39
C THR O 76 -43.22 -15.47 -4.18
N ARG O 77 -44.55 -15.48 -4.03
CA ARG O 77 -45.14 -14.78 -2.91
C ARG O 77 -44.87 -15.50 -1.59
N GLY O 78 -44.92 -16.83 -1.59
CA GLY O 78 -44.63 -17.55 -0.37
C GLY O 78 -43.19 -17.34 0.05
N TYR O 79 -42.28 -17.23 -0.92
CA TYR O 79 -40.89 -17.02 -0.60
C TYR O 79 -40.65 -15.61 -0.08
N ALA O 80 -41.21 -14.61 -0.77
CA ALA O 80 -40.96 -13.23 -0.41
C ALA O 80 -41.56 -12.87 0.94
N TYR O 81 -42.61 -13.59 1.34
CA TYR O 81 -43.24 -13.39 2.63
C TYR O 81 -43.16 -14.67 3.45
N ASP O 82 -44.28 -15.37 3.60
CA ASP O 82 -44.33 -16.65 4.25
C ASP O 82 -45.34 -17.54 3.53
N ARG O 83 -45.16 -18.86 3.66
CA ARG O 83 -46.10 -19.79 3.02
C ARG O 83 -47.54 -19.43 3.37
N ARG O 84 -47.84 -19.25 4.66
CA ARG O 84 -49.22 -19.05 5.08
C ARG O 84 -49.88 -17.80 4.50
N ASP O 85 -49.13 -16.94 3.79
CA ASP O 85 -49.67 -15.70 3.22
C ASP O 85 -50.22 -15.89 1.81
N VAL O 86 -49.94 -17.03 1.18
CA VAL O 86 -50.52 -17.39 -0.11
C VAL O 86 -51.95 -17.84 0.09
N THR O 87 -52.91 -17.20 -0.58
CA THR O 87 -54.31 -17.57 -0.44
C THR O 87 -54.94 -17.85 -1.81
N GLY O 88 -56.04 -18.60 -1.76
CA GLY O 88 -56.83 -18.83 -2.97
C GLY O 88 -57.35 -17.55 -3.57
N ARG O 89 -57.87 -16.65 -2.73
CA ARG O 89 -58.35 -15.37 -3.26
C ARG O 89 -57.27 -14.63 -4.02
N GLN O 90 -56.02 -14.70 -3.55
CA GLN O 90 -54.94 -14.05 -4.27
C GLN O 90 -54.77 -14.63 -5.66
N LEU O 91 -54.69 -15.96 -5.76
CA LEU O 91 -54.48 -16.56 -7.07
C LEU O 91 -55.66 -16.27 -7.98
N ALA O 92 -56.88 -16.37 -7.47
CA ALA O 92 -58.04 -15.96 -8.24
C ALA O 92 -57.85 -14.54 -8.76
N ASN O 93 -57.43 -13.64 -7.87
CA ASN O 93 -57.30 -12.23 -8.25
C ASN O 93 -56.26 -12.06 -9.37
N VAL O 94 -55.10 -12.70 -9.22
CA VAL O 94 -54.08 -12.63 -10.27
C VAL O 94 -54.63 -13.18 -11.58
N TYR O 95 -55.26 -14.36 -11.54
CA TYR O 95 -55.82 -14.93 -12.75
C TYR O 95 -56.80 -13.97 -13.40
N ALA O 96 -57.54 -13.21 -12.58
CA ALA O 96 -58.47 -12.23 -13.14
C ALA O 96 -57.69 -11.16 -13.89
N GLN O 97 -56.70 -10.57 -13.22
CA GLN O 97 -55.91 -9.50 -13.84
C GLN O 97 -55.26 -10.00 -15.13
N THR O 98 -54.82 -11.26 -15.13
CA THR O 98 -54.03 -11.80 -16.23
C THR O 98 -54.89 -12.19 -17.41
N LEU O 99 -56.04 -12.81 -17.16
CA LEU O 99 -56.93 -13.15 -18.27
C LEU O 99 -57.58 -11.90 -18.84
N GLY O 100 -57.85 -10.89 -18.01
CA GLY O 100 -58.31 -9.62 -18.57
C GLY O 100 -57.29 -9.02 -19.51
N THR O 101 -56.04 -8.89 -19.03
CA THR O 101 -54.97 -8.39 -19.90
C THR O 101 -54.87 -9.23 -21.17
N ILE O 102 -54.82 -10.56 -21.02
CA ILE O 102 -54.75 -11.43 -22.19
C ILE O 102 -55.90 -11.15 -23.14
N PHE O 103 -57.12 -11.14 -22.62
CA PHE O 103 -58.30 -10.99 -23.46
C PHE O 103 -58.23 -9.73 -24.29
N THR O 104 -57.75 -8.62 -23.70
CA THR O 104 -57.82 -7.33 -24.39
C THR O 104 -56.56 -7.00 -25.20
N GLU O 105 -55.42 -7.65 -24.95
CA GLU O 105 -54.18 -7.25 -25.60
C GLU O 105 -53.48 -8.35 -26.40
N GLN O 106 -53.73 -9.62 -26.11
CA GLN O 106 -53.09 -10.69 -26.86
C GLN O 106 -53.69 -10.82 -28.25
N ALA O 107 -52.84 -11.23 -29.21
CA ALA O 107 -53.29 -11.39 -30.59
C ALA O 107 -54.57 -12.21 -30.65
N LYS O 108 -54.66 -13.25 -29.82
CA LYS O 108 -55.89 -14.02 -29.70
C LYS O 108 -56.20 -14.25 -28.23
N PRO O 109 -57.46 -14.09 -27.83
CA PRO O 109 -57.82 -14.40 -26.44
C PRO O 109 -57.59 -15.87 -26.13
N TYR O 110 -57.39 -16.13 -24.84
CA TYR O 110 -57.22 -17.50 -24.39
C TYR O 110 -58.58 -18.18 -24.29
N GLU O 111 -58.67 -19.39 -24.84
CA GLU O 111 -59.89 -20.20 -24.76
C GLU O 111 -59.79 -21.08 -23.51
N VAL O 112 -59.94 -20.44 -22.36
CA VAL O 112 -59.75 -21.13 -21.08
C VAL O 112 -60.84 -20.72 -20.10
N GLU O 113 -61.17 -21.65 -19.21
CA GLU O 113 -61.95 -21.39 -18.01
C GLU O 113 -61.20 -22.00 -16.84
N LEU O 114 -60.98 -21.21 -15.79
CA LEU O 114 -60.16 -21.61 -14.66
C LEU O 114 -60.99 -21.72 -13.40
N CYS O 115 -60.57 -22.61 -12.50
CA CYS O 115 -61.08 -22.68 -11.15
C CYS O 115 -59.90 -22.72 -10.19
N VAL O 116 -59.97 -21.90 -9.13
CA VAL O 116 -59.01 -21.94 -8.04
C VAL O 116 -59.74 -22.30 -6.77
N ALA O 117 -59.27 -23.32 -6.06
CA ALA O 117 -59.91 -23.74 -4.83
C ALA O 117 -58.91 -23.72 -3.68
N GLU O 118 -59.43 -23.58 -2.46
CA GLU O 118 -58.60 -23.60 -1.27
C GLU O 118 -59.34 -24.31 -0.15
N VAL O 119 -58.66 -25.23 0.52
CA VAL O 119 -59.21 -25.87 1.69
C VAL O 119 -58.54 -25.26 2.92
N ALA O 120 -59.04 -25.61 4.08
CA ALA O 120 -58.49 -25.07 5.31
C ALA O 120 -57.10 -25.66 5.56
N HIS O 121 -56.28 -24.92 6.31
CA HIS O 121 -55.02 -25.48 6.76
C HIS O 121 -55.25 -26.58 7.78
N TYR O 122 -54.25 -27.43 7.94
CA TYR O 122 -54.38 -28.58 8.82
C TYR O 122 -54.88 -28.15 10.20
N GLY O 123 -55.82 -28.91 10.75
CA GLY O 123 -56.38 -28.62 12.05
C GLY O 123 -57.29 -27.42 12.10
N GLU O 124 -57.43 -26.66 11.01
CA GLU O 124 -58.28 -25.47 10.97
C GLU O 124 -59.70 -25.80 10.51
N THR O 125 -60.65 -25.03 11.02
CA THR O 125 -62.06 -25.14 10.61
C THR O 125 -62.36 -23.95 9.71
N LYS O 126 -62.29 -24.17 8.41
CA LYS O 126 -62.54 -23.13 7.42
C LYS O 126 -63.24 -23.78 6.24
N ARG O 127 -64.40 -23.26 5.84
CA ARG O 127 -65.12 -23.82 4.71
C ARG O 127 -64.28 -23.66 3.44
N PRO O 128 -64.27 -24.67 2.56
CA PRO O 128 -63.52 -24.52 1.30
C PRO O 128 -63.92 -23.27 0.53
N GLU O 129 -63.06 -22.83 -0.38
CA GLU O 129 -63.38 -21.68 -1.22
C GLU O 129 -63.18 -22.11 -2.67
N LEU O 130 -64.11 -21.70 -3.52
CA LEU O 130 -64.07 -22.04 -4.93
C LEU O 130 -64.29 -20.76 -5.72
N TYR O 131 -63.34 -20.46 -6.59
CA TYR O 131 -63.43 -19.33 -7.50
C TYR O 131 -63.40 -19.85 -8.92
N ARG O 132 -64.14 -19.17 -9.79
CA ARG O 132 -64.18 -19.42 -11.22
C ARG O 132 -63.74 -18.16 -11.93
N ILE O 133 -62.79 -18.29 -12.86
CA ILE O 133 -62.31 -17.16 -13.64
C ILE O 133 -62.55 -17.49 -15.10
N THR O 134 -63.30 -16.65 -15.79
CA THR O 134 -63.64 -16.87 -17.19
C THR O 134 -62.71 -16.07 -18.11
N TYR O 135 -62.79 -16.38 -19.40
CA TYR O 135 -61.77 -15.99 -20.38
C TYR O 135 -61.56 -14.48 -20.46
N ASP O 136 -62.44 -13.67 -19.89
CA ASP O 136 -62.32 -12.22 -20.03
C ASP O 136 -61.91 -11.54 -18.73
N GLY O 137 -61.55 -12.30 -17.69
CA GLY O 137 -61.19 -11.74 -16.42
C GLY O 137 -62.32 -11.62 -15.42
N SER O 138 -63.55 -12.00 -15.81
CA SER O 138 -64.67 -11.99 -14.89
C SER O 138 -64.48 -13.09 -13.85
N ILE O 139 -64.72 -12.74 -12.59
CA ILE O 139 -64.36 -13.62 -11.50
C ILE O 139 -65.58 -13.85 -10.62
N ALA O 140 -65.79 -15.10 -10.24
CA ALA O 140 -67.02 -15.54 -9.60
C ALA O 140 -66.67 -16.35 -8.36
N ASP O 141 -67.26 -15.97 -7.24
CA ASP O 141 -67.07 -16.65 -5.97
C ASP O 141 -68.23 -17.62 -5.75
N GLU O 142 -67.94 -18.93 -5.73
CA GLU O 142 -68.98 -19.97 -5.74
C GLU O 142 -68.94 -20.82 -4.47
N PRO O 143 -70.11 -21.08 -3.83
CA PRO O 143 -70.11 -21.69 -2.48
C PRO O 143 -70.14 -23.21 -2.43
N HIS O 144 -70.45 -23.88 -3.55
CA HIS O 144 -70.63 -25.33 -3.47
C HIS O 144 -69.96 -26.12 -4.58
N PHE O 145 -69.99 -25.63 -5.82
CA PHE O 145 -69.25 -26.31 -6.90
C PHE O 145 -69.10 -25.37 -8.08
N VAL O 146 -68.35 -25.84 -9.08
CA VAL O 146 -68.14 -25.13 -10.32
C VAL O 146 -68.03 -26.15 -11.45
N VAL O 147 -68.48 -25.73 -12.63
CA VAL O 147 -68.50 -26.54 -13.84
C VAL O 147 -67.97 -25.68 -14.96
N MET O 148 -67.06 -26.24 -15.76
CA MET O 148 -66.37 -25.45 -16.79
C MET O 148 -66.15 -26.30 -18.02
N GLY O 149 -66.30 -25.68 -19.20
CA GLY O 149 -66.03 -26.35 -20.46
C GLY O 149 -67.20 -27.09 -21.08
N GLY O 150 -67.24 -27.11 -22.42
CA GLY O 150 -68.32 -27.78 -23.13
C GLY O 150 -69.69 -27.25 -22.79
N THR O 151 -70.65 -28.16 -22.64
CA THR O 151 -72.02 -27.80 -22.32
C THR O 151 -72.23 -27.89 -20.82
N THR O 152 -72.42 -26.73 -20.18
CA THR O 152 -72.38 -26.65 -18.72
C THR O 152 -73.75 -26.76 -18.07
N GLU O 153 -74.81 -26.38 -18.78
CA GLU O 153 -76.14 -26.35 -18.15
C GLU O 153 -76.58 -27.70 -17.64
N PRO O 154 -76.50 -28.79 -18.41
CA PRO O 154 -76.90 -30.10 -17.88
C PRO O 154 -76.10 -30.55 -16.66
N ILE O 155 -74.77 -30.50 -16.72
CA ILE O 155 -73.94 -30.91 -15.59
C ILE O 155 -74.26 -30.07 -14.36
N ALA O 156 -74.22 -28.75 -14.52
CA ALA O 156 -74.49 -27.84 -13.40
C ALA O 156 -75.84 -28.14 -12.75
N ASN O 157 -76.89 -28.34 -13.56
CA ASN O 157 -78.19 -28.64 -13.00
C ASN O 157 -78.19 -29.99 -12.29
N ALA O 158 -77.57 -31.01 -12.88
CA ALA O 158 -77.51 -32.33 -12.25
C ALA O 158 -76.88 -32.25 -10.86
N LEU O 159 -75.75 -31.55 -10.74
CA LEU O 159 -75.20 -31.31 -9.40
C LEU O 159 -76.15 -30.46 -8.56
N LYS O 160 -76.89 -29.55 -9.19
CA LYS O 160 -77.87 -28.73 -8.48
C LYS O 160 -78.91 -29.60 -7.79
N GLU O 161 -79.27 -30.74 -8.37
CA GLU O 161 -80.21 -31.68 -7.77
C GLU O 161 -79.53 -32.76 -6.93
N SER O 162 -78.22 -32.93 -7.09
CA SER O 162 -77.48 -34.04 -6.50
C SER O 162 -76.54 -33.64 -5.37
N TYR O 163 -76.18 -32.36 -5.26
CA TYR O 163 -75.12 -31.95 -4.35
C TYR O 163 -75.64 -31.77 -2.94
N ALA O 164 -74.89 -32.32 -1.97
CA ALA O 164 -75.19 -32.15 -0.56
C ALA O 164 -73.91 -31.72 0.15
N GLU O 165 -73.98 -30.61 0.89
CA GLU O 165 -72.84 -30.17 1.68
C GLU O 165 -72.35 -31.30 2.57
N ASN O 166 -71.04 -31.52 2.58
CA ASN O 166 -70.41 -32.45 3.49
C ASN O 166 -70.55 -33.90 3.06
N ALA O 167 -70.76 -34.16 1.76
CA ALA O 167 -70.80 -35.55 1.30
C ALA O 167 -69.45 -36.23 1.51
N SER O 168 -69.48 -37.55 1.54
CA SER O 168 -68.22 -38.28 1.65
C SER O 168 -67.47 -38.25 0.32
N LEU O 169 -66.25 -38.76 0.35
CA LEU O 169 -65.44 -38.75 -0.87
C LEU O 169 -66.15 -39.50 -1.99
N THR O 170 -66.51 -40.76 -1.74
CA THR O 170 -67.13 -41.57 -2.78
C THR O 170 -68.48 -41.00 -3.20
N ASP O 171 -69.31 -40.59 -2.24
CA ASP O 171 -70.60 -40.03 -2.59
C ASP O 171 -70.43 -38.85 -3.55
N ALA O 172 -69.57 -37.90 -3.18
CA ALA O 172 -69.35 -36.73 -4.01
C ALA O 172 -68.73 -37.10 -5.36
N LEU O 173 -67.91 -38.16 -5.40
CA LEU O 173 -67.29 -38.57 -6.66
C LEU O 173 -68.32 -39.11 -7.64
N ARG O 174 -69.20 -40.01 -7.17
CA ARG O 174 -70.22 -40.54 -8.09
C ARG O 174 -71.24 -39.47 -8.45
N ILE O 175 -71.60 -38.61 -7.48
CA ILE O 175 -72.40 -37.44 -7.80
C ILE O 175 -71.77 -36.67 -8.95
N ALA O 176 -70.46 -36.45 -8.87
CA ALA O 176 -69.79 -35.64 -9.87
C ALA O 176 -69.75 -36.35 -11.21
N VAL O 177 -69.29 -37.61 -11.23
CA VAL O 177 -69.21 -38.37 -12.48
C VAL O 177 -70.59 -38.48 -13.14
N ALA O 178 -71.63 -38.74 -12.35
CA ALA O 178 -72.98 -38.78 -12.90
C ALA O 178 -73.35 -37.43 -13.51
N ALA O 179 -73.22 -36.35 -12.72
CA ALA O 179 -73.51 -35.02 -13.22
C ALA O 179 -72.82 -34.77 -14.56
N LEU O 180 -71.53 -35.12 -14.63
CA LEU O 180 -70.79 -34.96 -15.88
C LEU O 180 -71.45 -35.74 -17.02
N ARG O 181 -71.69 -37.04 -16.80
CA ARG O 181 -72.34 -37.86 -17.82
C ARG O 181 -73.61 -37.19 -18.33
N ALA O 182 -74.41 -36.64 -17.42
CA ALA O 182 -75.57 -35.89 -17.84
C ALA O 182 -75.15 -34.79 -18.82
N THR O 194 -70.84 -44.74 -18.28
CA THR O 194 -69.86 -44.83 -19.35
C THR O 194 -68.46 -44.37 -18.91
N LEU O 195 -68.38 -43.19 -18.28
CA LEU O 195 -67.10 -42.60 -17.89
C LEU O 195 -66.44 -43.37 -16.75
N GLY O 196 -65.15 -43.69 -16.91
CA GLY O 196 -64.40 -44.43 -15.91
C GLY O 196 -62.94 -44.04 -15.85
N VAL O 197 -62.12 -44.88 -15.21
CA VAL O 197 -60.70 -44.55 -15.01
C VAL O 197 -60.07 -44.12 -16.33
N ALA O 198 -60.26 -44.91 -17.38
CA ALA O 198 -59.57 -44.66 -18.64
C ALA O 198 -59.80 -43.24 -19.15
N SER O 199 -60.94 -42.64 -18.80
CA SER O 199 -61.32 -41.34 -19.33
C SER O 199 -61.26 -40.20 -18.33
N LEU O 200 -61.02 -40.49 -17.05
CA LEU O 200 -61.20 -39.52 -15.99
C LEU O 200 -59.88 -39.11 -15.36
N GLU O 201 -59.86 -37.86 -14.88
CA GLU O 201 -58.77 -37.33 -14.08
C GLU O 201 -59.39 -36.79 -12.79
N VAL O 202 -58.95 -37.31 -11.65
CA VAL O 202 -59.53 -36.94 -10.36
C VAL O 202 -58.43 -36.61 -9.37
N ALA O 203 -58.72 -35.67 -8.47
CA ALA O 203 -57.77 -35.26 -7.43
C ALA O 203 -58.52 -34.50 -6.34
N VAL O 204 -57.86 -34.33 -5.20
CA VAL O 204 -58.51 -33.68 -4.06
C VAL O 204 -57.57 -32.69 -3.39
N LEU O 205 -58.15 -31.59 -2.92
CA LEU O 205 -57.56 -30.80 -1.84
C LEU O 205 -58.09 -31.45 -0.57
N ASP O 206 -57.23 -32.23 0.08
CA ASP O 206 -57.60 -33.03 1.24
C ASP O 206 -57.17 -32.24 2.48
N ALA O 207 -58.14 -31.62 3.14
CA ALA O 207 -57.84 -30.78 4.29
C ALA O 207 -57.28 -31.55 5.49
N ASN O 208 -57.20 -32.89 5.45
CA ASN O 208 -56.62 -33.65 6.55
C ASN O 208 -55.14 -33.93 6.35
N ARG O 209 -54.59 -33.52 5.26
CA ARG O 209 -53.16 -33.75 5.22
C ARG O 209 -52.42 -32.59 5.87
N PRO O 210 -51.27 -32.85 6.48
CA PRO O 210 -50.58 -31.77 7.22
C PRO O 210 -50.28 -30.55 6.36
N ARG O 211 -49.45 -30.69 5.32
CA ARG O 211 -48.99 -29.53 4.55
C ARG O 211 -49.58 -29.49 3.15
N ARG O 212 -49.13 -30.36 2.25
CA ARG O 212 -49.54 -30.33 0.85
C ARG O 212 -50.82 -31.14 0.69
N ALA O 213 -51.93 -30.44 0.51
CA ALA O 213 -53.25 -31.08 0.49
C ALA O 213 -53.55 -31.78 -0.83
N PHE O 214 -52.90 -31.38 -1.92
CA PHE O 214 -53.25 -31.88 -3.24
C PHE O 214 -52.81 -33.33 -3.38
N ARG O 215 -53.74 -34.20 -3.78
CA ARG O 215 -53.35 -35.56 -4.08
C ARG O 215 -54.21 -36.10 -5.21
N ARG O 216 -53.55 -36.76 -6.17
CA ARG O 216 -54.26 -37.40 -7.26
C ARG O 216 -54.79 -38.76 -6.82
N ILE O 217 -55.91 -39.16 -7.41
CA ILE O 217 -56.51 -40.46 -7.19
C ILE O 217 -56.56 -41.16 -8.54
N THR O 218 -55.56 -42.00 -8.81
CA THR O 218 -55.44 -42.62 -10.12
C THR O 218 -55.20 -44.12 -9.98
N GLY O 219 -55.62 -44.86 -11.00
CA GLY O 219 -55.21 -46.25 -11.15
C GLY O 219 -55.94 -47.17 -10.19
N SER O 220 -55.15 -47.94 -9.45
CA SER O 220 -55.72 -48.86 -8.46
C SER O 220 -56.65 -48.12 -7.49
N ALA O 221 -56.22 -46.95 -7.02
CA ALA O 221 -57.00 -46.21 -6.04
C ALA O 221 -58.26 -45.62 -6.68
N LEU O 222 -58.08 -44.87 -7.78
CA LEU O 222 -59.24 -44.23 -8.43
C LEU O 222 -60.29 -45.27 -8.80
N GLN O 223 -59.85 -46.38 -9.40
CA GLN O 223 -60.75 -47.46 -9.79
C GLN O 223 -61.42 -48.05 -8.55
N ALA O 224 -60.62 -48.28 -7.51
CA ALA O 224 -61.17 -48.72 -6.23
C ALA O 224 -62.31 -47.82 -5.77
N LEU O 225 -62.19 -46.50 -6.00
CA LEU O 225 -63.16 -45.55 -5.45
C LEU O 225 -64.51 -45.63 -6.15
N LEU O 226 -64.54 -46.15 -7.38
CA LEU O 226 -65.75 -46.10 -8.21
C LEU O 226 -66.75 -47.24 -7.96
N MET P 1 -61.19 8.22 -36.23
CA MET P 1 -60.67 8.36 -34.87
C MET P 1 -61.73 8.91 -33.92
N GLU P 2 -62.52 9.88 -34.39
CA GLU P 2 -63.65 10.34 -33.59
C GLU P 2 -64.60 9.20 -33.27
N GLN P 3 -64.87 8.34 -34.27
CA GLN P 3 -65.71 7.18 -34.00
C GLN P 3 -65.03 6.20 -33.05
N ALA P 4 -63.69 6.12 -33.08
CA ALA P 4 -63.00 5.25 -32.13
C ALA P 4 -63.28 5.67 -30.69
N MET P 5 -63.18 6.97 -30.41
CA MET P 5 -63.43 7.44 -29.05
C MET P 5 -64.90 7.34 -28.68
N ARG P 6 -65.80 7.57 -29.64
CA ARG P 6 -67.21 7.32 -29.35
C ARG P 6 -67.45 5.86 -28.99
N GLU P 7 -66.78 4.95 -29.69
CA GLU P 7 -66.96 3.53 -29.43
C GLU P 7 -66.36 3.14 -28.08
N ARG P 8 -65.20 3.71 -27.73
CA ARG P 8 -64.65 3.49 -26.39
C ARG P 8 -65.60 3.99 -25.33
N SER P 9 -66.21 5.14 -25.58
CA SER P 9 -67.14 5.68 -24.61
C SER P 9 -68.36 4.79 -24.48
N GLU P 10 -68.82 4.20 -25.57
CA GLU P 10 -70.02 3.38 -25.50
C GLU P 10 -69.73 2.04 -24.85
N LEU P 11 -68.57 1.45 -25.15
CA LEU P 11 -68.20 0.23 -24.47
C LEU P 11 -68.14 0.45 -22.97
N ALA P 12 -67.52 1.57 -22.55
CA ALA P 12 -67.42 1.84 -21.12
C ALA P 12 -68.80 2.09 -20.51
N ARG P 13 -69.61 2.93 -21.17
CA ARG P 13 -70.90 3.28 -20.62
C ARG P 13 -71.80 2.05 -20.50
N LYS P 14 -71.79 1.18 -21.51
CA LYS P 14 -72.61 -0.03 -21.43
C LYS P 14 -72.08 -0.96 -20.34
N GLY P 15 -70.77 -1.12 -20.24
CA GLY P 15 -70.22 -1.89 -19.13
C GLY P 15 -70.75 -1.40 -17.79
N ILE P 16 -70.62 -0.10 -17.51
CA ILE P 16 -71.03 0.38 -16.20
C ILE P 16 -72.53 0.32 -16.06
N ALA P 17 -73.27 0.41 -17.17
CA ALA P 17 -74.72 0.28 -17.12
C ALA P 17 -75.15 -1.08 -16.58
N ARG P 18 -74.42 -2.15 -16.92
CA ARG P 18 -74.78 -3.50 -16.50
C ARG P 18 -74.25 -3.87 -15.12
N ALA P 19 -73.62 -2.94 -14.41
CA ALA P 19 -72.97 -3.29 -13.15
C ALA P 19 -73.89 -2.99 -11.97
N LYS P 20 -73.58 -3.62 -10.85
CA LYS P 20 -74.26 -3.32 -9.59
C LYS P 20 -73.96 -1.88 -9.19
N SER P 21 -74.84 -1.33 -8.37
CA SER P 21 -74.76 0.07 -7.94
C SER P 21 -74.07 0.20 -6.58
N VAL P 22 -73.55 1.40 -6.34
CA VAL P 22 -72.83 1.74 -5.11
C VAL P 22 -73.17 3.17 -4.73
N VAL P 23 -73.37 3.38 -3.45
CA VAL P 23 -73.75 4.67 -2.90
C VAL P 23 -72.71 5.08 -1.86
N ALA P 24 -72.47 6.39 -1.78
CA ALA P 24 -71.60 6.94 -0.75
C ALA P 24 -72.24 8.22 -0.25
N LEU P 25 -72.38 8.36 1.07
CA LEU P 25 -73.05 9.52 1.64
C LEU P 25 -72.22 10.13 2.75
N ALA P 26 -72.19 11.45 2.80
CA ALA P 26 -71.77 12.13 4.01
C ALA P 26 -72.84 11.95 5.09
N TYR P 27 -72.41 11.58 6.30
CA TYR P 27 -73.30 11.58 7.45
C TYR P 27 -72.54 12.10 8.66
N ALA P 28 -73.26 12.25 9.77
CA ALA P 28 -72.73 13.00 10.92
C ALA P 28 -71.44 12.41 11.44
N GLY P 29 -71.23 11.11 11.29
CA GLY P 29 -70.05 10.44 11.77
C GLY P 29 -68.92 10.29 10.76
N GLY P 30 -69.14 10.71 9.51
CA GLY P 30 -68.14 10.57 8.48
C GLY P 30 -68.72 10.25 7.12
N VAL P 31 -68.31 9.13 6.53
CA VAL P 31 -68.78 8.77 5.20
C VAL P 31 -69.22 7.32 5.22
N LEU P 32 -70.31 7.02 4.50
CA LEU P 32 -70.89 5.69 4.44
C LEU P 32 -70.84 5.16 3.01
N PHE P 33 -70.39 3.92 2.88
CA PHE P 33 -70.28 3.19 1.62
C PHE P 33 -71.23 2.01 1.68
N VAL P 34 -72.11 1.92 0.69
CA VAL P 34 -73.10 0.86 0.61
C VAL P 34 -73.06 0.34 -0.83
N ALA P 35 -72.64 -0.90 -1.01
CA ALA P 35 -72.51 -1.51 -2.32
C ALA P 35 -73.35 -2.78 -2.40
N GLU P 36 -74.09 -2.93 -3.48
CA GLU P 36 -74.77 -4.20 -3.75
C GLU P 36 -73.71 -5.21 -4.16
N ASN P 37 -73.39 -6.13 -3.25
CA ASN P 37 -72.29 -7.04 -3.51
C ASN P 37 -72.59 -8.44 -2.99
N PRO P 38 -72.89 -9.38 -3.88
CA PRO P 38 -73.18 -10.75 -3.43
C PRO P 38 -71.95 -11.52 -2.99
N SER P 39 -70.74 -11.05 -3.29
CA SER P 39 -69.56 -11.86 -3.00
C SER P 39 -69.26 -11.87 -1.52
N ARG P 40 -68.79 -13.01 -1.04
CA ARG P 40 -68.28 -13.10 0.32
C ARG P 40 -66.91 -12.44 0.44
N SER P 41 -66.08 -12.61 -0.59
CA SER P 41 -64.64 -12.39 -0.48
C SER P 41 -64.08 -11.29 -1.37
N LEU P 42 -64.75 -10.92 -2.46
CA LEU P 42 -64.23 -9.92 -3.39
C LEU P 42 -64.93 -8.58 -3.14
N GLN P 43 -64.15 -7.53 -2.94
CA GLN P 43 -64.65 -6.29 -2.34
C GLN P 43 -64.70 -5.16 -3.35
N LYS P 44 -65.72 -4.30 -3.22
CA LYS P 44 -65.87 -3.08 -4.02
C LYS P 44 -65.39 -1.84 -3.31
N ILE P 45 -65.36 -1.86 -1.99
CA ILE P 45 -65.02 -0.71 -1.16
C ILE P 45 -63.72 -1.03 -0.45
N SER P 46 -62.88 -0.03 -0.25
CA SER P 46 -61.54 -0.30 0.25
C SER P 46 -60.96 0.94 0.92
N GLU P 47 -60.04 0.69 1.85
CA GLU P 47 -59.23 1.75 2.44
C GLU P 47 -58.18 2.22 1.44
N LEU P 48 -57.97 3.53 1.37
CA LEU P 48 -56.87 4.12 0.62
C LEU P 48 -55.80 4.65 1.55
N TYR P 49 -56.15 5.59 2.43
CA TYR P 49 -55.19 6.14 3.39
C TYR P 49 -55.93 6.42 4.69
N ASP P 50 -55.20 6.98 5.67
CA ASP P 50 -55.71 7.06 7.04
C ASP P 50 -57.16 7.51 7.09
N ARG P 51 -57.48 8.61 6.39
CA ARG P 51 -58.83 9.17 6.39
C ARG P 51 -59.45 9.16 4.99
N VAL P 52 -58.96 8.32 4.08
CA VAL P 52 -59.40 8.36 2.70
C VAL P 52 -59.84 6.97 2.29
N GLY P 53 -61.05 6.89 1.72
CA GLY P 53 -61.63 5.65 1.26
C GLY P 53 -62.00 5.72 -0.22
N PHE P 54 -62.31 4.55 -0.77
CA PHE P 54 -62.48 4.32 -2.19
C PHE P 54 -63.67 3.38 -2.41
N ALA P 55 -64.39 3.61 -3.50
CA ALA P 55 -65.52 2.75 -3.88
C ALA P 55 -65.65 2.74 -5.39
N ALA P 56 -65.89 1.57 -5.97
CA ALA P 56 -65.96 1.50 -7.42
C ALA P 56 -67.15 0.65 -7.84
N ALA P 57 -67.68 0.97 -9.02
CA ALA P 57 -68.66 0.16 -9.71
C ALA P 57 -68.07 -0.24 -11.05
N GLY P 58 -68.38 -1.44 -11.52
CA GLY P 58 -67.93 -1.85 -12.83
C GLY P 58 -67.26 -3.20 -12.87
N LYS P 59 -66.35 -3.36 -13.82
CA LYS P 59 -65.60 -4.60 -13.96
C LYS P 59 -64.55 -4.71 -12.83
N PHE P 60 -64.62 -5.80 -12.06
CA PHE P 60 -63.79 -6.00 -10.89
C PHE P 60 -62.30 -5.83 -11.15
N ASN P 61 -61.69 -6.77 -11.90
CA ASN P 61 -60.25 -6.73 -12.12
C ASN P 61 -59.75 -5.34 -12.49
N GLU P 62 -60.58 -4.53 -13.17
CA GLU P 62 -60.18 -3.20 -13.60
C GLU P 62 -60.22 -2.19 -12.45
N PHE P 63 -61.35 -2.08 -11.73
CA PHE P 63 -61.34 -1.15 -10.61
C PHE P 63 -60.50 -1.66 -9.44
N ASP P 64 -60.14 -2.95 -9.44
CA ASP P 64 -59.19 -3.49 -8.47
C ASP P 64 -57.77 -3.09 -8.85
N ASN P 65 -57.44 -3.05 -10.14
CA ASN P 65 -56.18 -2.47 -10.55
C ASN P 65 -56.09 -1.00 -10.13
N LEU P 66 -57.18 -0.24 -10.33
CA LEU P 66 -57.15 1.18 -9.94
C LEU P 66 -57.07 1.32 -8.43
N ARG P 67 -57.72 0.43 -7.69
CA ARG P 67 -57.62 0.44 -6.23
C ARG P 67 -56.18 0.22 -5.79
N ARG P 68 -55.53 -0.80 -6.36
CA ARG P 68 -54.15 -1.14 -5.98
C ARG P 68 -53.20 0.00 -6.32
N GLY P 69 -53.34 0.55 -7.53
CA GLY P 69 -52.51 1.68 -7.91
C GLY P 69 -52.72 2.90 -7.04
N GLY P 70 -53.95 3.11 -6.55
CA GLY P 70 -54.20 4.24 -5.68
C GLY P 70 -53.60 4.02 -4.30
N ILE P 71 -53.61 2.78 -3.82
CA ILE P 71 -52.90 2.49 -2.58
C ILE P 71 -51.41 2.75 -2.76
N GLN P 72 -50.86 2.34 -3.90
CA GLN P 72 -49.46 2.61 -4.22
C GLN P 72 -49.15 4.11 -4.14
N PHE P 73 -49.94 4.91 -4.87
CA PHE P 73 -49.73 6.36 -4.87
C PHE P 73 -49.82 6.93 -3.45
N ALA P 74 -50.89 6.59 -2.73
CA ALA P 74 -51.07 7.14 -1.40
C ALA P 74 -49.89 6.81 -0.49
N ASP P 75 -49.49 5.54 -0.45
CA ASP P 75 -48.40 5.17 0.46
C ASP P 75 -47.08 5.82 0.04
N THR P 76 -46.83 5.93 -1.26
CA THR P 76 -45.59 6.55 -1.71
C THR P 76 -45.57 8.03 -1.39
N ARG P 77 -46.71 8.72 -1.52
CA ARG P 77 -46.72 10.14 -1.18
C ARG P 77 -46.57 10.34 0.33
N GLY P 78 -47.33 9.57 1.11
CA GLY P 78 -47.20 9.67 2.55
C GLY P 78 -45.78 9.42 3.04
N TYR P 79 -45.06 8.52 2.37
CA TYR P 79 -43.70 8.23 2.81
C TYR P 79 -42.71 9.28 2.30
N ALA P 80 -42.87 9.72 1.06
CA ALA P 80 -41.96 10.73 0.52
C ALA P 80 -42.19 12.09 1.16
N TYR P 81 -43.37 12.31 1.73
CA TYR P 81 -43.67 13.57 2.40
C TYR P 81 -44.00 13.24 3.84
N ASP P 82 -45.20 13.53 4.29
CA ASP P 82 -45.68 13.08 5.58
C ASP P 82 -47.09 12.54 5.40
N ARG P 83 -47.50 11.62 6.27
CA ARG P 83 -48.84 11.04 6.16
C ARG P 83 -49.89 12.11 5.91
N ARG P 84 -49.75 13.25 6.57
CA ARG P 84 -50.80 14.26 6.52
C ARG P 84 -50.84 15.00 5.21
N ASP P 85 -49.86 14.83 4.32
CA ASP P 85 -49.94 15.50 3.03
C ASP P 85 -50.82 14.75 2.04
N VAL P 86 -51.28 13.54 2.37
CA VAL P 86 -52.11 12.74 1.47
C VAL P 86 -53.57 13.16 1.62
N THR P 87 -54.18 13.67 0.55
CA THR P 87 -55.55 14.16 0.60
C THR P 87 -56.43 13.42 -0.41
N GLY P 88 -57.74 13.45 -0.16
CA GLY P 88 -58.66 12.88 -1.11
C GLY P 88 -58.69 13.65 -2.42
N ARG P 89 -58.51 14.96 -2.36
CA ARG P 89 -58.38 15.73 -3.59
C ARG P 89 -57.22 15.19 -4.43
N GLN P 90 -56.07 14.91 -3.81
CA GLN P 90 -54.92 14.37 -4.53
C GLN P 90 -55.28 13.05 -5.21
N LEU P 91 -55.76 12.09 -4.41
CA LEU P 91 -56.15 10.79 -4.98
C LEU P 91 -57.10 10.96 -6.17
N ALA P 92 -58.17 11.73 -5.98
CA ALA P 92 -59.13 11.93 -7.06
C ALA P 92 -58.45 12.54 -8.29
N ASN P 93 -57.52 13.47 -8.09
CA ASN P 93 -56.84 14.13 -9.22
C ASN P 93 -56.03 13.12 -10.01
N VAL P 94 -55.32 12.23 -9.30
CA VAL P 94 -54.52 11.26 -10.01
C VAL P 94 -55.41 10.19 -10.64
N TYR P 95 -56.55 9.86 -10.03
CA TYR P 95 -57.49 8.95 -10.71
C TYR P 95 -58.04 9.57 -11.98
N ALA P 96 -58.36 10.86 -11.95
CA ALA P 96 -58.74 11.56 -13.19
C ALA P 96 -57.65 11.41 -14.25
N GLN P 97 -56.41 11.75 -13.91
CA GLN P 97 -55.32 11.61 -14.87
C GLN P 97 -55.21 10.19 -15.41
N THR P 98 -55.32 9.21 -14.51
CA THR P 98 -55.05 7.82 -14.90
C THR P 98 -56.15 7.28 -15.79
N LEU P 99 -57.41 7.43 -15.37
CA LEU P 99 -58.51 6.95 -16.22
C LEU P 99 -58.54 7.69 -17.55
N GLY P 100 -58.06 8.94 -17.58
CA GLY P 100 -57.93 9.61 -18.88
C GLY P 100 -56.93 8.92 -19.79
N THR P 101 -55.73 8.66 -19.26
CA THR P 101 -54.73 7.93 -20.04
C THR P 101 -55.26 6.56 -20.47
N ILE P 102 -55.81 5.80 -19.52
CA ILE P 102 -56.39 4.49 -19.81
C ILE P 102 -57.42 4.62 -20.92
N PHE P 103 -58.38 5.54 -20.73
CA PHE P 103 -59.48 5.66 -21.67
C PHE P 103 -59.00 5.92 -23.09
N THR P 104 -57.98 6.78 -23.27
CA THR P 104 -57.53 7.07 -24.63
C THR P 104 -56.49 6.08 -25.16
N GLU P 105 -55.86 5.30 -24.29
CA GLU P 105 -54.68 4.52 -24.68
C GLU P 105 -54.79 3.02 -24.43
N GLN P 106 -55.56 2.56 -23.45
CA GLN P 106 -55.64 1.12 -23.22
C GLN P 106 -56.21 0.43 -24.45
N ALA P 107 -55.85 -0.85 -24.63
CA ALA P 107 -56.43 -1.60 -25.73
C ALA P 107 -57.96 -1.59 -25.65
N LYS P 108 -58.49 -1.56 -24.42
CA LYS P 108 -59.91 -1.48 -24.14
C LYS P 108 -60.05 -0.53 -22.95
N PRO P 109 -60.89 0.49 -23.04
CA PRO P 109 -61.13 1.35 -21.87
C PRO P 109 -61.57 0.54 -20.67
N TYR P 110 -61.36 1.10 -19.48
CA TYR P 110 -61.85 0.47 -18.26
C TYR P 110 -63.33 0.76 -18.08
N GLU P 111 -64.10 -0.29 -17.79
CA GLU P 111 -65.52 -0.17 -17.47
C GLU P 111 -65.64 -0.02 -15.97
N VAL P 112 -65.35 1.19 -15.49
CA VAL P 112 -65.32 1.45 -14.06
C VAL P 112 -65.84 2.86 -13.77
N GLU P 113 -66.25 3.05 -12.52
CA GLU P 113 -66.66 4.35 -12.00
C GLU P 113 -66.20 4.44 -10.56
N LEU P 114 -65.50 5.53 -10.21
CA LEU P 114 -64.76 5.65 -8.97
C LEU P 114 -65.32 6.76 -8.08
N CYS P 115 -65.26 6.52 -6.76
CA CYS P 115 -65.56 7.51 -5.75
C CYS P 115 -64.44 7.51 -4.72
N VAL P 116 -63.79 8.66 -4.54
CA VAL P 116 -62.83 8.86 -3.47
C VAL P 116 -63.48 9.74 -2.42
N ALA P 117 -63.27 9.41 -1.14
CA ALA P 117 -63.91 10.17 -0.08
C ALA P 117 -62.94 10.37 1.07
N GLU P 118 -63.05 11.53 1.73
CA GLU P 118 -62.17 11.88 2.84
C GLU P 118 -63.00 12.45 3.98
N VAL P 119 -62.67 12.04 5.20
CA VAL P 119 -63.27 12.61 6.39
C VAL P 119 -62.19 13.38 7.17
N ALA P 120 -62.65 14.18 8.11
CA ALA P 120 -61.74 14.99 8.91
C ALA P 120 -60.80 14.10 9.73
N HIS P 121 -59.61 14.63 9.99
CA HIS P 121 -58.69 13.95 10.90
C HIS P 121 -59.21 14.02 12.33
N TYR P 122 -58.75 13.07 13.15
CA TYR P 122 -59.28 12.92 14.50
C TYR P 122 -59.29 14.23 15.26
N GLY P 123 -60.49 14.63 15.70
CA GLY P 123 -60.65 15.83 16.49
C GLY P 123 -60.67 17.12 15.71
N GLU P 124 -60.70 17.07 14.39
CA GLU P 124 -60.81 18.27 13.59
C GLU P 124 -62.23 18.38 13.03
N THR P 125 -62.62 19.61 12.71
CA THR P 125 -63.95 19.87 12.18
C THR P 125 -63.81 20.32 10.74
N LYS P 126 -64.18 19.42 9.82
CA LYS P 126 -64.06 19.65 8.40
C LYS P 126 -65.04 18.71 7.73
N ARG P 127 -65.92 19.25 6.88
CA ARG P 127 -66.97 18.45 6.28
C ARG P 127 -66.37 17.40 5.36
N PRO P 128 -66.99 16.20 5.28
CA PRO P 128 -66.48 15.18 4.37
C PRO P 128 -66.34 15.71 2.95
N GLU P 129 -65.43 15.12 2.18
CA GLU P 129 -65.35 15.41 0.76
C GLU P 129 -65.65 14.12 -0.01
N LEU P 130 -66.41 14.24 -1.08
CA LEU P 130 -66.70 13.10 -1.96
C LEU P 130 -66.43 13.51 -3.39
N TYR P 131 -65.69 12.67 -4.11
CA TYR P 131 -65.34 12.90 -5.50
C TYR P 131 -65.79 11.71 -6.32
N ARG P 132 -66.30 11.99 -7.52
CA ARG P 132 -66.59 10.99 -8.53
C ARG P 132 -65.62 11.15 -9.70
N ILE P 133 -65.15 10.03 -10.23
CA ILE P 133 -64.28 10.00 -11.41
C ILE P 133 -64.84 8.95 -12.35
N THR P 134 -65.16 9.34 -13.57
CA THR P 134 -65.80 8.45 -14.54
C THR P 134 -64.80 7.94 -15.56
N TYR P 135 -65.26 7.00 -16.39
CA TYR P 135 -64.37 6.18 -17.21
C TYR P 135 -63.43 6.99 -18.10
N ASP P 136 -63.75 8.24 -18.41
CA ASP P 136 -62.93 9.01 -19.33
C ASP P 136 -62.03 10.02 -18.60
N GLY P 137 -61.98 9.96 -17.27
CA GLY P 137 -61.22 10.89 -16.49
C GLY P 137 -61.97 12.14 -16.07
N SER P 138 -63.28 12.17 -16.26
CA SER P 138 -64.06 13.29 -15.75
C SER P 138 -64.16 13.19 -14.24
N ILE P 139 -64.13 14.32 -13.57
CA ILE P 139 -64.07 14.34 -12.12
C ILE P 139 -65.03 15.40 -11.60
N ALA P 140 -65.70 15.08 -10.50
CA ALA P 140 -66.70 15.99 -9.96
C ALA P 140 -66.60 16.01 -8.45
N ASP P 141 -66.72 17.22 -7.91
CA ASP P 141 -66.77 17.47 -6.48
C ASP P 141 -68.24 17.44 -6.03
N GLU P 142 -68.60 16.46 -5.17
CA GLU P 142 -69.96 16.29 -4.68
C GLU P 142 -70.06 16.57 -3.19
N PRO P 143 -71.08 17.29 -2.74
CA PRO P 143 -71.15 17.69 -1.33
C PRO P 143 -71.89 16.71 -0.42
N HIS P 144 -72.76 15.84 -0.96
CA HIS P 144 -73.60 15.04 -0.06
C HIS P 144 -73.59 13.55 -0.36
N PHE P 145 -73.61 13.17 -1.63
CA PHE P 145 -73.65 11.74 -1.96
C PHE P 145 -73.11 11.53 -3.38
N VAL P 146 -72.72 10.29 -3.65
CA VAL P 146 -72.29 9.85 -4.97
C VAL P 146 -72.99 8.53 -5.24
N VAL P 147 -73.55 8.40 -6.45
CA VAL P 147 -74.17 7.15 -6.90
C VAL P 147 -73.38 6.65 -8.11
N MET P 148 -73.16 5.34 -8.19
CA MET P 148 -72.36 4.81 -9.29
C MET P 148 -72.86 3.44 -9.71
N GLY P 149 -72.84 3.18 -11.01
CA GLY P 149 -73.16 1.86 -11.54
C GLY P 149 -74.64 1.66 -11.78
N GLY P 150 -74.94 0.67 -12.62
CA GLY P 150 -76.32 0.36 -12.96
C GLY P 150 -77.08 1.58 -13.45
N THR P 151 -78.38 1.57 -13.18
CA THR P 151 -79.26 2.70 -13.50
C THR P 151 -79.19 3.69 -12.35
N THR P 152 -78.49 4.80 -12.55
CA THR P 152 -78.14 5.66 -11.43
C THR P 152 -79.23 6.68 -11.09
N GLU P 153 -79.93 7.23 -12.08
CA GLU P 153 -80.74 8.40 -11.71
C GLU P 153 -81.87 8.09 -10.74
N PRO P 154 -82.45 6.89 -10.77
CA PRO P 154 -83.40 6.52 -9.70
C PRO P 154 -82.81 6.72 -8.32
N ILE P 155 -81.71 6.00 -8.07
CA ILE P 155 -81.01 6.10 -6.79
C ILE P 155 -80.66 7.54 -6.48
N ALA P 156 -80.26 8.30 -7.50
CA ALA P 156 -79.80 9.67 -7.27
C ALA P 156 -80.93 10.61 -6.89
N ASN P 157 -82.13 10.39 -7.40
CA ASN P 157 -83.23 11.24 -6.97
C ASN P 157 -83.77 10.78 -5.62
N ALA P 158 -83.88 9.46 -5.43
CA ALA P 158 -84.14 8.90 -4.11
C ALA P 158 -83.30 9.58 -3.04
N LEU P 159 -81.97 9.56 -3.20
CA LEU P 159 -81.12 10.28 -2.26
C LEU P 159 -81.33 11.79 -2.36
N LYS P 160 -81.75 12.28 -3.52
CA LYS P 160 -81.87 13.72 -3.71
C LYS P 160 -82.86 14.31 -2.72
N GLU P 161 -84.00 13.65 -2.52
CA GLU P 161 -84.96 14.13 -1.54
C GLU P 161 -84.89 13.43 -0.20
N SER P 162 -84.36 12.22 -0.16
CA SER P 162 -84.29 11.43 1.07
C SER P 162 -83.01 11.67 1.87
N TYR P 163 -82.15 12.59 1.45
CA TYR P 163 -80.88 12.80 2.13
C TYR P 163 -81.02 13.86 3.21
N ALA P 164 -80.48 13.57 4.39
CA ALA P 164 -80.40 14.53 5.50
C ALA P 164 -78.95 14.62 5.94
N GLU P 165 -78.45 15.86 6.09
CA GLU P 165 -77.03 16.07 6.32
C GLU P 165 -76.52 15.33 7.54
N ASN P 166 -76.93 15.75 8.75
CA ASN P 166 -76.32 15.15 9.93
C ASN P 166 -76.98 13.84 10.32
N ALA P 167 -77.39 13.04 9.34
CA ALA P 167 -78.04 11.79 9.65
C ALA P 167 -77.15 10.93 10.55
N SER P 168 -77.78 10.07 11.34
CA SER P 168 -77.04 9.10 12.11
C SER P 168 -76.62 7.95 11.21
N LEU P 169 -75.81 7.01 11.74
CA LEU P 169 -75.38 5.89 10.91
C LEU P 169 -76.58 5.06 10.47
N THR P 170 -77.42 4.64 11.42
CA THR P 170 -78.57 3.81 11.07
C THR P 170 -79.45 4.48 10.02
N ASP P 171 -79.77 5.76 10.21
CA ASP P 171 -80.60 6.47 9.25
C ASP P 171 -79.96 6.47 7.86
N ALA P 172 -78.73 6.98 7.77
CA ALA P 172 -78.05 7.05 6.49
C ALA P 172 -77.97 5.68 5.82
N LEU P 173 -77.72 4.63 6.62
CA LEU P 173 -77.72 3.29 6.06
C LEU P 173 -79.08 2.95 5.46
N ARG P 174 -80.15 3.30 6.18
CA ARG P 174 -81.50 3.02 5.67
C ARG P 174 -81.76 3.72 4.35
N ILE P 175 -81.56 5.03 4.30
CA ILE P 175 -81.85 5.77 3.06
C ILE P 175 -80.98 5.26 1.91
N ALA P 176 -79.71 4.97 2.19
CA ALA P 176 -78.83 4.43 1.15
C ALA P 176 -79.33 3.08 0.63
N VAL P 177 -79.74 2.19 1.54
CA VAL P 177 -80.22 0.88 1.13
C VAL P 177 -81.53 1.01 0.36
N ALA P 178 -82.39 1.93 0.77
CA ALA P 178 -83.64 2.18 0.07
C ALA P 178 -83.37 2.64 -1.35
N ALA P 179 -82.59 3.71 -1.51
CA ALA P 179 -82.30 4.24 -2.83
C ALA P 179 -81.62 3.19 -3.72
N LEU P 180 -80.76 2.36 -3.13
CA LEU P 180 -80.18 1.27 -3.91
C LEU P 180 -81.27 0.36 -4.45
N ARG P 181 -82.07 -0.24 -3.57
CA ARG P 181 -83.13 -1.14 -4.04
C ARG P 181 -84.06 -0.45 -5.01
N ALA P 182 -84.18 0.88 -4.93
CA ALA P 182 -84.95 1.64 -5.91
C ALA P 182 -84.21 1.70 -7.25
N THR P 194 -85.30 -6.61 0.10
CA THR P 194 -84.81 -7.77 -0.65
C THR P 194 -83.28 -7.93 -0.60
N LEU P 195 -82.57 -6.86 -0.22
CA LEU P 195 -81.12 -6.90 -0.10
C LEU P 195 -80.72 -6.68 1.36
N GLY P 196 -80.02 -7.66 1.92
CA GLY P 196 -79.50 -7.63 3.27
C GLY P 196 -78.05 -8.06 3.30
N VAL P 197 -77.65 -8.64 4.42
CA VAL P 197 -76.22 -8.80 4.71
C VAL P 197 -75.53 -9.68 3.67
N ALA P 198 -76.24 -10.66 3.10
CA ALA P 198 -75.63 -11.53 2.11
C ALA P 198 -75.64 -10.93 0.72
N SER P 199 -76.21 -9.73 0.57
CA SER P 199 -76.22 -9.01 -0.70
C SER P 199 -75.46 -7.69 -0.65
N LEU P 200 -75.09 -7.21 0.54
CA LEU P 200 -74.47 -5.90 0.71
C LEU P 200 -73.04 -6.02 1.20
N GLU P 201 -72.18 -5.14 0.68
CA GLU P 201 -70.91 -4.77 1.27
C GLU P 201 -71.06 -3.37 1.85
N VAL P 202 -70.68 -3.19 3.11
CA VAL P 202 -70.85 -1.92 3.78
C VAL P 202 -69.54 -1.53 4.45
N ALA P 203 -69.30 -0.23 4.55
CA ALA P 203 -68.10 0.25 5.21
C ALA P 203 -68.26 1.75 5.46
N VAL P 204 -67.45 2.28 6.36
CA VAL P 204 -67.52 3.69 6.71
C VAL P 204 -66.12 4.24 6.90
N LEU P 205 -65.93 5.51 6.55
CA LEU P 205 -64.83 6.32 7.05
C LEU P 205 -65.33 6.99 8.32
N ASP P 206 -64.82 6.54 9.46
CA ASP P 206 -65.29 6.94 10.78
C ASP P 206 -64.44 8.10 11.28
N ALA P 207 -64.97 9.31 11.22
CA ALA P 207 -64.18 10.47 11.64
C ALA P 207 -63.85 10.44 13.12
N ASN P 208 -64.44 9.52 13.89
CA ASN P 208 -64.14 9.43 15.31
C ASN P 208 -63.04 8.41 15.61
N ARG P 209 -62.55 7.71 14.60
CA ARG P 209 -61.45 6.82 14.94
C ARG P 209 -60.14 7.60 14.94
N PRO P 210 -59.16 7.15 15.73
CA PRO P 210 -57.93 7.95 15.94
C PRO P 210 -57.06 8.13 14.69
N ARG P 211 -56.73 7.04 14.00
CA ARG P 211 -55.90 7.20 12.80
C ARG P 211 -56.54 6.59 11.56
N ARG P 212 -56.63 5.27 11.49
CA ARG P 212 -57.24 4.64 10.33
C ARG P 212 -58.76 4.70 10.48
N ALA P 213 -59.41 5.51 9.65
CA ALA P 213 -60.83 5.77 9.76
C ALA P 213 -61.71 4.70 9.13
N PHE P 214 -61.15 3.78 8.37
CA PHE P 214 -61.93 2.89 7.54
C PHE P 214 -62.35 1.65 8.32
N ARG P 215 -63.61 1.26 8.18
CA ARG P 215 -64.21 0.24 9.02
C ARG P 215 -65.29 -0.51 8.26
N ARG P 216 -65.15 -1.83 8.20
CA ARG P 216 -66.21 -2.65 7.60
C ARG P 216 -67.25 -2.97 8.65
N ILE P 217 -68.52 -2.85 8.24
CA ILE P 217 -69.68 -3.17 9.05
C ILE P 217 -70.30 -4.41 8.44
N THR P 218 -70.13 -5.56 9.09
CA THR P 218 -70.46 -6.84 8.48
C THR P 218 -71.28 -7.70 9.44
N GLY P 219 -71.68 -8.87 8.95
CA GLY P 219 -72.33 -9.90 9.73
C GLY P 219 -73.37 -9.39 10.71
N SER P 220 -73.29 -9.89 11.94
CA SER P 220 -74.31 -9.59 12.93
C SER P 220 -74.42 -8.10 13.21
N ALA P 221 -73.28 -7.39 13.26
CA ALA P 221 -73.33 -5.95 13.48
C ALA P 221 -74.11 -5.25 12.38
N LEU P 222 -73.81 -5.59 11.13
CA LEU P 222 -74.57 -5.02 10.02
C LEU P 222 -76.05 -5.34 10.14
N GLN P 223 -76.38 -6.61 10.46
CA GLN P 223 -77.78 -7.00 10.62
C GLN P 223 -78.49 -6.13 11.66
N ALA P 224 -77.88 -6.00 12.84
CA ALA P 224 -78.39 -5.08 13.85
C ALA P 224 -78.63 -3.71 13.23
N LEU P 225 -77.71 -3.24 12.39
CA LEU P 225 -77.84 -1.90 11.83
C LEU P 225 -79.04 -1.81 10.89
N LEU P 226 -79.28 -2.86 10.10
CA LEU P 226 -80.40 -2.88 9.18
C LEU P 226 -81.73 -2.90 9.94
N VAL P 227 -81.78 -3.64 11.05
CA VAL P 227 -82.97 -3.64 11.91
C VAL P 227 -83.56 -2.25 12.08
N MET Q 1 -54.83 11.22 -44.29
CA MET Q 1 -54.12 12.31 -43.62
C MET Q 1 -55.05 13.47 -43.27
N GLU Q 2 -55.75 14.03 -44.25
CA GLU Q 2 -56.67 15.13 -43.96
C GLU Q 2 -57.89 14.65 -43.19
N GLN Q 3 -58.32 13.41 -43.42
CA GLN Q 3 -59.34 12.81 -42.58
C GLN Q 3 -58.94 12.91 -41.10
N ALA Q 4 -57.87 12.21 -40.73
CA ALA Q 4 -57.44 12.19 -39.34
C ALA Q 4 -57.38 13.59 -38.75
N MET Q 5 -56.83 14.55 -39.50
CA MET Q 5 -56.63 15.87 -38.93
C MET Q 5 -57.94 16.63 -38.80
N ARG Q 6 -58.88 16.42 -39.73
CA ARG Q 6 -60.22 16.99 -39.57
C ARG Q 6 -60.88 16.44 -38.30
N GLU Q 7 -60.92 15.10 -38.18
CA GLU Q 7 -61.57 14.51 -37.02
C GLU Q 7 -60.94 14.96 -35.72
N ARG Q 8 -59.61 15.03 -35.67
CA ARG Q 8 -58.93 15.53 -34.49
C ARG Q 8 -59.34 16.95 -34.19
N SER Q 9 -59.34 17.79 -35.22
CA SER Q 9 -59.68 19.20 -35.02
C SER Q 9 -61.08 19.36 -34.45
N GLU Q 10 -62.06 18.66 -35.02
CA GLU Q 10 -63.42 18.86 -34.55
C GLU Q 10 -63.73 18.09 -33.28
N LEU Q 11 -63.02 17.00 -33.00
CA LEU Q 11 -63.12 16.41 -31.67
C LEU Q 11 -62.72 17.42 -30.61
N ALA Q 12 -61.51 18.00 -30.73
CA ALA Q 12 -61.09 18.99 -29.74
C ALA Q 12 -61.99 20.21 -29.75
N ARG Q 13 -62.35 20.69 -30.93
CA ARG Q 13 -63.19 21.89 -31.05
C ARG Q 13 -64.52 21.69 -30.33
N LYS Q 14 -65.21 20.56 -30.59
CA LYS Q 14 -66.48 20.30 -29.92
C LYS Q 14 -66.29 20.10 -28.42
N GLY Q 15 -65.26 19.36 -28.02
CA GLY Q 15 -64.97 19.23 -26.60
C GLY Q 15 -64.89 20.57 -25.90
N ILE Q 16 -64.09 21.50 -26.44
CA ILE Q 16 -63.96 22.80 -25.82
C ILE Q 16 -65.28 23.57 -25.90
N ALA Q 17 -65.99 23.44 -27.02
CA ALA Q 17 -67.28 24.11 -27.18
C ALA Q 17 -68.22 23.81 -26.01
N ARG Q 18 -68.21 22.57 -25.51
CA ARG Q 18 -69.13 22.18 -24.44
C ARG Q 18 -68.72 22.68 -23.06
N ALA Q 19 -67.48 23.11 -22.89
CA ALA Q 19 -66.95 23.39 -21.55
C ALA Q 19 -67.42 24.76 -21.05
N LYS Q 20 -67.45 24.92 -19.73
CA LYS Q 20 -67.75 26.24 -19.19
C LYS Q 20 -66.69 27.24 -19.65
N SER Q 21 -67.02 28.53 -19.53
CA SER Q 21 -66.20 29.59 -20.13
C SER Q 21 -65.33 30.30 -19.09
N VAL Q 22 -64.23 30.88 -19.59
CA VAL Q 22 -63.22 31.52 -18.77
C VAL Q 22 -62.79 32.80 -19.47
N VAL Q 23 -62.71 33.90 -18.72
CA VAL Q 23 -62.22 35.16 -19.24
C VAL Q 23 -61.03 35.63 -18.42
N ALA Q 24 -60.14 36.36 -19.08
CA ALA Q 24 -59.01 37.01 -18.42
C ALA Q 24 -58.83 38.38 -19.02
N LEU Q 25 -58.60 39.38 -18.18
CA LEU Q 25 -58.49 40.71 -18.76
C LEU Q 25 -57.49 41.56 -17.97
N ALA Q 26 -56.82 42.45 -18.69
CA ALA Q 26 -55.93 43.44 -18.08
C ALA Q 26 -56.73 44.54 -17.39
N TYR Q 27 -56.33 44.88 -16.17
CA TYR Q 27 -56.96 45.99 -15.46
C TYR Q 27 -55.89 46.78 -14.72
N ALA Q 28 -56.32 47.89 -14.12
CA ALA Q 28 -55.39 48.85 -13.50
C ALA Q 28 -54.41 48.19 -12.55
N GLY Q 29 -54.84 47.16 -11.83
CA GLY Q 29 -54.00 46.50 -10.85
C GLY Q 29 -53.29 45.25 -11.29
N GLY Q 30 -53.40 44.87 -12.57
CA GLY Q 30 -52.70 43.70 -13.10
C GLY Q 30 -53.53 42.89 -14.08
N VAL Q 31 -53.71 41.61 -13.79
CA VAL Q 31 -54.56 40.75 -14.63
C VAL Q 31 -55.58 40.05 -13.75
N LEU Q 32 -56.79 39.92 -14.29
CA LEU Q 32 -57.90 39.30 -13.57
C LEU Q 32 -58.37 38.07 -14.33
N PHE Q 33 -58.41 36.94 -13.65
CA PHE Q 33 -59.00 35.70 -14.17
C PHE Q 33 -60.34 35.51 -13.50
N VAL Q 34 -61.38 35.35 -14.32
CA VAL Q 34 -62.70 34.97 -13.85
C VAL Q 34 -63.15 33.79 -14.68
N ALA Q 35 -63.44 32.68 -14.02
CA ALA Q 35 -63.97 31.52 -14.70
C ALA Q 35 -65.21 31.01 -13.98
N GLU Q 36 -66.15 30.49 -14.76
CA GLU Q 36 -67.30 29.77 -14.21
C GLU Q 36 -66.83 28.41 -13.69
N ASN Q 37 -67.01 28.18 -12.40
CA ASN Q 37 -66.53 26.94 -11.82
C ASN Q 37 -67.40 26.58 -10.63
N PRO Q 38 -68.29 25.59 -10.78
CA PRO Q 38 -69.12 25.18 -9.64
C PRO Q 38 -68.33 24.52 -8.54
N SER Q 39 -67.30 23.74 -8.88
CA SER Q 39 -66.55 22.99 -7.88
C SER Q 39 -66.01 23.90 -6.80
N ARG Q 40 -65.90 23.35 -5.60
CA ARG Q 40 -65.25 24.08 -4.52
C ARG Q 40 -63.76 23.83 -4.47
N SER Q 41 -63.28 22.73 -5.04
CA SER Q 41 -61.91 22.30 -4.85
C SER Q 41 -61.09 22.11 -6.11
N LEU Q 42 -61.70 22.04 -7.29
CA LEU Q 42 -60.97 21.78 -8.51
C LEU Q 42 -60.79 23.08 -9.27
N GLN Q 43 -59.54 23.37 -9.63
CA GLN Q 43 -59.16 24.69 -10.09
C GLN Q 43 -58.92 24.72 -11.60
N LYS Q 44 -59.38 25.79 -12.24
CA LYS Q 44 -59.08 26.06 -13.64
C LYS Q 44 -58.11 27.21 -13.81
N ILE Q 45 -57.77 27.91 -12.72
CA ILE Q 45 -56.88 29.06 -12.74
C ILE Q 45 -55.73 28.78 -11.78
N SER Q 46 -54.50 29.07 -12.20
CA SER Q 46 -53.36 28.68 -11.39
C SER Q 46 -52.21 29.67 -11.52
N GLU Q 47 -51.44 29.76 -10.43
CA GLU Q 47 -50.10 30.32 -10.51
C GLU Q 47 -49.18 29.37 -11.29
N LEU Q 48 -48.43 29.91 -12.26
CA LEU Q 48 -47.28 29.22 -12.82
C LEU Q 48 -45.97 29.65 -12.15
N TYR Q 49 -45.75 30.97 -12.07
CA TYR Q 49 -44.50 31.49 -11.53
C TYR Q 49 -44.78 32.86 -10.92
N ASP Q 50 -43.74 33.45 -10.32
CA ASP Q 50 -43.83 34.75 -9.66
C ASP Q 50 -44.86 35.71 -10.27
N ARG Q 51 -44.63 36.15 -11.50
CA ARG Q 51 -45.51 37.09 -12.16
C ARG Q 51 -46.28 36.46 -13.32
N VAL Q 52 -46.39 35.13 -13.34
CA VAL Q 52 -46.98 34.44 -14.47
C VAL Q 52 -48.11 33.56 -13.98
N GLY Q 53 -49.31 33.80 -14.50
CA GLY Q 53 -50.50 33.06 -14.13
C GLY Q 53 -51.11 32.31 -15.30
N PHE Q 54 -51.89 31.28 -14.99
CA PHE Q 54 -52.39 30.33 -15.98
C PHE Q 54 -53.91 30.15 -15.80
N ALA Q 55 -54.62 30.06 -16.93
CA ALA Q 55 -56.04 29.72 -16.90
C ALA Q 55 -56.34 28.79 -18.06
N ALA Q 56 -57.36 27.95 -17.89
CA ALA Q 56 -57.65 26.96 -18.92
C ALA Q 56 -59.14 26.64 -18.98
N ALA Q 57 -59.62 26.33 -20.18
CA ALA Q 57 -60.97 25.81 -20.41
C ALA Q 57 -60.90 24.41 -21.03
N GLY Q 58 -61.87 23.56 -20.69
CA GLY Q 58 -62.08 22.29 -21.36
C GLY Q 58 -62.03 21.12 -20.38
N LYS Q 59 -61.47 20.00 -20.87
CA LYS Q 59 -61.40 18.78 -20.09
C LYS Q 59 -60.37 18.92 -18.96
N PHE Q 60 -60.80 18.65 -17.72
CA PHE Q 60 -59.98 18.99 -16.56
C PHE Q 60 -58.67 18.21 -16.52
N ASN Q 61 -58.70 16.90 -16.76
CA ASN Q 61 -57.48 16.13 -16.53
C ASN Q 61 -56.39 16.54 -17.51
N GLU Q 62 -56.77 16.95 -18.72
CA GLU Q 62 -55.80 17.35 -19.72
C GLU Q 62 -55.21 18.74 -19.41
N PHE Q 63 -56.06 19.75 -19.15
CA PHE Q 63 -55.43 21.02 -18.83
C PHE Q 63 -54.76 21.02 -17.46
N ASP Q 64 -55.07 20.04 -16.60
CA ASP Q 64 -54.31 19.88 -15.37
C ASP Q 64 -52.94 19.26 -15.62
N ASN Q 65 -52.86 18.27 -16.54
CA ASN Q 65 -51.54 17.81 -16.98
C ASN Q 65 -50.73 18.96 -17.55
N LEU Q 66 -51.35 19.83 -18.36
CA LEU Q 66 -50.60 20.93 -18.95
C LEU Q 66 -50.21 21.96 -17.90
N ARG Q 67 -51.10 22.21 -16.95
CA ARG Q 67 -50.77 23.11 -15.85
C ARG Q 67 -49.53 22.60 -15.11
N ARG Q 68 -49.52 21.30 -14.77
CA ARG Q 68 -48.39 20.72 -14.07
C ARG Q 68 -47.11 20.79 -14.91
N GLY Q 69 -47.20 20.44 -16.20
CA GLY Q 69 -46.03 20.54 -17.04
C GLY Q 69 -45.49 21.95 -17.14
N GLY Q 70 -46.37 22.94 -17.09
CA GLY Q 70 -45.92 24.32 -17.13
C GLY Q 70 -45.22 24.74 -15.85
N ILE Q 71 -45.79 24.38 -14.70
CA ILE Q 71 -45.08 24.64 -13.45
C ILE Q 71 -43.70 23.96 -13.47
N GLN Q 72 -43.64 22.71 -13.93
CA GLN Q 72 -42.36 22.03 -14.05
C GLN Q 72 -41.40 22.84 -14.90
N PHE Q 73 -41.88 23.35 -16.03
CA PHE Q 73 -41.03 24.12 -16.91
C PHE Q 73 -40.50 25.37 -16.21
N ALA Q 74 -41.38 26.09 -15.51
CA ALA Q 74 -40.99 27.37 -14.92
C ALA Q 74 -40.02 27.17 -13.77
N ASP Q 75 -40.30 26.19 -12.89
CA ASP Q 75 -39.39 25.97 -11.76
C ASP Q 75 -38.06 25.41 -12.22
N THR Q 76 -38.07 24.56 -13.25
CA THR Q 76 -36.81 24.06 -13.80
C THR Q 76 -36.01 25.19 -14.45
N ARG Q 77 -36.65 26.07 -15.22
CA ARG Q 77 -35.88 27.10 -15.90
C ARG Q 77 -35.40 28.16 -14.93
N GLY Q 78 -36.25 28.57 -13.99
CA GLY Q 78 -35.80 29.50 -12.98
C GLY Q 78 -34.67 28.95 -12.15
N TYR Q 79 -34.66 27.64 -11.92
CA TYR Q 79 -33.58 27.08 -11.14
C TYR Q 79 -32.31 26.95 -11.98
N ALA Q 80 -32.47 26.60 -13.25
CA ALA Q 80 -31.33 26.38 -14.13
C ALA Q 80 -30.66 27.68 -14.52
N TYR Q 81 -31.39 28.79 -14.43
CA TYR Q 81 -30.89 30.13 -14.72
C TYR Q 81 -31.12 31.00 -13.49
N ASP Q 82 -31.97 32.02 -13.61
CA ASP Q 82 -32.44 32.80 -12.47
C ASP Q 82 -33.95 32.95 -12.57
N ARG Q 83 -34.60 33.21 -11.43
CA ARG Q 83 -36.05 33.43 -11.42
C ARG Q 83 -36.46 34.42 -12.52
N ARG Q 84 -35.75 35.54 -12.60
CA ARG Q 84 -36.10 36.62 -13.50
C ARG Q 84 -36.04 36.24 -14.98
N ASP Q 85 -35.51 35.09 -15.34
CA ASP Q 85 -35.42 34.69 -16.74
C ASP Q 85 -36.69 33.99 -17.24
N VAL Q 86 -37.59 33.65 -16.32
CA VAL Q 86 -38.86 33.02 -16.65
C VAL Q 86 -39.86 34.09 -17.07
N THR Q 87 -40.35 34.01 -18.31
CA THR Q 87 -41.33 34.96 -18.83
C THR Q 87 -42.63 34.26 -19.21
N GLY Q 88 -43.70 35.05 -19.26
CA GLY Q 88 -44.95 34.55 -19.80
C GLY Q 88 -44.83 34.14 -21.27
N ARG Q 89 -44.03 34.88 -22.04
CA ARG Q 89 -43.84 34.50 -23.44
C ARG Q 89 -43.10 33.16 -23.57
N GLN Q 90 -42.25 32.82 -22.65
CA GLN Q 90 -41.58 31.56 -22.63
C GLN Q 90 -42.52 30.40 -22.35
N LEU Q 91 -43.38 30.52 -21.34
CA LEU Q 91 -44.41 29.53 -21.09
C LEU Q 91 -45.38 29.41 -22.25
N ALA Q 92 -45.83 30.54 -22.80
CA ALA Q 92 -46.74 30.46 -23.93
C ALA Q 92 -46.09 29.74 -25.10
N ASN Q 93 -44.80 30.00 -25.34
CA ASN Q 93 -44.14 29.35 -26.46
C ASN Q 93 -44.06 27.83 -26.25
N VAL Q 94 -43.69 27.40 -25.05
CA VAL Q 94 -43.54 25.98 -24.90
C VAL Q 94 -44.92 25.29 -24.85
N TYR Q 95 -45.95 25.97 -24.33
CA TYR Q 95 -47.31 25.44 -24.43
C TYR Q 95 -47.73 25.27 -25.89
N ALA Q 96 -47.33 26.21 -26.75
CA ALA Q 96 -47.55 26.02 -28.18
C ALA Q 96 -46.89 24.73 -28.67
N GLN Q 97 -45.59 24.58 -28.41
CA GLN Q 97 -44.89 23.40 -28.91
C GLN Q 97 -45.59 22.13 -28.43
N THR Q 98 -45.85 22.08 -27.13
CA THR Q 98 -46.45 20.90 -26.52
C THR Q 98 -47.81 20.58 -27.13
N LEU Q 99 -48.75 21.54 -27.06
CA LEU Q 99 -50.07 21.28 -27.62
C LEU Q 99 -50.01 20.87 -29.08
N GLY Q 100 -49.05 21.41 -29.85
CA GLY Q 100 -48.90 20.95 -31.21
C GLY Q 100 -48.53 19.49 -31.28
N THR Q 101 -47.58 19.07 -30.44
CA THR Q 101 -47.16 17.68 -30.38
C THR Q 101 -48.31 16.78 -29.94
N ILE Q 102 -49.04 17.18 -28.88
CA ILE Q 102 -50.21 16.44 -28.43
C ILE Q 102 -51.21 16.30 -29.57
N PHE Q 103 -51.44 17.39 -30.28
CA PHE Q 103 -52.49 17.44 -31.29
C PHE Q 103 -52.19 16.47 -32.44
N THR Q 104 -50.93 16.41 -32.86
CA THR Q 104 -50.65 15.53 -33.98
C THR Q 104 -50.32 14.11 -33.56
N GLU Q 105 -49.90 13.89 -32.31
CA GLU Q 105 -49.29 12.62 -31.94
C GLU Q 105 -50.04 11.84 -30.87
N GLN Q 106 -50.74 12.50 -29.95
CA GLN Q 106 -51.44 11.79 -28.90
C GLN Q 106 -52.53 10.88 -29.47
N ALA Q 107 -52.96 9.89 -28.67
CA ALA Q 107 -54.03 9.00 -29.11
C ALA Q 107 -55.32 9.77 -29.37
N LYS Q 108 -55.64 10.72 -28.50
CA LYS Q 108 -56.72 11.68 -28.69
C LYS Q 108 -56.18 13.07 -28.42
N PRO Q 109 -56.49 14.06 -29.26
CA PRO Q 109 -56.00 15.41 -29.00
C PRO Q 109 -56.55 15.93 -27.68
N TYR Q 110 -55.84 16.87 -27.09
CA TYR Q 110 -56.33 17.48 -25.85
C TYR Q 110 -57.48 18.42 -26.14
N GLU Q 111 -58.50 18.36 -25.30
CA GLU Q 111 -59.64 19.28 -25.40
C GLU Q 111 -59.47 20.43 -24.40
N VAL Q 112 -58.57 21.34 -24.73
CA VAL Q 112 -58.22 22.41 -23.82
C VAL Q 112 -57.94 23.69 -24.59
N GLU Q 113 -58.14 24.80 -23.90
CA GLU Q 113 -57.75 26.13 -24.36
C GLU Q 113 -57.03 26.81 -23.20
N LEU Q 114 -55.88 27.42 -23.48
CA LEU Q 114 -54.99 27.91 -22.44
C LEU Q 114 -54.75 29.40 -22.57
N CYS Q 115 -54.74 30.09 -21.44
CA CYS Q 115 -54.30 31.47 -21.36
C CYS Q 115 -53.13 31.56 -20.39
N VAL Q 116 -52.08 32.26 -20.81
CA VAL Q 116 -50.93 32.55 -19.97
C VAL Q 116 -50.80 34.06 -19.88
N ALA Q 117 -50.72 34.58 -18.67
CA ALA Q 117 -50.64 36.02 -18.47
C ALA Q 117 -49.42 36.38 -17.62
N GLU Q 118 -48.93 37.60 -17.81
CA GLU Q 118 -47.77 38.09 -17.08
C GLU Q 118 -47.97 39.53 -16.69
N VAL Q 119 -47.80 39.84 -15.41
CA VAL Q 119 -47.83 41.22 -14.93
C VAL Q 119 -46.40 41.69 -14.67
N ALA Q 120 -46.25 43.00 -14.48
CA ALA Q 120 -44.95 43.59 -14.24
C ALA Q 120 -44.39 43.15 -12.89
N HIS Q 121 -43.06 43.10 -12.80
CA HIS Q 121 -42.42 42.91 -11.51
C HIS Q 121 -42.62 44.13 -10.63
N TYR Q 122 -42.68 43.92 -9.33
CA TYR Q 122 -42.95 44.99 -8.38
C TYR Q 122 -42.12 46.23 -8.69
N GLY Q 123 -42.78 47.36 -8.77
CA GLY Q 123 -42.10 48.63 -8.96
C GLY Q 123 -41.78 48.99 -10.39
N GLU Q 124 -42.06 48.10 -11.34
CA GLU Q 124 -41.87 48.43 -12.74
C GLU Q 124 -43.18 48.85 -13.37
N THR Q 125 -43.07 49.44 -14.55
CA THR Q 125 -44.22 49.87 -15.34
C THR Q 125 -44.19 49.06 -16.63
N LYS Q 126 -44.99 48.01 -16.71
CA LYS Q 126 -45.03 47.12 -17.86
C LYS Q 126 -46.47 46.74 -18.12
N ARG Q 127 -46.93 46.92 -19.36
CA ARG Q 127 -48.30 46.54 -19.69
C ARG Q 127 -48.47 45.05 -19.52
N PRO Q 128 -49.57 44.59 -18.89
CA PRO Q 128 -49.81 43.16 -18.78
C PRO Q 128 -49.71 42.50 -20.14
N GLU Q 129 -49.25 41.25 -20.16
CA GLU Q 129 -49.26 40.47 -21.39
C GLU Q 129 -50.22 39.31 -21.23
N LEU Q 130 -50.99 39.04 -22.28
CA LEU Q 130 -51.95 37.95 -22.34
C LEU Q 130 -51.67 37.12 -23.58
N TYR Q 131 -51.58 35.81 -23.40
CA TYR Q 131 -51.40 34.86 -24.49
C TYR Q 131 -52.52 33.83 -24.44
N ARG Q 132 -52.94 33.39 -25.61
CA ARG Q 132 -53.94 32.33 -25.73
C ARG Q 132 -53.41 31.26 -26.66
N ILE Q 133 -53.32 30.02 -26.15
CA ILE Q 133 -52.81 28.87 -26.87
C ILE Q 133 -53.97 27.89 -27.03
N THR Q 134 -54.29 27.54 -28.28
CA THR Q 134 -55.46 26.74 -28.58
C THR Q 134 -55.05 25.27 -28.73
N TYR Q 135 -56.05 24.42 -28.94
CA TYR Q 135 -55.82 22.98 -28.84
C TYR Q 135 -54.79 22.48 -29.84
N ASP Q 136 -54.59 23.17 -30.96
CA ASP Q 136 -53.66 22.70 -31.98
C ASP Q 136 -52.30 23.37 -31.90
N GLY Q 137 -51.99 23.99 -30.76
CA GLY Q 137 -50.74 24.71 -30.63
C GLY Q 137 -50.70 26.08 -31.26
N SER Q 138 -51.78 26.53 -31.90
CA SER Q 138 -51.82 27.92 -32.36
C SER Q 138 -51.73 28.84 -31.16
N ILE Q 139 -50.99 29.95 -31.34
CA ILE Q 139 -50.77 30.87 -30.24
C ILE Q 139 -51.12 32.28 -30.71
N ALA Q 140 -51.60 33.10 -29.79
CA ALA Q 140 -52.04 34.44 -30.11
C ALA Q 140 -51.70 35.38 -28.98
N ASP Q 141 -51.22 36.56 -29.36
CA ASP Q 141 -50.82 37.62 -28.43
C ASP Q 141 -51.96 38.63 -28.33
N GLU Q 142 -52.55 38.75 -27.15
CA GLU Q 142 -53.75 39.57 -26.95
C GLU Q 142 -53.44 40.78 -26.07
N PRO Q 143 -53.97 41.96 -26.42
CA PRO Q 143 -53.66 43.17 -25.66
C PRO Q 143 -54.60 43.43 -24.49
N HIS Q 144 -55.84 42.92 -24.51
CA HIS Q 144 -56.77 43.37 -23.47
C HIS Q 144 -57.52 42.26 -22.76
N PHE Q 145 -57.94 41.21 -23.46
CA PHE Q 145 -58.66 40.13 -22.81
C PHE Q 145 -58.58 38.87 -23.66
N VAL Q 146 -58.89 37.75 -23.03
CA VAL Q 146 -59.01 36.46 -23.71
C VAL Q 146 -60.24 35.78 -23.19
N VAL Q 147 -60.97 35.12 -24.10
CA VAL Q 147 -62.13 34.31 -23.79
C VAL Q 147 -61.82 32.90 -24.25
N MET Q 148 -62.22 31.91 -23.44
CA MET Q 148 -61.93 30.52 -23.76
C MET Q 148 -63.07 29.61 -23.31
N GLY Q 149 -63.41 28.66 -24.16
CA GLY Q 149 -64.39 27.65 -23.80
C GLY Q 149 -65.82 28.08 -24.09
N GLY Q 150 -66.71 27.10 -24.14
CA GLY Q 150 -68.12 27.34 -24.37
C GLY Q 150 -68.36 28.18 -25.61
N THR Q 151 -69.36 29.04 -25.52
CA THR Q 151 -69.73 29.94 -26.61
C THR Q 151 -68.95 31.23 -26.42
N THR Q 152 -67.83 31.36 -27.10
CA THR Q 152 -66.94 32.49 -26.82
C THR Q 152 -67.46 33.80 -27.39
N GLU Q 153 -68.26 33.77 -28.48
CA GLU Q 153 -68.57 35.01 -29.19
C GLU Q 153 -69.45 35.97 -28.39
N PRO Q 154 -70.53 35.53 -27.74
CA PRO Q 154 -71.26 36.48 -26.87
C PRO Q 154 -70.36 37.18 -25.87
N ILE Q 155 -69.48 36.43 -25.20
CA ILE Q 155 -68.59 36.98 -24.19
C ILE Q 155 -67.60 37.95 -24.83
N ALA Q 156 -66.96 37.53 -25.92
CA ALA Q 156 -66.04 38.42 -26.63
C ALA Q 156 -66.73 39.73 -27.01
N ASN Q 157 -67.95 39.64 -27.53
CA ASN Q 157 -68.67 40.86 -27.90
C ASN Q 157 -68.92 41.74 -26.70
N ALA Q 158 -69.49 41.17 -25.64
CA ALA Q 158 -69.74 41.93 -24.42
C ALA Q 158 -68.48 42.68 -23.98
N LEU Q 159 -67.34 41.99 -23.95
CA LEU Q 159 -66.11 42.63 -23.47
C LEU Q 159 -65.62 43.70 -24.44
N LYS Q 160 -65.65 43.42 -25.75
CA LYS Q 160 -65.27 44.45 -26.70
C LYS Q 160 -66.18 45.67 -26.61
N GLU Q 161 -67.37 45.51 -26.05
CA GLU Q 161 -68.28 46.62 -25.81
C GLU Q 161 -68.17 47.18 -24.40
N SER Q 162 -67.64 46.41 -23.45
CA SER Q 162 -67.60 46.83 -22.06
C SER Q 162 -66.21 47.03 -21.52
N TYR Q 163 -65.16 46.79 -22.31
CA TYR Q 163 -63.80 46.78 -21.79
C TYR Q 163 -63.22 48.19 -21.73
N ALA Q 164 -62.58 48.50 -20.60
CA ALA Q 164 -61.86 49.75 -20.43
C ALA Q 164 -60.51 49.47 -19.81
N GLU Q 165 -59.45 49.99 -20.44
CA GLU Q 165 -58.09 49.88 -19.91
C GLU Q 165 -58.06 50.36 -18.47
N ASN Q 166 -57.05 49.94 -17.71
CA ASN Q 166 -56.85 50.43 -16.35
C ASN Q 166 -58.15 50.56 -15.57
N ALA Q 167 -59.11 49.67 -15.81
CA ALA Q 167 -60.31 49.67 -14.99
C ALA Q 167 -59.95 49.30 -13.55
N SER Q 168 -60.84 49.64 -12.62
CA SER Q 168 -60.60 49.23 -11.25
C SER Q 168 -60.89 47.74 -11.10
N LEU Q 169 -60.48 47.17 -9.96
CA LEU Q 169 -60.70 45.74 -9.77
C LEU Q 169 -62.19 45.41 -9.81
N THR Q 170 -63.00 46.08 -8.97
CA THR Q 170 -64.43 45.80 -8.89
C THR Q 170 -65.11 45.96 -10.25
N ASP Q 171 -64.71 46.96 -11.02
CA ASP Q 171 -65.33 47.17 -12.32
C ASP Q 171 -64.98 46.04 -13.28
N ALA Q 172 -63.68 45.80 -13.50
CA ALA Q 172 -63.30 44.71 -14.39
C ALA Q 172 -64.01 43.43 -13.99
N LEU Q 173 -64.08 43.14 -12.70
CA LEU Q 173 -64.81 41.97 -12.23
C LEU Q 173 -66.26 42.01 -12.73
N ARG Q 174 -66.94 43.13 -12.48
CA ARG Q 174 -68.33 43.26 -12.92
C ARG Q 174 -68.47 42.97 -14.41
N ILE Q 175 -67.69 43.67 -15.22
CA ILE Q 175 -67.80 43.52 -16.67
C ILE Q 175 -67.52 42.09 -17.08
N ALA Q 176 -66.58 41.46 -16.41
CA ALA Q 176 -66.21 40.09 -16.74
C ALA Q 176 -67.37 39.13 -16.46
N VAL Q 177 -67.90 39.16 -15.23
CA VAL Q 177 -69.07 38.33 -14.89
C VAL Q 177 -70.20 38.58 -15.90
N ALA Q 178 -70.46 39.86 -16.19
CA ALA Q 178 -71.47 40.21 -17.18
C ALA Q 178 -71.21 39.51 -18.50
N ALA Q 179 -70.01 39.65 -19.04
CA ALA Q 179 -69.70 38.98 -20.31
C ALA Q 179 -69.95 37.48 -20.20
N LEU Q 180 -69.62 36.89 -19.04
CA LEU Q 180 -69.77 35.46 -18.89
C LEU Q 180 -71.23 35.03 -19.00
N ARG Q 181 -72.15 35.79 -18.40
CA ARG Q 181 -73.57 35.44 -18.55
C ARG Q 181 -74.02 35.52 -20.01
N ALA Q 182 -73.45 36.44 -20.80
CA ALA Q 182 -73.85 36.58 -22.19
C ALA Q 182 -73.43 35.39 -23.06
N LEU Q 195 -74.73 33.92 -11.67
CA LEU Q 195 -73.33 33.56 -11.39
C LEU Q 195 -72.80 34.25 -10.13
N GLY Q 196 -73.03 33.64 -8.97
CA GLY Q 196 -72.55 34.16 -7.71
C GLY Q 196 -71.20 33.61 -7.30
N VAL Q 197 -70.86 33.79 -6.03
CA VAL Q 197 -69.56 33.36 -5.52
C VAL Q 197 -69.42 31.83 -5.58
N ALA Q 198 -70.47 31.11 -5.21
CA ALA Q 198 -70.38 29.65 -5.19
C ALA Q 198 -70.25 29.04 -6.58
N SER Q 199 -70.42 29.82 -7.65
CA SER Q 199 -70.25 29.31 -9.01
C SER Q 199 -69.07 29.93 -9.74
N LEU Q 200 -68.25 30.74 -9.05
CA LEU Q 200 -67.18 31.49 -9.70
C LEU Q 200 -65.83 31.20 -9.05
N GLU Q 201 -64.84 30.93 -9.88
CA GLU Q 201 -63.44 30.87 -9.48
C GLU Q 201 -62.78 32.15 -9.98
N VAL Q 202 -62.25 32.95 -9.05
CA VAL Q 202 -61.70 34.25 -9.39
C VAL Q 202 -60.32 34.38 -8.77
N ALA Q 203 -59.36 34.81 -9.58
CA ALA Q 203 -58.00 35.01 -9.10
C ALA Q 203 -57.42 36.24 -9.81
N VAL Q 204 -56.31 36.74 -9.28
CA VAL Q 204 -55.68 37.92 -9.85
C VAL Q 204 -54.15 37.74 -9.85
N LEU Q 205 -53.51 38.23 -10.92
CA LEU Q 205 -52.08 38.57 -10.92
C LEU Q 205 -51.95 40.03 -10.51
N ASP Q 206 -51.60 40.23 -9.24
CA ASP Q 206 -51.56 41.55 -8.61
C ASP Q 206 -50.16 42.12 -8.76
N ALA Q 207 -50.02 43.13 -9.62
CA ALA Q 207 -48.71 43.73 -9.87
C ALA Q 207 -48.21 44.57 -8.69
N ASN Q 208 -48.94 44.68 -7.59
CA ASN Q 208 -48.47 45.43 -6.43
C ASN Q 208 -47.89 44.54 -5.34
N ARG Q 209 -47.96 43.22 -5.51
CA ARG Q 209 -47.37 42.35 -4.50
C ARG Q 209 -45.88 42.18 -4.78
N PRO Q 210 -45.08 42.02 -3.74
CA PRO Q 210 -43.62 42.12 -3.92
C PRO Q 210 -43.02 41.03 -4.79
N ARG Q 211 -43.26 39.75 -4.47
CA ARG Q 211 -42.71 38.65 -5.25
C ARG Q 211 -43.80 37.89 -6.01
N ARG Q 212 -44.59 37.08 -5.33
CA ARG Q 212 -45.58 36.22 -5.97
C ARG Q 212 -46.86 37.02 -6.16
N ALA Q 213 -47.19 37.34 -7.41
CA ALA Q 213 -48.32 38.20 -7.73
C ALA Q 213 -49.67 37.49 -7.63
N PHE Q 214 -49.70 36.16 -7.66
CA PHE Q 214 -50.96 35.43 -7.77
C PHE Q 214 -51.68 35.38 -6.43
N ARG Q 215 -52.96 35.78 -6.42
CA ARG Q 215 -53.78 35.61 -5.24
C ARG Q 215 -55.23 35.36 -5.65
N ARG Q 216 -55.82 34.32 -5.07
CA ARG Q 216 -57.23 34.06 -5.29
C ARG Q 216 -58.09 35.06 -4.52
N ILE Q 217 -59.31 35.28 -5.03
CA ILE Q 217 -60.29 36.16 -4.40
C ILE Q 217 -61.55 35.33 -4.18
N THR Q 218 -61.76 34.88 -2.94
CA THR Q 218 -62.70 33.81 -2.67
C THR Q 218 -63.64 34.15 -1.52
N GLY Q 219 -64.78 33.46 -1.52
CA GLY Q 219 -65.69 33.49 -0.37
C GLY Q 219 -66.20 34.89 -0.08
N SER Q 220 -66.15 35.26 1.21
CA SER Q 220 -66.68 36.56 1.62
C SER Q 220 -66.08 37.70 0.82
N ALA Q 221 -64.74 37.79 0.78
CA ALA Q 221 -64.09 38.88 0.05
C ALA Q 221 -64.60 38.97 -1.38
N LEU Q 222 -64.66 37.82 -2.06
CA LEU Q 222 -65.20 37.78 -3.41
C LEU Q 222 -66.59 38.40 -3.46
N GLN Q 223 -67.44 38.05 -2.47
CA GLN Q 223 -68.80 38.58 -2.43
C GLN Q 223 -68.79 40.09 -2.28
N ALA Q 224 -68.02 40.59 -1.31
CA ALA Q 224 -67.88 42.04 -1.14
C ALA Q 224 -67.52 42.71 -2.44
N LEU Q 225 -66.65 42.08 -3.24
CA LEU Q 225 -66.29 42.67 -4.52
C LEU Q 225 -67.45 42.64 -5.50
N LEU Q 226 -68.19 41.52 -5.55
CA LEU Q 226 -69.30 41.41 -6.48
C LEU Q 226 -70.44 42.37 -6.12
N VAL Q 227 -70.70 42.53 -4.83
CA VAL Q 227 -71.69 43.49 -4.35
C VAL Q 227 -71.44 44.87 -4.94
N MET R 1 -49.49 4.67 -50.72
CA MET R 1 -48.30 5.49 -50.88
C MET R 1 -48.61 6.78 -51.63
N GLU R 2 -49.09 6.66 -52.87
CA GLU R 2 -49.43 7.86 -53.65
C GLU R 2 -50.54 8.66 -52.96
N GLN R 3 -51.54 7.97 -52.45
CA GLN R 3 -52.59 8.61 -51.67
C GLN R 3 -52.01 9.44 -50.55
N ALA R 4 -51.18 8.80 -49.71
CA ALA R 4 -50.64 9.45 -48.52
C ALA R 4 -49.83 10.69 -48.89
N MET R 5 -48.92 10.57 -49.85
CA MET R 5 -48.06 11.70 -50.20
C MET R 5 -48.84 12.83 -50.85
N ARG R 6 -49.86 12.50 -51.65
CA ARG R 6 -50.73 13.53 -52.18
C ARG R 6 -51.42 14.28 -51.05
N GLU R 7 -52.01 13.54 -50.10
CA GLU R 7 -52.66 14.18 -48.97
C GLU R 7 -51.70 15.05 -48.17
N ARG R 8 -50.55 14.49 -47.79
CA ARG R 8 -49.59 15.26 -47.01
C ARG R 8 -49.19 16.53 -47.73
N SER R 9 -48.93 16.44 -49.04
CA SER R 9 -48.54 17.61 -49.80
C SER R 9 -49.63 18.66 -49.82
N GLU R 10 -50.88 18.24 -50.02
CA GLU R 10 -51.95 19.21 -50.07
C GLU R 10 -52.24 19.81 -48.69
N LEU R 11 -52.10 19.02 -47.63
CA LEU R 11 -52.26 19.57 -46.30
C LEU R 11 -51.21 20.64 -46.04
N ALA R 12 -49.95 20.32 -46.33
CA ALA R 12 -48.91 21.32 -46.15
C ALA R 12 -49.19 22.57 -46.99
N ARG R 13 -49.46 22.39 -48.28
CA ARG R 13 -49.63 23.53 -49.16
C ARG R 13 -50.80 24.41 -48.75
N LYS R 14 -51.94 23.79 -48.38
CA LYS R 14 -53.09 24.57 -47.91
C LYS R 14 -52.75 25.33 -46.64
N GLY R 15 -52.08 24.66 -45.69
CA GLY R 15 -51.66 25.38 -44.49
C GLY R 15 -50.84 26.61 -44.82
N ILE R 16 -49.78 26.44 -45.61
CA ILE R 16 -48.90 27.57 -45.93
C ILE R 16 -49.68 28.64 -46.69
N ALA R 17 -50.52 28.23 -47.64
CA ALA R 17 -51.28 29.20 -48.43
C ALA R 17 -52.23 30.00 -47.56
N ARG R 18 -52.64 29.48 -46.41
CA ARG R 18 -53.48 30.29 -45.53
C ARG R 18 -52.67 31.20 -44.62
N ALA R 19 -51.36 31.07 -44.57
CA ALA R 19 -50.56 31.85 -43.63
C ALA R 19 -50.15 33.18 -44.23
N LYS R 20 -49.76 34.11 -43.36
CA LYS R 20 -49.35 35.42 -43.82
C LYS R 20 -47.97 35.38 -44.47
N SER R 21 -47.68 36.40 -45.26
CA SER R 21 -46.58 36.39 -46.23
C SER R 21 -45.34 37.09 -45.69
N VAL R 22 -44.18 36.69 -46.23
CA VAL R 22 -42.88 37.14 -45.79
C VAL R 22 -41.98 37.30 -47.01
N VAL R 23 -41.17 38.35 -47.02
CA VAL R 23 -40.27 38.60 -48.13
C VAL R 23 -38.87 38.85 -47.59
N ALA R 24 -37.87 38.34 -48.31
CA ALA R 24 -36.47 38.62 -48.05
C ALA R 24 -35.83 39.07 -49.35
N LEU R 25 -35.09 40.18 -49.32
CA LEU R 25 -34.43 40.61 -50.54
C LEU R 25 -33.08 41.20 -50.23
N ALA R 26 -32.15 40.99 -51.16
CA ALA R 26 -30.80 41.53 -51.06
C ALA R 26 -30.81 43.00 -51.43
N TYR R 27 -30.18 43.83 -50.59
CA TYR R 27 -30.06 45.25 -50.87
C TYR R 27 -28.63 45.68 -50.58
N ALA R 28 -28.31 46.91 -50.95
CA ALA R 28 -26.93 47.38 -50.85
C ALA R 28 -26.30 47.07 -49.49
N GLY R 29 -27.08 47.17 -48.41
CA GLY R 29 -26.55 47.01 -47.07
C GLY R 29 -26.50 45.58 -46.54
N GLY R 30 -27.04 44.62 -47.28
CA GLY R 30 -27.12 43.25 -46.78
C GLY R 30 -28.39 42.57 -47.23
N VAL R 31 -29.14 42.00 -46.28
CA VAL R 31 -30.39 41.35 -46.60
C VAL R 31 -31.50 41.95 -45.73
N LEU R 32 -32.66 42.18 -46.35
CA LEU R 32 -33.82 42.75 -45.67
C LEU R 32 -34.92 41.71 -45.56
N PHE R 33 -35.41 41.52 -44.33
CA PHE R 33 -36.55 40.66 -44.05
C PHE R 33 -37.74 41.53 -43.63
N VAL R 34 -38.87 41.35 -44.30
CA VAL R 34 -40.12 42.04 -43.95
C VAL R 34 -41.23 40.99 -43.90
N ALA R 35 -41.88 40.87 -42.74
CA ALA R 35 -42.96 39.91 -42.56
C ALA R 35 -44.20 40.60 -42.02
N GLU R 36 -45.32 40.40 -42.69
CA GLU R 36 -46.60 40.77 -42.11
C GLU R 36 -46.77 40.03 -40.78
N ASN R 37 -46.88 40.78 -39.69
CA ASN R 37 -46.87 40.20 -38.35
C ASN R 37 -47.54 41.13 -37.34
N PRO R 38 -48.71 40.76 -36.82
CA PRO R 38 -49.41 41.63 -35.86
C PRO R 38 -48.92 41.51 -34.43
N SER R 39 -48.22 40.43 -34.08
CA SER R 39 -47.77 40.29 -32.71
C SER R 39 -46.68 41.31 -32.39
N ARG R 40 -46.53 41.60 -31.10
CA ARG R 40 -45.38 42.36 -30.65
C ARG R 40 -44.30 41.47 -30.05
N SER R 41 -44.66 40.28 -29.55
CA SER R 41 -43.70 39.39 -28.94
C SER R 41 -43.40 38.12 -29.74
N LEU R 42 -44.31 37.68 -30.59
CA LEU R 42 -44.09 36.46 -31.37
C LEU R 42 -43.47 36.82 -32.72
N GLN R 43 -42.36 36.16 -33.06
CA GLN R 43 -41.47 36.58 -34.14
C GLN R 43 -41.37 35.52 -35.24
N LYS R 44 -41.37 35.98 -36.49
CA LYS R 44 -41.23 35.12 -37.68
C LYS R 44 -39.83 35.21 -38.30
N ILE R 45 -39.07 36.24 -37.95
CA ILE R 45 -37.70 36.42 -38.42
C ILE R 45 -36.76 36.22 -37.23
N SER R 46 -35.60 35.62 -37.49
CA SER R 46 -34.70 35.32 -36.39
C SER R 46 -33.25 35.30 -36.85
N GLU R 47 -32.36 35.64 -35.93
CA GLU R 47 -30.94 35.42 -36.14
C GLU R 47 -30.64 33.93 -36.03
N LEU R 48 -29.80 33.43 -36.95
CA LEU R 48 -29.23 32.09 -36.84
C LEU R 48 -27.78 32.13 -36.35
N TYR R 49 -26.92 32.81 -37.10
CA TYR R 49 -25.52 32.90 -36.75
C TYR R 49 -24.99 34.28 -37.19
N ASP R 50 -23.69 34.48 -36.98
CA ASP R 50 -23.08 35.80 -37.16
C ASP R 50 -23.57 36.51 -38.42
N ARG R 51 -23.51 35.85 -39.57
CA ARG R 51 -23.90 36.45 -40.84
C ARG R 51 -25.07 35.71 -41.49
N VAL R 52 -25.81 34.92 -40.71
CA VAL R 52 -26.86 34.06 -41.28
C VAL R 52 -28.16 34.32 -40.54
N GLY R 53 -29.20 34.65 -41.31
CA GLY R 53 -30.51 34.96 -40.79
C GLY R 53 -31.56 34.01 -41.30
N PHE R 54 -32.72 34.00 -40.63
CA PHE R 54 -33.78 33.01 -40.82
C PHE R 54 -35.13 33.73 -40.89
N ALA R 55 -35.96 33.34 -41.86
CA ALA R 55 -37.31 33.87 -41.98
C ALA R 55 -38.25 32.71 -42.30
N ALA R 56 -39.43 32.67 -41.68
CA ALA R 56 -40.32 31.54 -41.90
C ALA R 56 -41.78 31.99 -42.04
N ALA R 57 -42.54 31.21 -42.79
CA ALA R 57 -43.97 31.42 -42.95
C ALA R 57 -44.72 30.13 -42.58
N GLY R 58 -45.89 30.30 -41.95
CA GLY R 58 -46.81 29.19 -41.72
C GLY R 58 -47.15 29.05 -40.25
N LYS R 59 -47.24 27.80 -39.80
CA LYS R 59 -47.63 27.51 -38.44
C LYS R 59 -46.50 27.87 -37.48
N PHE R 60 -46.78 28.73 -36.50
CA PHE R 60 -45.71 29.28 -35.67
C PHE R 60 -44.96 28.20 -34.89
N ASN R 61 -45.68 27.31 -34.20
CA ASN R 61 -44.98 26.36 -33.34
C ASN R 61 -44.05 25.47 -34.15
N GLU R 62 -44.38 25.22 -35.41
CA GLU R 62 -43.58 24.34 -36.25
C GLU R 62 -42.34 25.03 -36.81
N PHE R 63 -42.48 26.27 -37.30
CA PHE R 63 -41.27 26.91 -37.81
C PHE R 63 -40.42 27.50 -36.70
N ASP R 64 -41.02 27.75 -35.53
CA ASP R 64 -40.24 28.03 -34.34
C ASP R 64 -39.45 26.79 -33.92
N ASN R 65 -40.08 25.61 -33.98
CA ASN R 65 -39.32 24.37 -33.80
C ASN R 65 -38.08 24.35 -34.70
N LEU R 66 -38.29 24.53 -36.01
CA LEU R 66 -37.15 24.46 -36.93
C LEU R 66 -36.16 25.60 -36.71
N ARG R 67 -36.61 26.72 -36.14
CA ARG R 67 -35.70 27.82 -35.85
C ARG R 67 -34.76 27.44 -34.72
N ARG R 68 -35.31 26.86 -33.64
CA ARG R 68 -34.49 26.39 -32.54
C ARG R 68 -33.53 25.29 -32.98
N GLY R 69 -33.99 24.43 -33.89
CA GLY R 69 -33.11 23.38 -34.39
C GLY R 69 -31.98 23.95 -35.21
N GLY R 70 -32.26 24.98 -36.01
CA GLY R 70 -31.20 25.62 -36.76
C GLY R 70 -30.17 26.26 -35.85
N ILE R 71 -30.63 26.95 -34.80
CA ILE R 71 -29.68 27.57 -33.88
C ILE R 71 -28.83 26.51 -33.22
N GLN R 72 -29.45 25.41 -32.80
CA GLN R 72 -28.69 24.28 -32.27
C GLN R 72 -27.61 23.84 -33.25
N PHE R 73 -27.98 23.62 -34.51
CA PHE R 73 -27.03 23.21 -35.52
C PHE R 73 -25.90 24.23 -35.65
N ALA R 74 -26.25 25.50 -35.79
CA ALA R 74 -25.25 26.53 -36.02
C ALA R 74 -24.24 26.56 -34.88
N ASP R 75 -24.73 26.69 -33.64
CA ASP R 75 -23.84 26.83 -32.49
C ASP R 75 -22.97 25.60 -32.31
N THR R 76 -23.56 24.41 -32.48
CA THR R 76 -22.83 23.16 -32.29
C THR R 76 -21.71 23.02 -33.32
N ARG R 77 -21.99 23.35 -34.58
CA ARG R 77 -20.95 23.26 -35.60
C ARG R 77 -19.90 24.34 -35.41
N GLY R 78 -20.32 25.54 -35.01
CA GLY R 78 -19.36 26.60 -34.78
C GLY R 78 -18.44 26.30 -33.62
N TYR R 79 -18.96 25.67 -32.57
CA TYR R 79 -18.12 25.24 -31.47
C TYR R 79 -17.23 24.07 -31.86
N ALA R 80 -17.73 23.17 -32.71
CA ALA R 80 -16.96 21.98 -33.06
C ALA R 80 -15.84 22.28 -34.04
N TYR R 81 -15.99 23.34 -34.83
CA TYR R 81 -14.99 23.70 -35.84
C TYR R 81 -14.56 25.12 -35.52
N ASP R 82 -15.04 26.11 -36.26
CA ASP R 82 -14.83 27.52 -35.92
C ASP R 82 -16.04 28.29 -36.40
N ARG R 83 -16.24 29.47 -35.83
CA ARG R 83 -17.40 30.25 -36.21
C ARG R 83 -17.50 30.43 -37.72
N ARG R 84 -16.37 30.63 -38.39
CA ARG R 84 -16.40 30.92 -39.82
C ARG R 84 -16.70 29.70 -40.69
N ASP R 85 -16.79 28.51 -40.11
CA ASP R 85 -17.17 27.34 -40.90
C ASP R 85 -18.68 27.24 -41.07
N VAL R 86 -19.47 27.97 -40.27
CA VAL R 86 -20.92 27.98 -40.39
C VAL R 86 -21.34 28.85 -41.57
N THR R 87 -22.13 28.29 -42.49
CA THR R 87 -22.57 29.01 -43.67
C THR R 87 -24.08 28.89 -43.83
N GLY R 88 -24.63 29.80 -44.62
CA GLY R 88 -26.03 29.69 -45.00
C GLY R 88 -26.29 28.49 -45.88
N ARG R 89 -25.35 28.15 -46.76
CA ARG R 89 -25.51 26.95 -47.56
C ARG R 89 -25.77 25.73 -46.69
N GLN R 90 -25.01 25.58 -45.60
CA GLN R 90 -25.15 24.33 -44.86
C GLN R 90 -26.36 24.34 -43.94
N LEU R 91 -26.68 25.49 -43.34
CA LEU R 91 -27.95 25.59 -42.63
C LEU R 91 -29.12 25.23 -43.55
N ALA R 92 -29.11 25.78 -44.78
CA ALA R 92 -30.16 25.47 -45.74
C ALA R 92 -30.15 24.00 -46.11
N ASN R 93 -28.96 23.43 -46.26
CA ASN R 93 -28.83 22.00 -46.59
C ASN R 93 -29.50 21.15 -45.52
N VAL R 94 -29.18 21.42 -44.25
CA VAL R 94 -29.72 20.62 -43.18
C VAL R 94 -31.22 20.84 -43.04
N TYR R 95 -31.71 22.05 -43.32
CA TYR R 95 -33.16 22.26 -43.34
C TYR R 95 -33.81 21.45 -44.46
N ALA R 96 -33.18 21.38 -45.62
CA ALA R 96 -33.64 20.49 -46.67
C ALA R 96 -33.82 19.07 -46.13
N GLN R 97 -32.75 18.51 -45.58
CA GLN R 97 -32.82 17.14 -45.04
C GLN R 97 -33.89 17.02 -43.97
N THR R 98 -33.99 18.01 -43.08
CA THR R 98 -34.90 17.91 -41.95
C THR R 98 -36.35 17.92 -42.42
N LEU R 99 -36.73 18.91 -43.22
CA LEU R 99 -38.10 18.96 -43.74
C LEU R 99 -38.41 17.78 -44.62
N GLY R 100 -37.42 17.22 -45.32
CA GLY R 100 -37.68 16.01 -46.07
C GLY R 100 -38.09 14.87 -45.17
N THR R 101 -37.33 14.66 -44.09
CA THR R 101 -37.68 13.63 -43.14
C THR R 101 -39.04 13.92 -42.49
N ILE R 102 -39.24 15.15 -42.02
CA ILE R 102 -40.51 15.53 -41.43
C ILE R 102 -41.64 15.24 -42.41
N PHE R 103 -41.47 15.67 -43.65
CA PHE R 103 -42.57 15.55 -44.60
C PHE R 103 -42.93 14.10 -44.86
N THR R 104 -41.95 13.22 -44.84
CA THR R 104 -42.32 11.85 -45.17
C THR R 104 -42.67 11.01 -43.96
N GLU R 105 -42.31 11.43 -42.74
CA GLU R 105 -42.42 10.51 -41.62
C GLU R 105 -43.13 11.03 -40.37
N GLN R 106 -43.40 12.32 -40.24
CA GLN R 106 -44.08 12.78 -39.04
C GLN R 106 -45.58 12.57 -39.17
N ALA R 107 -46.26 12.52 -38.01
CA ALA R 107 -47.70 12.28 -38.01
C ALA R 107 -48.41 13.26 -38.94
N LYS R 108 -48.07 14.54 -38.83
CA LYS R 108 -48.56 15.55 -39.75
C LYS R 108 -47.35 16.27 -40.35
N PRO R 109 -47.31 16.44 -41.65
CA PRO R 109 -46.25 17.27 -42.24
C PRO R 109 -46.28 18.68 -41.65
N TYR R 110 -45.13 19.34 -41.67
CA TYR R 110 -45.05 20.71 -41.16
C TYR R 110 -45.61 21.68 -42.19
N GLU R 111 -46.42 22.63 -41.72
CA GLU R 111 -47.00 23.64 -42.60
C GLU R 111 -46.13 24.89 -42.51
N VAL R 112 -44.99 24.83 -43.20
CA VAL R 112 -43.98 25.88 -43.08
C VAL R 112 -43.30 26.08 -44.42
N GLU R 113 -42.79 27.29 -44.61
CA GLU R 113 -41.87 27.63 -45.66
C GLU R 113 -40.73 28.40 -45.02
N LEU R 114 -39.51 28.15 -45.48
CA LEU R 114 -38.30 28.60 -44.80
C LEU R 114 -37.40 29.37 -45.76
N CYS R 115 -36.78 30.43 -45.24
CA CYS R 115 -35.76 31.18 -45.95
C CYS R 115 -34.54 31.30 -45.05
N VAL R 116 -33.37 31.00 -45.60
CA VAL R 116 -32.10 31.19 -44.91
C VAL R 116 -31.28 32.14 -45.76
N ALA R 117 -30.65 33.12 -45.11
CA ALA R 117 -29.91 34.14 -45.83
C ALA R 117 -28.53 34.36 -45.21
N GLU R 118 -27.55 34.64 -46.07
CA GLU R 118 -26.20 34.94 -45.61
C GLU R 118 -25.71 36.22 -46.25
N VAL R 119 -24.99 37.03 -45.48
CA VAL R 119 -24.27 38.20 -46.01
C VAL R 119 -22.77 38.03 -45.74
N ALA R 120 -22.00 38.90 -46.36
CA ALA R 120 -20.55 38.77 -46.25
C ALA R 120 -20.09 39.08 -44.84
N HIS R 121 -18.94 38.51 -44.48
CA HIS R 121 -18.31 38.90 -43.24
C HIS R 121 -17.75 40.32 -43.38
N TYR R 122 -17.55 40.98 -42.23
CA TYR R 122 -17.21 42.39 -42.24
C TYR R 122 -15.98 42.67 -43.10
N GLY R 123 -16.12 43.62 -44.03
CA GLY R 123 -15.03 44.02 -44.89
C GLY R 123 -14.74 43.12 -46.07
N GLU R 124 -15.55 42.11 -46.30
CA GLU R 124 -15.34 41.25 -47.46
C GLU R 124 -16.41 41.53 -48.49
N THR R 125 -16.13 41.12 -49.72
CA THR R 125 -17.04 41.34 -50.85
C THR R 125 -17.66 40.00 -51.22
N LYS R 126 -18.95 39.84 -50.90
CA LYS R 126 -19.65 38.58 -51.17
C LYS R 126 -21.11 38.90 -51.38
N ARG R 127 -21.62 38.64 -52.58
CA ARG R 127 -23.04 38.82 -52.84
C ARG R 127 -23.85 38.06 -51.79
N PRO R 128 -24.93 38.64 -51.26
CA PRO R 128 -25.76 37.90 -50.32
C PRO R 128 -26.29 36.64 -50.96
N GLU R 129 -26.56 35.64 -50.15
CA GLU R 129 -27.15 34.40 -50.64
C GLU R 129 -28.52 34.23 -49.99
N LEU R 130 -29.48 33.79 -50.78
CA LEU R 130 -30.83 33.52 -50.29
C LEU R 130 -31.22 32.09 -50.66
N TYR R 131 -31.75 31.36 -49.70
CA TYR R 131 -32.21 30.01 -49.91
C TYR R 131 -33.64 29.89 -49.45
N ARG R 132 -34.42 29.16 -50.24
CA ARG R 132 -35.82 28.91 -49.95
C ARG R 132 -35.97 27.41 -49.82
N ILE R 133 -36.50 26.95 -48.67
CA ILE R 133 -36.77 25.53 -48.42
C ILE R 133 -38.26 25.38 -48.14
N THR R 134 -38.91 24.47 -48.87
CA THR R 134 -40.34 24.25 -48.77
C THR R 134 -40.63 23.04 -47.90
N TYR R 135 -41.92 22.77 -47.70
CA TYR R 135 -42.35 21.78 -46.72
C TYR R 135 -41.91 20.37 -47.06
N ASP R 136 -41.58 20.08 -48.30
CA ASP R 136 -41.15 18.73 -48.63
C ASP R 136 -39.63 18.63 -48.76
N GLY R 137 -38.90 19.59 -48.23
CA GLY R 137 -37.45 19.56 -48.31
C GLY R 137 -36.87 19.99 -49.64
N SER R 138 -37.69 20.51 -50.55
CA SER R 138 -37.17 21.09 -51.77
C SER R 138 -36.48 22.40 -51.44
N ILE R 139 -35.34 22.64 -52.09
CA ILE R 139 -34.49 23.78 -51.78
C ILE R 139 -34.13 24.51 -53.06
N ALA R 140 -34.09 25.83 -52.99
CA ALA R 140 -33.82 26.68 -54.14
C ALA R 140 -32.88 27.82 -53.74
N ASP R 141 -32.00 28.13 -54.66
CA ASP R 141 -31.00 29.17 -54.52
C ASP R 141 -31.49 30.40 -55.28
N GLU R 142 -31.74 31.51 -54.57
CA GLU R 142 -32.33 32.70 -55.20
C GLU R 142 -31.40 33.90 -55.13
N PRO R 143 -31.29 34.69 -56.22
CA PRO R 143 -30.27 35.76 -56.26
C PRO R 143 -30.73 37.09 -55.73
N HIS R 144 -32.03 37.37 -55.79
CA HIS R 144 -32.51 38.72 -55.48
C HIS R 144 -33.52 38.75 -54.37
N PHE R 145 -34.47 37.83 -54.34
CA PHE R 145 -35.51 37.87 -53.32
C PHE R 145 -36.10 36.48 -53.19
N VAL R 146 -36.83 36.30 -52.09
CA VAL R 146 -37.56 35.09 -51.78
C VAL R 146 -38.88 35.50 -51.13
N VAL R 147 -39.97 34.90 -51.63
CA VAL R 147 -41.33 35.18 -51.16
C VAL R 147 -41.87 33.89 -50.59
N MET R 148 -42.50 33.99 -49.41
CA MET R 148 -43.03 32.80 -48.74
C MET R 148 -44.36 33.11 -48.08
N GLY R 149 -45.25 32.13 -48.08
CA GLY R 149 -46.53 32.29 -47.38
C GLY R 149 -47.60 32.94 -48.24
N GLY R 150 -48.85 32.57 -47.96
CA GLY R 150 -50.04 33.09 -48.61
C GLY R 150 -49.95 33.05 -50.12
N THR R 151 -50.61 34.02 -50.77
CA THR R 151 -50.60 34.11 -52.22
C THR R 151 -49.26 34.70 -52.65
N THR R 152 -48.33 33.82 -53.06
CA THR R 152 -46.98 34.25 -53.39
C THR R 152 -46.90 34.91 -54.76
N GLU R 153 -47.84 34.62 -55.66
CA GLU R 153 -47.71 35.06 -57.04
C GLU R 153 -47.75 36.58 -57.18
N PRO R 154 -48.77 37.28 -56.68
CA PRO R 154 -48.78 38.74 -56.80
C PRO R 154 -47.53 39.40 -56.25
N ILE R 155 -47.07 38.97 -55.08
CA ILE R 155 -45.89 39.56 -54.45
C ILE R 155 -44.65 39.31 -55.30
N ALA R 156 -44.49 38.06 -55.75
CA ALA R 156 -43.33 37.74 -56.58
C ALA R 156 -43.30 38.59 -57.84
N ASN R 157 -44.45 38.78 -58.49
CA ASN R 157 -44.48 39.59 -59.69
C ASN R 157 -44.16 41.05 -59.38
N ALA R 158 -44.78 41.59 -58.33
CA ALA R 158 -44.47 42.97 -57.92
C ALA R 158 -42.98 43.15 -57.70
N LEU R 159 -42.34 42.19 -57.04
CA LEU R 159 -40.90 42.29 -56.82
C LEU R 159 -40.14 42.17 -58.13
N LYS R 160 -40.60 41.29 -59.03
CA LYS R 160 -39.93 41.17 -60.30
C LYS R 160 -39.94 42.48 -61.06
N GLU R 161 -41.03 43.25 -60.95
CA GLU R 161 -41.13 44.53 -61.64
C GLU R 161 -40.35 45.63 -60.92
N SER R 162 -40.31 45.62 -59.59
CA SER R 162 -39.80 46.75 -58.82
C SER R 162 -38.41 46.53 -58.25
N TYR R 163 -37.88 45.31 -58.29
CA TYR R 163 -36.61 45.03 -57.63
C TYR R 163 -35.45 45.58 -58.43
N ALA R 164 -34.58 46.32 -57.76
CA ALA R 164 -33.31 46.73 -58.32
C ALA R 164 -32.19 46.38 -57.35
N GLU R 165 -31.10 45.85 -57.90
CA GLU R 165 -29.96 45.49 -57.08
C GLU R 165 -29.38 46.71 -56.40
N ASN R 166 -29.08 46.58 -55.11
CA ASN R 166 -28.33 47.60 -54.37
C ASN R 166 -29.18 48.81 -54.04
N ALA R 167 -30.48 48.62 -53.80
CA ALA R 167 -31.31 49.72 -53.37
C ALA R 167 -30.86 50.22 -52.00
N SER R 168 -31.43 51.35 -51.59
CA SER R 168 -31.22 51.85 -50.24
C SER R 168 -32.10 51.10 -49.25
N LEU R 169 -31.70 51.13 -47.98
CA LEU R 169 -32.54 50.50 -46.96
C LEU R 169 -33.97 51.01 -47.06
N THR R 170 -34.13 52.33 -47.17
CA THR R 170 -35.48 52.88 -47.34
C THR R 170 -36.16 52.32 -48.58
N ASP R 171 -35.47 52.36 -49.72
CA ASP R 171 -36.10 51.97 -50.98
C ASP R 171 -36.41 50.47 -51.00
N ALA R 172 -35.45 49.64 -50.58
CA ALA R 172 -35.75 48.22 -50.46
C ALA R 172 -36.95 47.98 -49.56
N LEU R 173 -37.01 48.68 -48.42
CA LEU R 173 -38.14 48.53 -47.52
C LEU R 173 -39.45 48.88 -48.20
N ARG R 174 -39.47 49.98 -48.96
CA ARG R 174 -40.70 50.39 -49.65
C ARG R 174 -41.11 49.34 -50.67
N ILE R 175 -40.17 48.93 -51.53
CA ILE R 175 -40.44 47.88 -52.50
C ILE R 175 -41.04 46.65 -51.83
N ALA R 176 -40.51 46.29 -50.65
CA ALA R 176 -40.99 45.10 -49.97
C ALA R 176 -42.42 45.27 -49.47
N VAL R 177 -42.68 46.34 -48.71
CA VAL R 177 -44.03 46.55 -48.18
C VAL R 177 -45.04 46.63 -49.31
N ALA R 178 -44.64 47.24 -50.43
CA ALA R 178 -45.53 47.37 -51.58
C ALA R 178 -45.83 46.03 -52.24
N ALA R 179 -44.80 45.19 -52.45
CA ALA R 179 -45.06 43.87 -53.02
C ALA R 179 -45.90 43.02 -52.08
N LEU R 180 -45.67 43.14 -50.76
CA LEU R 180 -46.49 42.44 -49.79
C LEU R 180 -47.95 42.82 -49.94
N ARG R 181 -48.26 44.12 -49.86
CA ARG R 181 -49.64 44.56 -49.96
C ARG R 181 -50.37 43.88 -51.12
N ALA R 182 -49.68 43.67 -52.26
CA ALA R 182 -50.29 43.07 -53.44
C ALA R 182 -50.85 41.66 -53.18
N GLY R 183 -51.01 41.26 -51.92
CA GLY R 183 -51.56 39.95 -51.58
C GLY R 183 -52.31 39.98 -50.26
N LEU R 195 -50.61 48.43 -44.58
CA LEU R 195 -49.57 47.83 -43.75
C LEU R 195 -48.65 48.88 -43.13
N GLY R 196 -48.72 49.06 -41.81
CA GLY R 196 -47.85 50.01 -41.14
C GLY R 196 -46.90 49.38 -40.14
N VAL R 197 -46.35 50.19 -39.23
CA VAL R 197 -45.40 49.64 -38.28
C VAL R 197 -46.06 48.53 -37.46
N ALA R 198 -47.21 48.81 -36.83
CA ALA R 198 -47.77 47.89 -35.86
C ALA R 198 -48.19 46.56 -36.46
N SER R 199 -48.20 46.43 -37.79
CA SER R 199 -48.55 45.19 -38.45
C SER R 199 -47.36 44.57 -39.19
N LEU R 200 -46.15 45.05 -38.91
CA LEU R 200 -44.95 44.63 -39.62
C LEU R 200 -43.85 44.22 -38.63
N GLU R 201 -43.12 43.17 -38.99
CA GLU R 201 -41.87 42.82 -38.32
C GLU R 201 -40.76 42.91 -39.37
N VAL R 202 -39.77 43.76 -39.12
CA VAL R 202 -38.69 43.99 -40.08
C VAL R 202 -37.35 43.78 -39.39
N ALA R 203 -36.44 43.10 -40.09
CA ALA R 203 -35.08 42.94 -39.59
C ALA R 203 -34.14 42.93 -40.79
N VAL R 204 -32.84 43.00 -40.50
CA VAL R 204 -31.82 43.16 -41.51
C VAL R 204 -30.57 42.37 -41.10
N LEU R 205 -29.95 41.72 -42.09
CA LEU R 205 -28.58 41.21 -41.96
C LEU R 205 -27.69 42.32 -42.51
N ASP R 206 -27.05 43.05 -41.61
CA ASP R 206 -26.30 44.26 -41.94
C ASP R 206 -24.82 43.89 -42.13
N ALA R 207 -24.37 43.88 -43.39
CA ALA R 207 -23.01 43.51 -43.72
C ALA R 207 -21.99 44.50 -43.16
N ASN R 208 -22.44 45.61 -42.61
CA ASN R 208 -21.54 46.59 -42.03
C ASN R 208 -21.42 46.44 -40.52
N ARG R 209 -22.20 45.55 -39.92
CA ARG R 209 -21.97 45.19 -38.52
C ARG R 209 -20.72 44.33 -38.42
N PRO R 210 -19.91 44.51 -37.38
CA PRO R 210 -18.62 43.81 -37.33
C PRO R 210 -18.71 42.28 -37.15
N ARG R 211 -19.56 41.80 -36.25
CA ARG R 211 -19.67 40.36 -36.04
C ARG R 211 -21.11 39.88 -36.22
N ARG R 212 -22.03 40.25 -35.34
CA ARG R 212 -23.42 39.81 -35.47
C ARG R 212 -24.15 40.77 -36.41
N ALA R 213 -24.46 40.31 -37.62
CA ALA R 213 -25.10 41.17 -38.61
C ALA R 213 -26.60 41.36 -38.36
N PHE R 214 -27.25 40.43 -37.66
CA PHE R 214 -28.69 40.53 -37.48
C PHE R 214 -29.07 41.69 -36.56
N ARG R 215 -30.02 42.50 -37.02
CA ARG R 215 -30.51 43.69 -36.33
C ARG R 215 -32.00 43.89 -36.62
N ARG R 216 -32.78 44.16 -35.59
CA ARG R 216 -34.21 44.39 -35.77
C ARG R 216 -34.51 45.88 -35.95
N ILE R 217 -35.43 46.20 -36.85
CA ILE R 217 -35.83 47.59 -37.07
C ILE R 217 -37.23 47.74 -36.49
N THR R 218 -37.32 48.34 -35.30
CA THR R 218 -38.57 48.38 -34.58
C THR R 218 -38.95 49.81 -34.24
N GLY R 219 -40.22 49.99 -33.90
CA GLY R 219 -40.68 51.23 -33.30
C GLY R 219 -40.34 52.46 -34.13
N SER R 220 -40.08 53.57 -33.42
CA SER R 220 -39.85 54.85 -34.08
C SER R 220 -38.80 54.75 -35.18
N ALA R 221 -37.80 53.88 -35.00
CA ALA R 221 -36.80 53.70 -36.06
C ALA R 221 -37.44 53.17 -37.33
N LEU R 222 -38.27 52.13 -37.21
CA LEU R 222 -38.97 51.62 -38.37
C LEU R 222 -39.90 52.67 -38.96
N GLN R 223 -40.68 53.32 -38.09
CA GLN R 223 -41.59 54.37 -38.55
C GLN R 223 -40.86 55.41 -39.39
N ALA R 224 -39.67 55.82 -38.94
CA ALA R 224 -38.91 56.83 -39.66
C ALA R 224 -38.59 56.39 -41.08
N LEU R 225 -38.43 55.09 -41.31
CA LEU R 225 -38.17 54.63 -42.68
C LEU R 225 -39.45 54.27 -43.40
N LEU R 226 -40.60 54.47 -42.77
CA LEU R 226 -41.91 54.27 -43.38
C LEU R 226 -42.64 55.59 -43.60
N MET S 1 -49.17 -5.61 -50.99
CA MET S 1 -47.81 -5.92 -51.44
C MET S 1 -47.60 -5.54 -52.91
N GLU S 2 -48.43 -6.09 -53.81
CA GLU S 2 -48.26 -5.79 -55.24
C GLU S 2 -48.61 -4.33 -55.54
N GLN S 3 -49.73 -3.85 -55.02
CA GLN S 3 -50.07 -2.45 -55.26
C GLN S 3 -49.10 -1.52 -54.56
N ALA S 4 -48.66 -1.88 -53.35
CA ALA S 4 -47.72 -1.04 -52.62
C ALA S 4 -46.42 -0.86 -53.38
N MET S 5 -45.78 -1.97 -53.78
CA MET S 5 -44.56 -1.87 -54.56
C MET S 5 -44.84 -1.25 -55.92
N ARG S 6 -46.03 -1.48 -56.47
CA ARG S 6 -46.41 -0.85 -57.72
C ARG S 6 -46.29 0.67 -57.62
N GLU S 7 -47.00 1.28 -56.67
CA GLU S 7 -47.04 2.73 -56.63
C GLU S 7 -45.80 3.34 -56.00
N ARG S 8 -45.04 2.57 -55.20
CA ARG S 8 -43.69 2.98 -54.86
C ARG S 8 -42.84 3.16 -56.11
N SER S 9 -42.80 2.12 -56.95
CA SER S 9 -42.08 2.22 -58.21
C SER S 9 -42.55 3.42 -59.03
N GLU S 10 -43.87 3.62 -59.13
CA GLU S 10 -44.38 4.74 -59.91
C GLU S 10 -43.94 6.08 -59.32
N LEU S 11 -44.04 6.23 -58.00
CA LEU S 11 -43.69 7.49 -57.35
C LEU S 11 -42.22 7.85 -57.56
N ALA S 12 -41.32 6.88 -57.37
CA ALA S 12 -39.91 7.15 -57.61
C ALA S 12 -39.66 7.49 -59.08
N ARG S 13 -40.13 6.63 -60.00
N ARG S 13 -40.13 6.62 -59.99
CA ARG S 13 -39.89 6.86 -61.41
CA ARG S 13 -39.92 6.84 -61.42
C ARG S 13 -40.37 8.24 -61.85
C ARG S 13 -40.38 8.23 -61.85
N LYS S 14 -41.57 8.65 -61.42
CA LYS S 14 -42.10 9.94 -61.86
C LYS S 14 -41.40 11.11 -61.16
N GLY S 15 -40.97 10.94 -59.91
CA GLY S 15 -40.11 11.97 -59.33
C GLY S 15 -38.86 12.19 -60.16
N ILE S 16 -38.20 11.11 -60.58
CA ILE S 16 -36.97 11.22 -61.36
C ILE S 16 -37.26 11.78 -62.75
N ALA S 17 -38.43 11.49 -63.32
CA ALA S 17 -38.75 11.96 -64.67
C ALA S 17 -38.93 13.48 -64.72
N ARG S 18 -39.36 14.09 -63.62
CA ARG S 18 -39.59 15.54 -63.57
C ARG S 18 -38.34 16.32 -63.18
N ALA S 19 -37.24 15.62 -62.87
CA ALA S 19 -36.01 16.28 -62.44
C ALA S 19 -35.12 16.59 -63.64
N LYS S 20 -34.32 17.65 -63.49
CA LYS S 20 -33.32 18.02 -64.48
C LYS S 20 -32.44 16.83 -64.83
N SER S 21 -31.75 16.90 -65.98
CA SER S 21 -30.99 15.78 -66.48
C SER S 21 -29.50 15.93 -66.21
N VAL S 22 -28.83 14.78 -66.21
CA VAL S 22 -27.41 14.68 -65.86
C VAL S 22 -26.77 13.64 -66.77
N VAL S 23 -25.51 13.88 -67.14
CA VAL S 23 -24.78 13.03 -68.08
C VAL S 23 -23.37 12.78 -67.55
N ALA S 24 -22.97 11.51 -67.49
CA ALA S 24 -21.60 11.14 -67.21
C ALA S 24 -21.04 10.43 -68.43
N LEU S 25 -19.79 10.73 -68.76
CA LEU S 25 -19.27 10.44 -70.09
C LEU S 25 -17.80 10.07 -70.02
N ALA S 26 -17.41 8.94 -70.59
CA ALA S 26 -15.98 8.65 -70.74
C ALA S 26 -15.41 9.50 -71.87
N TYR S 27 -14.28 10.15 -71.62
CA TYR S 27 -13.58 10.91 -72.65
C TYR S 27 -12.08 10.71 -72.49
N ALA S 28 -11.32 11.29 -73.42
CA ALA S 28 -9.90 10.94 -73.56
C ALA S 28 -9.16 10.97 -72.23
N GLY S 29 -9.48 11.93 -71.38
CA GLY S 29 -8.75 12.16 -70.15
C GLY S 29 -9.41 11.65 -68.89
N GLY S 30 -10.44 10.83 -68.99
CA GLY S 30 -11.10 10.34 -67.80
C GLY S 30 -12.61 10.36 -67.93
N VAL S 31 -13.30 11.00 -66.98
CA VAL S 31 -14.76 11.05 -66.98
C VAL S 31 -15.22 12.49 -66.87
N LEU S 32 -16.29 12.82 -67.56
CA LEU S 32 -16.89 14.14 -67.57
C LEU S 32 -18.31 14.04 -67.04
N PHE S 33 -18.64 14.92 -66.09
CA PHE S 33 -19.96 15.07 -65.51
C PHE S 33 -20.53 16.41 -65.93
N VAL S 34 -21.75 16.40 -66.48
CA VAL S 34 -22.43 17.63 -66.86
C VAL S 34 -23.90 17.51 -66.45
N ALA S 35 -24.36 18.41 -65.59
CA ALA S 35 -25.71 18.40 -65.05
C ALA S 35 -26.40 19.71 -65.32
N GLU S 36 -27.67 19.65 -65.72
CA GLU S 36 -28.46 20.85 -65.76
C GLU S 36 -28.74 21.29 -64.34
N ASN S 37 -28.26 22.50 -63.97
CA ASN S 37 -28.33 22.97 -62.58
C ASN S 37 -28.25 24.49 -62.53
N PRO S 38 -29.32 25.17 -62.09
CA PRO S 38 -29.29 26.64 -62.02
C PRO S 38 -28.64 27.21 -60.78
N SER S 39 -28.29 26.38 -59.79
CA SER S 39 -27.77 26.92 -58.54
C SER S 39 -26.27 27.21 -58.65
N ARG S 40 -25.85 28.25 -57.93
CA ARG S 40 -24.42 28.56 -57.84
C ARG S 40 -23.72 27.67 -56.81
N SER S 41 -24.40 27.29 -55.72
CA SER S 41 -23.77 26.54 -54.64
C SER S 41 -24.41 25.20 -54.33
N LEU S 42 -25.59 24.89 -54.85
CA LEU S 42 -26.24 23.62 -54.55
C LEU S 42 -25.85 22.58 -55.60
N GLN S 43 -25.20 21.52 -55.14
CA GLN S 43 -24.40 20.61 -55.95
C GLN S 43 -25.07 19.25 -56.09
N LYS S 44 -25.08 18.70 -57.32
CA LYS S 44 -25.49 17.32 -57.55
C LYS S 44 -24.38 16.46 -58.15
N ILE S 45 -23.18 17.02 -58.37
CA ILE S 45 -22.00 16.26 -58.74
C ILE S 45 -20.97 16.44 -57.63
N SER S 46 -20.23 15.37 -57.32
CA SER S 46 -19.39 15.41 -56.13
C SER S 46 -18.27 14.38 -56.20
N GLU S 47 -17.15 14.71 -55.57
CA GLU S 47 -16.10 13.74 -55.29
C GLU S 47 -16.62 12.70 -54.31
N LEU S 48 -16.23 11.44 -54.53
CA LEU S 48 -16.39 10.40 -53.52
C LEU S 48 -15.06 9.95 -52.95
N TYR S 49 -14.11 9.56 -53.80
CA TYR S 49 -12.79 9.18 -53.32
C TYR S 49 -11.77 9.51 -54.41
N ASP S 50 -10.50 9.22 -54.13
CA ASP S 50 -9.39 9.70 -54.96
C ASP S 50 -9.68 9.64 -56.46
N ARG S 51 -10.13 8.48 -56.94
CA ARG S 51 -10.39 8.28 -58.37
C ARG S 51 -11.84 7.96 -58.64
N VAL S 52 -12.75 8.33 -57.72
CA VAL S 52 -14.14 7.92 -57.80
C VAL S 52 -15.01 9.14 -57.62
N GLY S 53 -15.96 9.33 -58.55
CA GLY S 53 -16.84 10.47 -58.53
C GLY S 53 -18.31 10.04 -58.59
N PHE S 54 -19.18 11.00 -58.31
CA PHE S 54 -20.59 10.77 -58.02
C PHE S 54 -21.42 11.81 -58.75
N ALA S 55 -22.54 11.39 -59.33
CA ALA S 55 -23.53 12.33 -59.85
C ALA S 55 -24.94 11.77 -59.64
N ALA S 56 -25.92 12.65 -59.50
CA ALA S 56 -27.26 12.18 -59.18
C ALA S 56 -28.32 13.01 -59.90
N ALA S 57 -29.46 12.39 -60.18
CA ALA S 57 -30.67 13.11 -60.54
C ALA S 57 -31.80 12.79 -59.55
N GLY S 58 -32.77 13.69 -59.46
CA GLY S 58 -33.94 13.48 -58.61
C GLY S 58 -34.05 14.51 -57.50
N LYS S 59 -34.60 14.08 -56.37
CA LYS S 59 -34.86 14.97 -55.25
C LYS S 59 -33.56 15.26 -54.48
N PHE S 60 -33.25 16.54 -54.30
CA PHE S 60 -31.92 16.93 -53.87
C PHE S 60 -31.57 16.38 -52.50
N ASN S 61 -32.41 16.64 -51.49
CA ASN S 61 -32.06 16.20 -50.14
C ASN S 61 -31.84 14.69 -50.07
N GLU S 62 -32.53 13.92 -50.93
CA GLU S 62 -32.38 12.47 -50.89
C GLU S 62 -31.06 12.03 -51.53
N PHE S 63 -30.76 12.51 -52.73
CA PHE S 63 -29.49 12.10 -53.29
C PHE S 63 -28.32 12.73 -52.55
N ASP S 64 -28.55 13.79 -51.76
CA ASP S 64 -27.49 14.37 -50.94
C ASP S 64 -27.24 13.54 -49.69
N ASN S 65 -28.32 13.04 -49.06
CA ASN S 65 -28.15 12.01 -48.04
C ASN S 65 -27.32 10.86 -48.58
N LEU S 66 -27.61 10.41 -49.80
CA LEU S 66 -26.87 9.28 -50.37
C LEU S 66 -25.41 9.64 -50.63
N ARG S 67 -25.17 10.82 -51.20
CA ARG S 67 -23.81 11.27 -51.42
C ARG S 67 -23.02 11.27 -50.12
N ARG S 68 -23.61 11.81 -49.06
CA ARG S 68 -22.95 11.87 -47.77
C ARG S 68 -22.69 10.47 -47.22
N GLY S 69 -23.67 9.58 -47.38
CA GLY S 69 -23.45 8.20 -46.95
C GLY S 69 -22.29 7.57 -47.68
N GLY S 70 -22.14 7.90 -48.96
CA GLY S 70 -21.10 7.31 -49.75
C GLY S 70 -19.73 7.82 -49.36
N ILE S 71 -19.64 9.12 -49.08
CA ILE S 71 -18.38 9.66 -48.59
C ILE S 71 -18.02 9.01 -47.25
N GLN S 72 -19.02 8.83 -46.38
CA GLN S 72 -18.81 8.12 -45.13
C GLN S 72 -18.23 6.72 -45.39
N PHE S 73 -18.85 5.98 -46.30
CA PHE S 73 -18.42 4.61 -46.56
C PHE S 73 -17.01 4.56 -47.13
N ALA S 74 -16.68 5.48 -48.04
CA ALA S 74 -15.39 5.42 -48.69
C ALA S 74 -14.27 5.84 -47.74
N ASP S 75 -14.47 6.93 -47.01
CA ASP S 75 -13.43 7.35 -46.06
C ASP S 75 -13.24 6.28 -44.97
N THR S 76 -14.33 5.61 -44.57
CA THR S 76 -14.24 4.55 -43.57
C THR S 76 -13.49 3.32 -44.10
N ARG S 77 -13.81 2.87 -45.30
CA ARG S 77 -13.06 1.73 -45.84
C ARG S 77 -11.60 2.09 -46.03
N GLY S 78 -11.33 3.23 -46.68
CA GLY S 78 -9.95 3.63 -46.89
C GLY S 78 -9.14 3.70 -45.61
N TYR S 79 -9.74 4.22 -44.52
CA TYR S 79 -9.02 4.26 -43.26
C TYR S 79 -8.89 2.86 -42.64
N ALA S 80 -9.94 2.04 -42.73
CA ALA S 80 -9.90 0.70 -42.15
C ALA S 80 -8.91 -0.21 -42.86
N TYR S 81 -8.71 -0.01 -44.16
CA TYR S 81 -7.77 -0.81 -44.94
C TYR S 81 -6.70 0.13 -45.50
N ASP S 82 -6.65 0.35 -46.80
CA ASP S 82 -5.80 1.38 -47.37
C ASP S 82 -6.58 2.10 -48.47
N ARG S 83 -6.17 3.31 -48.80
CA ARG S 83 -6.90 4.07 -49.81
C ARG S 83 -7.08 3.27 -51.10
N ARG S 84 -6.06 2.51 -51.49
CA ARG S 84 -6.10 1.74 -52.73
C ARG S 84 -7.15 0.64 -52.75
N ASP S 85 -7.75 0.31 -51.61
CA ASP S 85 -8.77 -0.73 -51.57
C ASP S 85 -10.18 -0.20 -51.85
N VAL S 86 -10.36 1.11 -51.89
CA VAL S 86 -11.64 1.70 -52.27
C VAL S 86 -11.76 1.68 -53.78
N THR S 87 -12.84 1.10 -54.29
CA THR S 87 -13.08 1.07 -55.73
C THR S 87 -14.47 1.63 -56.04
N GLY S 88 -14.66 2.07 -57.28
CA GLY S 88 -16.00 2.42 -57.72
C GLY S 88 -16.96 1.26 -57.63
N ARG S 89 -16.49 0.05 -57.98
CA ARG S 89 -17.32 -1.14 -57.85
C ARG S 89 -17.90 -1.26 -56.44
N GLN S 90 -17.08 -1.05 -55.42
CA GLN S 90 -17.57 -1.16 -54.05
C GLN S 90 -18.63 -0.12 -53.74
N LEU S 91 -18.40 1.14 -54.15
CA LEU S 91 -19.40 2.15 -53.87
C LEU S 91 -20.70 1.86 -54.60
N ALA S 92 -20.62 1.45 -55.87
CA ALA S 92 -21.85 1.13 -56.58
C ALA S 92 -22.58 0.00 -55.88
N ASN S 93 -21.83 -1.03 -55.46
CA ASN S 93 -22.43 -2.18 -54.81
C ASN S 93 -23.16 -1.77 -53.54
N VAL S 94 -22.52 -0.92 -52.75
CA VAL S 94 -23.10 -0.45 -51.50
C VAL S 94 -24.33 0.42 -51.78
N TYR S 95 -24.29 1.20 -52.86
CA TYR S 95 -25.44 2.02 -53.24
C TYR S 95 -26.62 1.16 -53.65
N ALA S 96 -26.35 0.05 -54.33
CA ALA S 96 -27.47 -0.82 -54.72
C ALA S 96 -28.11 -1.45 -53.51
N GLN S 97 -27.30 -1.90 -52.55
CA GLN S 97 -27.90 -2.45 -51.35
C GLN S 97 -28.68 -1.38 -50.59
N THR S 98 -28.06 -0.21 -50.42
CA THR S 98 -28.70 0.86 -49.63
C THR S 98 -30.01 1.28 -50.27
N LEU S 99 -29.99 1.58 -51.57
CA LEU S 99 -31.20 2.02 -52.24
C LEU S 99 -32.25 0.90 -52.31
N GLY S 100 -31.83 -0.35 -52.39
CA GLY S 100 -32.81 -1.43 -52.30
C GLY S 100 -33.55 -1.39 -50.98
N THR S 101 -32.79 -1.33 -49.88
CA THR S 101 -33.41 -1.23 -48.56
C THR S 101 -34.35 -0.02 -48.48
N ILE S 102 -33.84 1.18 -48.81
CA ILE S 102 -34.69 2.36 -48.80
C ILE S 102 -35.97 2.09 -49.57
N PHE S 103 -35.85 1.48 -50.74
CA PHE S 103 -37.00 1.36 -51.63
C PHE S 103 -38.06 0.43 -51.05
N THR S 104 -37.67 -0.60 -50.31
CA THR S 104 -38.65 -1.53 -49.78
C THR S 104 -39.15 -1.16 -48.39
N GLU S 105 -38.39 -0.39 -47.60
CA GLU S 105 -38.74 -0.19 -46.20
C GLU S 105 -38.94 1.25 -45.75
N GLN S 106 -38.53 2.26 -46.52
CA GLN S 106 -38.68 3.64 -46.07
C GLN S 106 -40.08 4.18 -46.33
N ALA S 107 -40.51 5.11 -45.46
CA ALA S 107 -41.82 5.73 -45.59
C ALA S 107 -42.11 6.17 -47.03
N LYS S 108 -41.15 6.78 -47.68
CA LYS S 108 -41.26 7.11 -49.07
C LYS S 108 -40.02 6.54 -49.74
N PRO S 109 -40.13 5.88 -50.89
CA PRO S 109 -38.93 5.55 -51.64
C PRO S 109 -38.20 6.83 -52.01
N TYR S 110 -36.90 6.71 -52.29
CA TYR S 110 -36.12 7.85 -52.74
C TYR S 110 -36.35 8.10 -54.22
N GLU S 111 -36.55 9.37 -54.59
CA GLU S 111 -36.65 9.76 -55.98
C GLU S 111 -35.27 10.21 -56.45
N VAL S 112 -34.42 9.21 -56.76
CA VAL S 112 -33.03 9.48 -57.10
C VAL S 112 -32.55 8.46 -58.10
N GLU S 113 -31.59 8.87 -58.93
CA GLU S 113 -30.79 8.00 -59.77
C GLU S 113 -29.34 8.40 -59.57
N LEU S 114 -28.45 7.41 -59.46
CA LEU S 114 -27.06 7.63 -59.09
C LEU S 114 -26.12 7.11 -60.16
N CYS S 115 -25.05 7.85 -60.42
CA CYS S 115 -23.92 7.37 -61.19
C CYS S 115 -22.66 7.42 -60.34
N VAL S 116 -21.94 6.30 -60.28
CA VAL S 116 -20.61 6.22 -59.72
C VAL S 116 -19.62 6.00 -60.85
N ALA S 117 -18.59 6.83 -60.91
CA ALA S 117 -17.57 6.71 -61.95
C ALA S 117 -16.21 6.51 -61.30
N GLU S 118 -15.33 5.81 -62.01
CA GLU S 118 -13.96 5.70 -61.53
C GLU S 118 -13.01 5.68 -62.72
N VAL S 119 -11.93 6.45 -62.60
CA VAL S 119 -10.88 6.51 -63.61
C VAL S 119 -9.62 5.86 -63.05
N ALA S 120 -8.64 5.70 -63.94
CA ALA S 120 -7.40 5.03 -63.58
C ALA S 120 -6.63 5.80 -62.51
N HIS S 121 -5.91 5.05 -61.66
CA HIS S 121 -4.91 5.67 -60.81
C HIS S 121 -3.77 6.22 -61.67
N TYR S 122 -3.17 7.31 -61.21
CA TYR S 122 -2.17 8.02 -62.00
C TYR S 122 -1.07 7.08 -62.48
N GLY S 123 -0.81 7.11 -63.79
CA GLY S 123 0.22 6.30 -64.40
C GLY S 123 -0.26 4.98 -64.92
N GLU S 124 -1.54 4.67 -64.77
CA GLU S 124 -2.07 3.36 -65.10
C GLU S 124 -2.94 3.42 -66.35
N THR S 125 -3.12 2.25 -66.93
CA THR S 125 -3.90 2.07 -68.15
C THR S 125 -5.12 1.22 -67.78
N LYS S 126 -6.27 1.89 -67.63
CA LYS S 126 -7.51 1.23 -67.25
C LYS S 126 -8.65 2.08 -67.78
N ARG S 127 -9.50 1.48 -68.63
CA ARG S 127 -10.62 2.22 -69.17
C ARG S 127 -11.55 2.63 -68.02
N PRO S 128 -12.06 3.87 -68.03
CA PRO S 128 -12.95 4.30 -66.95
C PRO S 128 -14.07 3.28 -66.74
N GLU S 129 -14.70 3.31 -65.58
CA GLU S 129 -15.85 2.47 -65.29
C GLU S 129 -17.00 3.37 -64.85
N LEU S 130 -18.17 3.15 -65.43
CA LEU S 130 -19.36 3.92 -65.10
C LEU S 130 -20.44 2.98 -64.61
N TYR S 131 -21.03 3.32 -63.45
CA TYR S 131 -22.10 2.54 -62.85
C TYR S 131 -23.33 3.43 -62.65
N ARG S 132 -24.50 2.89 -63.00
CA ARG S 132 -25.79 3.53 -62.71
C ARG S 132 -26.55 2.67 -61.71
N ILE S 133 -27.15 3.32 -60.71
CA ILE S 133 -27.95 2.68 -59.66
C ILE S 133 -29.27 3.42 -59.59
N THR S 134 -30.36 2.70 -59.81
CA THR S 134 -31.69 3.31 -59.85
C THR S 134 -32.38 3.19 -58.49
N TYR S 135 -33.57 3.79 -58.41
CA TYR S 135 -34.24 3.98 -57.13
C TYR S 135 -34.50 2.68 -56.37
N ASP S 136 -34.51 1.53 -57.05
CA ASP S 136 -34.89 0.28 -56.42
C ASP S 136 -33.69 -0.61 -56.12
N GLY S 137 -32.48 -0.11 -56.32
CA GLY S 137 -31.29 -0.88 -56.10
C GLY S 137 -30.73 -1.56 -57.34
N SER S 138 -31.44 -1.52 -58.46
CA SER S 138 -30.90 -2.08 -59.67
C SER S 138 -29.61 -1.36 -60.03
N ILE S 139 -28.64 -2.13 -60.49
CA ILE S 139 -27.32 -1.61 -60.76
C ILE S 139 -26.92 -2.08 -62.15
N ALA S 140 -26.29 -1.19 -62.91
CA ALA S 140 -25.91 -1.46 -64.29
C ALA S 140 -24.52 -0.90 -64.56
N ASP S 141 -23.66 -1.79 -65.04
CA ASP S 141 -22.31 -1.49 -65.50
C ASP S 141 -22.39 -0.95 -66.93
N GLU S 142 -21.90 0.25 -67.18
CA GLU S 142 -22.09 0.90 -68.48
C GLU S 142 -20.76 1.28 -69.10
N PRO S 143 -20.68 1.22 -70.43
CA PRO S 143 -19.37 1.31 -71.08
C PRO S 143 -18.95 2.72 -71.48
N HIS S 144 -19.88 3.53 -71.90
CA HIS S 144 -19.42 4.81 -72.45
C HIS S 144 -20.05 6.01 -71.78
N PHE S 145 -21.34 5.95 -71.47
CA PHE S 145 -22.00 7.08 -70.86
C PHE S 145 -23.13 6.57 -69.97
N VAL S 146 -23.67 7.49 -69.18
CA VAL S 146 -24.84 7.25 -68.35
C VAL S 146 -25.65 8.53 -68.36
N VAL S 147 -26.95 8.41 -68.57
CA VAL S 147 -27.88 9.54 -68.59
C VAL S 147 -28.94 9.30 -67.53
N MET S 148 -29.17 10.30 -66.67
CA MET S 148 -30.12 10.16 -65.58
C MET S 148 -31.00 11.39 -65.50
N GLY S 149 -32.23 11.18 -65.06
CA GLY S 149 -33.12 12.31 -64.84
C GLY S 149 -33.84 12.73 -66.11
N GLY S 150 -35.05 13.25 -65.93
CA GLY S 150 -35.90 13.78 -66.99
C GLY S 150 -36.15 12.76 -68.09
N THR S 151 -36.26 13.26 -69.31
CA THR S 151 -36.53 12.40 -70.45
C THR S 151 -35.21 11.95 -71.06
N THR S 152 -34.87 10.68 -70.85
CA THR S 152 -33.51 10.21 -71.12
C THR S 152 -33.32 9.71 -72.55
N GLU S 153 -34.36 9.16 -73.16
CA GLU S 153 -34.25 8.63 -74.53
C GLU S 153 -33.59 9.59 -75.50
N PRO S 154 -34.05 10.84 -75.64
CA PRO S 154 -33.38 11.77 -76.55
C PRO S 154 -31.88 11.90 -76.29
N ILE S 155 -31.50 12.11 -75.02
CA ILE S 155 -30.09 12.36 -74.72
C ILE S 155 -29.25 11.13 -75.02
N ALA S 156 -29.73 9.95 -74.62
CA ALA S 156 -29.02 8.73 -74.95
C ALA S 156 -28.86 8.58 -76.45
N ASN S 157 -29.88 8.95 -77.23
CA ASN S 157 -29.76 8.82 -78.68
C ASN S 157 -28.72 9.80 -79.23
N ALA S 158 -28.76 11.05 -78.78
CA ALA S 158 -27.77 12.02 -79.22
C ALA S 158 -26.36 11.54 -78.91
N LEU S 159 -26.14 10.95 -77.74
CA LEU S 159 -24.81 10.47 -77.39
C LEU S 159 -24.44 9.21 -78.17
N LYS S 160 -25.40 8.32 -78.40
CA LYS S 160 -25.14 7.08 -79.12
C LYS S 160 -24.61 7.37 -80.52
N GLU S 161 -25.16 8.38 -81.19
CA GLU S 161 -24.74 8.78 -82.54
C GLU S 161 -23.66 9.86 -82.53
N SER S 162 -23.32 10.39 -81.36
CA SER S 162 -22.34 11.47 -81.25
C SER S 162 -21.15 11.10 -80.38
N TYR S 163 -21.19 9.96 -79.71
CA TYR S 163 -20.22 9.69 -78.66
C TYR S 163 -18.86 9.35 -79.25
N ALA S 164 -17.82 9.87 -78.59
CA ALA S 164 -16.43 9.59 -78.92
C ALA S 164 -15.69 9.28 -77.63
N GLU S 165 -15.16 8.05 -77.53
CA GLU S 165 -14.38 7.68 -76.36
C GLU S 165 -13.11 8.50 -76.24
N ASN S 166 -12.57 8.95 -77.36
CA ASN S 166 -11.29 9.65 -77.37
C ASN S 166 -11.45 11.16 -77.59
N ALA S 167 -12.61 11.71 -77.30
CA ALA S 167 -12.79 13.13 -77.51
C ALA S 167 -12.01 13.95 -76.48
N SER S 168 -11.67 15.16 -76.86
CA SER S 168 -11.07 16.08 -75.92
C SER S 168 -12.08 16.50 -74.85
N LEU S 169 -11.58 17.20 -73.83
CA LEU S 169 -12.48 17.78 -72.85
C LEU S 169 -13.51 18.67 -73.54
N THR S 170 -13.05 19.59 -74.38
CA THR S 170 -13.96 20.51 -75.05
C THR S 170 -14.95 19.76 -75.93
N ASP S 171 -14.46 18.82 -76.74
CA ASP S 171 -15.36 18.07 -77.62
C ASP S 171 -16.40 17.32 -76.81
N ALA S 172 -15.94 16.56 -75.81
CA ALA S 172 -16.86 15.78 -74.99
C ALA S 172 -17.88 16.69 -74.30
N LEU S 173 -17.44 17.87 -73.85
CA LEU S 173 -18.36 18.78 -73.18
C LEU S 173 -19.45 19.25 -74.14
N ARG S 174 -19.08 19.68 -75.35
CA ARG S 174 -20.11 20.12 -76.29
C ARG S 174 -20.99 18.96 -76.76
N ILE S 175 -20.44 17.75 -76.86
CA ILE S 175 -21.28 16.58 -77.10
C ILE S 175 -22.32 16.45 -75.99
N ALA S 176 -21.88 16.54 -74.74
CA ALA S 176 -22.79 16.35 -73.61
C ALA S 176 -23.84 17.45 -73.54
N VAL S 177 -23.43 18.70 -73.77
CA VAL S 177 -24.36 19.82 -73.73
C VAL S 177 -25.35 19.72 -74.87
N ALA S 178 -24.86 19.36 -76.06
CA ALA S 178 -25.74 19.09 -77.20
C ALA S 178 -26.80 18.05 -76.82
N ALA S 179 -26.36 16.90 -76.29
CA ALA S 179 -27.31 15.85 -75.94
C ALA S 179 -28.31 16.35 -74.90
N LEU S 180 -27.86 17.15 -73.95
CA LEU S 180 -28.79 17.68 -72.95
C LEU S 180 -29.85 18.56 -73.60
N ARG S 181 -29.45 19.43 -74.53
CA ARG S 181 -30.43 20.25 -75.24
C ARG S 181 -31.41 19.36 -76.01
N ALA S 182 -30.89 18.37 -76.74
CA ALA S 182 -31.73 17.42 -77.46
C ALA S 182 -32.65 16.64 -76.54
N GLY S 183 -32.43 16.67 -75.22
CA GLY S 183 -33.36 16.12 -74.26
C GLY S 183 -34.40 17.09 -73.74
N SER S 184 -34.34 18.36 -74.14
CA SER S 184 -35.29 19.38 -73.72
C SER S 184 -36.57 19.35 -74.57
N LEU S 195 -28.13 27.29 -73.18
CA LEU S 195 -27.63 26.42 -72.11
C LEU S 195 -26.15 26.73 -71.81
N GLY S 196 -25.92 27.67 -70.90
CA GLY S 196 -24.57 28.14 -70.61
C GLY S 196 -24.10 28.01 -69.17
N VAL S 197 -23.04 28.75 -68.82
CA VAL S 197 -22.41 28.60 -67.52
C VAL S 197 -23.40 28.74 -66.38
N ALA S 198 -24.36 29.66 -66.52
CA ALA S 198 -25.24 29.95 -65.41
C ALA S 198 -26.26 28.85 -65.14
N SER S 199 -26.42 27.89 -66.04
CA SER S 199 -27.39 26.81 -65.89
C SER S 199 -26.73 25.43 -65.91
N LEU S 200 -25.41 25.35 -65.73
CA LEU S 200 -24.72 24.08 -65.80
C LEU S 200 -23.86 23.86 -64.56
N GLU S 201 -23.77 22.60 -64.12
CA GLU S 201 -22.76 22.13 -63.19
C GLU S 201 -21.86 21.15 -63.92
N VAL S 202 -20.59 21.49 -64.08
CA VAL S 202 -19.63 20.67 -64.81
C VAL S 202 -18.50 20.28 -63.88
N ALA S 203 -18.06 19.03 -63.99
CA ALA S 203 -16.87 18.61 -63.27
C ALA S 203 -16.29 17.41 -63.99
N VAL S 204 -15.11 16.99 -63.56
CA VAL S 204 -14.35 15.98 -64.28
C VAL S 204 -13.57 15.13 -63.27
N LEU S 205 -13.50 13.84 -63.55
CA LEU S 205 -12.52 12.93 -62.96
C LEU S 205 -11.37 12.86 -63.94
N ASP S 206 -10.29 13.58 -63.62
CA ASP S 206 -9.15 13.74 -64.50
C ASP S 206 -8.12 12.65 -64.18
N ALA S 207 -7.98 11.68 -65.07
CA ALA S 207 -7.01 10.62 -64.84
C ALA S 207 -5.57 11.10 -64.89
N ASN S 208 -5.34 12.37 -65.25
CA ASN S 208 -4.00 12.94 -65.33
C ASN S 208 -3.51 13.50 -63.99
N ARG S 209 -4.41 13.73 -63.03
CA ARG S 209 -3.99 14.28 -61.76
C ARG S 209 -3.26 13.23 -60.93
N PRO S 210 -2.33 13.65 -60.08
CA PRO S 210 -1.56 12.68 -59.30
C PRO S 210 -2.40 11.89 -58.30
N ARG S 211 -3.14 12.55 -57.41
CA ARG S 211 -3.87 11.82 -56.38
C ARG S 211 -5.38 11.97 -56.55
N ARG S 212 -5.94 13.12 -56.21
CA ARG S 212 -7.39 13.32 -56.27
C ARG S 212 -7.78 13.79 -57.66
N ALA S 213 -8.50 12.95 -58.40
CA ALA S 213 -8.86 13.24 -59.78
C ALA S 213 -10.02 14.22 -59.94
N PHE S 214 -10.81 14.47 -58.89
CA PHE S 214 -12.01 15.26 -59.04
C PHE S 214 -11.68 16.75 -59.12
N ARG S 215 -12.27 17.43 -60.10
CA ARG S 215 -11.97 18.83 -60.38
C ARG S 215 -13.21 19.48 -61.00
N ARG S 216 -13.65 20.60 -60.45
CA ARG S 216 -14.79 21.31 -61.03
C ARG S 216 -14.31 22.28 -62.11
N ILE S 217 -15.17 22.55 -63.06
CA ILE S 217 -14.88 23.45 -64.17
C ILE S 217 -15.90 24.58 -64.10
N THR S 218 -15.54 25.68 -63.46
CA THR S 218 -16.48 26.77 -63.25
C THR S 218 -16.04 28.03 -63.98
N GLY S 219 -16.97 28.99 -64.03
CA GLY S 219 -16.66 30.37 -64.37
C GLY S 219 -16.08 30.55 -65.75
N SER S 220 -15.16 31.51 -65.86
CA SER S 220 -14.58 31.83 -67.17
C SER S 220 -13.91 30.61 -67.79
N ALA S 221 -13.45 29.66 -66.98
CA ALA S 221 -12.90 28.43 -67.54
C ALA S 221 -13.98 27.60 -68.22
N LEU S 222 -15.12 27.42 -67.56
CA LEU S 222 -16.22 26.70 -68.20
C LEU S 222 -16.68 27.44 -69.46
N GLN S 223 -16.73 28.77 -69.39
CA GLN S 223 -17.09 29.55 -70.58
C GLN S 223 -16.13 29.27 -71.72
N ALA S 224 -14.84 29.29 -71.42
CA ALA S 224 -13.83 29.01 -72.43
C ALA S 224 -14.08 27.67 -73.09
N LEU S 225 -14.49 26.68 -72.30
CA LEU S 225 -14.71 25.37 -72.89
C LEU S 225 -15.95 25.31 -73.80
N LEU S 226 -16.90 26.22 -73.63
CA LEU S 226 -18.15 26.12 -74.36
C LEU S 226 -18.12 26.80 -75.72
N VAL S 227 -17.32 27.85 -75.87
CA VAL S 227 -17.52 28.82 -76.94
C VAL S 227 -16.89 28.39 -78.26
N ASP S 228 -15.56 28.35 -78.32
CA ASP S 228 -14.87 28.28 -79.62
C ASP S 228 -14.03 27.01 -79.81
N MET T 1 -54.45 -13.19 -45.11
CA MET T 1 -53.31 -14.08 -44.91
C MET T 1 -52.87 -14.73 -46.21
N GLU T 2 -53.70 -15.64 -46.72
CA GLU T 2 -53.32 -16.39 -47.92
C GLU T 2 -53.16 -15.48 -49.13
N GLN T 3 -53.95 -14.41 -49.21
CA GLN T 3 -53.80 -13.47 -50.31
C GLN T 3 -52.45 -12.76 -50.27
N ALA T 4 -52.05 -12.29 -49.09
CA ALA T 4 -50.73 -11.69 -48.92
C ALA T 4 -49.63 -12.63 -49.41
N MET T 5 -49.69 -13.90 -49.00
CA MET T 5 -48.64 -14.84 -49.36
C MET T 5 -48.68 -15.22 -50.84
N ARG T 6 -49.86 -15.22 -51.44
CA ARG T 6 -49.93 -15.43 -52.88
C ARG T 6 -49.31 -14.25 -53.63
N GLU T 7 -49.57 -13.03 -53.15
CA GLU T 7 -48.94 -11.86 -53.74
C GLU T 7 -47.43 -11.92 -53.63
N ARG T 8 -46.91 -12.16 -52.43
CA ARG T 8 -45.47 -12.27 -52.25
C ARG T 8 -44.88 -13.33 -53.18
N SER T 9 -45.53 -14.49 -53.22
CA SER T 9 -45.07 -15.55 -54.11
C SER T 9 -45.03 -15.09 -55.55
N GLU T 10 -46.04 -14.32 -55.98
CA GLU T 10 -46.09 -13.98 -57.40
C GLU T 10 -45.06 -12.90 -57.73
N LEU T 11 -45.03 -11.83 -56.92
CA LEU T 11 -43.98 -10.82 -57.07
C LEU T 11 -42.61 -11.48 -57.18
N ALA T 12 -42.30 -12.41 -56.27
CA ALA T 12 -41.00 -13.07 -56.33
C ALA T 12 -40.85 -13.86 -57.63
N ARG T 13 -41.81 -14.73 -57.94
CA ARG T 13 -41.68 -15.56 -59.13
C ARG T 13 -41.46 -14.69 -60.36
N LYS T 14 -42.31 -13.68 -60.56
CA LYS T 14 -42.18 -12.79 -61.71
C LYS T 14 -40.83 -12.10 -61.70
N GLY T 15 -40.28 -11.80 -60.52
CA GLY T 15 -38.93 -11.29 -60.47
C GLY T 15 -37.92 -12.26 -61.06
N ILE T 16 -37.99 -13.53 -60.62
CA ILE T 16 -36.98 -14.50 -61.04
C ILE T 16 -37.16 -14.84 -62.52
N ALA T 17 -38.41 -14.88 -62.99
CA ALA T 17 -38.70 -15.22 -64.38
C ALA T 17 -38.11 -14.18 -65.32
N ARG T 18 -38.13 -12.90 -64.91
CA ARG T 18 -37.58 -11.85 -65.75
C ARG T 18 -36.07 -11.73 -65.63
N ALA T 19 -35.41 -12.61 -64.89
CA ALA T 19 -33.97 -12.55 -64.73
C ALA T 19 -33.25 -13.43 -65.73
N LYS T 20 -32.01 -13.06 -66.04
CA LYS T 20 -31.15 -13.92 -66.83
C LYS T 20 -30.97 -15.27 -66.13
N SER T 21 -30.75 -16.32 -66.92
CA SER T 21 -30.72 -17.67 -66.40
C SER T 21 -29.31 -18.13 -66.01
N VAL T 22 -29.28 -19.17 -65.17
CA VAL T 22 -28.05 -19.73 -64.63
C VAL T 22 -28.17 -21.25 -64.57
N VAL T 23 -27.05 -21.94 -64.80
CA VAL T 23 -26.98 -23.38 -64.80
C VAL T 23 -25.72 -23.81 -64.05
N ALA T 24 -25.85 -24.81 -63.19
CA ALA T 24 -24.70 -25.44 -62.56
C ALA T 24 -24.89 -26.95 -62.68
N LEU T 25 -23.89 -27.64 -63.21
CA LEU T 25 -24.04 -29.07 -63.42
C LEU T 25 -22.82 -29.78 -62.89
N ALA T 26 -23.02 -31.03 -62.49
CA ALA T 26 -21.93 -31.90 -62.09
C ALA T 26 -21.18 -32.38 -63.31
N TYR T 27 -19.85 -32.32 -63.26
CA TYR T 27 -19.04 -32.86 -64.34
C TYR T 27 -17.82 -33.54 -63.74
N ALA T 28 -17.01 -34.14 -64.62
CA ALA T 28 -15.97 -35.08 -64.19
C ALA T 28 -15.04 -34.45 -63.16
N GLY T 29 -14.65 -33.20 -63.37
CA GLY T 29 -13.72 -32.51 -62.51
C GLY T 29 -14.33 -31.76 -61.34
N GLY T 30 -15.66 -31.76 -61.19
CA GLY T 30 -16.30 -31.07 -60.08
C GLY T 30 -17.67 -30.53 -60.41
N VAL T 31 -17.87 -29.24 -60.23
CA VAL T 31 -19.15 -28.62 -60.56
C VAL T 31 -18.88 -27.38 -61.41
N LEU T 32 -19.77 -27.12 -62.35
CA LEU T 32 -19.60 -26.04 -63.32
C LEU T 32 -20.75 -25.05 -63.19
N PHE T 33 -20.39 -23.77 -63.09
CA PHE T 33 -21.31 -22.66 -63.05
C PHE T 33 -21.19 -21.91 -64.35
N VAL T 34 -22.31 -21.75 -65.04
CA VAL T 34 -22.40 -21.00 -66.29
C VAL T 34 -23.59 -20.09 -66.17
N ALA T 35 -23.35 -18.80 -66.35
CA ALA T 35 -24.39 -17.81 -66.11
C ALA T 35 -24.42 -16.78 -67.22
N GLU T 36 -25.62 -16.42 -67.64
CA GLU T 36 -25.78 -15.32 -68.56
C GLU T 36 -25.53 -14.01 -67.82
N ASN T 37 -24.39 -13.38 -68.09
CA ASN T 37 -24.00 -12.16 -67.39
C ASN T 37 -23.11 -11.36 -68.34
N PRO T 38 -23.65 -10.30 -68.95
CA PRO T 38 -22.82 -9.43 -69.79
C PRO T 38 -21.94 -8.47 -69.00
N SER T 39 -22.11 -8.38 -67.69
CA SER T 39 -21.41 -7.35 -66.94
C SER T 39 -19.92 -7.62 -66.91
N ARG T 40 -19.16 -6.52 -66.91
CA ARG T 40 -17.71 -6.59 -66.84
C ARG T 40 -17.20 -6.87 -65.43
N SER T 41 -17.94 -6.44 -64.40
CA SER T 41 -17.40 -6.49 -63.06
C SER T 41 -18.37 -7.00 -62.00
N LEU T 42 -19.66 -7.10 -62.29
CA LEU T 42 -20.65 -7.55 -61.32
C LEU T 42 -20.93 -9.04 -61.55
N GLN T 43 -20.87 -9.84 -60.48
CA GLN T 43 -20.80 -11.28 -60.59
C GLN T 43 -22.03 -11.95 -59.96
N LYS T 44 -22.47 -13.07 -60.55
CA LYS T 44 -23.56 -13.88 -60.01
C LYS T 44 -23.10 -15.21 -59.43
N ILE T 45 -21.90 -15.67 -59.79
CA ILE T 45 -21.30 -16.88 -59.23
C ILE T 45 -20.19 -16.45 -58.29
N SER T 46 -19.98 -17.24 -57.24
CA SER T 46 -19.06 -16.79 -56.21
C SER T 46 -18.57 -17.98 -55.39
N GLU T 47 -17.38 -17.83 -54.82
CA GLU T 47 -16.89 -18.78 -53.82
C GLU T 47 -17.58 -18.52 -52.48
N LEU T 48 -18.00 -19.60 -51.81
CA LEU T 48 -18.43 -19.52 -50.42
C LEU T 48 -17.34 -20.00 -49.46
N TYR T 49 -16.80 -21.21 -49.69
CA TYR T 49 -15.79 -21.74 -48.80
C TYR T 49 -14.92 -22.69 -49.61
N ASP T 50 -13.95 -23.29 -48.93
CA ASP T 50 -12.93 -24.10 -49.58
C ASP T 50 -13.48 -24.96 -50.72
N ARG T 51 -14.44 -25.83 -50.43
CA ARG T 51 -15.01 -26.69 -51.45
C ARG T 51 -16.44 -26.32 -51.82
N VAL T 52 -16.93 -25.15 -51.40
CA VAL T 52 -18.34 -24.81 -51.54
C VAL T 52 -18.50 -23.57 -52.40
N GLY T 53 -19.37 -23.66 -53.39
CA GLY T 53 -19.58 -22.59 -54.34
C GLY T 53 -21.03 -22.17 -54.40
N PHE T 54 -21.27 -20.97 -54.95
CA PHE T 54 -22.53 -20.24 -54.84
C PHE T 54 -22.88 -19.65 -56.20
N ALA T 55 -24.16 -19.73 -56.57
CA ALA T 55 -24.63 -19.02 -57.74
C ALA T 55 -26.08 -18.62 -57.52
N ALA T 56 -26.48 -17.48 -58.05
CA ALA T 56 -27.85 -17.05 -57.82
C ALA T 56 -28.43 -16.38 -59.07
N ALA T 57 -29.75 -16.29 -59.09
CA ALA T 57 -30.49 -15.56 -60.10
C ALA T 57 -31.44 -14.61 -59.40
N GLY T 58 -31.80 -13.53 -60.08
CA GLY T 58 -32.77 -12.59 -59.56
C GLY T 58 -32.20 -11.19 -59.42
N LYS T 59 -32.65 -10.49 -58.39
CA LYS T 59 -32.26 -9.11 -58.17
C LYS T 59 -30.89 -9.08 -57.49
N PHE T 60 -29.95 -8.34 -58.11
CA PHE T 60 -28.54 -8.46 -57.75
C PHE T 60 -28.27 -8.05 -56.30
N ASN T 61 -28.87 -6.94 -55.84
CA ASN T 61 -28.53 -6.52 -54.49
C ASN T 61 -28.99 -7.55 -53.47
N GLU T 62 -30.10 -8.23 -53.75
CA GLU T 62 -30.66 -9.18 -52.79
C GLU T 62 -29.85 -10.48 -52.74
N PHE T 63 -29.52 -11.04 -53.90
CA PHE T 63 -28.74 -12.26 -53.82
C PHE T 63 -27.28 -11.98 -53.49
N ASP T 64 -26.78 -10.77 -53.72
CA ASP T 64 -25.46 -10.41 -53.22
C ASP T 64 -25.48 -10.25 -51.70
N ASN T 65 -26.52 -9.62 -51.15
CA ASN T 65 -26.71 -9.67 -49.71
C ASN T 65 -26.65 -11.10 -49.21
N LEU T 66 -27.31 -12.03 -49.91
CA LEU T 66 -27.30 -13.43 -49.47
C LEU T 66 -25.92 -14.07 -49.61
N ARG T 67 -25.22 -13.80 -50.72
CA ARG T 67 -23.86 -14.28 -50.88
C ARG T 67 -22.98 -13.83 -49.71
N ARG T 68 -23.08 -12.55 -49.37
CA ARG T 68 -22.23 -12.01 -48.32
C ARG T 68 -22.58 -12.63 -46.97
N GLY T 69 -23.88 -12.72 -46.67
CA GLY T 69 -24.27 -13.41 -45.46
C GLY T 69 -23.72 -14.81 -45.40
N GLY T 70 -23.73 -15.51 -46.54
CA GLY T 70 -23.23 -16.86 -46.56
C GLY T 70 -21.74 -16.93 -46.30
N ILE T 71 -20.98 -16.02 -46.89
CA ILE T 71 -19.54 -15.99 -46.60
C ILE T 71 -19.32 -15.71 -45.12
N GLN T 72 -20.16 -14.86 -44.52
CA GLN T 72 -20.06 -14.61 -43.08
C GLN T 72 -20.29 -15.89 -42.30
N PHE T 73 -21.39 -16.60 -42.60
CA PHE T 73 -21.69 -17.86 -41.94
C PHE T 73 -20.53 -18.85 -42.08
N ALA T 74 -20.07 -19.06 -43.32
CA ALA T 74 -19.01 -20.04 -43.57
C ALA T 74 -17.73 -19.70 -42.80
N ASP T 75 -17.25 -18.46 -42.93
CA ASP T 75 -15.97 -18.13 -42.28
C ASP T 75 -16.10 -18.20 -40.77
N THR T 76 -17.25 -17.78 -40.23
CA THR T 76 -17.44 -17.83 -38.80
C THR T 76 -17.44 -19.26 -38.28
N ARG T 77 -18.21 -20.14 -38.93
CA ARG T 77 -18.24 -21.53 -38.49
C ARG T 77 -16.87 -22.18 -38.63
N GLY T 78 -16.21 -21.93 -39.75
CA GLY T 78 -14.90 -22.52 -39.96
C GLY T 78 -13.93 -22.12 -38.87
N TYR T 79 -14.05 -20.87 -38.41
CA TYR T 79 -13.14 -20.39 -37.36
C TYR T 79 -13.48 -20.96 -36.00
N ALA T 80 -14.77 -20.93 -35.63
CA ALA T 80 -15.18 -21.36 -34.29
C ALA T 80 -15.12 -22.87 -34.11
N TYR T 81 -15.10 -23.65 -35.22
CA TYR T 81 -14.88 -25.09 -35.16
C TYR T 81 -13.60 -25.42 -35.93
N ASP T 82 -13.73 -26.02 -37.12
CA ASP T 82 -12.60 -26.17 -38.01
C ASP T 82 -13.07 -26.05 -39.44
N ARG T 83 -12.13 -25.73 -40.34
CA ARG T 83 -12.50 -25.51 -41.74
C ARG T 83 -13.33 -26.66 -42.30
N ARG T 84 -12.97 -27.90 -41.97
CA ARG T 84 -13.62 -29.08 -42.54
C ARG T 84 -15.01 -29.36 -41.96
N ASP T 85 -15.47 -28.59 -41.00
CA ASP T 85 -16.84 -28.72 -40.53
C ASP T 85 -17.83 -27.91 -41.37
N VAL T 86 -17.34 -27.03 -42.24
CA VAL T 86 -18.19 -26.26 -43.13
C VAL T 86 -18.59 -27.14 -44.32
N THR T 87 -19.89 -27.25 -44.57
CA THR T 87 -20.38 -28.12 -45.62
C THR T 87 -21.42 -27.40 -46.46
N GLY T 88 -21.60 -27.90 -47.68
CA GLY T 88 -22.64 -27.35 -48.55
C GLY T 88 -24.03 -27.52 -47.98
N ARG T 89 -24.34 -28.71 -47.46
CA ARG T 89 -25.62 -28.97 -46.79
C ARG T 89 -25.93 -27.89 -45.75
N GLN T 90 -24.95 -27.58 -44.88
CA GLN T 90 -25.14 -26.54 -43.88
C GLN T 90 -25.57 -25.23 -44.51
N LEU T 91 -24.82 -24.78 -45.53
CA LEU T 91 -25.11 -23.48 -46.11
C LEU T 91 -26.45 -23.47 -46.84
N ALA T 92 -26.80 -24.55 -47.53
CA ALA T 92 -28.14 -24.64 -48.09
C ALA T 92 -29.19 -24.55 -47.00
N ASN T 93 -28.91 -25.17 -45.84
CA ASN T 93 -29.84 -25.17 -44.72
C ASN T 93 -30.05 -23.75 -44.18
N VAL T 94 -28.96 -23.02 -43.96
CA VAL T 94 -29.08 -21.65 -43.46
C VAL T 94 -29.74 -20.75 -44.49
N TYR T 95 -29.40 -20.92 -45.78
CA TYR T 95 -30.10 -20.17 -46.80
C TYR T 95 -31.60 -20.47 -46.77
N ALA T 96 -31.97 -21.73 -46.50
CA ALA T 96 -33.39 -22.05 -46.42
C ALA T 96 -34.04 -21.27 -45.28
N GLN T 97 -33.46 -21.33 -44.09
CA GLN T 97 -34.03 -20.59 -42.97
C GLN T 97 -34.08 -19.08 -43.27
N THR T 98 -32.98 -18.54 -43.80
CA THR T 98 -32.85 -17.11 -44.08
C THR T 98 -33.89 -16.65 -45.10
N LEU T 99 -34.05 -17.38 -46.20
CA LEU T 99 -35.03 -17.00 -47.20
C LEU T 99 -36.46 -17.20 -46.70
N GLY T 100 -36.73 -18.21 -45.87
CA GLY T 100 -38.06 -18.35 -45.31
C GLY T 100 -38.43 -17.17 -44.43
N THR T 101 -37.51 -16.77 -43.55
CA THR T 101 -37.74 -15.58 -42.74
C THR T 101 -37.95 -14.35 -43.61
N ILE T 102 -37.04 -14.12 -44.57
CA ILE T 102 -37.20 -13.01 -45.51
C ILE T 102 -38.58 -13.05 -46.16
N PHE T 103 -39.00 -14.24 -46.60
CA PHE T 103 -40.20 -14.32 -47.41
C PHE T 103 -41.47 -14.07 -46.59
N THR T 104 -41.47 -14.46 -45.32
CA THR T 104 -42.67 -14.22 -44.51
C THR T 104 -42.67 -12.88 -43.78
N GLU T 105 -41.52 -12.27 -43.56
CA GLU T 105 -41.45 -11.17 -42.60
C GLU T 105 -40.94 -9.86 -43.17
N GLN T 106 -40.22 -9.88 -44.28
CA GLN T 106 -39.65 -8.64 -44.77
C GLN T 106 -40.67 -7.83 -45.57
N ALA T 107 -40.45 -6.51 -45.58
CA ALA T 107 -41.29 -5.58 -46.31
C ALA T 107 -41.65 -6.15 -47.68
N LYS T 108 -40.65 -6.61 -48.42
CA LYS T 108 -40.81 -7.24 -49.71
C LYS T 108 -40.03 -8.55 -49.74
N PRO T 109 -40.55 -9.57 -50.41
CA PRO T 109 -39.78 -10.80 -50.58
C PRO T 109 -38.58 -10.60 -51.50
N TYR T 110 -37.55 -11.41 -51.27
CA TYR T 110 -36.37 -11.40 -52.14
C TYR T 110 -36.69 -12.09 -53.46
N GLU T 111 -36.37 -11.42 -54.57
CA GLU T 111 -36.57 -12.03 -55.88
C GLU T 111 -35.30 -12.77 -56.25
N VAL T 112 -35.14 -13.97 -55.67
CA VAL T 112 -33.85 -14.64 -55.64
C VAL T 112 -34.06 -16.13 -55.77
N GLU T 113 -33.15 -16.79 -56.48
CA GLU T 113 -33.02 -18.24 -56.46
C GLU T 113 -31.54 -18.57 -56.29
N LEU T 114 -31.25 -19.52 -55.42
CA LEU T 114 -29.88 -19.78 -55.02
C LEU T 114 -29.49 -21.23 -55.30
N CYS T 115 -28.21 -21.41 -55.60
CA CYS T 115 -27.63 -22.73 -55.77
C CYS T 115 -26.35 -22.81 -54.96
N VAL T 116 -26.30 -23.79 -54.06
CA VAL T 116 -25.10 -24.10 -53.29
C VAL T 116 -24.57 -25.44 -53.76
N ALA T 117 -23.28 -25.50 -54.04
CA ALA T 117 -22.65 -26.70 -54.56
C ALA T 117 -21.42 -27.04 -53.74
N GLU T 118 -21.14 -28.33 -53.60
CA GLU T 118 -19.93 -28.77 -52.93
C GLU T 118 -19.30 -29.91 -53.72
N VAL T 119 -17.98 -29.84 -53.88
CA VAL T 119 -17.20 -30.92 -54.45
C VAL T 119 -16.37 -31.57 -53.34
N ALA T 120 -15.75 -32.70 -53.66
CA ALA T 120 -14.99 -33.41 -52.65
C ALA T 120 -13.75 -32.63 -52.24
N HIS T 121 -13.28 -32.90 -51.02
CA HIS T 121 -11.96 -32.43 -50.60
C HIS T 121 -10.87 -33.15 -51.38
N TYR T 122 -9.69 -32.50 -51.48
CA TYR T 122 -8.63 -32.97 -52.36
C TYR T 122 -8.25 -34.43 -52.09
N GLY T 123 -8.29 -35.25 -53.13
CA GLY T 123 -7.94 -36.64 -53.04
C GLY T 123 -9.04 -37.57 -52.59
N GLU T 124 -10.21 -37.06 -52.25
CA GLU T 124 -11.31 -37.89 -51.80
C GLU T 124 -12.26 -38.22 -52.95
N THR T 125 -12.99 -39.30 -52.77
CA THR T 125 -13.93 -39.79 -53.76
C THR T 125 -15.32 -39.52 -53.20
N LYS T 126 -15.98 -38.49 -53.72
CA LYS T 126 -17.29 -38.07 -53.22
C LYS T 126 -18.06 -37.39 -54.34
N ARG T 127 -19.29 -37.84 -54.59
CA ARG T 127 -20.11 -37.23 -55.63
C ARG T 127 -20.38 -35.77 -55.29
N PRO T 128 -20.27 -34.87 -56.26
CA PRO T 128 -20.63 -33.46 -56.00
C PRO T 128 -22.08 -33.36 -55.57
N GLU T 129 -22.37 -32.34 -54.77
CA GLU T 129 -23.72 -32.11 -54.25
C GLU T 129 -24.22 -30.74 -54.69
N LEU T 130 -25.41 -30.72 -55.29
CA LEU T 130 -26.07 -29.49 -55.67
C LEU T 130 -27.32 -29.32 -54.85
N TYR T 131 -27.57 -28.09 -54.42
CA TYR T 131 -28.77 -27.72 -53.69
C TYR T 131 -29.34 -26.46 -54.31
N ARG T 132 -30.66 -26.41 -54.39
CA ARG T 132 -31.39 -25.23 -54.89
C ARG T 132 -32.30 -24.72 -53.78
N ILE T 133 -32.20 -23.42 -53.48
CA ILE T 133 -33.06 -22.74 -52.51
C ILE T 133 -33.90 -21.71 -53.25
N THR T 134 -35.22 -21.88 -53.21
CA THR T 134 -36.11 -20.93 -53.87
C THR T 134 -36.46 -19.78 -52.92
N TYR T 135 -37.18 -18.80 -53.46
CA TYR T 135 -37.42 -17.56 -52.73
C TYR T 135 -38.17 -17.76 -51.42
N ASP T 136 -38.88 -18.86 -51.24
CA ASP T 136 -39.71 -19.03 -50.05
C ASP T 136 -39.07 -19.96 -49.03
N GLY T 137 -37.81 -20.33 -49.24
CA GLY T 137 -37.10 -21.20 -48.34
C GLY T 137 -37.18 -22.66 -48.69
N SER T 138 -37.93 -23.00 -49.74
CA SER T 138 -37.95 -24.39 -50.19
C SER T 138 -36.54 -24.77 -50.60
N ILE T 139 -36.19 -26.02 -50.33
CA ILE T 139 -34.83 -26.50 -50.51
C ILE T 139 -34.90 -27.85 -51.20
N ALA T 140 -34.12 -28.01 -52.26
CA ALA T 140 -34.19 -29.18 -53.13
C ALA T 140 -32.78 -29.74 -53.30
N ASP T 141 -32.66 -31.04 -53.14
CA ASP T 141 -31.41 -31.77 -53.27
C ASP T 141 -31.32 -32.36 -54.68
N GLU T 142 -30.35 -31.90 -55.48
CA GLU T 142 -30.36 -32.24 -56.89
C GLU T 142 -29.14 -33.06 -57.29
N PRO T 143 -29.32 -34.12 -58.08
CA PRO T 143 -28.23 -35.08 -58.31
C PRO T 143 -27.32 -34.72 -59.47
N HIS T 144 -27.85 -34.10 -60.51
CA HIS T 144 -27.07 -33.89 -61.72
C HIS T 144 -26.83 -32.41 -62.04
N PHE T 145 -27.87 -31.59 -61.97
CA PHE T 145 -27.74 -30.21 -62.42
C PHE T 145 -28.85 -29.36 -61.78
N VAL T 146 -28.64 -28.04 -61.84
CA VAL T 146 -29.58 -27.06 -61.29
C VAL T 146 -29.71 -25.92 -62.29
N VAL T 147 -30.95 -25.43 -62.44
CA VAL T 147 -31.34 -24.43 -63.41
C VAL T 147 -32.15 -23.38 -62.67
N MET T 148 -31.80 -22.10 -62.88
CA MET T 148 -32.42 -21.03 -62.12
C MET T 148 -32.62 -19.79 -62.98
N GLY T 149 -33.83 -19.22 -62.91
CA GLY T 149 -34.07 -17.92 -63.49
C GLY T 149 -34.57 -17.97 -64.93
N GLY T 150 -35.17 -16.87 -65.36
CA GLY T 150 -35.73 -16.79 -66.70
C GLY T 150 -36.81 -17.83 -66.91
N THR T 151 -36.83 -18.43 -68.09
CA THR T 151 -37.74 -19.53 -68.38
C THR T 151 -36.94 -20.82 -68.28
N THR T 152 -37.21 -21.59 -67.24
CA THR T 152 -36.34 -22.71 -66.91
C THR T 152 -36.69 -23.99 -67.64
N GLU T 153 -37.98 -24.23 -67.94
CA GLU T 153 -38.36 -25.51 -68.55
C GLU T 153 -37.57 -25.83 -69.82
N PRO T 154 -37.43 -24.92 -70.79
CA PRO T 154 -36.60 -25.23 -71.96
C PRO T 154 -35.19 -25.69 -71.59
N ILE T 155 -34.49 -24.93 -70.75
CA ILE T 155 -33.10 -25.25 -70.41
C ILE T 155 -33.02 -26.57 -69.67
N ALA T 156 -33.89 -26.75 -68.67
CA ALA T 156 -33.89 -27.99 -67.91
C ALA T 156 -34.10 -29.20 -68.81
N ASN T 157 -35.02 -29.09 -69.78
CA ASN T 157 -35.27 -30.20 -70.69
C ASN T 157 -34.07 -30.46 -71.61
N ALA T 158 -33.52 -29.39 -72.20
CA ALA T 158 -32.29 -29.53 -72.97
C ALA T 158 -31.22 -30.31 -72.21
N LEU T 159 -30.92 -29.87 -70.97
CA LEU T 159 -29.95 -30.59 -70.15
C LEU T 159 -30.40 -32.03 -69.92
N LYS T 160 -31.69 -32.22 -69.59
CA LYS T 160 -32.19 -33.55 -69.26
C LYS T 160 -31.96 -34.53 -70.39
N GLU T 161 -31.96 -34.06 -71.65
CA GLU T 161 -31.64 -34.96 -72.75
C GLU T 161 -30.15 -35.01 -73.05
N SER T 162 -29.41 -33.92 -72.80
CA SER T 162 -28.00 -33.88 -73.16
C SER T 162 -27.04 -34.11 -72.00
N TYR T 163 -27.52 -34.17 -70.76
CA TYR T 163 -26.61 -34.33 -69.63
C TYR T 163 -26.15 -35.78 -69.51
N ALA T 164 -24.83 -35.96 -69.43
CA ALA T 164 -24.22 -37.25 -69.14
C ALA T 164 -23.21 -37.06 -68.03
N GLU T 165 -23.28 -37.93 -67.01
CA GLU T 165 -22.35 -37.85 -65.90
C GLU T 165 -20.92 -37.89 -66.39
N ASN T 166 -19.97 -37.63 -65.51
CA ASN T 166 -18.55 -37.76 -65.84
C ASN T 166 -18.20 -37.04 -67.13
N ALA T 167 -18.94 -36.00 -67.48
CA ALA T 167 -18.59 -35.21 -68.66
C ALA T 167 -17.28 -34.47 -68.43
N SER T 168 -16.52 -34.31 -69.51
CA SER T 168 -15.32 -33.49 -69.44
C SER T 168 -15.71 -32.02 -69.29
N LEU T 169 -14.70 -31.17 -69.06
CA LEU T 169 -14.98 -29.76 -68.84
C LEU T 169 -15.54 -29.09 -70.10
N THR T 170 -14.93 -29.35 -71.25
CA THR T 170 -15.41 -28.73 -72.49
C THR T 170 -16.79 -29.28 -72.87
N ASP T 171 -16.97 -30.60 -72.80
CA ASP T 171 -18.27 -31.19 -73.08
C ASP T 171 -19.34 -30.57 -72.19
N ALA T 172 -19.14 -30.65 -70.87
CA ALA T 172 -20.08 -30.08 -69.92
C ALA T 172 -20.39 -28.62 -70.24
N LEU T 173 -19.33 -27.83 -70.51
CA LEU T 173 -19.53 -26.43 -70.81
C LEU T 173 -20.44 -26.25 -72.02
N ARG T 174 -20.16 -26.96 -73.12
CA ARG T 174 -20.97 -26.79 -74.32
C ARG T 174 -22.40 -27.25 -74.10
N ILE T 175 -22.60 -28.34 -73.35
CA ILE T 175 -23.96 -28.75 -73.01
C ILE T 175 -24.68 -27.64 -72.25
N ALA T 176 -23.96 -26.98 -71.32
CA ALA T 176 -24.58 -25.94 -70.50
C ALA T 176 -24.95 -24.72 -71.33
N VAL T 177 -24.01 -24.22 -72.14
CA VAL T 177 -24.32 -23.07 -72.99
C VAL T 177 -25.41 -23.44 -73.99
N ALA T 178 -25.38 -24.66 -74.51
CA ALA T 178 -26.44 -25.11 -75.41
C ALA T 178 -27.79 -25.02 -74.73
N ALA T 179 -27.91 -25.62 -73.55
CA ALA T 179 -29.17 -25.56 -72.81
C ALA T 179 -29.59 -24.12 -72.54
N LEU T 180 -28.64 -23.27 -72.14
CA LEU T 180 -28.96 -21.87 -71.91
C LEU T 180 -29.56 -21.23 -73.16
N ARG T 181 -28.93 -21.45 -74.31
CA ARG T 181 -29.41 -20.83 -75.55
C ARG T 181 -30.89 -21.12 -75.76
N ALA T 182 -31.32 -22.35 -75.46
CA ALA T 182 -32.73 -22.70 -75.58
C ALA T 182 -33.56 -22.05 -74.47
N GLY T 183 -33.56 -20.72 -74.40
CA GLY T 183 -34.25 -20.01 -73.33
C GLY T 183 -34.41 -18.51 -73.57
N THR T 194 -24.09 -17.88 -80.47
CA THR T 194 -24.40 -16.47 -80.46
C THR T 194 -23.96 -15.79 -79.15
N LEU T 195 -23.61 -16.63 -78.17
CA LEU T 195 -23.43 -16.21 -76.78
C LEU T 195 -22.06 -16.69 -76.31
N GLY T 196 -21.09 -15.78 -76.20
CA GLY T 196 -19.73 -16.17 -75.88
C GLY T 196 -19.12 -15.47 -74.68
N VAL T 197 -17.82 -15.22 -74.72
CA VAL T 197 -17.11 -14.67 -73.57
C VAL T 197 -17.78 -13.40 -73.07
N ALA T 198 -18.26 -12.56 -73.98
CA ALA T 198 -18.75 -11.24 -73.58
C ALA T 198 -20.09 -11.30 -72.88
N SER T 199 -20.82 -12.41 -72.95
CA SER T 199 -22.11 -12.52 -72.28
C SER T 199 -22.17 -13.71 -71.31
N LEU T 200 -21.03 -14.17 -70.82
CA LEU T 200 -21.00 -15.34 -69.96
C LEU T 200 -20.08 -15.12 -68.77
N GLU T 201 -20.53 -15.60 -67.61
CA GLU T 201 -19.67 -15.76 -66.45
C GLU T 201 -19.59 -17.24 -66.13
N VAL T 202 -18.38 -17.78 -66.17
CA VAL T 202 -18.14 -19.20 -65.97
C VAL T 202 -17.19 -19.37 -64.79
N ALA T 203 -17.42 -20.41 -64.01
CA ALA T 203 -16.46 -20.79 -62.97
C ALA T 203 -16.74 -22.24 -62.61
N VAL T 204 -15.78 -22.86 -61.91
CA VAL T 204 -15.87 -24.25 -61.54
C VAL T 204 -15.46 -24.41 -60.09
N LEU T 205 -16.12 -25.35 -59.40
CA LEU T 205 -15.55 -26.01 -58.23
C LEU T 205 -14.71 -27.17 -58.76
N ASP T 206 -13.39 -27.04 -58.61
CA ASP T 206 -12.41 -27.94 -59.22
C ASP T 206 -11.87 -28.86 -58.14
N ALA T 207 -12.39 -30.08 -58.09
CA ALA T 207 -12.00 -31.04 -57.06
C ALA T 207 -10.52 -31.39 -57.11
N ASN T 208 -9.78 -30.97 -58.13
CA ASN T 208 -8.38 -31.34 -58.22
C ASN T 208 -7.48 -30.36 -57.50
N ARG T 209 -7.95 -29.16 -57.21
CA ARG T 209 -7.15 -28.19 -56.48
C ARG T 209 -7.06 -28.60 -55.01
N PRO T 210 -5.95 -28.27 -54.34
CA PRO T 210 -5.71 -28.82 -52.99
C PRO T 210 -6.62 -28.23 -51.91
N ARG T 211 -6.84 -26.92 -51.89
CA ARG T 211 -7.64 -26.33 -50.82
C ARG T 211 -8.81 -25.54 -51.38
N ARG T 212 -8.58 -24.39 -52.00
CA ARG T 212 -9.67 -23.58 -52.52
C ARG T 212 -10.03 -24.06 -53.92
N ALA T 213 -11.22 -24.63 -54.08
CA ALA T 213 -11.64 -25.23 -55.35
C ALA T 213 -12.25 -24.24 -56.33
N PHE T 214 -12.59 -23.01 -55.91
CA PHE T 214 -13.33 -22.12 -56.78
C PHE T 214 -12.40 -21.44 -57.77
N ARG T 215 -12.79 -21.45 -59.06
CA ARG T 215 -11.95 -20.93 -60.13
C ARG T 215 -12.82 -20.24 -61.16
N ARG T 216 -12.41 -19.05 -61.60
CA ARG T 216 -13.09 -18.42 -62.72
C ARG T 216 -12.35 -18.76 -64.00
N ILE T 217 -13.10 -19.04 -65.05
CA ILE T 217 -12.55 -19.31 -66.38
C ILE T 217 -13.00 -18.16 -67.27
N THR T 218 -12.08 -17.23 -67.56
CA THR T 218 -12.41 -16.01 -68.25
C THR T 218 -11.52 -15.80 -69.46
N GLY T 219 -11.95 -14.87 -70.33
CA GLY T 219 -11.08 -14.34 -71.36
C GLY T 219 -10.57 -15.39 -72.34
N SER T 220 -9.26 -15.34 -72.59
CA SER T 220 -8.65 -16.25 -73.57
C SER T 220 -8.92 -17.70 -73.21
N ALA T 221 -8.88 -18.02 -71.91
CA ALA T 221 -9.15 -19.38 -71.47
C ALA T 221 -10.57 -19.79 -71.83
N LEU T 222 -11.56 -19.00 -71.41
CA LEU T 222 -12.95 -19.33 -71.70
C LEU T 222 -13.17 -19.47 -73.20
N GLN T 223 -12.60 -18.54 -73.99
CA GLN T 223 -12.69 -18.62 -75.45
C GLN T 223 -12.15 -19.95 -75.95
N ALA T 224 -10.93 -20.31 -75.54
CA ALA T 224 -10.36 -21.60 -75.88
C ALA T 224 -11.32 -22.75 -75.57
N LEU T 225 -11.98 -22.70 -74.41
CA LEU T 225 -12.81 -23.83 -74.01
C LEU T 225 -14.14 -23.88 -74.75
N LEU T 226 -14.68 -22.73 -75.15
CA LEU T 226 -15.93 -22.73 -75.91
C LEU T 226 -15.76 -23.45 -77.25
N VAL T 227 -14.61 -23.29 -77.89
CA VAL T 227 -14.31 -23.97 -79.15
C VAL T 227 -13.25 -25.06 -78.95
N MET U 1 -61.53 -11.24 -36.56
CA MET U 1 -60.92 -12.12 -35.57
C MET U 1 -61.01 -13.58 -36.02
N GLU U 2 -62.22 -14.14 -36.01
CA GLU U 2 -62.37 -15.52 -36.46
C GLU U 2 -61.90 -15.71 -37.90
N GLN U 3 -61.88 -14.64 -38.71
CA GLN U 3 -61.40 -14.76 -40.08
C GLN U 3 -59.89 -14.96 -40.11
N ALA U 4 -59.14 -14.09 -39.42
CA ALA U 4 -57.70 -14.21 -39.37
C ALA U 4 -57.27 -15.61 -38.94
N MET U 5 -57.82 -16.11 -37.82
CA MET U 5 -57.45 -17.45 -37.37
C MET U 5 -57.99 -18.53 -38.31
N ARG U 6 -59.15 -18.29 -38.91
CA ARG U 6 -59.73 -19.27 -39.84
C ARG U 6 -58.78 -19.51 -41.02
N GLU U 7 -58.37 -18.44 -41.71
CA GLU U 7 -57.51 -18.63 -42.87
C GLU U 7 -56.05 -18.89 -42.48
N ARG U 8 -55.64 -18.53 -41.26
CA ARG U 8 -54.38 -19.05 -40.76
C ARG U 8 -54.40 -20.57 -40.71
N SER U 9 -55.38 -21.14 -40.03
CA SER U 9 -55.57 -22.59 -40.03
C SER U 9 -55.66 -23.13 -41.45
N GLU U 10 -56.37 -22.44 -42.35
CA GLU U 10 -56.47 -22.90 -43.74
C GLU U 10 -55.10 -22.99 -44.38
N LEU U 11 -54.29 -21.93 -44.24
CA LEU U 11 -52.97 -21.90 -44.87
C LEU U 11 -52.09 -23.00 -44.33
N ALA U 12 -52.10 -23.18 -43.01
CA ALA U 12 -51.35 -24.28 -42.39
C ALA U 12 -51.81 -25.63 -42.95
N ARG U 13 -53.12 -25.91 -42.82
CA ARG U 13 -53.65 -27.20 -43.25
C ARG U 13 -53.27 -27.49 -44.69
N LYS U 14 -53.54 -26.55 -45.60
CA LYS U 14 -53.17 -26.75 -47.00
C LYS U 14 -51.67 -27.02 -47.13
N GLY U 15 -50.85 -26.32 -46.34
CA GLY U 15 -49.41 -26.57 -46.39
C GLY U 15 -49.08 -28.01 -46.05
N ILE U 16 -49.69 -28.54 -44.99
CA ILE U 16 -49.35 -29.88 -44.53
C ILE U 16 -49.95 -30.94 -45.45
N ALA U 17 -51.14 -30.68 -45.97
CA ALA U 17 -51.80 -31.64 -46.85
C ALA U 17 -51.02 -31.83 -48.14
N ARG U 18 -50.31 -30.80 -48.60
CA ARG U 18 -49.51 -30.88 -49.82
C ARG U 18 -48.15 -31.52 -49.57
N ALA U 19 -47.81 -31.86 -48.33
CA ALA U 19 -46.50 -32.40 -47.98
C ALA U 19 -46.54 -33.92 -47.89
N LYS U 20 -45.37 -34.53 -48.05
CA LYS U 20 -45.24 -35.98 -47.93
C LYS U 20 -45.58 -36.44 -46.51
N SER U 21 -45.79 -37.74 -46.37
CA SER U 21 -46.38 -38.30 -45.17
C SER U 21 -45.33 -39.01 -44.32
N VAL U 22 -45.63 -39.05 -43.03
CA VAL U 22 -44.75 -39.60 -42.02
C VAL U 22 -45.61 -40.41 -41.08
N VAL U 23 -45.08 -41.55 -40.64
CA VAL U 23 -45.75 -42.43 -39.69
C VAL U 23 -44.78 -42.75 -38.57
N ALA U 24 -45.31 -42.77 -37.34
CA ALA U 24 -44.60 -43.28 -36.17
C ALA U 24 -45.42 -44.38 -35.52
N LEU U 25 -44.77 -45.50 -35.19
CA LEU U 25 -45.40 -46.70 -34.63
C LEU U 25 -44.68 -47.15 -33.38
N ALA U 26 -45.44 -47.57 -32.37
CA ALA U 26 -44.87 -48.25 -31.22
C ALA U 26 -44.80 -49.75 -31.52
N TYR U 27 -43.61 -50.32 -31.38
CA TYR U 27 -43.43 -51.74 -31.63
C TYR U 27 -42.63 -52.35 -30.48
N ALA U 28 -42.51 -53.69 -30.53
CA ALA U 28 -41.85 -54.42 -29.45
C ALA U 28 -40.51 -53.79 -29.07
N GLY U 29 -39.74 -53.32 -30.05
CA GLY U 29 -38.42 -52.81 -29.77
C GLY U 29 -38.33 -51.35 -29.39
N GLY U 30 -39.43 -50.61 -29.52
CA GLY U 30 -39.45 -49.19 -29.22
C GLY U 30 -40.36 -48.40 -30.13
N VAL U 31 -39.80 -47.47 -30.92
CA VAL U 31 -40.60 -46.64 -31.82
C VAL U 31 -39.97 -46.63 -33.21
N LEU U 32 -40.79 -46.91 -34.22
CA LEU U 32 -40.39 -46.88 -35.62
C LEU U 32 -40.87 -45.58 -36.25
N PHE U 33 -39.97 -44.93 -36.99
CA PHE U 33 -40.26 -43.74 -37.78
C PHE U 33 -40.05 -44.11 -39.24
N VAL U 34 -41.11 -43.95 -40.05
CA VAL U 34 -41.01 -44.15 -41.50
C VAL U 34 -41.60 -42.93 -42.19
N ALA U 35 -40.75 -42.21 -42.93
CA ALA U 35 -41.17 -41.04 -43.67
C ALA U 35 -40.84 -41.20 -45.14
N GLU U 36 -41.78 -40.78 -45.99
CA GLU U 36 -41.52 -40.64 -47.42
C GLU U 36 -40.55 -39.47 -47.62
N ASN U 37 -39.35 -39.77 -48.11
CA ASN U 37 -38.29 -38.80 -48.23
C ASN U 37 -37.37 -39.17 -49.38
N PRO U 38 -37.34 -38.37 -50.45
CA PRO U 38 -36.44 -38.66 -51.57
C PRO U 38 -35.00 -38.22 -51.31
N SER U 39 -34.83 -37.14 -50.55
CA SER U 39 -33.52 -36.49 -50.46
C SER U 39 -32.44 -37.46 -49.98
N ARG U 40 -31.21 -37.20 -50.39
CA ARG U 40 -30.07 -37.92 -49.85
C ARG U 40 -29.53 -37.28 -48.58
N SER U 41 -29.88 -36.01 -48.31
CA SER U 41 -29.21 -35.23 -47.27
C SER U 41 -30.14 -34.56 -46.27
N LEU U 42 -31.40 -34.29 -46.60
CA LEU U 42 -32.28 -33.49 -45.75
C LEU U 42 -33.22 -34.40 -44.96
N GLN U 43 -33.19 -34.28 -43.62
CA GLN U 43 -33.84 -35.22 -42.71
C GLN U 43 -35.19 -34.71 -42.22
N LYS U 44 -36.19 -35.59 -42.23
CA LYS U 44 -37.48 -35.32 -41.56
C LYS U 44 -37.55 -35.89 -40.16
N ILE U 45 -36.67 -36.82 -39.82
CA ILE U 45 -36.69 -37.52 -38.55
C ILE U 45 -35.39 -37.21 -37.82
N SER U 46 -35.46 -37.01 -36.52
CA SER U 46 -34.26 -36.59 -35.83
C SER U 46 -34.23 -37.09 -34.40
N GLU U 47 -33.02 -37.26 -33.89
CA GLU U 47 -32.84 -37.43 -32.46
C GLU U 47 -33.05 -36.09 -31.74
N LEU U 48 -33.65 -36.17 -30.55
CA LEU U 48 -33.70 -35.04 -29.63
C LEU U 48 -32.85 -35.30 -28.40
N TYR U 49 -33.20 -36.32 -27.61
CA TYR U 49 -32.41 -36.63 -26.43
C TYR U 49 -32.24 -38.14 -26.37
N ASP U 50 -31.56 -38.60 -25.31
CA ASP U 50 -31.18 -40.00 -25.19
C ASP U 50 -32.29 -40.94 -25.63
N ARG U 51 -33.47 -40.81 -25.01
CA ARG U 51 -34.59 -41.69 -25.33
C ARG U 51 -35.69 -40.98 -26.11
N VAL U 52 -35.42 -39.81 -26.69
CA VAL U 52 -36.47 -39.00 -27.29
C VAL U 52 -36.13 -38.67 -28.73
N GLY U 53 -37.09 -38.91 -29.63
CA GLY U 53 -36.92 -38.68 -31.05
C GLY U 53 -38.02 -37.79 -31.60
N PHE U 54 -37.83 -37.37 -32.85
CA PHE U 54 -38.59 -36.29 -33.47
C PHE U 54 -38.85 -36.59 -34.93
N ALA U 55 -40.07 -36.34 -35.39
CA ALA U 55 -40.39 -36.49 -36.80
C ALA U 55 -41.39 -35.41 -37.20
N ALA U 56 -41.21 -34.84 -38.40
CA ALA U 56 -42.01 -33.70 -38.80
C ALA U 56 -42.56 -33.87 -40.22
N ALA U 57 -43.69 -33.23 -40.47
CA ALA U 57 -44.27 -33.10 -41.80
C ALA U 57 -44.42 -31.62 -42.14
N GLY U 58 -44.24 -31.30 -43.43
CA GLY U 58 -44.57 -29.99 -43.94
C GLY U 58 -43.32 -29.27 -44.47
N LYS U 59 -43.25 -27.97 -44.19
CA LYS U 59 -42.23 -27.11 -44.77
C LYS U 59 -40.91 -27.34 -44.04
N PHE U 60 -39.88 -27.72 -44.80
CA PHE U 60 -38.63 -28.17 -44.19
C PHE U 60 -38.03 -27.10 -43.27
N ASN U 61 -37.78 -25.90 -43.80
CA ASN U 61 -37.08 -24.92 -42.97
C ASN U 61 -37.83 -24.66 -41.67
N GLU U 62 -39.15 -24.76 -41.71
CA GLU U 62 -39.90 -24.46 -40.49
C GLU U 62 -39.76 -25.59 -39.47
N PHE U 63 -40.01 -26.84 -39.87
CA PHE U 63 -39.86 -27.88 -38.86
C PHE U 63 -38.39 -28.13 -38.50
N ASP U 64 -37.45 -27.71 -39.35
CA ASP U 64 -36.05 -27.77 -38.98
C ASP U 64 -35.72 -26.74 -37.91
N ASN U 65 -36.21 -25.51 -38.06
CA ASN U 65 -36.15 -24.59 -36.94
C ASN U 65 -36.70 -25.22 -35.67
N LEU U 66 -37.86 -25.90 -35.78
CA LEU U 66 -38.44 -26.46 -34.55
C LEU U 66 -37.60 -27.62 -34.01
N ARG U 67 -37.02 -28.42 -34.88
CA ARG U 67 -36.14 -29.49 -34.44
C ARG U 67 -34.95 -28.92 -33.66
N ARG U 68 -34.31 -27.90 -34.23
CA ARG U 68 -33.17 -27.30 -33.56
C ARG U 68 -33.59 -26.68 -32.23
N GLY U 69 -34.75 -26.03 -32.18
CA GLY U 69 -35.23 -25.49 -30.91
C GLY U 69 -35.44 -26.57 -29.87
N GLY U 70 -35.91 -27.75 -30.30
CA GLY U 70 -36.11 -28.85 -29.38
C GLY U 70 -34.80 -29.42 -28.85
N ILE U 71 -33.81 -29.57 -29.73
CA ILE U 71 -32.50 -29.97 -29.24
C ILE U 71 -31.96 -28.93 -28.25
N GLN U 72 -32.14 -27.64 -28.53
CA GLN U 72 -31.66 -26.63 -27.60
C GLN U 72 -32.34 -26.78 -26.25
N PHE U 73 -33.66 -26.97 -26.25
CA PHE U 73 -34.38 -27.11 -25.00
C PHE U 73 -33.90 -28.34 -24.23
N ALA U 74 -33.85 -29.50 -24.91
CA ALA U 74 -33.41 -30.73 -24.28
C ALA U 74 -32.03 -30.59 -23.68
N ASP U 75 -31.05 -30.19 -24.48
CA ASP U 75 -29.68 -30.12 -23.98
C ASP U 75 -29.58 -29.14 -22.81
N THR U 76 -30.34 -28.05 -22.87
CA THR U 76 -30.27 -27.07 -21.78
C THR U 76 -30.89 -27.62 -20.50
N ARG U 77 -32.03 -28.32 -20.59
CA ARG U 77 -32.62 -28.96 -19.42
C ARG U 77 -31.70 -30.02 -18.84
N GLY U 78 -31.13 -30.87 -19.70
CA GLY U 78 -30.23 -31.89 -19.20
C GLY U 78 -29.08 -31.29 -18.44
N TYR U 79 -28.47 -30.24 -18.99
CA TYR U 79 -27.30 -29.65 -18.34
C TYR U 79 -27.68 -28.94 -17.05
N ALA U 80 -28.79 -28.18 -17.05
CA ALA U 80 -29.24 -27.43 -15.87
C ALA U 80 -29.71 -28.32 -14.74
N TYR U 81 -30.15 -29.56 -15.05
CA TYR U 81 -30.58 -30.54 -14.07
C TYR U 81 -29.76 -31.82 -14.25
N ASP U 82 -30.40 -32.91 -14.64
CA ASP U 82 -29.70 -34.13 -15.05
C ASP U 82 -30.36 -34.64 -16.34
N ARG U 83 -29.62 -35.47 -17.09
CA ARG U 83 -30.19 -36.01 -18.33
C ARG U 83 -31.48 -36.75 -18.05
N ARG U 84 -31.57 -37.44 -16.92
CA ARG U 84 -32.76 -38.23 -16.65
C ARG U 84 -33.99 -37.37 -16.36
N ASP U 85 -33.85 -36.04 -16.25
CA ASP U 85 -35.00 -35.18 -16.03
C ASP U 85 -35.67 -34.72 -17.33
N VAL U 86 -35.03 -34.91 -18.48
CA VAL U 86 -35.66 -34.61 -19.76
C VAL U 86 -36.63 -35.73 -20.11
N THR U 87 -37.84 -35.36 -20.51
CA THR U 87 -38.85 -36.34 -20.86
C THR U 87 -39.45 -36.01 -22.23
N GLY U 88 -40.02 -37.04 -22.88
CA GLY U 88 -40.78 -36.79 -24.09
C GLY U 88 -41.93 -35.83 -23.84
N ARG U 89 -42.60 -35.97 -22.69
CA ARG U 89 -43.73 -35.10 -22.35
C ARG U 89 -43.29 -33.64 -22.27
N GLN U 90 -42.11 -33.38 -21.71
CA GLN U 90 -41.62 -32.02 -21.60
C GLN U 90 -41.43 -31.40 -22.96
N LEU U 91 -40.77 -32.12 -23.86
CA LEU U 91 -40.56 -31.58 -25.20
C LEU U 91 -41.89 -31.40 -25.93
N ALA U 92 -42.84 -32.33 -25.79
CA ALA U 92 -44.11 -32.14 -26.47
C ALA U 92 -44.84 -30.91 -25.93
N ASN U 93 -44.85 -30.75 -24.61
CA ASN U 93 -45.38 -29.55 -23.99
C ASN U 93 -44.76 -28.29 -24.59
N VAL U 94 -43.42 -28.27 -24.68
CA VAL U 94 -42.72 -27.11 -25.22
C VAL U 94 -43.10 -26.86 -26.68
N TYR U 95 -43.25 -27.93 -27.45
CA TYR U 95 -43.65 -27.76 -28.85
C TYR U 95 -45.07 -27.22 -28.95
N ALA U 96 -45.98 -27.62 -28.06
CA ALA U 96 -47.32 -27.06 -28.10
C ALA U 96 -47.32 -25.57 -27.75
N GLN U 97 -46.57 -25.19 -26.71
CA GLN U 97 -46.48 -23.77 -26.38
C GLN U 97 -45.88 -22.98 -27.54
N THR U 98 -44.81 -23.50 -28.13
CA THR U 98 -44.15 -22.77 -29.21
C THR U 98 -45.06 -22.65 -30.41
N LEU U 99 -45.64 -23.75 -30.87
CA LEU U 99 -46.50 -23.69 -32.04
C LEU U 99 -47.73 -22.83 -31.81
N GLY U 100 -48.26 -22.81 -30.60
CA GLY U 100 -49.37 -21.90 -30.32
C GLY U 100 -48.95 -20.46 -30.50
N THR U 101 -47.83 -20.07 -29.88
CA THR U 101 -47.36 -18.71 -30.04
C THR U 101 -47.13 -18.37 -31.51
N ILE U 102 -46.43 -19.25 -32.24
CA ILE U 102 -46.23 -19.02 -33.66
C ILE U 102 -47.56 -18.78 -34.35
N PHE U 103 -48.52 -19.66 -34.07
CA PHE U 103 -49.77 -19.68 -34.83
C PHE U 103 -50.59 -18.43 -34.60
N THR U 104 -50.54 -17.85 -33.39
CA THR U 104 -51.32 -16.65 -33.13
C THR U 104 -50.56 -15.36 -33.43
N GLU U 105 -49.23 -15.36 -33.42
CA GLU U 105 -48.48 -14.12 -33.36
C GLU U 105 -47.51 -13.88 -34.50
N GLN U 106 -47.10 -14.91 -35.25
CA GLN U 106 -46.11 -14.68 -36.29
C GLN U 106 -46.76 -14.20 -37.57
N ALA U 107 -45.93 -13.63 -38.44
CA ALA U 107 -46.44 -13.15 -39.72
C ALA U 107 -47.21 -14.24 -40.46
N LYS U 108 -46.66 -15.45 -40.48
CA LYS U 108 -47.31 -16.59 -41.12
C LYS U 108 -47.25 -17.79 -40.17
N PRO U 109 -48.35 -18.51 -39.99
CA PRO U 109 -48.28 -19.77 -39.24
C PRO U 109 -47.29 -20.75 -39.85
N TYR U 110 -46.77 -21.63 -39.01
CA TYR U 110 -45.89 -22.70 -39.46
C TYR U 110 -46.69 -23.81 -40.11
N GLU U 111 -46.31 -24.15 -41.34
CA GLU U 111 -46.93 -25.26 -42.06
C GLU U 111 -46.21 -26.55 -41.68
N VAL U 112 -46.36 -26.96 -40.42
CA VAL U 112 -45.65 -28.11 -39.87
C VAL U 112 -46.59 -28.91 -38.99
N GLU U 113 -46.25 -30.19 -38.82
CA GLU U 113 -46.89 -31.10 -37.88
C GLU U 113 -45.81 -31.96 -37.25
N LEU U 114 -45.89 -32.16 -35.94
CA LEU U 114 -44.78 -32.77 -35.20
C LEU U 114 -45.20 -34.03 -34.45
N CYS U 115 -44.26 -34.96 -34.36
CA CYS U 115 -44.36 -36.10 -33.46
C CYS U 115 -43.10 -36.14 -32.61
N VAL U 116 -43.28 -36.08 -31.29
CA VAL U 116 -42.22 -36.31 -30.32
C VAL U 116 -42.46 -37.68 -29.71
N ALA U 117 -41.45 -38.54 -29.68
CA ALA U 117 -41.61 -39.91 -29.19
C ALA U 117 -40.57 -40.27 -28.14
N GLU U 118 -40.97 -41.08 -27.16
CA GLU U 118 -40.05 -41.51 -26.12
C GLU U 118 -40.17 -43.01 -25.86
N VAL U 119 -39.02 -43.66 -25.70
CA VAL U 119 -38.93 -45.04 -25.26
C VAL U 119 -38.34 -45.08 -23.86
N ALA U 120 -38.47 -46.24 -23.20
CA ALA U 120 -37.98 -46.39 -21.85
C ALA U 120 -36.46 -46.25 -21.80
N HIS U 121 -35.94 -46.05 -20.62
CA HIS U 121 -34.49 -46.08 -20.46
C HIS U 121 -34.01 -47.52 -20.39
N TYR U 122 -32.76 -47.73 -20.80
CA TYR U 122 -32.22 -49.08 -20.88
C TYR U 122 -32.52 -49.86 -19.61
N GLY U 123 -33.17 -51.02 -19.78
CA GLY U 123 -33.48 -51.87 -18.65
C GLY U 123 -34.63 -51.41 -17.80
N GLU U 124 -35.43 -50.46 -18.25
CA GLU U 124 -36.68 -50.15 -17.59
C GLU U 124 -37.82 -50.51 -18.54
N THR U 125 -38.95 -50.85 -17.96
CA THR U 125 -40.11 -51.24 -18.74
C THR U 125 -41.13 -50.11 -18.60
N LYS U 126 -41.43 -49.48 -19.73
CA LYS U 126 -42.28 -48.30 -19.81
C LYS U 126 -42.74 -48.23 -21.25
N ARG U 127 -44.04 -48.24 -21.48
CA ARG U 127 -44.51 -48.33 -22.85
C ARG U 127 -44.16 -47.05 -23.61
N PRO U 128 -43.80 -47.15 -24.89
CA PRO U 128 -43.48 -45.95 -25.66
C PRO U 128 -44.59 -44.91 -25.55
N GLU U 129 -44.20 -43.64 -25.63
CA GLU U 129 -45.16 -42.55 -25.66
C GLU U 129 -45.05 -41.84 -27.00
N LEU U 130 -46.16 -41.69 -27.72
CA LEU U 130 -46.17 -40.94 -28.94
C LEU U 130 -46.95 -39.64 -28.70
N TYR U 131 -46.40 -38.51 -29.17
CA TYR U 131 -47.10 -37.24 -29.10
C TYR U 131 -47.20 -36.62 -30.49
N ARG U 132 -48.38 -36.09 -30.76
CA ARG U 132 -48.69 -35.34 -31.97
C ARG U 132 -48.99 -33.90 -31.58
N ILE U 133 -48.23 -32.96 -32.13
CA ILE U 133 -48.45 -31.54 -31.93
C ILE U 133 -48.78 -30.94 -33.29
N THR U 134 -49.95 -30.33 -33.41
CA THR U 134 -50.43 -29.80 -34.68
C THR U 134 -50.12 -28.32 -34.78
N TYR U 135 -50.24 -27.81 -36.01
CA TYR U 135 -49.77 -26.46 -36.30
C TYR U 135 -50.25 -25.42 -35.30
N ASP U 136 -51.41 -25.61 -34.68
CA ASP U 136 -51.94 -24.59 -33.77
C ASP U 136 -51.56 -24.83 -32.32
N GLY U 137 -50.63 -25.75 -32.05
CA GLY U 137 -50.27 -26.09 -30.69
C GLY U 137 -51.18 -27.11 -30.02
N SER U 138 -52.16 -27.65 -30.73
CA SER U 138 -52.95 -28.73 -30.17
C SER U 138 -52.05 -29.95 -30.00
N ILE U 139 -52.23 -30.64 -28.88
CA ILE U 139 -51.36 -31.75 -28.52
C ILE U 139 -52.22 -32.96 -28.19
N ALA U 140 -51.72 -34.15 -28.53
CA ALA U 140 -52.44 -35.40 -28.35
C ALA U 140 -51.45 -36.52 -28.09
N ASP U 141 -51.61 -37.25 -26.99
CA ASP U 141 -50.81 -38.45 -26.80
C ASP U 141 -51.49 -39.62 -27.51
N GLU U 142 -50.67 -40.46 -28.13
CA GLU U 142 -51.05 -41.66 -28.83
C GLU U 142 -50.31 -42.85 -28.25
N PRO U 143 -51.01 -44.00 -28.14
CA PRO U 143 -50.41 -45.24 -27.62
C PRO U 143 -49.86 -46.14 -28.72
N HIS U 144 -50.40 -46.08 -29.93
CA HIS U 144 -50.03 -47.00 -30.99
C HIS U 144 -49.32 -46.33 -32.16
N PHE U 145 -49.94 -45.33 -32.79
CA PHE U 145 -49.31 -44.73 -33.96
C PHE U 145 -49.80 -43.31 -34.19
N VAL U 146 -48.98 -42.53 -34.89
CA VAL U 146 -49.38 -41.20 -35.37
C VAL U 146 -49.06 -41.11 -36.86
N VAL U 147 -49.95 -40.45 -37.59
CA VAL U 147 -49.80 -40.17 -39.02
C VAL U 147 -49.79 -38.65 -39.20
N MET U 148 -48.89 -38.16 -40.05
CA MET U 148 -48.78 -36.72 -40.26
C MET U 148 -48.45 -36.43 -41.72
N GLY U 149 -49.09 -35.42 -42.27
CA GLY U 149 -48.72 -34.92 -43.58
C GLY U 149 -49.44 -35.63 -44.71
N GLY U 150 -49.73 -34.88 -45.77
CA GLY U 150 -50.40 -35.43 -46.92
C GLY U 150 -51.81 -35.88 -46.60
N THR U 151 -52.29 -36.80 -47.43
CA THR U 151 -53.63 -37.38 -47.31
C THR U 151 -53.59 -38.45 -46.23
N THR U 152 -53.97 -38.10 -45.01
CA THR U 152 -53.71 -38.99 -43.89
C THR U 152 -54.77 -40.08 -43.73
N GLU U 153 -56.02 -39.84 -44.14
CA GLU U 153 -57.08 -40.80 -43.85
C GLU U 153 -56.80 -42.19 -44.42
N PRO U 154 -56.41 -42.34 -45.68
CA PRO U 154 -56.10 -43.70 -46.18
C PRO U 154 -55.04 -44.41 -45.35
N ILE U 155 -54.04 -43.64 -44.87
CA ILE U 155 -52.92 -44.22 -44.13
C ILE U 155 -53.37 -44.61 -42.72
N ALA U 156 -53.96 -43.68 -41.99
CA ALA U 156 -54.47 -43.97 -40.66
C ALA U 156 -55.50 -45.11 -40.70
N ASN U 157 -56.17 -45.29 -41.84
CA ASN U 157 -57.11 -46.40 -41.98
C ASN U 157 -56.38 -47.72 -42.19
N ALA U 158 -55.41 -47.74 -43.10
CA ALA U 158 -54.58 -48.94 -43.28
C ALA U 158 -53.98 -49.39 -41.95
N LEU U 159 -53.38 -48.46 -41.20
CA LEU U 159 -52.85 -48.80 -39.88
C LEU U 159 -53.95 -49.27 -38.95
N LYS U 160 -55.10 -48.59 -38.94
CA LYS U 160 -56.20 -49.02 -38.09
C LYS U 160 -56.63 -50.46 -38.38
N GLU U 161 -56.36 -50.97 -39.60
CA GLU U 161 -56.71 -52.34 -39.94
C GLU U 161 -55.53 -53.30 -39.89
N SER U 162 -54.30 -52.82 -39.75
CA SER U 162 -53.15 -53.71 -39.80
C SER U 162 -52.23 -53.63 -38.59
N TYR U 163 -52.43 -52.68 -37.69
CA TYR U 163 -51.50 -52.50 -36.57
C TYR U 163 -51.79 -53.49 -35.46
N ALA U 164 -50.73 -54.09 -34.92
CA ALA U 164 -50.83 -54.97 -33.77
C ALA U 164 -49.79 -54.55 -32.74
N GLU U 165 -50.21 -54.44 -31.47
CA GLU U 165 -49.28 -54.11 -30.42
C GLU U 165 -48.08 -55.05 -30.47
N ASN U 166 -46.89 -54.49 -30.23
CA ASN U 166 -45.66 -55.25 -30.00
C ASN U 166 -45.21 -56.06 -31.20
N ALA U 167 -45.61 -55.66 -32.40
CA ALA U 167 -45.09 -56.27 -33.62
C ALA U 167 -43.56 -56.24 -33.62
N SER U 168 -42.93 -57.11 -34.40
CA SER U 168 -41.49 -57.05 -34.56
C SER U 168 -41.11 -55.84 -35.40
N LEU U 169 -39.79 -55.62 -35.55
CA LEU U 169 -39.32 -54.53 -36.39
C LEU U 169 -39.66 -54.75 -37.86
N THR U 170 -39.46 -55.97 -38.36
CA THR U 170 -39.76 -56.25 -39.76
C THR U 170 -41.25 -56.07 -40.04
N ASP U 171 -42.11 -56.61 -39.16
CA ASP U 171 -43.55 -56.43 -39.32
C ASP U 171 -43.94 -54.97 -39.27
N ALA U 172 -43.55 -54.30 -38.18
CA ALA U 172 -43.87 -52.88 -38.03
C ALA U 172 -43.49 -52.10 -39.27
N LEU U 173 -42.27 -52.31 -39.78
CA LEU U 173 -41.84 -51.63 -40.98
C LEU U 173 -42.75 -51.98 -42.16
N ARG U 174 -43.08 -53.26 -42.32
CA ARG U 174 -43.86 -53.67 -43.49
C ARG U 174 -45.22 -53.00 -43.49
N ILE U 175 -45.92 -53.00 -42.36
CA ILE U 175 -47.25 -52.40 -42.32
C ILE U 175 -47.15 -50.88 -42.40
N ALA U 176 -46.07 -50.28 -41.90
CA ALA U 176 -45.93 -48.82 -42.01
C ALA U 176 -45.77 -48.42 -43.48
N VAL U 177 -44.88 -49.10 -44.21
CA VAL U 177 -44.73 -48.86 -45.64
C VAL U 177 -46.04 -49.10 -46.36
N ALA U 178 -46.77 -50.16 -45.98
CA ALA U 178 -48.06 -50.44 -46.61
C ALA U 178 -49.02 -49.27 -46.42
N ALA U 179 -49.22 -48.85 -45.17
CA ALA U 179 -50.14 -47.75 -44.89
C ALA U 179 -49.72 -46.48 -45.61
N LEU U 180 -48.41 -46.26 -45.76
CA LEU U 180 -47.95 -45.10 -46.51
C LEU U 180 -48.38 -45.19 -47.97
N ARG U 181 -48.27 -46.40 -48.57
CA ARG U 181 -48.61 -46.54 -49.99
C ARG U 181 -50.05 -46.12 -50.27
N ALA U 182 -50.97 -46.37 -49.35
CA ALA U 182 -52.34 -45.89 -49.48
C ALA U 182 -52.44 -44.38 -49.26
N GLY U 183 -51.85 -43.59 -50.16
CA GLY U 183 -51.85 -42.14 -50.01
C GLY U 183 -50.91 -41.43 -50.98
N LEU U 195 -41.54 -47.22 -53.78
CA LEU U 195 -41.42 -47.08 -52.32
C LEU U 195 -40.42 -48.07 -51.75
N GLY U 196 -39.14 -47.76 -51.88
CA GLY U 196 -38.07 -48.59 -51.37
C GLY U 196 -37.06 -47.75 -50.62
N VAL U 197 -35.82 -48.23 -50.61
CA VAL U 197 -34.77 -47.53 -49.88
C VAL U 197 -34.58 -46.12 -50.44
N ALA U 198 -34.64 -45.98 -51.76
CA ALA U 198 -34.29 -44.72 -52.38
C ALA U 198 -35.24 -43.58 -52.01
N SER U 199 -36.46 -43.90 -51.57
CA SER U 199 -37.48 -42.88 -51.29
C SER U 199 -38.01 -42.98 -49.86
N LEU U 200 -37.16 -43.37 -48.92
CA LEU U 200 -37.56 -43.54 -47.53
C LEU U 200 -36.47 -43.05 -46.59
N GLU U 201 -36.91 -42.36 -45.53
CA GLU U 201 -36.07 -42.10 -44.36
C GLU U 201 -36.67 -42.87 -43.20
N VAL U 202 -35.92 -43.84 -42.69
CA VAL U 202 -36.38 -44.72 -41.62
C VAL U 202 -35.41 -44.65 -40.45
N ALA U 203 -35.95 -44.70 -39.23
CA ALA U 203 -35.11 -44.75 -38.04
C ALA U 203 -35.93 -45.26 -36.88
N VAL U 204 -35.25 -45.71 -35.83
CA VAL U 204 -35.93 -46.22 -34.66
C VAL U 204 -35.38 -45.55 -33.40
N LEU U 205 -36.26 -45.42 -32.41
CA LEU U 205 -35.86 -45.32 -31.01
C LEU U 205 -35.81 -46.74 -30.48
N ASP U 206 -34.58 -47.25 -30.31
CA ASP U 206 -34.32 -48.63 -29.93
C ASP U 206 -34.17 -48.66 -28.41
N ALA U 207 -35.22 -49.08 -27.71
CA ALA U 207 -35.14 -49.13 -26.26
C ALA U 207 -34.11 -50.12 -25.76
N ASN U 208 -33.53 -50.92 -26.64
CA ASN U 208 -32.48 -51.84 -26.20
C ASN U 208 -31.11 -51.19 -26.10
N ARG U 209 -30.89 -50.05 -26.78
CA ARG U 209 -29.59 -49.39 -26.71
C ARG U 209 -29.34 -48.79 -25.33
N PRO U 210 -28.08 -48.76 -24.88
CA PRO U 210 -27.74 -48.33 -23.51
C PRO U 210 -28.01 -46.87 -23.18
N ARG U 211 -27.63 -45.93 -24.04
CA ARG U 211 -27.94 -44.52 -23.76
C ARG U 211 -28.72 -43.89 -24.91
N ARG U 212 -28.09 -43.65 -26.06
CA ARG U 212 -28.77 -42.97 -27.16
C ARG U 212 -29.56 -43.98 -27.98
N ALA U 213 -30.89 -43.92 -27.87
CA ALA U 213 -31.74 -44.91 -28.50
C ALA U 213 -31.98 -44.65 -29.98
N PHE U 214 -31.53 -43.52 -30.53
CA PHE U 214 -31.83 -43.17 -31.91
C PHE U 214 -30.88 -43.87 -32.87
N ARG U 215 -31.44 -44.48 -33.91
CA ARG U 215 -30.67 -45.14 -34.96
C ARG U 215 -31.34 -44.97 -36.30
N ARG U 216 -30.60 -44.50 -37.29
CA ARG U 216 -31.08 -44.63 -38.65
C ARG U 216 -30.88 -46.06 -39.13
N ILE U 217 -31.63 -46.42 -40.17
CA ILE U 217 -31.61 -47.76 -40.77
C ILE U 217 -31.56 -47.54 -42.27
N THR U 218 -30.36 -47.60 -42.86
CA THR U 218 -30.14 -47.14 -44.22
C THR U 218 -29.59 -48.23 -45.13
N GLY U 219 -29.87 -48.07 -46.42
CA GLY U 219 -29.20 -48.85 -47.45
C GLY U 219 -29.44 -50.34 -47.32
N SER U 220 -28.35 -51.10 -47.26
CA SER U 220 -28.46 -52.56 -47.29
C SER U 220 -29.26 -53.09 -46.10
N ALA U 221 -29.09 -52.46 -44.93
CA ALA U 221 -29.85 -52.89 -43.76
C ALA U 221 -31.34 -52.63 -43.95
N LEU U 222 -31.68 -51.45 -44.45
CA LEU U 222 -33.08 -51.07 -44.63
C LEU U 222 -33.76 -51.95 -45.68
N GLN U 223 -33.09 -52.16 -46.82
CA GLN U 223 -33.66 -53.01 -47.87
C GLN U 223 -33.68 -54.47 -47.42
N ALA U 224 -32.70 -54.87 -46.63
CA ALA U 224 -32.71 -56.19 -46.03
C ALA U 224 -33.92 -56.38 -45.12
N LEU U 225 -34.37 -55.31 -44.46
CA LEU U 225 -35.61 -55.36 -43.69
C LEU U 225 -36.83 -55.45 -44.58
N LEU U 226 -36.62 -55.82 -45.84
CA LEU U 226 -37.68 -55.92 -46.82
C LEU U 226 -37.57 -57.24 -47.60
N VAL U 227 -36.96 -58.26 -46.99
CA VAL U 227 -36.76 -59.57 -47.60
C VAL U 227 -37.35 -60.68 -46.72
N THR V 1 -20.09 -24.79 14.13
CA THR V 1 -21.10 -25.73 13.67
C THR V 1 -20.52 -27.09 13.41
N THR V 2 -21.32 -28.14 13.64
CA THR V 2 -21.05 -29.46 13.08
C THR V 2 -22.37 -30.04 12.60
N ILE V 3 -22.44 -30.36 11.31
CA ILE V 3 -23.48 -31.22 10.75
C ILE V 3 -22.85 -32.57 10.41
N VAL V 4 -23.57 -33.65 10.70
CA VAL V 4 -23.14 -34.99 10.31
C VAL V 4 -24.26 -35.67 9.54
N ALA V 5 -23.87 -36.59 8.67
CA ALA V 5 -24.84 -37.44 7.98
C ALA V 5 -24.23 -38.83 7.82
N LEU V 6 -25.07 -39.86 7.95
CA LEU V 6 -24.55 -41.20 7.76
C LEU V 6 -25.64 -42.11 7.26
N LYS V 7 -25.25 -43.07 6.44
CA LYS V 7 -26.16 -44.06 5.91
C LYS V 7 -26.29 -45.23 6.87
N TYR V 8 -27.53 -45.67 7.07
CA TYR V 8 -27.81 -46.91 7.77
C TYR V 8 -28.69 -47.74 6.85
N PRO V 9 -28.82 -49.06 7.11
CA PRO V 9 -29.56 -49.91 6.17
C PRO V 9 -30.97 -49.38 5.93
N GLY V 10 -31.25 -48.98 4.69
CA GLY V 10 -32.54 -48.46 4.31
C GLY V 10 -32.81 -47.02 4.66
N GLY V 11 -31.80 -46.24 5.02
CA GLY V 11 -32.05 -44.85 5.34
C GLY V 11 -30.78 -44.03 5.46
N VAL V 12 -31.01 -42.73 5.67
CA VAL V 12 -29.96 -41.78 6.01
C VAL V 12 -30.37 -41.09 7.31
N VAL V 13 -29.36 -40.60 8.04
CA VAL V 13 -29.60 -39.72 9.18
C VAL V 13 -28.71 -38.50 9.04
N MET V 14 -29.28 -37.33 9.32
CA MET V 14 -28.52 -36.10 9.38
C MET V 14 -28.82 -35.42 10.71
N ALA V 15 -27.81 -34.80 11.31
CA ALA V 15 -28.03 -34.16 12.59
C ALA V 15 -27.09 -32.98 12.71
N GLY V 16 -27.52 -31.98 13.46
CA GLY V 16 -26.80 -30.72 13.52
C GLY V 16 -26.93 -30.08 14.89
N ASP V 17 -25.88 -29.34 15.27
CA ASP V 17 -25.82 -28.70 16.57
C ASP V 17 -26.66 -27.42 16.56
N ARG V 18 -26.74 -26.76 17.72
CA ARG V 18 -27.67 -25.66 17.94
C ARG V 18 -26.97 -24.35 18.29
N ARG V 19 -25.67 -24.25 18.05
CA ARG V 19 -24.88 -23.11 18.51
C ARG V 19 -24.75 -22.06 17.42
N SER V 20 -24.79 -20.82 17.84
CA SER V 20 -24.50 -19.67 16.99
C SER V 20 -23.54 -18.75 17.73
N THR V 21 -22.47 -18.31 17.06
CA THR V 21 -21.47 -17.46 17.70
C THR V 21 -21.26 -16.17 16.90
N GLN V 22 -20.68 -15.19 17.58
CA GLN V 22 -20.06 -14.03 16.94
C GLN V 22 -18.70 -13.88 17.62
N GLY V 23 -17.66 -14.31 16.92
CA GLY V 23 -16.37 -14.45 17.58
C GLY V 23 -16.47 -15.43 18.73
N ASN V 24 -16.04 -15.01 19.92
CA ASN V 24 -16.10 -15.87 21.10
C ASN V 24 -17.50 -15.93 21.71
N MET V 25 -18.39 -15.01 21.35
CA MET V 25 -19.64 -14.83 22.05
C MET V 25 -20.74 -15.74 21.50
N ILE V 26 -21.45 -16.40 22.40
CA ILE V 26 -22.54 -17.30 22.05
C ILE V 26 -23.79 -16.44 21.79
N SER V 27 -24.21 -16.38 20.54
CA SER V 27 -25.39 -15.62 20.13
C SER V 27 -26.62 -16.48 19.96
N GLY V 28 -26.45 -17.80 19.92
CA GLY V 28 -27.61 -18.67 19.78
C GLY V 28 -27.44 -20.04 20.40
N ARG V 29 -28.49 -20.50 21.10
CA ARG V 29 -28.53 -21.82 21.72
C ARG V 29 -29.49 -22.78 21.05
N ASP V 30 -30.39 -22.29 20.19
CA ASP V 30 -31.47 -23.11 19.66
C ASP V 30 -31.57 -23.01 18.15
N VAL V 31 -30.50 -22.64 17.45
CA VAL V 31 -30.61 -22.48 16.02
C VAL V 31 -30.77 -23.86 15.40
N ARG V 32 -31.50 -23.90 14.30
CA ARG V 32 -31.73 -25.13 13.54
C ARG V 32 -30.92 -25.02 12.25
N LYS V 33 -30.05 -25.98 12.02
CA LYS V 33 -29.17 -25.98 10.85
C LYS V 33 -29.49 -27.09 9.87
N VAL V 34 -30.44 -27.98 10.20
CA VAL V 34 -30.80 -29.13 9.37
C VAL V 34 -32.28 -29.00 8.99
N TYR V 35 -32.56 -29.00 7.70
CA TYR V 35 -33.90 -28.75 7.20
C TYR V 35 -34.34 -29.87 6.29
N ILE V 36 -35.61 -30.26 6.41
CA ILE V 36 -36.20 -31.18 5.44
C ILE V 36 -36.47 -30.37 4.18
N THR V 37 -35.72 -30.62 3.13
CA THR V 37 -35.91 -29.84 1.92
C THR V 37 -36.95 -30.46 0.98
N ASP V 38 -37.15 -31.79 1.03
CA ASP V 38 -38.37 -32.35 0.43
C ASP V 38 -38.65 -33.70 1.11
N ASP V 39 -39.70 -34.38 0.63
CA ASP V 39 -40.14 -35.60 1.27
C ASP V 39 -39.03 -36.64 1.36
N TYR V 40 -37.97 -36.50 0.57
CA TYR V 40 -36.91 -37.49 0.60
C TYR V 40 -35.53 -36.85 0.75
N THR V 41 -35.48 -35.59 1.17
CA THR V 41 -34.22 -34.87 1.23
C THR V 41 -34.18 -33.97 2.46
N ALA V 42 -33.02 -33.96 3.11
CA ALA V 42 -32.70 -33.02 4.16
C ALA V 42 -31.35 -32.38 3.83
N THR V 43 -31.22 -31.09 4.10
CA THR V 43 -30.00 -30.35 3.85
C THR V 43 -29.53 -29.70 5.14
N GLY V 44 -28.23 -29.78 5.42
CA GLY V 44 -27.65 -29.18 6.61
C GLY V 44 -26.57 -28.20 6.20
N ILE V 45 -26.58 -26.98 6.72
CA ILE V 45 -25.70 -25.95 6.16
C ILE V 45 -24.88 -25.31 7.26
N ALA V 46 -23.60 -25.14 7.00
CA ALA V 46 -22.67 -24.45 7.88
C ALA V 46 -22.26 -23.11 7.27
N GLY V 47 -21.79 -22.20 8.11
CA GLY V 47 -21.36 -20.89 7.65
C GLY V 47 -22.16 -19.76 8.28
N THR V 48 -22.40 -18.72 7.50
CA THR V 48 -23.11 -17.55 8.00
C THR V 48 -24.59 -17.89 8.16
N ALA V 49 -25.09 -17.81 9.40
CA ALA V 49 -26.45 -18.24 9.70
C ALA V 49 -27.47 -17.71 8.71
N ALA V 50 -27.38 -16.42 8.38
CA ALA V 50 -28.40 -15.82 7.52
C ALA V 50 -28.38 -16.47 6.15
N VAL V 51 -27.19 -16.57 5.56
CA VAL V 51 -27.04 -17.20 4.25
C VAL V 51 -27.42 -18.67 4.31
N ALA V 52 -27.11 -19.33 5.42
CA ALA V 52 -27.35 -20.77 5.53
C ALA V 52 -28.85 -21.06 5.53
N VAL V 53 -29.61 -20.32 6.34
CA VAL V 53 -31.04 -20.52 6.35
C VAL V 53 -31.62 -20.08 5.02
N GLU V 54 -31.06 -19.05 4.39
CA GLU V 54 -31.59 -18.61 3.11
C GLU V 54 -31.40 -19.68 2.05
N PHE V 55 -30.21 -20.27 2.00
CA PHE V 55 -29.94 -21.40 1.11
C PHE V 55 -30.97 -22.51 1.31
N ALA V 56 -31.19 -22.90 2.57
CA ALA V 56 -32.11 -24.02 2.79
C ALA V 56 -33.49 -23.70 2.26
N ARG V 57 -34.00 -22.51 2.60
CA ARG V 57 -35.36 -22.13 2.21
C ARG V 57 -35.48 -22.05 0.69
N LEU V 58 -34.53 -21.38 0.04
CA LEU V 58 -34.53 -21.26 -1.41
C LEU V 58 -34.48 -22.62 -2.09
N TYR V 59 -33.58 -23.49 -1.63
CA TYR V 59 -33.45 -24.82 -2.22
C TYR V 59 -34.76 -25.58 -2.16
N ALA V 60 -35.39 -25.61 -0.98
CA ALA V 60 -36.65 -26.33 -0.90
C ALA V 60 -37.66 -25.75 -1.87
N VAL V 61 -37.70 -24.42 -2.00
CA VAL V 61 -38.69 -23.83 -2.90
C VAL V 61 -38.39 -24.22 -4.35
N GLU V 62 -37.11 -24.21 -4.75
CA GLU V 62 -36.76 -24.61 -6.11
C GLU V 62 -37.19 -26.05 -6.38
N LEU V 63 -36.89 -26.96 -5.46
CA LEU V 63 -37.26 -28.35 -5.67
C LEU V 63 -38.75 -28.49 -5.86
N GLU V 64 -39.54 -27.86 -4.98
CA GLU V 64 -40.99 -28.00 -5.10
C GLU V 64 -41.55 -27.27 -6.32
N HIS V 65 -40.87 -26.21 -6.74
CA HIS V 65 -41.28 -25.46 -7.91
C HIS V 65 -41.17 -26.32 -9.15
N TYR V 66 -40.06 -27.06 -9.27
CA TYR V 66 -39.94 -28.01 -10.36
C TYR V 66 -41.01 -29.08 -10.26
N GLU V 67 -41.22 -29.62 -9.06
CA GLU V 67 -42.20 -30.70 -8.90
C GLU V 67 -43.58 -30.28 -9.39
N LYS V 68 -44.03 -29.09 -8.98
CA LYS V 68 -45.35 -28.62 -9.37
C LYS V 68 -45.38 -28.26 -10.85
N LEU V 69 -44.31 -27.69 -11.39
CA LEU V 69 -44.34 -27.29 -12.79
C LEU V 69 -44.41 -28.51 -13.71
N GLU V 70 -43.58 -29.50 -13.45
CA GLU V 70 -43.42 -30.59 -14.40
C GLU V 70 -44.20 -31.83 -14.04
N GLY V 71 -44.90 -31.84 -12.91
CA GLY V 71 -45.66 -33.00 -12.50
C GLY V 71 -44.86 -34.09 -11.82
N VAL V 72 -43.53 -33.96 -11.74
CA VAL V 72 -42.67 -35.00 -11.19
C VAL V 72 -41.47 -34.38 -10.47
N PRO V 73 -41.01 -34.96 -9.36
CA PRO V 73 -39.83 -34.42 -8.69
C PRO V 73 -38.54 -34.58 -9.52
N LEU V 74 -37.56 -33.74 -9.22
CA LEU V 74 -36.25 -33.88 -9.87
C LEU V 74 -35.65 -35.23 -9.51
N THR V 75 -34.85 -35.75 -10.44
CA THR V 75 -33.97 -36.86 -10.12
C THR V 75 -32.99 -36.42 -9.03
N PHE V 76 -32.44 -37.39 -8.32
CA PHE V 76 -31.50 -37.02 -7.27
C PHE V 76 -30.31 -36.27 -7.86
N ALA V 77 -29.80 -36.73 -9.01
CA ALA V 77 -28.71 -36.02 -9.70
C ALA V 77 -29.07 -34.56 -9.96
N GLY V 78 -30.33 -34.31 -10.35
CA GLY V 78 -30.75 -32.94 -10.55
C GLY V 78 -30.72 -32.12 -9.28
N LYS V 79 -31.19 -32.70 -8.18
CA LYS V 79 -31.14 -31.99 -6.90
C LYS V 79 -29.70 -31.64 -6.52
N ILE V 80 -28.79 -32.61 -6.67
CA ILE V 80 -27.37 -32.36 -6.46
C ILE V 80 -26.93 -31.15 -7.28
N ASN V 81 -27.18 -31.20 -8.59
CA ASN V 81 -26.67 -30.15 -9.46
C ASN V 81 -27.28 -28.78 -9.15
N ARG V 82 -28.53 -28.74 -8.67
CA ARG V 82 -29.12 -27.44 -8.33
C ARG V 82 -28.48 -26.87 -7.07
N LEU V 83 -28.28 -27.70 -6.06
CA LEU V 83 -27.55 -27.21 -4.90
C LEU V 83 -26.15 -26.75 -5.30
N ALA V 84 -25.47 -27.53 -6.15
CA ALA V 84 -24.11 -27.17 -6.55
C ALA V 84 -24.10 -25.84 -7.28
N ILE V 85 -25.10 -25.60 -8.13
CA ILE V 85 -25.19 -24.34 -8.84
C ILE V 85 -25.41 -23.18 -7.86
N MET V 86 -26.19 -23.43 -6.80
CA MET V 86 -26.40 -22.39 -5.80
C MET V 86 -25.09 -22.02 -5.10
N VAL V 87 -24.33 -23.03 -4.68
CA VAL V 87 -23.06 -22.78 -3.99
C VAL V 87 -22.10 -22.00 -4.90
N ARG V 88 -21.91 -22.50 -6.12
CA ARG V 88 -21.06 -21.77 -7.05
C ARG V 88 -21.52 -20.33 -7.20
N GLY V 89 -22.84 -20.12 -7.29
CA GLY V 89 -23.34 -18.77 -7.46
C GLY V 89 -23.01 -17.89 -6.28
N ASN V 90 -22.81 -18.48 -5.10
CA ASN V 90 -22.47 -17.70 -3.92
C ASN V 90 -20.97 -17.57 -3.67
N LEU V 91 -20.11 -18.12 -4.55
CA LEU V 91 -18.66 -18.09 -4.28
C LEU V 91 -18.12 -16.70 -3.94
N ALA V 92 -18.50 -15.67 -4.69
CA ALA V 92 -17.94 -14.34 -4.43
C ALA V 92 -18.34 -13.83 -3.04
N ALA V 93 -19.63 -13.94 -2.68
CA ALA V 93 -20.00 -13.51 -1.33
C ALA V 93 -19.38 -14.41 -0.27
N ALA V 94 -19.22 -15.70 -0.56
CA ALA V 94 -18.52 -16.57 0.37
C ALA V 94 -17.14 -16.02 0.67
N MET V 95 -16.40 -15.65 -0.37
CA MET V 95 -15.07 -15.11 -0.13
C MET V 95 -15.13 -13.76 0.56
N GLN V 96 -16.24 -13.03 0.46
CA GLN V 96 -16.38 -11.81 1.24
C GLN V 96 -16.95 -12.06 2.63
N GLY V 97 -17.17 -13.30 3.04
CA GLY V 97 -17.62 -13.61 4.40
C GLY V 97 -19.08 -14.03 4.54
N LEU V 98 -19.80 -14.23 3.46
CA LEU V 98 -21.20 -14.69 3.51
C LEU V 98 -21.25 -16.15 3.05
N LEU V 99 -20.74 -17.04 3.90
CA LEU V 99 -20.44 -18.41 3.51
C LEU V 99 -21.62 -19.34 3.73
N ALA V 100 -21.75 -20.33 2.85
CA ALA V 100 -22.74 -21.41 3.00
C ALA V 100 -22.11 -22.69 2.50
N LEU V 101 -21.79 -23.63 3.39
CA LEU V 101 -21.34 -24.97 3.03
C LEU V 101 -22.45 -25.96 3.30
N PRO V 102 -23.13 -26.51 2.30
CA PRO V 102 -24.19 -27.49 2.57
C PRO V 102 -23.67 -28.92 2.61
N LEU V 103 -24.51 -29.78 3.15
CA LEU V 103 -24.31 -31.22 3.15
C LEU V 103 -25.68 -31.83 2.93
N LEU V 104 -25.80 -32.68 1.91
CA LEU V 104 -27.09 -33.17 1.44
C LEU V 104 -27.29 -34.62 1.83
N ALA V 105 -28.45 -34.94 2.37
CA ALA V 105 -28.83 -36.30 2.69
C ALA V 105 -30.16 -36.56 2.00
N GLY V 106 -30.32 -37.78 1.48
CA GLY V 106 -31.57 -38.09 0.81
C GLY V 106 -31.79 -39.58 0.65
N TYR V 107 -32.99 -39.92 0.19
CA TYR V 107 -33.35 -41.30 -0.13
C TYR V 107 -33.82 -41.33 -1.58
N ASP V 108 -33.17 -42.15 -2.40
CA ASP V 108 -33.41 -42.16 -3.84
C ASP V 108 -34.46 -43.23 -4.16
N ILE V 109 -35.72 -42.79 -4.29
CA ILE V 109 -36.82 -43.73 -4.52
C ILE V 109 -36.62 -44.51 -5.81
N HIS V 110 -35.75 -44.03 -6.69
CA HIS V 110 -35.43 -44.70 -7.94
C HIS V 110 -34.18 -45.56 -7.86
N ALA V 111 -33.51 -45.60 -6.71
CA ALA V 111 -32.44 -46.56 -6.53
C ALA V 111 -32.98 -47.97 -6.73
N SER V 112 -32.10 -48.88 -7.13
CA SER V 112 -32.50 -50.27 -7.29
C SER V 112 -32.65 -50.96 -5.94
N ASP V 113 -31.59 -50.97 -5.15
CA ASP V 113 -31.64 -51.63 -3.85
C ASP V 113 -32.07 -50.64 -2.76
N PRO V 114 -33.21 -50.85 -2.10
CA PRO V 114 -33.60 -49.95 -1.00
C PRO V 114 -32.63 -49.95 0.18
N GLN V 115 -31.85 -51.02 0.34
CA GLN V 115 -30.91 -51.09 1.46
C GLN V 115 -29.89 -49.95 1.39
N SER V 116 -29.47 -49.60 0.17
CA SER V 116 -28.47 -48.56 -0.05
C SER V 116 -29.01 -47.40 -0.86
N ALA V 117 -30.34 -47.19 -0.86
CA ALA V 117 -30.94 -46.05 -1.53
C ALA V 117 -30.60 -44.74 -0.85
N GLY V 118 -29.97 -44.76 0.31
CA GLY V 118 -29.59 -43.53 0.96
C GLY V 118 -28.42 -42.87 0.26
N ARG V 119 -28.40 -41.54 0.30
CA ARG V 119 -27.38 -40.77 -0.39
C ARG V 119 -26.84 -39.69 0.55
N ILE V 120 -25.52 -39.60 0.63
CA ILE V 120 -24.85 -38.52 1.36
C ILE V 120 -23.94 -37.80 0.38
N VAL V 121 -24.27 -36.55 0.07
CA VAL V 121 -23.50 -35.74 -0.87
C VAL V 121 -22.81 -34.62 -0.11
N SER V 122 -21.49 -34.53 -0.26
CA SER V 122 -20.72 -33.44 0.30
C SER V 122 -20.33 -32.43 -0.79
N PHE V 123 -20.10 -31.18 -0.36
CA PHE V 123 -19.80 -30.06 -1.25
C PHE V 123 -18.61 -29.27 -0.72
N ASP V 124 -17.85 -28.65 -1.64
CA ASP V 124 -16.88 -27.63 -1.28
C ASP V 124 -17.45 -26.26 -1.66
N ALA V 125 -16.67 -25.20 -1.42
CA ALA V 125 -17.16 -23.84 -1.60
C ALA V 125 -17.23 -23.40 -3.05
N ALA V 126 -16.71 -24.17 -3.98
CA ALA V 126 -16.78 -23.86 -5.40
C ALA V 126 -17.96 -24.54 -6.10
N GLY V 127 -18.70 -25.37 -5.37
CA GLY V 127 -19.77 -26.14 -5.96
C GLY V 127 -19.41 -27.57 -6.29
N GLY V 128 -18.17 -27.98 -6.05
CA GLY V 128 -17.82 -29.38 -6.23
C GLY V 128 -18.56 -30.25 -5.23
N TRP V 129 -18.99 -31.42 -5.70
CA TRP V 129 -19.75 -32.35 -4.88
C TRP V 129 -19.17 -33.74 -5.04
N ASN V 130 -19.42 -34.58 -4.03
CA ASN V 130 -19.02 -35.98 -4.09
C ASN V 130 -20.08 -36.78 -3.34
N ILE V 131 -20.67 -37.75 -4.04
CA ILE V 131 -21.52 -38.73 -3.39
C ILE V 131 -20.63 -39.66 -2.59
N GLU V 132 -20.83 -39.69 -1.28
CA GLU V 132 -19.92 -40.36 -0.36
C GLU V 132 -20.19 -41.85 -0.35
N GLU V 133 -19.13 -42.65 -0.47
CA GLU V 133 -19.24 -44.10 -0.55
C GLU V 133 -18.82 -44.79 0.74
N GLU V 134 -18.32 -44.06 1.72
CA GLU V 134 -17.82 -44.69 2.94
C GLU V 134 -18.77 -44.52 4.11
N GLY V 135 -19.95 -43.96 3.91
CA GLY V 135 -21.04 -44.11 4.85
C GLY V 135 -21.42 -42.88 5.65
N TYR V 136 -20.50 -41.94 5.82
CA TYR V 136 -20.76 -40.80 6.69
C TYR V 136 -19.98 -39.60 6.18
N GLN V 137 -20.36 -38.42 6.65
CA GLN V 137 -19.73 -37.16 6.26
C GLN V 137 -20.11 -36.10 7.28
N ALA V 138 -19.39 -34.98 7.26
CA ALA V 138 -19.67 -33.91 8.21
C ALA V 138 -19.14 -32.60 7.64
N VAL V 139 -19.74 -31.50 8.11
CA VAL V 139 -19.45 -30.18 7.61
C VAL V 139 -19.48 -29.20 8.78
N GLY V 140 -18.65 -28.17 8.70
CA GLY V 140 -18.56 -27.16 9.74
C GLY V 140 -17.23 -27.24 10.48
N SER V 141 -17.12 -26.38 11.50
CA SER V 141 -15.85 -26.19 12.19
C SER V 141 -15.43 -27.42 12.98
N GLY V 142 -16.38 -28.28 13.37
CA GLY V 142 -16.09 -29.50 14.08
C GLY V 142 -16.09 -30.72 13.19
N SER V 143 -16.21 -30.55 11.89
CA SER V 143 -16.42 -31.66 10.99
C SER V 143 -15.28 -32.66 11.06
N LEU V 144 -14.04 -32.22 11.27
CA LEU V 144 -12.93 -33.16 11.40
C LEU V 144 -13.10 -34.06 12.62
N PHE V 145 -13.41 -33.47 13.77
CA PHE V 145 -13.59 -34.28 14.96
C PHE V 145 -14.73 -35.27 14.78
N ALA V 146 -15.84 -34.81 14.20
CA ALA V 146 -16.98 -35.69 13.97
C ALA V 146 -16.62 -36.83 13.01
N LYS V 147 -15.94 -36.50 11.91
CA LYS V 147 -15.57 -37.53 10.95
C LYS V 147 -14.60 -38.54 11.54
N SER V 148 -13.70 -38.11 12.44
CA SER V 148 -12.77 -39.06 13.05
C SER V 148 -13.47 -39.90 14.09
N SER V 149 -14.50 -39.35 14.74
CA SER V 149 -15.32 -40.13 15.64
C SER V 149 -16.09 -41.22 14.87
N MET V 150 -16.76 -40.83 13.79
CA MET V 150 -17.49 -41.82 13.01
C MET V 150 -16.55 -42.83 12.36
N LYS V 151 -15.33 -42.44 12.03
CA LYS V 151 -14.39 -43.43 11.51
C LYS V 151 -14.27 -44.60 12.48
N LYS V 152 -14.34 -44.33 13.78
CA LYS V 152 -14.20 -45.37 14.80
C LYS V 152 -15.53 -46.04 15.19
N LEU V 153 -16.66 -45.32 15.11
CA LEU V 153 -17.93 -45.89 15.57
C LEU V 153 -18.81 -46.45 14.46
N TYR V 154 -18.54 -46.12 13.21
CA TYR V 154 -19.52 -46.35 12.16
C TYR V 154 -19.90 -47.82 12.05
N SER V 155 -18.96 -48.73 12.32
CA SER V 155 -19.25 -50.15 12.21
C SER V 155 -20.29 -50.61 13.20
N GLN V 156 -20.69 -49.76 14.16
CA GLN V 156 -21.78 -50.10 15.07
C GLN V 156 -23.17 -49.85 14.49
N VAL V 157 -23.27 -49.31 13.28
CA VAL V 157 -24.55 -48.90 12.73
C VAL V 157 -25.19 -50.09 12.04
N THR V 158 -26.33 -50.53 12.55
CA THR V 158 -27.07 -51.59 11.89
C THR V 158 -28.54 -51.26 11.69
N ASP V 159 -28.99 -50.08 12.08
CA ASP V 159 -30.40 -49.72 11.97
C ASP V 159 -30.51 -48.23 12.27
N GLY V 160 -31.74 -47.74 12.36
CA GLY V 160 -31.93 -46.31 12.58
C GLY V 160 -31.43 -45.86 13.93
N ASP V 161 -31.63 -46.67 14.97
CA ASP V 161 -31.25 -46.21 16.31
C ASP V 161 -29.74 -46.16 16.48
N SER V 162 -29.04 -47.20 16.03
CA SER V 162 -27.59 -47.19 16.16
C SER V 162 -26.99 -46.06 15.33
N GLY V 163 -27.58 -45.77 14.16
CA GLY V 163 -27.08 -44.67 13.36
C GLY V 163 -27.34 -43.31 14.00
N LEU V 164 -28.57 -43.09 14.46
CA LEU V 164 -28.88 -41.87 15.19
C LEU V 164 -27.95 -41.69 16.40
N ARG V 165 -27.61 -42.79 17.07
CA ARG V 165 -26.73 -42.67 18.23
C ARG V 165 -25.30 -42.34 17.81
N VAL V 166 -24.80 -42.97 16.74
CA VAL V 166 -23.46 -42.63 16.28
C VAL V 166 -23.39 -41.18 15.82
N ALA V 167 -24.43 -40.68 15.16
CA ALA V 167 -24.44 -39.29 14.74
C ALA V 167 -24.40 -38.38 15.95
N VAL V 168 -25.27 -38.63 16.92
CA VAL V 168 -25.31 -37.79 18.11
C VAL V 168 -23.99 -37.85 18.84
N GLU V 169 -23.37 -39.02 18.92
CA GLU V 169 -22.11 -39.13 19.64
C GLU V 169 -20.99 -38.43 18.88
N ALA V 170 -21.05 -38.46 17.55
CA ALA V 170 -20.05 -37.74 16.77
C ALA V 170 -20.19 -36.24 16.99
N LEU V 171 -21.43 -35.75 17.04
CA LEU V 171 -21.64 -34.35 17.39
C LEU V 171 -21.15 -34.06 18.80
N TYR V 172 -21.28 -35.03 19.71
CA TYR V 172 -20.78 -34.85 21.06
C TYR V 172 -19.27 -34.66 21.05
N ASP V 173 -18.57 -35.49 20.27
CA ASP V 173 -17.11 -35.32 20.17
C ASP V 173 -16.75 -33.98 19.55
N ALA V 174 -17.44 -33.61 18.47
CA ALA V 174 -17.19 -32.31 17.85
C ALA V 174 -17.31 -31.18 18.87
N ALA V 175 -18.43 -31.13 19.60
CA ALA V 175 -18.56 -30.05 20.58
C ALA V 175 -17.51 -30.15 21.66
N ASP V 176 -17.08 -31.37 21.99
CA ASP V 176 -16.02 -31.55 22.98
C ASP V 176 -14.72 -30.88 22.55
N ASP V 177 -14.45 -30.83 21.25
CA ASP V 177 -13.17 -30.26 20.82
C ASP V 177 -13.28 -28.92 20.11
N ASP V 178 -14.48 -28.53 19.70
CA ASP V 178 -14.68 -27.33 18.89
C ASP V 178 -15.65 -26.43 19.64
N SER V 179 -15.19 -25.24 20.02
CA SER V 179 -16.05 -24.37 20.84
C SER V 179 -17.17 -23.73 20.04
N ALA V 180 -17.10 -23.73 18.70
CA ALA V 180 -18.20 -23.19 17.92
C ALA V 180 -19.27 -24.22 17.57
N THR V 181 -19.18 -25.42 18.14
CA THR V 181 -20.21 -26.45 18.02
C THR V 181 -20.82 -26.68 19.40
N GLY V 182 -22.14 -26.57 19.49
CA GLY V 182 -22.80 -26.72 20.77
C GLY V 182 -23.03 -28.17 21.13
N GLY V 183 -22.62 -28.57 22.34
CA GLY V 183 -22.99 -29.85 22.86
C GLY V 183 -24.39 -29.83 23.44
N PRO V 184 -24.86 -31.00 23.87
CA PRO V 184 -26.19 -31.07 24.51
C PRO V 184 -26.27 -30.17 25.73
N ASP V 185 -27.36 -29.40 25.83
CA ASP V 185 -27.62 -28.58 27.02
C ASP V 185 -28.64 -29.29 27.89
N LEU V 186 -28.18 -29.94 28.96
CA LEU V 186 -29.09 -30.68 29.83
C LEU V 186 -29.78 -29.78 30.84
N VAL V 187 -29.21 -28.62 31.17
CA VAL V 187 -29.94 -27.68 32.02
C VAL V 187 -31.17 -27.15 31.29
N ARG V 188 -31.02 -26.79 30.00
CA ARG V 188 -32.12 -26.20 29.24
C ARG V 188 -32.96 -27.23 28.49
N GLY V 189 -32.45 -28.44 28.29
CA GLY V 189 -33.13 -29.40 27.44
C GLY V 189 -33.07 -29.06 25.97
N ILE V 190 -31.96 -28.52 25.50
CA ILE V 190 -31.74 -28.26 24.08
C ILE V 190 -30.76 -29.31 23.58
N PHE V 191 -31.11 -29.97 22.48
CA PHE V 191 -30.35 -31.09 21.95
C PHE V 191 -30.23 -30.93 20.45
N PRO V 192 -29.21 -31.53 19.83
CA PRO V 192 -29.05 -31.40 18.39
C PRO V 192 -30.35 -31.77 17.69
N THR V 193 -30.63 -31.13 16.56
CA THR V 193 -31.75 -31.61 15.78
C THR V 193 -31.28 -32.75 14.90
N ALA V 194 -32.22 -33.61 14.53
CA ALA V 194 -31.89 -34.74 13.66
C ALA V 194 -33.06 -35.02 12.75
N VAL V 195 -32.75 -35.34 11.51
CA VAL V 195 -33.72 -35.76 10.51
C VAL V 195 -33.32 -37.16 10.08
N ILE V 196 -34.31 -38.02 9.95
CA ILE V 196 -34.04 -39.37 9.45
C ILE V 196 -34.90 -39.54 8.21
N ILE V 197 -34.39 -40.31 7.24
CA ILE V 197 -35.08 -40.48 5.97
C ILE V 197 -34.99 -41.93 5.52
N ASP V 198 -36.15 -42.55 5.27
CA ASP V 198 -36.18 -43.88 4.63
C ASP V 198 -37.25 -43.87 3.55
N ALA V 199 -37.77 -45.05 3.22
CA ALA V 199 -38.73 -45.17 2.13
C ALA V 199 -40.03 -44.43 2.46
N ASP V 200 -40.40 -44.38 3.74
CA ASP V 200 -41.59 -43.65 4.15
C ASP V 200 -41.37 -42.14 4.16
N GLY V 201 -40.18 -41.68 3.85
CA GLY V 201 -39.92 -40.27 3.72
C GLY V 201 -38.99 -39.72 4.78
N ALA V 202 -38.96 -38.40 4.84
CA ALA V 202 -38.09 -37.66 5.75
C ALA V 202 -38.91 -37.16 6.93
N VAL V 203 -38.45 -37.47 8.14
CA VAL V 203 -39.13 -37.03 9.34
C VAL V 203 -38.13 -36.45 10.33
N ASP V 204 -38.59 -35.46 11.09
CA ASP V 204 -37.82 -34.93 12.21
C ASP V 204 -37.82 -35.93 13.34
N VAL V 205 -36.68 -36.04 14.01
CA VAL V 205 -36.55 -36.99 15.12
C VAL V 205 -37.03 -36.31 16.41
N PRO V 206 -37.91 -36.95 17.17
CA PRO V 206 -38.43 -36.30 18.38
C PRO V 206 -37.31 -35.88 19.32
N GLU V 207 -37.47 -34.71 19.93
CA GLU V 207 -36.43 -34.20 20.82
C GLU V 207 -36.10 -35.20 21.94
N SER V 208 -37.09 -35.95 22.40
CA SER V 208 -36.87 -36.81 23.58
C SER V 208 -35.96 -38.00 23.26
N ARG V 209 -36.02 -38.49 22.03
CA ARG V 209 -35.11 -39.55 21.61
C ARG V 209 -33.67 -39.06 21.64
N ILE V 210 -33.41 -37.89 21.07
CA ILE V 210 -32.05 -37.37 21.07
C ILE V 210 -31.61 -37.06 22.49
N ALA V 211 -32.52 -36.51 23.30
CA ALA V 211 -32.21 -36.28 24.71
C ALA V 211 -31.74 -37.56 25.39
N GLU V 212 -32.49 -38.65 25.19
CA GLU V 212 -32.15 -39.92 25.81
C GLU V 212 -30.78 -40.40 25.37
N LEU V 213 -30.52 -40.37 24.06
CA LEU V 213 -29.21 -40.80 23.56
C LEU V 213 -28.08 -39.95 24.18
N ALA V 214 -28.26 -38.62 24.18
CA ALA V 214 -27.27 -37.73 24.79
C ALA V 214 -26.95 -38.16 26.22
N ARG V 215 -28.01 -38.39 27.03
CA ARG V 215 -27.78 -38.82 28.41
C ARG V 215 -26.99 -40.12 28.47
N ALA V 216 -27.32 -41.08 27.61
CA ALA V 216 -26.59 -42.34 27.65
C ALA V 216 -25.13 -42.15 27.27
N ILE V 217 -24.86 -41.28 26.29
CA ILE V 217 -23.46 -41.05 25.93
C ILE V 217 -22.71 -40.39 27.08
N ILE V 218 -23.35 -39.42 27.74
CA ILE V 218 -22.72 -38.73 28.86
C ILE V 218 -22.39 -39.72 29.98
N GLU V 219 -23.41 -40.46 30.44
CA GLU V 219 -23.17 -41.48 31.47
C GLU V 219 -22.09 -42.46 31.02
N SER V 220 -22.15 -42.91 29.79
CA SER V 220 -21.14 -43.85 29.30
C SER V 220 -19.73 -43.28 29.47
N ARG V 221 -19.54 -41.98 29.27
CA ARG V 221 -18.21 -41.41 29.43
C ARG V 221 -17.87 -41.01 30.87
N SER V 222 -18.86 -40.92 31.76
CA SER V 222 -18.58 -40.59 33.15
C SER V 222 -18.16 -41.81 33.96
N GLY V 223 -19.05 -42.79 34.08
CA GLY V 223 -18.83 -43.98 34.88
C GLY V 223 -19.95 -45.01 34.80
N THR W 1 -26.77 2.91 22.51
CA THR W 1 -28.17 2.49 22.58
C THR W 1 -28.38 1.19 23.36
N THR W 2 -29.53 1.06 24.02
CA THR W 2 -30.01 -0.24 24.46
C THR W 2 -31.51 -0.34 24.23
N ILE W 3 -31.93 -1.38 23.52
CA ILE W 3 -33.33 -1.74 23.38
C ILE W 3 -33.50 -3.13 23.99
N VAL W 4 -34.53 -3.31 24.82
CA VAL W 4 -34.80 -4.60 25.40
C VAL W 4 -36.22 -5.03 25.05
N ALA W 5 -36.44 -6.33 25.01
CA ALA W 5 -37.76 -6.92 24.82
C ALA W 5 -37.84 -8.17 25.70
N LEU W 6 -38.98 -8.38 26.34
CA LEU W 6 -39.15 -9.62 27.09
C LEU W 6 -40.62 -10.03 27.12
N LYS W 7 -40.83 -11.35 27.19
CA LYS W 7 -42.16 -11.95 27.22
C LYS W 7 -42.63 -12.13 28.66
N TYR W 8 -43.90 -11.86 28.88
CA TYR W 8 -44.57 -12.19 30.13
C TYR W 8 -45.86 -12.94 29.82
N PRO W 9 -46.44 -13.64 30.79
CA PRO W 9 -47.65 -14.43 30.50
C PRO W 9 -48.75 -13.58 29.90
N GLY W 10 -49.04 -13.79 28.62
CA GLY W 10 -50.07 -13.06 27.91
C GLY W 10 -49.62 -11.93 27.01
N GLY W 11 -48.33 -11.60 26.98
CA GLY W 11 -47.90 -10.57 26.06
C GLY W 11 -46.41 -10.35 26.10
N VAL W 12 -46.01 -9.20 25.56
CA VAL W 12 -44.60 -8.86 25.40
C VAL W 12 -44.43 -7.36 25.69
N VAL W 13 -43.22 -6.98 26.12
CA VAL W 13 -42.88 -5.59 26.37
C VAL W 13 -41.56 -5.25 25.67
N MET W 14 -41.49 -4.04 25.11
CA MET W 14 -40.24 -3.54 24.54
C MET W 14 -39.97 -2.12 25.05
N ALA W 15 -38.71 -1.84 25.41
CA ALA W 15 -38.36 -0.51 25.94
C ALA W 15 -36.99 -0.08 25.45
N GLY W 16 -36.81 1.23 25.32
CA GLY W 16 -35.60 1.78 24.74
C GLY W 16 -35.21 3.10 25.38
N ASP W 17 -33.90 3.40 25.31
CA ASP W 17 -33.38 4.63 25.89
C ASP W 17 -33.51 5.78 24.90
N ARG W 18 -33.03 6.95 25.31
CA ARG W 18 -33.29 8.19 24.59
C ARG W 18 -32.03 8.92 24.17
N ARG W 19 -30.85 8.31 24.26
CA ARG W 19 -29.63 9.06 24.05
C ARG W 19 -29.12 8.96 22.61
N SER W 20 -28.56 10.08 22.15
CA SER W 20 -27.95 10.20 20.83
C SER W 20 -26.51 10.72 21.03
N THR W 21 -25.54 10.09 20.39
CA THR W 21 -24.16 10.50 20.52
C THR W 21 -23.48 10.66 19.17
N GLN W 22 -22.48 11.55 19.13
CA GLN W 22 -21.49 11.65 18.06
C GLN W 22 -20.14 11.59 18.75
N GLY W 23 -19.61 10.38 18.91
CA GLY W 23 -18.41 10.22 19.72
C GLY W 23 -18.78 10.29 21.18
N ASN W 24 -17.99 11.04 21.95
CA ASN W 24 -18.28 11.30 23.35
C ASN W 24 -19.35 12.36 23.56
N MET W 25 -19.72 13.10 22.53
CA MET W 25 -20.62 14.23 22.68
C MET W 25 -22.07 13.78 22.62
N ILE W 26 -22.86 14.27 23.57
CA ILE W 26 -24.28 13.93 23.62
C ILE W 26 -25.01 14.86 22.64
N SER W 27 -25.48 14.30 21.52
CA SER W 27 -26.17 15.07 20.50
C SER W 27 -27.69 14.97 20.62
N GLY W 28 -28.21 14.14 21.50
CA GLY W 28 -29.64 14.02 21.65
C GLY W 28 -30.00 13.43 22.99
N ARG W 29 -31.13 13.89 23.53
CA ARG W 29 -31.60 13.46 24.84
C ARG W 29 -33.00 12.86 24.82
N ASP W 30 -33.79 13.09 23.77
CA ASP W 30 -35.18 12.62 23.75
C ASP W 30 -35.50 11.83 22.50
N VAL W 31 -34.50 11.29 21.82
CA VAL W 31 -34.79 10.54 20.61
C VAL W 31 -35.58 9.30 20.97
N ARG W 32 -36.41 8.86 20.03
CA ARG W 32 -37.26 7.68 20.18
C ARG W 32 -36.70 6.57 19.29
N LYS W 33 -36.53 5.38 19.87
CA LYS W 33 -35.91 4.25 19.16
C LYS W 33 -36.82 3.04 19.10
N VAL W 34 -38.02 3.13 19.68
CA VAL W 34 -38.98 2.03 19.75
C VAL W 34 -40.30 2.53 19.20
N TYR W 35 -40.74 1.94 18.10
CA TYR W 35 -41.94 2.38 17.39
C TYR W 35 -42.96 1.25 17.32
N ILE W 36 -44.23 1.62 17.52
CA ILE W 36 -45.33 0.71 17.18
C ILE W 36 -45.39 0.63 15.66
N THR W 37 -45.03 -0.52 15.10
CA THR W 37 -45.04 -0.64 13.64
C THR W 37 -46.34 -1.22 13.10
N ASP W 38 -47.16 -1.85 13.94
CA ASP W 38 -48.54 -2.13 13.55
C ASP W 38 -49.30 -2.51 14.81
N ASP W 39 -50.61 -2.70 14.67
CA ASP W 39 -51.49 -2.94 15.82
C ASP W 39 -50.92 -3.95 16.81
N TYR W 40 -50.06 -4.86 16.36
CA TYR W 40 -49.59 -5.96 17.19
C TYR W 40 -48.09 -6.15 17.10
N THR W 41 -47.36 -5.11 16.66
CA THR W 41 -45.93 -5.23 16.48
C THR W 41 -45.25 -3.92 16.85
N ALA W 42 -44.12 -4.05 17.54
CA ALA W 42 -43.23 -2.95 17.85
C ALA W 42 -41.82 -3.28 17.40
N THR W 43 -41.14 -2.30 16.81
CA THR W 43 -39.78 -2.48 16.30
C THR W 43 -38.84 -1.51 17.00
N GLY W 44 -37.76 -2.03 17.55
CA GLY W 44 -36.76 -1.18 18.18
C GLY W 44 -35.40 -1.31 17.53
N ILE W 45 -34.87 -0.23 16.98
CA ILE W 45 -33.68 -0.31 16.16
C ILE W 45 -32.50 0.39 16.85
N ALA W 46 -31.32 -0.20 16.71
CA ALA W 46 -30.06 0.41 17.13
C ALA W 46 -29.19 0.70 15.90
N GLY W 47 -28.21 1.58 16.08
CA GLY W 47 -27.29 1.92 15.01
C GLY W 47 -27.28 3.42 14.73
N THR W 48 -27.13 3.75 13.45
CA THR W 48 -27.19 5.15 13.00
C THR W 48 -28.61 5.67 13.10
N ALA W 49 -28.79 6.80 13.80
CA ALA W 49 -30.12 7.34 14.07
C ALA W 49 -30.93 7.48 12.79
N ALA W 50 -30.33 8.07 11.76
CA ALA W 50 -31.03 8.29 10.50
C ALA W 50 -31.55 6.98 9.92
N VAL W 51 -30.68 5.97 9.82
CA VAL W 51 -31.09 4.70 9.25
C VAL W 51 -32.06 3.97 10.16
N ALA W 52 -31.91 4.08 11.48
CA ALA W 52 -32.82 3.40 12.40
C ALA W 52 -34.25 3.93 12.24
N VAL W 53 -34.41 5.26 12.30
CA VAL W 53 -35.74 5.85 12.12
C VAL W 53 -36.28 5.53 10.73
N GLU W 54 -35.42 5.58 9.71
CA GLU W 54 -35.90 5.27 8.37
C GLU W 54 -36.43 3.85 8.29
N PHE W 55 -35.69 2.90 8.86
CA PHE W 55 -36.13 1.51 8.91
C PHE W 55 -37.51 1.39 9.54
N ALA W 56 -37.68 1.96 10.74
CA ALA W 56 -38.96 1.85 11.41
C ALA W 56 -40.08 2.36 10.51
N ARG W 57 -39.87 3.51 9.89
CA ARG W 57 -40.90 4.18 9.12
C ARG W 57 -41.26 3.38 7.85
N LEU W 58 -40.24 2.97 7.10
CA LEU W 58 -40.48 2.22 5.87
C LEU W 58 -41.08 0.86 6.16
N TYR W 59 -40.62 0.20 7.23
CA TYR W 59 -41.15 -1.11 7.61
C TYR W 59 -42.63 -1.04 7.95
N ALA W 60 -43.01 -0.07 8.80
CA ALA W 60 -44.43 0.09 9.11
C ALA W 60 -45.23 0.40 7.84
N VAL W 61 -44.67 1.24 6.98
CA VAL W 61 -45.39 1.54 5.74
C VAL W 61 -45.58 0.27 4.93
N GLU W 62 -44.54 -0.56 4.86
CA GLU W 62 -44.63 -1.77 4.06
C GLU W 62 -45.72 -2.69 4.60
N LEU W 63 -45.76 -2.87 5.93
CA LEU W 63 -46.74 -3.79 6.51
C LEU W 63 -48.16 -3.31 6.24
N GLU W 64 -48.40 -2.00 6.42
CA GLU W 64 -49.75 -1.51 6.17
C GLU W 64 -50.09 -1.56 4.68
N HIS W 65 -49.11 -1.30 3.83
CA HIS W 65 -49.28 -1.46 2.38
C HIS W 65 -49.82 -2.83 2.06
N TYR W 66 -49.16 -3.88 2.59
CA TYR W 66 -49.66 -5.22 2.36
C TYR W 66 -51.10 -5.34 2.83
N GLU W 67 -51.36 -4.95 4.08
CA GLU W 67 -52.70 -5.19 4.61
C GLU W 67 -53.77 -4.50 3.76
N LYS W 68 -53.50 -3.30 3.25
CA LYS W 68 -54.51 -2.65 2.43
C LYS W 68 -54.64 -3.31 1.07
N LEU W 69 -53.53 -3.77 0.49
CA LEU W 69 -53.62 -4.34 -0.85
C LEU W 69 -54.37 -5.68 -0.84
N GLU W 70 -54.14 -6.51 0.19
CA GLU W 70 -54.67 -7.86 0.17
C GLU W 70 -55.84 -8.05 1.12
N GLY W 71 -56.23 -7.02 1.86
CA GLY W 71 -57.35 -7.09 2.75
C GLY W 71 -57.09 -7.82 4.05
N VAL W 72 -55.85 -8.23 4.30
CA VAL W 72 -55.50 -8.96 5.50
C VAL W 72 -54.03 -8.73 5.81
N PRO W 73 -53.63 -8.74 7.08
CA PRO W 73 -52.23 -8.47 7.44
C PRO W 73 -51.32 -9.66 7.15
N LEU W 74 -50.04 -9.34 7.01
CA LEU W 74 -49.04 -10.40 6.90
C LEU W 74 -49.06 -11.28 8.14
N THR W 75 -48.78 -12.58 7.96
CA THR W 75 -48.48 -13.43 9.09
C THR W 75 -47.27 -12.88 9.84
N PHE W 76 -47.10 -13.32 11.09
CA PHE W 76 -45.93 -12.89 11.82
C PHE W 76 -44.66 -13.36 11.13
N ALA W 77 -44.68 -14.59 10.60
CA ALA W 77 -43.53 -15.08 9.84
C ALA W 77 -43.25 -14.19 8.63
N GLY W 78 -44.29 -13.74 7.94
CA GLY W 78 -44.12 -12.78 6.87
C GLY W 78 -43.44 -11.50 7.35
N LYS W 79 -43.94 -10.92 8.44
CA LYS W 79 -43.32 -9.71 8.98
C LYS W 79 -41.83 -9.93 9.25
N ILE W 80 -41.48 -11.07 9.88
CA ILE W 80 -40.07 -11.34 10.15
C ILE W 80 -39.28 -11.30 8.86
N ASN W 81 -39.76 -12.01 7.84
CA ASN W 81 -39.00 -12.12 6.59
C ASN W 81 -38.82 -10.75 5.94
N ARG W 82 -39.82 -9.89 6.03
CA ARG W 82 -39.69 -8.57 5.40
C ARG W 82 -38.64 -7.72 6.10
N LEU W 83 -38.65 -7.71 7.43
CA LEU W 83 -37.62 -6.98 8.16
C LEU W 83 -36.24 -7.53 7.81
N ALA W 84 -36.07 -8.85 7.90
CA ALA W 84 -34.78 -9.46 7.59
C ALA W 84 -34.31 -9.06 6.21
N ILE W 85 -35.21 -9.03 5.24
CA ILE W 85 -34.80 -8.65 3.89
C ILE W 85 -34.33 -7.21 3.87
N MET W 86 -34.97 -6.36 4.68
CA MET W 86 -34.49 -4.99 4.79
C MET W 86 -33.05 -4.94 5.33
N VAL W 87 -32.80 -5.61 6.45
CA VAL W 87 -31.45 -5.57 7.03
C VAL W 87 -30.43 -6.06 6.02
N ARG W 88 -30.70 -7.22 5.42
CA ARG W 88 -29.78 -7.78 4.45
C ARG W 88 -29.50 -6.79 3.33
N GLY W 89 -30.56 -6.19 2.77
CA GLY W 89 -30.38 -5.24 1.69
C GLY W 89 -29.55 -4.04 2.10
N ASN W 90 -29.51 -3.74 3.40
CA ASN W 90 -28.72 -2.64 3.90
C ASN W 90 -27.30 -3.03 4.29
N LEU W 91 -26.95 -4.31 4.21
CA LEU W 91 -25.61 -4.74 4.65
C LEU W 91 -24.44 -3.82 4.21
N ALA W 92 -24.23 -3.62 2.91
CA ALA W 92 -23.02 -2.92 2.46
C ALA W 92 -22.92 -1.54 3.10
N ALA W 93 -24.03 -0.79 3.08
CA ALA W 93 -24.07 0.50 3.76
C ALA W 93 -23.74 0.35 5.24
N ALA W 94 -24.22 -0.74 5.86
CA ALA W 94 -23.88 -1.00 7.26
C ALA W 94 -22.38 -1.16 7.45
N MET W 95 -21.72 -1.88 6.53
CA MET W 95 -20.27 -2.03 6.58
C MET W 95 -19.57 -0.71 6.35
N GLN W 96 -20.25 0.27 5.78
CA GLN W 96 -19.72 1.62 5.66
C GLN W 96 -20.21 2.55 6.78
N GLY W 97 -20.79 2.03 7.85
CA GLY W 97 -21.16 2.84 8.99
C GLY W 97 -22.63 3.21 9.10
N LEU W 98 -23.44 2.97 8.08
CA LEU W 98 -24.88 3.23 8.18
C LEU W 98 -25.60 1.97 8.66
N LEU W 99 -25.42 1.70 9.96
CA LEU W 99 -25.88 0.46 10.56
C LEU W 99 -27.29 0.60 11.14
N ALA W 100 -28.08 -0.48 11.03
CA ALA W 100 -29.43 -0.51 11.60
C ALA W 100 -29.72 -1.96 12.00
N LEU W 101 -29.64 -2.24 13.30
CA LEU W 101 -29.93 -3.55 13.86
C LEU W 101 -31.27 -3.53 14.58
N PRO W 102 -32.32 -4.11 14.02
CA PRO W 102 -33.62 -4.12 14.70
C PRO W 102 -33.77 -5.25 15.71
N LEU W 103 -34.78 -5.07 16.55
CA LEU W 103 -35.24 -6.05 17.53
C LEU W 103 -36.76 -5.95 17.49
N LEU W 104 -37.42 -7.08 17.29
CA LEU W 104 -38.83 -7.10 16.91
C LEU W 104 -39.64 -7.77 18.00
N ALA W 105 -40.67 -7.11 18.48
CA ALA W 105 -41.55 -7.69 19.47
C ALA W 105 -42.97 -7.67 18.94
N GLY W 106 -43.75 -8.70 19.29
CA GLY W 106 -45.11 -8.72 18.77
C GLY W 106 -45.94 -9.78 19.44
N TYR W 107 -47.24 -9.70 19.18
CA TYR W 107 -48.23 -10.64 19.67
C TYR W 107 -48.93 -11.24 18.46
N ASP W 108 -48.89 -12.57 18.34
CA ASP W 108 -49.37 -13.28 17.14
C ASP W 108 -50.81 -13.72 17.37
N ILE W 109 -51.76 -12.95 16.85
CA ILE W 109 -53.17 -13.30 16.99
C ILE W 109 -53.53 -14.62 16.33
N HIS W 110 -52.62 -15.26 15.58
CA HIS W 110 -52.87 -16.58 15.02
C HIS W 110 -52.14 -17.69 15.76
N ALA W 111 -51.60 -17.43 16.94
CA ALA W 111 -50.98 -18.51 17.68
C ALA W 111 -52.06 -19.36 18.36
N SER W 112 -51.68 -20.60 18.70
CA SER W 112 -52.62 -21.52 19.31
C SER W 112 -53.03 -21.04 20.70
N ASP W 113 -52.05 -20.91 21.60
CA ASP W 113 -52.34 -20.45 22.96
C ASP W 113 -52.05 -18.96 23.07
N PRO W 114 -53.07 -18.11 23.16
CA PRO W 114 -52.81 -16.65 23.30
C PRO W 114 -51.99 -16.26 24.52
N GLN W 115 -51.72 -17.18 25.46
CA GLN W 115 -50.84 -16.81 26.56
C GLN W 115 -49.37 -17.01 26.23
N SER W 116 -49.05 -17.81 25.22
CA SER W 116 -47.71 -17.92 24.67
C SER W 116 -47.64 -17.36 23.25
N ALA W 117 -48.57 -16.46 22.90
CA ALA W 117 -48.57 -15.79 21.61
C ALA W 117 -47.54 -14.66 21.55
N GLY W 118 -46.89 -14.36 22.67
CA GLY W 118 -45.79 -13.42 22.65
C GLY W 118 -44.66 -13.89 21.74
N ARG W 119 -44.01 -12.91 21.12
CA ARG W 119 -42.96 -13.16 20.15
C ARG W 119 -41.85 -12.13 20.34
N ILE W 120 -40.60 -12.63 20.40
CA ILE W 120 -39.41 -11.79 20.41
C ILE W 120 -38.45 -12.32 19.36
N VAL W 121 -38.09 -11.47 18.40
CA VAL W 121 -37.26 -11.82 17.26
C VAL W 121 -36.03 -10.93 17.28
N SER W 122 -34.85 -11.54 17.34
CA SER W 122 -33.62 -10.79 17.22
C SER W 122 -32.98 -11.05 15.87
N PHE W 123 -32.14 -10.11 15.44
CA PHE W 123 -31.54 -10.10 14.11
C PHE W 123 -30.05 -9.85 14.25
N ASP W 124 -29.31 -10.18 13.20
CA ASP W 124 -27.90 -9.76 13.07
C ASP W 124 -27.80 -8.86 11.84
N ALA W 125 -26.60 -8.32 11.61
CA ALA W 125 -26.44 -7.38 10.51
C ALA W 125 -26.68 -8.00 9.13
N ALA W 126 -26.59 -9.32 9.00
CA ALA W 126 -27.05 -10.00 7.78
C ALA W 126 -28.57 -10.20 7.89
N GLY W 127 -29.18 -10.85 6.93
CA GLY W 127 -30.62 -11.02 7.19
C GLY W 127 -30.97 -11.93 8.36
N GLY W 128 -29.98 -12.50 9.05
CA GLY W 128 -30.25 -13.62 9.95
C GLY W 128 -31.15 -13.22 11.11
N TRP W 129 -32.04 -14.13 11.49
CA TRP W 129 -32.96 -13.88 12.58
C TRP W 129 -33.15 -15.13 13.44
N ASN W 130 -33.69 -14.91 14.64
CA ASN W 130 -34.00 -15.99 15.57
C ASN W 130 -35.18 -15.57 16.44
N ILE W 131 -36.12 -16.50 16.64
CA ILE W 131 -37.24 -16.28 17.54
C ILE W 131 -36.80 -16.70 18.94
N GLU W 132 -36.82 -15.75 19.88
CA GLU W 132 -36.28 -15.98 21.22
C GLU W 132 -37.24 -16.84 22.04
N GLU W 133 -36.73 -17.95 22.57
CA GLU W 133 -37.52 -18.83 23.40
C GLU W 133 -37.19 -18.72 24.88
N GLU W 134 -36.22 -17.90 25.28
CA GLU W 134 -35.84 -17.77 26.68
C GLU W 134 -36.37 -16.50 27.32
N GLY W 135 -37.22 -15.73 26.63
CA GLY W 135 -38.08 -14.77 27.27
C GLY W 135 -37.64 -13.32 27.20
N TYR W 136 -36.39 -13.06 26.83
CA TYR W 136 -35.89 -11.71 26.80
C TYR W 136 -34.77 -11.63 25.77
N GLN W 137 -34.44 -10.42 25.38
CA GLN W 137 -33.44 -10.15 24.36
C GLN W 137 -33.19 -8.65 24.35
N ALA W 138 -32.10 -8.24 23.72
CA ALA W 138 -31.71 -6.84 23.72
C ALA W 138 -30.76 -6.60 22.54
N VAL W 139 -30.76 -5.37 22.04
CA VAL W 139 -29.93 -4.95 20.93
C VAL W 139 -29.31 -3.59 21.25
N GLY W 140 -28.13 -3.32 20.71
CA GLY W 140 -27.45 -2.06 20.94
C GLY W 140 -26.20 -2.24 21.80
N SER W 141 -25.44 -1.15 21.88
CA SER W 141 -24.15 -1.13 22.57
C SER W 141 -24.24 -1.49 24.05
N GLY W 142 -25.44 -1.45 24.64
CA GLY W 142 -25.64 -1.95 25.98
C GLY W 142 -26.25 -3.33 26.07
N SER W 143 -26.44 -4.03 24.93
CA SER W 143 -27.26 -5.22 24.96
C SER W 143 -26.68 -6.30 25.87
N LEU W 144 -25.38 -6.45 25.97
CA LEU W 144 -24.79 -7.40 26.90
C LEU W 144 -25.01 -7.10 28.37
N PHE W 145 -24.81 -5.90 28.81
CA PHE W 145 -25.16 -5.55 30.18
C PHE W 145 -26.64 -5.81 30.44
N ALA W 146 -27.50 -5.36 29.53
CA ALA W 146 -28.94 -5.49 29.75
C ALA W 146 -29.35 -6.96 29.78
N LYS W 147 -28.85 -7.77 28.86
CA LYS W 147 -29.26 -9.18 28.86
C LYS W 147 -28.75 -9.91 30.10
N SER W 148 -27.58 -9.53 30.62
CA SER W 148 -27.06 -10.20 31.81
C SER W 148 -27.82 -9.77 33.05
N SER W 149 -28.26 -8.51 33.10
CA SER W 149 -29.19 -8.07 34.13
C SER W 149 -30.49 -8.86 34.08
N MET W 150 -31.09 -8.94 32.88
CA MET W 150 -32.36 -9.65 32.76
C MET W 150 -32.19 -11.13 33.05
N LYS W 151 -31.00 -11.69 32.83
CA LYS W 151 -30.83 -13.10 33.15
C LYS W 151 -31.05 -13.35 34.63
N LYS W 152 -30.73 -12.37 35.47
CA LYS W 152 -30.94 -12.46 36.90
C LYS W 152 -32.31 -11.99 37.35
N LEU W 153 -32.97 -11.10 36.60
CA LEU W 153 -34.25 -10.56 37.03
C LEU W 153 -35.46 -11.27 36.40
N TYR W 154 -35.27 -12.10 35.38
CA TYR W 154 -36.42 -12.57 34.61
C TYR W 154 -37.35 -13.43 35.46
N SER W 155 -36.81 -14.18 36.43
CA SER W 155 -37.65 -15.00 37.29
C SER W 155 -38.74 -14.20 37.99
N GLN W 156 -38.55 -12.89 38.16
CA GLN W 156 -39.57 -12.05 38.78
C GLN W 156 -40.73 -11.72 37.84
N VAL W 157 -40.58 -11.92 36.54
CA VAL W 157 -41.58 -11.49 35.59
C VAL W 157 -42.73 -12.50 35.63
N THR W 158 -43.90 -12.06 36.10
CA THR W 158 -45.09 -12.89 36.09
C THR W 158 -46.25 -12.24 35.38
N ASP W 159 -46.13 -10.97 34.99
CA ASP W 159 -47.18 -10.25 34.28
C ASP W 159 -46.54 -9.01 33.66
N GLY W 160 -47.38 -8.20 33.00
CA GLY W 160 -46.87 -7.03 32.32
C GLY W 160 -46.29 -5.97 33.24
N ASP W 161 -46.77 -5.88 34.48
CA ASP W 161 -46.18 -4.90 35.41
C ASP W 161 -44.73 -5.26 35.73
N SER W 162 -44.52 -6.49 36.21
CA SER W 162 -43.17 -6.94 36.50
C SER W 162 -42.33 -7.03 35.23
N GLY W 163 -42.96 -7.31 34.09
CA GLY W 163 -42.23 -7.29 32.84
C GLY W 163 -41.70 -5.91 32.51
N LEU W 164 -42.54 -4.90 32.70
CA LEU W 164 -42.13 -3.54 32.41
C LEU W 164 -41.06 -3.07 33.40
N ARG W 165 -41.20 -3.47 34.67
CA ARG W 165 -40.17 -3.11 35.64
C ARG W 165 -38.83 -3.74 35.28
N VAL W 166 -38.81 -5.05 35.06
CA VAL W 166 -37.56 -5.71 34.67
C VAL W 166 -36.98 -5.08 33.40
N ALA W 167 -37.83 -4.66 32.45
CA ALA W 167 -37.31 -4.02 31.25
C ALA W 167 -36.65 -2.68 31.58
N VAL W 168 -37.30 -1.86 32.41
CA VAL W 168 -36.74 -0.55 32.71
C VAL W 168 -35.46 -0.68 33.51
N GLU W 169 -35.40 -1.67 34.40
CA GLU W 169 -34.20 -1.88 35.20
C GLU W 169 -33.06 -2.47 34.40
N ALA W 170 -33.37 -3.28 33.38
CA ALA W 170 -32.31 -3.71 32.46
C ALA W 170 -31.76 -2.52 31.71
N LEU W 171 -32.62 -1.60 31.25
CA LEU W 171 -32.13 -0.37 30.64
C LEU W 171 -31.32 0.48 31.62
N TYR W 172 -31.68 0.42 32.91
CA TYR W 172 -30.92 1.16 33.92
C TYR W 172 -29.51 0.58 34.06
N ASP W 173 -29.39 -0.74 34.17
CA ASP W 173 -28.08 -1.35 34.26
C ASP W 173 -27.26 -1.04 33.01
N ALA W 174 -27.88 -1.18 31.83
CA ALA W 174 -27.23 -0.82 30.59
C ALA W 174 -26.64 0.58 30.66
N ALA W 175 -27.50 1.57 30.92
CA ALA W 175 -27.00 2.95 31.01
C ALA W 175 -25.90 3.08 32.05
N ASP W 176 -25.95 2.26 33.10
CA ASP W 176 -24.98 2.29 34.18
C ASP W 176 -23.58 1.89 33.71
N ASP W 177 -23.48 0.94 32.76
CA ASP W 177 -22.18 0.51 32.26
C ASP W 177 -21.81 1.00 30.85
N ASP W 178 -22.74 1.62 30.13
CA ASP W 178 -22.54 2.04 28.74
C ASP W 178 -22.91 3.52 28.62
N SER W 179 -21.90 4.36 28.34
CA SER W 179 -22.10 5.81 28.24
C SER W 179 -22.90 6.22 27.01
N ALA W 180 -23.01 5.35 26.00
CA ALA W 180 -23.84 5.60 24.84
C ALA W 180 -25.26 5.13 25.04
N THR W 181 -25.58 4.66 26.24
CA THR W 181 -26.95 4.40 26.66
C THR W 181 -27.29 5.40 27.76
N GLY W 182 -28.42 6.09 27.60
CA GLY W 182 -28.82 7.12 28.55
C GLY W 182 -29.72 6.57 29.62
N GLY W 183 -29.36 6.81 30.88
CA GLY W 183 -30.22 6.51 32.00
C GLY W 183 -31.36 7.51 32.12
N PRO W 184 -32.25 7.24 33.07
CA PRO W 184 -33.34 8.19 33.34
C PRO W 184 -32.78 9.55 33.74
N ASP W 185 -33.31 10.61 33.14
CA ASP W 185 -32.93 11.97 33.49
C ASP W 185 -34.00 12.58 34.41
N LEU W 186 -33.72 12.63 35.71
CA LEU W 186 -34.70 13.17 36.65
C LEU W 186 -34.78 14.68 36.62
N VAL W 187 -33.74 15.36 36.14
CA VAL W 187 -33.77 16.82 36.08
C VAL W 187 -34.67 17.28 34.95
N ARG W 188 -34.54 16.65 33.78
CA ARG W 188 -35.34 17.01 32.61
C ARG W 188 -36.66 16.26 32.51
N GLY W 189 -36.87 15.22 33.31
CA GLY W 189 -38.07 14.42 33.15
C GLY W 189 -38.14 13.70 31.82
N ILE W 190 -37.05 13.01 31.48
CA ILE W 190 -36.95 12.24 30.25
C ILE W 190 -36.63 10.81 30.64
N PHE W 191 -37.43 9.88 30.14
CA PHE W 191 -37.32 8.49 30.53
C PHE W 191 -37.37 7.61 29.29
N PRO W 192 -36.83 6.39 29.37
CA PRO W 192 -37.01 5.44 28.27
C PRO W 192 -38.46 5.36 27.86
N THR W 193 -38.69 5.02 26.58
CA THR W 193 -40.04 4.75 26.10
C THR W 193 -40.27 3.23 26.14
N ALA W 194 -41.54 2.86 26.20
CA ALA W 194 -41.92 1.46 26.21
C ALA W 194 -43.24 1.27 25.47
N VAL W 195 -43.36 0.10 24.87
CA VAL W 195 -44.57 -0.36 24.21
C VAL W 195 -44.91 -1.72 24.85
N ILE W 196 -46.18 -1.93 25.16
CA ILE W 196 -46.65 -3.24 25.62
C ILE W 196 -47.65 -3.75 24.60
N ILE W 197 -47.58 -5.05 24.33
CA ILE W 197 -48.43 -5.68 23.34
C ILE W 197 -49.04 -6.91 23.98
N ASP W 198 -50.37 -7.00 23.95
CA ASP W 198 -51.10 -8.20 24.33
C ASP W 198 -52.23 -8.38 23.32
N ALA W 199 -53.22 -9.20 23.65
CA ALA W 199 -54.29 -9.48 22.70
C ALA W 199 -55.12 -8.23 22.36
N ASP W 200 -55.09 -7.20 23.19
CA ASP W 200 -55.79 -5.97 22.83
C ASP W 200 -54.99 -5.07 21.90
N GLY W 201 -53.72 -5.36 21.66
CA GLY W 201 -52.89 -4.59 20.76
C GLY W 201 -51.62 -4.06 21.43
N ALA W 202 -50.96 -3.17 20.68
CA ALA W 202 -49.75 -2.46 21.11
C ALA W 202 -50.15 -1.07 21.60
N VAL W 203 -49.57 -0.67 22.74
CA VAL W 203 -49.83 0.65 23.29
C VAL W 203 -48.53 1.21 23.87
N ASP W 204 -48.37 2.51 23.70
CA ASP W 204 -47.28 3.25 24.32
C ASP W 204 -47.48 3.31 25.81
N VAL W 205 -46.49 2.87 26.56
CA VAL W 205 -46.56 3.06 28.01
C VAL W 205 -46.48 4.55 28.31
N PRO W 206 -47.40 5.11 29.10
CA PRO W 206 -47.31 6.54 29.41
C PRO W 206 -46.06 6.85 30.20
N GLU W 207 -45.51 8.05 29.95
CA GLU W 207 -44.20 8.40 30.49
C GLU W 207 -44.17 8.31 32.00
N SER W 208 -45.28 8.66 32.65
CA SER W 208 -45.29 8.74 34.10
C SER W 208 -45.13 7.37 34.75
N ARG W 209 -45.65 6.32 34.12
CA ARG W 209 -45.45 4.97 34.64
C ARG W 209 -43.97 4.60 34.61
N ILE W 210 -43.28 4.93 33.51
CA ILE W 210 -41.84 4.68 33.41
C ILE W 210 -41.08 5.50 34.43
N ALA W 211 -41.57 6.73 34.67
CA ALA W 211 -40.91 7.61 35.64
C ALA W 211 -40.97 7.01 37.03
N GLU W 212 -42.14 6.57 37.47
CA GLU W 212 -42.20 6.04 38.82
C GLU W 212 -41.46 4.71 38.94
N LEU W 213 -41.44 3.90 37.88
CA LEU W 213 -40.57 2.71 37.93
C LEU W 213 -39.12 3.12 38.09
N ALA W 214 -38.66 4.11 37.31
CA ALA W 214 -37.28 4.55 37.40
C ALA W 214 -36.94 5.06 38.81
N ARG W 215 -37.82 5.90 39.37
CA ARG W 215 -37.59 6.39 40.73
C ARG W 215 -37.49 5.23 41.71
N ALA W 216 -38.39 4.26 41.60
CA ALA W 216 -38.34 3.09 42.49
C ALA W 216 -36.99 2.38 42.38
N ILE W 217 -36.52 2.15 41.16
CA ILE W 217 -35.24 1.46 40.97
C ILE W 217 -34.11 2.26 41.62
N ILE W 218 -34.07 3.56 41.34
CA ILE W 218 -33.00 4.40 41.90
C ILE W 218 -32.99 4.30 43.42
N GLU W 219 -34.16 4.49 44.05
CA GLU W 219 -34.21 4.42 45.51
C GLU W 219 -33.83 3.03 46.01
N SER W 220 -34.23 1.98 45.28
CA SER W 220 -33.74 0.65 45.61
C SER W 220 -32.22 0.64 45.70
N ARG W 221 -31.54 1.17 44.68
CA ARG W 221 -30.08 1.13 44.62
C ARG W 221 -29.41 2.11 45.57
N SER W 222 -30.13 3.13 46.06
CA SER W 222 -29.52 4.01 47.05
C SER W 222 -29.56 3.42 48.45
N GLY W 223 -30.53 2.57 48.73
CA GLY W 223 -30.67 1.92 50.02
C GLY W 223 -31.81 0.91 50.11
N THR X 1 -18.19 28.47 10.67
CA THR X 1 -19.55 29.01 10.67
C THR X 1 -20.27 28.81 12.00
N THR X 2 -21.23 29.69 12.30
CA THR X 2 -22.18 29.46 13.37
C THR X 2 -23.55 29.95 12.93
N ILE X 3 -24.53 29.06 12.96
CA ILE X 3 -25.94 29.41 12.80
C ILE X 3 -26.64 29.07 14.10
N VAL X 4 -27.45 29.99 14.61
CA VAL X 4 -28.21 29.73 15.82
C VAL X 4 -29.70 29.88 15.51
N ALA X 5 -30.52 29.19 16.30
CA ALA X 5 -31.96 29.33 16.24
C ALA X 5 -32.51 29.18 17.65
N LEU X 6 -33.48 30.03 18.01
CA LEU X 6 -34.07 29.88 19.34
C LEU X 6 -35.53 30.29 19.29
N LYS X 7 -36.30 29.71 20.22
CA LYS X 7 -37.73 29.96 20.32
C LYS X 7 -37.98 31.05 21.35
N TYR X 8 -38.85 31.98 20.99
CA TYR X 8 -39.36 32.93 21.97
C TYR X 8 -40.88 32.85 21.96
N PRO X 9 -41.53 33.43 22.98
CA PRO X 9 -43.00 33.31 23.07
C PRO X 9 -43.69 33.77 21.81
N GLY X 10 -44.26 32.83 21.06
CA GLY X 10 -45.00 33.14 19.86
C GLY X 10 -44.21 33.16 18.58
N GLY X 11 -42.94 32.77 18.60
CA GLY X 11 -42.17 32.85 17.37
C GLY X 11 -40.82 32.22 17.55
N VAL X 12 -40.03 32.30 16.47
CA VAL X 12 -38.72 31.73 16.39
C VAL X 12 -37.77 32.74 15.75
N VAL X 13 -36.49 32.67 16.11
CA VAL X 13 -35.45 33.52 15.53
C VAL X 13 -34.30 32.64 15.04
N MET X 14 -33.76 32.95 13.86
CA MET X 14 -32.53 32.34 13.39
C MET X 14 -31.53 33.41 12.97
N ALA X 15 -30.25 33.18 13.27
CA ALA X 15 -29.19 34.16 13.00
C ALA X 15 -27.92 33.47 12.55
N GLY X 16 -27.22 34.05 11.58
CA GLY X 16 -26.02 33.44 11.04
C GLY X 16 -24.91 34.44 10.83
N ASP X 17 -23.67 33.96 10.99
CA ASP X 17 -22.49 34.78 10.81
C ASP X 17 -22.20 34.98 9.32
N ARG X 18 -21.11 35.68 8.99
CA ARG X 18 -20.89 36.18 7.63
C ARG X 18 -19.57 35.73 7.02
N ARG X 19 -18.84 34.83 7.66
CA ARG X 19 -17.45 34.56 7.29
C ARG X 19 -17.32 33.38 6.34
N SER X 20 -16.38 33.48 5.42
CA SER X 20 -16.03 32.39 4.52
C SER X 20 -14.51 32.25 4.50
N THR X 21 -14.02 31.02 4.65
CA THR X 21 -12.59 30.74 4.75
C THR X 21 -12.21 29.61 3.80
N GLN X 22 -10.92 29.59 3.46
CA GLN X 22 -10.26 28.46 2.82
C GLN X 22 -9.04 28.16 3.67
N GLY X 23 -9.15 27.17 4.54
CA GLY X 23 -8.12 27.00 5.53
C GLY X 23 -8.07 28.23 6.39
N ASN X 24 -6.87 28.80 6.52
CA ASN X 24 -6.69 29.95 7.40
C ASN X 24 -7.14 31.24 6.74
N MET X 25 -7.12 31.29 5.41
CA MET X 25 -7.39 32.56 4.73
C MET X 25 -8.87 32.89 4.77
N ILE X 26 -9.16 34.15 5.07
CA ILE X 26 -10.51 34.67 4.96
C ILE X 26 -10.81 34.89 3.48
N SER X 27 -11.85 34.22 2.96
CA SER X 27 -12.23 34.37 1.58
C SER X 27 -13.55 35.12 1.38
N GLY X 28 -14.24 35.48 2.46
CA GLY X 28 -15.47 36.24 2.33
C GLY X 28 -15.91 36.87 3.62
N ARG X 29 -16.36 38.12 3.56
CA ARG X 29 -16.82 38.84 4.74
C ARG X 29 -18.32 39.06 4.80
N ASP X 30 -19.04 38.79 3.71
CA ASP X 30 -20.45 39.18 3.66
C ASP X 30 -21.35 38.04 3.19
N VAL X 31 -20.88 36.80 3.23
CA VAL X 31 -21.69 35.70 2.74
C VAL X 31 -22.98 35.57 3.58
N ARG X 32 -24.03 35.09 2.94
CA ARG X 32 -25.35 34.96 3.56
C ARG X 32 -25.63 33.47 3.75
N LYS X 33 -25.87 33.08 5.01
CA LYS X 33 -26.01 31.67 5.36
C LYS X 33 -27.38 31.34 5.91
N VAL X 34 -28.24 32.35 6.07
CA VAL X 34 -29.57 32.17 6.61
C VAL X 34 -30.55 32.66 5.57
N TYR X 35 -31.46 31.79 5.15
CA TYR X 35 -32.38 32.09 4.07
C TYR X 35 -33.82 31.89 4.52
N ILE X 36 -34.69 32.78 4.04
CA ILE X 36 -36.14 32.58 4.15
C ILE X 36 -36.51 31.59 3.07
N THR X 37 -36.86 30.37 3.47
CA THR X 37 -37.16 29.35 2.48
C THR X 37 -38.64 29.29 2.13
N ASP X 38 -39.52 29.80 2.99
CA ASP X 38 -40.89 30.08 2.56
C ASP X 38 -41.52 31.02 3.59
N ASP X 39 -42.80 31.35 3.36
CA ASP X 39 -43.48 32.34 4.19
C ASP X 39 -43.29 32.09 5.68
N TYR X 40 -43.06 30.85 6.09
CA TYR X 40 -42.99 30.51 7.50
C TYR X 40 -41.72 29.72 7.84
N THR X 41 -40.79 29.60 6.91
CA THR X 41 -39.65 28.72 7.13
C THR X 41 -38.35 29.43 6.79
N ALA X 42 -37.36 29.30 7.68
CA ALA X 42 -35.98 29.77 7.49
C ALA X 42 -35.02 28.58 7.58
N THR X 43 -34.03 28.57 6.69
CA THR X 43 -32.99 27.55 6.69
C THR X 43 -31.63 28.19 6.84
N GLY X 44 -30.79 27.64 7.71
CA GLY X 44 -29.42 28.09 7.85
C GLY X 44 -28.47 26.92 7.68
N ILE X 45 -27.47 27.01 6.82
CA ILE X 45 -26.66 25.84 6.50
C ILE X 45 -25.19 26.17 6.70
N ALA X 46 -24.48 25.24 7.34
CA ALA X 46 -23.04 25.32 7.44
C ALA X 46 -22.41 24.31 6.49
N GLY X 47 -21.09 24.43 6.30
CA GLY X 47 -20.37 23.51 5.43
C GLY X 47 -19.78 24.21 4.21
N THR X 48 -19.67 23.45 3.12
CA THR X 48 -19.15 24.00 1.88
C THR X 48 -20.11 25.05 1.32
N ALA X 49 -19.59 26.25 1.05
CA ALA X 49 -20.44 27.38 0.69
C ALA X 49 -21.27 27.08 -0.54
N ALA X 50 -20.65 26.51 -1.57
CA ALA X 50 -21.41 26.20 -2.79
C ALA X 50 -22.57 25.27 -2.46
N VAL X 51 -22.29 24.24 -1.67
CA VAL X 51 -23.34 23.26 -1.45
C VAL X 51 -24.40 23.82 -0.52
N ALA X 52 -23.99 24.62 0.47
CA ALA X 52 -24.98 25.23 1.38
C ALA X 52 -25.95 26.12 0.61
N VAL X 53 -25.42 27.01 -0.24
CA VAL X 53 -26.29 27.94 -0.96
C VAL X 53 -27.17 27.16 -1.93
N GLU X 54 -26.57 26.25 -2.70
CA GLU X 54 -27.36 25.36 -3.56
C GLU X 54 -28.49 24.70 -2.77
N PHE X 55 -28.16 24.10 -1.62
CA PHE X 55 -29.17 23.44 -0.82
C PHE X 55 -30.33 24.38 -0.53
N ALA X 56 -30.03 25.61 -0.08
CA ALA X 56 -31.11 26.52 0.29
C ALA X 56 -31.98 26.90 -0.91
N ARG X 57 -31.35 27.13 -2.05
CA ARG X 57 -32.09 27.53 -3.23
C ARG X 57 -33.00 26.40 -3.72
N LEU X 58 -32.41 25.22 -3.89
CA LEU X 58 -33.19 24.07 -4.35
C LEU X 58 -34.34 23.77 -3.40
N TYR X 59 -34.07 23.81 -2.09
CA TYR X 59 -35.11 23.54 -1.09
C TYR X 59 -36.29 24.50 -1.24
N ALA X 60 -36.02 25.80 -1.16
CA ALA X 60 -37.09 26.78 -1.35
C ALA X 60 -37.90 26.46 -2.60
N VAL X 61 -37.21 26.18 -3.71
CA VAL X 61 -37.92 25.90 -4.94
C VAL X 61 -38.81 24.67 -4.78
N GLU X 62 -38.31 23.62 -4.15
CA GLU X 62 -39.08 22.39 -4.02
C GLU X 62 -40.38 22.62 -3.26
N LEU X 63 -40.30 23.31 -2.12
CA LEU X 63 -41.50 23.59 -1.34
C LEU X 63 -42.52 24.38 -2.15
N GLU X 64 -42.07 25.43 -2.84
CA GLU X 64 -43.02 26.18 -3.66
C GLU X 64 -43.54 25.34 -4.84
N HIS X 65 -42.76 24.37 -5.28
CA HIS X 65 -43.16 23.49 -6.37
C HIS X 65 -44.34 22.63 -5.96
N TYR X 66 -44.23 21.97 -4.80
CA TYR X 66 -45.35 21.25 -4.23
C TYR X 66 -46.55 22.17 -4.03
N GLU X 67 -46.30 23.35 -3.44
CA GLU X 67 -47.39 24.28 -3.15
C GLU X 67 -48.18 24.63 -4.41
N LYS X 68 -47.47 24.89 -5.52
CA LYS X 68 -48.18 25.25 -6.75
C LYS X 68 -48.84 24.04 -7.41
N LEU X 69 -48.18 22.88 -7.39
CA LEU X 69 -48.81 21.71 -8.02
C LEU X 69 -50.09 21.31 -7.28
N GLU X 70 -50.05 21.30 -5.95
CA GLU X 70 -51.12 20.71 -5.16
C GLU X 70 -52.05 21.75 -4.55
N GLY X 71 -51.76 23.03 -4.72
CA GLY X 71 -52.65 24.05 -4.21
C GLY X 71 -52.59 24.27 -2.72
N VAL X 72 -51.79 23.50 -2.00
CA VAL X 72 -51.60 23.70 -0.57
C VAL X 72 -50.13 23.41 -0.25
N PRO X 73 -49.54 24.08 0.72
CA PRO X 73 -48.14 23.78 1.07
C PRO X 73 -48.00 22.49 1.88
N LEU X 74 -46.76 21.99 1.93
CA LEU X 74 -46.47 20.80 2.72
C LEU X 74 -46.74 21.06 4.20
N THR X 75 -47.17 20.01 4.91
CA THR X 75 -47.15 20.07 6.35
C THR X 75 -45.72 20.35 6.82
N PHE X 76 -45.58 20.77 8.07
CA PHE X 76 -44.23 20.99 8.57
C PHE X 76 -43.42 19.70 8.55
N ALA X 77 -44.06 18.58 8.91
CA ALA X 77 -43.39 17.29 8.88
C ALA X 77 -42.84 16.99 7.49
N GLY X 78 -43.64 17.25 6.45
CA GLY X 78 -43.15 17.05 5.09
C GLY X 78 -41.93 17.89 4.76
N LYS X 79 -41.93 19.16 5.16
CA LYS X 79 -40.76 20.01 4.95
C LYS X 79 -39.52 19.41 5.60
N ILE X 80 -39.68 18.95 6.85
CA ILE X 80 -38.57 18.26 7.51
C ILE X 80 -38.09 17.08 6.68
N ASN X 81 -39.02 16.21 6.27
CA ASN X 81 -38.61 15.01 5.56
C ASN X 81 -37.87 15.35 4.27
N ARG X 82 -38.34 16.38 3.54
CA ARG X 82 -37.70 16.72 2.27
C ARG X 82 -36.28 17.21 2.50
N LEU X 83 -36.09 18.06 3.52
CA LEU X 83 -34.74 18.49 3.85
C LEU X 83 -33.86 17.29 4.23
N ALA X 84 -34.38 16.40 5.08
CA ALA X 84 -33.62 15.22 5.48
C ALA X 84 -33.18 14.42 4.26
N ILE X 85 -34.10 14.21 3.32
CA ILE X 85 -33.80 13.43 2.12
C ILE X 85 -32.71 14.12 1.31
N MET X 86 -32.82 15.44 1.15
CA MET X 86 -31.78 16.17 0.44
C MET X 86 -30.43 16.01 1.13
N VAL X 87 -30.41 16.03 2.46
CA VAL X 87 -29.14 15.85 3.16
C VAL X 87 -28.59 14.44 2.92
N ARG X 88 -29.46 13.43 3.00
CA ARG X 88 -28.99 12.06 2.80
C ARG X 88 -28.43 11.86 1.40
N GLY X 89 -29.09 12.42 0.39
CA GLY X 89 -28.63 12.22 -0.96
C GLY X 89 -27.23 12.72 -1.20
N ASN X 90 -26.78 13.67 -0.37
CA ASN X 90 -25.49 14.30 -0.52
C ASN X 90 -24.40 13.64 0.31
N LEU X 91 -24.68 12.49 0.93
CA LEU X 91 -23.76 11.95 1.93
C LEU X 91 -22.39 11.63 1.32
N ALA X 92 -22.37 10.90 0.20
CA ALA X 92 -21.10 10.58 -0.42
C ALA X 92 -20.29 11.85 -0.72
N ALA X 93 -20.92 12.82 -1.38
CA ALA X 93 -20.27 14.11 -1.60
C ALA X 93 -19.73 14.65 -0.29
N ALA X 94 -20.55 14.62 0.76
CA ALA X 94 -20.12 15.15 2.05
C ALA X 94 -18.86 14.44 2.56
N MET X 95 -18.81 13.11 2.44
CA MET X 95 -17.61 12.38 2.79
C MET X 95 -16.41 12.80 1.95
N GLN X 96 -16.63 13.33 0.75
CA GLN X 96 -15.55 13.80 -0.09
C GLN X 96 -15.28 15.29 0.04
N GLY X 97 -15.87 15.95 1.03
CA GLY X 97 -15.59 17.35 1.30
C GLY X 97 -16.68 18.34 0.95
N LEU X 98 -17.74 17.93 0.23
CA LEU X 98 -18.82 18.83 -0.15
C LEU X 98 -19.97 18.67 0.86
N LEU X 99 -19.79 19.31 2.01
CA LEU X 99 -20.66 19.13 3.17
C LEU X 99 -21.67 20.27 3.25
N ALA X 100 -22.92 19.93 3.57
CA ALA X 100 -23.97 20.91 3.83
C ALA X 100 -24.79 20.44 5.01
N LEU X 101 -24.60 21.07 6.17
CA LEU X 101 -25.32 20.72 7.40
C LEU X 101 -26.37 21.79 7.70
N PRO X 102 -27.67 21.52 7.55
CA PRO X 102 -28.66 22.55 7.82
C PRO X 102 -29.24 22.53 9.23
N LEU X 103 -29.80 23.68 9.58
CA LEU X 103 -30.60 23.91 10.78
C LEU X 103 -31.87 24.60 10.31
N LEU X 104 -33.02 24.09 10.73
CA LEU X 104 -34.33 24.51 10.25
C LEU X 104 -35.08 25.25 11.36
N ALA X 105 -35.67 26.39 11.04
CA ALA X 105 -36.52 27.10 11.97
C ALA X 105 -37.79 27.48 11.25
N GLY X 106 -38.91 27.44 11.95
CA GLY X 106 -40.15 27.74 11.25
C GLY X 106 -41.27 27.89 12.24
N TYR X 107 -42.39 28.40 11.72
CA TYR X 107 -43.62 28.57 12.48
C TYR X 107 -44.72 27.78 11.79
N ASP X 108 -45.41 26.94 12.56
CA ASP X 108 -46.35 25.95 12.02
C ASP X 108 -47.77 26.47 12.18
N ILE X 109 -48.35 26.97 11.09
CA ILE X 109 -49.71 27.49 11.14
C ILE X 109 -50.74 26.42 11.44
N HIS X 110 -50.34 25.15 11.54
CA HIS X 110 -51.27 24.08 11.92
C HIS X 110 -50.86 23.38 13.20
N ALA X 111 -49.94 23.96 13.97
CA ALA X 111 -49.66 23.41 15.27
C ALA X 111 -50.86 23.63 16.20
N SER X 112 -50.88 22.87 17.28
CA SER X 112 -51.94 23.00 18.29
C SER X 112 -51.98 24.39 18.92
N ASP X 113 -51.00 24.73 19.74
CA ASP X 113 -51.14 26.00 20.43
C ASP X 113 -50.38 27.12 19.70
N PRO X 114 -50.97 28.32 19.60
CA PRO X 114 -50.35 29.37 18.78
C PRO X 114 -49.03 29.94 19.33
N GLN X 115 -48.78 29.81 20.63
CA GLN X 115 -47.48 30.21 21.16
C GLN X 115 -46.47 29.07 21.12
N SER X 116 -46.94 27.82 21.10
CA SER X 116 -46.10 26.65 20.91
C SER X 116 -46.11 26.16 19.46
N ALA X 117 -46.26 27.07 18.51
CA ALA X 117 -46.17 26.73 17.09
C ALA X 117 -44.78 26.95 16.53
N GLY X 118 -43.83 27.41 17.35
CA GLY X 118 -42.48 27.56 16.89
C GLY X 118 -41.77 26.22 16.82
N ARG X 119 -40.92 26.07 15.80
CA ARG X 119 -40.22 24.82 15.53
C ARG X 119 -38.75 25.09 15.22
N ILE X 120 -37.90 24.26 15.79
CA ILE X 120 -36.47 24.26 15.51
C ILE X 120 -36.05 22.81 15.32
N VAL X 121 -35.46 22.50 14.16
CA VAL X 121 -35.16 21.15 13.74
C VAL X 121 -33.69 21.07 13.37
N SER X 122 -32.93 20.21 14.05
CA SER X 122 -31.53 20.02 13.72
C SER X 122 -31.34 18.72 12.95
N PHE X 123 -30.26 18.64 12.19
CA PHE X 123 -29.98 17.54 11.28
C PHE X 123 -28.54 17.07 11.45
N ASP X 124 -28.27 15.83 11.08
CA ASP X 124 -26.89 15.37 10.97
C ASP X 124 -26.57 15.03 9.53
N ALA X 125 -25.29 14.82 9.26
CA ALA X 125 -24.86 14.65 7.89
C ALA X 125 -25.50 13.43 7.24
N ALA X 126 -26.08 12.53 8.03
CA ALA X 126 -26.79 11.39 7.46
C ALA X 126 -28.27 11.67 7.20
N GLY X 127 -28.75 12.89 7.44
CA GLY X 127 -30.15 13.17 7.23
C GLY X 127 -31.07 12.87 8.40
N GLY X 128 -30.56 12.36 9.51
CA GLY X 128 -31.37 12.26 10.70
C GLY X 128 -31.72 13.64 11.23
N TRP X 129 -32.89 13.74 11.85
CA TRP X 129 -33.35 15.03 12.33
C TRP X 129 -33.93 14.89 13.73
N ASN X 130 -34.05 16.04 14.39
CA ASN X 130 -34.62 16.12 15.73
C ASN X 130 -35.32 17.44 15.88
N ILE X 131 -36.54 17.40 16.41
CA ILE X 131 -37.28 18.61 16.74
C ILE X 131 -36.87 19.00 18.16
N GLU X 132 -36.18 20.14 18.26
CA GLU X 132 -35.59 20.58 19.52
C GLU X 132 -36.66 21.07 20.48
N GLU X 133 -36.74 20.44 21.64
CA GLU X 133 -37.70 20.81 22.67
C GLU X 133 -37.11 21.74 23.73
N GLU X 134 -35.81 22.03 23.70
CA GLU X 134 -35.16 22.78 24.76
C GLU X 134 -34.93 24.25 24.40
N GLY X 135 -35.40 24.71 23.26
CA GLY X 135 -35.57 26.13 22.99
C GLY X 135 -34.60 26.71 21.97
N TYR X 136 -33.43 26.09 21.80
CA TYR X 136 -32.40 26.66 20.95
C TYR X 136 -31.55 25.54 20.36
N GLN X 137 -30.81 25.89 19.32
CA GLN X 137 -29.95 24.96 18.62
C GLN X 137 -28.92 25.75 17.82
N ALA X 138 -27.84 25.09 17.44
CA ALA X 138 -26.80 25.76 16.68
C ALA X 138 -26.11 24.74 15.78
N VAL X 139 -25.46 25.25 14.75
CA VAL X 139 -24.81 24.38 13.76
C VAL X 139 -23.60 25.11 13.18
N GLY X 140 -22.54 24.37 12.96
CA GLY X 140 -21.32 24.90 12.37
C GLY X 140 -20.12 24.74 13.29
N SER X 141 -18.97 25.18 12.79
CA SER X 141 -17.72 25.08 13.57
C SER X 141 -17.80 25.78 14.92
N GLY X 142 -18.67 26.78 15.09
CA GLY X 142 -18.83 27.43 16.37
C GLY X 142 -20.01 26.97 17.21
N SER X 143 -20.72 25.93 16.76
CA SER X 143 -22.04 25.63 17.33
C SER X 143 -21.96 25.21 18.80
N LEU X 144 -20.88 24.58 19.23
CA LEU X 144 -20.77 24.25 20.65
C LEU X 144 -20.64 25.51 21.51
N PHE X 145 -19.82 26.46 21.08
CA PHE X 145 -19.70 27.69 21.84
C PHE X 145 -21.03 28.45 21.90
N ALA X 146 -21.73 28.51 20.77
CA ALA X 146 -23.01 29.21 20.75
C ALA X 146 -24.04 28.51 21.62
N LYS X 147 -24.11 27.18 21.56
CA LYS X 147 -25.09 26.48 22.37
C LYS X 147 -24.75 26.60 23.86
N SER X 148 -23.47 26.54 24.23
CA SER X 148 -23.13 26.71 25.64
C SER X 148 -23.40 28.13 26.11
N SER X 149 -23.24 29.13 25.24
CA SER X 149 -23.66 30.49 25.61
C SER X 149 -25.17 30.56 25.84
N MET X 150 -25.95 30.14 24.83
CA MET X 150 -27.40 30.17 24.97
C MET X 150 -27.87 29.38 26.19
N LYS X 151 -27.15 28.32 26.56
CA LYS X 151 -27.56 27.58 27.76
C LYS X 151 -27.64 28.50 28.96
N LYS X 152 -26.74 29.49 29.05
CA LYS X 152 -26.72 30.40 30.18
C LYS X 152 -27.56 31.64 29.95
N LEU X 153 -27.83 32.01 28.71
CA LEU X 153 -28.56 33.25 28.43
C LEU X 153 -30.03 33.05 28.11
N TYR X 154 -30.50 31.81 27.92
CA TYR X 154 -31.83 31.63 27.34
C TYR X 154 -32.94 32.10 28.27
N SER X 155 -32.68 32.12 29.59
CA SER X 155 -33.67 32.61 30.53
C SER X 155 -33.99 34.08 30.32
N GLN X 156 -33.21 34.81 29.52
CA GLN X 156 -33.47 36.21 29.23
C GLN X 156 -34.40 36.41 28.05
N VAL X 157 -34.96 35.34 27.49
CA VAL X 157 -35.79 35.48 26.30
C VAL X 157 -37.23 35.58 26.77
N THR X 158 -37.80 36.77 26.71
CA THR X 158 -39.18 36.97 27.09
C THR X 158 -40.02 37.50 25.95
N ASP X 159 -39.40 37.90 24.85
CA ASP X 159 -40.10 38.39 23.67
C ASP X 159 -39.14 38.32 22.50
N GLY X 160 -39.63 38.68 21.33
CA GLY X 160 -38.81 38.57 20.14
C GLY X 160 -37.51 39.34 20.25
N ASP X 161 -37.55 40.51 20.87
CA ASP X 161 -36.37 41.37 20.86
C ASP X 161 -35.27 40.80 21.76
N SER X 162 -35.61 40.36 22.97
CA SER X 162 -34.61 39.72 23.80
C SER X 162 -34.08 38.42 23.15
N GLY X 163 -34.91 37.75 22.36
CA GLY X 163 -34.45 36.54 21.69
C GLY X 163 -33.47 36.86 20.58
N LEU X 164 -33.72 37.94 19.86
CA LEU X 164 -32.75 38.40 18.87
C LEU X 164 -31.44 38.80 19.53
N ARG X 165 -31.51 39.50 20.67
CA ARG X 165 -30.27 39.83 21.36
C ARG X 165 -29.52 38.59 21.78
N VAL X 166 -30.23 37.61 22.34
CA VAL X 166 -29.54 36.41 22.80
C VAL X 166 -28.92 35.68 21.61
N ALA X 167 -29.58 35.70 20.46
CA ALA X 167 -29.01 35.11 19.26
C ALA X 167 -27.72 35.82 18.84
N VAL X 168 -27.75 37.15 18.78
CA VAL X 168 -26.56 37.90 18.36
C VAL X 168 -25.43 37.74 19.37
N GLU X 169 -25.78 37.59 20.65
CA GLU X 169 -24.74 37.39 21.65
C GLU X 169 -24.10 36.02 21.48
N ALA X 170 -24.92 34.98 21.31
CA ALA X 170 -24.37 33.65 21.08
C ALA X 170 -23.48 33.64 19.85
N LEU X 171 -23.87 34.36 18.79
CA LEU X 171 -22.99 34.47 17.64
C LEU X 171 -21.70 35.19 18.02
N TYR X 172 -21.78 36.19 18.90
CA TYR X 172 -20.57 36.90 19.32
C TYR X 172 -19.63 35.95 20.06
N ASP X 173 -20.20 35.07 20.89
CA ASP X 173 -19.38 34.13 21.63
C ASP X 173 -18.74 33.10 20.70
N ALA X 174 -19.50 32.63 19.71
CA ALA X 174 -18.93 31.72 18.72
C ALA X 174 -17.72 32.35 18.03
N ALA X 175 -17.89 33.58 17.52
CA ALA X 175 -16.75 34.29 16.92
C ALA X 175 -15.62 34.47 17.92
N ASP X 176 -15.94 34.73 19.19
CA ASP X 176 -14.91 34.88 20.21
C ASP X 176 -13.99 33.66 20.23
N ASP X 177 -14.56 32.45 20.18
CA ASP X 177 -13.77 31.23 20.37
C ASP X 177 -13.46 30.44 19.09
N ASP X 178 -14.01 30.82 17.93
CA ASP X 178 -13.87 30.04 16.70
C ASP X 178 -13.49 30.97 15.56
N SER X 179 -12.35 30.71 14.94
CA SER X 179 -11.86 31.60 13.89
C SER X 179 -12.54 31.38 12.55
N ALA X 180 -13.37 30.35 12.41
CA ALA X 180 -14.14 30.19 11.17
C ALA X 180 -15.46 30.94 11.21
N THR X 181 -15.80 31.51 12.36
CA THR X 181 -16.99 32.32 12.56
C THR X 181 -16.58 33.77 12.68
N GLY X 182 -17.21 34.64 11.89
CA GLY X 182 -16.90 36.05 11.91
C GLY X 182 -17.79 36.79 12.89
N GLY X 183 -17.17 37.60 13.72
CA GLY X 183 -17.93 38.48 14.58
C GLY X 183 -18.34 39.74 13.84
N PRO X 184 -19.01 40.63 14.57
CA PRO X 184 -19.34 41.95 14.01
C PRO X 184 -18.09 42.69 13.54
N ASP X 185 -18.18 43.30 12.37
CA ASP X 185 -17.11 44.10 11.76
C ASP X 185 -17.55 45.56 11.81
N LEU X 186 -17.12 46.29 12.85
CA LEU X 186 -17.56 47.68 13.00
C LEU X 186 -16.93 48.56 11.94
N VAL X 187 -15.71 48.27 11.52
CA VAL X 187 -15.07 49.09 10.51
C VAL X 187 -15.85 49.05 9.20
N ARG X 188 -16.19 47.85 8.74
CA ARG X 188 -16.87 47.70 7.46
C ARG X 188 -18.38 47.81 7.56
N GLY X 189 -18.95 47.60 8.74
CA GLY X 189 -20.39 47.67 8.89
C GLY X 189 -21.13 46.41 8.50
N ILE X 190 -20.52 45.25 8.68
CA ILE X 190 -21.13 43.97 8.36
C ILE X 190 -21.50 43.27 9.66
N PHE X 191 -22.71 42.74 9.73
CA PHE X 191 -23.17 42.10 10.95
C PHE X 191 -23.87 40.80 10.60
N PRO X 192 -24.05 39.91 11.58
CA PRO X 192 -24.80 38.69 11.31
C PRO X 192 -26.16 39.00 10.74
N THR X 193 -26.68 38.07 9.92
CA THR X 193 -28.04 38.21 9.41
C THR X 193 -29.00 37.45 10.34
N ALA X 194 -30.26 37.83 10.28
CA ALA X 194 -31.26 37.26 11.17
C ALA X 194 -32.62 37.23 10.48
N VAL X 195 -33.34 36.15 10.69
CA VAL X 195 -34.74 36.04 10.29
C VAL X 195 -35.56 35.83 11.56
N ILE X 196 -36.73 36.45 11.60
CA ILE X 196 -37.67 36.32 12.70
C ILE X 196 -39.00 35.85 12.11
N ILE X 197 -39.58 34.82 12.72
CA ILE X 197 -40.82 34.22 12.23
C ILE X 197 -41.84 34.21 13.36
N ASP X 198 -43.03 34.75 13.12
CA ASP X 198 -44.15 34.57 14.04
C ASP X 198 -45.40 34.33 13.20
N ALA X 199 -46.57 34.48 13.81
CA ALA X 199 -47.82 34.21 13.12
C ALA X 199 -47.96 35.02 11.83
N ASP X 200 -47.33 36.19 11.75
CA ASP X 200 -47.41 37.02 10.55
C ASP X 200 -46.38 36.67 9.50
N GLY X 201 -45.64 35.59 9.68
CA GLY X 201 -44.69 35.12 8.70
C GLY X 201 -43.25 35.32 9.10
N ALA X 202 -42.37 35.22 8.11
CA ALA X 202 -40.93 35.27 8.30
C ALA X 202 -40.41 36.53 7.64
N VAL X 203 -39.73 37.37 8.42
CA VAL X 203 -39.20 38.64 7.93
C VAL X 203 -37.71 38.73 8.24
N ASP X 204 -36.97 39.33 7.32
CA ASP X 204 -35.58 39.66 7.54
C ASP X 204 -35.47 40.74 8.61
N VAL X 205 -34.61 40.50 9.60
CA VAL X 205 -34.33 41.55 10.58
C VAL X 205 -33.50 42.64 9.91
N PRO X 206 -33.86 43.91 10.07
CA PRO X 206 -33.02 44.98 9.48
C PRO X 206 -31.64 44.97 10.11
N GLU X 207 -30.64 45.25 9.28
CA GLU X 207 -29.26 45.28 9.75
C GLU X 207 -29.08 46.26 10.91
N SER X 208 -29.70 47.43 10.82
CA SER X 208 -29.54 48.46 11.85
C SER X 208 -29.84 47.93 13.24
N ARG X 209 -30.89 47.13 13.37
CA ARG X 209 -31.26 46.61 14.69
C ARG X 209 -30.20 45.65 15.21
N ILE X 210 -29.69 44.78 14.33
CA ILE X 210 -28.60 43.88 14.69
C ILE X 210 -27.37 44.67 15.09
N ALA X 211 -27.01 45.70 14.31
CA ALA X 211 -25.85 46.52 14.63
C ALA X 211 -25.98 47.15 16.01
N GLU X 212 -27.15 47.70 16.33
CA GLU X 212 -27.37 48.24 17.66
C GLU X 212 -27.14 47.19 18.74
N LEU X 213 -27.73 45.99 18.58
CA LEU X 213 -27.52 44.94 19.58
C LEU X 213 -26.04 44.57 19.70
N ALA X 214 -25.34 44.48 18.56
CA ALA X 214 -23.91 44.22 18.55
C ALA X 214 -23.16 45.27 19.35
N ARG X 215 -23.32 46.54 18.99
CA ARG X 215 -22.68 47.62 19.74
C ARG X 215 -22.98 47.49 21.24
N ALA X 216 -24.20 47.09 21.59
CA ALA X 216 -24.50 46.94 23.02
C ALA X 216 -23.64 45.85 23.65
N ILE X 217 -23.58 44.67 23.01
CA ILE X 217 -22.81 43.56 23.57
C ILE X 217 -21.33 43.94 23.71
N ILE X 218 -20.76 44.55 22.68
CA ILE X 218 -19.36 44.97 22.72
C ILE X 218 -19.14 45.97 23.85
N GLU X 219 -19.98 47.01 23.92
CA GLU X 219 -19.87 47.98 25.00
C GLU X 219 -19.96 47.30 26.37
N SER X 220 -20.85 46.34 26.51
CA SER X 220 -21.06 45.66 27.77
C SER X 220 -19.90 44.74 28.16
N ARG X 221 -19.07 44.31 27.21
CA ARG X 221 -17.95 43.45 27.58
C ARG X 221 -16.65 44.21 27.78
N SER X 222 -16.59 45.49 27.41
CA SER X 222 -15.42 46.33 27.66
C SER X 222 -15.29 46.82 29.11
N THR Y 1 -0.50 32.47 -13.09
CA THR Y 1 -1.50 33.41 -13.61
C THR Y 1 -1.89 34.42 -12.55
N THR Y 2 -2.22 35.64 -12.98
CA THR Y 2 -3.06 36.52 -12.18
C THR Y 2 -4.07 37.20 -13.11
N ILE Y 3 -5.35 37.12 -12.74
CA ILE Y 3 -6.42 37.93 -13.32
C ILE Y 3 -6.91 38.88 -12.23
N VAL Y 4 -7.10 40.15 -12.59
CA VAL Y 4 -7.70 41.10 -11.65
C VAL Y 4 -8.94 41.70 -12.31
N ALA Y 5 -9.88 42.14 -11.47
CA ALA Y 5 -11.07 42.89 -11.91
C ALA Y 5 -11.39 43.94 -10.84
N LEU Y 6 -11.97 45.06 -11.27
CA LEU Y 6 -12.32 46.08 -10.29
C LEU Y 6 -13.35 47.03 -10.86
N LYS Y 7 -14.14 47.61 -9.97
CA LYS Y 7 -15.15 48.59 -10.34
C LYS Y 7 -14.55 49.98 -10.33
N TYR Y 8 -14.96 50.80 -11.28
CA TYR Y 8 -14.76 52.23 -11.24
C TYR Y 8 -16.10 52.89 -11.52
N PRO Y 9 -16.26 54.17 -11.20
CA PRO Y 9 -17.57 54.80 -11.33
C PRO Y 9 -18.20 54.59 -12.70
N GLY Y 10 -19.26 53.79 -12.74
CA GLY Y 10 -19.95 53.53 -14.00
C GLY Y 10 -19.32 52.47 -14.88
N GLY Y 11 -18.68 51.45 -14.32
CA GLY Y 11 -18.13 50.41 -15.16
C GLY Y 11 -17.11 49.57 -14.43
N VAL Y 12 -16.54 48.64 -15.17
CA VAL Y 12 -15.68 47.62 -14.59
C VAL Y 12 -14.53 47.34 -15.54
N VAL Y 13 -13.39 46.91 -14.99
CA VAL Y 13 -12.19 46.64 -15.78
C VAL Y 13 -11.62 45.29 -15.34
N MET Y 14 -11.13 44.52 -16.31
CA MET Y 14 -10.49 43.24 -16.04
C MET Y 14 -9.19 43.14 -16.82
N ALA Y 15 -8.12 42.67 -16.18
CA ALA Y 15 -6.83 42.52 -16.85
C ALA Y 15 -6.21 41.17 -16.49
N GLY Y 16 -5.41 40.63 -17.39
CA GLY Y 16 -4.76 39.36 -17.16
C GLY Y 16 -3.40 39.28 -17.81
N ASP Y 17 -2.52 38.47 -17.21
CA ASP Y 17 -1.16 38.32 -17.68
C ASP Y 17 -1.10 37.38 -18.88
N ARG Y 18 0.12 37.14 -19.35
CA ARG Y 18 0.32 36.44 -20.61
C ARG Y 18 1.19 35.19 -20.51
N ARG Y 19 1.48 34.71 -19.31
CA ARG Y 19 2.45 33.65 -19.16
C ARG Y 19 1.81 32.27 -19.18
N SER Y 20 2.53 31.31 -19.73
CA SER Y 20 2.12 29.92 -19.77
C SER Y 20 3.31 29.08 -19.33
N THR Y 21 3.11 28.21 -18.34
CA THR Y 21 4.25 27.47 -17.80
C THR Y 21 3.99 25.97 -17.76
N GLN Y 22 5.11 25.24 -17.70
CA GLN Y 22 5.12 23.80 -17.39
C GLN Y 22 6.19 23.57 -16.34
N GLY Y 23 5.80 23.61 -15.08
CA GLY Y 23 6.79 23.56 -14.01
C GLY Y 23 7.52 24.88 -14.00
N ASN Y 24 8.84 24.82 -14.00
CA ASN Y 24 9.64 26.04 -14.08
C ASN Y 24 9.72 26.60 -15.49
N MET Y 25 9.51 25.77 -16.51
CA MET Y 25 9.78 26.20 -17.88
C MET Y 25 8.67 27.11 -18.40
N ILE Y 26 9.08 28.16 -19.08
CA ILE Y 26 8.15 29.09 -19.69
C ILE Y 26 7.77 28.50 -21.06
N SER Y 27 6.51 28.14 -21.22
CA SER Y 27 6.01 27.52 -22.43
C SER Y 27 5.25 28.49 -23.32
N GLY Y 28 4.92 29.69 -22.81
CA GLY Y 28 4.18 30.65 -23.61
C GLY Y 28 4.32 32.04 -23.05
N ARG Y 29 4.28 33.04 -23.96
CA ARG Y 29 4.50 34.44 -23.63
C ARG Y 29 3.36 35.37 -23.99
N ASP Y 30 2.40 34.93 -24.81
CA ASP Y 30 1.34 35.78 -25.34
C ASP Y 30 -0.04 35.16 -25.19
N VAL Y 31 -0.18 34.19 -24.28
CA VAL Y 31 -1.48 33.57 -24.09
C VAL Y 31 -2.48 34.62 -23.63
N ARG Y 32 -3.74 34.40 -23.98
CA ARG Y 32 -4.81 35.31 -23.64
C ARG Y 32 -5.70 34.64 -22.60
N LYS Y 33 -5.93 35.32 -21.48
CA LYS Y 33 -6.69 34.73 -20.39
C LYS Y 33 -7.94 35.49 -20.03
N VAL Y 34 -8.19 36.64 -20.65
CA VAL Y 34 -9.37 37.46 -20.39
C VAL Y 34 -10.12 37.63 -21.70
N TYR Y 35 -11.43 37.36 -21.66
CA TYR Y 35 -12.23 37.16 -22.86
C TYR Y 35 -13.54 37.93 -22.74
N ILE Y 36 -13.90 38.64 -23.81
CA ILE Y 36 -15.22 39.27 -23.88
C ILE Y 36 -16.21 38.15 -24.12
N THR Y 37 -16.95 37.77 -23.08
CA THR Y 37 -17.89 36.68 -23.24
C THR Y 37 -19.21 37.15 -23.83
N ASP Y 38 -19.56 38.42 -23.68
CA ASP Y 38 -20.64 38.97 -24.49
C ASP Y 38 -20.60 40.49 -24.38
N ASP Y 39 -21.54 41.14 -25.07
CA ASP Y 39 -21.51 42.59 -25.23
C ASP Y 39 -21.30 43.35 -23.92
N TYR Y 40 -21.58 42.72 -22.77
CA TYR Y 40 -21.46 43.43 -21.49
C TYR Y 40 -20.69 42.66 -20.44
N THR Y 41 -20.02 41.56 -20.77
CA THR Y 41 -19.34 40.81 -19.73
C THR Y 41 -18.07 40.18 -20.26
N ALA Y 42 -17.07 40.10 -19.38
CA ALA Y 42 -15.80 39.44 -19.62
C ALA Y 42 -15.54 38.43 -18.51
N THR Y 43 -15.00 37.28 -18.90
CA THR Y 43 -14.57 36.27 -17.94
C THR Y 43 -13.08 36.03 -18.14
N GLY Y 44 -12.35 35.96 -17.05
CA GLY Y 44 -10.95 35.58 -17.08
C GLY Y 44 -10.79 34.33 -16.23
N ILE Y 45 -9.99 33.39 -16.71
CA ILE Y 45 -9.89 32.09 -16.05
C ILE Y 45 -8.43 31.76 -15.79
N ALA Y 46 -8.16 31.20 -14.62
CA ALA Y 46 -6.85 30.64 -14.29
C ALA Y 46 -6.95 29.12 -14.26
N GLY Y 47 -5.79 28.47 -14.26
CA GLY Y 47 -5.72 27.02 -14.23
C GLY Y 47 -5.05 26.45 -15.47
N THR Y 48 -5.54 25.30 -15.90
CA THR Y 48 -4.95 24.62 -17.04
C THR Y 48 -5.37 25.31 -18.32
N ALA Y 49 -4.39 25.68 -19.14
CA ALA Y 49 -4.63 26.57 -20.28
C ALA Y 49 -5.73 26.02 -21.18
N ALA Y 50 -5.70 24.73 -21.48
CA ALA Y 50 -6.68 24.13 -22.38
C ALA Y 50 -8.09 24.21 -21.81
N VAL Y 51 -8.23 23.94 -20.51
CA VAL Y 51 -9.54 23.94 -19.90
C VAL Y 51 -10.02 25.38 -19.70
N ALA Y 52 -9.11 26.28 -19.33
CA ALA Y 52 -9.46 27.70 -19.23
C ALA Y 52 -10.06 28.21 -20.54
N VAL Y 53 -9.29 28.11 -21.63
CA VAL Y 53 -9.75 28.59 -22.91
C VAL Y 53 -11.06 27.90 -23.30
N GLU Y 54 -11.13 26.58 -23.10
CA GLU Y 54 -12.34 25.83 -23.42
C GLU Y 54 -13.55 26.42 -22.71
N PHE Y 55 -13.47 26.54 -21.38
CA PHE Y 55 -14.49 27.23 -20.61
C PHE Y 55 -14.89 28.54 -21.27
N ALA Y 56 -13.92 29.43 -21.53
CA ALA Y 56 -14.31 30.74 -22.04
C ALA Y 56 -15.15 30.60 -23.31
N ARG Y 57 -14.68 29.79 -24.25
CA ARG Y 57 -15.34 29.60 -25.54
C ARG Y 57 -16.76 29.03 -25.38
N LEU Y 58 -16.88 27.94 -24.61
CA LEU Y 58 -18.18 27.31 -24.41
C LEU Y 58 -19.15 28.20 -23.67
N TYR Y 59 -18.69 28.90 -22.63
CA TYR Y 59 -19.54 29.81 -21.88
C TYR Y 59 -20.08 30.93 -22.78
N ALA Y 60 -19.21 31.53 -23.59
CA ALA Y 60 -19.70 32.53 -24.54
C ALA Y 60 -20.77 31.94 -25.46
N VAL Y 61 -20.47 30.79 -26.08
CA VAL Y 61 -21.47 30.13 -26.93
C VAL Y 61 -22.77 29.90 -26.18
N GLU Y 62 -22.71 29.58 -24.88
CA GLU Y 62 -23.93 29.25 -24.15
C GLU Y 62 -24.80 30.49 -23.96
N LEU Y 63 -24.19 31.60 -23.54
CA LEU Y 63 -24.94 32.84 -23.37
C LEU Y 63 -25.60 33.27 -24.68
N GLU Y 64 -24.83 33.30 -25.78
CA GLU Y 64 -25.43 33.71 -27.04
C GLU Y 64 -26.48 32.70 -27.53
N HIS Y 65 -26.31 31.42 -27.16
CA HIS Y 65 -27.28 30.40 -27.53
C HIS Y 65 -28.62 30.68 -26.86
N TYR Y 66 -28.59 30.97 -25.56
CA TYR Y 66 -29.82 31.35 -24.87
C TYR Y 66 -30.43 32.59 -25.50
N GLU Y 67 -29.60 33.60 -25.77
CA GLU Y 67 -30.13 34.85 -26.28
C GLU Y 67 -30.80 34.66 -27.65
N LYS Y 68 -30.22 33.83 -28.51
CA LYS Y 68 -30.82 33.58 -29.82
C LYS Y 68 -32.08 32.73 -29.69
N LEU Y 69 -32.07 31.73 -28.80
CA LEU Y 69 -33.24 30.90 -28.66
C LEU Y 69 -34.44 31.67 -28.07
N GLU Y 70 -34.19 32.57 -27.13
CA GLU Y 70 -35.27 33.20 -26.37
C GLU Y 70 -35.54 34.65 -26.76
N GLY Y 71 -34.72 35.22 -27.65
CA GLY Y 71 -34.86 36.61 -28.05
C GLY Y 71 -34.39 37.64 -27.04
N VAL Y 72 -33.92 37.23 -25.87
CA VAL Y 72 -33.48 38.14 -24.82
C VAL Y 72 -32.25 37.54 -24.14
N PRO Y 73 -31.27 38.33 -23.74
CA PRO Y 73 -30.11 37.76 -23.05
C PRO Y 73 -30.43 37.37 -21.62
N LEU Y 74 -29.71 36.38 -21.13
CA LEU Y 74 -29.87 35.96 -19.74
C LEU Y 74 -29.66 37.15 -18.81
N THR Y 75 -30.41 37.18 -17.72
CA THR Y 75 -30.10 38.13 -16.66
C THR Y 75 -28.66 37.93 -16.21
N PHE Y 76 -28.09 38.94 -15.55
CA PHE Y 76 -26.76 38.77 -14.99
C PHE Y 76 -26.73 37.60 -14.01
N ALA Y 77 -27.78 37.48 -13.19
CA ALA Y 77 -27.85 36.36 -12.26
C ALA Y 77 -27.76 35.03 -13.01
N GLY Y 78 -28.54 34.88 -14.08
CA GLY Y 78 -28.47 33.66 -14.86
C GLY Y 78 -27.08 33.40 -15.41
N LYS Y 79 -26.41 34.47 -15.87
CA LYS Y 79 -25.05 34.32 -16.36
C LYS Y 79 -24.14 33.76 -15.25
N ILE Y 80 -24.29 34.29 -14.05
CA ILE Y 80 -23.50 33.79 -12.93
C ILE Y 80 -23.77 32.32 -12.74
N ASN Y 81 -25.07 31.96 -12.69
CA ASN Y 81 -25.42 30.60 -12.34
C ASN Y 81 -24.91 29.62 -13.37
N ARG Y 82 -24.95 29.99 -14.65
CA ARG Y 82 -24.44 29.12 -15.69
C ARG Y 82 -22.93 28.91 -15.55
N LEU Y 83 -22.18 30.00 -15.30
CA LEU Y 83 -20.75 29.85 -15.08
C LEU Y 83 -20.48 28.94 -13.88
N ALA Y 84 -21.17 29.19 -12.77
CA ALA Y 84 -21.02 28.35 -11.59
C ALA Y 84 -21.34 26.89 -11.91
N ILE Y 85 -22.37 26.64 -12.70
CA ILE Y 85 -22.72 25.26 -12.99
C ILE Y 85 -21.59 24.60 -13.78
N MET Y 86 -21.07 25.28 -14.79
CA MET Y 86 -19.93 24.75 -15.52
C MET Y 86 -18.78 24.41 -14.58
N VAL Y 87 -18.45 25.34 -13.68
CA VAL Y 87 -17.36 25.13 -12.75
C VAL Y 87 -17.62 23.90 -11.88
N ARG Y 88 -18.79 23.81 -11.25
CA ARG Y 88 -19.08 22.63 -10.44
C ARG Y 88 -18.95 21.36 -11.26
N GLY Y 89 -19.44 21.38 -12.49
CA GLY Y 89 -19.34 20.23 -13.36
C GLY Y 89 -17.91 19.76 -13.57
N ASN Y 90 -16.96 20.70 -13.60
CA ASN Y 90 -15.58 20.32 -13.83
C ASN Y 90 -14.84 19.83 -12.58
N LEU Y 91 -15.48 19.73 -11.43
CA LEU Y 91 -14.73 19.58 -10.17
C LEU Y 91 -13.84 18.33 -10.18
N ALA Y 92 -14.36 17.17 -10.59
CA ALA Y 92 -13.56 15.95 -10.53
C ALA Y 92 -12.33 16.05 -11.41
N ALA Y 93 -12.51 16.48 -12.66
CA ALA Y 93 -11.36 16.75 -13.51
C ALA Y 93 -10.40 17.73 -12.82
N ALA Y 94 -10.96 18.77 -12.19
CA ALA Y 94 -10.12 19.79 -11.58
C ALA Y 94 -9.25 19.19 -10.49
N MET Y 95 -9.80 18.24 -9.73
CA MET Y 95 -9.01 17.54 -8.74
C MET Y 95 -7.98 16.64 -9.39
N GLN Y 96 -8.20 16.19 -10.62
CA GLN Y 96 -7.16 15.42 -11.30
C GLN Y 96 -6.20 16.28 -12.12
N GLY Y 97 -6.24 17.61 -11.98
CA GLY Y 97 -5.27 18.47 -12.65
C GLY Y 97 -5.76 19.21 -13.88
N LEU Y 98 -7.05 19.16 -14.21
CA LEU Y 98 -7.61 19.96 -15.29
C LEU Y 98 -8.46 21.08 -14.69
N LEU Y 99 -7.78 22.10 -14.16
CA LEU Y 99 -8.41 23.11 -13.34
C LEU Y 99 -8.82 24.33 -14.17
N ALA Y 100 -9.97 24.91 -13.81
CA ALA Y 100 -10.50 26.13 -14.43
C ALA Y 100 -11.15 26.94 -13.31
N LEU Y 101 -10.46 27.98 -12.83
CA LEU Y 101 -10.97 28.86 -11.78
C LEU Y 101 -11.21 30.25 -12.37
N PRO Y 102 -12.46 30.61 -12.62
CA PRO Y 102 -12.76 31.86 -13.35
C PRO Y 102 -13.07 33.04 -12.42
N LEU Y 103 -13.20 34.21 -13.06
CA LEU Y 103 -13.54 35.47 -12.41
C LEU Y 103 -14.36 36.25 -13.43
N LEU Y 104 -15.48 36.82 -13.01
CA LEU Y 104 -16.45 37.42 -13.92
C LEU Y 104 -16.56 38.90 -13.64
N ALA Y 105 -16.52 39.72 -14.69
CA ALA Y 105 -16.75 41.15 -14.58
C ALA Y 105 -17.75 41.58 -15.65
N GLY Y 106 -18.71 42.41 -15.28
CA GLY Y 106 -19.62 42.90 -16.31
C GLY Y 106 -20.42 44.10 -15.88
N TYR Y 107 -21.27 44.57 -16.79
CA TYR Y 107 -22.16 45.70 -16.54
C TYR Y 107 -23.60 45.24 -16.68
N ASP Y 108 -24.41 45.49 -15.65
CA ASP Y 108 -25.78 44.99 -15.59
C ASP Y 108 -26.73 46.08 -16.09
N ILE Y 109 -27.16 45.94 -17.35
CA ILE Y 109 -28.03 46.96 -17.94
C ILE Y 109 -29.37 47.03 -17.23
N HIS Y 110 -29.74 46.01 -16.45
CA HIS Y 110 -30.98 46.01 -15.70
C HIS Y 110 -30.79 46.38 -14.25
N ALA Y 111 -29.59 46.82 -13.87
CA ALA Y 111 -29.43 47.29 -12.50
C ALA Y 111 -30.17 48.60 -12.30
N SER Y 112 -30.37 48.98 -11.04
CA SER Y 112 -31.01 50.23 -10.69
C SER Y 112 -30.18 51.45 -11.13
N ASP Y 113 -29.02 51.68 -10.50
CA ASP Y 113 -28.24 52.88 -10.76
C ASP Y 113 -27.08 52.58 -11.71
N PRO Y 114 -27.06 53.14 -12.94
CA PRO Y 114 -25.84 53.09 -13.77
C PRO Y 114 -24.61 53.51 -12.99
N GLN Y 115 -24.84 54.16 -11.85
CA GLN Y 115 -23.76 54.53 -10.94
C GLN Y 115 -23.10 53.29 -10.33
N SER Y 116 -23.87 52.22 -10.13
CA SER Y 116 -23.37 51.01 -9.48
C SER Y 116 -23.81 49.76 -10.25
N ALA Y 117 -23.77 49.82 -11.58
CA ALA Y 117 -24.15 48.68 -12.40
C ALA Y 117 -23.00 47.73 -12.71
N GLY Y 118 -21.76 48.15 -12.44
CA GLY Y 118 -20.64 47.23 -12.57
C GLY Y 118 -20.71 46.11 -11.56
N ARG Y 119 -20.28 44.92 -11.98
CA ARG Y 119 -20.36 43.69 -11.21
C ARG Y 119 -19.04 42.94 -11.28
N ILE Y 120 -18.57 42.49 -10.13
CA ILE Y 120 -17.40 41.62 -9.99
C ILE Y 120 -17.85 40.39 -9.24
N VAL Y 121 -17.76 39.23 -9.88
CA VAL Y 121 -18.18 37.96 -9.28
C VAL Y 121 -16.98 37.02 -9.19
N SER Y 122 -16.72 36.49 -7.99
CA SER Y 122 -15.64 35.54 -7.84
C SER Y 122 -16.18 34.14 -7.57
N PHE Y 123 -15.35 33.14 -7.88
CA PHE Y 123 -15.77 31.74 -7.79
C PHE Y 123 -14.73 30.95 -7.03
N ASP Y 124 -15.15 29.80 -6.52
CA ASP Y 124 -14.24 28.77 -6.03
C ASP Y 124 -14.44 27.52 -6.86
N ALA Y 125 -13.59 26.51 -6.62
CA ALA Y 125 -13.55 25.36 -7.51
C ALA Y 125 -14.75 24.43 -7.33
N ALA Y 126 -15.57 24.64 -6.31
CA ALA Y 126 -16.81 23.89 -6.14
C ALA Y 126 -17.99 24.59 -6.79
N GLY Y 127 -17.74 25.75 -7.40
CA GLY Y 127 -18.78 26.49 -8.07
C GLY Y 127 -19.43 27.56 -7.23
N GLY Y 128 -19.06 27.70 -5.96
CA GLY Y 128 -19.56 28.81 -5.18
C GLY Y 128 -19.15 30.14 -5.80
N TRP Y 129 -20.04 31.13 -5.71
CA TRP Y 129 -19.75 32.48 -6.19
C TRP Y 129 -20.01 33.50 -5.09
N ASN Y 130 -19.51 34.71 -5.30
CA ASN Y 130 -19.80 35.84 -4.44
C ASN Y 130 -19.69 37.11 -5.25
N ILE Y 131 -20.70 37.97 -5.13
CA ILE Y 131 -20.69 39.25 -5.81
C ILE Y 131 -19.90 40.22 -4.95
N GLU Y 132 -18.72 40.61 -5.44
CA GLU Y 132 -17.80 41.38 -4.62
C GLU Y 132 -18.36 42.77 -4.37
N GLU Y 133 -18.43 43.17 -3.09
CA GLU Y 133 -18.92 44.49 -2.77
C GLU Y 133 -17.80 45.49 -2.50
N GLU Y 134 -16.54 45.05 -2.47
CA GLU Y 134 -15.45 45.93 -2.10
C GLU Y 134 -14.60 46.36 -3.29
N GLY Y 135 -15.06 46.11 -4.50
CA GLY Y 135 -14.61 46.87 -5.65
C GLY Y 135 -13.54 46.21 -6.49
N TYR Y 136 -12.87 45.17 -5.99
CA TYR Y 136 -11.84 44.50 -6.76
C TYR Y 136 -11.76 43.05 -6.35
N GLN Y 137 -11.12 42.25 -7.19
CA GLN Y 137 -10.93 40.84 -6.93
C GLN Y 137 -9.83 40.33 -7.84
N ALA Y 138 -9.25 39.18 -7.48
CA ALA Y 138 -8.24 38.55 -8.32
C ALA Y 138 -8.33 37.05 -8.18
N VAL Y 139 -7.86 36.36 -9.22
CA VAL Y 139 -7.79 34.90 -9.21
C VAL Y 139 -6.47 34.49 -9.85
N GLY Y 140 -6.05 33.26 -9.59
CA GLY Y 140 -4.78 32.74 -10.09
C GLY Y 140 -3.72 32.69 -9.00
N SER Y 141 -2.55 32.16 -9.39
CA SER Y 141 -1.46 31.95 -8.45
C SER Y 141 -0.89 33.24 -7.87
N GLY Y 142 -1.12 34.37 -8.52
CA GLY Y 142 -0.59 35.63 -8.02
C GLY Y 142 -1.67 36.48 -7.40
N SER Y 143 -2.81 35.84 -7.07
CA SER Y 143 -4.00 36.62 -6.74
C SER Y 143 -3.85 37.34 -5.39
N LEU Y 144 -3.20 36.74 -4.40
CA LEU Y 144 -3.10 37.41 -3.11
C LEU Y 144 -2.21 38.65 -3.20
N PHE Y 145 -1.12 38.56 -3.96
CA PHE Y 145 -0.30 39.75 -4.21
C PHE Y 145 -1.13 40.84 -4.85
N ALA Y 146 -1.86 40.50 -5.92
CA ALA Y 146 -2.60 41.51 -6.65
C ALA Y 146 -3.68 42.14 -5.77
N LYS Y 147 -4.29 41.35 -4.89
CA LYS Y 147 -5.34 41.86 -4.01
C LYS Y 147 -4.80 42.73 -2.88
N SER Y 148 -3.60 42.45 -2.37
CA SER Y 148 -3.05 43.35 -1.37
C SER Y 148 -2.59 44.66 -2.00
N SER Y 149 -1.97 44.57 -3.19
CA SER Y 149 -1.70 45.75 -4.00
C SER Y 149 -2.95 46.59 -4.15
N MET Y 150 -4.00 46.00 -4.74
CA MET Y 150 -5.23 46.75 -4.95
C MET Y 150 -5.80 47.26 -3.64
N LYS Y 151 -5.63 46.51 -2.55
CA LYS Y 151 -6.06 47.00 -1.24
C LYS Y 151 -5.43 48.35 -0.91
N LYS Y 152 -4.16 48.54 -1.30
CA LYS Y 152 -3.58 49.87 -1.06
C LYS Y 152 -3.92 50.87 -2.17
N LEU Y 153 -4.04 50.46 -3.42
CA LEU Y 153 -4.20 51.39 -4.53
C LEU Y 153 -5.66 51.78 -4.84
N TYR Y 154 -6.66 51.07 -4.32
CA TYR Y 154 -8.02 51.26 -4.85
C TYR Y 154 -8.51 52.70 -4.66
N SER Y 155 -8.19 53.32 -3.53
CA SER Y 155 -8.63 54.69 -3.29
C SER Y 155 -8.24 55.65 -4.43
N GLN Y 156 -7.23 55.29 -5.23
CA GLN Y 156 -6.84 56.10 -6.37
C GLN Y 156 -7.73 55.92 -7.59
N VAL Y 157 -8.73 55.03 -7.52
CA VAL Y 157 -9.57 54.74 -8.68
C VAL Y 157 -10.72 55.72 -8.68
N THR Y 158 -10.72 56.64 -9.65
CA THR Y 158 -11.81 57.59 -9.80
C THR Y 158 -12.51 57.50 -11.14
N ASP Y 159 -11.87 56.97 -12.17
CA ASP Y 159 -12.48 56.78 -13.49
C ASP Y 159 -11.84 55.56 -14.13
N GLY Y 160 -12.14 55.35 -15.42
CA GLY Y 160 -11.62 54.17 -16.10
C GLY Y 160 -10.12 54.20 -16.34
N ASP Y 161 -9.55 55.40 -16.55
CA ASP Y 161 -8.10 55.48 -16.73
C ASP Y 161 -7.36 55.12 -15.46
N SER Y 162 -7.83 55.64 -14.33
CA SER Y 162 -7.22 55.26 -13.06
C SER Y 162 -7.47 53.78 -12.76
N GLY Y 163 -8.68 53.29 -13.05
CA GLY Y 163 -8.95 51.88 -12.79
C GLY Y 163 -8.06 50.96 -13.59
N LEU Y 164 -7.85 51.28 -14.87
CA LEU Y 164 -6.95 50.49 -15.69
C LEU Y 164 -5.50 50.62 -15.22
N ARG Y 165 -5.10 51.82 -14.75
CA ARG Y 165 -3.78 51.96 -14.15
C ARG Y 165 -3.61 51.04 -12.94
N VAL Y 166 -4.58 51.07 -12.02
CA VAL Y 166 -4.47 50.26 -10.81
C VAL Y 166 -4.46 48.77 -11.14
N ALA Y 167 -5.21 48.36 -12.17
CA ALA Y 167 -5.23 46.94 -12.50
C ALA Y 167 -3.92 46.51 -13.14
N VAL Y 168 -3.33 47.36 -13.99
CA VAL Y 168 -2.02 47.03 -14.56
C VAL Y 168 -0.97 46.98 -13.45
N GLU Y 169 -1.08 47.87 -12.47
CA GLU Y 169 -0.09 47.88 -11.39
C GLU Y 169 -0.25 46.65 -10.51
N ALA Y 170 -1.50 46.28 -10.20
CA ALA Y 170 -1.73 45.01 -9.50
C ALA Y 170 -1.09 43.84 -10.22
N LEU Y 171 -1.32 43.73 -11.53
CA LEU Y 171 -0.67 42.66 -12.28
C LEU Y 171 0.85 42.74 -12.16
N TYR Y 172 1.39 43.97 -12.17
CA TYR Y 172 2.84 44.15 -12.07
C TYR Y 172 3.38 43.62 -10.73
N ASP Y 173 2.73 44.00 -9.63
CA ASP Y 173 3.10 43.45 -8.33
C ASP Y 173 3.02 41.92 -8.34
N ALA Y 174 1.93 41.40 -8.89
CA ALA Y 174 1.77 39.95 -8.94
C ALA Y 174 2.96 39.29 -9.64
N ALA Y 175 3.31 39.76 -10.86
CA ALA Y 175 4.46 39.16 -11.55
C ALA Y 175 5.74 39.33 -10.75
N ASP Y 176 5.84 40.42 -9.99
CA ASP Y 176 7.03 40.68 -9.19
C ASP Y 176 7.22 39.63 -8.11
N ASP Y 177 6.12 39.07 -7.56
CA ASP Y 177 6.27 38.13 -6.46
C ASP Y 177 5.98 36.67 -6.83
N ASP Y 178 5.39 36.42 -8.00
CA ASP Y 178 4.95 35.09 -8.41
C ASP Y 178 5.51 34.82 -9.79
N SER Y 179 6.38 33.81 -9.89
CA SER Y 179 7.08 33.57 -11.15
C SER Y 179 6.18 33.01 -12.24
N ALA Y 180 4.99 32.52 -11.89
CA ALA Y 180 4.05 32.00 -12.88
C ALA Y 180 3.14 33.09 -13.45
N THR Y 181 3.31 34.34 -13.02
CA THR Y 181 2.63 35.48 -13.63
C THR Y 181 3.68 36.30 -14.36
N GLY Y 182 3.40 36.64 -15.62
CA GLY Y 182 4.35 37.38 -16.43
C GLY Y 182 4.13 38.87 -16.30
N GLY Y 183 5.25 39.61 -16.16
CA GLY Y 183 5.20 41.05 -16.18
C GLY Y 183 5.28 41.58 -17.59
N PRO Y 184 5.28 42.90 -17.75
CA PRO Y 184 5.42 43.46 -19.09
C PRO Y 184 6.75 43.06 -19.67
N ASP Y 185 6.76 42.74 -20.96
CA ASP Y 185 7.99 42.37 -21.67
C ASP Y 185 8.28 43.51 -22.64
N LEU Y 186 9.17 44.43 -22.23
CA LEU Y 186 9.48 45.58 -23.07
C LEU Y 186 10.34 45.19 -24.26
N VAL Y 187 11.10 44.10 -24.17
CA VAL Y 187 11.92 43.70 -25.31
C VAL Y 187 11.03 43.25 -26.46
N ARG Y 188 9.94 42.54 -26.15
CA ARG Y 188 9.09 41.94 -27.17
C ARG Y 188 7.81 42.72 -27.45
N GLY Y 189 7.43 43.63 -26.55
CA GLY Y 189 6.17 44.34 -26.72
C GLY Y 189 4.94 43.56 -26.30
N ILE Y 190 5.06 42.66 -25.34
CA ILE Y 190 3.92 41.87 -24.88
C ILE Y 190 3.53 42.36 -23.49
N PHE Y 191 2.27 42.77 -23.35
CA PHE Y 191 1.73 43.36 -22.15
C PHE Y 191 0.42 42.66 -21.78
N PRO Y 192 -0.02 42.76 -20.53
CA PRO Y 192 -1.28 42.11 -20.15
C PRO Y 192 -2.41 42.53 -21.08
N THR Y 193 -3.40 41.66 -21.21
CA THR Y 193 -4.62 42.00 -21.93
C THR Y 193 -5.62 42.59 -20.97
N ALA Y 194 -6.45 43.53 -21.46
CA ALA Y 194 -7.42 44.19 -20.59
C ALA Y 194 -8.72 44.48 -21.34
N VAL Y 195 -9.83 44.27 -20.63
CA VAL Y 195 -11.18 44.60 -21.09
C VAL Y 195 -11.70 45.70 -20.17
N ILE Y 196 -12.31 46.72 -20.77
CA ILE Y 196 -13.04 47.72 -20.02
C ILE Y 196 -14.50 47.69 -20.47
N ILE Y 197 -15.42 47.77 -19.50
CA ILE Y 197 -16.85 47.61 -19.76
C ILE Y 197 -17.62 48.77 -19.12
N ASP Y 198 -18.49 49.41 -19.89
CA ASP Y 198 -19.44 50.39 -19.33
C ASP Y 198 -20.77 50.28 -20.07
N ALA Y 199 -21.58 51.33 -19.98
CA ALA Y 199 -22.93 51.28 -20.54
C ALA Y 199 -22.91 51.13 -22.06
N ASP Y 200 -21.82 51.50 -22.71
CA ASP Y 200 -21.69 51.32 -24.15
C ASP Y 200 -21.17 49.94 -24.53
N GLY Y 201 -20.88 49.08 -23.56
CA GLY Y 201 -20.48 47.71 -23.80
C GLY Y 201 -19.09 47.41 -23.30
N ALA Y 202 -18.65 46.19 -23.62
CA ALA Y 202 -17.34 45.68 -23.31
C ALA Y 202 -16.43 45.86 -24.51
N VAL Y 203 -15.27 46.47 -24.30
CA VAL Y 203 -14.33 46.76 -25.37
C VAL Y 203 -12.92 46.37 -24.93
N ASP Y 204 -12.13 45.88 -25.88
CA ASP Y 204 -10.74 45.53 -25.63
C ASP Y 204 -9.88 46.77 -25.50
N VAL Y 205 -9.02 46.78 -24.49
CA VAL Y 205 -8.04 47.86 -24.33
C VAL Y 205 -6.89 47.62 -25.30
N PRO Y 206 -6.58 48.56 -26.18
CA PRO Y 206 -5.49 48.32 -27.13
C PRO Y 206 -4.18 48.09 -26.40
N GLU Y 207 -3.36 47.21 -26.97
CA GLU Y 207 -2.07 46.89 -26.36
C GLU Y 207 -1.23 48.13 -26.05
N SER Y 208 -1.33 49.17 -26.88
CA SER Y 208 -0.43 50.30 -26.74
C SER Y 208 -0.74 51.12 -25.49
N ARG Y 209 -1.99 51.12 -25.07
CA ARG Y 209 -2.36 51.78 -23.82
C ARG Y 209 -1.78 51.04 -22.62
N ILE Y 210 -1.80 49.70 -22.66
CA ILE Y 210 -1.20 48.91 -21.60
C ILE Y 210 0.31 49.11 -21.59
N ALA Y 211 0.91 49.19 -22.78
CA ALA Y 211 2.31 49.54 -22.91
C ALA Y 211 2.63 50.84 -22.19
N GLU Y 212 1.81 51.87 -22.44
CA GLU Y 212 2.06 53.16 -21.81
C GLU Y 212 1.99 53.05 -20.29
N LEU Y 213 0.94 52.39 -19.79
CA LEU Y 213 0.81 52.25 -18.33
C LEU Y 213 1.97 51.47 -17.74
N ALA Y 214 2.35 50.36 -18.38
CA ALA Y 214 3.53 49.62 -17.96
C ALA Y 214 4.73 50.55 -17.80
N ARG Y 215 5.08 51.29 -18.85
CA ARG Y 215 6.23 52.18 -18.75
C ARG Y 215 6.07 53.20 -17.62
N ALA Y 216 4.86 53.72 -17.43
CA ALA Y 216 4.65 54.62 -16.29
C ALA Y 216 4.96 53.94 -14.96
N ILE Y 217 4.54 52.67 -14.79
CA ILE Y 217 4.79 51.95 -13.54
C ILE Y 217 6.28 51.70 -13.33
N ILE Y 218 6.93 51.15 -14.35
CA ILE Y 218 8.37 50.91 -14.28
C ILE Y 218 9.11 52.17 -13.88
N GLU Y 219 8.88 53.26 -14.62
CA GLU Y 219 9.63 54.48 -14.36
C GLU Y 219 9.26 55.08 -13.01
N SER Y 220 8.02 54.90 -12.59
CA SER Y 220 7.67 55.27 -11.22
C SER Y 220 8.55 54.54 -10.22
N ARG Y 221 8.83 53.26 -10.45
CA ARG Y 221 9.51 52.46 -9.45
C ARG Y 221 11.03 52.47 -9.58
N SER Y 222 11.57 52.96 -10.68
CA SER Y 222 13.02 53.07 -10.80
C SER Y 222 13.53 54.46 -10.41
N GLY Y 223 12.71 55.50 -10.55
CA GLY Y 223 13.10 56.86 -10.23
C GLY Y 223 12.89 57.88 -11.35
N THR Z 1 12.62 12.13 -30.20
CA THR Z 1 12.15 12.85 -31.37
C THR Z 1 12.42 14.35 -31.29
N THR Z 2 12.64 14.96 -32.45
CA THR Z 2 12.52 16.41 -32.56
C THR Z 2 11.82 16.73 -33.87
N ILE Z 3 10.76 17.55 -33.78
CA ILE Z 3 10.11 18.17 -34.93
C ILE Z 3 10.30 19.68 -34.78
N VAL Z 4 10.70 20.34 -35.88
CA VAL Z 4 10.80 21.79 -35.90
C VAL Z 4 9.86 22.34 -36.98
N ALA Z 5 9.42 23.58 -36.75
CA ALA Z 5 8.64 24.34 -37.72
C ALA Z 5 9.06 25.79 -37.62
N LEU Z 6 9.15 26.47 -38.77
CA LEU Z 6 9.48 27.88 -38.74
C LEU Z 6 8.84 28.57 -39.94
N LYS Z 7 8.48 29.84 -39.76
CA LYS Z 7 7.97 30.70 -40.82
C LYS Z 7 9.12 31.35 -41.58
N TYR Z 8 8.97 31.48 -42.89
CA TYR Z 8 9.91 32.27 -43.67
C TYR Z 8 9.07 33.18 -44.56
N PRO Z 9 9.69 34.21 -45.15
CA PRO Z 9 8.88 35.20 -45.89
C PRO Z 9 8.10 34.54 -47.01
N GLY Z 10 6.80 34.36 -46.83
CA GLY Z 10 5.97 33.75 -47.85
C GLY Z 10 5.61 32.29 -47.63
N GLY Z 11 6.14 31.65 -46.60
CA GLY Z 11 5.79 30.27 -46.36
C GLY Z 11 6.16 29.79 -44.98
N VAL Z 12 6.26 28.46 -44.87
CA VAL Z 12 6.63 27.82 -43.62
C VAL Z 12 7.33 26.52 -43.96
N VAL Z 13 8.17 26.04 -43.05
CA VAL Z 13 8.90 24.79 -43.23
C VAL Z 13 8.79 23.97 -41.95
N MET Z 14 8.62 22.66 -42.10
CA MET Z 14 8.62 21.73 -40.99
C MET Z 14 9.56 20.59 -41.31
N ALA Z 15 10.29 20.09 -40.32
CA ALA Z 15 11.17 18.95 -40.52
C ALA Z 15 11.18 18.09 -39.27
N GLY Z 16 11.39 16.78 -39.47
CA GLY Z 16 11.45 15.85 -38.36
C GLY Z 16 12.55 14.83 -38.54
N ASP Z 17 13.03 14.31 -37.40
CA ASP Z 17 14.08 13.29 -37.38
C ASP Z 17 13.51 11.92 -37.75
N ARG Z 18 14.39 10.92 -37.80
CA ARG Z 18 14.04 9.61 -38.34
C ARG Z 18 14.13 8.46 -37.34
N ARG Z 19 14.40 8.74 -36.08
CA ARG Z 19 14.79 7.72 -35.13
C ARG Z 19 13.58 7.21 -34.33
N SER Z 20 13.61 5.90 -34.07
CA SER Z 20 12.62 5.21 -33.24
C SER Z 20 13.41 4.42 -32.20
N THR Z 21 13.04 4.54 -30.93
CA THR Z 21 13.74 3.81 -29.87
C THR Z 21 12.77 2.99 -29.04
N GLN Z 22 13.34 2.11 -28.24
CA GLN Z 22 12.66 1.45 -27.12
C GLN Z 22 13.67 1.49 -25.97
N GLY Z 23 13.54 2.50 -25.12
CA GLY Z 23 14.58 2.73 -24.14
C GLY Z 23 15.86 3.13 -24.85
N ASN Z 24 16.96 2.45 -24.50
CA ASN Z 24 18.24 2.76 -25.12
C ASN Z 24 18.42 2.08 -26.47
N MET Z 25 17.64 1.04 -26.76
CA MET Z 25 17.81 0.30 -28.01
C MET Z 25 17.17 1.06 -29.17
N ILE Z 26 17.92 1.18 -30.26
CA ILE Z 26 17.47 1.88 -31.45
C ILE Z 26 16.66 0.89 -32.27
N SER Z 27 15.36 1.19 -32.45
CA SER Z 27 14.47 0.27 -33.12
C SER Z 27 14.03 0.73 -34.49
N GLY Z 28 14.35 1.97 -34.88
CA GLY Z 28 14.01 2.46 -36.21
C GLY Z 28 14.94 3.57 -36.71
N ARG Z 29 15.28 3.53 -38.00
CA ARG Z 29 16.18 4.52 -38.58
C ARG Z 29 15.55 5.37 -39.66
N ASP Z 30 14.39 4.99 -40.18
CA ASP Z 30 13.81 5.67 -41.33
C ASP Z 30 12.34 6.02 -41.11
N VAL Z 31 11.89 6.00 -39.86
CA VAL Z 31 10.50 6.32 -39.61
C VAL Z 31 10.22 7.77 -39.99
N ARG Z 32 8.97 8.03 -40.38
CA ARG Z 32 8.53 9.34 -40.83
C ARG Z 32 7.61 9.95 -39.78
N LYS Z 33 7.94 11.15 -39.34
CA LYS Z 33 7.20 11.83 -38.29
C LYS Z 33 6.55 13.12 -38.74
N VAL Z 34 6.73 13.52 -40.00
CA VAL Z 34 6.15 14.74 -40.54
C VAL Z 34 5.31 14.37 -41.76
N TYR Z 35 4.05 14.78 -41.78
CA TYR Z 35 3.08 14.33 -42.75
C TYR Z 35 2.33 15.50 -43.38
N ILE Z 36 2.33 15.54 -44.71
CA ILE Z 36 1.44 16.46 -45.41
C ILE Z 36 0.02 16.02 -45.12
N THR Z 37 -0.69 16.78 -44.30
CA THR Z 37 -2.04 16.37 -43.93
C THR Z 37 -3.11 16.98 -44.84
N ASP Z 38 -2.80 18.06 -45.56
CA ASP Z 38 -3.66 18.46 -46.68
C ASP Z 38 -2.89 19.47 -47.54
N ASP Z 39 -3.56 19.98 -48.57
CA ASP Z 39 -2.85 20.75 -49.60
C ASP Z 39 -2.04 21.92 -49.04
N TYR Z 40 -2.40 22.45 -47.87
CA TYR Z 40 -1.64 23.56 -47.30
C TYR Z 40 -1.27 23.31 -45.85
N THR Z 41 -1.16 22.04 -45.44
CA THR Z 41 -0.96 21.74 -44.03
C THR Z 41 -0.09 20.51 -43.86
N ALA Z 42 0.85 20.60 -42.92
CA ALA Z 42 1.61 19.46 -42.44
C ALA Z 42 1.56 19.41 -40.91
N THR Z 43 1.54 18.20 -40.39
CA THR Z 43 1.57 17.95 -38.95
C THR Z 43 2.73 17.02 -38.66
N GLY Z 44 3.51 17.33 -37.64
CA GLY Z 44 4.54 16.44 -37.15
C GLY Z 44 4.20 16.06 -35.72
N ILE Z 45 4.42 14.81 -35.35
CA ILE Z 45 3.96 14.33 -34.06
C ILE Z 45 5.09 13.62 -33.33
N ALA Z 46 5.25 13.93 -32.04
CA ALA Z 46 6.19 13.23 -31.16
C ALA Z 46 5.44 12.28 -30.25
N GLY Z 47 6.13 11.25 -29.76
CA GLY Z 47 5.45 10.35 -28.83
C GLY Z 47 5.47 8.88 -29.20
N THR Z 48 4.40 8.15 -28.91
CA THR Z 48 4.37 6.73 -29.21
C THR Z 48 4.18 6.53 -30.71
N ALA Z 49 5.17 5.92 -31.37
CA ALA Z 49 5.15 5.81 -32.82
C ALA Z 49 3.77 5.42 -33.35
N ALA Z 50 3.15 4.39 -32.77
CA ALA Z 50 1.87 3.94 -33.30
C ALA Z 50 0.84 5.04 -33.17
N VAL Z 51 0.81 5.71 -32.02
CA VAL Z 51 -0.18 6.76 -31.81
C VAL Z 51 0.09 7.95 -32.73
N ALA Z 52 1.36 8.34 -32.87
CA ALA Z 52 1.68 9.47 -33.75
C ALA Z 52 1.20 9.22 -35.18
N VAL Z 53 1.52 8.06 -35.73
CA VAL Z 53 1.12 7.78 -37.12
C VAL Z 53 -0.41 7.69 -37.23
N GLU Z 54 -1.04 6.97 -36.31
CA GLU Z 54 -2.50 6.92 -36.30
C GLU Z 54 -3.11 8.33 -36.27
N PHE Z 55 -2.56 9.23 -35.47
CA PHE Z 55 -3.06 10.60 -35.39
C PHE Z 55 -2.93 11.33 -36.72
N ALA Z 56 -1.77 11.21 -37.37
CA ALA Z 56 -1.60 11.87 -38.66
C ALA Z 56 -2.58 11.32 -39.69
N ARG Z 57 -2.69 10.01 -39.77
CA ARG Z 57 -3.55 9.39 -40.78
C ARG Z 57 -5.01 9.78 -40.55
N LEU Z 58 -5.53 9.53 -39.35
CA LEU Z 58 -6.91 9.88 -39.05
C LEU Z 58 -7.18 11.37 -39.18
N TYR Z 59 -6.20 12.21 -38.83
CA TYR Z 59 -6.37 13.65 -38.93
C TYR Z 59 -6.55 14.10 -40.38
N ALA Z 60 -5.66 13.63 -41.27
CA ALA Z 60 -5.83 14.00 -42.67
C ALA Z 60 -7.15 13.48 -43.22
N VAL Z 61 -7.52 12.25 -42.83
CA VAL Z 61 -8.81 11.72 -43.28
C VAL Z 61 -9.96 12.58 -42.78
N GLU Z 62 -9.86 13.12 -41.55
CA GLU Z 62 -10.94 13.96 -41.04
C GLU Z 62 -11.07 15.25 -41.85
N LEU Z 63 -9.92 15.92 -42.11
CA LEU Z 63 -9.96 17.15 -42.90
C LEU Z 63 -10.55 16.92 -44.29
N GLU Z 64 -10.10 15.86 -44.98
CA GLU Z 64 -10.64 15.61 -46.30
C GLU Z 64 -12.11 15.21 -46.24
N HIS Z 65 -12.49 14.49 -45.18
CA HIS Z 65 -13.88 14.15 -45.01
C HIS Z 65 -14.74 15.41 -44.97
N TYR Z 66 -14.38 16.37 -44.13
CA TYR Z 66 -15.12 17.63 -44.11
C TYR Z 66 -15.16 18.27 -45.50
N GLU Z 67 -14.00 18.31 -46.18
CA GLU Z 67 -13.96 18.96 -47.49
C GLU Z 67 -14.96 18.33 -48.46
N LYS Z 68 -14.97 16.99 -48.57
CA LYS Z 68 -15.87 16.36 -49.53
C LYS Z 68 -17.32 16.41 -49.07
N LEU Z 69 -17.57 16.45 -47.76
CA LEU Z 69 -18.95 16.55 -47.31
C LEU Z 69 -19.52 17.93 -47.62
N GLU Z 70 -18.83 18.98 -47.22
CA GLU Z 70 -19.37 20.33 -47.28
C GLU Z 70 -18.98 21.09 -48.54
N GLY Z 71 -18.08 20.56 -49.35
CA GLY Z 71 -17.68 21.25 -50.56
C GLY Z 71 -16.62 22.30 -50.35
N VAL Z 72 -16.16 22.51 -49.12
CA VAL Z 72 -15.15 23.54 -48.89
C VAL Z 72 -14.28 23.08 -47.73
N PRO Z 73 -13.00 23.43 -47.70
CA PRO Z 73 -12.14 22.97 -46.62
C PRO Z 73 -12.44 23.71 -45.32
N LEU Z 74 -12.09 23.07 -44.21
CA LEU Z 74 -12.15 23.75 -42.92
C LEU Z 74 -11.24 24.97 -42.88
N THR Z 75 -11.70 26.04 -42.24
CA THR Z 75 -10.84 27.17 -41.94
C THR Z 75 -9.62 26.71 -41.16
N PHE Z 76 -8.55 27.50 -41.15
CA PHE Z 76 -7.40 27.08 -40.35
C PHE Z 76 -7.77 26.93 -38.88
N ALA Z 77 -8.57 27.87 -38.37
CA ALA Z 77 -9.04 27.77 -37.00
C ALA Z 77 -9.78 26.46 -36.75
N GLY Z 78 -10.51 25.97 -37.75
CA GLY Z 78 -11.22 24.70 -37.58
C GLY Z 78 -10.28 23.50 -37.58
N LYS Z 79 -9.23 23.55 -38.39
CA LYS Z 79 -8.24 22.48 -38.37
C LYS Z 79 -7.55 22.42 -37.01
N ILE Z 80 -7.23 23.58 -36.45
CA ILE Z 80 -6.65 23.63 -35.11
C ILE Z 80 -7.60 23.01 -34.11
N ASN Z 81 -8.86 23.46 -34.12
CA ASN Z 81 -9.82 22.92 -33.17
C ASN Z 81 -9.88 21.41 -33.25
N ARG Z 82 -9.92 20.85 -34.47
CA ARG Z 82 -10.07 19.41 -34.61
C ARG Z 82 -8.84 18.66 -34.11
N LEU Z 83 -7.64 19.12 -34.46
CA LEU Z 83 -6.43 18.47 -33.93
C LEU Z 83 -6.39 18.54 -32.40
N ALA Z 84 -6.66 19.72 -31.85
CA ALA Z 84 -6.74 19.87 -30.40
C ALA Z 84 -7.70 18.84 -29.79
N ILE Z 85 -8.87 18.68 -30.39
CA ILE Z 85 -9.87 17.79 -29.81
C ILE Z 85 -9.35 16.38 -29.81
N MET Z 86 -8.68 15.98 -30.89
CA MET Z 86 -8.11 14.64 -30.95
C MET Z 86 -7.13 14.42 -29.79
N VAL Z 87 -6.28 15.42 -29.50
CA VAL Z 87 -5.30 15.24 -28.43
C VAL Z 87 -5.98 15.13 -27.07
N ARG Z 88 -6.85 16.10 -26.76
CA ARG Z 88 -7.61 16.01 -25.52
C ARG Z 88 -8.31 14.66 -25.38
N GLY Z 89 -8.92 14.18 -26.47
CA GLY Z 89 -9.52 12.86 -26.48
C GLY Z 89 -8.56 11.77 -26.09
N ASN Z 90 -7.27 11.93 -26.40
CA ASN Z 90 -6.30 10.89 -26.08
C ASN Z 90 -5.65 11.07 -24.71
N LEU Z 91 -5.96 12.12 -23.97
CA LEU Z 91 -5.26 12.37 -22.71
C LEU Z 91 -5.21 11.12 -21.81
N ALA Z 92 -6.31 10.39 -21.67
CA ALA Z 92 -6.31 9.26 -20.73
C ALA Z 92 -5.27 8.21 -21.13
N ALA Z 93 -5.28 7.80 -22.40
CA ALA Z 93 -4.26 6.88 -22.90
C ALA Z 93 -2.85 7.47 -22.82
N ALA Z 94 -2.72 8.77 -23.11
CA ALA Z 94 -1.43 9.44 -23.03
C ALA Z 94 -0.83 9.32 -21.64
N MET Z 95 -1.66 9.47 -20.60
CA MET Z 95 -1.16 9.35 -19.24
C MET Z 95 -0.54 7.98 -19.00
N GLN Z 96 -1.01 6.95 -19.73
CA GLN Z 96 -0.52 5.59 -19.58
C GLN Z 96 0.56 5.21 -20.59
N GLY Z 97 1.01 6.13 -21.43
CA GLY Z 97 2.14 5.87 -22.30
C GLY Z 97 1.83 5.89 -23.79
N LEU Z 98 0.57 6.00 -24.20
CA LEU Z 98 0.25 6.14 -25.62
C LEU Z 98 0.13 7.63 -25.95
N LEU Z 99 1.28 8.28 -25.95
CA LEU Z 99 1.32 9.74 -26.09
C LEU Z 99 1.43 10.16 -27.55
N ALA Z 100 0.79 11.27 -27.89
CA ALA Z 100 0.93 11.87 -29.22
C ALA Z 100 0.89 13.39 -29.05
N LEU Z 101 2.02 14.06 -29.25
CA LEU Z 101 2.10 15.51 -29.12
C LEU Z 101 2.32 16.13 -30.49
N PRO Z 102 1.33 16.80 -31.08
CA PRO Z 102 1.50 17.33 -32.43
C PRO Z 102 2.06 18.75 -32.46
N LEU Z 103 2.58 19.08 -33.65
CA LEU Z 103 2.99 20.41 -34.06
C LEU Z 103 2.36 20.64 -35.42
N LEU Z 104 1.61 21.73 -35.56
CA LEU Z 104 0.88 22.02 -36.78
C LEU Z 104 1.54 23.18 -37.52
N ALA Z 105 1.80 23.00 -38.82
CA ALA Z 105 2.32 24.05 -39.69
C ALA Z 105 1.45 24.17 -40.92
N GLY Z 106 1.16 25.41 -41.33
CA GLY Z 106 0.27 25.58 -42.46
C GLY Z 106 0.42 26.92 -43.15
N TYR Z 107 -0.40 27.10 -44.20
CA TYR Z 107 -0.48 28.33 -44.97
C TYR Z 107 -1.95 28.64 -45.15
N ASP Z 108 -2.38 29.79 -44.63
CA ASP Z 108 -3.80 30.15 -44.56
C ASP Z 108 -4.19 30.88 -45.83
N ILE Z 109 -4.91 30.19 -46.72
CA ILE Z 109 -5.34 30.78 -47.99
C ILE Z 109 -6.34 31.91 -47.82
N HIS Z 110 -6.80 32.18 -46.59
CA HIS Z 110 -7.72 33.27 -46.32
C HIS Z 110 -7.09 34.34 -45.43
N ALA Z 111 -5.80 34.22 -45.12
CA ALA Z 111 -5.13 35.26 -44.37
C ALA Z 111 -5.12 36.56 -45.16
N SER Z 112 -5.08 37.68 -44.44
CA SER Z 112 -4.98 38.99 -45.09
C SER Z 112 -3.72 39.08 -45.96
N ASP Z 113 -2.54 38.99 -45.32
CA ASP Z 113 -1.28 39.26 -46.01
C ASP Z 113 -0.61 37.96 -46.44
N PRO Z 114 -0.59 37.66 -47.73
CA PRO Z 114 0.09 36.43 -48.21
C PRO Z 114 1.50 36.20 -47.65
N GLN Z 115 2.26 37.25 -47.34
CA GLN Z 115 3.62 37.05 -46.86
C GLN Z 115 3.68 36.63 -45.41
N SER Z 116 2.60 36.85 -44.65
CA SER Z 116 2.49 36.42 -43.27
C SER Z 116 1.34 35.43 -43.08
N ALA Z 117 1.00 34.71 -44.15
CA ALA Z 117 -0.06 33.70 -44.08
C ALA Z 117 0.42 32.38 -43.53
N GLY Z 118 1.72 32.21 -43.30
CA GLY Z 118 2.21 31.01 -42.66
C GLY Z 118 1.75 30.94 -41.21
N ARG Z 119 1.49 29.72 -40.76
CA ARG Z 119 1.02 29.45 -39.41
C ARG Z 119 1.87 28.36 -38.80
N ILE Z 120 2.19 28.54 -37.52
CA ILE Z 120 2.76 27.51 -36.68
C ILE Z 120 1.94 27.46 -35.39
N VAL Z 121 1.43 26.27 -35.06
CA VAL Z 121 0.58 26.04 -33.90
C VAL Z 121 1.25 24.97 -33.04
N SER Z 122 1.48 25.28 -31.77
CA SER Z 122 1.94 24.27 -30.84
C SER Z 122 0.79 23.79 -29.95
N PHE Z 123 0.95 22.58 -29.41
CA PHE Z 123 -0.04 21.92 -28.59
C PHE Z 123 0.61 21.35 -27.34
N ASP Z 124 -0.18 21.20 -26.28
CA ASP Z 124 0.23 20.41 -25.12
C ASP Z 124 -0.64 19.17 -25.03
N ALA Z 125 -0.27 18.26 -24.12
CA ALA Z 125 -0.94 16.97 -24.05
C ALA Z 125 -2.40 17.08 -23.66
N ALA Z 126 -2.86 18.24 -23.18
CA ALA Z 126 -4.26 18.40 -22.79
C ALA Z 126 -5.12 18.96 -23.92
N GLY Z 127 -4.51 19.27 -25.06
CA GLY Z 127 -5.20 19.83 -26.19
C GLY Z 127 -5.17 21.34 -26.26
N GLY Z 128 -4.52 22.00 -25.31
CA GLY Z 128 -4.28 23.42 -25.43
C GLY Z 128 -3.40 23.70 -26.62
N TRP Z 129 -3.59 24.87 -27.23
CA TRP Z 129 -2.84 25.22 -28.42
C TRP Z 129 -2.42 26.68 -28.35
N ASN Z 130 -1.54 27.07 -29.26
CA ASN Z 130 -1.09 28.44 -29.34
C ASN Z 130 -0.50 28.67 -30.73
N ILE Z 131 -0.97 29.72 -31.39
CA ILE Z 131 -0.42 30.13 -32.67
C ILE Z 131 0.89 30.86 -32.40
N GLU Z 132 1.99 30.30 -32.90
CA GLU Z 132 3.30 30.87 -32.63
C GLU Z 132 3.43 32.23 -33.30
N GLU Z 133 3.95 33.21 -32.56
CA GLU Z 133 4.17 34.53 -33.12
C GLU Z 133 5.64 34.91 -33.25
N GLU Z 134 6.57 34.07 -32.79
CA GLU Z 134 7.98 34.43 -32.79
C GLU Z 134 8.79 33.70 -33.85
N GLY Z 135 8.13 32.97 -34.75
CA GLY Z 135 8.75 32.49 -35.97
C GLY Z 135 9.05 31.01 -36.02
N TYR Z 136 9.17 30.35 -34.87
CA TYR Z 136 9.62 28.97 -34.86
C TYR Z 136 9.06 28.26 -33.64
N GLN Z 137 9.05 26.93 -33.73
CA GLN Z 137 8.60 26.09 -32.63
C GLN Z 137 9.18 24.70 -32.84
N ALA Z 138 9.16 23.90 -31.78
CA ALA Z 138 9.59 22.51 -31.89
C ALA Z 138 8.88 21.65 -30.86
N VAL Z 139 8.96 20.34 -31.06
CA VAL Z 139 8.26 19.38 -30.22
C VAL Z 139 9.12 18.12 -30.11
N GLY Z 140 8.96 17.41 -29.00
CA GLY Z 140 9.65 16.15 -28.76
C GLY Z 140 10.81 16.29 -27.78
N SER Z 141 11.43 15.15 -27.50
CA SER Z 141 12.46 15.06 -26.48
C SER Z 141 13.65 15.99 -26.73
N GLY Z 142 13.88 16.39 -27.98
CA GLY Z 142 14.97 17.29 -28.30
C GLY Z 142 14.56 18.72 -28.55
N SER Z 143 13.30 19.06 -28.29
CA SER Z 143 12.78 20.35 -28.72
C SER Z 143 13.45 21.51 -27.98
N LEU Z 144 13.89 21.32 -26.73
CA LEU Z 144 14.53 22.44 -26.05
C LEU Z 144 15.84 22.81 -26.73
N PHE Z 145 16.60 21.79 -27.14
CA PHE Z 145 17.83 22.03 -27.88
C PHE Z 145 17.53 22.70 -29.22
N ALA Z 146 16.54 22.16 -29.95
CA ALA Z 146 16.22 22.72 -31.27
C ALA Z 146 15.73 24.16 -31.16
N LYS Z 147 14.86 24.45 -30.20
CA LYS Z 147 14.39 25.81 -30.07
C LYS Z 147 15.51 26.75 -29.67
N SER Z 148 16.41 26.31 -28.77
CA SER Z 148 17.49 27.21 -28.36
C SER Z 148 18.49 27.43 -29.50
N SER Z 149 18.67 26.45 -30.39
CA SER Z 149 19.44 26.68 -31.60
C SER Z 149 18.76 27.70 -32.50
N MET Z 150 17.47 27.48 -32.81
CA MET Z 150 16.76 28.38 -33.70
C MET Z 150 16.76 29.80 -33.17
N LYS Z 151 16.68 29.97 -31.85
CA LYS Z 151 16.69 31.31 -31.27
C LYS Z 151 17.89 32.11 -31.76
N LYS Z 152 19.04 31.45 -31.86
CA LYS Z 152 20.25 32.11 -32.34
C LYS Z 152 20.25 32.21 -33.87
N LEU Z 153 19.77 31.18 -34.56
CA LEU Z 153 19.89 31.09 -36.03
C LEU Z 153 18.76 31.74 -36.80
N TYR Z 154 17.71 32.26 -36.15
CA TYR Z 154 16.52 32.64 -36.91
C TYR Z 154 16.68 33.95 -37.66
N SER Z 155 17.53 34.85 -37.17
CA SER Z 155 17.82 36.07 -37.91
C SER Z 155 18.33 35.78 -39.32
N GLN Z 156 18.84 34.60 -39.59
CA GLN Z 156 19.38 34.25 -40.90
C GLN Z 156 18.31 33.75 -41.86
N VAL Z 157 17.05 33.74 -41.46
CA VAL Z 157 16.00 33.13 -42.26
C VAL Z 157 15.40 34.23 -43.12
N THR Z 158 15.85 34.32 -44.36
CA THR Z 158 15.39 35.34 -45.29
C THR Z 158 14.56 34.78 -46.43
N ASP Z 159 14.59 33.47 -46.65
CA ASP Z 159 13.84 32.84 -47.74
C ASP Z 159 13.60 31.39 -47.34
N GLY Z 160 13.02 30.63 -48.27
CA GLY Z 160 12.77 29.22 -48.00
C GLY Z 160 14.03 28.41 -47.92
N ASP Z 161 15.04 28.78 -48.68
CA ASP Z 161 16.30 28.05 -48.64
C ASP Z 161 16.99 28.22 -47.29
N SER Z 162 17.11 29.47 -46.83
CA SER Z 162 17.66 29.71 -45.49
C SER Z 162 16.80 29.06 -44.43
N GLY Z 163 15.48 29.22 -44.52
CA GLY Z 163 14.61 28.58 -43.56
C GLY Z 163 14.84 27.08 -43.47
N LEU Z 164 14.96 26.43 -44.62
CA LEU Z 164 15.19 24.99 -44.64
C LEU Z 164 16.53 24.65 -43.99
N ARG Z 165 17.56 25.42 -44.31
CA ARG Z 165 18.88 25.18 -43.73
C ARG Z 165 18.85 25.33 -42.22
N VAL Z 166 18.21 26.38 -41.71
CA VAL Z 166 18.17 26.58 -40.26
C VAL Z 166 17.37 25.46 -39.60
N ALA Z 167 16.29 25.02 -40.23
CA ALA Z 167 15.55 23.90 -39.67
C ALA Z 167 16.44 22.67 -39.55
N VAL Z 168 17.07 22.25 -40.66
CA VAL Z 168 17.90 21.05 -40.60
C VAL Z 168 19.02 21.21 -39.57
N GLU Z 169 19.57 22.41 -39.43
CA GLU Z 169 20.61 22.62 -38.42
C GLU Z 169 20.04 22.51 -37.01
N ALA Z 170 18.79 22.93 -36.78
CA ALA Z 170 18.20 22.71 -35.46
C ALA Z 170 18.01 21.23 -35.19
N LEU Z 171 17.51 20.48 -36.18
CA LEU Z 171 17.44 19.03 -36.00
C LEU Z 171 18.82 18.46 -35.69
N TYR Z 172 19.86 19.02 -36.31
CA TYR Z 172 21.22 18.55 -36.05
C TYR Z 172 21.63 18.79 -34.61
N ASP Z 173 21.41 20.01 -34.12
CA ASP Z 173 21.76 20.32 -32.73
C ASP Z 173 21.02 19.43 -31.74
N ALA Z 174 19.73 19.20 -32.01
CA ALA Z 174 18.96 18.29 -31.18
C ALA Z 174 19.60 16.91 -31.15
N ALA Z 175 19.85 16.33 -32.32
CA ALA Z 175 20.45 14.98 -32.34
C ALA Z 175 21.78 14.97 -31.61
N ASP Z 176 22.47 16.11 -31.60
CA ASP Z 176 23.75 16.25 -30.92
C ASP Z 176 23.61 16.18 -29.41
N ASP Z 177 22.46 16.58 -28.84
CA ASP Z 177 22.31 16.53 -27.38
C ASP Z 177 21.28 15.51 -26.87
N ASP Z 178 20.41 14.95 -27.72
CA ASP Z 178 19.38 14.03 -27.30
C ASP Z 178 19.55 12.72 -28.05
N SER Z 179 19.88 11.65 -27.32
CA SER Z 179 20.10 10.36 -27.97
C SER Z 179 18.84 9.79 -28.60
N ALA Z 180 17.67 10.28 -28.24
CA ALA Z 180 16.40 9.84 -28.82
C ALA Z 180 16.03 10.60 -30.09
N THR Z 181 16.90 11.50 -30.56
CA THR Z 181 16.73 12.16 -31.85
C THR Z 181 17.90 11.75 -32.75
N GLY Z 182 17.59 11.22 -33.93
CA GLY Z 182 18.63 10.71 -34.81
C GLY Z 182 19.28 11.82 -35.62
N GLY Z 183 20.61 11.82 -35.66
CA GLY Z 183 21.35 12.71 -36.52
C GLY Z 183 21.30 12.25 -37.96
N PRO Z 184 21.76 13.09 -38.89
CA PRO Z 184 21.96 12.62 -40.27
C PRO Z 184 22.86 11.40 -40.30
N ASP Z 185 22.47 10.39 -41.07
CA ASP Z 185 23.21 9.15 -41.23
C ASP Z 185 23.86 9.17 -42.61
N LEU Z 186 25.15 9.52 -42.68
CA LEU Z 186 25.82 9.54 -43.97
C LEU Z 186 26.12 8.13 -44.47
N VAL Z 187 26.43 7.20 -43.57
CA VAL Z 187 26.70 5.83 -44.00
C VAL Z 187 25.53 5.26 -44.77
N ARG Z 188 24.32 5.50 -44.28
CA ARG Z 188 23.10 4.92 -44.85
C ARG Z 188 22.36 5.87 -45.77
N GLY Z 189 22.72 7.15 -45.78
CA GLY Z 189 21.98 8.11 -46.59
C GLY Z 189 20.56 8.34 -46.12
N ILE Z 190 20.34 8.35 -44.81
CA ILE Z 190 19.06 8.67 -44.21
C ILE Z 190 19.17 10.06 -43.59
N PHE Z 191 18.25 10.95 -43.95
CA PHE Z 191 18.26 12.32 -43.46
C PHE Z 191 16.88 12.70 -42.96
N PRO Z 192 16.76 13.78 -42.20
CA PRO Z 192 15.45 14.19 -41.71
C PRO Z 192 14.46 14.38 -42.85
N THR Z 193 13.18 14.07 -42.60
CA THR Z 193 12.21 14.48 -43.59
C THR Z 193 11.86 15.94 -43.38
N ALA Z 194 11.35 16.57 -44.44
CA ALA Z 194 10.98 17.97 -44.41
C ALA Z 194 9.86 18.23 -45.42
N VAL Z 195 9.01 19.18 -45.06
CA VAL Z 195 7.93 19.65 -45.91
C VAL Z 195 7.97 21.16 -45.90
N ILE Z 196 7.72 21.77 -47.05
CA ILE Z 196 7.67 23.22 -47.17
C ILE Z 196 6.34 23.60 -47.79
N ILE Z 197 5.71 24.64 -47.24
CA ILE Z 197 4.42 25.10 -47.72
C ILE Z 197 4.51 26.58 -48.07
N ASP Z 198 4.01 26.94 -49.24
CA ASP Z 198 3.79 28.34 -49.57
C ASP Z 198 2.47 28.44 -50.32
N ALA Z 199 2.27 29.54 -51.05
CA ALA Z 199 1.00 29.72 -51.76
C ALA Z 199 0.67 28.54 -52.68
N ASP Z 200 1.70 27.88 -53.22
CA ASP Z 200 1.48 26.79 -54.17
C ASP Z 200 1.19 25.47 -53.49
N GLY Z 201 1.16 25.43 -52.17
CA GLY Z 201 0.73 24.25 -51.44
C GLY Z 201 1.83 23.70 -50.56
N ALA Z 202 1.60 22.47 -50.12
CA ALA Z 202 2.53 21.73 -49.28
C ALA Z 202 3.25 20.70 -50.13
N VAL Z 203 4.57 20.68 -50.05
CA VAL Z 203 5.37 19.81 -50.90
C VAL Z 203 6.48 19.17 -50.07
N ASP Z 204 6.77 17.89 -50.39
CA ASP Z 204 7.85 17.15 -49.74
C ASP Z 204 9.20 17.63 -50.24
N VAL Z 205 10.11 17.89 -49.32
CA VAL Z 205 11.44 18.32 -49.72
C VAL Z 205 12.24 17.10 -50.14
N PRO Z 206 12.84 17.08 -51.32
CA PRO Z 206 13.57 15.89 -51.77
C PRO Z 206 14.74 15.58 -50.84
N GLU Z 207 14.98 14.28 -50.64
CA GLU Z 207 15.99 13.83 -49.71
C GLU Z 207 17.36 14.45 -50.04
N SER Z 208 17.69 14.53 -51.34
CA SER Z 208 19.02 14.99 -51.74
C SER Z 208 19.30 16.42 -51.29
N ARG Z 209 18.28 17.27 -51.26
CA ARG Z 209 18.45 18.63 -50.77
C ARG Z 209 18.74 18.65 -49.27
N ILE Z 210 18.01 17.83 -48.49
CA ILE Z 210 18.30 17.71 -47.07
C ILE Z 210 19.72 17.19 -46.86
N ALA Z 211 20.17 16.26 -47.71
CA ALA Z 211 21.52 15.75 -47.59
C ALA Z 211 22.56 16.83 -47.82
N GLU Z 212 22.42 17.59 -48.92
CA GLU Z 212 23.37 18.68 -49.16
C GLU Z 212 23.43 19.61 -47.95
N LEU Z 213 22.25 20.01 -47.44
CA LEU Z 213 22.24 20.85 -46.24
C LEU Z 213 23.00 20.19 -45.09
N ALA Z 214 22.74 18.90 -44.87
CA ALA Z 214 23.39 18.18 -43.79
C ALA Z 214 24.91 18.26 -43.91
N ARG Z 215 25.45 17.88 -45.08
CA ARG Z 215 26.88 17.92 -45.26
C ARG Z 215 27.42 19.32 -45.05
N ALA Z 216 26.70 20.34 -45.53
CA ALA Z 216 27.16 21.71 -45.31
C ALA Z 216 27.27 22.03 -43.82
N ILE Z 217 26.32 21.52 -43.02
CA ILE Z 217 26.35 21.77 -41.58
C ILE Z 217 27.52 21.07 -40.93
N ILE Z 218 27.65 19.76 -41.18
CA ILE Z 218 28.76 18.98 -40.63
C ILE Z 218 30.08 19.65 -40.99
N GLU Z 219 30.32 19.86 -42.29
CA GLU Z 219 31.50 20.59 -42.76
C GLU Z 219 31.72 21.86 -41.95
N SER Z 220 30.67 22.68 -41.85
CA SER Z 220 30.77 23.93 -41.13
C SER Z 220 31.12 23.76 -39.66
N ARG Z 221 30.87 22.58 -39.07
CA ARG Z 221 31.21 22.39 -37.66
C ARG Z 221 32.52 21.66 -37.45
N SER Z 222 33.20 21.26 -38.51
CA SER Z 222 34.50 20.61 -38.39
C SER Z 222 35.63 21.60 -38.66
N THR AA 1 11.72 -17.63 -28.23
CA THR AA 1 11.41 -17.67 -29.66
C THR AA 1 12.36 -16.84 -30.50
N THR AA 2 12.62 -17.31 -31.71
CA THR AA 2 13.25 -16.48 -32.73
C THR AA 2 12.57 -16.78 -34.06
N ILE AA 3 12.04 -15.73 -34.68
CA ILE AA 3 11.57 -15.74 -36.06
C ILE AA 3 12.43 -14.76 -36.84
N VAL AA 4 12.86 -15.16 -38.04
CA VAL AA 4 13.64 -14.31 -38.94
C VAL AA 4 12.94 -14.20 -40.28
N ALA AA 5 13.17 -13.07 -40.94
CA ALA AA 5 12.76 -12.91 -42.33
C ALA AA 5 13.83 -12.12 -43.08
N LEU AA 6 13.97 -12.38 -44.38
CA LEU AA 6 14.87 -11.56 -45.15
C LEU AA 6 14.48 -11.59 -46.62
N LYS AA 7 14.85 -10.53 -47.31
CA LYS AA 7 14.63 -10.39 -48.75
C LYS AA 7 15.83 -10.90 -49.50
N TYR AA 8 15.60 -11.72 -50.51
CA TYR AA 8 16.63 -12.06 -51.47
C TYR AA 8 16.18 -11.61 -52.84
N PRO AA 9 17.05 -11.61 -53.86
CA PRO AA 9 16.61 -11.17 -55.19
C PRO AA 9 15.36 -11.90 -55.68
N GLY AA 10 14.26 -11.16 -55.78
CA GLY AA 10 13.00 -11.71 -56.27
C GLY AA 10 12.07 -12.30 -55.22
N GLY AA 11 12.44 -12.31 -53.94
CA GLY AA 11 11.60 -13.03 -53.00
C GLY AA 11 11.93 -12.70 -51.56
N VAL AA 12 11.19 -13.38 -50.66
CA VAL AA 12 11.41 -13.30 -49.23
C VAL AA 12 11.45 -14.71 -48.67
N VAL AA 13 12.09 -14.85 -47.49
CA VAL AA 13 12.07 -16.08 -46.72
C VAL AA 13 11.81 -15.73 -45.27
N MET AA 14 11.14 -16.65 -44.56
CA MET AA 14 10.85 -16.51 -43.15
C MET AA 14 11.02 -17.85 -42.47
N ALA AA 15 11.67 -17.87 -41.31
CA ALA AA 15 11.93 -19.11 -40.61
C ALA AA 15 11.75 -18.92 -39.12
N GLY AA 16 11.33 -19.97 -38.44
CA GLY AA 16 11.08 -19.91 -37.01
C GLY AA 16 11.54 -21.17 -36.31
N ASP AA 17 11.88 -21.01 -35.03
CA ASP AA 17 12.30 -22.15 -34.23
C ASP AA 17 11.07 -22.92 -33.72
N ARG AA 18 11.33 -24.02 -33.03
CA ARG AA 18 10.29 -25.00 -32.70
C ARG AA 18 10.05 -25.13 -31.20
N ARG AA 19 10.57 -24.20 -30.41
CA ARG AA 19 10.65 -24.36 -28.97
C ARG AA 19 9.49 -23.66 -28.27
N SER AA 20 8.99 -24.32 -27.22
CA SER AA 20 7.94 -23.80 -26.34
C SER AA 20 8.45 -23.98 -24.91
N THR AA 21 8.35 -22.95 -24.07
CA THR AA 21 8.81 -23.08 -22.68
C THR AA 21 7.74 -22.56 -21.72
N GLN AA 22 7.89 -22.97 -20.47
CA GLN AA 22 7.23 -22.35 -19.33
C GLN AA 22 8.33 -22.10 -18.30
N GLY AA 23 8.75 -20.85 -18.17
CA GLY AA 23 9.93 -20.59 -17.35
C GLY AA 23 11.11 -21.33 -17.92
N ASN AA 24 11.81 -22.06 -17.04
CA ASN AA 24 12.94 -22.88 -17.48
C ASN AA 24 12.50 -24.16 -18.18
N MET AA 25 11.25 -24.58 -18.01
CA MET AA 25 10.85 -25.92 -18.43
C MET AA 25 10.46 -25.93 -19.91
N ILE AA 26 10.96 -26.92 -20.64
CA ILE AA 26 10.65 -27.05 -22.06
C ILE AA 26 9.31 -27.77 -22.19
N SER AA 27 8.29 -27.05 -22.67
CA SER AA 27 6.97 -27.63 -22.83
C SER AA 27 6.63 -28.01 -24.26
N GLY AA 28 7.48 -27.63 -25.22
CA GLY AA 28 7.28 -28.03 -26.60
C GLY AA 28 8.56 -28.09 -27.39
N ARG AA 29 8.67 -29.10 -28.27
CA ARG AA 29 9.81 -29.23 -29.18
C ARG AA 29 9.43 -29.10 -30.64
N ASP AA 30 8.14 -29.01 -30.97
CA ASP AA 30 7.75 -29.06 -32.37
C ASP AA 30 6.72 -27.99 -32.71
N VAL AA 31 6.62 -26.93 -31.90
CA VAL AA 31 5.61 -25.93 -32.18
C VAL AA 31 5.93 -25.21 -33.48
N ARG AA 32 4.89 -24.82 -34.18
CA ARG AA 32 5.01 -24.12 -35.44
C ARG AA 32 4.67 -22.65 -35.20
N LYS AA 33 5.59 -21.76 -35.56
CA LYS AA 33 5.41 -20.36 -35.28
C LYS AA 33 5.36 -19.49 -36.54
N VAL AA 34 5.58 -20.08 -37.71
CA VAL AA 34 5.56 -19.33 -38.97
C VAL AA 34 4.49 -19.97 -39.85
N TYR AA 35 3.61 -19.13 -40.39
CA TYR AA 35 2.42 -19.60 -41.08
C TYR AA 35 2.20 -18.87 -42.38
N ILE AA 36 1.92 -19.64 -43.44
CA ILE AA 36 1.43 -19.07 -44.69
C ILE AA 36 0.03 -18.54 -44.44
N THR AA 37 -0.12 -17.21 -44.43
CA THR AA 37 -1.43 -16.61 -44.15
C THR AA 37 -2.22 -16.25 -45.40
N ASP AA 38 -1.56 -16.07 -46.55
CA ASP AA 38 -2.26 -16.13 -47.83
C ASP AA 38 -1.27 -16.48 -48.91
N ASP AA 39 -1.76 -16.61 -50.14
CA ASP AA 39 -0.93 -17.10 -51.24
C ASP AA 39 0.35 -16.29 -51.40
N TYR AA 40 0.39 -15.06 -50.88
CA TYR AA 40 1.55 -14.21 -51.08
C TYR AA 40 2.06 -13.59 -49.78
N THR AA 41 1.67 -14.13 -48.63
CA THR AA 41 2.12 -13.56 -47.36
C THR AA 41 2.25 -14.68 -46.32
N ALA AA 42 3.31 -14.57 -45.52
CA ALA AA 42 3.54 -15.40 -44.35
C ALA AA 42 3.70 -14.51 -43.11
N THR AA 43 3.25 -15.03 -41.98
CA THR AA 43 3.26 -14.33 -40.70
C THR AA 43 3.92 -15.24 -39.66
N GLY AA 44 4.81 -14.66 -38.86
CA GLY AA 44 5.46 -15.41 -37.81
C GLY AA 44 5.34 -14.64 -36.52
N ILE AA 45 4.80 -15.24 -35.47
CA ILE AA 45 4.46 -14.48 -34.27
C ILE AA 45 5.25 -15.04 -33.10
N ALA AA 46 5.79 -14.14 -32.28
CA ALA AA 46 6.45 -14.51 -31.04
C ALA AA 46 5.55 -14.13 -29.87
N GLY AA 47 5.78 -14.72 -28.71
CA GLY AA 47 4.90 -14.40 -27.59
C GLY AA 47 4.24 -15.60 -26.96
N THR AA 48 3.04 -15.40 -26.41
CA THR AA 48 2.31 -16.50 -25.79
C THR AA 48 1.81 -17.44 -26.87
N ALA AA 49 2.14 -18.73 -26.76
CA ALA AA 49 1.80 -19.68 -27.81
C ALA AA 49 0.34 -19.54 -28.24
N ALA AA 50 -0.58 -19.44 -27.27
CA ALA AA 50 -2.01 -19.45 -27.60
C ALA AA 50 -2.39 -18.21 -28.41
N VAL AA 51 -2.01 -17.03 -27.93
CA VAL AA 51 -2.39 -15.81 -28.63
C VAL AA 51 -1.74 -15.78 -30.00
N ALA AA 52 -0.48 -16.22 -30.08
CA ALA AA 52 0.24 -16.15 -31.34
C ALA AA 52 -0.43 -17.01 -32.42
N VAL AA 53 -0.72 -18.27 -32.07
CA VAL AA 53 -1.47 -19.11 -32.99
C VAL AA 53 -2.80 -18.46 -33.36
N GLU AA 54 -3.56 -18.05 -32.34
CA GLU AA 54 -4.89 -17.50 -32.61
C GLU AA 54 -4.80 -16.35 -33.61
N PHE AA 55 -3.78 -15.50 -33.46
CA PHE AA 55 -3.52 -14.40 -34.40
C PHE AA 55 -3.30 -14.94 -35.79
N ALA AA 56 -2.32 -15.83 -35.97
CA ALA AA 56 -2.06 -16.34 -37.31
C ALA AA 56 -3.35 -16.81 -37.97
N ARG AA 57 -4.15 -17.57 -37.23
CA ARG AA 57 -5.35 -18.19 -37.81
C ARG AA 57 -6.41 -17.14 -38.15
N LEU AA 58 -6.76 -16.29 -37.19
CA LEU AA 58 -7.76 -15.26 -37.40
C LEU AA 58 -7.34 -14.26 -38.48
N TYR AA 59 -6.03 -14.01 -38.62
CA TYR AA 59 -5.55 -13.08 -39.62
C TYR AA 59 -5.72 -13.67 -41.03
N ALA AA 60 -5.26 -14.92 -41.22
CA ALA AA 60 -5.53 -15.60 -42.49
C ALA AA 60 -7.01 -15.54 -42.81
N VAL AA 61 -7.86 -15.86 -41.83
CA VAL AA 61 -9.29 -15.86 -42.09
C VAL AA 61 -9.75 -14.49 -42.51
N GLU AA 62 -9.25 -13.42 -41.87
CA GLU AA 62 -9.71 -12.08 -42.23
C GLU AA 62 -9.31 -11.72 -43.67
N LEU AA 63 -8.10 -12.08 -44.08
CA LEU AA 63 -7.65 -11.76 -45.43
C LEU AA 63 -8.50 -12.49 -46.47
N GLU AA 64 -8.71 -13.80 -46.27
CA GLU AA 64 -9.56 -14.52 -47.21
C GLU AA 64 -11.00 -14.04 -47.16
N HIS AA 65 -11.47 -13.63 -45.97
CA HIS AA 65 -12.79 -13.06 -45.86
C HIS AA 65 -12.93 -11.88 -46.80
N TYR AA 66 -11.98 -10.93 -46.74
CA TYR AA 66 -12.03 -9.81 -47.66
C TYR AA 66 -12.04 -10.30 -49.10
N GLU AA 67 -11.10 -11.19 -49.45
CA GLU AA 67 -11.01 -11.65 -50.82
C GLU AA 67 -12.33 -12.19 -51.34
N LYS AA 68 -13.03 -13.01 -50.54
CA LYS AA 68 -14.30 -13.58 -51.00
C LYS AA 68 -15.40 -12.51 -51.04
N LEU AA 69 -15.40 -11.59 -50.09
CA LEU AA 69 -16.49 -10.62 -50.07
C LEU AA 69 -16.37 -9.63 -51.24
N GLU AA 70 -15.16 -9.33 -51.67
CA GLU AA 70 -14.95 -8.24 -52.61
C GLU AA 70 -14.34 -8.69 -53.92
N GLY AA 71 -14.08 -9.99 -54.08
CA GLY AA 71 -13.58 -10.53 -55.34
C GLY AA 71 -12.14 -10.21 -55.63
N VAL AA 72 -11.42 -9.61 -54.70
CA VAL AA 72 -10.03 -9.24 -54.91
C VAL AA 72 -9.35 -9.11 -53.56
N PRO AA 73 -8.08 -9.48 -53.44
CA PRO AA 73 -7.41 -9.36 -52.13
C PRO AA 73 -7.18 -7.90 -51.74
N LEU AA 74 -6.89 -7.72 -50.46
CA LEU AA 74 -6.40 -6.43 -49.98
C LEU AA 74 -5.07 -6.10 -50.62
N THR AA 75 -4.82 -4.81 -50.86
CA THR AA 75 -3.47 -4.35 -51.11
C THR AA 75 -2.56 -4.74 -49.93
N PHE AA 76 -1.25 -4.83 -50.20
CA PHE AA 76 -0.34 -5.13 -49.11
C PHE AA 76 -0.52 -4.12 -47.97
N ALA AA 77 -0.65 -2.84 -48.30
CA ALA AA 77 -0.90 -1.82 -47.29
C ALA AA 77 -2.09 -2.19 -46.40
N GLY AA 78 -3.22 -2.54 -47.02
CA GLY AA 78 -4.36 -2.98 -46.22
C GLY AA 78 -4.05 -4.17 -45.33
N LYS AA 79 -3.35 -5.17 -45.87
CA LYS AA 79 -2.99 -6.32 -45.04
C LYS AA 79 -2.19 -5.89 -43.81
N ILE AA 80 -1.24 -4.97 -44.00
CA ILE AA 80 -0.48 -4.43 -42.88
C ILE AA 80 -1.40 -3.75 -41.88
N ASN AA 81 -2.26 -2.85 -42.35
CA ASN AA 81 -3.14 -2.13 -41.42
C ASN AA 81 -4.02 -3.09 -40.62
N ARG AA 82 -4.44 -4.22 -41.21
CA ARG AA 82 -5.31 -5.13 -40.47
C ARG AA 82 -4.53 -5.86 -39.38
N LEU AA 83 -3.29 -6.28 -39.68
CA LEU AA 83 -2.46 -6.88 -38.64
C LEU AA 83 -2.18 -5.89 -37.51
N ALA AA 84 -1.76 -4.67 -37.86
CA ALA AA 84 -1.54 -3.64 -36.87
C ALA AA 84 -2.77 -3.43 -36.00
N ILE AA 85 -3.95 -3.40 -36.61
CA ILE AA 85 -5.16 -3.15 -35.84
C ILE AA 85 -5.39 -4.28 -34.85
N MET AA 86 -5.15 -5.52 -35.28
CA MET AA 86 -5.25 -6.65 -34.37
C MET AA 86 -4.30 -6.48 -33.18
N VAL AA 87 -3.03 -6.22 -33.44
CA VAL AA 87 -2.06 -6.06 -32.35
C VAL AA 87 -2.51 -4.99 -31.36
N ARG AA 88 -2.82 -3.79 -31.89
CA ARG AA 88 -3.31 -2.72 -31.02
C ARG AA 88 -4.48 -3.21 -30.18
N GLY AA 89 -5.41 -3.94 -30.79
CA GLY AA 89 -6.52 -4.48 -30.05
C GLY AA 89 -6.12 -5.39 -28.91
N ASN AA 90 -5.01 -6.10 -29.05
CA ASN AA 90 -4.58 -7.00 -28.00
C ASN AA 90 -3.74 -6.33 -26.92
N LEU AA 91 -3.32 -5.07 -27.13
CA LEU AA 91 -2.39 -4.42 -26.21
C LEU AA 91 -2.62 -4.68 -24.71
N ALA AA 92 -3.84 -4.46 -24.21
CA ALA AA 92 -4.05 -4.57 -22.76
C ALA AA 92 -3.81 -5.99 -22.27
N ALA AA 93 -4.35 -6.97 -22.98
CA ALA AA 93 -4.04 -8.36 -22.65
C ALA AA 93 -2.53 -8.61 -22.69
N ALA AA 94 -1.84 -8.08 -23.70
CA ALA AA 94 -0.40 -8.30 -23.78
C ALA AA 94 0.31 -7.73 -22.56
N MET AA 95 -0.14 -6.58 -22.07
CA MET AA 95 0.43 -6.08 -20.82
C MET AA 95 0.01 -6.92 -19.63
N GLN AA 96 -0.92 -7.86 -19.78
CA GLN AA 96 -1.17 -8.86 -18.75
C GLN AA 96 -0.58 -10.23 -19.09
N GLY AA 97 0.43 -10.30 -19.96
CA GLY AA 97 1.10 -11.56 -20.27
C GLY AA 97 0.52 -12.36 -21.42
N LEU AA 98 -0.44 -11.82 -22.18
CA LEU AA 98 -0.94 -12.48 -23.37
C LEU AA 98 -0.40 -11.80 -24.64
N LEU AA 99 0.93 -11.80 -24.78
CA LEU AA 99 1.57 -11.04 -25.84
C LEU AA 99 1.59 -11.80 -27.17
N ALA AA 100 1.41 -11.06 -28.26
CA ALA AA 100 1.56 -11.58 -29.62
C ALA AA 100 2.31 -10.51 -30.40
N LEU AA 101 3.56 -10.79 -30.74
CA LEU AA 101 4.36 -9.82 -31.50
C LEU AA 101 4.64 -10.41 -32.88
N PRO AA 102 3.98 -9.93 -33.94
CA PRO AA 102 4.17 -10.52 -35.26
C PRO AA 102 5.33 -9.91 -36.05
N LEU AA 103 5.79 -10.71 -37.01
CA LEU AA 103 6.70 -10.30 -38.07
C LEU AA 103 6.09 -10.79 -39.37
N LEU AA 104 5.97 -9.88 -40.35
CA LEU AA 104 5.21 -10.14 -41.56
C LEU AA 104 6.16 -10.17 -42.76
N ALA AA 105 6.10 -11.24 -43.53
CA ALA AA 105 6.85 -11.36 -44.77
C ALA AA 105 5.87 -11.50 -45.91
N GLY AA 106 6.15 -10.86 -47.03
CA GLY AA 106 5.20 -10.91 -48.13
C GLY AA 106 5.84 -10.58 -49.47
N TYR AA 107 5.13 -10.93 -50.54
CA TYR AA 107 5.48 -10.59 -51.90
C TYR AA 107 4.34 -9.75 -52.48
N ASP AA 108 4.66 -8.54 -52.95
CA ASP AA 108 3.63 -7.62 -53.42
C ASP AA 108 3.45 -7.75 -54.92
N ILE AA 109 2.33 -8.36 -55.33
CA ILE AA 109 2.01 -8.54 -56.73
C ILE AA 109 1.67 -7.24 -57.44
N HIS AA 110 1.61 -6.12 -56.71
CA HIS AA 110 1.41 -4.81 -57.32
C HIS AA 110 2.61 -3.90 -57.16
N ALA AA 111 3.74 -4.43 -56.70
CA ALA AA 111 4.96 -3.64 -56.59
C ALA AA 111 5.55 -3.38 -57.98
N SER AA 112 6.27 -2.25 -58.10
CA SER AA 112 6.87 -1.86 -59.36
C SER AA 112 7.89 -2.90 -59.84
N ASP AA 113 8.98 -3.09 -59.11
CA ASP AA 113 10.05 -3.97 -59.56
C ASP AA 113 9.89 -5.35 -58.93
N PRO AA 114 9.48 -6.37 -59.68
CA PRO AA 114 9.33 -7.71 -59.10
C PRO AA 114 10.59 -8.26 -58.44
N GLN AA 115 11.79 -7.84 -58.84
CA GLN AA 115 12.98 -8.39 -58.20
C GLN AA 115 13.07 -7.94 -56.75
N SER AA 116 12.52 -6.77 -56.42
CA SER AA 116 12.48 -6.26 -55.06
C SER AA 116 11.04 -6.12 -54.57
N ALA AA 117 10.12 -6.90 -55.13
CA ALA AA 117 8.76 -6.98 -54.60
C ALA AA 117 8.71 -7.61 -53.21
N GLY AA 118 9.83 -8.11 -52.70
CA GLY AA 118 9.87 -8.55 -51.32
C GLY AA 118 9.47 -7.45 -50.35
N ARG AA 119 8.83 -7.87 -49.27
CA ARG AA 119 8.30 -6.98 -48.25
C ARG AA 119 8.53 -7.63 -46.89
N ILE AA 120 9.09 -6.86 -45.97
CA ILE AA 120 9.31 -7.31 -44.60
C ILE AA 120 8.80 -6.21 -43.69
N VAL AA 121 7.82 -6.53 -42.85
CA VAL AA 121 7.14 -5.56 -42.01
C VAL AA 121 7.30 -5.99 -40.56
N SER AA 122 7.86 -5.09 -39.74
CA SER AA 122 8.03 -5.32 -38.32
C SER AA 122 6.99 -4.51 -37.54
N PHE AA 123 6.64 -5.02 -36.36
CA PHE AA 123 5.60 -4.45 -35.51
C PHE AA 123 6.11 -4.31 -34.08
N ASP AA 124 5.49 -3.38 -33.35
CA ASP AA 124 5.65 -3.33 -31.91
C ASP AA 124 4.31 -3.62 -31.24
N ALA AA 125 4.36 -3.74 -29.92
CA ALA AA 125 3.20 -4.19 -29.16
C ALA AA 125 2.02 -3.23 -29.27
N ALA AA 126 2.24 -2.01 -29.74
CA ALA AA 126 1.13 -1.07 -29.87
C ALA AA 126 0.48 -1.13 -31.25
N GLY AA 127 1.03 -1.91 -32.17
CA GLY AA 127 0.57 -1.91 -33.53
C GLY AA 127 1.34 -0.99 -34.46
N GLY AA 128 2.29 -0.22 -33.92
CA GLY AA 128 3.24 0.44 -34.79
C GLY AA 128 3.90 -0.57 -35.70
N TRP AA 129 4.13 -0.16 -36.94
CA TRP AA 129 4.77 -1.02 -37.93
C TRP AA 129 5.78 -0.20 -38.71
N ASN AA 130 6.75 -0.90 -39.28
CA ASN AA 130 7.72 -0.33 -40.21
C ASN AA 130 8.02 -1.36 -41.29
N ILE AA 131 8.06 -0.91 -42.54
CA ILE AA 131 8.49 -1.76 -43.64
C ILE AA 131 10.01 -1.72 -43.71
N GLU AA 132 10.65 -2.88 -43.55
CA GLU AA 132 12.09 -2.95 -43.32
C GLU AA 132 12.87 -2.78 -44.62
N GLU AA 133 13.69 -1.74 -44.68
CA GLU AA 133 14.38 -1.41 -45.91
C GLU AA 133 15.80 -1.91 -45.96
N GLU AA 134 16.34 -2.46 -44.86
CA GLU AA 134 17.70 -2.98 -44.87
C GLU AA 134 17.77 -4.49 -45.06
N GLY AA 135 16.64 -5.13 -45.37
CA GLY AA 135 16.65 -6.44 -45.99
C GLY AA 135 16.42 -7.63 -45.07
N TYR AA 136 16.42 -7.46 -43.76
CA TYR AA 136 16.19 -8.57 -42.86
C TYR AA 136 15.56 -8.06 -41.59
N GLN AA 137 14.98 -8.98 -40.82
CA GLN AA 137 14.35 -8.61 -39.56
C GLN AA 137 14.15 -9.87 -38.73
N ALA AA 138 13.91 -9.67 -37.44
CA ALA AA 138 13.73 -10.79 -36.54
C ALA AA 138 12.86 -10.36 -35.37
N VAL AA 139 12.11 -11.32 -34.82
CA VAL AA 139 11.26 -11.07 -33.66
C VAL AA 139 11.46 -12.22 -32.68
N GLY AA 140 11.20 -11.94 -31.41
CA GLY AA 140 11.29 -12.94 -30.37
C GLY AA 140 12.43 -12.64 -29.39
N SER AA 141 12.51 -13.50 -28.36
CA SER AA 141 13.52 -13.35 -27.31
C SER AA 141 14.95 -13.47 -27.82
N GLY AA 142 15.18 -14.14 -28.96
CA GLY AA 142 16.49 -14.24 -29.55
C GLY AA 142 16.74 -13.32 -30.73
N SER AA 143 15.83 -12.38 -31.01
CA SER AA 143 15.94 -11.58 -32.22
C SER AA 143 17.19 -10.69 -32.25
N LEU AA 144 17.73 -10.31 -31.10
CA LEU AA 144 18.98 -9.54 -31.10
C LEU AA 144 20.11 -10.35 -31.71
N PHE AA 145 20.32 -11.57 -31.21
CA PHE AA 145 21.37 -12.41 -31.75
C PHE AA 145 21.15 -12.67 -33.23
N ALA AA 146 19.90 -13.02 -33.60
CA ALA AA 146 19.61 -13.32 -34.99
C ALA AA 146 19.89 -12.12 -35.88
N LYS AA 147 19.55 -10.92 -35.41
CA LYS AA 147 19.75 -9.73 -36.22
C LYS AA 147 21.23 -9.37 -36.33
N SER AA 148 22.01 -9.57 -35.27
CA SER AA 148 23.45 -9.30 -35.39
C SER AA 148 24.10 -10.29 -36.33
N SER AA 149 23.77 -11.57 -36.19
CA SER AA 149 24.23 -12.59 -37.13
C SER AA 149 23.91 -12.20 -38.57
N MET AA 150 22.65 -11.82 -38.83
CA MET AA 150 22.30 -11.45 -40.20
C MET AA 150 23.04 -10.19 -40.64
N LYS AA 151 23.25 -9.24 -39.73
CA LYS AA 151 24.05 -8.08 -40.09
C LYS AA 151 25.39 -8.52 -40.66
N LYS AA 152 25.96 -9.58 -40.08
CA LYS AA 152 27.24 -10.07 -40.61
C LYS AA 152 27.09 -10.97 -41.84
N LEU AA 153 25.96 -11.66 -42.02
CA LEU AA 153 25.87 -12.68 -43.07
C LEU AA 153 25.08 -12.23 -44.30
N TYR AA 154 24.39 -11.10 -44.26
CA TYR AA 154 23.43 -10.77 -45.31
C TYR AA 154 24.08 -10.64 -46.68
N SER AA 155 25.31 -10.13 -46.73
CA SER AA 155 25.99 -9.92 -48.01
C SER AA 155 26.14 -11.21 -48.81
N GLN AA 156 26.03 -12.36 -48.18
CA GLN AA 156 26.09 -13.63 -48.87
C GLN AA 156 24.77 -14.02 -49.51
N VAL AA 157 23.70 -13.26 -49.30
CA VAL AA 157 22.40 -13.61 -49.85
C VAL AA 157 22.35 -13.13 -51.30
N THR AA 158 22.46 -14.06 -52.24
CA THR AA 158 22.37 -13.75 -53.67
C THR AA 158 21.20 -14.44 -54.35
N ASP AA 159 20.44 -15.26 -53.63
CA ASP AA 159 19.34 -16.02 -54.20
C ASP AA 159 18.53 -16.64 -53.07
N GLY AA 160 17.48 -17.38 -53.45
CA GLY AA 160 16.61 -17.98 -52.46
C GLY AA 160 17.32 -18.97 -51.56
N ASP AA 161 18.23 -19.77 -52.12
CA ASP AA 161 18.85 -20.84 -51.33
C ASP AA 161 19.87 -20.31 -50.34
N SER AA 162 20.66 -19.30 -50.74
CA SER AA 162 21.58 -18.67 -49.79
C SER AA 162 20.82 -17.84 -48.76
N GLY AA 163 19.65 -17.32 -49.12
CA GLY AA 163 18.81 -16.66 -48.14
C GLY AA 163 18.26 -17.63 -47.12
N LEU AA 164 17.89 -18.84 -47.57
CA LEU AA 164 17.46 -19.87 -46.65
C LEU AA 164 18.60 -20.32 -45.73
N ARG AA 165 19.80 -20.51 -46.28
CA ARG AA 165 20.93 -20.84 -45.41
C ARG AA 165 21.19 -19.73 -44.39
N VAL AA 166 21.13 -18.47 -44.82
CA VAL AA 166 21.40 -17.41 -43.85
C VAL AA 166 20.30 -17.37 -42.78
N ALA AA 167 19.04 -17.59 -43.17
CA ALA AA 167 17.97 -17.57 -42.17
C ALA AA 167 18.13 -18.71 -41.16
N VAL AA 168 18.47 -19.92 -41.64
CA VAL AA 168 18.69 -21.05 -40.75
C VAL AA 168 19.87 -20.78 -39.85
N GLU AA 169 20.90 -20.14 -40.38
CA GLU AA 169 22.08 -19.86 -39.57
C GLU AA 169 21.77 -18.83 -38.49
N ALA AA 170 21.05 -17.77 -38.84
CA ALA AA 170 20.63 -16.80 -37.84
C ALA AA 170 19.86 -17.50 -36.72
N LEU AA 171 18.96 -18.42 -37.08
CA LEU AA 171 18.23 -19.12 -36.03
C LEU AA 171 19.17 -19.98 -35.18
N TYR AA 172 20.19 -20.55 -35.81
CA TYR AA 172 21.18 -21.32 -35.06
C TYR AA 172 21.87 -20.45 -34.02
N ASP AA 173 22.49 -19.35 -34.46
CA ASP AA 173 23.11 -18.43 -33.52
C ASP AA 173 22.16 -18.06 -32.39
N ALA AA 174 20.93 -17.68 -32.76
CA ALA AA 174 19.93 -17.33 -31.76
C ALA AA 174 19.81 -18.43 -30.71
N ALA AA 175 19.63 -19.69 -31.16
CA ALA AA 175 19.48 -20.76 -30.18
C ALA AA 175 20.77 -20.95 -29.39
N ASP AA 176 21.90 -20.58 -29.97
CA ASP AA 176 23.19 -20.65 -29.30
C ASP AA 176 23.25 -19.72 -28.07
N ASP AA 177 22.64 -18.53 -28.16
CA ASP AA 177 22.73 -17.58 -27.05
C ASP AA 177 21.44 -17.37 -26.26
N ASP AA 178 20.34 -17.99 -26.66
CA ASP AA 178 19.03 -17.79 -26.04
C ASP AA 178 18.41 -19.16 -25.77
N SER AA 179 18.29 -19.53 -24.49
CA SER AA 179 17.80 -20.86 -24.17
C SER AA 179 16.33 -21.04 -24.51
N ALA AA 180 15.60 -19.94 -24.75
CA ALA AA 180 14.19 -19.99 -25.13
C ALA AA 180 14.00 -20.13 -26.63
N THR AA 181 15.08 -20.31 -27.38
CA THR AA 181 15.04 -20.59 -28.80
C THR AA 181 15.66 -21.95 -29.02
N GLY AA 182 14.92 -22.87 -29.63
CA GLY AA 182 15.44 -24.20 -29.85
C GLY AA 182 16.38 -24.27 -31.06
N GLY AA 183 17.51 -24.94 -30.88
CA GLY AA 183 18.35 -25.27 -32.01
C GLY AA 183 17.82 -26.47 -32.79
N PRO AA 184 18.50 -26.79 -33.90
CA PRO AA 184 18.21 -28.05 -34.59
C PRO AA 184 18.40 -29.23 -33.63
N ASP AA 185 17.43 -30.15 -33.65
CA ASP AA 185 17.48 -31.34 -32.79
C ASP AA 185 17.76 -32.52 -33.72
N LEU AA 186 19.01 -32.97 -33.74
CA LEU AA 186 19.40 -34.02 -34.67
C LEU AA 186 19.01 -35.40 -34.17
N VAL AA 187 18.94 -35.60 -32.87
CA VAL AA 187 18.46 -36.89 -32.36
C VAL AA 187 17.01 -37.12 -32.76
N ARG AA 188 16.16 -36.11 -32.59
CA ARG AA 188 14.73 -36.24 -32.85
C ARG AA 188 14.35 -35.89 -34.27
N GLY AA 189 15.24 -35.25 -35.02
CA GLY AA 189 14.96 -34.78 -36.36
C GLY AA 189 13.97 -33.63 -36.46
N ILE AA 190 14.09 -32.64 -35.57
CA ILE AA 190 13.21 -31.48 -35.55
C ILE AA 190 14.05 -30.27 -35.91
N PHE AA 191 13.59 -29.49 -36.89
CA PHE AA 191 14.36 -28.37 -37.39
C PHE AA 191 13.45 -27.17 -37.52
N PRO AA 192 14.01 -25.96 -37.60
CA PRO AA 192 13.18 -24.78 -37.82
C PRO AA 192 12.23 -25.00 -38.99
N THR AA 193 11.12 -24.25 -38.98
CA THR AA 193 10.25 -24.24 -40.15
C THR AA 193 10.58 -23.01 -40.99
N ALA AA 194 10.36 -23.15 -42.30
CA ALA AA 194 10.69 -22.07 -43.22
C ALA AA 194 9.62 -21.99 -44.28
N VAL AA 195 9.21 -20.77 -44.58
CA VAL AA 195 8.37 -20.43 -45.71
C VAL AA 195 9.21 -19.58 -46.65
N ILE AA 196 9.03 -19.78 -47.95
CA ILE AA 196 9.67 -18.91 -48.94
C ILE AA 196 8.58 -18.41 -49.87
N ILE AA 197 8.75 -17.19 -50.35
CA ILE AA 197 7.72 -16.56 -51.17
C ILE AA 197 8.37 -15.85 -52.36
N ASP AA 198 7.88 -16.15 -53.56
CA ASP AA 198 8.27 -15.38 -54.74
C ASP AA 198 7.02 -15.15 -55.60
N ALA AA 199 7.22 -14.86 -56.87
CA ALA AA 199 6.08 -14.57 -57.74
C ALA AA 199 5.16 -15.77 -57.85
N ASP AA 200 5.69 -16.99 -57.79
CA ASP AA 200 4.82 -18.15 -57.86
C ASP AA 200 4.05 -18.40 -56.57
N GLY AA 201 4.18 -17.56 -55.57
CA GLY AA 201 3.45 -17.73 -54.33
C GLY AA 201 4.35 -18.10 -53.15
N ALA AA 202 3.68 -18.35 -52.03
CA ALA AA 202 4.30 -18.75 -50.78
C ALA AA 202 4.23 -20.27 -50.63
N VAL AA 203 5.37 -20.88 -50.37
CA VAL AA 203 5.48 -22.34 -50.26
C VAL AA 203 6.26 -22.69 -49.00
N ASP AA 204 5.84 -23.76 -48.33
CA ASP AA 204 6.60 -24.30 -47.23
C ASP AA 204 7.90 -24.92 -47.72
N VAL AA 205 8.97 -24.66 -46.99
CA VAL AA 205 10.27 -25.25 -47.31
C VAL AA 205 10.31 -26.67 -46.75
N PRO AA 206 10.66 -27.67 -47.57
CA PRO AA 206 10.66 -29.04 -47.05
C PRO AA 206 11.71 -29.24 -45.97
N GLU AA 207 11.33 -30.01 -44.95
CA GLU AA 207 12.20 -30.21 -43.78
C GLU AA 207 13.57 -30.74 -44.16
N SER AA 208 13.68 -31.54 -45.22
CA SER AA 208 14.98 -32.12 -45.55
C SER AA 208 15.98 -31.05 -45.95
N ARG AA 209 15.52 -30.02 -46.66
CA ARG AA 209 16.42 -28.95 -47.09
C ARG AA 209 16.96 -28.19 -45.89
N ILE AA 210 16.07 -27.87 -44.95
CA ILE AA 210 16.49 -27.21 -43.71
C ILE AA 210 17.45 -28.10 -42.94
N ALA AA 211 17.20 -29.41 -42.95
CA ALA AA 211 18.06 -30.35 -42.24
C ALA AA 211 19.47 -30.35 -42.83
N GLU AA 212 19.58 -30.36 -44.16
CA GLU AA 212 20.89 -30.27 -44.80
C GLU AA 212 21.59 -28.97 -44.43
N LEU AA 213 20.89 -27.83 -44.57
CA LEU AA 213 21.51 -26.57 -44.20
C LEU AA 213 21.99 -26.59 -42.74
N ALA AA 214 21.18 -27.15 -41.84
CA ALA AA 214 21.56 -27.21 -40.44
C ALA AA 214 22.82 -28.05 -40.23
N ARG AA 215 22.82 -29.28 -40.74
CA ARG AA 215 23.98 -30.14 -40.56
C ARG AA 215 25.24 -29.49 -41.15
N ALA AA 216 25.11 -28.82 -42.29
CA ALA AA 216 26.25 -28.09 -42.83
C ALA AA 216 26.75 -27.03 -41.84
N ILE AA 217 25.83 -26.24 -41.28
CA ILE AA 217 26.21 -25.21 -40.30
C ILE AA 217 26.96 -25.86 -39.14
N ILE AA 218 26.46 -27.00 -38.66
CA ILE AA 218 27.05 -27.64 -37.48
C ILE AA 218 28.43 -28.15 -37.80
N GLU AA 219 28.58 -28.85 -38.94
CA GLU AA 219 29.89 -29.36 -39.29
C GLU AA 219 30.88 -28.23 -39.51
N SER AA 220 30.41 -27.15 -40.14
CA SER AA 220 31.22 -25.94 -40.28
C SER AA 220 31.78 -25.49 -38.94
N ARG AA 221 30.91 -25.25 -37.97
CA ARG AA 221 31.40 -24.76 -36.69
C ARG AA 221 32.14 -25.82 -35.88
N SER AA 222 32.22 -27.06 -36.35
CA SER AA 222 32.93 -28.09 -35.61
C SER AA 222 34.36 -28.20 -36.16
N GLY AA 223 35.03 -29.31 -35.89
CA GLY AA 223 36.32 -29.57 -36.49
C GLY AA 223 36.23 -29.82 -37.98
N THR BA 1 -2.88 -34.27 -8.45
CA THR BA 1 -3.46 -34.99 -9.57
C THR BA 1 -2.39 -35.43 -10.55
N THR BA 2 -2.54 -36.62 -11.11
CA THR BA 2 -1.85 -36.92 -12.36
C THR BA 2 -2.81 -37.60 -13.31
N ILE BA 3 -2.92 -37.04 -14.52
CA ILE BA 3 -3.58 -37.66 -15.66
C ILE BA 3 -2.49 -38.02 -16.67
N VAL BA 4 -2.58 -39.20 -17.23
CA VAL BA 4 -1.62 -39.66 -18.22
C VAL BA 4 -2.38 -40.12 -19.45
N ALA BA 5 -1.72 -40.00 -20.61
CA ALA BA 5 -2.25 -40.51 -21.87
C ALA BA 5 -1.08 -40.99 -22.72
N LEU BA 6 -1.28 -42.08 -23.44
CA LEU BA 6 -0.22 -42.57 -24.31
C LEU BA 6 -0.81 -43.34 -25.48
N LYS BA 7 -0.15 -43.19 -26.62
CA LYS BA 7 -0.53 -43.86 -27.86
C LYS BA 7 0.06 -45.26 -27.89
N TYR BA 8 -0.75 -46.24 -28.25
CA TYR BA 8 -0.27 -47.58 -28.56
C TYR BA 8 -0.79 -47.99 -29.92
N PRO BA 9 -0.23 -49.04 -30.52
CA PRO BA 9 -0.64 -49.42 -31.89
C PRO BA 9 -2.14 -49.61 -32.01
N GLY BA 10 -2.78 -48.75 -32.80
CA GLY BA 10 -4.20 -48.85 -33.02
C GLY BA 10 -5.08 -48.22 -31.96
N GLY BA 11 -4.52 -47.55 -30.96
CA GLY BA 11 -5.36 -46.91 -29.97
C GLY BA 11 -4.60 -45.94 -29.10
N VAL BA 12 -5.29 -45.52 -28.03
CA VAL BA 12 -4.74 -44.64 -27.02
C VAL BA 12 -5.34 -45.03 -25.67
N VAL BA 13 -4.60 -44.74 -24.60
CA VAL BA 13 -5.11 -44.99 -23.25
C VAL BA 13 -4.90 -43.74 -22.42
N MET BA 14 -5.82 -43.50 -21.48
CA MET BA 14 -5.75 -42.38 -20.56
C MET BA 14 -6.11 -42.88 -19.18
N ALA BA 15 -5.38 -42.43 -18.16
CA ALA BA 15 -5.59 -42.94 -16.82
C ALA BA 15 -5.32 -41.83 -15.82
N GLY BA 16 -6.10 -41.82 -14.75
CA GLY BA 16 -6.04 -40.74 -13.78
C GLY BA 16 -6.18 -41.25 -12.37
N ASP BA 17 -5.51 -40.56 -11.44
CA ASP BA 17 -5.55 -40.92 -10.04
C ASP BA 17 -6.89 -40.50 -9.43
N ARG BA 18 -7.10 -40.85 -8.16
CA ARG BA 18 -8.42 -40.69 -7.53
C ARG BA 18 -8.42 -39.70 -6.37
N ARG BA 19 -7.39 -38.85 -6.22
CA ARG BA 19 -7.20 -38.05 -5.00
C ARG BA 19 -7.70 -36.61 -5.14
N SER BA 20 -8.38 -36.14 -4.09
CA SER BA 20 -8.74 -34.75 -3.93
C SER BA 20 -8.22 -34.23 -2.60
N THR BA 21 -7.61 -33.05 -2.62
CA THR BA 21 -7.01 -32.44 -1.43
C THR BA 21 -7.52 -31.02 -1.25
N GLN BA 22 -7.39 -30.52 -0.03
CA GLN BA 22 -7.50 -29.08 0.26
C GLN BA 22 -6.28 -28.77 1.11
N GLY BA 23 -5.26 -28.17 0.51
CA GLY BA 23 -3.99 -28.04 1.19
C GLY BA 23 -3.42 -29.43 1.43
N ASN BA 24 -2.97 -29.69 2.66
CA ASN BA 24 -2.43 -31.01 2.99
C ASN BA 24 -3.53 -32.03 3.29
N MET BA 25 -4.77 -31.61 3.47
CA MET BA 25 -5.81 -32.52 3.95
C MET BA 25 -6.48 -33.25 2.81
N ILE BA 26 -6.58 -34.56 2.94
CA ILE BA 26 -7.20 -35.43 1.95
C ILE BA 26 -8.71 -35.26 2.07
N SER BA 27 -9.32 -34.70 1.04
CA SER BA 27 -10.75 -34.43 1.06
C SER BA 27 -11.56 -35.42 0.23
N GLY BA 28 -10.92 -36.15 -0.67
CA GLY BA 28 -11.59 -37.23 -1.38
C GLY BA 28 -10.61 -38.32 -1.78
N ARG BA 29 -11.11 -39.56 -1.78
CA ARG BA 29 -10.31 -40.74 -2.11
C ARG BA 29 -10.73 -41.41 -3.41
N ASP BA 30 -11.85 -40.98 -4.02
CA ASP BA 30 -12.50 -41.78 -5.05
C ASP BA 30 -13.06 -40.90 -6.16
N VAL BA 31 -12.48 -39.72 -6.36
CA VAL BA 31 -12.98 -38.83 -7.40
C VAL BA 31 -12.55 -39.36 -8.77
N ARG BA 32 -13.32 -39.01 -9.79
CA ARG BA 32 -13.05 -39.41 -11.16
C ARG BA 32 -12.62 -38.16 -11.93
N LYS BA 33 -11.46 -38.23 -12.57
CA LYS BA 33 -10.90 -37.08 -13.27
C LYS BA 33 -10.78 -37.35 -14.77
N VAL BA 34 -11.23 -38.51 -15.23
CA VAL BA 34 -11.12 -38.92 -16.62
C VAL BA 34 -12.49 -39.31 -17.12
N TYR BA 35 -12.91 -38.70 -18.23
CA TYR BA 35 -14.28 -38.83 -18.68
C TYR BA 35 -14.30 -39.15 -20.16
N ILE BA 36 -15.08 -40.15 -20.53
CA ILE BA 36 -15.45 -40.37 -21.92
C ILE BA 36 -16.29 -39.18 -22.36
N THR BA 37 -15.74 -38.32 -23.20
CA THR BA 37 -16.49 -37.14 -23.60
C THR BA 37 -17.23 -37.33 -24.91
N ASP BA 38 -16.88 -38.35 -25.70
CA ASP BA 38 -17.78 -38.83 -26.74
C ASP BA 38 -17.28 -40.22 -27.17
N ASP BA 39 -17.95 -40.80 -28.17
CA ASP BA 39 -17.65 -42.18 -28.56
C ASP BA 39 -16.17 -42.39 -28.85
N TYR BA 40 -15.45 -41.35 -29.29
CA TYR BA 40 -14.06 -41.50 -29.63
C TYR BA 40 -13.18 -40.50 -28.88
N THR BA 41 -13.60 -40.10 -27.68
CA THR BA 41 -12.87 -39.05 -27.00
C THR BA 41 -13.00 -39.16 -25.49
N ALA BA 42 -11.85 -39.01 -24.81
CA ALA BA 42 -11.75 -38.87 -23.36
C ALA BA 42 -10.97 -37.60 -23.00
N THR BA 43 -11.38 -36.97 -21.91
CA THR BA 43 -10.71 -35.80 -21.36
C THR BA 43 -10.36 -36.08 -19.91
N GLY BA 44 -9.10 -35.88 -19.55
CA GLY BA 44 -8.67 -35.88 -18.16
C GLY BA 44 -8.39 -34.43 -17.77
N ILE BA 45 -8.73 -34.05 -16.55
CA ILE BA 45 -8.64 -32.65 -16.18
C ILE BA 45 -8.01 -32.50 -14.82
N ALA BA 46 -6.98 -31.65 -14.73
CA ALA BA 46 -6.38 -31.33 -13.45
C ALA BA 46 -6.85 -29.95 -13.01
N GLY BA 47 -6.75 -29.69 -11.70
CA GLY BA 47 -7.19 -28.38 -11.23
C GLY BA 47 -8.24 -28.42 -10.14
N THR BA 48 -9.14 -27.43 -10.14
CA THR BA 48 -10.19 -27.36 -9.14
C THR BA 48 -11.26 -28.39 -9.47
N ALA BA 49 -11.60 -29.22 -8.49
CA ALA BA 49 -12.51 -30.33 -8.74
C ALA BA 49 -13.78 -29.86 -9.43
N ALA BA 50 -14.40 -28.80 -8.89
CA ALA BA 50 -15.68 -28.36 -9.43
C ALA BA 50 -15.53 -27.89 -10.86
N VAL BA 51 -14.50 -27.09 -11.14
CA VAL BA 51 -14.31 -26.59 -12.50
C VAL BA 51 -13.93 -27.73 -13.44
N ALA BA 52 -13.13 -28.69 -12.96
CA ALA BA 52 -12.75 -29.81 -13.82
C ALA BA 52 -13.97 -30.61 -14.27
N VAL BA 53 -14.76 -31.08 -13.30
CA VAL BA 53 -15.96 -31.84 -13.63
C VAL BA 53 -16.89 -31.02 -14.50
N GLU BA 54 -17.08 -29.74 -14.16
CA GLU BA 54 -17.93 -28.88 -14.99
C GLU BA 54 -17.44 -28.84 -16.43
N PHE BA 55 -16.13 -28.71 -16.63
CA PHE BA 55 -15.58 -28.74 -17.98
C PHE BA 55 -15.92 -30.03 -18.69
N ALA BA 56 -15.68 -31.17 -18.04
CA ALA BA 56 -15.95 -32.43 -18.73
C ALA BA 56 -17.43 -32.52 -19.13
N ARG BA 57 -18.32 -32.17 -18.21
CA ARG BA 57 -19.75 -32.25 -18.46
C ARG BA 57 -20.16 -31.33 -19.60
N LEU BA 58 -19.78 -30.06 -19.50
CA LEU BA 58 -20.13 -29.09 -20.53
C LEU BA 58 -19.60 -29.50 -21.88
N TYR BA 59 -18.32 -29.90 -21.93
CA TYR BA 59 -17.68 -30.31 -23.18
C TYR BA 59 -18.43 -31.47 -23.85
N ALA BA 60 -18.76 -32.50 -23.08
CA ALA BA 60 -19.50 -33.60 -23.70
C ALA BA 60 -20.84 -33.13 -24.24
N VAL BA 61 -21.56 -32.34 -23.44
CA VAL BA 61 -22.85 -31.83 -23.93
C VAL BA 61 -22.67 -30.97 -25.18
N GLU BA 62 -21.54 -30.26 -25.30
CA GLU BA 62 -21.35 -29.38 -26.45
C GLU BA 62 -21.10 -30.19 -27.72
N LEU BA 63 -20.19 -31.16 -27.65
CA LEU BA 63 -19.91 -31.99 -28.81
C LEU BA 63 -21.17 -32.71 -29.28
N GLU BA 64 -21.96 -33.27 -28.34
CA GLU BA 64 -23.18 -33.94 -28.78
C GLU BA 64 -24.23 -32.94 -29.27
N HIS BA 65 -24.28 -31.75 -28.68
CA HIS BA 65 -25.15 -30.71 -29.20
C HIS BA 65 -24.87 -30.45 -30.68
N TYR BA 66 -23.60 -30.24 -31.03
CA TYR BA 66 -23.27 -30.07 -32.45
C TYR BA 66 -23.74 -31.27 -33.26
N GLU BA 67 -23.40 -32.48 -32.80
CA GLU BA 67 -23.72 -33.67 -33.59
C GLU BA 67 -25.22 -33.78 -33.86
N LYS BA 68 -26.07 -33.50 -32.86
CA LYS BA 68 -27.51 -33.60 -33.09
C LYS BA 68 -28.02 -32.46 -33.96
N LEU BA 69 -27.46 -31.25 -33.83
CA LEU BA 69 -27.92 -30.16 -34.71
C LEU BA 69 -27.56 -30.42 -36.16
N GLU BA 70 -26.32 -30.86 -36.42
CA GLU BA 70 -25.78 -30.88 -37.78
C GLU BA 70 -25.77 -32.26 -38.41
N GLY BA 71 -26.19 -33.30 -37.69
CA GLY BA 71 -26.26 -34.64 -38.24
C GLY BA 71 -24.96 -35.38 -38.29
N VAL BA 72 -23.84 -34.73 -38.00
CA VAL BA 72 -22.51 -35.33 -38.06
C VAL BA 72 -21.67 -34.78 -36.93
N PRO BA 73 -20.74 -35.58 -36.41
CA PRO BA 73 -19.89 -35.11 -35.33
C PRO BA 73 -18.78 -34.19 -35.84
N LEU BA 74 -18.38 -33.28 -34.96
CA LEU BA 74 -17.28 -32.38 -35.24
C LEU BA 74 -16.03 -33.17 -35.64
N THR BA 75 -15.24 -32.59 -36.55
CA THR BA 75 -13.92 -33.14 -36.79
C THR BA 75 -13.12 -33.12 -35.50
N PHE BA 76 -12.07 -33.93 -35.45
CA PHE BA 76 -11.20 -33.90 -34.29
C PHE BA 76 -10.63 -32.50 -34.07
N ALA BA 77 -10.24 -31.84 -35.15
CA ALA BA 77 -9.69 -30.49 -35.01
C ALA BA 77 -10.70 -29.57 -34.37
N GLY BA 78 -11.95 -29.63 -34.78
CA GLY BA 78 -12.96 -28.80 -34.18
C GLY BA 78 -13.15 -29.10 -32.71
N LYS BA 79 -13.18 -30.39 -32.36
CA LYS BA 79 -13.30 -30.76 -30.95
C LYS BA 79 -12.19 -30.11 -30.14
N ILE BA 80 -10.96 -30.15 -30.66
CA ILE BA 80 -9.86 -29.47 -29.99
C ILE BA 80 -10.18 -27.99 -29.85
N ASN BA 81 -10.55 -27.33 -30.94
CA ASN BA 81 -10.78 -25.90 -30.86
C ASN BA 81 -11.83 -25.56 -29.81
N ARG BA 82 -12.85 -26.43 -29.62
CA ARG BA 82 -13.89 -26.09 -28.66
C ARG BA 82 -13.39 -26.24 -27.23
N LEU BA 83 -12.62 -27.30 -26.95
CA LEU BA 83 -12.00 -27.39 -25.64
C LEU BA 83 -11.07 -26.20 -25.38
N ALA BA 84 -10.20 -25.88 -26.34
CA ALA BA 84 -9.25 -24.79 -26.18
C ALA BA 84 -9.94 -23.47 -25.90
N ILE BA 85 -11.05 -23.19 -26.61
CA ILE BA 85 -11.83 -21.98 -26.39
C ILE BA 85 -12.42 -21.97 -24.97
N MET BA 86 -12.88 -23.13 -24.51
CA MET BA 86 -13.37 -23.23 -23.13
C MET BA 86 -12.30 -22.85 -22.12
N VAL BA 87 -11.08 -23.39 -22.28
CA VAL BA 87 -9.99 -23.09 -21.37
C VAL BA 87 -9.68 -21.59 -21.39
N ARG BA 88 -9.54 -21.03 -22.60
CA ARG BA 88 -9.25 -19.61 -22.71
C ARG BA 88 -10.33 -18.78 -22.04
N GLY BA 89 -11.59 -19.19 -22.21
CA GLY BA 89 -12.67 -18.48 -21.55
C GLY BA 89 -12.57 -18.51 -20.05
N ASN BA 90 -11.92 -19.54 -19.49
CA ASN BA 90 -11.80 -19.63 -18.04
C ASN BA 90 -10.54 -19.00 -17.47
N LEU BA 91 -9.61 -18.50 -18.31
CA LEU BA 91 -8.34 -17.95 -17.80
C LEU BA 91 -8.52 -16.97 -16.65
N ALA BA 92 -9.43 -16.00 -16.79
CA ALA BA 92 -9.65 -15.02 -15.73
C ALA BA 92 -9.93 -15.69 -14.38
N ALA BA 93 -10.85 -16.66 -14.38
CA ALA BA 93 -11.14 -17.40 -13.15
C ALA BA 93 -9.94 -18.24 -12.71
N ALA BA 94 -9.24 -18.85 -13.66
CA ALA BA 94 -8.11 -19.70 -13.31
C ALA BA 94 -7.03 -18.91 -12.57
N MET BA 95 -6.85 -17.63 -12.93
CA MET BA 95 -5.88 -16.81 -12.20
C MET BA 95 -6.32 -16.56 -10.76
N GLN BA 96 -7.61 -16.72 -10.46
CA GLN BA 96 -8.14 -16.53 -9.12
C GLN BA 96 -8.41 -17.84 -8.42
N GLY BA 97 -7.86 -18.95 -8.92
CA GLY BA 97 -7.89 -20.22 -8.22
C GLY BA 97 -8.80 -21.26 -8.82
N LEU BA 98 -9.68 -20.90 -9.73
CA LEU BA 98 -10.63 -21.86 -10.33
C LEU BA 98 -10.06 -22.38 -11.65
N LEU BA 99 -9.09 -23.27 -11.52
CA LEU BA 99 -8.29 -23.77 -12.65
C LEU BA 99 -8.83 -25.08 -13.20
N ALA BA 100 -9.01 -25.15 -14.52
CA ALA BA 100 -9.24 -26.41 -15.22
C ALA BA 100 -8.20 -26.52 -16.31
N LEU BA 101 -7.33 -27.52 -16.22
CA LEU BA 101 -6.26 -27.75 -17.19
C LEU BA 101 -6.41 -29.13 -17.80
N PRO BA 102 -6.95 -29.24 -19.01
CA PRO BA 102 -7.31 -30.54 -19.58
C PRO BA 102 -6.20 -31.21 -20.39
N LEU BA 103 -6.42 -32.50 -20.66
CA LEU BA 103 -5.63 -33.35 -21.54
C LEU BA 103 -6.62 -34.18 -22.35
N LEU BA 104 -6.48 -34.14 -23.67
CA LEU BA 104 -7.40 -34.77 -24.61
C LEU BA 104 -6.76 -36.03 -25.19
N ALA BA 105 -7.47 -37.15 -25.12
CA ALA BA 105 -7.08 -38.36 -25.84
C ALA BA 105 -8.24 -38.75 -26.73
N GLY BA 106 -7.98 -38.94 -28.02
CA GLY BA 106 -9.01 -39.33 -28.95
C GLY BA 106 -8.54 -40.38 -29.94
N TYR BA 107 -9.48 -40.83 -30.75
CA TYR BA 107 -9.18 -41.63 -31.93
C TYR BA 107 -9.84 -40.93 -33.11
N ASP BA 108 -9.06 -40.59 -34.12
CA ASP BA 108 -9.58 -39.82 -35.25
C ASP BA 108 -10.08 -40.79 -36.30
N ILE BA 109 -11.40 -40.92 -36.39
CA ILE BA 109 -12.01 -41.85 -37.33
C ILE BA 109 -11.76 -41.46 -38.78
N HIS BA 110 -11.32 -40.22 -39.04
CA HIS BA 110 -11.06 -39.76 -40.40
C HIS BA 110 -9.58 -39.87 -40.79
N ALA BA 111 -8.72 -40.34 -39.91
CA ALA BA 111 -7.30 -40.35 -40.23
C ALA BA 111 -6.99 -41.46 -41.25
N SER BA 112 -5.82 -41.34 -41.87
CA SER BA 112 -5.44 -42.31 -42.89
C SER BA 112 -5.21 -43.69 -42.28
N ASP BA 113 -4.33 -43.78 -41.29
CA ASP BA 113 -3.88 -45.07 -40.79
C ASP BA 113 -4.65 -45.46 -39.55
N PRO BA 114 -5.37 -46.57 -39.55
CA PRO BA 114 -6.13 -46.95 -38.34
C PRO BA 114 -5.24 -47.52 -37.24
N GLN BA 115 -3.92 -47.39 -37.39
CA GLN BA 115 -2.99 -47.77 -36.34
C GLN BA 115 -2.29 -46.59 -35.70
N SER BA 116 -2.22 -45.45 -36.40
CA SER BA 116 -1.63 -44.22 -35.89
C SER BA 116 -2.66 -43.11 -35.76
N ALA BA 117 -3.95 -43.45 -35.81
CA ALA BA 117 -5.03 -42.49 -35.69
C ALA BA 117 -5.27 -41.99 -34.27
N GLY BA 118 -4.63 -42.59 -33.28
CA GLY BA 118 -4.78 -42.12 -31.91
C GLY BA 118 -4.17 -40.74 -31.72
N ARG BA 119 -4.81 -39.92 -30.91
CA ARG BA 119 -4.49 -38.51 -30.78
C ARG BA 119 -4.36 -38.17 -29.31
N ILE BA 120 -3.29 -37.45 -28.97
CA ILE BA 120 -3.10 -36.92 -27.63
C ILE BA 120 -2.83 -35.44 -27.79
N VAL BA 121 -3.66 -34.61 -27.15
CA VAL BA 121 -3.55 -33.16 -27.25
C VAL BA 121 -3.35 -32.61 -25.84
N SER BA 122 -2.25 -31.88 -25.64
CA SER BA 122 -2.03 -31.16 -24.39
C SER BA 122 -2.41 -29.70 -24.54
N PHE BA 123 -2.79 -29.10 -23.41
CA PHE BA 123 -3.27 -27.73 -23.33
C PHE BA 123 -2.53 -26.99 -22.22
N ASP BA 124 -2.46 -25.66 -22.35
CA ASP BA 124 -2.01 -24.79 -21.28
C ASP BA 124 -3.15 -23.89 -20.83
N ALA BA 125 -2.94 -23.21 -19.70
CA ALA BA 125 -4.05 -22.50 -19.07
C ALA BA 125 -4.56 -21.33 -19.90
N ALA BA 126 -3.88 -20.94 -20.98
CA ALA BA 126 -4.43 -19.96 -21.91
C ALA BA 126 -5.19 -20.60 -23.06
N GLY BA 127 -5.28 -21.92 -23.10
CA GLY BA 127 -5.94 -22.55 -24.22
C GLY BA 127 -5.05 -22.90 -25.39
N GLY BA 128 -3.77 -22.50 -25.36
CA GLY BA 128 -2.81 -23.07 -26.29
C GLY BA 128 -2.86 -24.58 -26.24
N TRP BA 129 -2.64 -25.20 -27.40
CA TRP BA 129 -2.72 -26.66 -27.51
C TRP BA 129 -1.63 -27.18 -28.45
N ASN BA 130 -1.31 -28.47 -28.28
CA ASN BA 130 -0.30 -29.13 -29.10
C ASN BA 130 -0.65 -30.60 -29.21
N ILE BA 131 -0.61 -31.12 -30.44
CA ILE BA 131 -0.89 -32.52 -30.69
C ILE BA 131 0.41 -33.29 -30.49
N GLU BA 132 0.43 -34.18 -29.50
CA GLU BA 132 1.68 -34.76 -29.03
C GLU BA 132 2.17 -35.83 -30.01
N GLU BA 133 3.37 -35.61 -30.54
CA GLU BA 133 3.91 -36.54 -31.53
C GLU BA 133 4.82 -37.59 -30.93
N GLU BA 134 5.22 -37.46 -29.67
CA GLU BA 134 6.21 -38.37 -29.10
C GLU BA 134 5.60 -39.52 -28.31
N GLY BA 135 4.28 -39.67 -28.31
CA GLY BA 135 3.65 -40.89 -27.87
C GLY BA 135 2.95 -40.85 -26.52
N TYR BA 136 3.31 -39.92 -25.64
CA TYR BA 136 2.73 -39.89 -24.31
C TYR BA 136 2.70 -38.45 -23.80
N GLN BA 137 1.96 -38.24 -22.71
CA GLN BA 137 1.82 -36.92 -22.12
C GLN BA 137 1.11 -37.07 -20.79
N ALA BA 138 1.19 -36.02 -19.98
CA ALA BA 138 0.55 -36.05 -18.67
C ALA BA 138 0.30 -34.62 -18.22
N VAL BA 139 -0.60 -34.48 -17.24
CA VAL BA 139 -0.96 -33.19 -16.69
C VAL BA 139 -1.24 -33.36 -15.20
N GLY BA 140 -1.07 -32.28 -14.45
CA GLY BA 140 -1.31 -32.28 -13.03
C GLY BA 140 -0.03 -32.18 -12.22
N SER BA 141 -0.20 -32.01 -10.91
CA SER BA 141 0.93 -31.79 -10.01
C SER BA 141 1.96 -32.91 -10.09
N GLY BA 142 1.56 -34.11 -10.50
CA GLY BA 142 2.49 -35.21 -10.67
C GLY BA 142 2.96 -35.45 -12.09
N SER BA 143 2.66 -34.54 -13.03
CA SER BA 143 2.85 -34.85 -14.44
C SER BA 143 4.33 -34.97 -14.81
N LEU BA 144 5.22 -34.25 -14.12
CA LEU BA 144 6.65 -34.36 -14.43
C LEU BA 144 7.18 -35.75 -14.09
N PHE BA 145 6.86 -36.26 -12.90
CA PHE BA 145 7.24 -37.62 -12.54
C PHE BA 145 6.66 -38.65 -13.51
N ALA BA 146 5.39 -38.50 -13.87
CA ALA BA 146 4.77 -39.42 -14.81
C ALA BA 146 5.46 -39.39 -16.17
N LYS BA 147 5.78 -38.18 -16.67
CA LYS BA 147 6.41 -38.10 -17.97
C LYS BA 147 7.83 -38.64 -17.95
N SER BA 148 8.59 -38.38 -16.88
CA SER BA 148 9.94 -38.92 -16.84
C SER BA 148 9.93 -40.43 -16.69
N SER BA 149 8.91 -40.99 -16.05
CA SER BA 149 8.73 -42.44 -16.06
C SER BA 149 8.45 -42.94 -17.48
N MET BA 150 7.36 -42.46 -18.10
CA MET BA 150 7.02 -42.96 -19.43
C MET BA 150 8.18 -42.80 -20.41
N LYS BA 151 8.98 -41.74 -20.25
CA LYS BA 151 10.18 -41.59 -21.07
C LYS BA 151 10.98 -42.89 -21.09
N LYS BA 152 11.10 -43.55 -19.94
CA LYS BA 152 11.87 -44.78 -19.84
C LYS BA 152 11.05 -46.01 -20.18
N LEU BA 153 9.76 -46.03 -19.87
CA LEU BA 153 9.01 -47.26 -20.05
C LEU BA 153 8.33 -47.37 -21.42
N TYR BA 154 8.36 -46.32 -22.22
CA TYR BA 154 7.49 -46.27 -23.40
C TYR BA 154 7.91 -47.27 -24.46
N SER BA 155 9.17 -47.70 -24.45
CA SER BA 155 9.60 -48.72 -25.39
C SER BA 155 8.90 -50.05 -25.14
N GLN BA 156 8.35 -50.27 -23.94
CA GLN BA 156 7.66 -51.50 -23.62
C GLN BA 156 6.22 -51.52 -24.15
N VAL BA 157 5.70 -50.41 -24.66
CA VAL BA 157 4.32 -50.36 -25.10
C VAL BA 157 4.26 -51.01 -26.48
N THR BA 158 3.57 -52.14 -26.58
CA THR BA 158 3.37 -52.83 -27.85
C THR BA 158 1.92 -53.06 -28.20
N ASP BA 159 1.01 -52.91 -27.25
CA ASP BA 159 -0.41 -53.14 -27.48
C ASP BA 159 -1.20 -52.38 -26.43
N GLY BA 160 -2.53 -52.57 -26.44
CA GLY BA 160 -3.35 -51.96 -25.41
C GLY BA 160 -2.97 -52.39 -24.00
N ASP BA 161 -2.63 -53.66 -23.83
CA ASP BA 161 -2.35 -54.15 -22.49
C ASP BA 161 -1.07 -53.54 -21.93
N SER BA 162 0.03 -53.68 -22.65
CA SER BA 162 1.28 -53.09 -22.17
C SER BA 162 1.16 -51.58 -22.02
N GLY BA 163 0.44 -50.91 -22.94
CA GLY BA 163 0.25 -49.48 -22.80
C GLY BA 163 -0.50 -49.13 -21.52
N LEU BA 164 -1.53 -49.90 -21.18
CA LEU BA 164 -2.22 -49.64 -19.93
C LEU BA 164 -1.30 -49.90 -18.75
N ARG BA 165 -0.44 -50.92 -18.86
CA ARG BA 165 0.52 -51.18 -17.79
C ARG BA 165 1.45 -50.00 -17.58
N VAL BA 166 2.03 -49.47 -18.67
CA VAL BA 166 2.89 -48.32 -18.54
C VAL BA 166 2.13 -47.12 -18.01
N ALA BA 167 0.84 -46.99 -18.36
CA ALA BA 167 0.05 -45.87 -17.88
C ALA BA 167 -0.14 -45.94 -16.36
N VAL BA 168 -0.49 -47.12 -15.86
CA VAL BA 168 -0.71 -47.31 -14.43
C VAL BA 168 0.59 -47.21 -13.66
N GLU BA 169 1.72 -47.61 -14.26
CA GLU BA 169 2.99 -47.51 -13.56
C GLU BA 169 3.50 -46.07 -13.56
N ALA BA 170 3.22 -45.32 -14.64
CA ALA BA 170 3.45 -43.88 -14.60
C ALA BA 170 2.65 -43.24 -13.47
N LEU BA 171 1.35 -43.55 -13.40
CA LEU BA 171 0.56 -43.03 -12.29
C LEU BA 171 1.15 -43.44 -10.95
N TYR BA 172 1.72 -44.64 -10.88
CA TYR BA 172 2.34 -45.08 -9.64
C TYR BA 172 3.53 -44.19 -9.27
N ASP BA 173 4.44 -43.96 -10.22
CA ASP BA 173 5.59 -43.12 -9.93
C ASP BA 173 5.16 -41.72 -9.53
N ALA BA 174 4.19 -41.16 -10.26
CA ALA BA 174 3.59 -39.89 -9.87
C ALA BA 174 3.18 -39.91 -8.41
N ALA BA 175 2.43 -40.94 -7.98
CA ALA BA 175 2.01 -40.99 -6.59
C ALA BA 175 3.20 -41.11 -5.63
N ASP BA 176 4.24 -41.81 -6.05
CA ASP BA 176 5.42 -41.99 -5.21
C ASP BA 176 6.10 -40.66 -4.89
N ASP BA 177 6.07 -39.70 -5.81
CA ASP BA 177 6.81 -38.46 -5.59
C ASP BA 177 5.94 -37.23 -5.39
N ASP BA 178 4.61 -37.35 -5.51
CA ASP BA 178 3.69 -36.22 -5.39
C ASP BA 178 2.53 -36.60 -4.47
N SER BA 179 2.41 -35.90 -3.33
CA SER BA 179 1.39 -36.26 -2.35
C SER BA 179 -0.01 -35.84 -2.78
N ALA BA 180 -0.12 -34.98 -3.77
CA ALA BA 180 -1.42 -34.62 -4.30
C ALA BA 180 -1.91 -35.62 -5.35
N THR BA 181 -1.15 -36.69 -5.61
CA THR BA 181 -1.55 -37.79 -6.48
C THR BA 181 -1.74 -39.04 -5.63
N GLY BA 182 -2.91 -39.67 -5.72
CA GLY BA 182 -3.18 -40.86 -4.96
C GLY BA 182 -2.59 -42.10 -5.63
N GLY BA 183 -1.94 -42.96 -4.83
CA GLY BA 183 -1.51 -44.26 -5.28
C GLY BA 183 -2.59 -45.32 -5.10
N PRO BA 184 -2.39 -46.51 -5.65
CA PRO BA 184 -3.39 -47.58 -5.47
C PRO BA 184 -3.66 -47.83 -3.98
N ASP BA 185 -4.94 -47.88 -3.61
CA ASP BA 185 -5.33 -48.09 -2.21
C ASP BA 185 -5.79 -49.55 -2.07
N LEU BA 186 -4.86 -50.44 -1.73
CA LEU BA 186 -5.21 -51.86 -1.70
C LEU BA 186 -6.17 -52.16 -0.56
N VAL BA 187 -6.11 -51.42 0.53
CA VAL BA 187 -7.01 -51.68 1.65
C VAL BA 187 -8.43 -51.36 1.26
N ARG BA 188 -8.66 -50.19 0.68
CA ARG BA 188 -10.02 -49.79 0.30
C ARG BA 188 -10.43 -50.37 -1.04
N GLY BA 189 -9.46 -50.70 -1.90
CA GLY BA 189 -9.80 -51.18 -3.23
C GLY BA 189 -10.07 -50.10 -4.24
N ILE BA 190 -9.49 -48.92 -4.06
CA ILE BA 190 -9.64 -47.81 -5.00
C ILE BA 190 -8.38 -47.75 -5.86
N PHE BA 191 -8.55 -47.66 -7.16
CA PHE BA 191 -7.45 -47.64 -8.12
C PHE BA 191 -7.66 -46.54 -9.14
N PRO BA 192 -6.59 -46.11 -9.81
CA PRO BA 192 -6.76 -45.10 -10.87
C PRO BA 192 -7.82 -45.59 -11.86
N THR BA 193 -8.58 -44.66 -12.41
CA THR BA 193 -9.47 -45.02 -13.50
C THR BA 193 -8.73 -44.93 -14.83
N ALA BA 194 -9.21 -45.68 -15.80
CA ALA BA 194 -8.58 -45.58 -17.10
C ALA BA 194 -9.62 -45.82 -18.17
N VAL BA 195 -9.41 -45.18 -19.32
CA VAL BA 195 -10.20 -45.37 -20.52
C VAL BA 195 -9.23 -45.78 -21.62
N ILE BA 196 -9.67 -46.69 -22.49
CA ILE BA 196 -8.91 -47.00 -23.68
C ILE BA 196 -9.81 -46.77 -24.89
N ILE BA 197 -9.26 -46.16 -25.94
CA ILE BA 197 -10.01 -45.84 -27.15
C ILE BA 197 -9.29 -46.43 -28.35
N ASP BA 198 -10.03 -47.16 -29.17
CA ASP BA 198 -9.48 -47.69 -30.43
C ASP BA 198 -10.56 -47.52 -31.50
N ALA BA 199 -10.41 -48.25 -32.61
CA ALA BA 199 -11.38 -48.13 -33.71
C ALA BA 199 -12.79 -48.46 -33.25
N ASP BA 200 -12.91 -49.30 -32.22
CA ASP BA 200 -14.20 -49.71 -31.70
C ASP BA 200 -14.81 -48.70 -30.74
N GLY BA 201 -14.18 -47.55 -30.54
CA GLY BA 201 -14.69 -46.51 -29.65
C GLY BA 201 -13.87 -46.41 -28.37
N ALA BA 202 -14.38 -45.57 -27.46
CA ALA BA 202 -13.79 -45.38 -26.13
C ALA BA 202 -14.54 -46.24 -25.12
N VAL BA 203 -13.80 -46.94 -24.28
CA VAL BA 203 -14.39 -47.85 -23.31
C VAL BA 203 -13.69 -47.65 -21.97
N ASP BA 204 -14.47 -47.81 -20.89
CA ASP BA 204 -13.91 -47.79 -19.55
C ASP BA 204 -13.18 -49.09 -19.26
N VAL BA 205 -11.99 -48.97 -18.70
CA VAL BA 205 -11.19 -50.16 -18.38
C VAL BA 205 -11.68 -50.75 -17.06
N PRO BA 206 -11.96 -52.04 -16.99
CA PRO BA 206 -12.50 -52.60 -15.75
C PRO BA 206 -11.53 -52.43 -14.59
N GLU BA 207 -12.07 -52.01 -13.45
CA GLU BA 207 -11.25 -51.81 -12.27
C GLU BA 207 -10.37 -53.01 -12.00
N SER BA 208 -10.93 -54.21 -12.07
CA SER BA 208 -10.20 -55.42 -11.67
C SER BA 208 -8.89 -55.56 -12.45
N ARG BA 209 -8.86 -55.10 -13.70
CA ARG BA 209 -7.65 -55.16 -14.50
C ARG BA 209 -6.60 -54.18 -13.98
N ILE BA 210 -7.03 -52.96 -13.69
CA ILE BA 210 -6.11 -51.98 -13.13
C ILE BA 210 -5.59 -52.44 -11.78
N ALA BA 211 -6.45 -53.08 -10.98
CA ALA BA 211 -6.01 -53.63 -9.71
C ALA BA 211 -4.94 -54.70 -9.92
N GLU BA 212 -5.18 -55.61 -10.85
CA GLU BA 212 -4.18 -56.61 -11.20
C GLU BA 212 -2.84 -55.97 -11.52
N LEU BA 213 -2.84 -54.98 -12.44
CA LEU BA 213 -1.59 -54.34 -12.86
C LEU BA 213 -0.92 -53.63 -11.69
N ALA BA 214 -1.71 -53.01 -10.82
CA ALA BA 214 -1.16 -52.33 -9.65
C ALA BA 214 -0.48 -53.32 -8.74
N ARG BA 215 -1.13 -54.46 -8.47
CA ARG BA 215 -0.51 -55.47 -7.62
C ARG BA 215 0.77 -56.01 -8.25
N ALA BA 216 0.81 -56.12 -9.58
CA ALA BA 216 2.02 -56.61 -10.23
C ALA BA 216 3.16 -55.58 -10.12
N ILE BA 217 2.87 -54.29 -10.29
CA ILE BA 217 3.91 -53.27 -10.10
C ILE BA 217 4.39 -53.27 -8.64
N ILE BA 218 3.44 -53.26 -7.70
CA ILE BA 218 3.78 -53.24 -6.28
C ILE BA 218 4.70 -54.40 -5.95
N GLU BA 219 4.32 -55.62 -6.37
CA GLU BA 219 5.16 -56.78 -6.11
C GLU BA 219 6.52 -56.60 -6.75
N SER BA 220 6.54 -56.14 -8.00
CA SER BA 220 7.81 -55.93 -8.69
C SER BA 220 8.76 -55.06 -7.89
N ARG BA 221 8.26 -53.97 -7.30
CA ARG BA 221 9.16 -53.04 -6.60
C ARG BA 221 9.67 -53.62 -5.28
N SER BA 222 8.94 -54.54 -4.65
CA SER BA 222 9.36 -55.13 -3.37
C SER BA 222 9.90 -56.54 -3.55
C1 DMF CA . 52.14 14.25 11.38
C2 DMF CA . 49.97 13.77 10.16
C DMF CA . 52.02 14.42 8.95
O DMF CA . 51.36 14.58 7.90
N DMF CA . 51.39 14.16 10.11
H11 DMF CA . 53.18 14.54 11.17
H12 DMF CA . 52.14 13.29 11.88
H13 DMF CA . 51.68 15.00 12.02
H21 DMF CA . 49.58 13.72 9.14
H22 DMF CA . 49.41 14.49 10.74
H23 DMF CA . 49.89 12.78 10.61
HC DMF CA . 53.10 14.48 8.95
C1 DMF DA . 25.82 8.13 47.45
C2 DMF DA . 24.42 7.04 49.28
C DMF DA . 24.40 6.21 47.01
O DMF DA . 23.27 5.73 47.18
N DMF DA . 24.87 7.10 47.88
H11 DMF DA . 26.03 8.00 46.38
H12 DMF DA . 26.75 8.02 48.02
H13 DMF DA . 25.39 9.11 47.63
H21 DMF DA . 23.72 6.21 49.41
H22 DMF DA . 23.92 7.98 49.56
H23 DMF DA . 25.28 6.88 49.94
HC DMF DA . 25.02 5.93 46.16
C1 DMF EA . 27.39 -14.70 43.14
C2 DMF EA . 27.37 -14.60 45.66
C DMF EA . 27.60 -12.59 44.31
O DMF EA . 27.66 -11.93 45.35
N DMF EA . 27.47 -13.91 44.37
H11 DMF EA . 27.47 -14.04 42.27
H12 DMF EA . 26.45 -15.24 43.09
H13 DMF EA . 28.22 -15.42 43.11
H21 DMF EA . 27.43 -13.88 46.47
H22 DMF EA . 28.20 -15.32 45.76
H23 DMF EA . 26.42 -15.14 45.72
HC DMF EA . 27.64 -12.12 43.33
C1 DMF FA . 38.44 -21.52 29.32
C2 DMF FA . 38.39 -22.73 31.56
C DMF FA . 39.13 -23.83 29.46
O DMF FA . 39.14 -24.91 30.06
N DMF FA . 38.67 -22.74 30.10
H11 DMF FA . 38.69 -21.70 28.27
H12 DMF FA . 39.06 -20.72 29.71
H13 DMF FA . 37.38 -21.23 29.39
H21 DMF FA . 38.63 -23.70 31.98
H22 DMF FA . 37.35 -22.49 31.73
H23 DMF FA . 39.02 -21.97 32.03
HC DMF FA . 39.46 -23.73 28.44
C1 DMF GA . 47.29 -5.71 0.72
C2 DMF GA . 46.50 -6.13 3.11
C DMF GA . 48.52 -7.13 2.23
O DMF GA . 48.53 -7.85 3.23
N DMF GA . 47.47 -6.36 2.02
H11 DMF GA . 48.11 -5.98 0.07
H12 DMF GA . 47.27 -4.63 0.85
H13 DMF GA . 46.35 -6.04 0.28
H21 DMF GA . 46.81 -6.67 4.00
H22 DMF GA . 45.51 -6.47 2.80
H23 DMF GA . 46.45 -5.06 3.33
HC DMF GA . 49.35 -7.12 1.52
C21 M6M HA . 13.15 23.66 1.62
C22 M6M HA . 12.87 23.33 2.93
C23 M6M HA . 12.81 21.94 3.50
O24 M6M HA . 12.68 24.51 3.59
N25 M6M HA . 12.83 25.56 2.70
C20 M6M HA . 13.10 25.06 1.51
C18 M6M HA . 13.34 25.87 0.25
O19 M6M HA . 12.93 25.54 -0.79
C13 M6M HA . 16.05 31.82 3.54
C15 M6M HA . 16.60 31.39 1.20
C04 M6M HA . 15.29 27.02 -1.81
C06 M6M HA . 14.38 27.82 -0.88
C07 M6M HA . 15.15 29.09 -0.58
C08 M6M HA . 14.35 30.20 0.14
C11 M6M HA . 14.58 32.46 1.75
C12 M6M HA . 14.88 32.47 3.23
C14 M6M HA . 17.02 31.93 2.57
C16 M6M HA . 17.13 32.26 0.12
N10 M6M HA . 15.06 31.20 0.94
N17 M6M HA . 14.17 27.09 0.33
O05 M6M HA . 16.22 26.40 -1.44
O09 M6M HA . 13.18 30.22 0.04
N03 M6M HA . 14.89 27.08 -3.22
C02 M6M HA . 15.63 26.42 -4.29
C26 M6M HA . 16.45 27.59 -4.84
O27 M6M HA . 15.92 28.63 -5.04
C01 M6M HA . 14.61 25.94 -5.30
C29 M6M HA . 18.63 28.68 -5.62
C30 M6M HA . 20.00 28.85 -4.87
C31 M6M HA . 21.05 28.08 -5.25
C32 M6M HA . 22.29 28.23 -4.59
C33 M6M HA . 22.41 29.16 -3.56
C35 M6M HA . 21.32 29.93 -3.19
C36 M6M HA . 20.12 29.78 -3.84
F34 M6M HA . 23.60 29.30 -2.91
F37 M6M HA . 19.06 30.55 -3.46
N28 M6M HA . 17.92 27.50 -5.09
C1 CIT IA . 18.18 25.93 -7.75
O1 CIT IA . 19.39 25.81 -7.42
O2 CIT IA . 17.79 26.97 -8.33
C2 CIT IA . 17.22 24.83 -7.40
C3 CIT IA . 16.83 23.91 -8.57
O7 CIT IA . 16.87 22.61 -7.94
C4 CIT IA . 15.46 24.16 -9.22
C5 CIT IA . 14.84 25.50 -8.87
O3 CIT IA . 15.50 26.56 -8.93
O4 CIT IA . 13.64 25.60 -8.51
C6 CIT IA . 17.80 23.81 -9.73
O5 CIT IA . 17.89 22.69 -10.33
O6 CIT IA . 18.48 24.79 -10.12
H21 CIT IA . 16.32 25.28 -7.00
H22 CIT IA . 17.65 24.21 -6.62
HO7 CIT IA . 17.50 22.03 -8.42
H41 CIT IA . 14.77 23.37 -8.92
H42 CIT IA . 15.57 24.10 -10.30
C21 M6M JA . -0.32 19.98 18.73
C22 M6M JA . 0.33 19.06 19.54
C23 M6M JA . 0.59 17.60 19.22
O24 M6M JA . 0.70 19.72 20.67
N25 M6M JA . 0.30 21.03 20.57
C20 M6M JA . -0.32 21.20 19.42
C18 M6M JA . -0.86 22.55 18.98
O19 M6M JA . -1.46 22.72 17.99
C13 M6M JA . -0.68 25.79 25.76
C15 M6M JA . -0.23 27.06 23.64
C04 M6M JA . -0.12 25.50 18.33
C06 M6M JA . -0.97 24.97 19.48
C07 M6M JA . -0.73 25.92 20.64
C08 M6M JA . -1.88 25.96 21.68
C11 M6M JA . -2.39 26.73 24.32
C12 M6M JA . -2.00 25.72 25.38
C14 M6M JA . 0.26 26.32 24.90
C16 M6M JA . -0.36 28.51 23.94
N10 M6M JA . -1.56 26.49 23.01
N17 M6M JA . -0.49 23.68 19.86
O05 M6M JA . 1.07 25.34 18.28
O09 M6M JA . -2.95 25.60 21.41
N03 M6M JA . -0.83 26.20 17.27
C02 M6M JA . -0.10 26.77 16.12
C26 M6M JA . 0.01 28.25 16.53
O27 M6M JA . -0.94 28.86 16.90
C01 M6M JA . -0.85 26.60 14.83
C29 M6M JA . 1.32 30.39 16.91
C30 M6M JA . 2.60 30.71 17.75
C31 M6M JA . 3.79 31.02 17.14
C32 M6M JA . 4.90 31.30 17.95
C33 M6M JA . 4.80 31.27 19.34
C35 M6M JA . 3.61 30.94 19.95
C36 M6M JA . 2.52 30.68 19.14
F34 M6M JA . 5.90 31.55 20.12
F37 M6M JA . 1.33 30.36 19.69
N28 M6M JA . 1.31 28.98 16.50
C1 CIT KA . -0.71 28.81 11.57
O1 CIT KA . -0.45 28.96 12.78
O2 CIT KA . -1.91 28.58 11.31
C2 CIT KA . 0.30 28.99 10.43
C3 CIT KA . 1.76 28.52 10.60
O7 CIT KA . 1.94 27.17 10.11
C4 CIT KA . 2.28 28.56 12.04
C5 CIT KA . 2.01 29.92 12.63
O3 CIT KA . 1.87 30.91 11.85
O4 CIT KA . 1.91 30.04 13.89
C6 CIT KA . 2.68 29.39 9.70
O5 CIT KA . 3.82 29.72 10.08
O6 CIT KA . 2.31 29.78 8.56
H21 CIT KA . -0.10 28.49 9.55
H22 CIT KA . 0.33 30.05 10.18
HO7 CIT KA . 2.57 27.16 9.36
H41 CIT KA . 3.35 28.36 12.05
H42 CIT KA . 1.78 27.80 12.62
C21 M6M LA . -5.36 1.97 26.56
C22 M6M LA . -4.35 1.04 26.40
C23 M6M LA . -3.25 1.10 25.36
O24 M6M LA . -4.55 0.11 27.38
N25 M6M LA . -5.65 0.44 28.13
C20 M6M LA . -6.15 1.55 27.63
C18 M6M LA . -7.35 2.30 28.16
O19 M6M LA . -8.19 2.73 27.44
C13 M6M LA . -7.44 -0.11 35.27
C15 M6M LA . -8.06 2.25 34.60
C04 M6M LA . -8.29 4.79 29.75
C06 M6M LA . -8.55 3.31 30.04
C07 M6M LA . -8.57 3.19 31.55
C08 M6M LA . -9.37 2.01 32.15
C11 M6M LA . -9.66 0.58 34.53
C12 M6M LA . -8.67 -0.54 34.79
C14 M6M LA . -7.16 1.24 35.34
C16 M6M LA . -8.78 3.07 35.62
N10 M6M LA . -9.09 1.65 33.55
N17 M6M LA . -7.42 2.56 29.60
O05 M6M LA . -7.20 5.24 29.91
O09 M6M LA . -10.19 1.45 31.50
N03 M6M LA . -9.38 5.63 29.26
C02 M6M LA . -9.20 7.07 28.99
C26 M6M LA . -9.84 7.71 30.22
O27 M6M LA . -10.90 7.33 30.58
C01 M6M LA . -9.96 7.56 27.79
C29 M6M LA . -9.77 9.35 32.17
C30 M6M LA . -8.64 9.58 33.24
C31 M6M LA . -7.84 10.70 33.19
C32 M6M LA . -6.84 10.87 34.13
C33 M6M LA . -6.66 9.91 35.13
C35 M6M LA . -7.47 8.79 35.17
C36 M6M LA . -8.46 8.62 34.23
F34 M6M LA . -5.70 10.06 36.09
F37 M6M LA . -9.27 7.53 34.26
N28 M6M LA . -9.13 8.76 30.98
C1 CIT MA . -11.70 10.77 27.38
O1 CIT MA . -12.10 9.89 26.58
O2 CIT MA . -11.70 10.51 28.61
C2 CIT MA . -11.28 12.14 26.83
C3 CIT MA . -9.80 12.20 26.43
O7 CIT MA . -9.64 11.38 25.24
C4 CIT MA . -8.87 11.59 27.47
C5 CIT MA . -9.33 12.04 28.83
O3 CIT MA . -9.21 11.27 29.81
O4 CIT MA . -9.82 13.19 28.96
C6 CIT MA . -9.37 13.66 26.11
O5 CIT MA . -8.60 14.30 26.86
O6 CIT MA . -9.79 14.27 25.09
H21 CIT MA . -11.89 12.38 25.97
H22 CIT MA . -11.47 12.89 27.60
HO7 CIT MA . -9.29 11.95 24.51
H41 CIT MA . -7.85 11.92 27.30
H42 CIT MA . -8.90 10.50 27.41
C1 DMF NA . 18.18 19.41 42.60
C2 DMF NA . 17.09 18.00 40.81
C DMF NA . 19.39 18.84 40.58
O DMF NA . 19.35 18.88 39.35
N DMF NA . 18.25 18.76 41.29
H11 DMF NA . 19.13 19.89 42.82
H12 DMF NA . 17.97 18.65 43.36
H13 DMF NA . 17.38 20.15 42.60
H21 DMF NA . 17.33 17.55 39.85
H22 DMF NA . 16.24 18.67 40.70
H23 DMF NA . 16.85 17.21 41.53
HC DMF NA . 20.33 18.86 41.12
C21 M6M OA . -0.30 -18.47 19.23
C22 M6M OA . 1.00 -18.65 18.78
C23 M6M OA . 1.69 -17.85 17.69
O24 M6M OA . 1.54 -19.66 19.50
N25 M6M OA . 0.60 -20.11 20.39
C20 M6M OA . -0.50 -19.41 20.25
C18 M6M OA . -1.76 -19.63 21.07
O19 M6M OA . -2.83 -19.29 20.72
C13 M6M OA . 0.28 -25.94 25.25
C15 M6M OA . -1.24 -24.07 25.90
C04 M6M OA . -3.30 -19.38 23.83
C06 M6M OA . -2.74 -20.60 23.14
C07 M6M OA . -2.38 -21.66 24.18
C08 M6M OA . -2.60 -23.11 23.70
C11 M6M OA . -2.03 -25.75 24.47
C12 M6M OA . -0.63 -26.32 24.29
C14 M6M OA . 0.11 -24.78 25.98
C16 M6M OA . -2.11 -24.53 27.02
N10 M6M OA . -2.03 -24.19 24.54
N17 M6M OA . -1.56 -20.33 22.37
O05 M6M OA . -2.61 -18.64 24.44
O09 M6M OA . -3.19 -23.35 22.70
N03 M6M OA . -4.76 -19.20 23.69
C02 M6M OA . -5.53 -18.09 24.29
C26 M6M OA . -6.10 -18.64 25.60
O27 M6M OA . -6.78 -19.60 25.60
C01 M6M OA . -6.69 -17.72 23.40
C29 M6M OA . -6.39 -18.56 28.10
C30 M6M OA . -5.31 -18.70 29.21
C31 M6M OA . -5.11 -17.69 30.11
C32 M6M OA . -4.15 -17.82 31.12
C33 M6M OA . -3.41 -19.00 31.21
C35 M6M OA . -3.61 -20.02 30.31
C36 M6M OA . -4.56 -19.88 29.32
F34 M6M OA . -2.47 -19.18 32.18
F37 M6M OA . -4.75 -20.90 28.44
N28 M6M OA . -5.81 -17.99 26.89
C1 CIT PA . -8.05 -14.94 27.54
O1 CIT PA . -7.30 -15.69 28.20
O2 CIT PA . -9.16 -14.53 28.00
C2 CIT PA . -7.62 -14.51 26.16
C3 CIT PA . -8.69 -13.63 25.51
O7 CIT PA . -8.11 -13.12 24.30
C4 CIT PA . -9.97 -14.42 25.19
C5 CIT PA . -9.74 -15.73 24.47
O3 CIT PA . -9.41 -16.78 25.12
O4 CIT PA . -9.90 -15.80 23.21
C6 CIT PA . -9.06 -12.40 26.34
O5 CIT PA . -8.30 -11.94 27.23
O6 CIT PA . -10.12 -11.77 26.15
H21 CIT PA . -6.69 -13.96 26.23
H22 CIT PA . -7.45 -15.40 25.54
HO7 CIT PA . -8.11 -12.13 24.34
H41 CIT PA . -10.50 -14.63 26.13
H42 CIT PA . -10.62 -13.80 24.59
C21 M6M QA . 12.51 -24.19 3.84
C22 M6M QA . 13.48 -23.32 3.37
C23 M6M QA . 13.73 -21.91 3.84
O24 M6M QA . 14.15 -23.99 2.39
N25 M6M QA . 13.62 -25.26 2.26
C20 M6M QA . 12.62 -25.39 3.12
C18 M6M QA . 11.78 -26.64 3.30
O19 M6M QA . 10.62 -26.66 3.09
C13 M6M QA . 17.27 -31.94 3.10
C15 M6M QA . 15.17 -32.24 4.34
C04 M6M QA . 10.81 -28.96 5.16
C06 M6M QA . 11.71 -29.05 3.92
C07 M6M QA . 12.67 -30.20 4.18
C08 M6M QA . 13.23 -30.88 2.91
C11 M6M QA . 15.22 -32.67 2.10
C12 M6M QA . 16.66 -32.19 1.91
C14 M6M QA . 16.68 -32.48 4.20
C16 M6M QA . 14.50 -33.49 4.80
N10 M6M QA . 14.38 -31.78 3.07
N17 M6M QA . 12.48 -27.85 3.75
O05 M6M QA . 11.20 -28.56 6.20
O09 M6M QA . 12.73 -30.67 1.86
N03 M6M QA . 9.44 -29.42 5.00
C02 M6M QA . 8.47 -29.42 6.11
C26 M6M QA . 8.47 -30.87 6.62
O27 M6M QA . 8.21 -31.76 5.90
C01 M6M QA . 7.07 -29.07 5.66
C29 M6M QA . 8.82 -32.56 8.47
C30 M6M QA . 9.92 -32.78 9.54
C31 M6M QA . 9.66 -32.60 10.87
C32 M6M QA . 10.68 -32.81 11.80
C33 M6M QA . 11.94 -33.18 11.36
C35 M6M QA . 12.21 -33.34 10.01
C36 M6M QA . 11.19 -33.14 9.10
F34 M6M QA . 12.95 -33.38 12.25
F37 M6M QA . 11.39 -33.28 7.76
N28 M6M QA . 8.84 -31.17 8.03
C1 CIT RA . 5.07 -30.37 10.13
O1 CIT RA . 6.21 -30.91 10.28
O2 CIT RA . 4.00 -30.97 10.46
C2 CIT RA . 5.00 -29.00 9.53
C3 CIT RA . 3.56 -28.60 9.18
O7 CIT RA . 3.61 -27.32 8.50
C4 CIT RA . 2.90 -29.63 8.26
C5 CIT RA . 3.84 -30.09 7.15
O3 CIT RA . 4.73 -30.96 7.34
O4 CIT RA . 3.71 -29.60 5.99
C6 CIT RA . 2.68 -28.43 10.43
O5 CIT RA . 3.00 -28.88 11.56
O6 CIT RA . 1.58 -27.82 10.36
H21 CIT RA . 5.41 -28.27 10.23
H22 CIT RA . 5.61 -28.96 8.63
HO7 CIT RA . 3.06 -26.66 8.99
H41 CIT RA . 2.01 -29.19 7.82
H42 CIT RA . 2.60 -30.50 8.84
C21 M6M SA . 22.40 -11.13 -11.60
C22 M6M SA . 22.73 -10.13 -10.71
C23 M6M SA . 22.08 -8.76 -10.62
O24 M6M SA . 23.74 -10.62 -9.94
N25 M6M SA . 24.03 -11.89 -10.36
C20 M6M SA . 23.23 -12.22 -11.34
C18 M6M SA . 23.20 -13.55 -12.09
O19 M6M SA . 22.20 -13.97 -12.54
C13 M6M SA . 30.48 -14.25 -14.78
C15 M6M SA . 28.82 -15.97 -14.17
C04 M6M SA . 23.81 -16.71 -12.21
C06 M6M SA . 24.37 -15.54 -13.00
C07 M6M SA . 25.77 -15.95 -13.38
C08 M6M SA . 26.20 -15.30 -14.71
C11 M6M SA . 28.58 -14.86 -16.15
C12 M6M SA . 29.60 -13.81 -15.74
C14 M6M SA . 29.96 -15.01 -13.77
C16 M6M SA . 29.35 -17.14 -14.93
N10 M6M SA . 27.65 -15.33 -15.00
N17 M6M SA . 24.45 -14.32 -12.24
O05 M6M SA . 24.22 -17.00 -11.14
O09 M6M SA . 25.39 -14.81 -15.42
N03 M6M SA . 22.79 -17.47 -12.88
C02 M6M SA . 22.19 -18.65 -12.23
C26 M6M SA . 23.02 -19.82 -12.78
O27 M6M SA . 23.07 -20.03 -13.94
C01 M6M SA . 20.76 -18.81 -12.67
C29 M6M SA . 24.54 -21.79 -12.50
C30 M6M SA . 25.74 -22.11 -11.59
C31 M6M SA . 25.57 -22.83 -10.46
C32 M6M SA . 26.67 -23.09 -9.65
C33 M6M SA . 27.93 -22.60 -10.00
C35 M6M SA . 28.08 -21.87 -11.15
C36 M6M SA . 26.99 -21.62 -11.95
F34 M6M SA . 29.02 -22.84 -9.21
F37 M6M SA . 27.12 -20.90 -13.09
N28 M6M SA . 23.80 -20.70 -11.87
C1 CIT TA . 19.37 -21.91 -12.92
O1 CIT TA . 20.50 -22.45 -13.09
O2 CIT TA . 18.98 -20.99 -13.68
C2 CIT TA . 18.45 -22.34 -11.81
C3 CIT TA . 19.03 -22.14 -10.42
O7 CIT TA . 18.86 -20.76 -9.97
C4 CIT TA . 20.53 -22.34 -10.28
C5 CIT TA . 20.92 -23.78 -10.45
O3 CIT TA . 22.15 -24.02 -10.31
O4 CIT TA . 20.07 -24.70 -10.69
C6 CIT TA . 18.22 -23.06 -9.50
O5 CIT TA . 18.69 -23.57 -8.45
O6 CIT TA . 17.05 -23.34 -9.81
H21 CIT TA . 17.51 -21.78 -11.90
H22 CIT TA . 18.21 -23.40 -11.95
HO7 CIT TA . 18.26 -20.73 -9.20
H41 CIT TA . 20.86 -21.99 -9.30
H42 CIT TA . 21.04 -21.74 -11.03
C21 M6M UA . 22.96 9.21 -10.97
C22 M6M UA . 22.74 9.82 -9.75
C23 M6M UA . 22.16 9.15 -8.50
O24 M6M UA . 23.14 11.12 -9.89
N25 M6M UA . 23.61 11.31 -11.17
C20 M6M UA . 23.49 10.19 -11.83
C18 M6M UA . 23.88 9.91 -13.26
O19 M6M UA . 23.14 9.38 -14.00
C13 M6M UA . 29.64 14.78 -14.26
C15 M6M UA . 29.43 12.60 -15.40
C04 M6M UA . 25.69 8.44 -15.27
C06 M6M UA . 25.51 9.95 -15.13
C07 M6M UA . 26.82 10.60 -15.53
C08 M6M UA . 26.72 12.11 -15.90
C11 M6M UA . 28.19 14.47 -16.13
C12 M6M UA . 28.61 15.34 -14.96
C14 M6M UA . 30.32 13.76 -14.90
C16 M6M UA . 30.14 11.91 -16.51
N10 M6M UA . 27.94 12.94 -15.82
N17 M6M UA . 25.23 10.26 -13.75
O05 M6M UA . 26.26 7.80 -14.45
O09 M6M UA . 25.68 12.56 -16.24
N03 M6M UA . 25.09 7.81 -16.45
C02 M6M UA . 25.20 6.37 -16.71
C26 M6M UA . 26.32 6.33 -17.75
O27 M6M UA . 26.24 6.97 -18.76
C01 M6M UA . 23.91 5.86 -17.31
C29 M6M UA . 28.53 5.60 -18.60
C30 M6M UA . 29.92 5.47 -17.94
C31 M6M UA . 30.39 4.22 -17.60
C32 M6M UA . 31.65 4.11 -17.01
C33 M6M UA . 32.41 5.25 -16.77
C35 M6M UA . 31.92 6.51 -17.09
C36 M6M UA . 30.68 6.62 -17.68
F34 M6M UA . 33.64 5.16 -16.19
F37 M6M UA . 30.19 7.85 -18.01
N28 M6M UA . 27.53 5.54 -17.54
C1 CIT VA . 26.34 1.56 -18.83
O1 CIT VA . 27.35 2.32 -18.73
O2 CIT VA . 26.23 0.73 -19.77
C2 CIT VA . 25.26 1.70 -17.78
C3 CIT VA . 23.97 1.02 -18.23
O7 CIT VA . 22.98 1.31 -17.21
C4 CIT VA . 23.49 1.54 -19.58
C5 CIT VA . 23.63 3.04 -19.77
O3 CIT VA . 24.77 3.57 -19.94
O4 CIT VA . 22.58 3.75 -19.77
C6 CIT VA . 24.16 -0.50 -18.34
O5 CIT VA . 25.29 -1.04 -18.15
O6 CIT VA . 23.20 -1.26 -18.61
H21 CIT VA . 25.61 1.24 -16.84
H22 CIT VA . 25.07 2.75 -17.59
HO7 CIT VA . 22.66 0.46 -16.82
H41 CIT VA . 22.43 1.27 -19.70
H42 CIT VA . 24.04 1.03 -20.38
C1 DMF WA . -47.69 -5.61 -0.59
C2 DMF WA . -49.07 -7.29 -1.97
C DMF WA . -46.68 -7.00 -2.31
O DMF WA . -46.80 -7.57 -3.39
N DMF WA . -47.78 -6.64 -1.64
H11 DMF WA . -46.65 -5.26 -0.49
H12 DMF WA . -48.01 -6.04 0.37
H13 DMF WA . -48.34 -4.77 -0.83
H21 DMF WA . -48.92 -8.02 -2.76
H22 DMF WA . -49.78 -6.54 -2.29
H23 DMF WA . -49.45 -7.80 -1.08
HC DMF WA . -45.71 -6.77 -1.88
C1 DMF XA . -44.03 18.17 -5.69
C2 DMF XA . -46.31 16.95 -5.68
C DMF XA . -44.31 15.87 -6.43
O DMF XA . -44.99 15.23 -7.24
N DMF XA . -44.86 16.97 -5.94
H11 DMF XA . -42.99 17.96 -5.97
H12 DMF XA . -44.07 18.42 -4.63
H13 DMF XA . -44.40 19.00 -6.28
H21 DMF XA . -46.71 15.98 -5.95
H22 DMF XA . -46.79 17.73 -6.26
H23 DMF XA . -46.48 17.14 -4.61
HC DMF XA . -43.28 15.61 -6.20
C1 DMF YA . -30.71 28.19 -24.16
C2 DMF YA . -33.22 28.04 -23.57
C DMF YA . -31.65 26.26 -23.07
O DMF YA . -32.47 25.37 -23.29
N DMF YA . -31.85 27.47 -23.59
H11 DMF YA . -29.81 27.58 -24.07
H12 DMF YA . -30.57 29.13 -23.63
H13 DMF YA . -30.89 28.39 -25.22
H21 DMF YA . -33.91 27.34 -23.10
H22 DMF YA . -33.54 28.24 -24.60
H23 DMF YA . -33.21 28.98 -23.01
HC DMF YA . -30.76 26.10 -22.45
C1 DMF ZA . -32.53 21.99 -38.87
C2 DMF ZA . -34.35 21.83 -37.11
C DMF ZA . -32.38 20.41 -37.06
O DMF ZA . -32.95 19.78 -36.17
N DMF ZA . -33.06 21.37 -37.66
H11 DMF ZA . -31.58 21.52 -39.14
H12 DMF ZA . -32.38 23.05 -38.71
H13 DMF ZA . -33.23 21.84 -39.70
H21 DMF ZA . -34.58 21.26 -36.21
H22 DMF ZA . -35.14 21.68 -37.85
H23 DMF ZA . -34.29 22.89 -36.86
HC DMF ZA . -31.37 20.19 -37.38
C1 DMF AB . -19.76 18.23 -41.59
C2 DMF AB . -20.18 16.15 -40.17
C DMF AB . -17.95 16.85 -40.82
O DMF AB . -17.55 15.69 -40.95
N DMF AB . -19.26 17.06 -40.86
H11 DMF AB . -18.92 18.78 -42.02
H12 DMF AB . -20.30 18.88 -40.90
H13 DMF AB . -20.43 17.90 -42.39
H21 DMF AB . -19.62 15.36 -39.68
H22 DMF AB . -20.87 15.71 -40.89
H23 DMF AB . -20.75 16.70 -39.41
HC DMF AB . -17.27 17.69 -40.69
C1 DMF BB . -25.96 6.49 -48.48
C2 DMF BB . -25.52 5.29 -46.30
C DMF BB . -24.47 4.56 -48.37
O DMF BB . -24.15 3.51 -47.79
N DMF BB . -25.28 5.41 -47.74
H11 DMF BB . -25.68 6.43 -49.53
H12 DMF BB . -25.66 7.45 -48.07
H13 DMF BB . -27.03 6.37 -48.37
H21 DMF BB . -24.96 4.44 -45.90
H22 DMF BB . -26.58 5.13 -46.12
H23 DMF BB . -25.21 6.21 -45.80
HC DMF BB . -24.11 4.80 -49.38
C1 DMF CB . -27.62 -13.34 -45.34
C2 DMF CB . -27.65 -14.61 -43.12
C DMF CB . -27.00 -15.69 -45.19
O DMF CB . -27.10 -16.78 -44.60
N DMF CB . -27.42 -14.59 -44.58
H11 DMF CB . -27.38 -13.51 -46.39
H12 DMF CB . -26.97 -12.56 -44.94
H13 DMF CB . -28.66 -13.02 -45.25
H21 DMF CB . -27.43 -15.61 -42.73
H22 DMF CB . -28.69 -14.36 -42.91
H23 DMF CB . -26.99 -13.88 -42.64
HC DMF CB . -26.59 -15.61 -46.20
C1 DMF DB . -38.24 -23.42 -31.38
C2 DMF DB . -38.14 -23.01 -28.84
C DMF DB . -38.57 -25.20 -29.77
O DMF DB . -38.89 -25.52 -28.63
N DMF DB . -38.32 -23.92 -29.99
H11 DMF DB . -38.41 -24.24 -32.07
H12 DMF DB . -37.25 -22.99 -31.55
H13 DMF DB . -38.99 -22.65 -31.54
H21 DMF DB . -38.23 -23.58 -27.91
H22 DMF DB . -38.89 -22.23 -28.88
H23 DMF DB . -37.15 -22.57 -28.89
HC DMF DB . -38.47 -25.92 -30.57
C21 M6M EB . -22.23 -11.29 10.33
C22 M6M EB . -22.71 -10.13 9.75
C23 M6M EB . -22.05 -9.41 8.59
O24 M6M EB . -23.83 -9.80 10.44
N25 M6M EB . -24.07 -10.76 11.42
C20 M6M EB . -23.11 -11.64 11.37
C18 M6M EB . -22.95 -12.88 12.25
O19 M6M EB . -21.95 -13.22 12.73
C13 M6M EB . -30.02 -13.39 15.22
C15 M6M EB . -28.45 -15.14 14.37
C04 M6M EB . -23.32 -15.99 12.49
C06 M6M EB . -23.91 -14.87 13.31
C07 M6M EB . -25.28 -15.35 13.73
C08 M6M EB . -25.78 -14.66 15.01
C11 M6M EB . -28.05 -14.00 16.43
C12 M6M EB . -29.03 -12.91 16.04
C14 M6M EB . -29.64 -14.20 14.16
C16 M6M EB . -28.91 -16.46 14.87
N10 M6M EB . -27.23 -14.60 15.24
N17 M6M EB . -24.13 -13.73 12.49
O05 M6M EB . -23.74 -16.25 11.43
O09 M6M EB . -25.00 -14.20 15.79
N03 M6M EB . -22.23 -16.74 13.12
C02 M6M EB . -21.60 -17.89 12.46
C26 M6M EB . -22.40 -19.07 13.05
O27 M6M EB . -22.53 -19.23 14.22
C01 M6M EB . -20.15 -18.01 12.86
C29 M6M EB . -23.80 -21.16 12.75
C30 M6M EB . -25.07 -21.48 11.91
C31 M6M EB . -25.01 -22.24 10.77
C32 M6M EB . -26.19 -22.50 10.06
C33 M6M EB . -27.41 -21.99 10.53
C35 M6M EB . -27.45 -21.22 11.67
C36 M6M EB . -26.28 -20.98 12.37
F34 M6M EB . -28.55 -22.25 9.84
F37 M6M EB . -26.26 -20.21 13.50
N28 M6M EB . -23.07 -20.04 12.15
C1 CIT FB . -18.43 -21.24 12.85
O1 CIT FB . -17.78 -20.29 13.38
O2 CIT FB . -19.63 -21.39 13.18
C2 CIT FB . -17.72 -22.17 11.86
C3 CIT FB . -18.13 -21.94 10.40
O7 CIT FB . -18.15 -20.50 10.19
C4 CIT FB . -19.52 -22.41 9.98
C5 CIT FB . -20.14 -23.18 11.09
O3 CIT FB . -19.57 -24.27 11.44
O4 CIT FB . -21.19 -22.70 11.60
C6 CIT FB . -17.08 -22.68 9.55
O5 CIT FB . -15.89 -22.26 9.57
O6 CIT FB . -17.37 -23.72 8.90
H21 CIT FB . -16.64 -22.01 11.95
H22 CIT FB . -17.92 -23.20 12.14
HO7 CIT FB . -17.46 -20.26 9.54
H41 CIT FB . -19.46 -23.04 9.09
H42 CIT FB . -20.14 -21.55 9.74
C21 M6M GB . -23.47 9.86 10.85
C22 M6M GB . -23.13 10.53 9.68
C23 M6M GB . -22.73 9.87 8.37
O24 M6M GB . -23.23 11.86 9.94
N25 M6M GB . -23.62 12.02 11.27
C20 M6M GB . -23.76 10.84 11.82
C18 M6M GB . -24.19 10.55 13.25
O19 M6M GB . -23.49 9.97 14.01
C13 M6M GB . -29.85 15.20 14.18
C15 M6M GB . -29.77 13.11 15.46
C04 M6M GB . -25.95 9.12 15.26
C06 M6M GB . -25.84 10.63 15.06
C07 M6M GB . -27.18 11.24 15.46
C08 M6M GB . -27.09 12.72 15.90
C11 M6M GB . -28.66 15.01 16.26
C12 M6M GB . -29.12 15.91 15.11
C14 M6M GB . -30.59 14.13 14.66
C16 M6M GB . -30.49 12.76 16.72
N10 M6M GB . -28.30 13.53 15.86
N17 M6M GB . -25.54 10.96 13.70
O05 M6M GB . -26.47 8.42 14.45
O09 M6M GB . -26.06 13.17 16.25
N03 M6M GB . -25.37 8.58 16.49
C02 M6M GB . -25.48 7.14 16.76
C26 M6M GB . -26.53 7.11 17.85
O27 M6M GB . -26.44 7.82 18.80
C01 M6M GB . -24.20 6.52 17.28
C29 M6M GB . -28.70 6.13 18.76
C30 M6M GB . -30.10 6.00 18.07
C31 M6M GB . -30.61 4.77 17.75
C32 M6M GB . -31.86 4.69 17.12
C33 M6M GB . -32.58 5.83 16.83
C35 M6M GB . -32.06 7.07 17.15
C36 M6M GB . -30.82 7.14 17.77
F34 M6M GB . -33.80 5.74 16.23
F37 M6M GB . -30.28 8.34 18.09
N28 M6M GB . -27.67 6.17 17.72
C1 CIT HB . -22.59 3.57 19.50
O1 CIT HB . -21.46 4.08 19.23
O2 CIT HB . -23.54 4.31 19.92
C2 CIT HB . -22.77 2.05 19.39
C3 CIT HB . -23.70 1.47 18.28
O7 CIT HB . -22.97 1.51 17.04
C4 CIT HB . -24.98 2.31 18.11
C5 CIT HB . -26.20 2.30 18.95
O3 CIT HB . -26.15 1.60 19.98
O4 CIT HB . -27.15 3.05 18.66
C6 CIT HB . -23.96 -0.03 18.57
O5 CIT HB . -23.02 -0.72 19.05
O6 CIT HB . -25.05 -0.61 18.40
H21 CIT HB . -23.14 1.69 20.35
H22 CIT HB . -21.79 1.60 19.24
HO7 CIT HB . -22.81 0.61 16.70
H41 CIT HB . -24.59 2.74 19.03
H42 CIT HB . -25.37 1.32 17.88
C21 M6M IB . -14.10 23.71 -1.72
C22 M6M IB . -13.78 23.13 -2.94
C23 M6M IB . -14.01 21.67 -3.30
O24 M6M IB . -13.25 24.12 -3.71
N25 M6M IB . -13.24 25.30 -2.97
C20 M6M IB . -13.73 25.06 -1.78
C18 M6M IB . -13.92 26.05 -0.64
O19 M6M IB . -13.34 25.98 0.39
C13 M6M IB . -16.44 32.33 -4.06
C15 M6M IB . -17.10 31.57 -1.73
C04 M6M IB . -15.75 27.30 1.50
C06 M6M IB . -14.99 27.98 0.34
C07 M6M IB . -15.79 29.20 -0.07
C08 M6M IB . -14.91 30.31 -0.65
C11 M6M IB . -15.06 32.64 -2.11
C12 M6M IB . -15.16 32.52 -3.62
C14 M6M IB . -17.42 31.86 -3.20
C16 M6M IB . -17.61 32.68 -0.87
N10 M6M IB . -15.58 31.35 -1.40
N17 M6M IB . -14.91 27.13 -0.80
O05 M6M IB . -16.74 26.65 1.35
O09 M6M IB . -13.73 30.34 -0.51
N03 M6M IB . -15.22 27.46 2.84
C02 M6M IB . -15.95 26.82 3.94
C26 M6M IB . -16.74 27.99 4.54
O27 M6M IB . -16.20 28.98 4.87
C01 M6M IB . -14.99 26.24 4.95
C29 M6M IB . -18.94 29.04 5.24
C30 M6M IB . -20.35 29.15 4.55
C31 M6M IB . -21.43 28.47 5.04
C32 M6M IB . -22.67 28.60 4.42
C33 M6M IB . -22.82 29.41 3.31
C35 M6M IB . -21.72 30.12 2.82
C36 M6M IB . -20.49 29.97 3.45
F34 M6M IB . -24.04 29.54 2.71
F37 M6M IB . -19.39 30.64 3.00
N28 M6M IB . -18.20 27.91 4.67
C1 CIT JB . -15.76 26.30 8.24
O1 CIT JB . -14.55 26.34 7.95
O2 CIT JB . -16.55 27.19 7.83
C2 CIT JB . -16.25 25.18 9.12
C3 CIT JB . -17.19 24.19 8.46
O7 CIT JB . -16.45 23.31 7.56
C4 CIT JB . -18.27 24.82 7.60
C5 CIT JB . -18.94 25.94 8.34
O3 CIT JB . -19.14 25.86 9.60
O4 CIT JB . -19.33 26.92 7.66
C6 CIT JB . -17.87 23.41 9.59
O5 CIT JB . -17.16 22.81 10.44
O6 CIT JB . -19.11 23.42 9.75
H21 CIT JB . -15.39 24.64 9.51
H22 CIT JB . -16.76 25.62 9.99
HO7 CIT JB . -16.53 22.39 7.88
H41 CIT JB . -19.00 24.06 7.33
H42 CIT JB . -17.82 25.21 6.68
C21 M6M KB . -1.25 19.81 -19.04
C22 M6M KB . -1.40 18.59 -19.69
C23 M6M KB . -2.40 17.52 -19.32
O24 M6M KB . -0.49 18.57 -20.69
N25 M6M KB . 0.22 19.74 -20.68
C20 M6M KB . -0.21 20.49 -19.69
C18 M6M KB . 0.27 21.88 -19.32
O19 M6M KB . 0.78 22.12 -18.28
C13 M6M KB . 0.00 24.63 -25.86
C15 M6M KB . -0.16 26.16 -23.98
C04 M6M KB . -0.43 24.76 -18.80
C06 M6M KB . 0.49 24.24 -19.89
C07 M6M KB . 0.38 25.20 -21.06
C08 M6M KB . 1.51 25.01 -22.12
C11 M6M KB . 1.94 25.54 -24.84
C12 M6M KB . 1.37 24.67 -25.94
C14 M6M KB . -0.59 25.78 -25.40
C16 M6M KB . 0.02 27.64 -23.86
N10 M6M KB . 1.17 25.48 -23.48
N17 M6M KB . 0.04 22.95 -20.31
O05 M6M KB . -1.59 24.55 -18.80
O09 M6M KB . 2.55 24.51 -21.85
N03 M6M KB . 0.19 25.51 -17.72
C02 M6M KB . -0.61 26.08 -16.64
C26 M6M KB . -0.60 27.55 -17.02
O27 M6M KB . 0.41 28.12 -17.27
C01 M6M KB . 0.04 25.87 -15.29
C29 M6M KB . -1.87 29.67 -17.44
C30 M6M KB . -3.10 29.96 -18.34
C31 M6M KB . -4.29 30.31 -17.75
C32 M6M KB . -5.40 30.60 -18.54
C33 M6M KB . -5.29 30.50 -19.92
C35 M6M KB . -4.10 30.13 -20.50
C36 M6M KB . -3.00 29.86 -19.72
F34 M6M KB . -6.38 30.76 -20.71
F37 M6M KB . -1.81 29.50 -20.29
N28 M6M KB . -1.89 28.27 -17.09
C1 CIT LB . 0.08 28.54 -12.71
O1 CIT LB . 0.99 27.66 -12.64
O2 CIT LB . -0.08 29.23 -13.76
C2 CIT LB . -0.80 28.76 -11.50
C3 CIT LB . -2.13 28.02 -11.54
O7 CIT LB . -1.90 26.58 -11.62
C4 CIT LB . -2.96 28.29 -12.78
C5 CIT LB . -2.96 29.75 -13.09
O3 CIT LB . -2.99 30.05 -14.33
O4 CIT LB . -2.93 30.58 -12.14
C6 CIT LB . -2.89 28.43 -10.26
O5 CIT LB . -2.40 28.20 -9.12
O6 CIT LB . -3.99 29.05 -10.30
H21 CIT LB . -0.26 28.46 -10.60
H22 CIT LB . -1.00 29.83 -11.40
HO7 CIT LB . -2.29 26.14 -10.83
H41 CIT LB . -3.97 27.94 -12.63
H42 CIT LB . -2.53 27.73 -13.62
C21 M6M MB . 5.16 0.65 -26.71
C22 M6M MB . 4.33 -0.41 -26.43
C23 M6M MB . 3.08 -0.38 -25.55
O24 M6M MB . 4.81 -1.48 -27.10
N25 M6M MB . 5.94 -1.09 -27.79
C20 M6M MB . 6.17 0.18 -27.57
C18 M6M MB . 7.31 1.01 -28.15
O19 M6M MB . 8.15 1.48 -27.46
C13 M6M MB . 7.50 -1.23 -35.09
C15 M6M MB . 8.17 1.05 -34.73
C04 M6M MB . 8.12 3.52 -29.83
C06 M6M MB . 8.43 2.05 -30.11
C07 M6M MB . 8.47 1.93 -31.63
C08 M6M MB . 9.31 0.76 -32.22
C11 M6M MB . 9.75 -0.65 -34.59
C12 M6M MB . 8.79 -1.70 -35.10
C14 M6M MB . 7.33 0.06 -35.51
C16 M6M MB . 9.01 1.85 -35.68
N10 M6M MB . 9.11 0.42 -33.63
N17 M6M MB . 7.34 1.26 -29.61
O05 M6M MB . 7.03 3.94 -29.99
O09 M6M MB . 10.07 0.17 -31.55
N03 M6M MB . 9.18 4.39 -29.34
C02 M6M MB . 8.96 5.82 -29.08
C26 M6M MB . 9.66 6.48 -30.27
O27 M6M MB . 10.82 6.26 -30.47
C01 M6M MB . 9.64 6.31 -27.82
C29 M6M MB . 9.55 8.02 -32.32
C30 M6M MB . 8.42 8.30 -33.36
C31 M6M MB . 7.69 9.44 -33.31
C32 M6M MB . 6.69 9.65 -34.25
C33 M6M MB . 6.43 8.69 -35.23
C35 M6M MB . 7.17 7.53 -35.26
C36 M6M MB . 8.17 7.35 -34.32
F34 M6M MB . 5.44 8.88 -36.16
F37 M6M MB . 8.94 6.23 -34.32
N28 M6M MB . 8.90 7.37 -31.17
C1 CIT NB . 11.25 9.53 -27.11
O1 CIT NB . 11.72 8.67 -26.33
O2 CIT NB . 11.23 9.34 -28.37
C2 CIT NB . 10.78 10.84 -26.50
C3 CIT NB . 9.26 11.05 -26.45
O7 CIT NB . 8.65 10.14 -25.48
C4 CIT NB . 8.54 10.76 -27.76
C5 CIT NB . 9.28 11.32 -28.93
O3 CIT NB . 9.15 10.71 -30.03
O4 CIT NB . 9.97 12.37 -28.77
C6 CIT NB . 9.03 12.50 -25.97
O5 CIT NB . 9.71 12.96 -25.02
O6 CIT NB . 8.21 13.27 -26.52
H21 CIT NB . 11.16 10.89 -25.48
H22 CIT NB . 11.22 11.65 -27.05
HO7 CIT NB . 8.25 10.66 -24.76
H41 CIT NB . 7.54 11.19 -27.72
H42 CIT NB . 8.42 9.68 -27.88
C21 M6M OB . 0.43 -18.78 -20.05
C22 M6M OB . -0.75 -18.85 -19.34
C23 M6M OB . -1.62 -17.65 -18.93
O24 M6M OB . -0.99 -20.16 -19.11
N25 M6M OB . 0.01 -20.92 -19.66
C20 M6M OB . 0.88 -20.11 -20.22
C18 M6M OB . 2.16 -20.52 -20.96
O19 M6M OB . 3.23 -20.29 -20.54
C13 M6M OB . 0.08 -26.13 -24.68
C15 M6M OB . 1.90 -25.03 -25.83
C04 M6M OB . 3.86 -20.33 -23.66
C06 M6M OB . 3.28 -21.53 -22.91
C07 M6M OB . 3.03 -22.58 -23.99
C08 M6M OB . 3.08 -24.04 -23.52
C11 M6M OB . 2.41 -26.65 -24.35
C12 M6M OB . 0.95 -27.08 -24.20
C14 M6M OB . 0.45 -25.50 -25.85
C16 M6M OB . 2.69 -25.85 -26.81
N10 M6M OB . 2.56 -25.09 -24.41
N17 M6M OB . 2.03 -21.21 -22.27
O05 M6M OB . 3.16 -19.60 -24.30
O09 M6M OB . 3.54 -24.31 -22.45
N03 M6M OB . 5.32 -20.13 -23.55
C02 M6M OB . 6.03 -19.04 -24.25
C26 M6M OB . 6.55 -19.68 -25.54
O27 M6M OB . 7.19 -20.68 -25.51
C01 M6M OB . 7.23 -18.54 -23.46
C29 M6M OB . 6.76 -19.82 -28.03
C30 M6M OB . 5.73 -19.76 -29.20
C31 M6M OB . 5.65 -18.67 -30.05
C32 M6M OB . 4.72 -18.66 -31.09
C33 M6M OB . 3.88 -19.75 -31.27
C35 M6M OB . 3.95 -20.84 -30.42
C36 M6M OB . 4.89 -20.84 -29.39
F34 M6M OB . 2.97 -19.73 -32.29
F37 M6M OB . 5.02 -21.87 -28.52
N28 M6M OB . 6.22 -19.12 -26.86
C1 CIT PB . 8.60 -15.88 -27.52
O1 CIT PB . 9.69 -15.28 -27.85
O2 CIT PB . 8.05 -16.76 -28.23
C2 CIT PB . 7.94 -15.56 -26.21
C3 CIT PB . 8.87 -14.76 -25.28
O7 CIT PB . 8.09 -14.39 -24.10
C4 CIT PB . 10.13 -15.54 -24.84
C5 CIT PB . 10.00 -17.06 -24.85
O3 CIT PB . 9.79 -17.72 -25.91
O4 CIT PB . 10.08 -17.67 -23.75
C6 CIT PB . 9.31 -13.42 -25.88
O5 CIT PB . 9.94 -12.60 -25.18
O6 CIT PB . 9.06 -13.10 -27.05
H21 CIT PB . 7.04 -14.98 -26.39
H22 CIT PB . 7.66 -16.48 -25.71
HO7 CIT PB . 8.07 -13.42 -24.03
H41 CIT PB . 10.40 -15.22 -23.84
H42 CIT PB . 10.96 -15.26 -25.49
C1 DMF QB . -15.70 -5.86 -46.29
C2 DMF QB . -15.90 -6.76 -43.89
C DMF QB . -14.09 -7.42 -45.41
O DMF QB . -13.80 -8.41 -44.72
N DMF QB . -15.19 -6.71 -45.19
H11 DMF QB . -15.05 -5.95 -47.15
H12 DMF QB . -15.72 -4.81 -45.96
H13 DMF QB . -16.71 -6.17 -46.56
H21 DMF QB . -15.37 -7.44 -43.22
H22 DMF QB . -16.92 -7.11 -44.05
H23 DMF QB . -15.93 -5.76 -43.46
HC DMF QB . -13.44 -7.11 -46.22
C21 M6M RB . -11.62 -24.29 -3.77
C22 M6M RB . -12.56 -23.30 -3.59
C23 M6M RB . -12.47 -21.91 -4.22
O24 M6M RB . -13.53 -23.82 -2.78
N25 M6M RB . -13.20 -25.13 -2.47
C20 M6M RB . -12.05 -25.41 -3.05
C18 M6M RB . -11.25 -26.69 -3.03
O19 M6M RB . -10.13 -26.69 -2.68
C13 M6M RB . -16.67 -31.57 -2.58
C15 M6M RB . -14.66 -32.21 -3.82
C04 M6M RB . -10.18 -29.09 -4.72
C06 M6M RB . -11.09 -29.11 -3.50
C07 M6M RB . -11.97 -30.34 -3.70
C08 M6M RB . -12.61 -30.95 -2.41
C11 M6M RB . -14.70 -32.54 -1.51
C12 M6M RB . -16.18 -32.13 -1.42
C14 M6M RB . -16.19 -32.14 -3.73
C16 M6M RB . -14.27 -33.61 -4.16
N10 M6M RB . -13.83 -31.76 -2.55
N17 M6M RB . -11.90 -27.93 -3.50
O05 M6M RB . -10.56 -28.74 -5.79
O09 M6M RB . -12.11 -30.75 -1.35
N03 M6M RB . -8.81 -29.54 -4.57
C02 M6M RB . -7.93 -29.56 -5.73
C26 M6M RB . -8.01 -31.00 -6.25
O27 M6M RB . -7.83 -31.92 -5.53
C01 M6M RB . -6.53 -29.30 -5.25
C29 M6M RB . -8.30 -32.76 -7.97
C30 M6M RB . -9.38 -33.08 -9.03
C31 M6M RB . -9.15 -32.93 -10.36
C32 M6M RB . -10.16 -33.21 -11.28
C33 M6M RB . -11.40 -33.67 -10.81
C35 M6M RB . -11.62 -33.82 -9.46
C36 M6M RB . -10.61 -33.52 -8.56
F34 M6M RB . -12.41 -33.97 -11.69
F37 M6M RB . -10.78 -33.65 -7.23
N28 M6M RB . -8.28 -31.33 -7.66
C1 CIT SB . -4.49 -31.00 -9.62
O1 CIT SB . -3.33 -31.37 -10.00
O2 CIT SB . -5.52 -31.75 -9.60
C2 CIT SB . -4.67 -29.60 -9.10
C3 CIT SB . -3.35 -28.99 -8.67
O7 CIT SB . -3.73 -27.71 -8.08
C4 CIT SB . -2.64 -29.82 -7.59
C5 CIT SB . -3.59 -30.45 -6.57
O3 CIT SB . -3.55 -30.05 -5.39
O4 CIT SB . -4.41 -31.36 -6.88
C6 CIT SB . -2.38 -28.72 -9.85
O5 CIT SB . -1.28 -28.14 -9.64
O6 CIT SB . -2.61 -29.03 -11.05
H21 CIT SB . -5.12 -28.99 -9.88
H22 CIT SB . -5.36 -29.62 -8.25
HO7 CIT SB . -3.29 -26.99 -8.56
H41 CIT SB . -2.06 -30.61 -8.07
H42 CIT SB . -1.93 -29.18 -7.05
#